data_8WB4
#
_entry.id   8WB4
#
loop_
_entity.id
_entity.type
_entity.pdbx_description
1 polymer 'Photosystem II reaction center M'
2 polymer ACPII-1
3 polymer ACPII-2
4 polymer ACPII-3
5 polymer ACPII-4
6 polymer ACPII-5
7 polymer ACPII-6
8 polymer 'Photosystem II protein D1'
9 polymer 'Photosystem II D2 protein'
10 polymer 'Cytochrome b559 subunit alpha'
11 polymer 'Cytochrome b559 subunit beta'
12 polymer 'Photosystem II reaction center protein H'
13 polymer 'Photosystem II reaction center protein I'
14 polymer 'Photosystem II reaction center protein J'
15 polymer 'Photosystem II reaction center protein K'
16 polymer 'Photosystem II reaction center protein O'
17 polymer 'Photosystem II reaction center protein Q'
18 polymer 'Photosystem II reaction center protein R'
19 polymer CCPII-S
20 polymer 'Photosystem II reaction center protein T'
21 polymer 'Photosystem II reaction center protein U'
22 polymer 'Photosystem II cytochrome c550'
23 polymer 'Photosystem II reaction center X protein'
24 polymer 'Photosystem II reaction center protein Ycf12'
25 polymer 'Photosystem II reaction center protein Z'
26 polymer 'Photosystem II CP47 reaction center protein'
27 polymer 'Photosystem II CP43 reaction center protein'
28 polymer 'Photosystem II reaction center protein G'
29 polymer 'Photosystem II reaction center protein L'
30 polymer 'Photosystem II reaction center protein W'
31 non-polymer "(6'R,11cis,11'cis,13cis,15cis)-4',5'-didehydro-5',6'-dihydro-beta,beta-carotene"
32 non-polymer 'CHLOROPHYLL A'
33 non-polymer 'Chlorophyll c2'
34 non-polymer (1~{R})-3,5,5-trimethyl-4-[(3~{E},5~{E},7~{E},9~{E},11~{E},13~{E},15~{E})-3,7,12,16-tetramethyl-18-[(4~{R})-2,6,6-trimethyl-4-oxidanyl-cyclohexen-1-yl]octadeca-3,5,7,9,11,13,15-heptaen-1,17-diynyl]cyclohex-3-en-1-ol
35 non-polymer (1~{R})-3,5,5-trimethyl-4-[(3~{E},5~{E},7~{E},9~{E},11~{E},13~{E},15~{E},17~{E})-3,7,12,16-tetramethyl-18-[(1~{R},4~{R})-2,6,6-trimethyl-4-oxidanyl-cyclohex-2-en-1-yl]octadeca-3,5,7,9,11,13,15,17-octaen-1-ynyl]cyclohex-3-en-1-ol
36 non-polymer (1~{R})-3,5,5-trimethyl-4-[(3~{E},5~{E},7~{E},9~{E},11~{E},13~{E},15~{E},17~{E})-3,7,12,16-tetramethyl-18-(2,6,6-trimethylcyclohexen-1-yl)octadeca-3,5,7,9,11,13,15,17-octaen-1-ynyl]cyclohex-3-en-1-ol
37 non-polymer 1,2-DISTEAROYL-MONOGALACTOSYL-DIGLYCERIDE
38 non-polymer 1,2-DIPALMITOYL-PHOSPHATIDYL-GLYCEROLE
39 non-polymer 1,2-DI-O-ACYL-3-O-[6-DEOXY-6-SULFO-ALPHA-D-GLUCOPYRANOSYL]-SN-GLYCEROL
40 non-polymer 'CA-MN4-O5 CLUSTER'
41 non-polymer 'PHEOPHYTIN A'
42 non-polymer 'CHLORIDE ION'
43 non-polymer 2,3-DIMETHYL-5-(3,7,11,15,19,23,27,31,35-NONAMETHYL-2,6,10,14,18,22,26,30,34-HEXATRIACONTANONAENYL-2,5-CYCLOHEXADIENE-1,4-DIONE-2,3-DIMETHYL-5-SOLANESYL-1,4-BENZOQUINONE
44 non-polymer 'BICARBONATE ION'
45 non-polymer 'DIGALACTOSYL DIACYL GLYCEROL (DGDG)'
46 non-polymer 'FE (II) ION'
47 non-polymer 'PROTOPORPHYRIN IX CONTAINING FE'
#
loop_
_entity_poly.entity_id
_entity_poly.type
_entity_poly.pdbx_seq_one_letter_code
_entity_poly.pdbx_strand_id
1 'polypeptide(L)'
;MQRLALLVAATIASAAAFAPTPALTGLRQQAPLCSGNKLSAACRAPRAAKPAMTMSLAETTNQAMLLAEGGMNVSVAAYL
AVLLGTFIPVVFLLTLYIQSESRKAAETGSEGDKF
;
m,M
2 'polypeptide(L)'
;KMLRLSILAACLAAAQAFTSPAALLRPSTRAAVSRGPSMQLYKDGIIQGLGVEAIPGAGRPANLDGTLVGDVGFDPLGFS
NWLDLRWAREAEIKHGRVAMLAATGMIVQDAYKFPGFEGEFGGAAMMKLHNLAVEQGAMQQLLLWLGLLEIISGVPAIIQ
TLNGSERQPGDFGFDPLNCGANPDTLARRQLTELKNGRLAMIAVGGMVHHYLLVGRGPIEFITNIPNFKNPLPPF
;
1,7
3 'polypeptide(L)'
;AMLRVALIAAILASASAFAPMGSLGLVKSARSGAAISPRMQSGDFSAAVPFLKRPSNLDGTLAGDVGFDPLGFSDVFDLR
VLREAELKHGRFAMLAVLGFLVQEVYTFPFFPKMAPVDAHDYFVTQGGGSQIIFWISFVEIFGVVALFELIQGKRDAGDF
AFDPLGLGKDEATLARYKVAEIKHARLAMIAIGGFIHQFWVTKQTVLEQLGNFQSLA
;
2,8
4 'polypeptide(L)'
;ITHSRMLRTAILALCVAGASAFTASPALYKSASRKAAVSGMKMQDRSYAMPFLSRPPALDGSMAGDVGFDPLGFSNYFDL
KWLREAELKHGRVCMLGCLGFLVQEQANLPLPGFDNKLATEAFFSVPAGGLWQIFFSLGAIEIITNKGKLTPGSMFTGGR
APGDLDFDPLNLSVDETALRRFELAELKHARLAMIGLGGMLHQMLLTKQAPIEQLTNFKSLA
;
3,9
5 'polypeptide(L)'
;AVVLAACVASAAAFAPGASVLPRAAARATSTKGPSMQLLPLYGEGKLQGPGTQAIPGSEPPPALDGTWVGDVGFDPLGFS
RVIDMRWLREAELKHGRVCMLAATGMIVQDIALFPGVTKTFGPAKITALHDVAVKQGSMQQLLVWLGFLEIFGFVAIVQM
LQGSGRQPGDFGFDPLNCGANTDTLARRQLVELKNGRLAMIATGGMIHHFFLTGKGPIEFITTLGA
;
4,0
6 'polypeptide(L)'
;ACASAAAFAPGAMPSIGKAPRAVSKTAPRMAVFPGQFSDSVPFLKQPTNLDGSYVGDVGFDPLGFSDVFDIRVLREAELK
HGRIAMLATLGMVVQEAYTFPFFDKVLPIPAHDVIVKSGGMSQILLWTSFAEIFGGIALFQTIQGKRAPGDYSFDPLNLS
ANDLEKRERYALAEIKHSRLAMLAFSGMVHQYFITNQGVIEQINNFRPINGFPDATFS
;
5,p
7 'polypeptide(L)'
;PAMFRAALLLACLASASAFAPGSLMMPKSATRAAISRGPRMQANDDLAVPFLERPPMLDGSYAGDIGFDPVGFSNYFDLR
WLREAELKHGRVCMLGVVGFLVQEFVTLPMFSNGVTPVDDFFVVPATGLWQIFFTIGFVEAFSNGFKLTPSDMFADDRAP
GDLGFDPLGCGKDPAALARRQLVEVKNGRLAMIAFGGMLHQQLLTKQGVIEQLTNFKAIM
;
6,P
8 'polypeptide(L)'
;MTATLERRESASAWERFCSWITSTDNRLYIGWFGVLMIPTLLTATTVYIIAFVAAPPVDIDGIREPVAGSLLYGNNIITG
AVIPSSASIGIHFYPIWEAASLDEWLYNGGPYQLIVDHFLLGVCGWIGREWEFSYRLGMRPWISVAFTAPVAAASAVFLV
YPIGQGSFSDGMPLGISGTFNFMLVFQAEHNILMHPFHQLGVAGVFGGSLFSAMHGSLVTSSLIRETTENESANYGYKFG
QEEETYNIVAAHGYFGRLIFQYASFNNSRALHFFLGLWPVVGIWFTALGVMTMAFNLNGFNFNQSVVDSQGRVINTWADI
LNRANLGMEVMHERNAHNFPLDLAAGESLPVALTAPAVNG
;
A,a
9 'polypeptide(L)'
;MTIAIGQEEGRGWFDLIDDWLKRDRFVFVGWSGLLLFPTSYLSIGGWFTGTTFVTSWYTHGLASSYLEGCNFFTAAVSTP
ANSMGHSLLLLWGPEAQGDFTRWCQIGGLWAFCALHGSFALIGFCLRQFEIARLVGIRPYNAIAFSGPIAIFVSVFLMYP
LGQASWFFAPSLGVAAIFRFLLFIQGFHNFTLNPFHMMGVAGILGAALLCAIHGATVQNTIFEDGDAANTFRAFTPTQAE
ETYSMVTANRFWSQIFGVAFSNKRWLHFFMLFVPLAGLWTSAIGIVGLALNLRAYDFVSQELRAAEDPEFETFYTKNILL
NEGIRSWMAAQDQPHENFIFPEEVLPRGNAL
;
D,d
10 'polypeptide(L)'
;MSGGSTGERPFSDIITSIRYWIIHSITIPALYVAGWLFVSTGLAYDIFGTPRPNEYFTQDRQQVPLVNDRFSAKQELEDL
TKGL
;
E,e
11 'polypeptide(L)' MSKIQQPVSYPIFTFRWLAIHGLAVPTVFFLGAITSMQFIQR F,f
12 'polypeptide(L)' MALRTRLGELLRPLNSEYGKVAPGWGTTPIMGFVMLLFFLFLLIILQIYNSSLIIENVDVDWASLGS H,h
13 'polypeptide(L)' MFTLKIVVYTTVTFFVSLFTFGFLSNDASRNPNRKDLE I,i
14 'polypeptide(L)' MASTGRIPLWLIATVGGTLALTVVGIFFYGSYSGVGSSL J,j
15 'polypeptide(L)' MEAILLIAKLPEAYAVFKPIIDVAPVIPVFFLLLAFVWQAAVGFR K,k
16 'polypeptide(L)'
;LAMARLAILLGLVASAAAFTGPAVLPLKASNRAAACSVTMQDNSLAKKAAGIAAIPLSFLLGVNAANAITTEDIRGLTYS
QVKGTGLANRCPEVSEQNAGGTIKFADDKKYKVTELCLEPKSFQIEEEVTKRRGETKKEFVDTKLMTRATYSLTGIEGPI
VFKDGGLTFLEKGGIDYAATTVQLPGGERVPFLFTIKELEGKFSSSQVSAGTELGGNFKTPSYRTGLFLDPKGRGGTTGY
DMAVALPGLEADGGEGQDELFAETNKVFQVTDGSIEMAFNRVDGTNGEFSGVFVSEQLSDTDMGSKAPKKVLLKGIVFGK
IEEQTGDEDY
;
O,o
17 'polypeptide(L)'
;(UNK)(UNK)(UNK)(UNK)(UNK)(UNK)(UNK)(UNK)(UNK)(UNK)(UNK)(UNK)(UNK)(UNK)(UNK)(UNK)
(UNK)(UNK)(UNK)(UNK)(UNK)
;
Q,q
18 'polypeptide(L)'
;(UNK)(UNK)(UNK)(UNK)(UNK)(UNK)(UNK)(UNK)(UNK)(UNK)(UNK)(UNK)(UNK)(UNK)(UNK)(UNK)
(UNK)(UNK)(UNK)(UNK)(UNK)(UNK)(UNK)(UNK)(UNK)(UNK)
;
R,r
19 'polypeptide(L)'
;DHKRSRMMKSLALAAVGLAVGAEAFAPTPMVGGAKLALRTSSTRSVATVGPKMAMDVNAIVEGAQYLTAAVPNVPFVDEI
TGEPQGLTAPIVHFGSVISLWLLFALPVWSAAYKAAGADTAEWVGVSQVTEDAPGIGLYGKYAPEYDGPTFREGLEYVLS
FAWKPPILIAWKPRADLDRAMMDPARDTVVSSLYKSLGGALDKTAVYDEEDQLLILSDMETFPETELGRRRVAQAEAAGW
FTGNPSFGKSLIEYSEETKKGMREPGTVSISAKELAALRAEAAKK
;
S,s
20 'polypeptide(L)' METLVYVFLLAGTLGVIFFAVFFRDPPRIAKK T,t
21 'polypeptide(L)'
;LIAALAVSASAFSPAVPALRTAPQACGITMQAESVDRRGFLGALGAAVVAAPLAASANVEYPNVPYLGGSDIIDVNNANV
RVYTRLPGMYPAIAKKIIKRAPYKDINEMLEKGDFTAAEKDILDKYLPNLTALEPAPEYVIDNINNGLYR
;
U,u
22 'polypeptide(L)'
;MLKRFSSLNIILGMLLVSFVASPVHATDLDENTRTVPLDSSGTTVILTPEQVKRGKRLFNSSCGNCHVGGITKTNPNLGL
EPDALSLATPARDNIDALVDYMKNPTTYDGLESIAELHPSVKSADIFPKMRSLSDEDLFAIGGHILLQPKLSSEKWGGGK
IYY
;
V,v
23 'polypeptide(L)' MTPSLSAFINSLLLGLFVVVIPIGAALFLVSQSDRVTRT X,x
24 'polypeptide(L)' MFNPTTLFQLIALFLVITSGPAIIVLIAFRRGNL Y,y
25 'polypeptide(L)' MVGLLQILVSILILLSFALVVGVPVILVSPGEWEKSKGLVYSAAGLWFGLVIVIAAFNSFVI Z,z
26 'polypeptide(L)'
;MGLPWYRVHTVVLNDPGRLIAVHLMHTALVAGWAGSMALYELAVFDPSDPVLNPMWRQGMFVMPFMARIGVTDSWGGWSV
TGESVANPGFWSFEGVALAHIGLSGLLFLAAVWHWVYWDLELFRDPRTGNPALDLPKIFGIHLLLSGVLCFGFGAFHVTG
AWGPGIWVSDAYGITGKVQPVAPAWGAEGFNPFNPSGVASHHIAAGILGFLAGIFHIAVRPPQRLYRALRMGNIETVLSS
SIAAVFWSAFITTGTMWYGSATTPIELFGPTRYQWDSGYFQQEIERRVENSLNEGLNLSEAWSRIPDKLAFYDYIGNNPA
KGGLFRAGPMNKGDGIAEAWLGHPIFQDKEGKELTVRRMPAFFETFPVILVDKDGIIRADIPFRRAESKYSIEQVGVTVS
FYGGKLNGQVFKDAPTVKKYARKAQLGEVLEFDRTTLESDGVFRSSPRGWYTFGHANFALLFFLGHLWHGSRTLFRDVFS
GIGAEVTEQVEFGAFQKLGDRSTKKQGAV
;
b,B
27 'polypeptide(L)'
;METPFNSSLSVAGRDIESTGFAWWSGNSRLINVSGKLLGAHVAHAGLMVFWCGAMTLFEVAHYIPEKPLYEQGLILLPHL
AVLGWGVGPGGEIIDIYPYFVVGVLHLISSAVLGFGGVYHSLIGPDTLEESFPAFGYDWRDKNKITTILGIHLIVLGIGA
FLLVIKAMYVGGIYDTWAPGGGDVRIIDSPTLNPGVIFGYVLKSPWGGDGWIVSVNNMEDLVGGHIWIGIICIVGGFWHI
FTKPFAWARRAYVWSGEAYLSYSLVAVSLMGFIASQYSWYNNTAYPSEFYGPTGPEASQSQAFTFLVRDQRLGANVSSAQ
GPTGLGKYLMRSPSGEIILGGETQRFWDLRAPWIEPLRGPNGLDLNKIKNDIQPWQERRAAEYMTHAPLGSLNSVGGVAT
EINSVNYVSPRSWLTCAHFFLGFAFYIGHLWHAGRARAAAAGFEKGINRENEPTLSLRPID
;
c,C
28 'polypeptide(L)'
;(UNK)(UNK)(UNK)(UNK)(UNK)(UNK)(UNK)(UNK)(UNK)(UNK)(UNK)(UNK)(UNK)(UNK)(UNK)(UNK)
(UNK)(UNK)(UNK)(UNK)(UNK)(UNK)(UNK)(UNK)(UNK)(UNK)(UNK)(UNK)(UNK)(UNK)(UNK)(UNK)
(UNK)(UNK)(UNK)(UNK)(UNK)(UNK)(UNK)(UNK)(UNK)(UNK)(UNK)(UNK)(UNK)(UNK)(UNK)(UNK)
(UNK)(UNK)(UNK)(UNK)(UNK)(UNK)(UNK)(UNK)(UNK)(UNK)(UNK)(UNK)(UNK)(UNK)(UNK)(UNK)
;
g,G
29 'polypeptide(L)' MSGPNPNKQPVELNRTSLFWGLLLIFVLAVLFSSYFFN l,L
30 'polypeptide(L)'
;SKVLFLALCLVAGASAFNAPAPMALRASKTAMTMKAEGPMPKLAKALAPAIAAANIAIASPVFAEGTGEALGIDDTRLIV
PVILIPVITFILYAGFASEQDNEDFFDTYDQRRK
;
w,W
#
# COMPACT_ATOMS: atom_id res chain seq x y z
N ASN A 73 -9.37 11.88 -15.69
CA ASN A 73 -10.09 12.33 -14.50
C ASN A 73 -9.16 12.35 -13.29
N VAL A 74 -9.42 11.44 -12.35
CA VAL A 74 -8.57 11.30 -11.17
C VAL A 74 -7.32 10.52 -11.53
N SER A 75 -6.16 11.08 -11.19
CA SER A 75 -4.89 10.46 -11.56
C SER A 75 -4.65 9.18 -10.75
N VAL A 76 -4.22 8.13 -11.44
CA VAL A 76 -3.89 6.87 -10.81
C VAL A 76 -2.50 6.97 -10.20
N ALA A 77 -2.12 5.97 -9.41
CA ALA A 77 -0.90 5.91 -8.61
C ALA A 77 -0.93 6.90 -7.46
N ALA A 78 -1.97 7.71 -7.34
CA ALA A 78 -2.23 8.46 -6.13
C ALA A 78 -2.93 7.62 -5.08
N TYR A 79 -3.63 6.56 -5.48
CA TYR A 79 -4.11 5.59 -4.53
C TYR A 79 -2.95 4.96 -3.77
N LEU A 80 -1.88 4.61 -4.49
CA LEU A 80 -0.69 4.07 -3.83
C LEU A 80 -0.10 5.10 -2.87
N ALA A 81 0.00 6.36 -3.29
CA ALA A 81 0.55 7.39 -2.42
C ALA A 81 -0.26 7.53 -1.15
N VAL A 82 -1.58 7.70 -1.29
CA VAL A 82 -2.44 7.90 -0.12
C VAL A 82 -2.38 6.69 0.80
N LEU A 83 -2.56 5.49 0.25
CA LEU A 83 -2.65 4.31 1.11
C LEU A 83 -1.32 3.95 1.75
N LEU A 84 -0.20 4.05 1.03
CA LEU A 84 1.09 3.75 1.63
C LEU A 84 1.50 4.81 2.65
N GLY A 85 1.30 6.09 2.34
CA GLY A 85 1.60 7.13 3.31
C GLY A 85 0.69 7.12 4.51
N THR A 86 -0.51 6.53 4.38
CA THR A 86 -1.34 6.31 5.55
C THR A 86 -0.86 5.11 6.35
N PHE A 87 -0.48 4.02 5.67
CA PHE A 87 -0.22 2.76 6.35
C PHE A 87 1.12 2.78 7.05
N ILE A 88 2.18 3.19 6.36
CA ILE A 88 3.54 2.98 6.84
C ILE A 88 3.79 3.68 8.18
N PRO A 89 3.50 4.98 8.33
CA PRO A 89 3.66 5.57 9.67
C PRO A 89 2.71 4.98 10.70
N VAL A 90 1.49 4.59 10.30
CA VAL A 90 0.60 3.90 11.21
C VAL A 90 1.20 2.58 11.64
N VAL A 91 1.82 1.86 10.70
CA VAL A 91 2.51 0.61 11.02
C VAL A 91 3.61 0.87 12.04
N PHE A 92 4.39 1.94 11.81
CA PHE A 92 5.49 2.28 12.70
C PHE A 92 4.98 2.56 14.10
N LEU A 93 3.89 3.33 14.22
CA LEU A 93 3.35 3.65 15.53
C LEU A 93 2.77 2.43 16.22
N LEU A 94 2.05 1.58 15.49
CA LEU A 94 1.50 0.37 16.08
C LEU A 94 2.61 -0.56 16.58
N THR A 95 3.67 -0.70 15.78
CA THR A 95 4.80 -1.53 16.20
C THR A 95 5.46 -0.96 17.45
N LEU A 96 5.65 0.37 17.50
CA LEU A 96 6.23 0.98 18.69
C LEU A 96 5.36 0.71 19.92
N TYR A 97 4.05 0.90 19.78
CA TYR A 97 3.18 0.73 20.93
C TYR A 97 3.16 -0.71 21.42
N ILE A 98 3.08 -1.66 20.49
CA ILE A 98 3.05 -3.07 20.90
C ILE A 98 4.37 -3.48 21.54
N GLN A 99 5.49 -3.01 20.97
CA GLN A 99 6.79 -3.29 21.56
C GLN A 99 6.89 -2.73 22.97
N SER A 100 6.45 -1.48 23.17
CA SER A 100 6.51 -0.88 24.50
C SER A 100 5.62 -1.61 25.48
N GLU A 101 4.42 -2.00 25.05
CA GLU A 101 3.50 -2.70 25.94
C GLU A 101 4.04 -4.06 26.33
N SER A 102 4.67 -4.77 25.41
CA SER A 102 5.24 -6.06 25.75
C SER A 102 6.46 -5.92 26.65
N ARG A 103 7.27 -4.88 26.44
CA ARG A 103 8.37 -4.65 27.38
C ARG A 103 7.85 -4.33 28.78
N LYS A 104 6.78 -3.53 28.87
CA LYS A 104 6.16 -3.29 30.18
C LYS A 104 5.61 -4.57 30.79
N ALA A 105 5.00 -5.42 29.96
CA ALA A 105 4.42 -6.67 30.45
C ALA A 105 5.48 -7.63 30.95
N ALA A 106 6.63 -7.69 30.31
CA ALA A 106 7.72 -8.52 30.78
C ALA A 106 8.52 -7.87 31.90
N GLU A 107 8.38 -6.56 32.10
CA GLU A 107 9.00 -5.93 33.26
C GLU A 107 8.35 -6.40 34.55
N THR A 108 7.07 -6.74 34.51
CA THR A 108 6.36 -7.24 35.68
C THR A 108 6.78 -8.66 35.99
N ASN B 73 -2.87 -2.35 -21.59
CA ASN B 73 -1.62 -2.99 -21.25
C ASN B 73 -1.75 -3.74 -19.92
N VAL B 74 -1.11 -3.21 -18.87
CA VAL B 74 -1.14 -3.81 -17.55
C VAL B 74 -2.26 -3.18 -16.73
N SER B 75 -3.10 -4.02 -16.13
CA SER B 75 -4.24 -3.53 -15.37
C SER B 75 -3.78 -2.80 -14.12
N VAL B 76 -4.35 -1.62 -13.88
CA VAL B 76 -4.06 -0.84 -12.69
C VAL B 76 -4.86 -1.40 -11.52
N ALA B 77 -4.56 -0.91 -10.31
CA ALA B 77 -5.07 -1.39 -9.03
C ALA B 77 -4.53 -2.77 -8.68
N ALA B 78 -3.75 -3.38 -9.57
CA ALA B 78 -2.95 -4.54 -9.20
C ALA B 78 -1.65 -4.15 -8.52
N TYR B 79 -1.17 -2.93 -8.75
CA TYR B 79 -0.08 -2.41 -7.93
C TYR B 79 -0.49 -2.35 -6.47
N LEU B 80 -1.72 -1.88 -6.20
CA LEU B 80 -2.22 -1.87 -4.84
C LEU B 80 -2.29 -3.28 -4.28
N ALA B 81 -2.80 -4.23 -5.07
CA ALA B 81 -2.91 -5.60 -4.59
C ALA B 81 -1.55 -6.16 -4.24
N VAL B 82 -0.58 -6.05 -5.15
CA VAL B 82 0.74 -6.62 -4.92
C VAL B 82 1.41 -5.95 -3.71
N LEU B 83 1.41 -4.62 -3.68
CA LEU B 83 2.14 -3.93 -2.62
C LEU B 83 1.48 -4.10 -1.25
N LEU B 84 0.15 -4.04 -1.17
CA LEU B 84 -0.50 -4.22 0.12
C LEU B 84 -0.42 -5.67 0.60
N GLY B 85 -0.58 -6.64 -0.31
CA GLY B 85 -0.42 -8.03 0.09
C GLY B 85 1.01 -8.39 0.43
N THR B 86 1.97 -7.64 -0.08
CA THR B 86 3.34 -7.82 0.37
C THR B 86 3.58 -7.15 1.72
N PHE B 87 3.00 -5.97 1.93
CA PHE B 87 3.35 -5.18 3.11
C PHE B 87 2.65 -5.69 4.36
N ILE B 88 1.34 -5.93 4.28
CA ILE B 88 0.57 -6.20 5.51
C ILE B 88 1.06 -7.42 6.25
N PRO B 89 1.22 -8.61 5.65
CA PRO B 89 1.79 -9.73 6.41
C PRO B 89 3.23 -9.49 6.83
N VAL B 90 4.02 -8.77 6.03
CA VAL B 90 5.36 -8.41 6.45
C VAL B 90 5.30 -7.50 7.67
N VAL B 91 4.36 -6.56 7.68
CA VAL B 91 4.16 -5.69 8.83
C VAL B 91 3.82 -6.53 10.06
N PHE B 92 2.92 -7.49 9.89
CA PHE B 92 2.50 -8.35 10.99
C PHE B 92 3.67 -9.14 11.55
N LEU B 93 4.50 -9.71 10.68
CA LEU B 93 5.66 -10.48 11.13
C LEU B 93 6.69 -9.60 11.81
N LEU B 94 6.98 -8.42 11.26
CA LEU B 94 7.93 -7.53 11.88
C LEU B 94 7.45 -7.08 13.26
N THR B 95 6.16 -6.77 13.38
CA THR B 95 5.61 -6.38 14.67
C THR B 95 5.72 -7.51 15.67
N LEU B 96 5.39 -8.73 15.24
CA LEU B 96 5.52 -9.88 16.14
C LEU B 96 6.96 -10.06 16.60
N TYR B 97 7.92 -9.98 15.68
CA TYR B 97 9.31 -10.21 16.05
C TYR B 97 9.80 -9.12 17.00
N ILE B 98 9.48 -7.86 16.73
CA ILE B 98 9.94 -6.79 17.60
C ILE B 98 9.30 -6.90 18.98
N GLN B 99 8.01 -7.24 19.02
CA GLN B 99 7.33 -7.44 20.30
C GLN B 99 7.98 -8.55 21.09
N SER B 100 8.27 -9.69 20.45
CA SER B 100 8.88 -10.81 21.14
C SER B 100 10.28 -10.46 21.62
N GLU B 101 11.06 -9.75 20.80
CA GLU B 101 12.41 -9.39 21.21
C GLU B 101 12.40 -8.42 22.37
N SER B 102 11.48 -7.47 22.37
CA SER B 102 11.40 -6.54 23.51
C SER B 102 10.89 -7.22 24.76
N ARG B 103 9.98 -8.18 24.64
CA ARG B 103 9.58 -8.94 25.82
C ARG B 103 10.76 -9.75 26.38
N LYS B 104 11.55 -10.37 25.50
CA LYS B 104 12.73 -11.08 25.96
C LYS B 104 13.72 -10.13 26.63
N ALA B 105 13.91 -8.94 26.06
CA ALA B 105 14.86 -7.99 26.62
C ALA B 105 14.38 -7.45 27.96
N ALA B 106 13.08 -7.32 28.15
CA ALA B 106 12.54 -6.92 29.44
C ALA B 106 12.54 -8.07 30.45
N GLU B 107 12.55 -9.31 29.98
CA GLU B 107 12.64 -10.43 30.90
C GLU B 107 13.99 -10.48 31.59
N THR B 108 15.03 -9.96 30.94
CA THR B 108 16.37 -9.94 31.52
C THR B 108 16.47 -8.87 32.60
N TYR C 42 65.30 74.35 22.17
CA TYR C 42 65.99 73.66 23.25
C TYR C 42 65.01 73.18 24.31
N LYS C 43 65.31 72.03 24.92
CA LYS C 43 64.49 71.49 26.00
C LYS C 43 64.82 72.26 27.27
N ASP C 44 63.97 73.24 27.60
CA ASP C 44 64.22 74.14 28.71
C ASP C 44 63.19 74.07 29.82
N GLY C 45 61.99 73.56 29.56
CA GLY C 45 60.90 73.63 30.51
C GLY C 45 60.01 74.85 30.34
N ILE C 46 60.37 75.77 29.45
CA ILE C 46 59.53 76.92 29.16
C ILE C 46 58.91 76.85 27.76
N ILE C 47 59.43 75.99 26.88
CA ILE C 47 58.82 75.76 25.58
C ILE C 47 58.09 74.41 25.54
N GLN C 48 58.50 73.45 26.36
CA GLN C 48 57.81 72.16 26.46
C GLN C 48 58.00 71.63 27.87
N GLY C 49 57.00 70.89 28.34
CA GLY C 49 57.08 70.26 29.65
C GLY C 49 55.96 70.66 30.59
N LEU C 50 56.24 70.55 31.90
CA LEU C 50 55.23 70.86 32.91
C LEU C 50 55.00 72.36 33.07
N GLY C 51 56.05 73.16 32.90
CA GLY C 51 55.96 74.60 33.14
C GLY C 51 54.98 75.31 32.24
N VAL C 52 55.27 75.34 30.94
CA VAL C 52 54.35 75.95 29.98
C VAL C 52 53.15 75.04 29.80
N GLU C 53 51.98 75.64 29.63
CA GLU C 53 50.74 74.86 29.55
C GLU C 53 49.76 75.59 28.65
N ALA C 54 49.49 75.02 27.48
CA ALA C 54 48.54 75.63 26.55
C ALA C 54 47.12 75.53 27.12
N ILE C 55 46.20 76.26 26.48
CA ILE C 55 44.85 76.52 26.96
C ILE C 55 44.90 76.71 28.48
N PRO C 56 45.47 77.82 28.95
CA PRO C 56 45.69 77.97 30.39
C PRO C 56 44.37 78.04 31.16
N GLY C 57 44.48 77.78 32.46
CA GLY C 57 43.30 77.66 33.29
C GLY C 57 42.67 76.28 33.28
N ALA C 58 43.29 75.32 32.62
CA ALA C 58 42.79 73.95 32.54
C ALA C 58 43.83 72.99 33.09
N GLY C 59 43.46 71.73 33.18
CA GLY C 59 44.33 70.69 33.70
C GLY C 59 44.94 69.86 32.59
N ARG C 60 46.20 69.46 32.79
CA ARG C 60 46.87 68.62 31.82
C ARG C 60 46.32 67.19 31.90
N PRO C 61 46.35 66.46 30.80
CA PRO C 61 45.93 65.05 30.84
C PRO C 61 46.89 64.22 31.69
N ALA C 62 46.34 63.16 32.28
CA ALA C 62 47.14 62.31 33.17
C ALA C 62 48.23 61.57 32.39
N ASN C 63 47.91 61.08 31.19
CA ASN C 63 48.92 60.38 30.40
C ASN C 63 49.96 61.34 29.85
N LEU C 64 49.56 62.58 29.54
CA LEU C 64 50.47 63.60 29.04
C LEU C 64 51.18 64.21 30.24
N ASP C 65 52.27 63.58 30.66
CA ASP C 65 53.00 63.96 31.87
C ASP C 65 54.22 64.82 31.58
N GLY C 66 54.25 65.49 30.43
CA GLY C 66 55.35 66.38 30.10
C GLY C 66 56.69 65.70 29.94
N THR C 67 56.70 64.46 29.44
CA THR C 67 57.93 63.72 29.23
C THR C 67 58.38 63.70 27.77
N LEU C 68 57.44 63.56 26.84
CA LEU C 68 57.80 63.51 25.43
C LEU C 68 58.15 64.90 24.91
N VAL C 69 58.56 64.95 23.65
CA VAL C 69 58.92 66.19 22.99
C VAL C 69 57.65 66.93 22.60
N GLY C 70 57.65 68.25 22.78
CA GLY C 70 56.53 69.07 22.38
C GLY C 70 55.32 68.99 23.27
N ASP C 71 55.50 68.66 24.55
CA ASP C 71 54.39 68.56 25.50
C ASP C 71 54.13 69.95 26.07
N VAL C 72 53.08 70.60 25.58
CA VAL C 72 52.64 71.88 26.11
C VAL C 72 51.30 71.75 26.83
N GLY C 73 50.93 70.52 27.20
CA GLY C 73 49.68 70.28 27.89
C GLY C 73 48.43 70.42 27.06
N PHE C 74 48.55 70.44 25.74
CA PHE C 74 47.43 70.72 24.84
C PHE C 74 46.92 69.40 24.26
N ASP C 75 45.93 68.81 24.92
CA ASP C 75 45.22 67.65 24.38
C ASP C 75 43.75 67.77 24.73
N PRO C 76 42.98 68.52 23.96
CA PRO C 76 41.52 68.44 24.05
C PRO C 76 41.01 67.18 23.36
N LEU C 77 39.72 66.90 23.58
CA LEU C 77 39.01 65.73 23.07
C LEU C 77 39.52 64.42 23.67
N GLY C 78 40.48 64.46 24.59
CA GLY C 78 40.94 63.28 25.28
C GLY C 78 41.54 62.20 24.40
N PHE C 79 42.38 62.59 23.44
CA PHE C 79 43.02 61.63 22.55
C PHE C 79 44.20 60.91 23.18
N SER C 80 44.71 61.41 24.31
CA SER C 80 45.86 60.80 24.97
C SER C 80 45.47 59.73 25.97
N ASN C 81 44.18 59.46 26.14
CA ASN C 81 43.73 58.48 27.13
C ASN C 81 43.53 57.09 26.54
N TRP C 82 42.99 57.01 25.32
CA TRP C 82 42.72 55.74 24.68
C TRP C 82 43.73 55.35 23.61
N LEU C 83 44.67 56.23 23.29
CA LEU C 83 45.64 56.00 22.23
C LEU C 83 47.04 55.90 22.82
N ASP C 84 47.83 54.98 22.29
CA ASP C 84 49.19 54.81 22.76
C ASP C 84 50.03 56.01 22.32
N LEU C 85 50.81 56.55 23.26
CA LEU C 85 51.61 57.74 22.93
C LEU C 85 52.79 57.40 22.03
N ARG C 86 53.30 56.18 22.06
CA ARG C 86 54.34 55.80 21.12
C ARG C 86 53.81 55.79 19.70
N TRP C 87 52.64 55.17 19.49
CA TRP C 87 52.03 55.15 18.17
C TRP C 87 51.70 56.55 17.68
N ALA C 88 51.13 57.38 18.56
CA ALA C 88 50.77 58.73 18.18
C ALA C 88 52.00 59.58 17.88
N ARG C 89 53.06 59.44 18.67
CA ARG C 89 54.29 60.20 18.42
C ARG C 89 54.95 59.77 17.12
N GLU C 90 54.99 58.46 16.85
CA GLU C 90 55.53 57.98 15.58
C GLU C 90 54.71 58.50 14.42
N ALA C 91 53.38 58.47 14.55
CA ALA C 91 52.51 58.98 13.48
C ALA C 91 52.75 60.47 13.26
N GLU C 92 52.87 61.24 14.34
CA GLU C 92 53.11 62.68 14.20
C GLU C 92 54.44 62.94 13.51
N ILE C 93 55.49 62.24 13.92
CA ILE C 93 56.81 62.45 13.31
C ILE C 93 56.78 62.07 11.84
N LYS C 94 56.19 60.93 11.51
CA LYS C 94 56.15 60.48 10.12
C LYS C 94 55.32 61.43 9.26
N HIS C 95 54.15 61.84 9.75
CA HIS C 95 53.34 62.79 9.01
C HIS C 95 54.08 64.11 8.82
N GLY C 96 54.77 64.57 9.87
CA GLY C 96 55.50 65.82 9.75
C GLY C 96 56.63 65.76 8.73
N ARG C 97 57.40 64.67 8.74
CA ARG C 97 58.49 64.54 7.76
C ARG C 97 57.95 64.40 6.34
N VAL C 98 56.92 63.59 6.16
CA VAL C 98 56.32 63.45 4.84
C VAL C 98 55.75 64.78 4.36
N ALA C 99 55.15 65.54 5.27
CA ALA C 99 54.62 66.86 4.91
C ALA C 99 55.72 67.87 4.63
N MET C 100 56.86 67.77 5.33
CA MET C 100 58.00 68.62 4.99
C MET C 100 58.45 68.36 3.56
N LEU C 101 58.64 67.09 3.22
CA LEU C 101 59.03 66.76 1.85
C LEU C 101 57.96 67.19 0.86
N ALA C 102 56.68 67.02 1.21
CA ALA C 102 55.59 67.42 0.32
C ALA C 102 55.60 68.92 0.07
N ALA C 103 55.74 69.72 1.14
CA ALA C 103 55.73 71.17 1.00
C ALA C 103 56.95 71.67 0.22
N THR C 104 58.11 71.06 0.47
CA THR C 104 59.27 71.41 -0.33
C THR C 104 59.06 71.06 -1.79
N GLY C 105 58.40 69.94 -2.08
CA GLY C 105 58.03 69.64 -3.45
C GLY C 105 57.06 70.64 -4.03
N MET C 106 56.11 71.11 -3.21
CA MET C 106 55.18 72.13 -3.66
C MET C 106 55.92 73.39 -4.07
N ILE C 107 56.90 73.79 -3.27
CA ILE C 107 57.65 75.02 -3.56
C ILE C 107 58.54 74.83 -4.78
N VAL C 108 59.25 73.70 -4.86
CA VAL C 108 60.26 73.52 -5.90
C VAL C 108 59.63 73.21 -7.26
N GLN C 109 58.62 72.32 -7.28
CA GLN C 109 57.99 71.95 -8.54
C GLN C 109 57.39 73.16 -9.24
N ASP C 110 56.86 74.11 -8.48
CA ASP C 110 56.28 75.32 -9.08
C ASP C 110 57.35 76.27 -9.58
N ALA C 111 58.59 76.11 -9.16
CA ALA C 111 59.70 76.97 -9.59
C ALA C 111 60.64 76.30 -10.58
N TYR C 112 61.04 75.06 -10.31
CA TYR C 112 61.97 74.34 -11.16
C TYR C 112 61.47 72.92 -11.42
N LYS C 113 61.60 72.47 -12.66
CA LYS C 113 61.21 71.14 -13.06
C LYS C 113 62.38 70.43 -13.72
N PHE C 114 62.53 69.14 -13.43
CA PHE C 114 63.61 68.37 -14.01
C PHE C 114 63.40 68.21 -15.51
N PRO C 115 64.49 68.21 -16.29
CA PRO C 115 64.35 68.04 -17.74
C PRO C 115 63.80 66.66 -18.08
N GLY C 116 62.79 66.64 -18.95
CA GLY C 116 62.16 65.40 -19.35
C GLY C 116 60.75 65.25 -18.80
N PHE C 117 60.55 65.65 -17.55
CA PHE C 117 59.22 65.58 -16.96
C PHE C 117 58.31 66.71 -17.44
N GLU C 118 58.86 67.88 -17.70
CA GLU C 118 58.04 69.01 -18.13
C GLU C 118 57.54 68.84 -19.56
N GLY C 119 58.15 67.96 -20.35
CA GLY C 119 57.64 67.67 -21.68
C GLY C 119 56.58 66.59 -21.65
N GLU C 120 56.71 65.65 -20.72
CA GLU C 120 55.73 64.59 -20.58
C GLU C 120 54.46 65.07 -19.90
N PHE C 121 54.60 65.92 -18.88
CA PHE C 121 53.46 66.37 -18.09
C PHE C 121 52.96 67.76 -18.50
N GLY C 122 53.83 68.62 -19.01
CA GLY C 122 53.43 69.96 -19.37
C GLY C 122 53.56 70.94 -18.22
N GLY C 123 52.56 71.78 -18.03
CA GLY C 123 52.56 72.73 -16.93
C GLY C 123 51.77 72.23 -15.74
N ALA C 124 51.50 70.93 -15.70
CA ALA C 124 50.69 70.36 -14.65
C ALA C 124 51.44 70.33 -13.32
N ALA C 125 50.69 70.46 -12.23
CA ALA C 125 51.24 70.39 -10.88
C ALA C 125 50.11 70.10 -9.91
N MET C 126 50.48 69.98 -8.63
CA MET C 126 49.52 69.85 -7.54
C MET C 126 48.63 68.61 -7.70
N MET C 127 47.37 68.83 -8.06
CA MET C 127 46.41 67.74 -8.20
C MET C 127 46.37 67.16 -9.60
N LYS C 128 47.04 67.79 -10.57
CA LYS C 128 47.12 67.24 -11.92
C LYS C 128 48.35 66.37 -12.12
N LEU C 129 49.43 66.64 -11.41
CA LEU C 129 50.64 65.85 -11.56
C LEU C 129 50.43 64.42 -11.06
N HIS C 130 49.56 64.23 -10.07
CA HIS C 130 49.30 62.89 -9.55
C HIS C 130 48.64 62.02 -10.61
N ASN C 131 47.59 62.52 -11.25
CA ASN C 131 46.83 61.69 -12.19
C ASN C 131 47.59 61.46 -13.48
N LEU C 132 48.46 62.39 -13.88
CA LEU C 132 49.31 62.14 -15.04
C LEU C 132 50.47 61.23 -14.71
N ALA C 133 51.03 61.34 -13.50
CA ALA C 133 52.13 60.48 -13.08
C ALA C 133 51.70 59.05 -12.83
N VAL C 134 50.45 58.82 -12.44
CA VAL C 134 49.95 57.45 -12.32
C VAL C 134 49.96 56.76 -13.68
N GLU C 135 49.48 57.44 -14.71
CA GLU C 135 49.47 56.89 -16.06
C GLU C 135 50.85 56.87 -16.70
N GLN C 136 51.76 57.72 -16.23
CA GLN C 136 53.10 57.77 -16.81
C GLN C 136 53.95 56.61 -16.29
N GLY C 137 54.11 56.52 -14.98
CA GLY C 137 54.91 55.46 -14.38
C GLY C 137 55.73 55.95 -13.20
N ALA C 138 55.81 57.27 -13.05
CA ALA C 138 56.55 57.83 -11.91
C ALA C 138 55.84 57.54 -10.60
N MET C 139 54.53 57.72 -10.55
CA MET C 139 53.79 57.54 -9.31
C MET C 139 53.77 56.08 -8.87
N GLN C 140 53.62 55.14 -9.80
CA GLN C 140 53.63 53.74 -9.43
C GLN C 140 54.98 53.30 -8.92
N GLN C 141 56.06 53.74 -9.56
CA GLN C 141 57.40 53.43 -9.08
C GLN C 141 57.65 54.03 -7.71
N LEU C 142 57.23 55.29 -7.50
CA LEU C 142 57.37 55.91 -6.20
C LEU C 142 56.58 55.15 -5.14
N LEU C 143 55.34 54.76 -5.45
CA LEU C 143 54.53 54.02 -4.51
C LEU C 143 55.19 52.69 -4.16
N LEU C 144 55.69 51.96 -5.15
CA LEU C 144 56.31 50.67 -4.89
C LEU C 144 57.56 50.83 -4.02
N TRP C 145 58.43 51.78 -4.37
CA TRP C 145 59.68 51.93 -3.62
C TRP C 145 59.42 52.43 -2.20
N LEU C 146 58.52 53.40 -2.04
CA LEU C 146 58.22 53.91 -0.70
C LEU C 146 57.49 52.87 0.14
N GLY C 147 56.60 52.08 -0.47
CA GLY C 147 55.94 51.01 0.27
C GLY C 147 56.90 49.93 0.68
N LEU C 148 57.84 49.56 -0.20
CA LEU C 148 58.85 48.58 0.17
C LEU C 148 59.73 49.10 1.30
N LEU C 149 60.14 50.36 1.21
CA LEU C 149 60.94 50.96 2.28
C LEU C 149 60.17 50.98 3.59
N GLU C 150 58.89 51.34 3.54
CA GLU C 150 58.07 51.33 4.75
C GLU C 150 57.93 49.93 5.32
N ILE C 151 57.68 48.94 4.45
CA ILE C 151 57.50 47.57 4.91
C ILE C 151 58.76 47.06 5.61
N ILE C 152 59.94 47.32 5.03
CA ILE C 152 61.17 46.77 5.59
C ILE C 152 61.80 47.68 6.64
N SER C 153 61.26 48.88 6.88
CA SER C 153 61.81 49.73 7.92
C SER C 153 60.81 50.02 9.04
N GLY C 154 59.65 50.58 8.73
CA GLY C 154 58.78 51.08 9.78
C GLY C 154 57.99 50.00 10.49
N VAL C 155 57.48 49.03 9.75
CA VAL C 155 56.62 48.00 10.35
C VAL C 155 57.34 47.23 11.45
N PRO C 156 58.52 46.64 11.23
CA PRO C 156 59.23 46.05 12.38
C PRO C 156 59.59 47.07 13.43
N ALA C 157 59.91 48.31 13.03
CA ALA C 157 60.15 49.37 14.01
C ALA C 157 58.89 49.66 14.81
N ILE C 158 57.72 49.68 14.15
CA ILE C 158 56.46 49.86 14.85
C ILE C 158 56.27 48.76 15.90
N ILE C 159 56.47 47.51 15.48
CA ILE C 159 56.26 46.38 16.38
C ILE C 159 57.20 46.45 17.56
N GLN C 160 58.48 46.76 17.31
CA GLN C 160 59.45 46.77 18.39
C GLN C 160 59.24 47.94 19.34
N THR C 161 58.92 49.13 18.82
CA THR C 161 58.71 50.27 19.68
C THR C 161 57.35 50.24 20.39
N LEU C 162 56.42 49.42 19.92
CA LEU C 162 55.18 49.20 20.66
C LEU C 162 55.31 48.08 21.67
N ASN C 163 56.19 47.11 21.42
CA ASN C 163 56.40 46.02 22.36
C ASN C 163 57.39 46.36 23.46
N GLY C 164 58.07 47.50 23.37
CA GLY C 164 58.91 47.94 24.47
C GLY C 164 60.40 47.91 24.19
N SER C 165 60.80 48.19 22.95
CA SER C 165 62.22 48.29 22.65
C SER C 165 62.77 49.64 23.09
N GLU C 166 64.08 49.80 22.96
CA GLU C 166 64.75 51.04 23.32
C GLU C 166 64.66 52.09 22.21
N ARG C 167 64.12 51.74 21.06
CA ARG C 167 64.00 52.70 19.97
C ARG C 167 62.85 53.65 20.24
N GLN C 168 63.16 54.95 20.29
CA GLN C 168 62.13 55.94 20.48
C GLN C 168 61.31 56.11 19.20
N PRO C 169 60.02 56.44 19.31
CA PRO C 169 59.23 56.68 18.11
C PRO C 169 59.79 57.84 17.30
N GLY C 170 59.78 57.68 15.98
CA GLY C 170 60.37 58.65 15.10
C GLY C 170 61.87 58.59 14.97
N ASP C 171 62.52 57.63 15.63
CA ASP C 171 63.97 57.48 15.60
C ASP C 171 64.33 56.29 14.72
N PHE C 172 64.96 56.57 13.58
CA PHE C 172 65.50 55.53 12.72
C PHE C 172 67.02 55.48 12.76
N GLY C 173 67.66 56.30 13.59
CA GLY C 173 69.10 56.33 13.66
C GLY C 173 69.78 56.91 12.44
N PHE C 174 69.03 57.55 11.54
CA PHE C 174 69.57 58.09 10.30
C PHE C 174 70.28 59.40 10.62
N ASP C 175 71.58 59.31 10.88
CA ASP C 175 72.40 60.48 11.20
C ASP C 175 73.68 60.47 10.37
N PRO C 176 73.58 60.76 9.08
CA PRO C 176 74.79 61.03 8.30
C PRO C 176 75.36 62.40 8.64
N LEU C 177 76.66 62.55 8.42
CA LEU C 177 77.42 63.76 8.70
C LEU C 177 77.46 64.10 10.19
N ASN C 178 76.98 63.20 11.06
CA ASN C 178 77.04 63.37 12.50
C ASN C 178 76.41 64.69 12.95
N CYS C 179 75.29 65.03 12.34
CA CYS C 179 74.57 66.25 12.72
C CYS C 179 73.87 66.06 14.06
N GLY C 180 73.98 67.05 14.93
CA GLY C 180 73.34 66.99 16.23
C GLY C 180 73.87 65.92 17.17
N ALA C 181 75.20 65.79 17.24
CA ALA C 181 75.79 64.82 18.16
C ALA C 181 75.68 65.26 19.61
N ASN C 182 75.50 66.56 19.86
CA ASN C 182 75.35 67.06 21.23
C ASN C 182 73.92 66.86 21.71
N PRO C 183 73.73 66.36 22.94
CA PRO C 183 72.37 66.07 23.42
C PRO C 183 71.48 67.30 23.53
N ASP C 184 72.02 68.44 23.98
CA ASP C 184 71.22 69.66 24.00
C ASP C 184 70.84 70.08 22.59
N THR C 185 71.82 70.03 21.67
CA THR C 185 71.53 70.29 20.27
C THR C 185 70.54 69.26 19.73
N LEU C 186 70.63 68.01 20.19
CA LEU C 186 69.71 66.98 19.74
C LEU C 186 68.28 67.29 20.17
N ALA C 187 68.09 67.75 21.42
CA ALA C 187 66.76 68.13 21.87
C ALA C 187 66.24 69.35 21.10
N ARG C 188 67.13 70.32 20.85
CA ARG C 188 66.74 71.45 20.02
C ARG C 188 66.25 70.99 18.64
N ARG C 189 66.99 70.07 18.03
CA ARG C 189 66.60 69.54 16.73
C ARG C 189 65.29 68.77 16.80
N GLN C 190 65.07 68.00 17.87
CA GLN C 190 63.82 67.27 18.02
C GLN C 190 62.64 68.21 18.09
N LEU C 191 62.71 69.23 18.95
CA LEU C 191 61.60 70.16 19.09
C LEU C 191 61.38 70.95 17.80
N THR C 192 62.48 71.37 17.16
CA THR C 192 62.35 72.11 15.90
C THR C 192 61.72 71.24 14.81
N GLU C 193 62.14 69.98 14.73
CA GLU C 193 61.56 69.06 13.75
C GLU C 193 60.08 68.86 14.00
N LEU C 194 59.69 68.70 15.26
CA LEU C 194 58.27 68.51 15.57
C LEU C 194 57.44 69.73 15.19
N LYS C 195 57.89 70.92 15.58
CA LYS C 195 57.12 72.12 15.29
C LYS C 195 57.08 72.41 13.79
N ASN C 196 58.20 72.23 13.09
CA ASN C 196 58.21 72.42 11.65
C ASN C 196 57.38 71.37 10.94
N GLY C 197 57.27 70.17 11.50
CA GLY C 197 56.38 69.17 10.93
C GLY C 197 54.92 69.56 11.05
N ARG C 198 54.54 70.09 12.22
CA ARG C 198 53.18 70.62 12.36
C ARG C 198 52.93 71.72 11.33
N LEU C 199 53.88 72.65 11.21
CA LEU C 199 53.75 73.74 10.25
C LEU C 199 53.64 73.20 8.82
N ALA C 200 54.43 72.18 8.50
CA ALA C 200 54.42 71.60 7.15
C ALA C 200 53.09 70.92 6.86
N MET C 201 52.54 70.19 7.84
CA MET C 201 51.24 69.56 7.63
C MET C 201 50.17 70.61 7.34
N ILE C 202 50.11 71.65 8.17
CA ILE C 202 49.10 72.69 7.97
C ILE C 202 49.31 73.38 6.64
N ALA C 203 50.57 73.68 6.28
CA ALA C 203 50.84 74.36 5.02
C ALA C 203 50.49 73.49 3.81
N VAL C 204 50.76 72.19 3.89
CA VAL C 204 50.41 71.31 2.78
C VAL C 204 48.91 71.25 2.59
N GLY C 205 48.15 71.13 3.68
CA GLY C 205 46.71 71.21 3.56
C GLY C 205 46.25 72.52 2.96
N GLY C 206 46.85 73.63 3.40
CA GLY C 206 46.49 74.92 2.86
C GLY C 206 46.73 75.02 1.37
N MET C 207 47.91 74.58 0.91
CA MET C 207 48.23 74.66 -0.51
C MET C 207 47.33 73.75 -1.35
N VAL C 208 47.02 72.55 -0.83
CA VAL C 208 46.12 71.66 -1.55
C VAL C 208 44.76 72.31 -1.72
N HIS C 209 44.22 72.91 -0.66
CA HIS C 209 42.94 73.60 -0.81
C HIS C 209 43.05 74.83 -1.70
N HIS C 210 44.21 75.49 -1.69
CA HIS C 210 44.42 76.63 -2.58
C HIS C 210 44.31 76.22 -4.04
N TYR C 211 44.94 75.11 -4.41
CA TYR C 211 44.81 74.65 -5.79
C TYR C 211 43.42 74.10 -6.07
N LEU C 212 42.78 73.50 -5.06
CA LEU C 212 41.43 72.97 -5.28
C LEU C 212 40.41 74.09 -5.49
N LEU C 213 40.66 75.28 -4.95
CA LEU C 213 39.75 76.40 -5.16
C LEU C 213 40.15 77.24 -6.36
N VAL C 214 41.36 77.82 -6.32
CA VAL C 214 41.79 78.74 -7.37
C VAL C 214 42.28 77.97 -8.59
N GLY C 215 43.29 77.12 -8.40
CA GLY C 215 43.89 76.40 -9.51
C GLY C 215 45.29 76.87 -9.84
N ARG C 216 46.06 77.23 -8.81
CA ARG C 216 47.43 77.69 -8.99
C ARG C 216 48.32 77.07 -7.93
N GLY C 217 49.62 76.99 -8.25
CA GLY C 217 50.59 76.46 -7.32
C GLY C 217 50.93 77.46 -6.23
N PRO C 218 51.78 77.02 -5.30
CA PRO C 218 52.05 77.83 -4.09
C PRO C 218 52.59 79.22 -4.38
N ILE C 219 53.73 79.32 -5.07
CA ILE C 219 54.27 80.63 -5.39
C ILE C 219 53.35 81.36 -6.38
N GLU C 220 52.71 80.62 -7.30
CA GLU C 220 51.74 81.23 -8.18
C GLU C 220 50.52 81.73 -7.40
N PHE C 221 50.14 81.02 -6.34
CA PHE C 221 49.03 81.47 -5.51
C PHE C 221 49.40 82.68 -4.66
N ILE C 222 50.65 82.76 -4.21
CA ILE C 222 51.06 83.89 -3.38
C ILE C 222 51.40 85.11 -4.22
N THR C 223 51.68 84.94 -5.52
CA THR C 223 51.90 86.06 -6.41
C THR C 223 50.63 86.47 -7.17
N ASN C 224 49.54 85.74 -7.02
CA ASN C 224 48.28 86.04 -7.69
C ASN C 224 47.15 86.14 -6.68
N ILE C 225 47.38 86.92 -5.62
CA ILE C 225 46.55 86.97 -4.42
C ILE C 225 45.06 87.13 -4.70
N PRO C 226 44.61 88.02 -5.59
CA PRO C 226 43.17 88.15 -5.83
C PRO C 226 42.55 86.85 -6.31
N ASN C 227 41.29 86.64 -5.94
CA ASN C 227 40.57 85.40 -6.23
C ASN C 227 39.94 85.39 -7.61
N PHE C 228 40.11 86.45 -8.40
CA PHE C 228 39.57 86.49 -9.75
C PHE C 228 40.48 85.70 -10.70
N LYS C 229 40.12 85.72 -11.98
CA LYS C 229 40.87 85.13 -13.09
C LYS C 229 41.45 83.76 -12.77
N ASN C 230 40.70 82.94 -12.04
CA ASN C 230 41.17 81.62 -11.67
C ASN C 230 41.07 80.66 -12.86
N PRO C 231 42.03 79.75 -13.02
CA PRO C 231 41.96 78.73 -14.07
C PRO C 231 41.13 77.54 -13.61
N LEU C 232 41.04 76.55 -14.48
CA LEU C 232 40.33 75.31 -14.15
C LEU C 232 41.17 74.48 -13.20
N PRO C 233 40.64 74.09 -12.04
CA PRO C 233 41.33 73.14 -11.16
C PRO C 233 40.89 71.71 -11.39
N PRO C 234 41.41 71.01 -12.40
CA PRO C 234 41.01 69.61 -12.59
C PRO C 234 41.57 68.74 -11.47
N PHE C 235 40.69 68.00 -10.80
CA PHE C 235 41.08 67.21 -9.64
C PHE C 235 41.89 65.99 -10.05
N ASP D 44 70.94 44.80 22.29
CA ASP D 44 71.83 44.60 21.16
C ASP D 44 71.10 44.79 19.84
N PHE D 45 71.24 45.98 19.26
CA PHE D 45 70.60 46.28 17.99
C PHE D 45 71.37 45.64 16.84
N SER D 46 70.74 45.61 15.67
CA SER D 46 71.35 45.01 14.49
C SER D 46 72.49 45.88 13.98
N ALA D 47 73.54 45.20 13.50
CA ALA D 47 74.68 45.92 12.93
C ALA D 47 74.30 46.62 11.64
N ALA D 48 73.49 45.99 10.79
CA ALA D 48 73.08 46.61 9.55
C ALA D 48 71.99 47.66 9.78
N VAL D 49 70.95 47.28 10.53
CA VAL D 49 69.82 48.16 10.78
C VAL D 49 69.98 48.73 12.19
N PRO D 50 70.29 50.02 12.34
CA PRO D 50 70.58 50.55 13.68
C PRO D 50 69.34 50.77 14.54
N PHE D 51 68.16 50.86 13.97
CA PHE D 51 66.95 51.08 14.76
C PHE D 51 66.19 49.80 15.08
N LEU D 52 66.61 48.66 14.55
CA LEU D 52 65.98 47.38 14.81
C LEU D 52 66.87 46.52 15.69
N LYS D 53 66.25 45.78 16.60
CA LYS D 53 66.99 44.83 17.42
C LYS D 53 67.54 43.70 16.54
N ARG D 54 68.69 43.17 16.96
CA ARG D 54 69.25 42.02 16.26
C ARG D 54 68.35 40.81 16.48
N PRO D 55 68.03 40.06 15.43
CA PRO D 55 67.23 38.85 15.59
C PRO D 55 67.91 37.86 16.52
N SER D 56 67.09 37.20 17.35
CA SER D 56 67.62 36.31 18.37
C SER D 56 68.29 35.07 17.81
N ASN D 57 67.93 34.67 16.59
CA ASN D 57 68.53 33.50 15.97
C ASN D 57 69.73 33.84 15.09
N LEU D 58 70.01 35.13 14.87
CA LEU D 58 71.14 35.55 14.05
C LEU D 58 72.26 36.00 14.99
N ASP D 59 73.05 35.04 15.46
CA ASP D 59 74.15 35.36 16.35
C ASP D 59 75.33 36.00 15.62
N GLY D 60 75.47 35.74 14.32
CA GLY D 60 76.56 36.28 13.54
C GLY D 60 77.62 35.27 13.13
N THR D 61 77.44 33.99 13.46
CA THR D 61 78.42 32.99 13.08
C THR D 61 78.34 32.63 11.60
N LEU D 62 77.18 32.76 10.98
CA LEU D 62 77.03 32.40 9.59
C LEU D 62 77.68 33.46 8.69
N ALA D 63 77.98 33.04 7.46
CA ALA D 63 78.59 33.94 6.49
C ALA D 63 77.55 34.93 5.97
N GLY D 64 77.92 36.21 5.97
CA GLY D 64 76.99 37.24 5.56
C GLY D 64 75.94 37.60 6.59
N ASP D 65 76.06 37.11 7.82
CA ASP D 65 75.11 37.42 8.87
C ASP D 65 75.44 38.79 9.42
N VAL D 66 74.84 39.82 8.82
CA VAL D 66 75.03 41.20 9.27
C VAL D 66 73.90 41.65 10.16
N GLY D 67 72.90 40.81 10.42
CA GLY D 67 71.76 41.17 11.23
C GLY D 67 70.55 41.65 10.46
N PHE D 68 70.58 41.61 9.13
CA PHE D 68 69.49 42.12 8.31
C PHE D 68 68.38 41.09 8.24
N ASP D 69 67.31 41.32 9.00
CA ASP D 69 66.10 40.52 8.91
C ASP D 69 64.93 41.31 9.46
N PRO D 70 64.38 42.25 8.70
CA PRO D 70 63.29 43.09 9.21
C PRO D 70 62.01 42.31 9.46
N LEU D 71 61.60 41.49 8.48
CA LEU D 71 60.37 40.74 8.63
C LEU D 71 60.52 39.58 9.60
N GLY D 72 61.75 39.16 9.89
CA GLY D 72 61.98 38.13 10.89
C GLY D 72 61.58 36.73 10.49
N PHE D 73 61.99 36.29 9.30
CA PHE D 73 61.75 34.91 8.91
C PHE D 73 62.61 33.92 9.69
N SER D 74 63.74 34.37 10.22
CA SER D 74 64.59 33.49 11.03
C SER D 74 64.04 33.28 12.43
N ASP D 75 63.08 34.09 12.86
CA ASP D 75 62.49 33.90 14.19
C ASP D 75 61.58 32.69 14.23
N VAL D 76 61.01 32.30 13.09
CA VAL D 76 60.02 31.23 13.02
C VAL D 76 60.58 29.99 12.34
N PHE D 77 61.10 30.13 11.13
CA PHE D 77 61.60 28.99 10.38
C PHE D 77 63.05 28.71 10.73
N ASP D 78 63.50 27.51 10.39
CA ASP D 78 64.84 27.08 10.76
C ASP D 78 65.89 27.83 9.96
N LEU D 79 66.93 28.29 10.66
CA LEU D 79 67.97 29.08 10.01
C LEU D 79 68.81 28.23 9.06
N ARG D 80 69.04 26.96 9.40
CA ARG D 80 69.82 26.09 8.52
C ARG D 80 69.10 25.86 7.20
N VAL D 81 67.80 25.59 7.25
CA VAL D 81 67.04 25.38 6.02
C VAL D 81 66.97 26.66 5.22
N LEU D 82 66.84 27.80 5.89
CA LEU D 82 66.81 29.08 5.20
C LEU D 82 68.13 29.38 4.51
N ARG D 83 69.25 29.07 5.18
CA ARG D 83 70.55 29.26 4.54
C ARG D 83 70.75 28.28 3.38
N GLU D 84 70.25 27.06 3.51
CA GLU D 84 70.28 26.13 2.38
C GLU D 84 69.52 26.69 1.19
N ALA D 85 68.31 27.19 1.42
CA ALA D 85 67.52 27.77 0.34
C ALA D 85 68.18 29.00 -0.25
N GLU D 86 68.76 29.85 0.61
CA GLU D 86 69.45 31.04 0.14
C GLU D 86 70.65 30.67 -0.74
N LEU D 87 71.46 29.73 -0.28
CA LEU D 87 72.64 29.34 -1.04
C LEU D 87 72.27 28.68 -2.36
N LYS D 88 71.22 27.86 -2.37
CA LYS D 88 70.85 27.21 -3.62
C LYS D 88 70.20 28.19 -4.60
N HIS D 89 69.34 29.09 -4.10
CA HIS D 89 68.85 30.17 -4.94
C HIS D 89 69.99 30.97 -5.53
N GLY D 90 70.99 31.31 -4.70
CA GLY D 90 72.10 32.11 -5.18
C GLY D 90 72.96 31.39 -6.19
N ARG D 91 73.19 30.08 -5.98
CA ARG D 91 73.98 29.32 -6.94
C ARG D 91 73.25 29.20 -8.28
N PHE D 92 71.94 28.93 -8.23
CA PHE D 92 71.16 28.93 -9.47
C PHE D 92 71.24 30.29 -10.16
N ALA D 93 71.14 31.38 -9.38
CA ALA D 93 71.14 32.71 -9.97
C ALA D 93 72.50 33.07 -10.55
N MET D 94 73.58 32.67 -9.88
CA MET D 94 74.92 32.94 -10.41
C MET D 94 75.16 32.20 -11.72
N LEU D 95 74.79 30.91 -11.75
CA LEU D 95 74.89 30.17 -13.00
C LEU D 95 74.00 30.79 -14.07
N ALA D 96 72.83 31.30 -13.69
CA ALA D 96 71.92 31.90 -14.66
C ALA D 96 72.47 33.22 -15.22
N VAL D 97 73.09 34.03 -14.37
CA VAL D 97 73.66 35.29 -14.84
C VAL D 97 74.84 35.03 -15.77
N LEU D 98 75.73 34.12 -15.37
CA LEU D 98 76.82 33.74 -16.27
C LEU D 98 76.29 33.17 -17.57
N GLY D 99 75.22 32.38 -17.50
CA GLY D 99 74.63 31.82 -18.70
C GLY D 99 74.03 32.88 -19.60
N PHE D 100 73.38 33.89 -19.01
CA PHE D 100 72.86 34.98 -19.82
C PHE D 100 73.97 35.72 -20.53
N LEU D 101 75.05 36.03 -19.82
CA LEU D 101 76.17 36.71 -20.46
C LEU D 101 76.75 35.88 -21.60
N VAL D 102 77.00 34.59 -21.35
CA VAL D 102 77.63 33.74 -22.35
C VAL D 102 76.69 33.52 -23.53
N GLN D 103 75.41 33.24 -23.26
CA GLN D 103 74.44 33.02 -24.33
C GLN D 103 74.27 34.27 -25.19
N GLU D 104 74.34 35.46 -24.59
CA GLU D 104 74.30 36.66 -25.40
C GLU D 104 75.58 36.82 -26.22
N VAL D 105 76.73 36.45 -25.66
CA VAL D 105 77.98 36.64 -26.40
C VAL D 105 78.34 35.45 -27.29
N TYR D 106 77.82 34.25 -27.02
CA TYR D 106 78.21 33.09 -27.79
C TYR D 106 77.15 32.00 -27.66
N THR D 107 76.60 31.56 -28.79
CA THR D 107 75.69 30.43 -28.85
C THR D 107 76.37 29.29 -29.59
N PHE D 108 76.08 28.06 -29.17
CA PHE D 108 76.67 26.90 -29.84
C PHE D 108 76.23 26.86 -31.30
N PRO D 109 77.13 26.52 -32.22
CA PRO D 109 76.77 26.56 -33.65
C PRO D 109 75.70 25.57 -34.05
N PHE D 110 75.54 24.46 -33.33
CA PHE D 110 74.48 23.51 -33.67
C PHE D 110 73.14 23.89 -33.06
N PHE D 111 73.11 24.92 -32.18
CA PHE D 111 71.87 25.55 -31.72
C PHE D 111 71.57 26.79 -32.57
N PRO D 112 70.29 27.12 -32.76
CA PRO D 112 69.96 28.36 -33.46
C PRO D 112 70.30 29.58 -32.62
N LYS D 113 70.49 30.71 -33.32
CA LYS D 113 70.88 31.96 -32.68
C LYS D 113 69.65 32.77 -32.31
N MET D 114 69.52 33.11 -31.03
CA MET D 114 68.39 33.88 -30.53
C MET D 114 68.71 34.39 -29.14
N ALA D 115 67.78 35.16 -28.57
CA ALA D 115 67.94 35.69 -27.23
C ALA D 115 67.76 34.57 -26.19
N PRO D 116 68.36 34.74 -25.02
CA PRO D 116 68.24 33.68 -24.00
C PRO D 116 66.83 33.49 -23.45
N VAL D 117 66.07 34.58 -23.28
CA VAL D 117 64.79 34.48 -22.58
C VAL D 117 63.76 33.74 -23.43
N ASP D 118 63.66 34.05 -24.72
CA ASP D 118 62.68 33.39 -25.57
C ASP D 118 63.16 32.03 -26.07
N ALA D 119 64.41 31.64 -25.76
CA ALA D 119 64.84 30.27 -26.01
C ALA D 119 64.15 29.29 -25.07
N HIS D 120 63.58 29.78 -23.96
CA HIS D 120 62.95 28.90 -22.99
C HIS D 120 61.80 28.12 -23.62
N ASP D 121 60.95 28.80 -24.40
CA ASP D 121 59.88 28.09 -25.08
C ASP D 121 60.40 27.19 -26.19
N TYR D 122 61.49 27.59 -26.84
CA TYR D 122 62.08 26.74 -27.87
C TYR D 122 62.55 25.41 -27.28
N PHE D 123 63.11 25.45 -26.07
CA PHE D 123 63.53 24.21 -25.44
C PHE D 123 62.44 23.55 -24.63
N VAL D 124 61.31 24.23 -24.40
CA VAL D 124 60.10 23.52 -24.01
C VAL D 124 59.61 22.63 -25.14
N THR D 125 59.61 23.18 -26.35
CA THR D 125 59.12 22.40 -27.49
C THR D 125 60.14 21.35 -27.94
N GLN D 126 61.43 21.69 -27.91
CA GLN D 126 62.46 20.81 -28.45
C GLN D 126 62.74 19.62 -27.54
N GLY D 127 62.79 19.86 -26.22
CA GLY D 127 63.03 18.80 -25.26
C GLY D 127 64.31 18.92 -24.48
N GLY D 128 65.17 19.89 -24.80
CA GLY D 128 66.38 20.09 -24.01
C GLY D 128 66.11 20.58 -22.60
N GLY D 129 65.14 21.49 -22.47
CA GLY D 129 64.77 21.97 -21.14
C GLY D 129 64.21 20.87 -20.27
N SER D 130 63.46 19.94 -20.87
CA SER D 130 63.00 18.78 -20.12
C SER D 130 64.17 17.96 -19.60
N GLN D 131 65.21 17.79 -20.42
CA GLN D 131 66.41 17.10 -19.96
C GLN D 131 67.08 17.85 -18.82
N ILE D 132 67.17 19.18 -18.92
CA ILE D 132 67.83 19.96 -17.89
C ILE D 132 67.09 19.83 -16.57
N ILE D 133 65.77 20.01 -16.58
CA ILE D 133 65.02 19.86 -15.34
C ILE D 133 64.98 18.42 -14.87
N PHE D 134 65.09 17.45 -15.80
CA PHE D 134 65.17 16.06 -15.40
C PHE D 134 66.43 15.79 -14.58
N TRP D 135 67.57 16.30 -15.04
CA TRP D 135 68.80 16.07 -14.29
C TRP D 135 68.86 16.91 -13.01
N ILE D 136 68.26 18.11 -13.03
CA ILE D 136 68.15 18.88 -11.80
C ILE D 136 67.32 18.13 -10.77
N SER D 137 66.20 17.54 -11.22
CA SER D 137 65.36 16.74 -10.34
C SER D 137 66.10 15.50 -9.85
N PHE D 138 66.90 14.88 -10.70
CA PHE D 138 67.67 13.72 -10.28
C PHE D 138 68.68 14.08 -9.19
N VAL D 139 69.36 15.22 -9.34
CA VAL D 139 70.30 15.65 -8.31
C VAL D 139 69.55 16.02 -7.03
N GLU D 140 68.41 16.68 -7.15
CA GLU D 140 67.73 17.11 -5.94
C GLU D 140 66.83 16.05 -5.33
N ILE D 141 66.71 14.88 -5.96
CA ILE D 141 66.17 13.73 -5.25
C ILE D 141 67.08 13.37 -4.08
N PHE D 142 68.40 13.34 -4.32
CA PHE D 142 69.35 13.23 -3.23
C PHE D 142 69.46 14.54 -2.46
N GLY D 143 69.13 15.66 -3.09
CA GLY D 143 69.01 16.90 -2.35
C GLY D 143 67.98 16.83 -1.25
N VAL D 144 66.89 16.09 -1.47
CA VAL D 144 65.89 15.88 -0.44
C VAL D 144 66.50 15.15 0.75
N VAL D 145 67.31 14.12 0.49
CA VAL D 145 67.96 13.40 1.57
C VAL D 145 68.94 14.30 2.31
N ALA D 146 69.67 15.12 1.55
CA ALA D 146 70.58 16.08 2.19
C ALA D 146 69.82 17.06 3.06
N LEU D 147 68.66 17.52 2.60
CA LEU D 147 67.83 18.42 3.40
C LEU D 147 67.31 17.73 4.66
N PHE D 148 66.96 16.45 4.55
CA PHE D 148 66.53 15.71 5.73
C PHE D 148 67.66 15.58 6.73
N GLU D 149 68.88 15.30 6.25
CA GLU D 149 70.03 15.25 7.14
C GLU D 149 70.33 16.62 7.75
N LEU D 150 70.07 17.69 7.00
CA LEU D 150 70.20 19.04 7.53
C LEU D 150 69.20 19.28 8.66
N ILE D 151 67.96 18.80 8.48
CA ILE D 151 66.95 18.89 9.53
C ILE D 151 67.41 18.13 10.76
N GLN D 152 67.96 16.92 10.56
CA GLN D 152 68.44 16.14 11.69
C GLN D 152 69.71 16.71 12.32
N GLY D 153 70.34 17.69 11.69
CA GLY D 153 71.50 18.34 12.27
C GLY D 153 72.82 17.64 12.05
N LYS D 154 72.92 16.77 11.04
CA LYS D 154 74.16 16.06 10.74
C LYS D 154 74.87 16.64 9.53
N ARG D 155 74.48 17.83 9.09
CA ARG D 155 75.09 18.47 7.92
C ARG D 155 75.00 19.98 8.08
N ASP D 156 76.05 20.68 7.66
CA ASP D 156 76.00 22.13 7.64
C ASP D 156 75.13 22.62 6.47
N ALA D 157 74.65 23.85 6.59
CA ALA D 157 73.75 24.41 5.61
C ALA D 157 74.53 24.75 4.34
N GLY D 158 74.07 24.23 3.20
CA GLY D 158 74.73 24.48 1.94
C GLY D 158 76.06 23.78 1.76
N ASP D 159 76.37 22.81 2.60
CA ASP D 159 77.67 22.14 2.58
C ASP D 159 77.48 20.75 1.97
N PHE D 160 77.69 20.65 0.67
CA PHE D 160 77.73 19.38 -0.03
C PHE D 160 79.14 18.82 -0.14
N ALA D 161 80.12 19.48 0.49
CA ALA D 161 81.53 19.05 0.45
C ALA D 161 82.05 18.97 -0.98
N PHE D 162 81.60 19.90 -1.82
CA PHE D 162 82.00 19.91 -3.23
C PHE D 162 83.17 20.87 -3.40
N ASP D 163 84.38 20.34 -3.21
CA ASP D 163 85.61 21.08 -3.46
C ASP D 163 86.56 20.19 -4.24
N PRO D 164 86.31 20.02 -5.54
CA PRO D 164 87.15 19.11 -6.34
C PRO D 164 88.55 19.66 -6.61
N LEU D 165 88.67 20.98 -6.79
CA LEU D 165 89.96 21.59 -7.07
C LEU D 165 90.77 21.92 -5.83
N GLY D 166 90.20 21.73 -4.64
CA GLY D 166 90.91 22.03 -3.42
C GLY D 166 91.25 23.49 -3.23
N LEU D 167 90.36 24.40 -3.62
CA LEU D 167 90.62 25.82 -3.48
C LEU D 167 90.54 26.26 -2.03
N GLY D 168 89.53 25.81 -1.30
CA GLY D 168 89.37 26.21 0.08
C GLY D 168 89.69 25.12 1.08
N LYS D 169 90.85 25.22 1.71
CA LYS D 169 91.23 24.30 2.78
C LYS D 169 91.66 25.00 4.04
N ASP D 170 92.32 26.15 3.93
CA ASP D 170 92.63 26.96 5.11
C ASP D 170 91.34 27.57 5.65
N GLU D 171 91.23 27.60 6.99
CA GLU D 171 89.99 28.04 7.61
C GLU D 171 89.71 29.52 7.36
N ALA D 172 90.73 30.37 7.41
CA ALA D 172 90.54 31.78 7.11
C ALA D 172 90.11 31.97 5.65
N THR D 173 90.78 31.28 4.73
CA THR D 173 90.38 31.35 3.33
C THR D 173 89.00 30.75 3.13
N LEU D 174 88.65 29.71 3.88
CA LEU D 174 87.32 29.12 3.77
C LEU D 174 86.24 30.11 4.21
N ALA D 175 86.47 30.81 5.32
CA ALA D 175 85.49 31.80 5.77
C ALA D 175 85.40 32.96 4.79
N ARG D 176 86.54 33.42 4.26
CA ARG D 176 86.51 34.49 3.28
C ARG D 176 85.75 34.06 2.03
N TYR D 177 85.95 32.82 1.59
CA TYR D 177 85.24 32.31 0.43
C TYR D 177 83.75 32.16 0.71
N LYS D 178 83.38 31.78 1.94
CA LYS D 178 81.97 31.72 2.29
C LYS D 178 81.32 33.11 2.19
N VAL D 179 82.00 34.12 2.74
CA VAL D 179 81.45 35.48 2.68
C VAL D 179 81.33 35.94 1.23
N ALA D 180 82.38 35.71 0.43
CA ALA D 180 82.33 36.11 -0.97
C ALA D 180 81.24 35.36 -1.72
N GLU D 181 81.06 34.07 -1.44
CA GLU D 181 80.04 33.27 -2.10
C GLU D 181 78.65 33.80 -1.78
N ILE D 182 78.39 34.12 -0.50
CA ILE D 182 77.05 34.60 -0.16
C ILE D 182 76.81 36.00 -0.76
N LYS D 183 77.84 36.86 -0.76
CA LYS D 183 77.65 38.19 -1.36
C LYS D 183 77.38 38.08 -2.86
N HIS D 184 78.15 37.24 -3.56
CA HIS D 184 77.91 37.03 -4.98
C HIS D 184 76.55 36.40 -5.24
N ALA D 185 76.12 35.50 -4.35
CA ALA D 185 74.81 34.88 -4.51
C ALA D 185 73.71 35.91 -4.42
N ARG D 186 73.78 36.80 -3.44
CA ARG D 186 72.77 37.85 -3.32
C ARG D 186 72.80 38.79 -4.52
N LEU D 187 74.00 39.20 -4.93
CA LEU D 187 74.13 40.11 -6.06
C LEU D 187 73.56 39.50 -7.33
N ALA D 188 73.86 38.23 -7.60
CA ALA D 188 73.34 37.56 -8.79
C ALA D 188 71.85 37.25 -8.69
N MET D 189 71.34 37.00 -7.48
CA MET D 189 69.89 36.83 -7.32
C MET D 189 69.16 38.10 -7.73
N ILE D 190 69.71 39.26 -7.38
CA ILE D 190 69.12 40.50 -7.86
C ILE D 190 69.33 40.66 -9.37
N ALA D 191 70.54 40.32 -9.84
CA ALA D 191 70.91 40.63 -11.21
C ALA D 191 70.13 39.80 -12.24
N ILE D 192 69.81 38.55 -11.91
CA ILE D 192 69.11 37.71 -12.90
C ILE D 192 67.69 38.23 -13.14
N GLY D 193 66.99 38.62 -12.07
CA GLY D 193 65.71 39.26 -12.22
C GLY D 193 65.82 40.58 -12.95
N GLY D 194 66.89 41.33 -12.68
CA GLY D 194 67.12 42.55 -13.45
C GLY D 194 67.22 42.28 -14.93
N PHE D 195 68.02 41.29 -15.31
CA PHE D 195 68.18 40.95 -16.72
C PHE D 195 66.85 40.54 -17.35
N ILE D 196 66.12 39.65 -16.69
CA ILE D 196 64.88 39.15 -17.26
C ILE D 196 63.87 40.28 -17.43
N HIS D 197 63.71 41.14 -16.42
CA HIS D 197 62.73 42.21 -16.53
C HIS D 197 63.15 43.27 -17.54
N GLN D 198 64.45 43.56 -17.63
CA GLN D 198 64.90 44.50 -18.64
C GLN D 198 64.66 43.96 -20.04
N PHE D 199 64.88 42.66 -20.26
CA PHE D 199 64.53 42.09 -21.56
C PHE D 199 63.02 42.11 -21.79
N TRP D 200 62.23 41.95 -20.72
CA TRP D 200 60.78 41.95 -20.87
C TRP D 200 60.25 43.33 -21.24
N VAL D 201 60.87 44.40 -20.75
CA VAL D 201 60.35 45.74 -20.99
C VAL D 201 60.98 46.37 -22.24
N THR D 202 62.23 46.02 -22.54
CA THR D 202 62.94 46.66 -23.64
C THR D 202 63.08 45.78 -24.88
N LYS D 203 62.77 44.49 -24.79
CA LYS D 203 62.85 43.56 -25.92
C LYS D 203 64.26 43.54 -26.52
N GLN D 204 65.27 43.68 -25.66
CA GLN D 204 66.66 43.58 -26.09
C GLN D 204 67.48 43.01 -24.95
N THR D 205 68.59 42.38 -25.29
CA THR D 205 69.39 41.65 -24.32
C THR D 205 70.25 42.62 -23.51
N VAL D 206 71.18 42.07 -22.71
CA VAL D 206 71.88 42.88 -21.72
C VAL D 206 72.93 43.76 -22.38
N LEU D 207 73.94 43.16 -23.02
CA LEU D 207 74.97 43.95 -23.69
C LEU D 207 74.42 44.72 -24.88
N GLU D 208 73.35 44.23 -25.50
CA GLU D 208 72.68 45.02 -26.54
C GLU D 208 72.09 46.30 -25.95
N GLN D 209 71.47 46.20 -24.78
CA GLN D 209 70.94 47.39 -24.12
C GLN D 209 72.05 48.30 -23.64
N LEU D 210 73.17 47.74 -23.19
CA LEU D 210 74.34 48.56 -22.86
C LEU D 210 74.96 49.19 -24.10
N GLY D 211 74.67 48.65 -25.28
CA GLY D 211 75.13 49.27 -26.51
C GLY D 211 74.40 50.57 -26.79
N ASN D 212 73.10 50.48 -27.07
CA ASN D 212 72.25 51.66 -27.23
C ASN D 212 71.27 51.68 -26.06
N PHE D 213 71.50 52.60 -25.12
CA PHE D 213 70.70 52.69 -23.91
C PHE D 213 69.42 53.46 -24.23
N GLN D 214 68.37 52.73 -24.62
CA GLN D 214 67.08 53.32 -24.92
C GLN D 214 66.25 53.39 -23.65
N SER D 215 65.74 54.58 -23.35
CA SER D 215 65.01 54.84 -22.11
C SER D 215 63.55 55.07 -22.43
N LEU D 216 62.67 54.29 -21.79
CA LEU D 216 61.24 54.45 -21.96
C LEU D 216 60.49 53.87 -20.75
N ASP E 45 81.08 10.52 10.71
CA ASP E 45 80.75 9.22 10.14
C ASP E 45 80.02 9.40 8.80
N ARG E 46 80.70 10.07 7.87
CA ARG E 46 80.14 10.31 6.55
C ARG E 46 80.42 9.14 5.62
N SER E 47 79.52 8.93 4.66
CA SER E 47 79.73 7.91 3.66
C SER E 47 80.78 8.36 2.65
N TYR E 48 81.46 7.39 2.05
CA TYR E 48 82.51 7.72 1.09
C TYR E 48 81.93 8.18 -0.24
N ALA E 49 80.84 7.54 -0.70
CA ALA E 49 80.24 7.94 -1.97
C ALA E 49 79.52 9.28 -1.85
N MET E 50 78.84 9.52 -0.74
CA MET E 50 78.16 10.78 -0.49
C MET E 50 78.82 11.46 0.70
N PRO E 51 79.78 12.35 0.48
CA PRO E 51 80.47 12.99 1.61
C PRO E 51 79.57 13.88 2.46
N PHE E 52 78.46 14.38 1.91
CA PHE E 52 77.55 15.22 2.66
C PHE E 52 76.47 14.43 3.39
N LEU E 53 76.39 13.12 3.15
CA LEU E 53 75.43 12.26 3.84
C LEU E 53 76.15 11.38 4.85
N SER E 54 75.43 10.99 5.89
CA SER E 54 75.98 10.06 6.86
C SER E 54 76.03 8.66 6.27
N ARG E 55 76.92 7.84 6.82
CA ARG E 55 77.03 6.46 6.37
C ARG E 55 75.80 5.67 6.79
N PRO E 56 75.22 4.89 5.88
CA PRO E 56 74.08 4.03 6.25
C PRO E 56 74.48 3.04 7.33
N PRO E 57 73.60 2.77 8.30
CA PRO E 57 73.99 1.90 9.41
C PRO E 57 74.29 0.47 9.00
N ALA E 58 73.60 -0.06 7.99
CA ALA E 58 73.84 -1.43 7.57
C ALA E 58 75.03 -1.58 6.64
N LEU E 59 75.54 -0.47 6.10
CA LEU E 59 76.68 -0.50 5.19
C LEU E 59 77.94 -0.14 5.99
N ASP E 60 78.42 -1.11 6.75
CA ASP E 60 79.62 -0.89 7.56
C ASP E 60 80.89 -0.89 6.70
N GLY E 61 80.91 -1.67 5.63
CA GLY E 61 82.09 -1.80 4.80
C GLY E 61 82.61 -3.21 4.66
N SER E 62 82.03 -4.18 5.36
CA SER E 62 82.48 -5.56 5.23
C SER E 62 82.03 -6.18 3.92
N MET E 63 80.85 -5.81 3.44
CA MET E 63 80.35 -6.34 2.18
C MET E 63 81.08 -5.68 1.00
N ALA E 64 81.34 -6.47 -0.03
CA ALA E 64 82.06 -5.97 -1.20
C ALA E 64 81.22 -4.94 -1.95
N GLY E 65 81.91 -4.02 -2.63
CA GLY E 65 81.25 -2.97 -3.39
C GLY E 65 80.68 -1.86 -2.55
N ASP E 66 80.97 -1.82 -1.26
CA ASP E 66 80.35 -0.87 -0.34
C ASP E 66 81.18 0.39 -0.28
N VAL E 67 80.64 1.49 -0.79
CA VAL E 67 81.19 2.82 -0.58
C VAL E 67 80.19 3.71 0.15
N GLY E 68 79.23 3.10 0.84
CA GLY E 68 78.23 3.86 1.57
C GLY E 68 77.18 4.52 0.72
N PHE E 69 76.90 3.98 -0.47
CA PHE E 69 75.95 4.60 -1.39
C PHE E 69 74.58 3.94 -1.22
N ASP E 70 73.89 4.34 -0.15
CA ASP E 70 72.47 4.03 0.03
C ASP E 70 71.77 5.29 0.50
N PRO E 71 71.56 6.26 -0.41
CA PRO E 71 70.91 7.51 0.02
C PRO E 71 69.49 7.32 0.50
N LEU E 72 68.72 6.45 -0.16
CA LEU E 72 67.32 6.26 0.20
C LEU E 72 67.13 5.28 1.35
N GLY E 73 68.20 4.67 1.85
CA GLY E 73 68.11 3.78 2.99
C GLY E 73 67.35 2.50 2.73
N PHE E 74 67.61 1.86 1.59
CA PHE E 74 66.98 0.57 1.32
C PHE E 74 67.48 -0.51 2.25
N SER E 75 68.75 -0.43 2.67
CA SER E 75 69.31 -1.44 3.56
C SER E 75 68.75 -1.39 4.97
N ASN E 76 68.11 -0.28 5.35
CA ASN E 76 67.49 -0.18 6.66
C ASN E 76 66.13 -0.89 6.72
N TYR E 77 65.52 -1.15 5.57
CA TYR E 77 64.19 -1.74 5.53
C TYR E 77 64.11 -3.01 4.70
N PHE E 78 65.22 -3.47 4.13
CA PHE E 78 65.23 -4.70 3.35
C PHE E 78 66.44 -5.52 3.74
N ASP E 79 66.32 -6.84 3.56
CA ASP E 79 67.44 -7.73 3.84
C ASP E 79 68.57 -7.47 2.86
N LEU E 80 69.75 -7.15 3.38
CA LEU E 80 70.87 -6.83 2.51
C LEU E 80 71.33 -8.04 1.71
N LYS E 81 71.13 -9.26 2.23
CA LYS E 81 71.40 -10.44 1.42
C LYS E 81 70.48 -10.50 0.21
N TRP E 82 69.19 -10.21 0.40
CA TRP E 82 68.26 -10.17 -0.72
C TRP E 82 68.63 -9.07 -1.70
N LEU E 83 69.02 -7.90 -1.19
CA LEU E 83 69.40 -6.80 -2.07
C LEU E 83 70.64 -7.16 -2.89
N ARG E 84 71.65 -7.77 -2.26
CA ARG E 84 72.84 -8.14 -2.99
C ARG E 84 72.57 -9.26 -3.99
N GLU E 85 71.71 -10.22 -3.63
CA GLU E 85 71.33 -11.26 -4.58
C GLU E 85 70.63 -10.66 -5.79
N ALA E 86 69.70 -9.73 -5.57
CA ALA E 86 69.00 -9.10 -6.68
C ALA E 86 69.96 -8.27 -7.52
N GLU E 87 70.87 -7.54 -6.88
CA GLU E 87 71.85 -6.74 -7.62
C GLU E 87 72.73 -7.62 -8.49
N LEU E 88 73.23 -8.73 -7.94
CA LEU E 88 74.10 -9.61 -8.71
C LEU E 88 73.33 -10.31 -9.84
N LYS E 89 72.09 -10.72 -9.58
CA LYS E 89 71.32 -11.36 -10.63
C LYS E 89 71.02 -10.38 -11.77
N HIS E 90 70.60 -9.16 -11.42
CA HIS E 90 70.39 -8.14 -12.44
C HIS E 90 71.67 -7.87 -13.21
N GLY E 91 72.80 -7.76 -12.51
CA GLY E 91 74.05 -7.46 -13.18
C GLY E 91 74.54 -8.57 -14.09
N ARG E 92 74.39 -9.82 -13.67
CA ARG E 92 74.79 -10.93 -14.53
C ARG E 92 73.90 -11.03 -15.75
N VAL E 93 72.58 -10.87 -15.55
CA VAL E 93 71.66 -10.85 -16.69
C VAL E 93 72.03 -9.74 -17.65
N CYS E 94 72.38 -8.56 -17.12
CA CYS E 94 72.72 -7.44 -17.97
C CYS E 94 74.09 -7.60 -18.64
N MET E 95 75.05 -8.25 -17.98
CA MET E 95 76.31 -8.52 -18.64
C MET E 95 76.11 -9.44 -19.84
N LEU E 96 75.38 -10.54 -19.64
CA LEU E 96 75.08 -11.40 -20.77
C LEU E 96 74.22 -10.70 -21.81
N GLY E 97 73.35 -9.79 -21.38
CA GLY E 97 72.53 -9.04 -22.30
C GLY E 97 73.30 -8.06 -23.16
N CYS E 98 74.28 -7.37 -22.58
CA CYS E 98 75.14 -6.50 -23.36
C CYS E 98 76.00 -7.31 -24.33
N LEU E 99 76.49 -8.46 -23.86
CA LEU E 99 77.23 -9.34 -24.77
C LEU E 99 76.35 -9.77 -25.94
N GLY E 100 75.09 -10.11 -25.67
CA GLY E 100 74.18 -10.47 -26.74
C GLY E 100 73.87 -9.31 -27.67
N PHE E 101 73.70 -8.11 -27.11
CA PHE E 101 73.47 -6.93 -27.94
C PHE E 101 74.63 -6.69 -28.87
N LEU E 102 75.86 -6.91 -28.41
CA LEU E 102 77.02 -6.73 -29.29
C LEU E 102 77.20 -7.88 -30.27
N VAL E 103 76.77 -9.09 -29.92
CA VAL E 103 77.05 -10.25 -30.75
C VAL E 103 75.98 -10.47 -31.82
N GLN E 104 74.71 -10.29 -31.48
CA GLN E 104 73.62 -10.67 -32.39
C GLN E 104 73.68 -9.90 -33.69
N GLU E 105 74.11 -8.64 -33.67
CA GLU E 105 74.15 -7.85 -34.90
C GLU E 105 75.29 -8.28 -35.82
N GLN E 106 76.39 -8.79 -35.28
CA GLN E 106 77.53 -9.18 -36.10
C GLN E 106 77.50 -10.64 -36.51
N ALA E 107 76.83 -11.49 -35.73
CA ALA E 107 76.73 -12.90 -36.05
C ALA E 107 75.40 -13.43 -35.54
N ASN E 108 74.72 -14.22 -36.37
CA ASN E 108 73.44 -14.80 -36.00
C ASN E 108 73.40 -16.26 -36.47
N LEU E 109 72.57 -17.05 -35.80
CA LEU E 109 72.42 -18.44 -36.17
C LEU E 109 71.71 -18.55 -37.52
N PRO E 110 72.11 -19.49 -38.38
CA PRO E 110 71.49 -19.64 -39.71
C PRO E 110 70.13 -20.34 -39.63
N LEU E 111 69.15 -19.65 -39.06
CA LEU E 111 67.83 -20.20 -38.87
C LEU E 111 66.78 -19.24 -39.42
N PRO E 112 65.65 -19.77 -39.88
CA PRO E 112 64.58 -18.88 -40.35
C PRO E 112 64.00 -18.06 -39.21
N GLY E 113 63.83 -16.76 -39.46
CA GLY E 113 63.39 -15.85 -38.44
C GLY E 113 64.49 -15.37 -37.51
N PHE E 114 65.73 -15.79 -37.73
CA PHE E 114 66.86 -15.43 -36.88
C PHE E 114 67.76 -14.37 -37.52
N ASP E 115 67.28 -13.69 -38.55
CA ASP E 115 68.05 -12.67 -39.26
C ASP E 115 67.45 -11.31 -38.93
N ASN E 116 67.91 -10.74 -37.81
CA ASN E 116 67.45 -9.42 -37.39
C ASN E 116 68.51 -8.83 -36.47
N LYS E 117 69.25 -7.84 -36.97
CA LYS E 117 70.32 -7.26 -36.17
C LYS E 117 69.79 -6.37 -35.05
N LEU E 118 68.61 -5.79 -35.24
CA LEU E 118 67.97 -4.99 -34.21
C LEU E 118 67.34 -5.95 -33.20
N ALA E 119 67.91 -6.01 -31.99
CA ALA E 119 67.52 -7.03 -31.03
C ALA E 119 66.11 -6.82 -30.52
N THR E 120 65.66 -5.56 -30.39
CA THR E 120 64.28 -5.32 -29.96
C THR E 120 63.29 -5.89 -30.96
N GLU E 121 63.53 -5.69 -32.25
CA GLU E 121 62.71 -6.33 -33.27
C GLU E 121 63.02 -7.80 -33.43
N ALA E 122 64.22 -8.24 -33.03
CA ALA E 122 64.54 -9.67 -33.03
C ALA E 122 63.80 -10.43 -31.94
N PHE E 123 63.35 -9.74 -30.89
CA PHE E 123 62.52 -10.38 -29.88
C PHE E 123 61.18 -10.80 -30.48
N PHE E 124 60.63 -9.98 -31.37
CA PHE E 124 59.38 -10.30 -32.05
C PHE E 124 59.59 -11.06 -33.36
N SER E 125 60.82 -11.10 -33.87
CA SER E 125 61.10 -11.84 -35.10
C SER E 125 61.35 -13.32 -34.85
N VAL E 126 62.04 -13.64 -33.76
CA VAL E 126 62.24 -15.05 -33.37
C VAL E 126 60.90 -15.64 -32.96
N PRO E 127 60.61 -16.89 -33.32
CA PRO E 127 59.35 -17.50 -32.89
C PRO E 127 59.23 -17.52 -31.38
N ALA E 128 58.01 -17.27 -30.89
CA ALA E 128 57.80 -17.10 -29.46
C ALA E 128 57.90 -18.42 -28.70
N GLY E 129 57.66 -19.55 -29.35
CA GLY E 129 57.77 -20.83 -28.67
C GLY E 129 59.16 -21.09 -28.16
N GLY E 130 60.18 -20.77 -28.96
CA GLY E 130 61.54 -20.88 -28.48
C GLY E 130 61.85 -19.93 -27.35
N LEU E 131 61.27 -18.73 -27.39
CA LEU E 131 61.45 -17.79 -26.28
C LEU E 131 60.87 -18.35 -24.99
N TRP E 132 59.70 -18.97 -25.07
CA TRP E 132 59.11 -19.56 -23.86
C TRP E 132 59.87 -20.79 -23.41
N GLN E 133 60.48 -21.54 -24.35
CA GLN E 133 61.37 -22.63 -23.95
C GLN E 133 62.58 -22.08 -23.20
N ILE E 134 63.14 -20.97 -23.67
CA ILE E 134 64.22 -20.30 -22.94
C ILE E 134 63.74 -19.89 -21.55
N PHE E 135 62.53 -19.33 -21.48
CA PHE E 135 61.97 -18.89 -20.21
C PHE E 135 61.85 -20.04 -19.23
N PHE E 136 61.34 -21.18 -19.68
CA PHE E 136 61.16 -22.33 -18.79
C PHE E 136 62.49 -22.97 -18.42
N SER E 137 63.45 -23.00 -19.35
CA SER E 137 64.77 -23.52 -19.01
C SER E 137 65.45 -22.67 -17.95
N LEU E 138 65.36 -21.34 -18.10
CA LEU E 138 65.93 -20.46 -17.07
C LEU E 138 65.17 -20.56 -15.77
N GLY E 139 63.86 -20.82 -15.83
CA GLY E 139 63.11 -21.07 -14.61
C GLY E 139 63.56 -22.34 -13.91
N ALA E 140 63.84 -23.38 -14.67
CA ALA E 140 64.38 -24.61 -14.09
C ALA E 140 65.75 -24.35 -13.48
N ILE E 141 66.57 -23.53 -14.13
CA ILE E 141 67.86 -23.15 -13.56
C ILE E 141 67.66 -22.43 -12.23
N GLU E 142 66.71 -21.49 -12.19
CA GLU E 142 66.41 -20.78 -10.95
C GLU E 142 65.94 -21.72 -9.86
N ILE E 143 65.12 -22.71 -10.21
CA ILE E 143 64.65 -23.68 -9.23
C ILE E 143 65.83 -24.49 -8.68
N ILE E 144 66.70 -24.97 -9.57
CA ILE E 144 67.77 -25.86 -9.14
C ILE E 144 68.81 -25.12 -8.32
N THR E 145 69.22 -23.94 -8.79
CA THR E 145 70.34 -23.23 -8.16
C THR E 145 69.96 -22.58 -6.83
N ASN E 146 68.68 -22.42 -6.54
CA ASN E 146 68.24 -21.90 -5.25
C ASN E 146 67.71 -22.98 -4.33
N LYS E 147 67.81 -24.25 -4.72
CA LYS E 147 67.34 -25.38 -3.92
C LYS E 147 65.85 -25.26 -3.59
N GLY E 148 65.08 -24.65 -4.49
CA GLY E 148 63.67 -24.46 -4.27
C GLY E 148 63.32 -23.36 -3.30
N LYS E 149 64.30 -22.56 -2.87
CA LYS E 149 64.07 -21.47 -1.94
C LYS E 149 64.05 -20.18 -2.75
N LEU E 150 62.85 -19.66 -3.01
CA LEU E 150 62.68 -18.54 -3.90
C LEU E 150 62.19 -17.26 -3.22
N THR E 151 61.43 -17.38 -2.14
CA THR E 151 60.91 -16.21 -1.46
C THR E 151 62.01 -15.53 -0.64
N PRO E 152 61.85 -14.23 -0.34
CA PRO E 152 62.80 -13.57 0.56
C PRO E 152 62.87 -14.20 1.92
N GLY E 153 61.77 -14.78 2.41
CA GLY E 153 61.75 -15.41 3.72
C GLY E 153 62.29 -16.81 3.78
N SER E 154 62.74 -17.36 2.65
CA SER E 154 63.26 -18.73 2.63
C SER E 154 64.56 -18.88 1.85
N MET E 155 65.00 -17.88 1.09
CA MET E 155 66.14 -18.06 0.21
C MET E 155 67.44 -18.26 0.99
N PHE E 156 67.62 -17.52 2.09
CA PHE E 156 68.86 -17.56 2.85
C PHE E 156 68.70 -18.24 4.20
N THR E 157 67.60 -18.96 4.40
CA THR E 157 67.41 -19.67 5.66
C THR E 157 68.27 -20.92 5.75
N GLY E 158 68.53 -21.58 4.62
CA GLY E 158 69.40 -22.74 4.63
C GLY E 158 70.87 -22.40 4.80
N GLY E 159 71.25 -21.15 4.54
CA GLY E 159 72.63 -20.73 4.65
C GLY E 159 73.31 -20.66 3.31
N ARG E 160 73.42 -19.46 2.76
CA ARG E 160 74.01 -19.28 1.43
C ARG E 160 74.40 -17.82 1.27
N ALA E 161 75.59 -17.59 0.73
CA ALA E 161 76.03 -16.22 0.48
C ALA E 161 75.23 -15.63 -0.67
N PRO E 162 75.01 -14.32 -0.67
CA PRO E 162 74.27 -13.69 -1.77
C PRO E 162 75.07 -13.76 -3.06
N GLY E 163 74.44 -14.29 -4.11
CA GLY E 163 75.09 -14.46 -5.38
C GLY E 163 75.93 -15.71 -5.50
N ASP E 164 76.06 -16.49 -4.42
CA ASP E 164 76.85 -17.72 -4.44
C ASP E 164 75.94 -18.84 -4.91
N LEU E 165 75.95 -19.08 -6.22
CA LEU E 165 75.17 -20.15 -6.83
C LEU E 165 76.03 -21.38 -7.10
N ASP E 166 77.20 -21.47 -6.47
CA ASP E 166 78.14 -22.58 -6.65
C ASP E 166 78.51 -22.75 -8.12
N PHE E 167 79.10 -21.68 -8.68
CA PHE E 167 79.54 -21.67 -10.07
C PHE E 167 80.95 -21.08 -10.13
N ASP E 168 81.95 -21.94 -10.03
CA ASP E 168 83.34 -21.58 -10.31
C ASP E 168 84.05 -22.81 -10.85
N PRO E 169 83.83 -23.13 -12.13
CA PRO E 169 84.48 -24.31 -12.71
C PRO E 169 85.99 -24.22 -12.77
N LEU E 170 86.55 -23.02 -12.74
CA LEU E 170 88.00 -22.85 -12.69
C LEU E 170 88.54 -22.85 -11.27
N ASN E 171 87.67 -23.06 -10.28
CA ASN E 171 88.07 -23.12 -8.87
C ASN E 171 88.80 -21.85 -8.46
N LEU E 172 88.34 -20.72 -8.97
CA LEU E 172 88.90 -19.43 -8.59
C LEU E 172 88.31 -18.98 -7.27
N SER E 173 88.82 -17.86 -6.76
CA SER E 173 88.35 -17.24 -5.52
C SER E 173 88.53 -18.17 -4.32
N VAL E 174 89.48 -19.11 -4.40
CA VAL E 174 89.90 -19.82 -3.21
C VAL E 174 90.67 -18.88 -2.30
N ASP E 175 91.55 -18.06 -2.88
CA ASP E 175 92.21 -17.00 -2.14
C ASP E 175 91.19 -15.94 -1.73
N GLU E 176 91.28 -15.49 -0.47
CA GLU E 176 90.28 -14.57 0.05
C GLU E 176 90.44 -13.18 -0.55
N THR E 177 91.68 -12.68 -0.65
CA THR E 177 91.91 -11.36 -1.22
C THR E 177 91.55 -11.34 -2.70
N ALA E 178 91.91 -12.40 -3.43
CA ALA E 178 91.48 -12.51 -4.82
C ALA E 178 89.96 -12.59 -4.92
N LEU E 179 89.32 -13.26 -3.97
CA LEU E 179 87.86 -13.28 -3.94
C LEU E 179 87.29 -11.87 -3.77
N ARG E 180 87.88 -11.07 -2.88
CA ARG E 180 87.39 -9.71 -2.70
C ARG E 180 87.58 -8.87 -3.95
N ARG E 181 88.76 -8.97 -4.58
CA ARG E 181 89.00 -8.22 -5.80
C ARG E 181 88.04 -8.63 -6.91
N PHE E 182 87.81 -9.94 -7.05
CA PHE E 182 86.88 -10.42 -8.07
C PHE E 182 85.45 -10.00 -7.76
N GLU E 183 85.07 -9.93 -6.48
CA GLU E 183 83.75 -9.45 -6.14
C GLU E 183 83.57 -7.98 -6.48
N LEU E 184 84.59 -7.16 -6.20
CA LEU E 184 84.50 -5.76 -6.58
C LEU E 184 84.41 -5.62 -8.10
N ALA E 185 85.21 -6.40 -8.83
CA ALA E 185 85.14 -6.34 -10.29
C ALA E 185 83.77 -6.78 -10.79
N GLU E 186 83.22 -7.84 -10.22
CA GLU E 186 81.91 -8.33 -10.63
C GLU E 186 80.82 -7.30 -10.36
N LEU E 187 80.87 -6.64 -9.20
CA LEU E 187 79.86 -5.64 -8.89
C LEU E 187 79.98 -4.42 -9.80
N LYS E 188 81.20 -3.96 -10.06
CA LYS E 188 81.36 -2.83 -10.97
C LYS E 188 80.89 -3.18 -12.36
N HIS E 189 81.22 -4.38 -12.85
CA HIS E 189 80.73 -4.81 -14.15
C HIS E 189 79.22 -4.97 -14.15
N ALA E 190 78.64 -5.43 -13.04
CA ALA E 190 77.19 -5.59 -12.96
C ALA E 190 76.49 -4.25 -13.10
N ARG E 191 76.94 -3.26 -12.34
CA ARG E 191 76.32 -1.93 -12.42
C ARG E 191 76.54 -1.30 -13.80
N LEU E 192 77.76 -1.40 -14.32
CA LEU E 192 78.07 -0.84 -15.63
C LEU E 192 77.24 -1.51 -16.71
N ALA E 193 77.02 -2.83 -16.61
CA ALA E 193 76.25 -3.55 -17.59
C ALA E 193 74.76 -3.25 -17.48
N MET E 194 74.25 -3.04 -16.27
CA MET E 194 72.87 -2.59 -16.13
C MET E 194 72.67 -1.26 -16.84
N ILE E 195 73.55 -0.30 -16.57
CA ILE E 195 73.44 1.01 -17.22
C ILE E 195 73.59 0.87 -18.73
N GLY E 196 74.56 0.07 -19.18
CA GLY E 196 74.79 -0.07 -20.61
C GLY E 196 73.64 -0.75 -21.33
N LEU E 197 73.05 -1.78 -20.72
CA LEU E 197 71.90 -2.43 -21.34
C LEU E 197 70.73 -1.47 -21.42
N GLY E 198 70.48 -0.70 -20.36
CA GLY E 198 69.43 0.30 -20.43
C GLY E 198 69.67 1.29 -21.55
N GLY E 199 70.89 1.81 -21.66
CA GLY E 199 71.20 2.79 -22.68
C GLY E 199 71.07 2.24 -24.08
N MET E 200 71.64 1.06 -24.33
CA MET E 200 71.58 0.47 -25.65
C MET E 200 70.15 0.11 -26.04
N LEU E 201 69.36 -0.41 -25.09
CA LEU E 201 67.97 -0.72 -25.38
C LEU E 201 67.18 0.54 -25.71
N HIS E 202 67.38 1.63 -24.96
CA HIS E 202 66.66 2.87 -25.26
C HIS E 202 67.09 3.45 -26.60
N GLN E 203 68.38 3.40 -26.91
CA GLN E 203 68.85 3.91 -28.20
C GLN E 203 68.31 3.09 -29.35
N MET E 204 68.22 1.76 -29.19
CA MET E 204 67.64 0.92 -30.21
C MET E 204 66.13 1.16 -30.35
N LEU E 205 65.46 1.47 -29.24
CA LEU E 205 64.03 1.79 -29.33
C LEU E 205 63.80 3.12 -30.04
N LEU E 206 64.65 4.11 -29.78
CA LEU E 206 64.42 5.44 -30.34
C LEU E 206 64.93 5.55 -31.77
N THR E 207 66.23 5.34 -31.97
CA THR E 207 66.84 5.55 -33.28
C THR E 207 66.60 4.41 -34.25
N LYS E 208 66.06 3.27 -33.79
CA LYS E 208 65.86 2.09 -34.62
C LYS E 208 67.16 1.60 -35.26
N GLN E 209 68.27 1.76 -34.54
CA GLN E 209 69.58 1.36 -35.03
C GLN E 209 70.29 0.50 -34.00
N ALA E 210 70.98 -0.53 -34.46
CA ALA E 210 71.76 -1.38 -33.58
C ALA E 210 73.02 -0.65 -33.12
N PRO E 211 73.62 -1.10 -32.01
CA PRO E 211 74.85 -0.45 -31.52
C PRO E 211 75.99 -0.53 -32.53
N ILE E 212 77.08 0.15 -32.20
CA ILE E 212 78.28 0.37 -33.01
C ILE E 212 77.95 0.75 -34.46
N GLU E 213 76.94 0.10 -35.06
CA GLU E 213 76.37 0.62 -36.29
C GLU E 213 75.86 2.04 -36.08
N GLN E 214 75.20 2.27 -34.94
CA GLN E 214 74.79 3.62 -34.58
C GLN E 214 75.99 4.52 -34.33
N LEU E 215 77.10 3.96 -33.88
CA LEU E 215 78.30 4.76 -33.65
C LEU E 215 78.95 5.17 -34.97
N THR E 216 78.97 4.26 -35.95
CA THR E 216 79.55 4.58 -37.25
C THR E 216 78.63 5.41 -38.11
N ASN E 217 77.31 5.33 -37.88
CA ASN E 217 76.32 6.03 -38.69
C ASN E 217 75.53 7.00 -37.81
N PHE E 218 76.24 7.80 -37.01
CA PHE E 218 75.62 8.61 -35.98
C PHE E 218 74.65 9.63 -36.56
N LYS E 219 73.36 9.38 -36.39
CA LYS E 219 72.32 10.29 -36.86
C LYS E 219 71.71 10.97 -35.63
N SER E 220 71.91 12.28 -35.53
CA SER E 220 71.37 13.03 -34.41
C SER E 220 69.86 13.15 -34.51
N LEU E 221 69.22 13.29 -33.36
CA LEU E 221 67.76 13.34 -33.30
C LEU E 221 67.24 14.63 -33.92
N ALA E 222 66.04 14.55 -34.48
CA ALA E 222 65.41 15.70 -35.13
C ALA E 222 64.93 16.71 -34.10
N GLN F 53 113.67 12.81 -7.41
CA GLN F 53 112.65 13.74 -6.92
C GLN F 53 112.21 14.67 -8.04
N ALA F 54 110.95 14.55 -8.45
CA ALA F 54 110.48 15.26 -9.64
C ALA F 54 109.84 16.60 -9.31
N ILE F 55 108.74 16.58 -8.53
CA ILE F 55 107.97 17.79 -8.27
C ILE F 55 108.22 18.19 -6.80
N PRO F 56 108.89 19.31 -6.55
CA PRO F 56 109.24 19.66 -5.15
C PRO F 56 108.05 20.01 -4.27
N GLY F 57 106.98 20.55 -4.84
CA GLY F 57 105.83 20.91 -4.02
C GLY F 57 105.12 19.70 -3.43
N SER F 58 104.98 18.64 -4.22
CA SER F 58 104.22 17.46 -3.83
C SER F 58 105.15 16.36 -3.33
N GLU F 59 104.55 15.21 -3.02
CA GLU F 59 105.28 14.06 -2.52
C GLU F 59 104.89 12.81 -3.30
N PRO F 60 105.80 11.85 -3.42
CA PRO F 60 105.48 10.61 -4.14
C PRO F 60 104.56 9.72 -3.32
N PRO F 61 103.81 8.83 -3.97
CA PRO F 61 102.99 7.86 -3.24
C PRO F 61 103.87 6.88 -2.49
N PRO F 62 103.35 6.27 -1.41
CA PRO F 62 104.17 5.31 -0.64
C PRO F 62 104.61 4.10 -1.43
N ALA F 63 103.94 3.77 -2.53
CA ALA F 63 104.44 2.71 -3.40
C ALA F 63 105.71 3.14 -4.13
N LEU F 64 105.83 4.43 -4.43
CA LEU F 64 107.04 4.99 -5.04
C LEU F 64 108.02 5.32 -3.90
N ASP F 65 108.91 4.38 -3.61
CA ASP F 65 109.88 4.54 -2.54
C ASP F 65 111.25 4.04 -3.00
N GLY F 66 111.57 4.28 -4.26
CA GLY F 66 112.80 3.76 -4.82
C GLY F 66 112.70 2.28 -5.15
N THR F 67 113.85 1.67 -5.36
CA THR F 67 113.96 0.25 -5.71
C THR F 67 113.18 -0.08 -6.99
N TRP F 68 113.06 0.89 -7.88
CA TRP F 68 112.42 0.68 -9.17
C TRP F 68 113.10 1.57 -10.20
N VAL F 69 113.10 1.09 -11.44
CA VAL F 69 113.75 1.81 -12.53
C VAL F 69 112.92 3.03 -12.92
N GLY F 70 113.57 4.18 -13.02
CA GLY F 70 112.90 5.41 -13.40
C GLY F 70 112.09 6.07 -12.32
N ASP F 71 112.26 5.66 -11.07
CA ASP F 71 111.47 6.20 -9.97
C ASP F 71 112.06 7.54 -9.56
N VAL F 72 111.50 8.63 -10.11
CA VAL F 72 111.83 9.98 -9.69
C VAL F 72 110.71 10.58 -8.84
N GLY F 73 109.82 9.73 -8.33
CA GLY F 73 108.72 10.20 -7.52
C GLY F 73 107.61 10.90 -8.26
N PHE F 74 107.46 10.66 -9.56
CA PHE F 74 106.48 11.36 -10.39
C PHE F 74 105.22 10.50 -10.51
N ASP F 75 104.25 10.76 -9.65
CA ASP F 75 102.92 10.17 -9.75
C ASP F 75 101.94 11.02 -8.94
N PRO F 76 101.50 12.16 -9.48
CA PRO F 76 100.67 13.07 -8.68
C PRO F 76 99.23 12.61 -8.55
N LEU F 77 98.71 11.92 -9.57
CA LEU F 77 97.31 11.49 -9.51
C LEU F 77 97.11 10.33 -8.55
N GLY F 78 98.13 9.49 -8.36
CA GLY F 78 98.02 8.39 -7.44
C GLY F 78 97.53 7.10 -8.06
N PHE F 79 98.12 6.71 -9.19
CA PHE F 79 97.76 5.43 -9.80
C PHE F 79 98.31 4.26 -9.00
N SER F 80 99.50 4.40 -8.41
CA SER F 80 100.10 3.32 -7.64
C SER F 80 99.37 3.07 -6.32
N ARG F 81 98.49 3.98 -5.89
CA ARG F 81 97.73 3.74 -4.67
C ARG F 81 96.65 2.68 -4.88
N VAL F 82 96.08 2.60 -6.08
CA VAL F 82 94.99 1.67 -6.36
C VAL F 82 95.37 0.56 -7.33
N ILE F 83 96.52 0.67 -8.00
CA ILE F 83 96.96 -0.34 -8.96
C ILE F 83 98.26 -0.94 -8.45
N ASP F 84 98.40 -2.26 -8.62
CA ASP F 84 99.61 -2.92 -8.19
C ASP F 84 100.81 -2.43 -8.98
N MET F 85 101.98 -2.43 -8.35
CA MET F 85 103.17 -1.88 -8.99
C MET F 85 103.65 -2.76 -10.13
N ARG F 86 103.57 -4.08 -9.97
CA ARG F 86 104.05 -4.97 -11.02
C ARG F 86 103.24 -4.83 -12.29
N TRP F 87 101.91 -4.74 -12.16
CA TRP F 87 101.07 -4.53 -13.34
C TRP F 87 101.40 -3.21 -14.01
N LEU F 88 101.60 -2.15 -13.22
CA LEU F 88 101.93 -0.85 -13.78
C LEU F 88 103.26 -0.88 -14.53
N ARG F 89 104.28 -1.50 -13.95
CA ARG F 89 105.58 -1.52 -14.61
C ARG F 89 105.58 -2.42 -15.83
N GLU F 90 104.86 -3.54 -15.78
CA GLU F 90 104.71 -4.39 -16.96
C GLU F 90 104.01 -3.64 -18.08
N ALA F 91 102.93 -2.91 -17.76
CA ALA F 91 102.24 -2.13 -18.77
C ALA F 91 103.13 -1.01 -19.32
N GLU F 92 103.92 -0.37 -18.45
CA GLU F 92 104.81 0.68 -18.91
C GLU F 92 105.83 0.13 -19.90
N LEU F 93 106.46 -1.01 -19.57
CA LEU F 93 107.42 -1.59 -20.50
C LEU F 93 106.76 -2.07 -21.79
N LYS F 94 105.55 -2.63 -21.70
CA LYS F 94 104.87 -3.10 -22.90
C LYS F 94 104.51 -1.93 -23.82
N HIS F 95 103.92 -0.87 -23.27
CA HIS F 95 103.62 0.31 -24.06
C HIS F 95 104.90 0.92 -24.63
N GLY F 96 105.96 0.98 -23.84
CA GLY F 96 107.21 1.56 -24.30
C GLY F 96 107.80 0.79 -25.46
N ARG F 97 107.83 -0.54 -25.36
CA ARG F 97 108.39 -1.35 -26.45
C ARG F 97 107.52 -1.28 -27.68
N VAL F 98 106.19 -1.31 -27.51
CA VAL F 98 105.29 -1.19 -28.66
C VAL F 98 105.51 0.14 -29.37
N CYS F 99 105.63 1.23 -28.61
CA CYS F 99 105.84 2.54 -29.21
C CYS F 99 107.24 2.68 -29.80
N MET F 100 108.25 2.05 -29.20
CA MET F 100 109.59 2.06 -29.80
C MET F 100 109.55 1.43 -31.17
N LEU F 101 109.01 0.21 -31.26
CA LEU F 101 108.93 -0.46 -32.56
C LEU F 101 108.04 0.31 -33.52
N ALA F 102 106.95 0.91 -33.04
CA ALA F 102 106.06 1.66 -33.91
C ALA F 102 106.74 2.89 -34.49
N ALA F 103 107.47 3.64 -33.65
CA ALA F 103 108.14 4.85 -34.14
C ALA F 103 109.25 4.50 -35.11
N THR F 104 110.06 3.49 -34.78
CA THR F 104 111.12 3.09 -35.70
C THR F 104 110.55 2.58 -37.02
N GLY F 105 109.48 1.79 -36.94
CA GLY F 105 108.84 1.30 -38.15
C GLY F 105 108.22 2.40 -38.98
N MET F 106 107.66 3.42 -38.33
CA MET F 106 107.09 4.54 -39.08
C MET F 106 108.18 5.35 -39.79
N ILE F 107 109.31 5.56 -39.12
CA ILE F 107 110.44 6.23 -39.76
C ILE F 107 110.91 5.43 -40.96
N VAL F 108 111.06 4.11 -40.79
CA VAL F 108 111.51 3.27 -41.89
C VAL F 108 110.49 3.27 -43.03
N GLN F 109 109.20 3.22 -42.70
CA GLN F 109 108.15 3.24 -43.71
C GLN F 109 108.17 4.54 -44.51
N ASP F 110 108.39 5.67 -43.86
CA ASP F 110 108.47 6.91 -44.61
C ASP F 110 109.81 7.09 -45.30
N ILE F 111 110.82 6.29 -44.98
CA ILE F 111 112.10 6.35 -45.68
C ILE F 111 112.10 5.39 -46.86
N ALA F 112 111.92 4.10 -46.60
CA ALA F 112 112.04 3.09 -47.66
C ALA F 112 111.04 1.97 -47.44
N LEU F 113 110.34 1.58 -48.50
CA LEU F 113 109.34 0.53 -48.45
C LEU F 113 109.89 -0.80 -48.96
N PHE F 114 109.11 -1.85 -48.77
CA PHE F 114 109.47 -3.17 -49.27
C PHE F 114 109.20 -3.26 -50.77
N PRO F 115 109.88 -4.19 -51.46
CA PRO F 115 109.60 -4.38 -52.89
C PRO F 115 108.20 -4.95 -53.11
N GLY F 116 107.47 -4.34 -54.05
CA GLY F 116 106.17 -4.83 -54.44
C GLY F 116 105.02 -4.44 -53.53
N VAL F 117 105.29 -3.71 -52.45
CA VAL F 117 104.23 -3.33 -51.52
C VAL F 117 103.45 -2.10 -51.99
N THR F 118 104.08 -1.22 -52.78
CA THR F 118 103.40 -0.05 -53.32
C THR F 118 102.41 -0.41 -54.41
N LYS F 119 102.62 -1.54 -55.09
CA LYS F 119 101.67 -1.96 -56.11
C LYS F 119 100.31 -2.30 -55.51
N THR F 120 100.30 -2.88 -54.31
CA THR F 120 99.05 -3.27 -53.65
C THR F 120 98.53 -2.19 -52.70
N PHE F 121 99.36 -1.72 -51.77
CA PHE F 121 98.88 -0.75 -50.80
C PHE F 121 98.79 0.67 -51.34
N GLY F 122 99.38 0.94 -52.50
CA GLY F 122 99.33 2.25 -53.10
C GLY F 122 100.10 3.29 -52.30
N PRO F 123 99.80 4.57 -52.54
CA PRO F 123 100.45 5.65 -51.78
C PRO F 123 99.71 5.97 -50.48
N ALA F 124 99.52 4.94 -49.65
CA ALA F 124 98.79 5.06 -48.39
C ALA F 124 99.75 4.79 -47.24
N LYS F 125 99.76 5.68 -46.25
CA LYS F 125 100.64 5.55 -45.11
C LYS F 125 99.89 5.84 -43.82
N ILE F 126 100.37 5.24 -42.73
CA ILE F 126 99.82 5.38 -41.38
C ILE F 126 98.37 4.90 -41.36
N THR F 127 97.42 5.83 -41.30
CA THR F 127 96.02 5.44 -41.08
C THR F 127 95.39 4.83 -42.33
N ALA F 128 95.65 5.41 -43.51
CA ALA F 128 95.18 4.79 -44.73
C ALA F 128 95.86 3.45 -44.97
N LEU F 129 97.13 3.33 -44.59
CA LEU F 129 97.82 2.05 -44.66
C LEU F 129 97.13 1.01 -43.77
N HIS F 130 96.74 1.42 -42.56
CA HIS F 130 96.00 0.51 -41.67
C HIS F 130 94.65 0.13 -42.26
N ASP F 131 93.93 1.11 -42.82
CA ASP F 131 92.61 0.86 -43.37
C ASP F 131 92.67 -0.05 -44.59
N VAL F 132 93.76 -0.03 -45.34
CA VAL F 132 93.89 -0.94 -46.47
C VAL F 132 94.39 -2.31 -46.01
N ALA F 133 95.31 -2.34 -45.05
CA ALA F 133 95.90 -3.59 -44.59
C ALA F 133 94.96 -4.41 -43.72
N VAL F 134 93.94 -3.80 -43.11
CA VAL F 134 92.92 -4.61 -42.45
C VAL F 134 92.11 -5.40 -43.47
N LYS F 135 91.85 -4.81 -44.64
CA LYS F 135 91.19 -5.53 -45.72
C LYS F 135 92.13 -6.52 -46.39
N GLN F 136 93.43 -6.21 -46.43
CA GLN F 136 94.39 -7.13 -47.04
C GLN F 136 94.62 -8.37 -46.17
N GLY F 137 94.50 -8.23 -44.86
CA GLY F 137 94.77 -9.32 -43.95
C GLY F 137 96.12 -9.26 -43.25
N SER F 138 96.93 -8.25 -43.52
CA SER F 138 98.19 -8.09 -42.80
C SER F 138 97.94 -7.77 -41.33
N MET F 139 97.05 -6.81 -41.07
CA MET F 139 96.73 -6.47 -39.69
C MET F 139 96.02 -7.63 -38.99
N GLN F 140 95.23 -8.42 -39.73
CA GLN F 140 94.60 -9.59 -39.14
C GLN F 140 95.63 -10.63 -38.71
N GLN F 141 96.64 -10.87 -39.56
CA GLN F 141 97.72 -11.78 -39.18
C GLN F 141 98.49 -11.25 -37.98
N LEU F 142 98.79 -9.95 -37.97
CA LEU F 142 99.49 -9.36 -36.84
C LEU F 142 98.67 -9.51 -35.56
N LEU F 143 97.37 -9.25 -35.63
CA LEU F 143 96.51 -9.39 -34.46
C LEU F 143 96.50 -10.83 -33.96
N VAL F 144 96.35 -11.81 -34.87
CA VAL F 144 96.29 -13.20 -34.45
C VAL F 144 97.58 -13.62 -33.78
N TRP F 145 98.73 -13.36 -34.43
CA TRP F 145 99.98 -13.86 -33.88
C TRP F 145 100.41 -13.10 -32.64
N LEU F 146 100.16 -11.79 -32.58
CA LEU F 146 100.54 -11.02 -31.42
C LEU F 146 99.63 -11.31 -30.23
N GLY F 147 98.34 -11.58 -30.45
CA GLY F 147 97.51 -12.09 -29.37
C GLY F 147 97.91 -13.47 -28.92
N PHE F 148 98.38 -14.30 -29.86
CA PHE F 148 98.91 -15.61 -29.49
C PHE F 148 100.11 -15.48 -28.57
N LEU F 149 101.01 -14.54 -28.89
CA LEU F 149 102.14 -14.25 -27.99
C LEU F 149 101.67 -13.64 -26.67
N GLU F 150 100.67 -12.76 -26.73
CA GLU F 150 100.13 -12.14 -25.53
C GLU F 150 99.38 -13.11 -24.64
N ILE F 151 99.01 -14.30 -25.13
CA ILE F 151 98.52 -15.34 -24.24
C ILE F 151 99.60 -15.73 -23.24
N PHE F 152 100.80 -16.02 -23.75
CA PHE F 152 101.92 -16.34 -22.88
C PHE F 152 102.33 -15.14 -22.04
N GLY F 153 102.25 -13.94 -22.62
CA GLY F 153 102.48 -12.74 -21.83
C GLY F 153 101.48 -12.60 -20.69
N PHE F 154 100.23 -12.97 -20.95
CA PHE F 154 99.18 -12.90 -19.94
C PHE F 154 99.44 -13.86 -18.80
N VAL F 155 99.78 -15.11 -19.12
CA VAL F 155 100.09 -16.04 -18.06
C VAL F 155 101.38 -15.67 -17.34
N ALA F 156 102.31 -15.01 -18.03
CA ALA F 156 103.49 -14.48 -17.35
C ALA F 156 103.10 -13.41 -16.34
N ILE F 157 102.18 -12.51 -16.73
CA ILE F 157 101.70 -11.49 -15.79
C ILE F 157 101.00 -12.14 -14.62
N VAL F 158 100.20 -13.17 -14.88
CA VAL F 158 99.47 -13.86 -13.82
C VAL F 158 100.45 -14.51 -12.83
N GLN F 159 101.46 -15.22 -13.35
CA GLN F 159 102.43 -15.85 -12.48
C GLN F 159 103.27 -14.82 -11.73
N MET F 160 103.53 -13.67 -12.35
CA MET F 160 104.21 -12.59 -11.63
C MET F 160 103.37 -12.07 -10.49
N LEU F 161 102.07 -11.88 -10.72
CA LEU F 161 101.19 -11.33 -9.69
C LEU F 161 100.93 -12.33 -8.58
N GLN F 162 100.95 -13.63 -8.87
CA GLN F 162 100.78 -14.63 -7.83
C GLN F 162 102.11 -15.09 -7.23
N GLY F 163 103.23 -14.60 -7.74
CA GLY F 163 104.52 -14.81 -7.08
C GLY F 163 105.38 -15.92 -7.64
N SER F 164 105.52 -15.98 -8.96
CA SER F 164 106.48 -16.94 -9.53
C SER F 164 107.91 -16.48 -9.30
N GLY F 165 108.18 -15.19 -9.52
CA GLY F 165 109.51 -14.65 -9.28
C GLY F 165 110.02 -13.72 -10.36
N ARG F 166 109.31 -13.65 -11.49
CA ARG F 166 109.75 -12.83 -12.60
C ARG F 166 109.44 -11.35 -12.33
N GLN F 167 110.23 -10.48 -12.96
CA GLN F 167 110.08 -9.05 -12.86
C GLN F 167 109.23 -8.52 -14.01
N PRO F 168 108.59 -7.36 -13.82
CA PRO F 168 107.77 -6.79 -14.90
C PRO F 168 108.60 -6.52 -16.15
N GLY F 169 108.05 -6.91 -17.31
CA GLY F 169 108.72 -6.73 -18.57
C GLY F 169 109.79 -7.75 -18.88
N ASP F 170 110.02 -8.73 -18.01
CA ASP F 170 111.06 -9.74 -18.21
C ASP F 170 110.45 -10.93 -18.94
N PHE F 171 110.75 -11.04 -20.24
CA PHE F 171 110.32 -12.16 -21.04
C PHE F 171 111.46 -13.11 -21.38
N GLY F 172 112.66 -12.87 -20.85
CA GLY F 172 113.78 -13.76 -21.10
C GLY F 172 114.37 -13.68 -22.48
N PHE F 173 113.99 -12.68 -23.28
CA PHE F 173 114.45 -12.57 -24.67
C PHE F 173 115.76 -11.80 -24.68
N ASP F 174 116.86 -12.53 -24.56
CA ASP F 174 118.21 -11.94 -24.60
C ASP F 174 119.10 -12.75 -25.53
N PRO F 175 118.96 -12.59 -26.84
CA PRO F 175 119.93 -13.20 -27.75
C PRO F 175 121.28 -12.52 -27.65
N LEU F 176 122.32 -13.30 -27.97
CA LEU F 176 123.71 -12.84 -28.02
C LEU F 176 124.24 -12.39 -26.67
N ASN F 177 123.49 -12.62 -25.58
CA ASN F 177 123.92 -12.25 -24.23
C ASN F 177 124.30 -10.78 -24.13
N CYS F 178 123.51 -9.93 -24.78
CA CYS F 178 123.78 -8.49 -24.77
C CYS F 178 123.24 -7.87 -23.50
N GLY F 179 124.11 -7.14 -22.79
CA GLY F 179 123.72 -6.42 -21.60
C GLY F 179 123.20 -7.28 -20.48
N ALA F 180 123.80 -8.45 -20.25
CA ALA F 180 123.35 -9.38 -19.22
C ALA F 180 124.25 -9.38 -17.99
N ASN F 181 125.18 -8.44 -17.89
CA ASN F 181 126.19 -8.47 -16.84
C ASN F 181 126.31 -7.13 -16.14
N THR F 182 126.58 -7.18 -14.84
CA THR F 182 127.02 -6.06 -14.00
C THR F 182 125.98 -4.93 -14.05
N ASP F 183 126.46 -3.69 -13.90
CA ASP F 183 125.61 -2.51 -13.92
C ASP F 183 125.11 -2.16 -15.32
N THR F 184 125.67 -2.79 -16.35
CA THR F 184 125.20 -2.54 -17.71
C THR F 184 123.73 -2.92 -17.86
N LEU F 185 123.31 -3.99 -17.19
CA LEU F 185 121.91 -4.40 -17.25
C LEU F 185 120.99 -3.32 -16.68
N ALA F 186 121.35 -2.77 -15.52
CA ALA F 186 120.53 -1.71 -14.94
C ALA F 186 120.54 -0.44 -15.79
N ARG F 187 121.71 -0.11 -16.36
CA ARG F 187 121.76 1.05 -17.24
C ARG F 187 120.89 0.84 -18.48
N ARG F 188 120.89 -0.39 -19.01
CA ARG F 188 120.00 -0.71 -20.13
C ARG F 188 118.54 -0.66 -19.73
N GLN F 189 118.21 -1.05 -18.49
CA GLN F 189 116.84 -0.89 -18.02
C GLN F 189 116.41 0.57 -18.02
N LEU F 190 117.26 1.43 -17.45
CA LEU F 190 116.94 2.86 -17.41
C LEU F 190 116.84 3.45 -18.83
N VAL F 191 117.78 3.07 -19.70
CA VAL F 191 117.75 3.55 -21.08
C VAL F 191 116.50 3.08 -21.79
N GLU F 192 116.13 1.80 -21.61
CA GLU F 192 114.94 1.26 -22.24
C GLU F 192 113.69 1.99 -21.78
N LEU F 193 113.59 2.25 -20.48
CA LEU F 193 112.40 2.94 -19.97
C LEU F 193 112.32 4.38 -20.47
N LYS F 194 113.42 5.12 -20.40
CA LYS F 194 113.39 6.51 -20.85
C LYS F 194 113.15 6.60 -22.35
N ASN F 195 113.80 5.74 -23.14
CA ASN F 195 113.56 5.75 -24.58
C ASN F 195 112.17 5.26 -24.92
N GLY F 196 111.59 4.37 -24.11
CA GLY F 196 110.21 3.97 -24.34
C GLY F 196 109.24 5.10 -24.10
N ARG F 197 109.46 5.89 -23.04
CA ARG F 197 108.62 7.06 -22.82
C ARG F 197 108.78 8.09 -23.94
N LEU F 198 110.03 8.33 -24.36
CA LEU F 198 110.28 9.26 -25.45
C LEU F 198 109.63 8.79 -26.74
N ALA F 199 109.72 7.49 -27.04
CA ALA F 199 109.10 6.93 -28.24
C ALA F 199 107.58 6.93 -28.13
N MET F 200 107.04 6.82 -26.91
CA MET F 200 105.60 6.93 -26.72
C MET F 200 105.12 8.31 -27.11
N ILE F 201 105.76 9.34 -26.57
CA ILE F 201 105.39 10.72 -26.93
C ILE F 201 105.62 10.98 -28.41
N ALA F 202 106.71 10.44 -28.96
CA ALA F 202 107.00 10.63 -30.38
C ALA F 202 105.97 9.93 -31.27
N THR F 203 105.52 8.75 -30.86
CA THR F 203 104.49 8.04 -31.62
C THR F 203 103.19 8.80 -31.62
N GLY F 204 102.80 9.33 -30.45
CA GLY F 204 101.66 10.23 -30.42
C GLY F 204 101.83 11.42 -31.33
N GLY F 205 103.03 12.00 -31.34
CA GLY F 205 103.30 13.12 -32.22
C GLY F 205 103.15 12.75 -33.69
N MET F 206 103.67 11.60 -34.08
CA MET F 206 103.56 11.17 -35.47
C MET F 206 102.11 10.94 -35.86
N ILE F 207 101.35 10.27 -35.01
CA ILE F 207 99.95 9.99 -35.33
C ILE F 207 99.16 11.30 -35.47
N HIS F 208 99.36 12.23 -34.54
CA HIS F 208 98.61 13.48 -34.62
C HIS F 208 99.10 14.38 -35.75
N HIS F 209 100.38 14.31 -36.10
CA HIS F 209 100.88 15.06 -37.25
C HIS F 209 100.25 14.55 -38.54
N PHE F 210 100.13 13.23 -38.68
CA PHE F 210 99.43 12.72 -39.86
C PHE F 210 97.94 13.04 -39.82
N PHE F 211 97.35 13.10 -38.62
CA PHE F 211 95.96 13.52 -38.49
C PHE F 211 95.78 14.95 -38.99
N LEU F 212 96.70 15.85 -38.63
CA LEU F 212 96.53 17.26 -38.97
C LEU F 212 96.91 17.55 -40.42
N THR F 213 98.07 17.07 -40.86
CA THR F 213 98.61 17.47 -42.15
C THR F 213 98.42 16.42 -43.25
N GLY F 214 98.21 15.16 -42.90
CA GLY F 214 98.14 14.13 -43.91
C GLY F 214 99.47 13.75 -44.53
N LYS F 215 100.58 13.98 -43.82
CA LYS F 215 101.91 13.69 -44.32
C LYS F 215 102.65 12.81 -43.33
N GLY F 216 103.66 12.09 -43.84
CA GLY F 216 104.44 11.19 -43.04
C GLY F 216 105.44 11.91 -42.17
N PRO F 217 106.17 11.12 -41.37
CA PRO F 217 107.15 11.71 -40.44
C PRO F 217 108.30 12.45 -41.11
N ILE F 218 108.96 11.81 -42.08
CA ILE F 218 110.16 12.40 -42.68
C ILE F 218 109.85 13.52 -43.65
N GLU F 219 108.60 13.64 -44.11
CA GLU F 219 108.22 14.71 -45.01
C GLU F 219 107.54 15.87 -44.30
N PHE F 220 106.94 15.63 -43.13
CA PHE F 220 106.37 16.73 -42.36
C PHE F 220 107.46 17.58 -41.72
N ILE F 221 108.56 16.96 -41.28
CA ILE F 221 109.64 17.69 -40.63
C ILE F 221 110.53 18.42 -41.62
N THR F 222 110.34 18.19 -42.93
CA THR F 222 111.11 18.88 -43.95
C THR F 222 110.28 19.84 -44.80
N THR F 223 108.96 19.84 -44.64
CA THR F 223 108.06 20.68 -45.43
C THR F 223 107.12 21.47 -44.51
N LEU F 224 107.68 22.09 -43.49
CA LEU F 224 106.91 22.92 -42.57
C LEU F 224 106.19 24.05 -43.31
N VAL G 32 116.10 -13.74 -17.89
CA VAL G 32 117.28 -12.93 -17.65
C VAL G 32 117.48 -12.74 -16.15
N PHE G 33 116.41 -12.36 -15.45
CA PHE G 33 116.47 -12.26 -14.00
C PHE G 33 116.57 -13.66 -13.39
N PRO G 34 117.24 -13.78 -12.25
CA PRO G 34 117.37 -15.10 -11.61
C PRO G 34 116.03 -15.65 -11.17
N GLY G 35 115.92 -16.97 -11.19
CA GLY G 35 114.71 -17.66 -10.79
C GLY G 35 114.54 -18.93 -11.60
N GLN G 36 113.73 -19.83 -11.06
CA GLN G 36 113.45 -21.11 -11.71
C GLN G 36 112.28 -20.97 -12.66
N PHE G 37 112.47 -21.41 -13.90
CA PHE G 37 111.45 -21.30 -14.93
C PHE G 37 111.42 -22.59 -15.75
N SER G 38 110.50 -22.66 -16.69
CA SER G 38 110.35 -23.84 -17.53
C SER G 38 111.49 -23.93 -18.53
N ASP G 39 111.75 -25.15 -19.00
CA ASP G 39 112.82 -25.37 -19.97
C ASP G 39 112.43 -24.81 -21.35
N SER G 40 111.16 -24.96 -21.72
CA SER G 40 110.73 -24.46 -23.03
C SER G 40 110.54 -22.95 -23.01
N VAL G 41 109.65 -22.46 -22.15
CA VAL G 41 109.38 -21.03 -22.01
C VAL G 41 110.21 -20.52 -20.83
N PRO G 42 111.13 -19.58 -21.05
CA PRO G 42 112.00 -19.12 -19.96
C PRO G 42 111.42 -18.04 -19.06
N PHE G 43 110.27 -17.47 -19.41
CA PHE G 43 109.61 -16.48 -18.56
C PHE G 43 108.42 -17.05 -17.81
N LEU G 44 108.12 -18.32 -17.99
CA LEU G 44 107.07 -19.01 -17.24
C LEU G 44 107.69 -20.10 -16.39
N LYS G 45 107.16 -20.29 -15.19
CA LYS G 45 107.66 -21.31 -14.29
C LYS G 45 107.28 -22.71 -14.79
N GLN G 46 107.91 -23.71 -14.20
CA GLN G 46 107.53 -25.09 -14.49
C GLN G 46 106.14 -25.37 -13.93
N PRO G 47 105.23 -25.96 -14.69
CA PRO G 47 103.89 -26.23 -14.19
C PRO G 47 103.90 -27.20 -13.02
N THR G 48 102.87 -27.08 -12.19
CA THR G 48 102.83 -27.83 -10.93
C THR G 48 102.74 -29.34 -11.18
N ASN G 49 101.92 -29.75 -12.14
CA ASN G 49 101.69 -31.17 -12.39
C ASN G 49 102.53 -31.73 -13.52
N LEU G 50 103.40 -30.92 -14.13
CA LEU G 50 104.32 -31.40 -15.15
C LEU G 50 105.68 -31.62 -14.49
N ASP G 51 105.80 -32.78 -13.83
CA ASP G 51 107.04 -33.11 -13.12
C ASP G 51 108.15 -33.52 -14.08
N GLY G 52 107.80 -34.08 -15.24
CA GLY G 52 108.78 -34.54 -16.21
C GLY G 52 108.85 -36.03 -16.38
N SER G 53 108.01 -36.80 -15.69
CA SER G 53 108.02 -38.25 -15.85
C SER G 53 107.46 -38.66 -17.20
N TYR G 54 106.44 -37.97 -17.69
CA TYR G 54 105.85 -38.28 -18.98
C TYR G 54 106.74 -37.78 -20.11
N VAL G 55 106.72 -38.52 -21.22
CA VAL G 55 107.56 -38.20 -22.36
C VAL G 55 107.02 -36.95 -23.06
N GLY G 56 107.91 -36.25 -23.76
CA GLY G 56 107.53 -35.05 -24.46
C GLY G 56 107.26 -33.85 -23.59
N ASP G 57 107.61 -33.92 -22.30
CA ASP G 57 107.31 -32.85 -21.35
C ASP G 57 108.50 -31.90 -21.31
N VAL G 58 108.36 -30.75 -21.97
CA VAL G 58 109.32 -29.68 -21.88
C VAL G 58 108.83 -28.57 -20.95
N GLY G 59 107.85 -28.87 -20.09
CA GLY G 59 107.31 -27.88 -19.19
C GLY G 59 106.45 -26.82 -19.84
N PHE G 60 105.81 -27.15 -20.97
CA PHE G 60 105.01 -26.19 -21.71
C PHE G 60 103.54 -26.41 -21.37
N ASP G 61 103.06 -25.66 -20.37
CA ASP G 61 101.63 -25.58 -20.07
C ASP G 61 101.36 -24.19 -19.53
N PRO G 62 101.22 -23.20 -20.42
CA PRO G 62 101.02 -21.82 -19.96
C PRO G 62 99.68 -21.59 -19.27
N LEU G 63 98.59 -22.08 -19.88
CA LEU G 63 97.26 -21.84 -19.33
C LEU G 63 96.93 -22.75 -18.15
N GLY G 64 97.76 -23.75 -17.87
CA GLY G 64 97.52 -24.63 -16.74
C GLY G 64 96.39 -25.60 -16.91
N PHE G 65 96.32 -26.28 -18.07
CA PHE G 65 95.33 -27.33 -18.25
C PHE G 65 95.59 -28.52 -17.33
N SER G 66 96.85 -28.78 -17.01
CA SER G 66 97.18 -29.87 -16.09
C SER G 66 96.81 -29.54 -14.65
N ASP G 67 96.63 -28.26 -14.33
CA ASP G 67 96.19 -27.90 -12.99
C ASP G 67 94.69 -28.10 -12.80
N VAL G 68 93.91 -27.99 -13.86
CA VAL G 68 92.46 -28.16 -13.77
C VAL G 68 92.06 -29.62 -13.91
N PHE G 69 92.60 -30.30 -14.92
CA PHE G 69 92.28 -31.70 -15.19
C PHE G 69 93.50 -32.58 -14.94
N ASP G 70 93.24 -33.88 -14.87
CA ASP G 70 94.30 -34.84 -14.59
C ASP G 70 95.27 -34.94 -15.77
N ILE G 71 96.54 -35.17 -15.46
CA ILE G 71 97.54 -35.31 -16.50
C ILE G 71 97.37 -36.62 -17.27
N ARG G 72 96.82 -37.66 -16.62
CA ARG G 72 96.64 -38.93 -17.32
C ARG G 72 95.56 -38.83 -18.39
N VAL G 73 94.42 -38.22 -18.06
CA VAL G 73 93.37 -38.05 -19.04
C VAL G 73 93.83 -37.14 -20.17
N LEU G 74 94.56 -36.08 -19.83
CA LEU G 74 95.09 -35.19 -20.86
C LEU G 74 96.08 -35.91 -21.77
N ARG G 75 96.94 -36.77 -21.20
CA ARG G 75 97.89 -37.50 -22.03
C ARG G 75 97.18 -38.50 -22.93
N GLU G 76 96.16 -39.18 -22.41
CA GLU G 76 95.39 -40.09 -23.27
C GLU G 76 94.68 -39.34 -24.39
N ALA G 77 94.09 -38.19 -24.09
CA ALA G 77 93.46 -37.39 -25.13
C ALA G 77 94.48 -36.90 -26.15
N GLU G 78 95.66 -36.49 -25.69
CA GLU G 78 96.71 -36.05 -26.60
C GLU G 78 97.16 -37.17 -27.52
N LEU G 79 97.36 -38.37 -26.96
CA LEU G 79 97.78 -39.50 -27.79
C LEU G 79 96.70 -39.90 -28.78
N LYS G 80 95.43 -39.90 -28.36
CA LYS G 80 94.35 -40.24 -29.28
C LYS G 80 94.26 -39.23 -30.42
N HIS G 81 94.29 -37.94 -30.09
CA HIS G 81 94.29 -36.90 -31.11
C HIS G 81 95.48 -37.05 -32.04
N GLY G 82 96.67 -37.30 -31.47
CA GLY G 82 97.86 -37.37 -32.29
C GLY G 82 97.89 -38.56 -33.23
N ARG G 83 97.45 -39.73 -32.75
CA ARG G 83 97.40 -40.89 -33.63
C ARG G 83 96.36 -40.72 -34.73
N ILE G 84 95.19 -40.19 -34.39
CA ILE G 84 94.19 -39.90 -35.41
C ILE G 84 94.75 -38.90 -36.42
N ALA G 85 95.51 -37.91 -35.95
CA ALA G 85 96.08 -36.92 -36.86
C ALA G 85 97.20 -37.50 -37.71
N MET G 86 97.96 -38.46 -37.18
CA MET G 86 98.96 -39.15 -38.00
C MET G 86 98.28 -39.87 -39.16
N LEU G 87 97.27 -40.67 -38.85
CA LEU G 87 96.56 -41.37 -39.92
C LEU G 87 95.87 -40.37 -40.85
N ALA G 88 95.44 -39.22 -40.32
CA ALA G 88 94.79 -38.21 -41.14
C ALA G 88 95.77 -37.57 -42.12
N THR G 89 96.97 -37.25 -41.66
CA THR G 89 97.98 -36.70 -42.57
C THR G 89 98.39 -37.71 -43.63
N LEU G 90 98.57 -38.97 -43.23
CA LEU G 90 98.90 -39.99 -44.21
C LEU G 90 97.79 -40.14 -45.25
N GLY G 91 96.53 -40.11 -44.81
CA GLY G 91 95.43 -40.17 -45.76
C GLY G 91 95.35 -38.95 -46.65
N MET G 92 95.54 -37.75 -46.09
CA MET G 92 95.50 -36.54 -46.88
C MET G 92 96.61 -36.50 -47.92
N VAL G 93 97.73 -37.18 -47.67
CA VAL G 93 98.75 -37.32 -48.70
C VAL G 93 98.32 -38.37 -49.73
N VAL G 94 97.95 -39.56 -49.27
CA VAL G 94 97.78 -40.70 -50.17
C VAL G 94 96.56 -40.52 -51.07
N GLN G 95 95.45 -40.05 -50.52
CA GLN G 95 94.22 -39.93 -51.30
C GLN G 95 94.41 -39.01 -52.51
N GLU G 96 95.17 -37.94 -52.35
CA GLU G 96 95.56 -37.13 -53.51
C GLU G 96 96.63 -37.84 -54.35
N ALA G 97 97.52 -38.60 -53.71
CA ALA G 97 98.55 -39.31 -54.46
C ALA G 97 97.97 -40.50 -55.21
N TYR G 98 97.09 -41.28 -54.57
CA TYR G 98 96.57 -42.50 -55.18
C TYR G 98 95.19 -42.80 -54.61
N THR G 99 94.18 -42.84 -55.48
CA THR G 99 92.83 -43.22 -55.11
C THR G 99 92.55 -44.65 -55.57
N PHE G 100 91.77 -45.38 -54.78
CA PHE G 100 91.50 -46.77 -55.05
C PHE G 100 90.72 -46.93 -56.36
N PRO G 101 90.78 -48.13 -56.96
CA PRO G 101 89.96 -48.37 -58.16
C PRO G 101 88.47 -48.18 -57.92
N PHE G 102 87.98 -48.43 -56.72
CA PHE G 102 86.59 -48.10 -56.40
C PHE G 102 86.52 -46.67 -55.85
N PHE G 103 85.33 -46.27 -55.43
CA PHE G 103 85.01 -44.86 -55.13
C PHE G 103 85.26 -44.08 -56.42
N ASP G 104 85.83 -42.87 -56.34
CA ASP G 104 86.07 -42.08 -57.53
C ASP G 104 87.21 -41.10 -57.26
N LYS G 105 87.77 -40.56 -58.33
CA LYS G 105 88.83 -39.58 -58.24
C LYS G 105 88.25 -38.25 -57.78
N VAL G 106 88.50 -37.89 -56.52
CA VAL G 106 87.97 -36.66 -55.95
C VAL G 106 88.88 -36.25 -54.79
N LEU G 107 88.92 -34.95 -54.52
CA LEU G 107 89.73 -34.44 -53.42
C LEU G 107 89.16 -34.89 -52.08
N PRO G 108 90.02 -35.09 -51.07
CA PRO G 108 89.55 -35.69 -49.82
C PRO G 108 88.50 -34.87 -49.08
N ILE G 109 88.60 -33.55 -49.09
CA ILE G 109 87.67 -32.71 -48.32
C ILE G 109 86.25 -32.85 -48.87
N PRO G 110 86.02 -32.80 -50.19
CA PRO G 110 84.70 -33.19 -50.71
C PRO G 110 84.47 -34.69 -50.72
N ALA G 111 85.52 -35.51 -50.67
CA ALA G 111 85.33 -36.93 -50.49
C ALA G 111 84.66 -37.25 -49.16
N HIS G 112 84.84 -36.38 -48.16
CA HIS G 112 84.07 -36.50 -46.93
C HIS G 112 82.58 -36.53 -47.22
N ASP G 113 82.09 -35.55 -47.97
CA ASP G 113 80.67 -35.51 -48.33
C ASP G 113 80.30 -36.68 -49.23
N VAL G 114 81.18 -37.04 -50.16
CA VAL G 114 80.88 -38.13 -51.09
C VAL G 114 80.66 -39.44 -50.34
N ILE G 115 81.53 -39.75 -49.38
CA ILE G 115 81.38 -40.97 -48.60
C ILE G 115 80.33 -40.84 -47.50
N VAL G 116 79.97 -39.62 -47.10
CA VAL G 116 78.78 -39.43 -46.29
C VAL G 116 77.55 -39.90 -47.05
N LYS G 117 77.46 -39.51 -48.32
CA LYS G 117 76.34 -39.94 -49.14
C LYS G 117 76.48 -41.39 -49.61
N SER G 118 77.68 -41.95 -49.61
CA SER G 118 77.87 -43.31 -50.10
C SER G 118 77.53 -44.36 -49.05
N GLY G 119 77.69 -44.03 -47.77
CA GLY G 119 77.33 -44.91 -46.68
C GLY G 119 78.50 -45.52 -45.94
N GLY G 120 79.70 -45.50 -46.52
CA GLY G 120 80.86 -46.09 -45.86
C GLY G 120 81.37 -45.31 -44.67
N MET G 121 81.14 -44.01 -44.64
CA MET G 121 81.64 -43.20 -43.52
C MET G 121 80.84 -43.47 -42.25
N SER G 122 79.55 -43.76 -42.36
CA SER G 122 78.78 -44.18 -41.19
C SER G 122 79.30 -45.51 -40.64
N GLN G 123 79.77 -46.39 -41.51
CA GLN G 123 80.37 -47.64 -41.06
C GLN G 123 81.72 -47.41 -40.40
N ILE G 124 82.52 -46.47 -40.93
CA ILE G 124 83.74 -46.07 -40.24
C ILE G 124 83.41 -45.56 -38.85
N LEU G 125 82.37 -44.73 -38.75
CA LEU G 125 81.93 -44.20 -37.48
C LEU G 125 81.52 -45.32 -36.53
N LEU G 126 80.76 -46.30 -37.03
CA LEU G 126 80.32 -47.42 -36.20
C LEU G 126 81.50 -48.23 -35.67
N TRP G 127 82.45 -48.57 -36.54
CA TRP G 127 83.57 -49.40 -36.10
C TRP G 127 84.49 -48.63 -35.14
N THR G 128 84.73 -47.35 -35.43
CA THR G 128 85.56 -46.55 -34.52
C THR G 128 84.88 -46.33 -33.18
N SER G 129 83.56 -46.19 -33.15
CA SER G 129 82.84 -46.13 -31.88
C SER G 129 82.90 -47.45 -31.13
N PHE G 130 82.82 -48.57 -31.86
CA PHE G 130 82.97 -49.87 -31.22
C PHE G 130 84.34 -50.03 -30.60
N ALA G 131 85.38 -49.51 -31.25
CA ALA G 131 86.70 -49.50 -30.63
C ALA G 131 86.74 -48.54 -29.44
N GLU G 132 86.09 -47.38 -29.56
CA GLU G 132 86.13 -46.38 -28.51
C GLU G 132 85.33 -46.78 -27.28
N ILE G 133 84.44 -47.75 -27.37
CA ILE G 133 83.81 -48.27 -26.15
C ILE G 133 84.87 -48.88 -25.23
N PHE G 134 85.68 -49.79 -25.78
CA PHE G 134 86.78 -50.35 -25.01
C PHE G 134 87.83 -49.31 -24.68
N GLY G 135 88.02 -48.34 -25.57
CA GLY G 135 88.89 -47.22 -25.26
C GLY G 135 88.42 -46.42 -24.05
N GLY G 136 87.11 -46.20 -23.93
CA GLY G 136 86.58 -45.51 -22.77
C GLY G 136 86.70 -46.32 -21.49
N ILE G 137 86.51 -47.64 -21.59
CA ILE G 137 86.74 -48.48 -20.42
C ILE G 137 88.21 -48.39 -20.00
N ALA G 138 89.12 -48.41 -20.98
CA ALA G 138 90.54 -48.25 -20.68
C ALA G 138 90.83 -46.88 -20.05
N LEU G 139 90.16 -45.83 -20.54
CA LEU G 139 90.33 -44.50 -19.96
C LEU G 139 89.86 -44.45 -18.52
N PHE G 140 88.73 -45.10 -18.22
CA PHE G 140 88.23 -45.12 -16.85
C PHE G 140 89.11 -45.97 -15.94
N GLN G 141 89.78 -46.98 -16.49
CA GLN G 141 90.79 -47.68 -15.71
C GLN G 141 92.09 -46.89 -15.60
N THR G 142 92.31 -45.92 -16.49
CA THR G 142 93.50 -45.08 -16.40
C THR G 142 93.38 -44.08 -15.26
N ILE G 143 92.18 -43.58 -15.01
CA ILE G 143 91.96 -42.70 -13.86
C ILE G 143 92.24 -43.44 -12.56
N GLN G 144 91.91 -44.73 -12.51
CA GLN G 144 92.22 -45.54 -11.34
C GLN G 144 93.71 -45.88 -11.25
N GLY G 145 94.50 -45.55 -12.26
CA GLY G 145 95.92 -45.83 -12.23
C GLY G 145 96.27 -47.30 -12.41
N LYS G 146 95.54 -48.00 -13.27
CA LYS G 146 95.85 -49.40 -13.56
C LYS G 146 96.57 -49.59 -14.89
N ARG G 147 96.51 -48.61 -15.78
CA ARG G 147 97.25 -48.67 -17.04
C ARG G 147 97.83 -47.30 -17.33
N ALA G 148 98.92 -47.29 -18.10
CA ALA G 148 99.55 -46.04 -18.50
C ALA G 148 98.63 -45.30 -19.49
N PRO G 149 98.64 -43.98 -19.46
CA PRO G 149 97.78 -43.22 -20.38
C PRO G 149 98.16 -43.45 -21.83
N GLY G 150 97.19 -43.84 -22.64
CA GLY G 150 97.43 -44.12 -24.04
C GLY G 150 98.10 -45.44 -24.31
N ASP G 151 98.28 -46.28 -23.29
CA ASP G 151 98.93 -47.58 -23.43
C ASP G 151 97.85 -48.65 -23.62
N TYR G 152 97.57 -49.00 -24.87
CA TYR G 152 96.64 -50.07 -25.18
C TYR G 152 97.33 -51.41 -25.34
N SER G 153 98.63 -51.49 -25.04
CA SER G 153 99.41 -52.72 -25.12
C SER G 153 99.36 -53.33 -26.52
N PHE G 154 99.36 -52.49 -27.55
CA PHE G 154 99.27 -52.94 -28.93
C PHE G 154 100.67 -52.88 -29.55
N ASP G 155 101.41 -53.98 -29.40
CA ASP G 155 102.71 -54.13 -30.05
C ASP G 155 102.81 -55.53 -30.64
N PRO G 156 102.14 -55.76 -31.78
CA PRO G 156 102.21 -57.10 -32.40
C PRO G 156 103.56 -57.41 -33.03
N LEU G 157 104.33 -56.40 -33.44
CA LEU G 157 105.65 -56.61 -34.00
C LEU G 157 106.75 -56.55 -32.96
N ASN G 158 106.39 -56.35 -31.69
CA ASN G 158 107.34 -56.22 -30.57
C ASN G 158 108.55 -55.37 -30.95
N LEU G 159 108.26 -54.18 -31.48
CA LEU G 159 109.32 -53.26 -31.87
C LEU G 159 110.01 -52.65 -30.66
N SER G 160 109.26 -52.41 -29.57
CA SER G 160 109.83 -51.88 -28.35
C SER G 160 109.24 -52.55 -27.12
N ALA G 161 108.84 -53.82 -27.24
CA ALA G 161 108.20 -54.53 -26.14
C ALA G 161 109.22 -55.19 -25.22
N ASN G 162 110.18 -55.91 -25.79
CA ASN G 162 111.18 -56.60 -24.97
C ASN G 162 112.21 -55.64 -24.39
N ASP G 163 112.56 -54.59 -25.11
CA ASP G 163 113.54 -53.62 -24.66
C ASP G 163 112.85 -52.42 -24.04
N LEU G 164 113.37 -51.95 -22.92
CA LEU G 164 112.78 -50.82 -22.21
C LEU G 164 113.40 -49.48 -22.61
N GLU G 165 114.69 -49.46 -22.96
CA GLU G 165 115.32 -48.21 -23.36
C GLU G 165 114.77 -47.69 -24.68
N LYS G 166 114.42 -48.60 -25.60
CA LYS G 166 113.80 -48.19 -26.84
C LYS G 166 112.38 -47.71 -26.65
N ARG G 167 111.71 -48.14 -25.57
CA ARG G 167 110.31 -47.80 -25.37
C ARG G 167 110.11 -46.31 -25.16
N GLU G 168 110.91 -45.68 -24.31
CA GLU G 168 110.72 -44.25 -24.07
C GLU G 168 111.22 -43.42 -25.25
N ARG G 169 112.22 -43.88 -25.98
CA ARG G 169 112.62 -43.19 -27.20
C ARG G 169 111.50 -43.23 -28.23
N TYR G 170 110.86 -44.39 -28.40
CA TYR G 170 109.74 -44.47 -29.32
C TYR G 170 108.54 -43.69 -28.83
N ALA G 171 108.37 -43.58 -27.51
CA ALA G 171 107.29 -42.75 -26.97
C ALA G 171 107.53 -41.28 -27.26
N LEU G 172 108.77 -40.81 -27.09
CA LEU G 172 109.11 -39.43 -27.44
C LEU G 172 108.91 -39.17 -28.92
N ALA G 173 109.35 -40.12 -29.76
CA ALA G 173 109.14 -39.98 -31.20
C ALA G 173 107.66 -39.97 -31.54
N GLU G 174 106.87 -40.83 -30.89
CA GLU G 174 105.43 -40.89 -31.15
C GLU G 174 104.75 -39.60 -30.76
N ILE G 175 105.10 -39.03 -29.60
CA ILE G 175 104.45 -37.79 -29.19
C ILE G 175 104.87 -36.61 -30.07
N LYS G 176 106.15 -36.55 -30.47
CA LYS G 176 106.56 -35.51 -31.39
C LYS G 176 105.86 -35.63 -32.73
N HIS G 177 105.74 -36.86 -33.25
CA HIS G 177 104.99 -37.08 -34.47
C HIS G 177 103.52 -36.74 -34.29
N SER G 178 102.98 -36.96 -33.09
CA SER G 178 101.58 -36.63 -32.83
C SER G 178 101.36 -35.13 -32.95
N ARG G 179 102.19 -34.34 -32.25
CA ARG G 179 102.06 -32.88 -32.34
C ARG G 179 102.27 -32.39 -33.76
N LEU G 180 103.32 -32.90 -34.43
CA LEU G 180 103.59 -32.50 -35.79
C LEU G 180 102.46 -32.86 -36.73
N ALA G 181 101.84 -34.03 -36.54
CA ALA G 181 100.75 -34.47 -37.40
C ALA G 181 99.49 -33.63 -37.18
N MET G 182 99.18 -33.28 -35.93
CA MET G 182 98.04 -32.40 -35.69
C MET G 182 98.25 -31.05 -36.39
N LEU G 183 99.44 -30.46 -36.20
CA LEU G 183 99.74 -29.19 -36.86
C LEU G 183 99.67 -29.33 -38.38
N ALA G 184 100.20 -30.44 -38.90
CA ALA G 184 100.27 -30.63 -40.34
C ALA G 184 98.90 -30.83 -40.96
N PHE G 185 98.03 -31.61 -40.32
CA PHE G 185 96.70 -31.80 -40.86
C PHE G 185 95.91 -30.51 -40.83
N SER G 186 96.01 -29.75 -39.72
CA SER G 186 95.35 -28.45 -39.69
C SER G 186 95.87 -27.54 -40.81
N GLY G 187 97.18 -27.55 -41.02
CA GLY G 187 97.75 -26.71 -42.07
C GLY G 187 97.26 -27.11 -43.45
N MET G 188 97.26 -28.42 -43.74
CA MET G 188 96.80 -28.87 -45.06
C MET G 188 95.34 -28.57 -45.29
N VAL G 189 94.49 -28.76 -44.27
CA VAL G 189 93.07 -28.47 -44.43
C VAL G 189 92.85 -26.97 -44.66
N HIS G 190 93.51 -26.12 -43.87
CA HIS G 190 93.30 -24.69 -44.04
C HIS G 190 94.00 -24.14 -45.28
N GLN G 191 94.97 -24.85 -45.84
CA GLN G 191 95.51 -24.48 -47.14
C GLN G 191 94.52 -24.85 -48.25
N TYR G 192 93.87 -26.00 -48.14
CA TYR G 192 92.86 -26.36 -49.13
C TYR G 192 91.67 -25.41 -49.06
N PHE G 193 91.32 -24.93 -47.87
CA PHE G 193 90.13 -24.11 -47.71
C PHE G 193 90.23 -22.76 -48.41
N ILE G 194 91.44 -22.26 -48.67
CA ILE G 194 91.59 -20.94 -49.27
C ILE G 194 92.23 -21.06 -50.65
N THR G 195 93.02 -22.12 -50.86
CA THR G 195 93.70 -22.32 -52.13
C THR G 195 92.86 -23.11 -53.12
N ASN G 196 92.03 -24.02 -52.63
CA ASN G 196 91.27 -24.95 -53.47
C ASN G 196 92.21 -25.73 -54.39
N GLN G 197 93.31 -26.20 -53.79
CA GLN G 197 94.28 -27.05 -54.48
C GLN G 197 94.67 -28.19 -53.55
N GLY G 198 95.12 -29.28 -54.15
CA GLY G 198 95.64 -30.39 -53.37
C GLY G 198 96.97 -30.06 -52.75
N VAL G 199 97.37 -30.88 -51.76
CA VAL G 199 98.64 -30.67 -51.10
C VAL G 199 99.79 -30.95 -52.06
N ILE G 200 99.71 -32.05 -52.81
CA ILE G 200 100.69 -32.29 -53.86
C ILE G 200 100.57 -31.23 -54.94
N GLU G 201 99.35 -30.80 -55.25
CA GLU G 201 99.14 -29.75 -56.24
C GLU G 201 99.75 -28.44 -55.80
N GLN G 202 99.66 -28.12 -54.50
CA GLN G 202 100.14 -26.83 -54.02
C GLN G 202 101.67 -26.75 -53.96
N ILE G 203 102.34 -27.87 -53.68
CA ILE G 203 103.80 -27.87 -53.63
C ILE G 203 104.44 -27.94 -55.00
N ASN G 204 103.65 -28.11 -56.06
CA ASN G 204 104.15 -28.10 -57.43
C ASN G 204 103.61 -26.94 -58.26
N ASN G 205 102.46 -26.40 -57.89
CA ASN G 205 101.81 -25.30 -58.61
C ASN G 205 101.49 -24.16 -57.65
N PHE G 206 102.48 -23.78 -56.85
CA PHE G 206 102.29 -22.85 -55.74
C PHE G 206 101.83 -21.49 -56.27
N ARG G 207 100.57 -21.13 -55.98
CA ARG G 207 99.99 -19.84 -56.27
C ARG G 207 99.57 -19.15 -54.98
N PRO G 208 99.86 -17.87 -54.82
CA PRO G 208 99.35 -17.13 -53.65
C PRO G 208 97.83 -17.01 -53.70
N ILE G 209 97.25 -16.88 -52.52
CA ILE G 209 95.79 -16.94 -52.39
C ILE G 209 95.15 -15.65 -52.91
N ASN G 210 93.85 -15.76 -53.21
CA ASN G 210 92.96 -14.63 -53.44
C ASN G 210 93.41 -13.71 -54.58
N GLY G 211 94.23 -14.21 -55.50
CA GLY G 211 94.69 -13.39 -56.60
C GLY G 211 95.70 -12.32 -56.24
N PHE G 212 96.39 -12.48 -55.11
CA PHE G 212 97.40 -11.56 -54.63
C PHE G 212 98.63 -11.38 -55.52
N PRO G 213 98.99 -12.34 -56.38
CA PRO G 213 100.09 -12.09 -57.33
C PRO G 213 100.11 -10.70 -57.94
N ASP G 214 98.96 -10.17 -58.34
CA ASP G 214 98.88 -8.78 -58.79
C ASP G 214 97.47 -8.26 -58.45
N ALA G 215 97.36 -7.62 -57.30
CA ALA G 215 96.09 -7.05 -56.83
C ALA G 215 96.31 -5.63 -56.33
N THR G 216 95.29 -4.81 -56.48
CA THR G 216 95.33 -3.42 -56.07
C THR G 216 94.20 -3.12 -55.09
N PHE G 217 94.52 -2.29 -54.09
CA PHE G 217 93.57 -1.92 -53.04
C PHE G 217 93.00 -3.15 -52.34
N SER G 218 93.89 -4.00 -51.86
CA SER G 218 93.49 -5.20 -51.12
C SER G 218 93.47 -4.92 -49.63
N LEU H 47 94.77 -63.62 -21.99
CA LEU H 47 93.78 -62.57 -21.78
C LEU H 47 93.38 -61.94 -23.11
N ALA H 48 92.08 -61.88 -23.37
CA ALA H 48 91.60 -61.36 -24.65
C ALA H 48 91.87 -59.87 -24.79
N VAL H 49 91.64 -59.11 -23.73
CA VAL H 49 91.87 -57.67 -23.75
C VAL H 49 93.08 -57.37 -22.87
N PRO H 50 94.26 -57.13 -23.46
CA PRO H 50 95.46 -56.97 -22.64
C PRO H 50 95.56 -55.63 -21.91
N PHE H 51 94.93 -54.58 -22.43
CA PHE H 51 95.00 -53.27 -21.80
C PHE H 51 93.96 -53.08 -20.71
N LEU H 52 93.11 -54.07 -20.46
CA LEU H 52 92.14 -54.04 -19.38
C LEU H 52 92.42 -55.18 -18.41
N GLU H 53 91.88 -55.04 -17.20
CA GLU H 53 92.04 -56.08 -16.20
C GLU H 53 91.19 -57.30 -16.53
N ARG H 54 91.50 -58.42 -15.91
CA ARG H 54 90.66 -59.60 -16.01
C ARG H 54 89.37 -59.37 -15.22
N PRO H 55 88.22 -59.67 -15.81
CA PRO H 55 86.94 -59.49 -15.10
C PRO H 55 86.92 -60.31 -13.82
N PRO H 56 86.36 -59.75 -12.75
CA PRO H 56 86.42 -60.45 -11.45
C PRO H 56 85.65 -61.77 -11.41
N MET H 57 84.60 -61.92 -12.19
CA MET H 57 83.76 -63.11 -12.14
C MET H 57 84.17 -64.17 -13.15
N LEU H 58 85.18 -63.92 -13.97
CA LEU H 58 85.63 -64.88 -14.98
C LEU H 58 86.87 -65.60 -14.45
N ASP H 59 86.63 -66.64 -13.65
CA ASP H 59 87.73 -67.42 -13.10
C ASP H 59 88.34 -68.36 -14.14
N GLY H 60 87.53 -68.88 -15.06
CA GLY H 60 88.02 -69.81 -16.06
C GLY H 60 87.40 -71.18 -15.95
N SER H 61 86.33 -71.28 -15.15
CA SER H 61 85.65 -72.56 -14.96
C SER H 61 84.86 -72.97 -16.20
N TYR H 62 84.23 -72.02 -16.87
CA TYR H 62 83.45 -72.34 -18.06
C TYR H 62 84.35 -72.49 -19.28
N ALA H 63 83.83 -73.17 -20.29
CA ALA H 63 84.57 -73.38 -21.52
C ALA H 63 84.54 -72.12 -22.38
N GLY H 64 85.70 -71.77 -22.95
CA GLY H 64 85.81 -70.58 -23.76
C GLY H 64 86.04 -69.29 -22.99
N ASP H 65 86.33 -69.38 -21.69
CA ASP H 65 86.57 -68.19 -20.89
C ASP H 65 88.02 -67.75 -21.05
N ILE H 66 88.23 -66.64 -21.75
CA ILE H 66 89.55 -66.03 -21.89
C ILE H 66 89.60 -64.65 -21.25
N GLY H 67 88.70 -64.39 -20.30
CA GLY H 67 88.62 -63.09 -19.67
C GLY H 67 88.18 -61.99 -20.60
N PHE H 68 87.21 -62.25 -21.47
CA PHE H 68 86.69 -61.25 -22.40
C PHE H 68 85.34 -60.76 -21.91
N ASP H 69 85.37 -59.74 -21.04
CA ASP H 69 84.17 -58.99 -20.68
C ASP H 69 84.59 -57.58 -20.31
N PRO H 70 84.90 -56.75 -21.30
CA PRO H 70 85.29 -55.36 -20.98
C PRO H 70 84.15 -54.55 -20.40
N VAL H 71 82.94 -54.71 -20.92
CA VAL H 71 81.80 -53.95 -20.41
C VAL H 71 81.47 -54.38 -18.98
N GLY H 72 81.54 -55.68 -18.71
CA GLY H 72 81.32 -56.16 -17.36
C GLY H 72 79.94 -56.73 -17.09
N PHE H 73 79.41 -57.48 -18.06
CA PHE H 73 78.15 -58.18 -17.82
C PHE H 73 78.31 -59.37 -16.88
N SER H 74 79.54 -59.85 -16.70
CA SER H 74 79.78 -60.90 -15.72
C SER H 74 79.39 -60.43 -14.32
N ASN H 75 79.75 -59.20 -13.98
CA ASN H 75 79.23 -58.57 -12.78
C ASN H 75 77.78 -58.14 -13.00
N TYR H 76 77.08 -57.92 -11.89
CA TYR H 76 75.71 -57.41 -11.85
C TYR H 76 74.70 -58.35 -12.49
N PHE H 77 75.09 -59.58 -12.82
CA PHE H 77 74.17 -60.56 -13.39
C PHE H 77 74.57 -61.94 -12.91
N ASP H 78 73.82 -62.95 -13.35
CA ASP H 78 74.09 -64.34 -13.03
C ASP H 78 74.91 -64.95 -14.15
N LEU H 79 76.10 -65.44 -13.82
CA LEU H 79 76.97 -66.00 -14.85
C LEU H 79 76.41 -67.29 -15.43
N ARG H 80 75.69 -68.07 -14.63
CA ARG H 80 75.02 -69.25 -15.16
C ARG H 80 73.93 -68.87 -16.15
N TRP H 81 73.17 -67.81 -15.84
CA TRP H 81 72.15 -67.33 -16.77
C TRP H 81 72.78 -66.88 -18.08
N LEU H 82 73.88 -66.14 -18.01
CA LEU H 82 74.56 -65.71 -19.23
C LEU H 82 75.14 -66.88 -20.00
N ARG H 83 75.68 -67.89 -19.30
CA ARG H 83 76.23 -69.05 -19.99
C ARG H 83 75.13 -69.84 -20.71
N GLU H 84 73.99 -70.05 -20.05
CA GLU H 84 72.90 -70.74 -20.73
C GLU H 84 72.34 -69.92 -21.88
N ALA H 85 72.27 -68.59 -21.72
CA ALA H 85 71.83 -67.75 -22.84
C ALA H 85 72.79 -67.84 -24.01
N GLU H 86 74.10 -67.82 -23.73
CA GLU H 86 75.09 -67.93 -24.78
C GLU H 86 74.98 -69.28 -25.49
N LEU H 87 74.83 -70.36 -24.73
CA LEU H 87 74.69 -71.68 -25.35
C LEU H 87 73.40 -71.77 -26.16
N LYS H 88 72.31 -71.19 -25.67
CA LYS H 88 71.04 -71.26 -26.39
C LYS H 88 71.10 -70.47 -27.69
N HIS H 89 71.64 -69.24 -27.64
CA HIS H 89 71.81 -68.46 -28.86
C HIS H 89 72.74 -69.17 -29.84
N GLY H 90 73.84 -69.74 -29.32
CA GLY H 90 74.76 -70.45 -30.19
C GLY H 90 74.13 -71.64 -30.86
N ARG H 91 73.35 -72.44 -30.12
CA ARG H 91 72.69 -73.60 -30.70
C ARG H 91 71.63 -73.18 -31.71
N VAL H 92 70.85 -72.15 -31.40
CA VAL H 92 69.80 -71.71 -32.32
C VAL H 92 70.42 -71.21 -33.62
N CYS H 93 71.43 -70.34 -33.54
CA CYS H 93 72.09 -69.88 -34.76
C CYS H 93 72.85 -71.01 -35.45
N MET H 94 73.34 -71.98 -34.69
CA MET H 94 74.08 -73.10 -35.24
C MET H 94 73.20 -73.97 -36.11
N LEU H 95 71.95 -74.20 -35.67
CA LEU H 95 70.99 -74.89 -36.53
C LEU H 95 70.47 -73.97 -37.63
N GLY H 96 70.38 -72.67 -37.36
CA GLY H 96 69.86 -71.74 -38.36
C GLY H 96 70.76 -71.58 -39.57
N VAL H 97 72.08 -71.60 -39.37
CA VAL H 97 72.99 -71.52 -40.50
C VAL H 97 72.81 -72.73 -41.42
N VAL H 98 72.71 -73.93 -40.84
CA VAL H 98 72.48 -75.12 -41.63
C VAL H 98 71.12 -75.06 -42.31
N GLY H 99 70.11 -74.52 -41.62
CA GLY H 99 68.81 -74.35 -42.26
C GLY H 99 68.85 -73.41 -43.45
N PHE H 100 69.59 -72.31 -43.32
CA PHE H 100 69.77 -71.39 -44.44
C PHE H 100 70.50 -72.06 -45.60
N LEU H 101 71.48 -72.91 -45.29
CA LEU H 101 72.17 -73.64 -46.35
C LEU H 101 71.24 -74.64 -47.04
N VAL H 102 70.42 -75.34 -46.26
CA VAL H 102 69.57 -76.39 -46.81
C VAL H 102 68.44 -75.80 -47.64
N GLN H 103 67.84 -74.69 -47.19
CA GLN H 103 66.66 -74.16 -47.85
C GLN H 103 66.94 -73.63 -49.25
N GLU H 104 68.21 -73.46 -49.62
CA GLU H 104 68.53 -73.02 -50.99
C GLU H 104 68.25 -74.13 -51.99
N PHE H 105 68.70 -75.35 -51.70
CA PHE H 105 68.64 -76.45 -52.64
C PHE H 105 67.56 -77.48 -52.31
N VAL H 106 67.17 -77.58 -51.05
CA VAL H 106 66.18 -78.58 -50.61
C VAL H 106 64.94 -77.83 -50.13
N THR H 107 63.79 -78.15 -50.73
CA THR H 107 62.52 -77.57 -50.34
C THR H 107 61.54 -78.69 -50.02
N LEU H 108 60.84 -78.56 -48.89
CA LEU H 108 59.86 -79.57 -48.52
C LEU H 108 58.69 -79.54 -49.52
N PRO H 109 58.15 -80.72 -49.87
CA PRO H 109 57.17 -80.78 -50.96
C PRO H 109 55.87 -80.03 -50.68
N MET H 110 55.44 -79.92 -49.42
CA MET H 110 54.16 -79.30 -49.13
C MET H 110 54.20 -77.78 -49.18
N PHE H 111 55.38 -77.18 -49.19
CA PHE H 111 55.53 -75.73 -49.27
C PHE H 111 56.05 -75.33 -50.65
N SER H 112 56.01 -74.02 -50.90
CA SER H 112 56.55 -73.44 -52.12
C SER H 112 57.75 -72.56 -51.74
N ASN H 113 58.87 -72.76 -52.43
CA ASN H 113 60.10 -72.07 -52.08
C ASN H 113 60.05 -70.61 -52.52
N GLY H 114 60.59 -69.73 -51.67
CA GLY H 114 60.71 -68.33 -51.98
C GLY H 114 62.00 -68.00 -52.68
N VAL H 115 62.24 -66.70 -52.87
CA VAL H 115 63.46 -66.26 -53.52
C VAL H 115 64.67 -66.41 -52.61
N THR H 116 64.50 -66.24 -51.31
CA THR H 116 65.57 -66.39 -50.33
C THR H 116 65.04 -67.18 -49.14
N PRO H 117 65.92 -67.85 -48.41
CA PRO H 117 65.49 -68.48 -47.15
C PRO H 117 64.93 -67.50 -46.15
N VAL H 118 65.34 -66.23 -46.22
CA VAL H 118 64.71 -65.20 -45.41
C VAL H 118 63.25 -65.03 -45.82
N ASP H 119 62.98 -65.00 -47.12
CA ASP H 119 61.62 -64.91 -47.62
C ASP H 119 60.88 -66.25 -47.57
N ASP H 120 61.56 -67.34 -47.22
CA ASP H 120 60.87 -68.59 -46.95
C ASP H 120 60.01 -68.50 -45.70
N PHE H 121 60.29 -67.55 -44.81
CA PHE H 121 59.44 -67.34 -43.65
C PHE H 121 58.08 -66.76 -44.04
N PHE H 122 58.02 -66.02 -45.14
CA PHE H 122 56.79 -65.34 -45.53
C PHE H 122 55.91 -66.18 -46.45
N VAL H 123 56.51 -67.00 -47.32
CA VAL H 123 55.71 -67.77 -48.26
C VAL H 123 54.96 -68.92 -47.60
N VAL H 124 55.43 -69.39 -46.45
CA VAL H 124 54.67 -70.37 -45.67
C VAL H 124 53.53 -69.64 -44.98
N PRO H 125 52.38 -70.27 -44.79
CA PRO H 125 51.23 -69.57 -44.22
C PRO H 125 51.42 -69.25 -42.74
N ALA H 126 50.59 -68.31 -42.26
CA ALA H 126 50.65 -67.92 -40.86
C ALA H 126 50.30 -69.09 -39.95
N THR H 127 49.28 -69.87 -40.31
CA THR H 127 49.02 -71.11 -39.59
C THR H 127 50.12 -72.12 -39.91
N GLY H 128 50.56 -72.86 -38.89
CA GLY H 128 51.74 -73.67 -38.97
C GLY H 128 53.01 -72.94 -38.57
N LEU H 129 53.05 -71.62 -38.79
CA LEU H 129 54.10 -70.80 -38.21
C LEU H 129 54.00 -70.75 -36.70
N TRP H 130 52.78 -70.72 -36.16
CA TRP H 130 52.58 -70.71 -34.72
C TRP H 130 52.67 -72.10 -34.10
N GLN H 131 52.51 -73.15 -34.90
CA GLN H 131 52.75 -74.50 -34.39
C GLN H 131 54.21 -74.69 -34.00
N ILE H 132 55.12 -74.12 -34.80
CA ILE H 132 56.53 -74.10 -34.41
C ILE H 132 56.70 -73.31 -33.12
N PHE H 133 56.03 -72.17 -33.02
CA PHE H 133 56.14 -71.33 -31.83
C PHE H 133 55.70 -72.08 -30.57
N PHE H 134 54.54 -72.74 -30.64
CA PHE H 134 54.04 -73.47 -29.47
C PHE H 134 54.84 -74.73 -29.20
N THR H 135 55.37 -75.38 -30.25
CA THR H 135 56.24 -76.53 -30.02
C THR H 135 57.52 -76.13 -29.31
N ILE H 136 58.12 -75.01 -29.72
CA ILE H 136 59.32 -74.53 -29.05
C ILE H 136 58.99 -74.10 -27.63
N GLY H 137 57.83 -73.50 -27.40
CA GLY H 137 57.43 -73.18 -26.05
C GLY H 137 57.29 -74.41 -25.18
N PHE H 138 56.67 -75.47 -25.71
CA PHE H 138 56.54 -76.71 -24.97
C PHE H 138 57.90 -77.32 -24.67
N VAL H 139 58.81 -77.32 -25.65
CA VAL H 139 60.14 -77.89 -25.44
C VAL H 139 60.89 -77.10 -24.37
N GLU H 140 60.85 -75.77 -24.44
CA GLU H 140 61.54 -74.94 -23.48
C GLU H 140 60.86 -74.93 -22.11
N ALA H 141 59.60 -75.38 -22.02
CA ALA H 141 58.97 -75.52 -20.73
C ALA H 141 59.31 -76.88 -20.09
N PHE H 142 59.28 -77.95 -20.89
CA PHE H 142 59.54 -79.28 -20.34
C PHE H 142 61.02 -79.52 -20.07
N SER H 143 61.90 -79.01 -20.95
CA SER H 143 63.33 -79.24 -20.76
C SER H 143 63.88 -78.42 -19.60
N ASN H 144 63.32 -77.25 -19.34
CA ASN H 144 63.76 -76.40 -18.23
C ASN H 144 63.05 -76.74 -16.92
N GLY H 145 62.17 -77.73 -16.91
CA GLY H 145 61.46 -78.08 -15.69
C GLY H 145 60.39 -77.09 -15.30
N PHE H 146 59.79 -76.40 -16.26
CA PHE H 146 58.74 -75.42 -16.04
C PHE H 146 59.19 -74.26 -15.16
N LYS H 147 60.50 -74.03 -15.08
CA LYS H 147 61.08 -72.86 -14.45
C LYS H 147 61.66 -71.98 -15.55
N LEU H 148 61.14 -70.76 -15.67
CA LEU H 148 61.43 -69.96 -16.85
C LEU H 148 61.91 -68.54 -16.53
N THR H 149 62.27 -68.25 -15.30
CA THR H 149 62.70 -66.93 -14.90
C THR H 149 64.12 -66.99 -14.34
N PRO H 150 64.84 -65.86 -14.32
CA PRO H 150 66.16 -65.85 -13.70
C PRO H 150 66.14 -66.20 -12.21
N SER H 151 64.98 -66.13 -11.56
CA SER H 151 64.91 -66.44 -10.13
C SER H 151 64.82 -67.94 -9.89
N ASP H 152 63.77 -68.59 -10.41
CA ASP H 152 63.52 -69.99 -10.09
C ASP H 152 64.40 -70.96 -10.86
N MET H 153 65.03 -70.51 -11.95
CA MET H 153 65.94 -71.39 -12.66
C MET H 153 67.23 -71.56 -11.87
N PHE H 154 67.93 -72.65 -12.16
CA PHE H 154 69.11 -73.06 -11.39
C PHE H 154 68.77 -73.24 -9.92
N ALA H 155 67.56 -73.75 -9.66
CA ALA H 155 67.17 -74.07 -8.28
C ALA H 155 67.91 -75.30 -7.79
N ASP H 156 68.09 -76.29 -8.64
CA ASP H 156 68.90 -77.46 -8.33
C ASP H 156 70.38 -77.24 -8.68
N ASP H 157 70.72 -76.06 -9.19
CA ASP H 157 72.10 -75.73 -9.60
C ASP H 157 72.63 -76.74 -10.61
N ARG H 158 71.86 -76.93 -11.69
CA ARG H 158 72.33 -77.74 -12.80
C ARG H 158 73.34 -76.95 -13.64
N ALA H 159 74.04 -77.66 -14.51
CA ALA H 159 74.99 -77.00 -15.40
C ALA H 159 74.25 -76.10 -16.38
N PRO H 160 74.76 -74.91 -16.65
CA PRO H 160 74.09 -74.01 -17.61
C PRO H 160 74.18 -74.56 -19.03
N GLY H 161 73.04 -74.61 -19.71
CA GLY H 161 72.96 -75.20 -21.03
C GLY H 161 72.80 -76.71 -21.03
N ASP H 162 72.77 -77.34 -19.87
CA ASP H 162 72.59 -78.79 -19.77
C ASP H 162 71.10 -79.07 -19.59
N LEU H 163 70.42 -79.36 -20.69
CA LEU H 163 68.99 -79.68 -20.67
C LEU H 163 68.73 -81.17 -20.52
N GLY H 164 69.78 -81.96 -20.29
CA GLY H 164 69.61 -83.40 -20.19
C GLY H 164 69.31 -84.08 -21.49
N PHE H 165 69.82 -83.57 -22.60
CA PHE H 165 69.56 -84.11 -23.93
C PHE H 165 70.86 -84.69 -24.49
N ASP H 166 71.12 -85.95 -24.17
CA ASP H 166 72.23 -86.71 -24.74
C ASP H 166 71.71 -88.08 -25.14
N PRO H 167 70.97 -88.17 -26.25
CA PRO H 167 70.36 -89.44 -26.63
C PRO H 167 71.37 -90.46 -27.17
N LEU H 168 72.42 -89.97 -27.84
CA LEU H 168 73.44 -90.84 -28.39
C LEU H 168 74.54 -91.16 -27.39
N GLY H 169 74.57 -90.50 -26.24
CA GLY H 169 75.58 -90.79 -25.22
C GLY H 169 77.00 -90.46 -25.62
N CYS H 170 77.20 -89.35 -26.34
CA CYS H 170 78.55 -88.96 -26.74
C CYS H 170 79.34 -88.35 -25.58
N GLY H 171 78.66 -87.63 -24.69
CA GLY H 171 79.33 -86.96 -23.59
C GLY H 171 79.51 -87.81 -22.35
N LYS H 172 80.42 -88.78 -22.39
CA LYS H 172 80.69 -89.65 -21.26
C LYS H 172 82.06 -89.42 -20.64
N ASP H 173 83.11 -89.34 -21.45
CA ASP H 173 84.44 -89.06 -20.93
C ASP H 173 84.56 -87.60 -20.52
N PRO H 174 84.95 -87.30 -19.28
CA PRO H 174 84.95 -85.90 -18.83
C PRO H 174 85.94 -85.02 -19.57
N ALA H 175 87.12 -85.53 -19.93
CA ALA H 175 88.05 -84.73 -20.73
C ALA H 175 87.49 -84.48 -22.12
N ALA H 176 86.94 -85.51 -22.74
CA ALA H 176 86.23 -85.31 -24.01
C ALA H 176 85.02 -84.43 -23.83
N LEU H 177 84.36 -84.50 -22.67
CA LEU H 177 83.24 -83.61 -22.40
C LEU H 177 83.68 -82.16 -22.37
N ALA H 178 84.80 -81.87 -21.72
CA ALA H 178 85.31 -80.49 -21.68
C ALA H 178 85.75 -80.03 -23.07
N ARG H 179 86.42 -80.91 -23.82
CA ARG H 179 86.81 -80.54 -25.19
C ARG H 179 85.60 -80.25 -26.05
N ARG H 180 84.54 -81.05 -25.92
CA ARG H 180 83.32 -80.81 -26.68
C ARG H 180 82.59 -79.57 -26.20
N GLN H 181 82.67 -79.26 -24.91
CA GLN H 181 82.13 -77.99 -24.42
C GLN H 181 82.82 -76.82 -25.09
N LEU H 182 84.15 -76.84 -25.13
CA LEU H 182 84.90 -75.78 -25.78
C LEU H 182 84.57 -75.69 -27.26
N VAL H 183 84.49 -76.84 -27.93
CA VAL H 183 84.16 -76.86 -29.36
C VAL H 183 82.76 -76.30 -29.59
N GLU H 184 81.78 -76.72 -28.78
CA GLU H 184 80.42 -76.24 -28.92
C GLU H 184 80.32 -74.75 -28.70
N VAL H 185 80.97 -74.22 -27.66
CA VAL H 185 80.88 -72.81 -27.36
C VAL H 185 81.55 -71.98 -28.45
N LYS H 186 82.74 -72.39 -28.91
CA LYS H 186 83.41 -71.63 -29.96
C LYS H 186 82.65 -71.71 -31.27
N ASN H 187 82.08 -72.88 -31.60
CA ASN H 187 81.28 -72.98 -32.81
C ASN H 187 80.02 -72.14 -32.72
N GLY H 188 79.40 -72.05 -31.55
CA GLY H 188 78.26 -71.15 -31.40
C GLY H 188 78.65 -69.69 -31.54
N ARG H 189 79.80 -69.31 -30.96
CA ARG H 189 80.28 -67.94 -31.10
C ARG H 189 80.58 -67.60 -32.54
N LEU H 190 81.04 -68.58 -33.33
CA LEU H 190 81.24 -68.34 -34.76
C LEU H 190 79.90 -68.30 -35.49
N ALA H 191 78.98 -69.20 -35.14
CA ALA H 191 77.74 -69.36 -35.89
C ALA H 191 76.76 -68.23 -35.67
N MET H 192 76.76 -67.60 -34.49
CA MET H 192 75.89 -66.45 -34.29
C MET H 192 76.31 -65.29 -35.18
N ILE H 193 77.61 -65.00 -35.26
CA ILE H 193 78.10 -63.98 -36.16
C ILE H 193 77.80 -64.35 -37.61
N ALA H 194 78.00 -65.62 -37.94
CA ALA H 194 77.75 -66.07 -39.32
C ALA H 194 76.28 -65.90 -39.69
N PHE H 195 75.37 -66.26 -38.79
CA PHE H 195 73.94 -66.12 -39.06
C PHE H 195 73.54 -64.67 -39.18
N GLY H 196 74.04 -63.82 -38.29
CA GLY H 196 73.76 -62.40 -38.38
C GLY H 196 74.30 -61.78 -39.66
N GLY H 197 75.38 -62.34 -40.21
CA GLY H 197 75.88 -61.86 -41.48
C GLY H 197 75.04 -62.33 -42.65
N MET H 198 74.77 -63.63 -42.71
CA MET H 198 74.10 -64.21 -43.87
C MET H 198 72.64 -63.82 -43.97
N LEU H 199 71.95 -63.62 -42.84
CA LEU H 199 70.57 -63.15 -42.93
C LEU H 199 70.50 -61.79 -43.59
N HIS H 200 71.38 -60.87 -43.18
CA HIS H 200 71.38 -59.54 -43.78
C HIS H 200 71.88 -59.56 -45.22
N GLN H 201 72.82 -60.46 -45.54
CA GLN H 201 73.23 -60.58 -46.93
C GLN H 201 72.08 -61.04 -47.81
N GLN H 202 71.32 -62.04 -47.35
CA GLN H 202 70.15 -62.50 -48.12
C GLN H 202 69.08 -61.43 -48.19
N LEU H 203 68.94 -60.60 -47.15
CA LEU H 203 67.95 -59.54 -47.19
C LEU H 203 68.35 -58.43 -48.15
N LEU H 204 69.65 -58.09 -48.21
CA LEU H 204 70.08 -56.96 -49.00
C LEU H 204 70.22 -57.32 -50.48
N THR H 205 70.88 -58.45 -50.77
CA THR H 205 71.17 -58.80 -52.15
C THR H 205 70.06 -59.63 -52.80
N LYS H 206 69.08 -60.10 -52.04
CA LYS H 206 68.02 -60.97 -52.54
C LYS H 206 68.60 -62.19 -53.26
N GLN H 207 69.69 -62.74 -52.70
CA GLN H 207 70.35 -63.90 -53.26
C GLN H 207 70.68 -64.88 -52.15
N GLY H 208 70.76 -66.17 -52.52
CA GLY H 208 71.24 -67.17 -51.59
C GLY H 208 72.72 -67.00 -51.31
N VAL H 209 73.15 -67.56 -50.17
CA VAL H 209 74.52 -67.35 -49.72
C VAL H 209 75.51 -68.03 -50.66
N ILE H 210 75.26 -69.29 -51.02
CA ILE H 210 76.10 -69.94 -52.03
C ILE H 210 75.91 -69.26 -53.37
N GLU H 211 74.67 -68.90 -53.70
CA GLU H 211 74.39 -68.15 -54.91
C GLU H 211 75.11 -66.82 -54.92
N GLN H 212 75.21 -66.15 -53.77
CA GLN H 212 75.95 -64.89 -53.69
C GLN H 212 77.45 -65.13 -53.83
N LEU H 213 77.97 -66.20 -53.23
CA LEU H 213 79.40 -66.49 -53.34
C LEU H 213 79.80 -66.90 -54.75
N THR H 214 78.89 -67.47 -55.53
CA THR H 214 79.17 -67.78 -56.93
C THR H 214 78.87 -66.62 -57.86
N ASN H 215 78.16 -65.59 -57.40
CA ASN H 215 77.75 -64.45 -58.22
C ASN H 215 78.02 -63.15 -57.47
N PHE H 216 79.22 -63.01 -56.93
CA PHE H 216 79.56 -61.86 -56.10
C PHE H 216 79.47 -60.57 -56.91
N LYS H 217 78.85 -59.56 -56.32
CA LYS H 217 78.65 -58.29 -57.01
C LYS H 217 78.54 -57.18 -55.97
N ALA H 218 78.79 -55.95 -56.40
CA ALA H 218 78.68 -54.80 -55.51
C ALA H 218 77.21 -54.42 -55.32
N ILE H 219 76.97 -53.60 -54.30
CA ILE H 219 75.61 -53.12 -54.02
C ILE H 219 75.40 -51.76 -54.67
N SER I 10 -35.76 1.38 47.10
CA SER I 10 -36.51 2.15 48.08
C SER I 10 -37.05 3.44 47.47
N ALA I 11 -36.24 4.06 46.63
CA ALA I 11 -36.63 5.31 45.98
C ALA I 11 -37.58 5.02 44.81
N SER I 12 -38.23 6.08 44.34
CA SER I 12 -39.14 5.96 43.21
C SER I 12 -38.36 5.71 41.92
N ALA I 13 -39.08 5.24 40.91
CA ALA I 13 -38.45 4.99 39.62
C ALA I 13 -37.91 6.26 38.99
N TRP I 14 -38.65 7.38 39.11
CA TRP I 14 -38.16 8.64 38.59
C TRP I 14 -36.93 9.12 39.33
N GLU I 15 -36.87 8.89 40.65
CA GLU I 15 -35.67 9.26 41.40
C GLU I 15 -34.46 8.46 40.94
N ARG I 16 -34.64 7.16 40.70
CA ARG I 16 -33.53 6.35 40.19
C ARG I 16 -33.13 6.79 38.78
N PHE I 17 -34.10 7.15 37.95
CA PHE I 17 -33.78 7.67 36.62
C PHE I 17 -32.98 8.96 36.71
N CYS I 18 -33.36 9.85 37.61
CA CYS I 18 -32.62 11.09 37.78
C CYS I 18 -31.24 10.85 38.37
N SER I 19 -31.10 9.85 39.23
CA SER I 19 -29.78 9.50 39.76
C SER I 19 -28.89 8.92 38.68
N TRP I 20 -29.45 8.16 37.74
CA TRP I 20 -28.64 7.64 36.66
C TRP I 20 -28.28 8.71 35.64
N ILE I 21 -29.22 9.61 35.33
CA ILE I 21 -28.94 10.66 34.35
C ILE I 21 -27.85 11.59 34.88
N THR I 22 -27.94 12.00 36.14
CA THR I 22 -26.99 12.91 36.74
C THR I 22 -25.82 12.19 37.40
N SER I 23 -25.59 10.93 37.03
CA SER I 23 -24.54 10.14 37.66
C SER I 23 -23.16 10.59 37.19
N THR I 24 -22.22 10.66 38.13
CA THR I 24 -20.83 10.91 37.80
C THR I 24 -20.07 9.63 37.50
N ASP I 25 -20.74 8.48 37.53
CA ASP I 25 -20.10 7.20 37.28
C ASP I 25 -20.22 6.76 35.83
N ASN I 26 -20.96 7.49 35.00
CA ASN I 26 -21.02 7.19 33.58
C ASN I 26 -19.71 7.62 32.91
N ARG I 27 -19.27 6.81 31.94
CA ARG I 27 -18.03 7.12 31.25
C ARG I 27 -18.10 8.49 30.57
N LEU I 28 -19.20 8.76 29.89
CA LEU I 28 -19.51 10.09 29.39
C LEU I 28 -20.71 10.62 30.16
N TYR I 29 -20.57 11.80 30.74
CA TYR I 29 -21.66 12.37 31.52
C TYR I 29 -22.82 12.73 30.62
N ILE I 30 -24.03 12.33 31.01
CA ILE I 30 -25.21 12.62 30.21
C ILE I 30 -25.85 13.91 30.69
N GLY I 31 -26.39 13.89 31.90
CA GLY I 31 -27.07 15.06 32.43
C GLY I 31 -28.34 15.43 31.69
N TRP I 32 -29.09 16.38 32.25
CA TRP I 32 -30.34 16.80 31.64
C TRP I 32 -30.11 17.58 30.35
N PHE I 33 -29.06 18.40 30.31
CA PHE I 33 -28.70 19.04 29.04
C PHE I 33 -28.24 18.01 28.03
N GLY I 34 -27.60 16.93 28.48
CA GLY I 34 -27.24 15.86 27.58
C GLY I 34 -28.44 15.09 27.06
N VAL I 35 -29.53 15.05 27.80
CA VAL I 35 -30.76 14.45 27.29
C VAL I 35 -31.20 15.14 26.01
N LEU I 36 -31.10 16.47 25.97
CA LEU I 36 -31.38 17.20 24.73
C LEU I 36 -30.22 17.13 23.75
N MET I 37 -28.99 17.02 24.25
CA MET I 37 -27.82 17.18 23.40
C MET I 37 -27.51 15.93 22.57
N ILE I 38 -27.55 14.76 23.20
CA ILE I 38 -27.09 13.54 22.56
C ILE I 38 -27.93 13.18 21.35
N PRO I 39 -29.27 13.14 21.43
CA PRO I 39 -30.04 12.80 20.22
C PRO I 39 -29.95 13.85 19.13
N THR I 40 -29.93 15.14 19.48
CA THR I 40 -29.80 16.18 18.46
C THR I 40 -28.45 16.09 17.76
N LEU I 41 -27.38 15.94 18.52
CA LEU I 41 -26.06 15.84 17.91
C LEU I 41 -25.90 14.56 17.11
N LEU I 42 -26.45 13.45 17.57
CA LEU I 42 -26.39 12.22 16.80
C LEU I 42 -27.21 12.32 15.52
N THR I 43 -28.38 12.96 15.58
CA THR I 43 -29.16 13.17 14.36
C THR I 43 -28.42 14.03 13.36
N ALA I 44 -27.85 15.14 13.84
CA ALA I 44 -27.09 16.00 12.94
C ALA I 44 -25.88 15.28 12.37
N THR I 45 -25.17 14.49 13.18
CA THR I 45 -24.02 13.76 12.69
C THR I 45 -24.42 12.72 11.65
N THR I 46 -25.50 11.98 11.90
CA THR I 46 -25.94 10.97 10.94
C THR I 46 -26.34 11.61 9.62
N VAL I 47 -27.16 12.65 9.68
CA VAL I 47 -27.59 13.30 8.45
C VAL I 47 -26.40 13.92 7.74
N TYR I 48 -25.46 14.52 8.48
CA TYR I 48 -24.31 15.12 7.85
C TYR I 48 -23.44 14.09 7.16
N ILE I 49 -23.19 12.95 7.81
CA ILE I 49 -22.35 11.92 7.20
C ILE I 49 -23.00 11.40 5.94
N ILE I 50 -24.29 11.03 6.01
CA ILE I 50 -24.92 10.43 4.85
C ILE I 50 -25.15 11.45 3.73
N ALA I 51 -25.41 12.71 4.06
CA ALA I 51 -25.56 13.73 3.04
C ALA I 51 -24.23 14.21 2.46
N PHE I 52 -23.14 14.07 3.21
CA PHE I 52 -21.83 14.38 2.67
C PHE I 52 -21.35 13.27 1.75
N VAL I 53 -21.71 12.03 2.06
CA VAL I 53 -21.30 10.92 1.19
C VAL I 53 -22.19 10.86 -0.05
N ALA I 54 -23.50 10.80 0.13
CA ALA I 54 -24.43 10.56 -0.97
C ALA I 54 -25.66 11.44 -0.81
N ALA I 55 -25.65 12.61 -1.45
CA ALA I 55 -26.81 13.47 -1.52
C ALA I 55 -26.86 14.10 -2.91
N PRO I 56 -28.04 14.19 -3.51
CA PRO I 56 -28.15 14.76 -4.85
C PRO I 56 -27.89 16.25 -4.82
N PRO I 57 -27.55 16.85 -5.97
CA PRO I 57 -27.24 18.27 -6.00
C PRO I 57 -28.43 19.13 -5.58
N VAL I 58 -28.11 20.30 -5.04
CA VAL I 58 -29.09 21.19 -4.40
C VAL I 58 -29.17 22.48 -5.20
N ASP I 59 -30.38 22.90 -5.53
CA ASP I 59 -30.60 24.20 -6.15
C ASP I 59 -30.54 25.30 -5.09
N ILE I 60 -29.32 25.74 -4.76
CA ILE I 60 -29.15 26.67 -3.64
C ILE I 60 -29.69 28.03 -4.00
N ASP I 61 -29.43 28.51 -5.22
CA ASP I 61 -29.86 29.85 -5.61
C ASP I 61 -31.33 29.92 -5.99
N GLY I 62 -32.01 28.78 -6.09
CA GLY I 62 -33.40 28.76 -6.49
C GLY I 62 -33.66 28.98 -7.95
N ILE I 63 -32.61 29.00 -8.78
CA ILE I 63 -32.75 29.28 -10.20
C ILE I 63 -32.66 28.01 -11.04
N ARG I 64 -32.94 26.86 -10.44
CA ARG I 64 -32.97 25.56 -11.14
C ARG I 64 -31.63 25.22 -11.75
N GLU I 65 -30.53 25.59 -11.07
CA GLU I 65 -29.17 25.22 -11.47
C GLU I 65 -28.52 24.58 -10.26
N PRO I 66 -28.71 23.29 -10.04
CA PRO I 66 -28.24 22.66 -8.81
C PRO I 66 -26.72 22.64 -8.70
N VAL I 67 -26.25 22.61 -7.45
CA VAL I 67 -24.84 22.57 -7.12
C VAL I 67 -24.55 21.25 -6.43
N ALA I 68 -23.58 20.50 -6.96
CA ALA I 68 -23.22 19.22 -6.39
C ALA I 68 -22.30 19.40 -5.18
N GLY I 69 -22.57 18.66 -4.12
CA GLY I 69 -21.80 18.81 -2.91
C GLY I 69 -21.36 17.52 -2.26
N SER I 70 -21.88 16.38 -2.71
CA SER I 70 -21.59 15.10 -2.10
C SER I 70 -20.45 14.39 -2.81
N LEU I 71 -19.89 13.39 -2.13
CA LEU I 71 -18.74 12.67 -2.68
C LEU I 71 -19.13 11.82 -3.88
N LEU I 72 -20.33 11.25 -3.89
CA LEU I 72 -20.76 10.41 -5.00
C LEU I 72 -21.10 11.19 -6.26
N TYR I 73 -21.22 12.52 -6.17
CA TYR I 73 -21.55 13.34 -7.33
C TYR I 73 -20.35 14.15 -7.81
N GLY I 74 -19.13 13.70 -7.53
CA GLY I 74 -17.94 14.32 -8.07
C GLY I 74 -17.28 15.33 -7.18
N ASN I 75 -17.14 15.02 -5.90
CA ASN I 75 -16.48 15.89 -4.95
C ASN I 75 -15.45 15.11 -4.15
N ASN I 76 -14.41 15.81 -3.71
CA ASN I 76 -13.46 15.28 -2.77
C ASN I 76 -13.76 15.84 -1.38
N ILE I 77 -12.87 15.58 -0.43
CA ILE I 77 -13.08 16.08 0.94
C ILE I 77 -13.10 17.60 0.94
N ILE I 78 -12.24 18.22 0.12
CA ILE I 78 -12.10 19.68 0.15
C ILE I 78 -13.30 20.35 -0.52
N THR I 79 -13.71 19.86 -1.70
CA THR I 79 -14.82 20.48 -2.40
C THR I 79 -16.18 19.99 -1.91
N GLY I 80 -16.22 18.93 -1.11
CA GLY I 80 -17.49 18.41 -0.64
C GLY I 80 -18.10 19.30 0.43
N ALA I 81 -19.43 19.38 0.41
CA ALA I 81 -20.16 20.18 1.37
C ALA I 81 -21.61 19.77 1.37
N VAL I 82 -22.29 20.02 2.49
CA VAL I 82 -23.75 19.95 2.52
C VAL I 82 -24.27 21.33 2.12
N ILE I 83 -24.88 21.41 0.94
CA ILE I 83 -25.23 22.71 0.35
C ILE I 83 -26.33 23.35 1.18
N PRO I 84 -26.30 24.67 1.40
CA PRO I 84 -27.41 25.34 2.06
C PRO I 84 -28.69 25.22 1.24
N SER I 85 -29.81 25.52 1.89
CA SER I 85 -31.12 25.29 1.29
C SER I 85 -31.38 26.28 0.17
N SER I 86 -32.49 26.06 -0.53
CA SER I 86 -32.84 26.87 -1.70
C SER I 86 -33.20 28.30 -1.30
N ALA I 87 -32.90 29.25 -2.19
CA ALA I 87 -33.33 30.61 -1.98
C ALA I 87 -34.83 30.76 -2.14
N SER I 88 -35.48 29.82 -2.83
CA SER I 88 -36.94 29.82 -2.88
C SER I 88 -37.53 29.56 -1.50
N ILE I 89 -36.88 28.70 -0.71
CA ILE I 89 -37.34 28.44 0.65
C ILE I 89 -37.17 29.68 1.51
N GLY I 90 -36.04 30.35 1.40
CA GLY I 90 -35.77 31.49 2.26
C GLY I 90 -35.44 31.01 3.66
N ILE I 91 -36.07 31.62 4.66
CA ILE I 91 -35.92 31.16 6.03
C ILE I 91 -37.24 30.55 6.49
N HIS I 92 -38.03 30.07 5.53
CA HIS I 92 -39.19 29.25 5.87
C HIS I 92 -38.72 27.95 6.50
N PHE I 93 -39.51 27.45 7.45
CA PHE I 93 -39.18 26.19 8.10
C PHE I 93 -39.42 25.05 7.11
N TYR I 94 -38.38 24.26 6.84
CA TYR I 94 -38.41 23.24 5.79
C TYR I 94 -37.97 21.90 6.36
N PRO I 95 -38.85 21.22 7.12
CA PRO I 95 -38.56 19.85 7.50
C PRO I 95 -38.90 18.88 6.39
N ILE I 96 -38.77 17.57 6.64
CA ILE I 96 -39.07 16.59 5.60
C ILE I 96 -40.55 16.60 5.27
N TRP I 97 -41.40 16.70 6.28
CA TRP I 97 -42.84 16.59 6.07
C TRP I 97 -43.44 17.83 5.41
N GLU I 98 -42.70 18.92 5.26
CA GLU I 98 -43.19 20.08 4.55
C GLU I 98 -42.87 20.04 3.07
N ALA I 99 -42.25 18.97 2.59
CA ALA I 99 -41.99 18.78 1.18
C ALA I 99 -42.96 17.74 0.60
N ALA I 100 -43.26 17.88 -0.68
CA ALA I 100 -44.17 16.93 -1.33
C ALA I 100 -43.57 15.54 -1.36
N SER I 101 -42.27 15.42 -1.61
CA SER I 101 -41.58 14.14 -1.64
C SER I 101 -40.23 14.29 -0.96
N LEU I 102 -39.60 13.15 -0.70
CA LEU I 102 -38.26 13.17 -0.11
C LEU I 102 -37.25 13.75 -1.07
N ASP I 103 -37.38 13.45 -2.36
CA ASP I 103 -36.43 13.96 -3.34
C ASP I 103 -36.63 15.45 -3.58
N GLU I 104 -37.84 15.96 -3.43
CA GLU I 104 -38.05 17.39 -3.44
C GLU I 104 -37.36 18.05 -2.25
N TRP I 105 -37.41 17.40 -1.09
CA TRP I 105 -36.69 17.89 0.09
C TRP I 105 -35.19 17.88 -0.14
N LEU I 106 -34.67 16.86 -0.82
CA LEU I 106 -33.25 16.82 -1.12
C LEU I 106 -32.87 17.87 -2.16
N TYR I 107 -33.78 18.18 -3.09
CA TYR I 107 -33.47 19.15 -4.15
C TYR I 107 -33.37 20.56 -3.60
N ASN I 108 -34.14 20.87 -2.55
CA ASN I 108 -34.22 22.22 -2.02
C ASN I 108 -33.33 22.44 -0.80
N GLY I 109 -32.46 21.48 -0.48
CA GLY I 109 -31.50 21.67 0.58
C GLY I 109 -32.03 21.56 1.98
N GLY I 110 -33.12 20.84 2.19
CA GLY I 110 -33.66 20.59 3.51
C GLY I 110 -32.67 20.01 4.50
N PRO I 111 -31.80 19.10 4.06
CA PRO I 111 -30.78 18.58 4.99
C PRO I 111 -29.95 19.66 5.65
N TYR I 112 -29.67 20.77 4.96
CA TYR I 112 -28.93 21.85 5.59
C TYR I 112 -29.69 22.40 6.79
N GLN I 113 -30.99 22.64 6.63
CA GLN I 113 -31.78 23.14 7.75
C GLN I 113 -31.83 22.13 8.89
N LEU I 114 -32.01 20.85 8.56
CA LEU I 114 -32.06 19.83 9.59
C LEU I 114 -30.75 19.81 10.39
N ILE I 115 -29.63 19.76 9.69
CA ILE I 115 -28.32 19.69 10.35
C ILE I 115 -28.07 20.95 11.16
N VAL I 116 -28.39 22.12 10.61
CA VAL I 116 -28.12 23.36 11.31
C VAL I 116 -28.94 23.47 12.58
N ASP I 117 -30.24 23.18 12.50
CA ASP I 117 -31.09 23.28 13.68
C ASP I 117 -30.65 22.29 14.76
N HIS I 118 -30.42 21.03 14.37
CA HIS I 118 -30.00 20.04 15.35
C HIS I 118 -28.63 20.38 15.93
N PHE I 119 -27.72 20.90 15.12
CA PHE I 119 -26.38 21.23 15.60
C PHE I 119 -26.43 22.41 16.57
N LEU I 120 -27.24 23.43 16.28
CA LEU I 120 -27.33 24.55 17.19
C LEU I 120 -27.97 24.14 18.52
N LEU I 121 -29.03 23.33 18.46
CA LEU I 121 -29.59 22.80 19.70
C LEU I 121 -28.57 21.96 20.45
N GLY I 122 -27.79 21.16 19.74
CA GLY I 122 -26.80 20.32 20.38
C GLY I 122 -25.68 21.11 21.03
N VAL I 123 -25.25 22.20 20.40
CA VAL I 123 -24.17 22.98 21.01
C VAL I 123 -24.69 23.80 22.18
N CYS I 124 -25.94 24.25 22.13
CA CYS I 124 -26.53 24.83 23.35
C CYS I 124 -26.59 23.80 24.46
N GLY I 125 -26.96 22.57 24.13
CA GLY I 125 -26.92 21.50 25.10
C GLY I 125 -25.52 21.23 25.61
N TRP I 126 -24.51 21.39 24.75
CA TRP I 126 -23.12 21.19 25.17
C TRP I 126 -22.70 22.27 26.17
N ILE I 127 -23.12 23.52 25.93
CA ILE I 127 -22.87 24.58 26.91
C ILE I 127 -23.50 24.21 28.25
N GLY I 128 -24.79 23.85 28.22
CA GLY I 128 -25.47 23.49 29.44
C GLY I 128 -24.87 22.28 30.14
N ARG I 129 -24.39 21.31 29.36
CA ARG I 129 -23.78 20.11 29.92
C ARG I 129 -22.43 20.39 30.53
N GLU I 130 -21.65 21.29 29.95
CA GLU I 130 -20.42 21.73 30.59
C GLU I 130 -20.73 22.39 31.93
N TRP I 131 -21.75 23.25 31.97
CA TRP I 131 -22.16 23.79 33.27
C TRP I 131 -22.57 22.67 34.22
N GLU I 132 -23.33 21.70 33.72
CA GLU I 132 -23.90 20.68 34.60
C GLU I 132 -22.82 19.82 35.22
N PHE I 133 -21.83 19.39 34.43
CA PHE I 133 -20.76 18.60 35.02
C PHE I 133 -19.76 19.45 35.78
N SER I 134 -19.73 20.77 35.57
CA SER I 134 -19.01 21.61 36.51
C SER I 134 -19.72 21.66 37.85
N TYR I 135 -21.05 21.63 37.84
CA TYR I 135 -21.82 21.66 39.07
C TYR I 135 -21.78 20.34 39.83
N ARG I 136 -21.80 19.22 39.11
CA ARG I 136 -21.76 17.92 39.77
C ARG I 136 -20.41 17.63 40.41
N LEU I 137 -19.33 18.23 39.90
CA LEU I 137 -17.99 18.01 40.44
C LEU I 137 -17.59 19.01 41.50
N GLY I 138 -18.42 20.01 41.78
CA GLY I 138 -18.07 21.00 42.77
C GLY I 138 -17.04 22.00 42.32
N MET I 139 -16.98 22.30 41.03
CA MET I 139 -16.06 23.29 40.49
C MET I 139 -16.83 24.50 39.98
N ARG I 140 -16.08 25.54 39.64
CA ARG I 140 -16.66 26.81 39.22
C ARG I 140 -17.17 26.72 37.79
N PRO I 141 -18.36 27.24 37.52
CA PRO I 141 -19.05 26.94 36.25
C PRO I 141 -18.87 27.97 35.14
N TRP I 142 -17.66 28.35 34.74
CA TRP I 142 -17.54 29.36 33.70
C TRP I 142 -16.78 28.87 32.48
N ILE I 143 -16.57 27.56 32.37
CA ILE I 143 -16.07 27.00 31.12
C ILE I 143 -17.13 27.12 30.03
N SER I 144 -18.40 26.98 30.41
CA SER I 144 -19.48 27.18 29.44
C SER I 144 -19.51 28.61 28.91
N VAL I 145 -19.19 29.59 29.75
CA VAL I 145 -19.09 30.96 29.26
C VAL I 145 -17.99 31.07 28.21
N ALA I 146 -16.89 30.35 28.39
CA ALA I 146 -15.85 30.33 27.37
C ALA I 146 -16.32 29.63 26.10
N PHE I 147 -17.09 28.56 26.23
CA PHE I 147 -17.57 27.85 25.05
C PHE I 147 -18.68 28.61 24.31
N THR I 148 -19.30 29.60 24.95
CA THR I 148 -20.32 30.39 24.26
C THR I 148 -19.76 31.16 23.07
N ALA I 149 -18.45 31.40 23.03
CA ALA I 149 -17.89 32.20 21.93
C ALA I 149 -17.88 31.43 20.62
N PRO I 150 -17.33 30.21 20.52
CA PRO I 150 -17.49 29.45 19.27
C PRO I 150 -18.93 29.14 18.95
N VAL I 151 -19.78 28.92 19.96
CA VAL I 151 -21.20 28.75 19.70
C VAL I 151 -21.80 30.02 19.13
N ALA I 152 -21.38 31.17 19.64
CA ALA I 152 -21.86 32.43 19.08
C ALA I 152 -21.44 32.58 17.62
N ALA I 153 -20.20 32.21 17.30
CA ALA I 153 -19.74 32.32 15.91
C ALA I 153 -20.48 31.37 15.00
N ALA I 154 -20.67 30.12 15.44
CA ALA I 154 -21.41 29.15 14.64
C ALA I 154 -22.86 29.61 14.43
N SER I 155 -23.48 30.15 15.47
CA SER I 155 -24.83 30.69 15.32
C SER I 155 -24.84 31.86 14.36
N ALA I 156 -23.86 32.76 14.45
CA ALA I 156 -23.82 33.90 13.56
C ALA I 156 -23.73 33.47 12.10
N VAL I 157 -22.90 32.46 11.81
CA VAL I 157 -22.72 32.05 10.42
C VAL I 157 -23.78 31.07 9.94
N PHE I 158 -24.55 30.45 10.83
CA PHE I 158 -25.52 29.44 10.41
C PHE I 158 -26.97 29.89 10.52
N LEU I 159 -27.31 30.72 11.49
CA LEU I 159 -28.70 31.12 11.72
C LEU I 159 -28.90 32.62 11.62
N VAL I 160 -28.05 33.42 12.27
CA VAL I 160 -28.29 34.85 12.33
C VAL I 160 -28.12 35.50 10.96
N TYR I 161 -27.07 35.13 10.24
CA TYR I 161 -26.86 35.68 8.90
C TYR I 161 -27.99 35.30 7.96
N PRO I 162 -28.46 34.04 7.95
CA PRO I 162 -29.69 33.76 7.20
C PRO I 162 -30.89 34.57 7.66
N ILE I 163 -31.01 34.82 8.97
CA ILE I 163 -32.12 35.63 9.47
C ILE I 163 -31.97 37.07 8.97
N GLY I 164 -30.77 37.62 9.02
CA GLY I 164 -30.56 38.99 8.57
C GLY I 164 -30.78 39.15 7.08
N GLN I 165 -30.28 38.20 6.29
CA GLN I 165 -30.37 38.27 4.84
C GLN I 165 -31.63 37.61 4.29
N GLY I 166 -32.42 36.96 5.13
CA GLY I 166 -33.72 36.46 4.72
C GLY I 166 -33.71 35.13 4.00
N SER I 167 -32.59 34.41 3.98
CA SER I 167 -32.55 33.13 3.31
C SER I 167 -31.50 32.24 3.95
N PHE I 168 -31.86 30.98 4.16
CA PHE I 168 -30.89 30.00 4.64
C PHE I 168 -29.85 29.65 3.60
N SER I 169 -30.03 30.07 2.35
CA SER I 169 -29.01 29.87 1.34
C SER I 169 -27.76 30.69 1.61
N ASP I 170 -27.86 31.73 2.43
CA ASP I 170 -26.74 32.60 2.73
C ASP I 170 -25.93 32.16 3.94
N GLY I 171 -26.38 31.13 4.64
CA GLY I 171 -25.58 30.57 5.72
C GLY I 171 -24.35 29.88 5.18
N MET I 172 -23.40 29.65 6.07
CA MET I 172 -22.14 29.04 5.67
C MET I 172 -22.38 27.58 5.29
N PRO I 173 -21.95 27.16 4.10
CA PRO I 173 -22.10 25.75 3.72
C PRO I 173 -21.31 24.84 4.65
N LEU I 174 -21.83 23.62 4.81
CA LEU I 174 -21.20 22.64 5.70
C LEU I 174 -20.10 21.92 4.94
N GLY I 175 -19.05 22.66 4.64
CA GLY I 175 -17.92 22.11 3.94
C GLY I 175 -16.71 23.01 4.07
N ILE I 176 -15.75 22.79 3.19
CA ILE I 176 -14.49 23.53 3.20
C ILE I 176 -14.46 24.58 2.10
N SER I 177 -14.59 24.16 0.84
CA SER I 177 -14.69 25.13 -0.25
C SER I 177 -15.95 25.96 -0.12
N GLY I 178 -17.04 25.39 0.41
CA GLY I 178 -18.21 26.18 0.71
C GLY I 178 -17.93 27.24 1.77
N THR I 179 -17.13 26.90 2.77
CA THR I 179 -16.72 27.88 3.76
C THR I 179 -15.93 29.01 3.12
N PHE I 180 -15.00 28.66 2.23
CA PHE I 180 -14.22 29.70 1.55
C PHE I 180 -15.12 30.58 0.68
N ASN I 181 -16.10 29.98 0.01
CA ASN I 181 -17.04 30.76 -0.78
C ASN I 181 -17.85 31.70 0.11
N PHE I 182 -18.27 31.22 1.28
CA PHE I 182 -18.96 32.09 2.23
C PHE I 182 -18.09 33.26 2.63
N MET I 183 -16.81 33.00 2.93
CA MET I 183 -15.91 34.08 3.31
C MET I 183 -15.74 35.10 2.19
N LEU I 184 -15.57 34.62 0.96
CA LEU I 184 -15.34 35.53 -0.16
C LEU I 184 -16.57 36.38 -0.45
N VAL I 185 -17.75 35.77 -0.47
CA VAL I 185 -18.97 36.53 -0.72
C VAL I 185 -19.23 37.51 0.42
N PHE I 186 -18.94 37.10 1.65
CA PHE I 186 -19.11 37.99 2.80
C PHE I 186 -18.18 39.20 2.69
N GLN I 187 -16.93 38.97 2.29
CA GLN I 187 -16.01 40.09 2.08
C GLN I 187 -16.48 40.98 0.95
N ALA I 188 -17.01 40.41 -0.13
CA ALA I 188 -17.48 41.21 -1.25
C ALA I 188 -18.64 42.10 -0.85
N GLU I 189 -19.57 41.57 -0.06
CA GLU I 189 -20.82 42.28 0.21
C GLU I 189 -20.79 43.12 1.49
N HIS I 190 -19.90 42.82 2.43
CA HIS I 190 -19.88 43.54 3.70
C HIS I 190 -18.52 44.13 4.07
N ASN I 191 -17.45 43.75 3.37
CA ASN I 191 -16.11 44.24 3.68
C ASN I 191 -15.75 43.95 5.14
N ILE I 192 -15.74 42.66 5.47
CA ILE I 192 -15.54 42.23 6.85
C ILE I 192 -14.13 42.54 7.34
N LEU I 193 -13.14 42.61 6.44
CA LEU I 193 -11.77 42.89 6.86
C LEU I 193 -11.66 44.27 7.48
N MET I 194 -12.41 45.24 6.97
CA MET I 194 -12.39 46.59 7.51
C MET I 194 -13.33 46.77 8.69
N HIS I 195 -14.05 45.74 9.08
CA HIS I 195 -14.93 45.84 10.25
C HIS I 195 -14.10 45.71 11.52
N PRO I 196 -14.19 46.67 12.44
CA PRO I 196 -13.35 46.60 13.65
C PRO I 196 -13.65 45.42 14.54
N PHE I 197 -14.86 44.86 14.50
CA PHE I 197 -15.13 43.67 15.30
C PHE I 197 -14.41 42.45 14.73
N HIS I 198 -14.36 42.33 13.41
CA HIS I 198 -13.55 41.26 12.82
C HIS I 198 -12.08 41.48 13.08
N GLN I 199 -11.62 42.74 13.10
CA GLN I 199 -10.24 43.01 13.47
C GLN I 199 -9.97 42.63 14.91
N LEU I 200 -10.93 42.87 15.81
CA LEU I 200 -10.81 42.41 17.18
C LEU I 200 -10.79 40.89 17.25
N GLY I 201 -11.54 40.21 16.41
CA GLY I 201 -11.49 38.76 16.37
C GLY I 201 -10.16 38.22 15.85
N VAL I 202 -9.61 38.87 14.84
CA VAL I 202 -8.28 38.48 14.36
C VAL I 202 -7.23 38.74 15.41
N ALA I 203 -7.32 39.88 16.10
CA ALA I 203 -6.45 40.12 17.24
C ALA I 203 -6.66 39.06 18.31
N GLY I 204 -7.91 38.61 18.49
CA GLY I 204 -8.18 37.59 19.48
C GLY I 204 -7.51 36.26 19.15
N VAL I 205 -7.61 35.82 17.90
CA VAL I 205 -7.00 34.54 17.53
C VAL I 205 -5.48 34.65 17.47
N PHE I 206 -4.94 35.73 16.91
CA PHE I 206 -3.50 35.90 16.89
C PHE I 206 -2.94 36.03 18.30
N GLY I 207 -3.60 36.80 19.15
CA GLY I 207 -3.17 36.90 20.53
C GLY I 207 -3.34 35.61 21.30
N GLY I 208 -4.40 34.85 21.00
CA GLY I 208 -4.55 33.56 21.62
C GLY I 208 -3.44 32.61 21.24
N SER I 209 -3.05 32.59 19.98
CA SER I 209 -1.89 31.80 19.57
C SER I 209 -0.63 32.31 20.24
N LEU I 210 -0.44 33.63 20.29
CA LEU I 210 0.74 34.20 20.90
C LEU I 210 0.82 33.82 22.37
N PHE I 211 -0.29 33.95 23.09
CA PHE I 211 -0.30 33.69 24.53
C PHE I 211 -0.25 32.20 24.83
N SER I 212 -0.85 31.36 23.98
CA SER I 212 -0.72 29.93 24.15
C SER I 212 0.72 29.50 23.98
N ALA I 213 1.38 29.97 22.92
CA ALA I 213 2.79 29.66 22.73
C ALA I 213 3.64 30.23 23.85
N MET I 214 3.33 31.45 24.29
CA MET I 214 4.11 32.09 25.35
C MET I 214 4.00 31.33 26.66
N HIS I 215 2.77 30.99 27.06
CA HIS I 215 2.57 30.27 28.30
C HIS I 215 3.17 28.87 28.22
N GLY I 216 2.99 28.18 27.10
CA GLY I 216 3.56 26.86 26.96
C GLY I 216 5.08 26.90 27.01
N SER I 217 5.70 27.88 26.34
CA SER I 217 7.15 27.98 26.36
C SER I 217 7.66 28.39 27.72
N LEU I 218 6.95 29.25 28.45
CA LEU I 218 7.40 29.65 29.77
C LEU I 218 7.27 28.50 30.77
N VAL I 219 6.23 27.69 30.66
CA VAL I 219 6.09 26.54 31.55
C VAL I 219 7.11 25.46 31.19
N THR I 220 7.25 25.14 29.91
CA THR I 220 8.19 24.11 29.50
C THR I 220 9.63 24.53 29.74
N SER I 221 9.91 25.83 29.70
CA SER I 221 11.26 26.31 29.91
C SER I 221 11.70 26.16 31.36
N SER I 222 10.77 26.30 32.29
CA SER I 222 11.08 26.31 33.72
C SER I 222 10.56 25.06 34.42
N LEU I 223 10.58 23.92 33.75
CA LEU I 223 10.19 22.67 34.39
C LEU I 223 11.21 22.26 35.44
N ILE I 224 10.72 21.81 36.58
CA ILE I 224 11.59 21.37 37.66
C ILE I 224 12.16 20.00 37.32
N ARG I 225 13.48 19.86 37.48
CA ARG I 225 14.17 18.62 37.11
C ARG I 225 13.71 17.45 37.97
N GLU I 226 13.01 16.50 37.36
CA GLU I 226 12.48 15.35 38.07
C GLU I 226 12.66 14.05 37.31
N THR I 227 13.40 14.06 36.20
CA THR I 227 13.59 12.89 35.36
C THR I 227 15.06 12.69 35.07
N THR I 228 15.38 11.53 34.50
CA THR I 228 16.72 11.24 34.05
C THR I 228 16.88 11.66 32.59
N GLU I 229 18.10 11.52 32.07
CA GLU I 229 18.37 11.91 30.70
C GLU I 229 17.82 10.95 29.66
N ASN I 230 17.42 9.74 30.06
CA ASN I 230 17.00 8.71 29.14
C ASN I 230 15.49 8.52 29.11
N GLU I 231 14.72 9.54 29.49
CA GLU I 231 13.27 9.47 29.49
C GLU I 231 12.71 10.85 29.18
N SER I 232 11.44 10.86 28.80
CA SER I 232 10.75 12.11 28.50
C SER I 232 10.60 12.95 29.75
N ALA I 233 10.64 14.28 29.57
CA ALA I 233 10.47 15.19 30.69
C ALA I 233 9.04 15.21 31.22
N ASN I 234 8.08 14.71 30.43
CA ASN I 234 6.70 14.69 30.86
C ASN I 234 6.47 13.80 32.08
N TYR I 235 7.33 12.79 32.28
CA TYR I 235 7.16 11.88 33.40
C TYR I 235 7.65 12.45 34.72
N GLY I 236 8.23 13.65 34.71
CA GLY I 236 8.53 14.33 35.95
C GLY I 236 7.30 14.82 36.68
N TYR I 237 6.19 14.97 35.96
CA TYR I 237 4.92 15.30 36.58
C TYR I 237 4.09 14.02 36.74
N LYS I 238 3.58 13.80 37.94
CA LYS I 238 2.70 12.68 38.22
C LYS I 238 1.28 13.18 38.36
N PHE I 239 0.34 12.46 37.77
CA PHE I 239 -1.06 12.88 37.79
C PHE I 239 -1.59 12.83 39.23
N GLY I 240 -1.97 13.98 39.75
CA GLY I 240 -2.48 14.09 41.10
C GLY I 240 -1.48 14.49 42.16
N GLN I 241 -0.28 14.92 41.78
CA GLN I 241 0.71 15.33 42.75
C GLN I 241 0.33 16.66 43.36
N GLU I 242 0.85 16.91 44.57
CA GLU I 242 0.54 18.13 45.30
C GLU I 242 1.44 19.29 44.90
N GLU I 243 2.72 19.04 44.71
CA GLU I 243 3.66 20.11 44.42
C GLU I 243 3.52 20.58 42.97
N GLU I 244 4.01 21.79 42.72
CA GLU I 244 3.97 22.35 41.38
C GLU I 244 5.12 21.80 40.54
N THR I 245 4.83 21.50 39.27
CA THR I 245 5.80 20.82 38.42
C THR I 245 6.77 21.78 37.74
N TYR I 246 6.56 23.08 37.81
CA TYR I 246 7.47 24.03 37.19
C TYR I 246 7.65 25.23 38.08
N ASN I 247 8.76 25.92 37.88
CA ASN I 247 9.14 27.06 38.71
C ASN I 247 8.48 28.31 38.14
N ILE I 248 7.39 28.75 38.79
CA ILE I 248 6.69 29.94 38.32
C ILE I 248 7.54 31.18 38.48
N VAL I 249 8.32 31.24 39.56
CA VAL I 249 9.18 32.41 39.78
C VAL I 249 10.24 32.51 38.70
N ALA I 250 10.80 31.38 38.26
CA ALA I 250 11.81 31.41 37.22
C ALA I 250 11.25 31.93 35.90
N ALA I 251 10.07 31.44 35.50
CA ALA I 251 9.45 31.92 34.28
C ALA I 251 9.08 33.40 34.39
N HIS I 252 8.59 33.81 35.56
CA HIS I 252 8.26 35.21 35.76
C HIS I 252 9.50 36.08 35.65
N GLY I 253 10.62 35.65 36.23
CA GLY I 253 11.84 36.42 36.11
C GLY I 253 12.35 36.50 34.69
N TYR I 254 12.30 35.38 33.96
CA TYR I 254 12.72 35.38 32.56
C TYR I 254 11.88 36.34 31.74
N PHE I 255 10.56 36.29 31.91
CA PHE I 255 9.69 37.16 31.12
C PHE I 255 9.75 38.61 31.57
N GLY I 256 10.04 38.86 32.85
CA GLY I 256 10.24 40.23 33.28
C GLY I 256 11.51 40.83 32.71
N ARG I 257 12.58 40.04 32.64
CA ARG I 257 13.80 40.53 32.02
C ARG I 257 13.72 40.54 30.51
N LEU I 258 12.75 39.83 29.92
CA LEU I 258 12.63 39.83 28.46
C LEU I 258 12.08 41.14 27.94
N ILE I 259 11.04 41.69 28.56
CA ILE I 259 10.41 42.91 28.07
C ILE I 259 10.61 44.04 29.07
N PHE I 260 9.99 43.90 30.25
CA PHE I 260 10.23 44.77 31.39
C PHE I 260 9.51 44.15 32.58
N GLN I 261 9.97 44.52 33.77
CA GLN I 261 9.76 43.71 34.96
C GLN I 261 8.30 43.59 35.39
N TYR I 262 7.40 44.39 34.84
CA TYR I 262 5.98 44.23 35.11
C TYR I 262 5.20 44.07 33.81
N ALA I 263 5.85 43.51 32.79
CA ALA I 263 5.13 43.01 31.64
C ALA I 263 4.61 41.59 31.84
N SER I 264 5.00 40.96 32.94
CA SER I 264 4.59 39.61 33.29
C SER I 264 3.47 39.65 34.32
N PHE I 265 2.84 38.49 34.51
CA PHE I 265 1.85 38.31 35.55
C PHE I 265 2.49 37.56 36.71
N ASN I 266 2.62 38.24 37.85
CA ASN I 266 3.06 37.56 39.06
C ASN I 266 2.07 36.47 39.47
N ASN I 267 0.79 36.76 39.33
CA ASN I 267 -0.27 35.85 39.77
C ASN I 267 -0.58 34.86 38.65
N SER I 268 -0.51 33.57 38.98
CA SER I 268 -0.86 32.55 38.00
C SER I 268 -2.36 32.53 37.73
N ARG I 269 -3.18 32.82 38.76
CA ARG I 269 -4.61 32.88 38.55
C ARG I 269 -5.00 34.02 37.64
N ALA I 270 -4.41 35.20 37.83
CA ALA I 270 -4.68 36.32 36.93
C ALA I 270 -4.16 36.04 35.54
N LEU I 271 -3.01 35.38 35.42
CA LEU I 271 -2.48 35.02 34.12
C LEU I 271 -3.43 34.09 33.38
N HIS I 272 -3.98 33.09 34.08
CA HIS I 272 -4.88 32.17 33.41
C HIS I 272 -6.24 32.80 33.13
N PHE I 273 -6.67 33.75 33.97
CA PHE I 273 -7.86 34.52 33.62
C PHE I 273 -7.65 35.31 32.34
N PHE I 274 -6.47 35.92 32.19
CA PHE I 274 -6.17 36.62 30.95
C PHE I 274 -6.13 35.67 29.76
N LEU I 275 -5.56 34.48 29.96
CA LEU I 275 -5.52 33.49 28.89
C LEU I 275 -6.92 33.10 28.45
N GLY I 276 -7.83 32.87 29.39
CA GLY I 276 -9.19 32.54 29.03
C GLY I 276 -10.02 33.72 28.58
N LEU I 277 -9.55 34.93 28.85
CA LEU I 277 -10.31 36.14 28.55
C LEU I 277 -10.02 36.68 27.15
N TRP I 278 -8.77 36.70 26.74
CA TRP I 278 -8.42 37.36 25.47
C TRP I 278 -9.12 36.73 24.27
N PRO I 279 -8.96 35.44 23.97
CA PRO I 279 -9.59 34.90 22.75
C PRO I 279 -11.09 34.74 22.87
N VAL I 280 -11.63 34.51 24.07
CA VAL I 280 -13.07 34.43 24.22
C VAL I 280 -13.71 35.76 23.88
N VAL I 281 -13.15 36.86 24.39
CA VAL I 281 -13.68 38.18 24.06
C VAL I 281 -13.48 38.48 22.58
N GLY I 282 -12.33 38.10 22.02
CA GLY I 282 -12.12 38.31 20.59
C GLY I 282 -13.15 37.61 19.72
N ILE I 283 -13.41 36.33 20.01
CA ILE I 283 -14.39 35.59 19.23
C ILE I 283 -15.80 36.10 19.48
N TRP I 284 -16.10 36.50 20.72
CA TRP I 284 -17.38 37.16 20.97
C TRP I 284 -17.56 38.37 20.08
N PHE I 285 -16.53 39.22 19.98
CA PHE I 285 -16.65 40.44 19.21
C PHE I 285 -16.76 40.15 17.72
N THR I 286 -16.01 39.18 17.20
CA THR I 286 -16.14 38.89 15.78
C THR I 286 -17.46 38.22 15.45
N ALA I 287 -17.98 37.38 16.35
CA ALA I 287 -19.30 36.80 16.15
C ALA I 287 -20.37 37.87 16.17
N LEU I 288 -20.28 38.82 17.10
CA LEU I 288 -21.23 39.93 17.10
C LEU I 288 -21.06 40.82 15.88
N GLY I 289 -19.84 40.94 15.35
CA GLY I 289 -19.66 41.69 14.12
C GLY I 289 -20.34 41.03 12.95
N VAL I 290 -20.24 39.70 12.85
CA VAL I 290 -20.99 39.00 11.81
C VAL I 290 -22.50 39.12 12.04
N MET I 291 -22.93 39.08 13.31
CA MET I 291 -24.35 39.26 13.61
C MET I 291 -24.84 40.63 13.19
N THR I 292 -24.02 41.67 13.38
CA THR I 292 -24.41 43.02 12.98
C THR I 292 -24.35 43.21 11.48
N MET I 293 -23.40 42.57 10.80
CA MET I 293 -23.36 42.62 9.35
C MET I 293 -24.43 41.76 8.70
N ALA I 294 -25.06 40.87 9.48
CA ALA I 294 -26.25 40.18 8.99
C ALA I 294 -27.34 41.19 8.66
N PHE I 295 -27.47 42.23 9.47
CA PHE I 295 -28.43 43.30 9.23
C PHE I 295 -27.78 44.49 8.53
N ASN I 296 -26.69 44.26 7.81
CA ASN I 296 -26.10 45.22 6.89
C ASN I 296 -25.62 46.49 7.60
N LEU I 297 -24.94 46.29 8.72
CA LEU I 297 -24.15 47.33 9.36
C LEU I 297 -22.70 46.98 9.08
N ASN I 298 -22.22 47.40 7.91
CA ASN I 298 -20.96 46.89 7.37
C ASN I 298 -19.77 47.57 8.03
N GLY I 299 -18.57 47.21 7.57
CA GLY I 299 -17.35 47.72 8.12
C GLY I 299 -17.01 49.10 7.60
N PHE I 300 -15.80 49.54 7.95
CA PHE I 300 -15.36 50.88 7.59
C PHE I 300 -15.25 51.03 6.08
N ASN I 301 -15.73 52.16 5.56
CA ASN I 301 -15.69 52.46 4.14
C ASN I 301 -14.83 53.71 3.95
N PHE I 302 -13.63 53.50 3.41
CA PHE I 302 -12.68 54.60 3.17
C PHE I 302 -12.38 54.74 1.69
N ASN I 303 -13.38 54.48 0.84
CA ASN I 303 -13.18 54.57 -0.61
C ASN I 303 -13.24 56.02 -1.04
N GLN I 304 -12.28 56.41 -1.90
CA GLN I 304 -12.19 57.76 -2.44
C GLN I 304 -12.10 58.80 -1.32
N SER I 305 -11.34 58.47 -0.27
CA SER I 305 -11.17 59.38 0.85
C SER I 305 -10.07 60.41 0.62
N VAL I 306 -9.24 60.25 -0.41
CA VAL I 306 -8.16 61.17 -0.71
C VAL I 306 -8.39 61.76 -2.09
N VAL I 307 -8.49 63.09 -2.15
CA VAL I 307 -8.63 63.81 -3.40
C VAL I 307 -7.55 64.88 -3.46
N ASP I 308 -7.23 65.31 -4.67
CA ASP I 308 -6.20 66.30 -4.88
C ASP I 308 -6.82 67.70 -4.82
N SER I 309 -6.05 68.73 -5.21
CA SER I 309 -6.56 70.10 -5.14
C SER I 309 -7.77 70.28 -6.07
N GLN I 310 -7.71 69.70 -7.27
CA GLN I 310 -8.85 69.78 -8.16
C GLN I 310 -10.02 68.94 -7.66
N GLY I 311 -9.73 67.71 -7.25
CA GLY I 311 -10.78 66.82 -6.77
C GLY I 311 -10.70 65.45 -7.41
N ARG I 312 -9.63 65.19 -8.15
CA ARG I 312 -9.42 63.87 -8.71
C ARG I 312 -9.15 62.86 -7.59
N VAL I 313 -9.68 61.66 -7.75
CA VAL I 313 -9.56 60.64 -6.71
C VAL I 313 -8.16 60.06 -6.75
N ILE I 314 -7.43 60.18 -5.65
CA ILE I 314 -6.15 59.51 -5.46
C ILE I 314 -6.43 58.23 -4.68
N ASN I 315 -6.11 57.09 -5.28
CA ASN I 315 -6.45 55.82 -4.65
C ASN I 315 -5.57 55.57 -3.43
N THR I 316 -6.11 54.77 -2.52
CA THR I 316 -5.41 54.28 -1.34
C THR I 316 -5.44 52.76 -1.37
N TRP I 317 -4.93 52.14 -0.31
CA TRP I 317 -5.04 50.69 -0.21
C TRP I 317 -6.48 50.24 -0.04
N ALA I 318 -7.30 51.07 0.60
CA ALA I 318 -8.73 50.77 0.70
C ALA I 318 -9.38 50.73 -0.68
N ASP I 319 -8.88 51.50 -1.63
CA ASP I 319 -9.45 51.49 -2.97
C ASP I 319 -9.06 50.23 -3.74
N ILE I 320 -7.84 49.73 -3.53
CA ILE I 320 -7.46 48.45 -4.13
C ILE I 320 -8.26 47.32 -3.50
N LEU I 321 -8.46 47.38 -2.19
CA LEU I 321 -9.33 46.42 -1.52
C LEU I 321 -10.75 46.50 -2.07
N ASN I 322 -11.22 47.71 -2.36
CA ASN I 322 -12.54 47.87 -2.96
C ASN I 322 -12.58 47.27 -4.36
N ARG I 323 -11.50 47.39 -5.13
CA ARG I 323 -11.44 46.75 -6.44
C ARG I 323 -11.54 45.24 -6.32
N ALA I 324 -10.84 44.66 -5.34
CA ALA I 324 -10.95 43.22 -5.12
C ALA I 324 -12.37 42.83 -4.70
N ASN I 325 -12.99 43.62 -3.83
CA ASN I 325 -14.35 43.35 -3.41
C ASN I 325 -15.33 43.48 -4.57
N LEU I 326 -15.09 44.41 -5.50
CA LEU I 326 -15.92 44.51 -6.69
C LEU I 326 -15.72 43.31 -7.60
N GLY I 327 -14.49 42.84 -7.72
CA GLY I 327 -14.25 41.64 -8.50
C GLY I 327 -15.00 40.44 -7.94
N MET I 328 -15.02 40.31 -6.62
CA MET I 328 -15.79 39.22 -6.02
C MET I 328 -17.30 39.48 -6.11
N GLU I 329 -17.71 40.74 -6.08
CA GLU I 329 -19.15 41.05 -6.04
C GLU I 329 -19.83 40.76 -7.37
N VAL I 330 -19.20 41.16 -8.48
CA VAL I 330 -19.83 40.98 -9.79
C VAL I 330 -19.79 39.55 -10.28
N MET I 331 -19.09 38.66 -9.58
CA MET I 331 -19.00 37.27 -9.99
C MET I 331 -19.77 36.31 -9.11
N HIS I 332 -20.22 36.74 -7.93
CA HIS I 332 -20.89 35.84 -7.00
C HIS I 332 -22.35 35.68 -7.38
N GLU I 333 -22.84 34.45 -7.24
CA GLU I 333 -24.25 34.12 -7.48
C GLU I 333 -24.65 34.49 -8.91
N ARG I 334 -24.02 33.79 -9.85
CA ARG I 334 -24.23 34.03 -11.27
C ARG I 334 -25.71 33.86 -11.64
N ASN I 335 -26.21 34.78 -12.45
CA ASN I 335 -27.54 34.71 -13.04
C ASN I 335 -28.65 34.72 -11.99
N ALA I 336 -28.33 35.09 -10.77
CA ALA I 336 -29.32 35.27 -9.72
C ALA I 336 -29.67 36.73 -9.49
N HIS I 337 -28.97 37.65 -10.14
CA HIS I 337 -29.22 39.08 -10.02
C HIS I 337 -29.79 39.58 -11.34
N ASN I 338 -31.02 40.09 -11.30
CA ASN I 338 -31.66 40.69 -12.46
C ASN I 338 -31.80 42.20 -12.34
N PHE I 339 -31.26 42.80 -11.28
CA PHE I 339 -31.41 44.21 -10.98
C PHE I 339 -30.04 44.79 -10.64
N PRO I 340 -29.86 46.11 -10.84
CA PRO I 340 -28.52 46.68 -10.64
C PRO I 340 -28.02 46.59 -9.21
N LEU I 341 -28.83 46.99 -8.24
CA LEU I 341 -28.38 47.00 -6.84
C LEU I 341 -28.61 45.64 -6.20
N ASP I 342 -27.87 45.38 -5.13
CA ASP I 342 -27.87 44.10 -4.43
C ASP I 342 -28.61 44.20 -3.10
N LEU I 343 -29.69 44.98 -3.07
CA LEU I 343 -30.46 45.18 -1.85
C LEU I 343 -31.22 43.91 -1.47
N GLY J 10 43.09 44.35 36.14
CA GLY J 10 42.37 43.17 36.60
C GLY J 10 41.76 42.37 35.46
N ARG J 11 40.47 42.58 35.22
CA ARG J 11 39.79 41.86 34.15
C ARG J 11 40.16 42.47 32.79
N GLY J 12 39.95 41.68 31.75
CA GLY J 12 40.13 42.17 30.40
C GLY J 12 39.00 43.08 29.97
N TRP J 13 39.21 43.75 28.85
CA TRP J 13 38.18 44.64 28.32
C TRP J 13 36.94 43.87 27.91
N PHE J 14 37.11 42.71 27.29
CA PHE J 14 35.96 41.89 26.91
C PHE J 14 35.16 41.46 28.13
N ASP J 15 35.83 41.10 29.22
CA ASP J 15 35.12 40.73 30.44
C ASP J 15 34.35 41.89 31.02
N LEU J 16 34.93 43.09 30.99
CA LEU J 16 34.21 44.27 31.49
C LEU J 16 32.99 44.59 30.64
N ILE J 17 33.13 44.49 29.32
CA ILE J 17 31.99 44.73 28.44
C ILE J 17 30.92 43.68 28.66
N ASP J 18 31.33 42.42 28.85
CA ASP J 18 30.37 41.35 29.13
C ASP J 18 29.67 41.56 30.46
N ASP J 19 30.37 42.11 31.45
CA ASP J 19 29.75 42.39 32.73
C ASP J 19 28.75 43.53 32.62
N TRP J 20 29.08 44.57 31.85
CA TRP J 20 28.16 45.70 31.73
C TRP J 20 26.95 45.34 30.89
N LEU J 21 27.12 44.56 29.83
CA LEU J 21 26.00 44.20 28.98
C LEU J 21 25.03 43.29 29.71
N LYS J 22 25.54 42.38 30.54
CA LYS J 22 24.71 41.45 31.29
C LYS J 22 24.35 41.96 32.67
N ARG J 23 24.35 43.28 32.87
CA ARG J 23 23.95 43.84 34.14
C ARG J 23 22.46 43.67 34.36
N ASP J 24 22.07 43.41 35.61
CA ASP J 24 20.66 43.17 35.95
C ASP J 24 20.00 44.52 36.24
N ARG J 25 19.66 45.22 35.15
CA ARG J 25 19.03 46.53 35.21
C ARG J 25 17.58 46.43 34.73
N PHE J 26 16.91 47.58 34.65
CA PHE J 26 15.50 47.59 34.28
C PHE J 26 15.29 47.06 32.87
N VAL J 27 16.12 47.48 31.93
CA VAL J 27 16.06 47.00 30.56
C VAL J 27 17.34 46.23 30.29
N PHE J 28 17.23 44.91 30.18
CA PHE J 28 18.39 44.08 29.90
C PHE J 28 18.89 44.33 28.48
N VAL J 29 20.20 44.47 28.35
CA VAL J 29 20.79 44.74 27.05
C VAL J 29 21.42 43.47 26.49
N GLY J 30 22.44 42.96 27.17
CA GLY J 30 23.12 41.77 26.73
C GLY J 30 23.90 42.00 25.45
N TRP J 31 24.59 40.94 25.00
CA TRP J 31 25.28 41.02 23.72
C TRP J 31 24.31 41.08 22.56
N SER J 32 23.13 40.47 22.71
CA SER J 32 22.12 40.53 21.67
C SER J 32 21.52 41.91 21.53
N GLY J 33 21.59 42.74 22.57
CA GLY J 33 21.04 44.08 22.51
C GLY J 33 21.68 44.97 21.47
N LEU J 34 22.99 44.80 21.26
CA LEU J 34 23.69 45.60 20.25
C LEU J 34 23.10 45.39 18.87
N LEU J 35 22.62 44.18 18.58
CA LEU J 35 21.95 43.94 17.31
C LEU J 35 20.47 44.26 17.37
N LEU J 36 19.84 44.06 18.53
CA LEU J 36 18.40 44.19 18.62
C LEU J 36 17.94 45.64 18.65
N PHE J 37 18.46 46.42 19.60
CA PHE J 37 17.90 47.73 19.88
C PHE J 37 18.00 48.72 18.72
N PRO J 38 19.16 48.91 18.09
CA PRO J 38 19.19 49.82 16.93
C PRO J 38 18.36 49.32 15.77
N THR J 39 18.37 48.02 15.47
CA THR J 39 17.60 47.52 14.34
C THR J 39 16.10 47.62 14.57
N SER J 40 15.63 47.22 15.75
CA SER J 40 14.21 47.36 16.06
C SER J 40 13.79 48.81 16.14
N TYR J 41 14.64 49.66 16.72
CA TYR J 41 14.34 51.08 16.78
C TYR J 41 14.22 51.66 15.39
N LEU J 42 15.13 51.31 14.48
CA LEU J 42 15.05 51.82 13.11
C LEU J 42 13.86 51.25 12.37
N SER J 43 13.50 49.99 12.63
CA SER J 43 12.31 49.42 11.98
C SER J 43 11.05 50.17 12.38
N ILE J 44 10.86 50.36 13.69
CA ILE J 44 9.66 51.07 14.15
C ILE J 44 9.67 52.52 13.71
N GLY J 45 10.83 53.18 13.79
CA GLY J 45 10.92 54.56 13.36
C GLY J 45 10.68 54.73 11.88
N GLY J 46 11.23 53.82 11.06
CA GLY J 46 10.98 53.87 9.64
C GLY J 46 9.53 53.59 9.29
N TRP J 47 8.89 52.68 10.02
CA TRP J 47 7.47 52.45 9.77
C TRP J 47 6.65 53.69 10.09
N PHE J 48 6.93 54.34 11.22
CA PHE J 48 6.20 55.56 11.55
C PHE J 48 6.49 56.66 10.54
N THR J 49 7.74 56.78 10.10
CA THR J 49 8.10 57.79 9.10
C THR J 49 7.40 57.53 7.77
N GLY J 50 7.33 56.27 7.35
CA GLY J 50 6.65 55.95 6.11
C GLY J 50 5.16 56.17 6.18
N THR J 51 4.53 55.74 7.27
CA THR J 51 3.09 55.92 7.43
C THR J 51 2.72 57.37 7.74
N THR J 52 3.68 58.20 8.09
CA THR J 52 3.42 59.59 8.45
C THR J 52 3.70 60.57 7.31
N PHE J 53 4.77 60.37 6.55
CA PHE J 53 5.17 61.34 5.55
C PHE J 53 5.36 60.75 4.15
N VAL J 54 5.88 59.54 4.04
CA VAL J 54 6.34 59.03 2.75
C VAL J 54 5.15 58.58 1.92
N THR J 55 5.14 58.98 0.65
CA THR J 55 4.06 58.65 -0.26
C THR J 55 4.30 57.31 -0.96
N SER J 56 3.30 56.89 -1.73
CA SER J 56 3.41 55.72 -2.59
C SER J 56 2.99 56.06 -4.02
N TRP J 57 3.06 57.34 -4.38
CA TRP J 57 2.52 57.81 -5.65
C TRP J 57 3.37 57.37 -6.83
N TYR J 58 4.67 57.20 -6.63
CA TYR J 58 5.58 56.85 -7.71
C TYR J 58 5.91 55.36 -7.77
N THR J 59 5.37 54.56 -6.85
CA THR J 59 5.54 53.11 -6.88
C THR J 59 4.23 52.39 -7.14
N HIS J 60 3.17 52.76 -6.45
CA HIS J 60 1.86 52.15 -6.63
C HIS J 60 0.81 53.09 -7.20
N GLY J 61 1.09 54.39 -7.28
CA GLY J 61 0.03 55.33 -7.58
C GLY J 61 -0.99 55.42 -6.47
N LEU J 62 -0.55 55.37 -5.23
CA LEU J 62 -1.43 55.35 -4.08
C LEU J 62 -0.98 56.43 -3.08
N ALA J 63 -1.90 56.82 -2.22
CA ALA J 63 -1.59 57.64 -1.06
C ALA J 63 -1.57 56.74 0.17
N SER J 64 -0.47 56.77 0.91
CA SER J 64 -0.32 55.86 2.04
C SER J 64 0.32 56.55 3.24
N SER J 65 0.11 57.84 3.40
CA SER J 65 0.68 58.60 4.50
C SER J 65 -0.37 59.52 5.10
N TYR J 66 -0.15 59.89 6.36
CA TYR J 66 -1.00 60.89 6.99
C TYR J 66 -0.85 62.26 6.34
N LEU J 67 0.28 62.51 5.67
CA LEU J 67 0.47 63.77 4.98
C LEU J 67 -0.45 63.90 3.78
N GLU J 68 -0.82 62.77 3.18
CA GLU J 68 -1.72 62.76 2.04
C GLU J 68 -3.19 62.65 2.43
N GLY J 69 -3.49 62.44 3.71
CA GLY J 69 -4.85 62.36 4.18
C GLY J 69 -5.31 60.99 4.59
N CYS J 70 -4.42 60.02 4.76
CA CYS J 70 -4.82 58.68 5.14
C CYS J 70 -4.98 58.57 6.65
N ASN J 71 -5.82 57.63 7.07
CA ASN J 71 -6.01 57.34 8.48
C ASN J 71 -5.08 56.18 8.88
N PHE J 72 -5.29 55.64 10.07
CA PHE J 72 -4.46 54.53 10.54
C PHE J 72 -4.63 53.29 9.68
N PHE J 73 -5.83 53.06 9.16
CA PHE J 73 -6.08 51.85 8.38
C PHE J 73 -5.48 51.93 6.98
N THR J 74 -5.55 53.09 6.33
CA THR J 74 -5.14 53.21 4.95
C THR J 74 -3.69 53.64 4.76
N ALA J 75 -3.03 54.13 5.82
CA ALA J 75 -1.63 54.50 5.72
C ALA J 75 -0.75 53.25 5.77
N ALA J 76 0.33 53.27 5.00
CA ALA J 76 1.21 52.11 4.92
C ALA J 76 2.58 52.53 4.46
N VAL J 77 3.57 51.67 4.77
CA VAL J 77 4.89 51.75 4.16
C VAL J 77 4.86 50.81 2.95
N SER J 78 4.62 51.38 1.77
CA SER J 78 4.37 50.57 0.60
C SER J 78 5.66 49.95 0.06
N THR J 79 5.50 48.83 -0.62
CA THR J 79 6.63 48.11 -1.18
C THR J 79 7.25 48.91 -2.33
N PRO J 80 8.50 48.62 -2.66
CA PRO J 80 9.16 49.34 -3.76
C PRO J 80 8.45 49.11 -5.09
N ALA J 81 8.91 49.86 -6.10
CA ALA J 81 8.36 49.73 -7.43
C ALA J 81 8.78 48.41 -8.07
N ASN J 82 7.98 47.94 -9.02
CA ASN J 82 8.28 46.68 -9.69
C ASN J 82 9.55 46.78 -10.53
N SER J 83 9.86 47.97 -11.05
CA SER J 83 11.07 48.12 -11.85
C SER J 83 12.33 47.93 -11.02
N MET J 84 12.26 48.10 -9.70
CA MET J 84 13.43 47.93 -8.86
C MET J 84 13.88 46.48 -8.77
N GLY J 85 13.01 45.52 -9.11
CA GLY J 85 13.38 44.13 -8.99
C GLY J 85 13.53 43.73 -7.53
N HIS J 86 14.55 42.93 -7.26
CA HIS J 86 14.88 42.53 -5.89
C HIS J 86 16.09 43.29 -5.37
N SER J 87 16.20 44.56 -5.73
CA SER J 87 17.30 45.39 -5.27
C SER J 87 17.25 45.55 -3.76
N LEU J 88 18.43 45.61 -3.13
CA LEU J 88 18.49 45.91 -1.71
C LEU J 88 18.05 47.33 -1.42
N LEU J 89 18.10 48.20 -2.43
CA LEU J 89 17.64 49.59 -2.32
C LEU J 89 18.35 50.32 -1.17
N LEU J 90 19.67 50.20 -1.16
CA LEU J 90 20.47 50.96 -0.21
C LEU J 90 20.39 52.44 -0.53
N LEU J 91 20.48 53.27 0.52
CA LEU J 91 20.43 54.71 0.30
C LEU J 91 21.56 55.18 -0.59
N TRP J 92 22.73 54.56 -0.47
CA TRP J 92 23.87 54.84 -1.31
C TRP J 92 23.87 54.02 -2.60
N GLY J 93 22.85 53.19 -2.81
CA GLY J 93 22.82 52.28 -3.93
C GLY J 93 22.64 52.97 -5.26
N PRO J 94 22.77 52.20 -6.35
CA PRO J 94 22.69 52.80 -7.69
C PRO J 94 21.32 53.32 -8.06
N GLU J 95 20.27 52.99 -7.32
CA GLU J 95 18.94 53.51 -7.64
C GLU J 95 18.73 54.91 -7.08
N ALA J 96 19.04 55.10 -5.81
CA ALA J 96 18.86 56.40 -5.16
C ALA J 96 20.08 57.29 -5.25
N GLN J 97 21.28 56.68 -5.18
CA GLN J 97 22.54 57.40 -5.31
C GLN J 97 22.67 58.51 -4.27
N GLY J 98 22.31 58.20 -3.03
CA GLY J 98 22.48 59.10 -1.93
C GLY J 98 21.38 60.12 -1.73
N ASP J 99 20.39 60.17 -2.62
CA ASP J 99 19.31 61.12 -2.51
C ASP J 99 18.22 60.52 -1.62
N PHE J 100 18.02 61.12 -0.45
CA PHE J 100 17.01 60.63 0.47
C PHE J 100 15.60 60.79 -0.09
N THR J 101 15.34 61.87 -0.81
CA THR J 101 14.02 62.08 -1.37
C THR J 101 13.69 61.02 -2.40
N ARG J 102 14.59 60.78 -3.35
CA ARG J 102 14.35 59.75 -4.35
C ARG J 102 14.34 58.36 -3.73
N TRP J 103 15.10 58.16 -2.67
CA TRP J 103 15.07 56.89 -1.95
C TRP J 103 13.71 56.64 -1.32
N CYS J 104 13.11 57.69 -0.76
CA CYS J 104 11.76 57.55 -0.23
C CYS J 104 10.73 57.37 -1.35
N GLN J 105 10.96 57.99 -2.51
CA GLN J 105 9.98 57.93 -3.58
C GLN J 105 9.98 56.59 -4.30
N ILE J 106 11.09 55.86 -4.31
CA ILE J 106 11.14 54.56 -4.98
C ILE J 106 10.77 53.41 -4.06
N GLY J 107 10.38 53.69 -2.83
CA GLY J 107 10.03 52.64 -1.90
C GLY J 107 11.18 52.05 -1.12
N GLY J 108 12.31 52.74 -1.05
CA GLY J 108 13.44 52.22 -0.31
C GLY J 108 13.21 52.13 1.17
N LEU J 109 12.26 52.90 1.70
CA LEU J 109 11.95 52.80 3.12
C LEU J 109 11.35 51.45 3.48
N TRP J 110 10.62 50.83 2.55
CA TRP J 110 10.14 49.48 2.80
C TRP J 110 11.29 48.50 2.94
N ALA J 111 12.30 48.60 2.08
CA ALA J 111 13.47 47.75 2.23
C ALA J 111 14.22 48.04 3.51
N PHE J 112 14.32 49.32 3.88
CA PHE J 112 14.90 49.68 5.16
C PHE J 112 14.21 48.96 6.30
N CYS J 113 12.88 49.07 6.36
CA CYS J 113 12.11 48.44 7.43
C CYS J 113 12.23 46.93 7.37
N ALA J 114 12.20 46.34 6.18
CA ALA J 114 12.21 44.89 6.06
C ALA J 114 13.55 44.31 6.52
N LEU J 115 14.66 44.87 6.05
CA LEU J 115 15.96 44.35 6.44
C LEU J 115 16.23 44.59 7.92
N HIS J 116 15.92 45.79 8.41
CA HIS J 116 16.13 46.06 9.83
C HIS J 116 15.21 45.22 10.70
N GLY J 117 14.01 44.89 10.23
CA GLY J 117 13.14 44.02 10.98
C GLY J 117 13.58 42.58 10.97
N SER J 118 14.16 42.12 9.87
CA SER J 118 14.75 40.79 9.85
C SER J 118 15.86 40.68 10.88
N PHE J 119 16.78 41.65 10.89
CA PHE J 119 17.85 41.59 11.87
C PHE J 119 17.37 41.88 13.28
N ALA J 120 16.25 42.60 13.43
CA ALA J 120 15.68 42.83 14.76
C ALA J 120 15.03 41.56 15.30
N LEU J 121 14.38 40.78 14.42
CA LEU J 121 13.86 39.48 14.84
C LEU J 121 15.01 38.54 15.23
N ILE J 122 16.09 38.56 14.45
CA ILE J 122 17.27 37.79 14.84
C ILE J 122 17.76 38.24 16.21
N GLY J 123 17.83 39.54 16.43
CA GLY J 123 18.28 40.05 17.71
C GLY J 123 17.36 39.68 18.86
N PHE J 124 16.05 39.66 18.64
CA PHE J 124 15.13 39.31 19.71
C PHE J 124 15.20 37.83 20.04
N CYS J 125 15.35 36.98 19.02
CA CYS J 125 15.54 35.56 19.31
C CYS J 125 16.86 35.32 20.04
N LEU J 126 17.92 36.03 19.65
CA LEU J 126 19.17 35.95 20.40
C LEU J 126 19.01 36.45 21.82
N ARG J 127 18.19 37.49 22.02
CA ARG J 127 17.91 37.99 23.37
C ARG J 127 17.21 36.93 24.20
N GLN J 128 16.26 36.22 23.60
CA GLN J 128 15.60 35.13 24.32
C GLN J 128 16.60 34.04 24.70
N PHE J 129 17.47 33.66 23.76
CA PHE J 129 18.51 32.68 24.08
C PHE J 129 19.40 33.17 25.22
N GLU J 130 19.83 34.43 25.17
CA GLU J 130 20.78 34.94 26.14
C GLU J 130 20.16 35.05 27.53
N ILE J 131 18.93 35.54 27.60
CA ILE J 131 18.27 35.66 28.91
C ILE J 131 17.95 34.28 29.45
N ALA J 132 17.58 33.32 28.59
CA ALA J 132 17.35 31.97 29.09
C ALA J 132 18.64 31.33 29.58
N ARG J 133 19.77 31.63 28.95
CA ARG J 133 21.04 31.08 29.42
C ARG J 133 21.50 31.72 30.72
N LEU J 134 21.32 33.03 30.86
CA LEU J 134 21.74 33.70 32.09
C LEU J 134 20.83 33.35 33.26
N VAL J 135 19.52 33.33 33.03
CA VAL J 135 18.59 32.96 34.09
C VAL J 135 18.79 31.51 34.51
N GLY J 136 19.01 30.62 33.54
CA GLY J 136 19.24 29.23 33.80
C GLY J 136 18.11 28.28 33.43
N ILE J 137 17.21 28.69 32.55
CA ILE J 137 16.08 27.86 32.16
C ILE J 137 16.30 27.38 30.72
N ARG J 138 15.45 26.47 30.30
CA ARG J 138 15.54 25.91 28.95
C ARG J 138 15.03 26.93 27.94
N PRO J 139 15.61 26.94 26.73
CA PRO J 139 15.30 27.98 25.74
C PRO J 139 14.14 27.62 24.81
N TYR J 140 13.00 27.25 25.39
CA TYR J 140 11.86 26.92 24.55
C TYR J 140 11.13 28.15 24.04
N ASN J 141 11.34 29.31 24.64
CA ASN J 141 10.72 30.53 24.13
C ASN J 141 11.33 30.97 22.80
N ALA J 142 12.64 30.79 22.62
CA ALA J 142 13.24 31.10 21.33
C ALA J 142 12.76 30.12 20.26
N ILE J 143 12.59 28.85 20.61
CA ILE J 143 12.04 27.89 19.66
C ILE J 143 10.60 28.27 19.30
N ALA J 144 9.84 28.76 20.27
CA ALA J 144 8.50 29.25 19.99
C ALA J 144 8.54 30.46 19.06
N PHE J 145 9.47 31.38 19.30
CA PHE J 145 9.58 32.58 18.48
C PHE J 145 10.14 32.30 17.10
N SER J 146 10.73 31.13 16.88
CA SER J 146 11.11 30.75 15.52
C SER J 146 9.92 30.72 14.59
N GLY J 147 8.72 30.52 15.13
CA GLY J 147 7.51 30.53 14.35
C GLY J 147 7.25 31.85 13.65
N PRO J 148 7.10 32.93 14.42
CA PRO J 148 6.96 34.25 13.81
C PRO J 148 8.14 34.63 12.93
N ILE J 149 9.35 34.19 13.26
CA ILE J 149 10.48 34.42 12.37
C ILE J 149 10.27 33.71 11.05
N ALA J 150 9.75 32.49 11.08
CA ALA J 150 9.42 31.79 9.84
C ALA J 150 8.37 32.53 9.05
N ILE J 151 7.34 33.05 9.74
CA ILE J 151 6.28 33.80 9.06
C ILE J 151 6.88 35.02 8.37
N PHE J 152 7.67 35.81 9.10
CA PHE J 152 8.23 37.02 8.50
C PHE J 152 9.16 36.69 7.36
N VAL J 153 10.09 35.76 7.58
CA VAL J 153 11.03 35.38 6.52
C VAL J 153 10.26 34.95 5.28
N SER J 154 9.44 33.90 5.38
CA SER J 154 8.70 33.44 4.22
C SER J 154 7.94 34.57 3.55
N VAL J 155 6.97 35.16 4.26
CA VAL J 155 6.05 36.10 3.62
C VAL J 155 6.76 37.34 3.09
N PHE J 156 7.57 38.00 3.93
CA PHE J 156 8.12 39.29 3.55
C PHE J 156 9.44 39.20 2.79
N LEU J 157 10.11 38.06 2.76
CA LEU J 157 11.34 37.92 2.00
C LEU J 157 11.26 36.84 0.94
N MET J 158 10.89 35.61 1.31
CA MET J 158 10.98 34.51 0.36
C MET J 158 9.87 34.57 -0.68
N TYR J 159 8.69 35.08 -0.32
CA TYR J 159 7.64 35.25 -1.32
C TYR J 159 8.03 36.29 -2.37
N PRO J 160 8.42 37.52 -2.02
CA PRO J 160 8.81 38.46 -3.08
C PRO J 160 10.07 38.05 -3.81
N LEU J 161 11.01 37.36 -3.15
CA LEU J 161 12.21 36.94 -3.84
C LEU J 161 11.93 35.85 -4.86
N GLY J 162 10.84 35.11 -4.72
CA GLY J 162 10.42 34.19 -5.75
C GLY J 162 9.57 34.81 -6.83
N GLN J 163 8.99 35.97 -6.55
CA GLN J 163 8.14 36.66 -7.50
C GLN J 163 9.00 37.64 -8.31
N ALA J 164 8.36 38.54 -9.06
CA ALA J 164 9.09 39.41 -9.97
C ALA J 164 9.97 40.40 -9.23
N SER J 165 9.49 40.96 -8.12
CA SER J 165 10.20 42.03 -7.44
C SER J 165 9.71 42.12 -6.00
N TRP J 166 10.18 43.13 -5.27
CA TRP J 166 9.65 43.45 -3.96
C TRP J 166 8.23 44.00 -4.02
N PHE J 167 7.75 44.36 -5.23
CA PHE J 167 6.46 45.03 -5.35
C PHE J 167 5.33 44.17 -4.82
N PHE J 168 5.43 42.85 -4.96
CA PHE J 168 4.35 41.96 -4.60
C PHE J 168 4.46 41.43 -3.18
N ALA J 169 5.42 41.93 -2.40
CA ALA J 169 5.47 41.65 -0.98
C ALA J 169 4.37 42.43 -0.27
N PRO J 170 4.00 42.01 0.94
CA PRO J 170 3.02 42.80 1.71
C PRO J 170 3.57 44.18 2.02
N SER J 171 2.70 45.18 1.96
CA SER J 171 3.05 46.52 2.37
C SER J 171 2.71 46.71 3.84
N LEU J 172 3.55 47.46 4.54
CA LEU J 172 3.45 47.58 5.99
C LEU J 172 2.33 48.54 6.36
N GLY J 173 1.11 48.02 6.35
CA GLY J 173 -0.06 48.78 6.71
C GLY J 173 -1.15 47.87 7.20
N VAL J 174 -2.38 48.36 7.17
CA VAL J 174 -3.56 47.58 7.56
C VAL J 174 -4.40 47.22 6.34
N ALA J 175 -4.93 48.21 5.65
CA ALA J 175 -5.59 47.95 4.38
C ALA J 175 -4.62 47.39 3.36
N ALA J 176 -3.34 47.69 3.48
CA ALA J 176 -2.35 47.07 2.61
C ALA J 176 -2.25 45.56 2.86
N ILE J 177 -2.29 45.16 4.13
CA ILE J 177 -2.27 43.74 4.44
C ILE J 177 -3.57 43.08 3.98
N PHE J 178 -4.69 43.78 4.10
CA PHE J 178 -5.94 43.23 3.56
C PHE J 178 -5.87 43.07 2.05
N ARG J 179 -5.28 44.04 1.37
CA ARG J 179 -5.02 43.90 -0.06
C ARG J 179 -4.17 42.67 -0.33
N PHE J 180 -3.14 42.44 0.49
CA PHE J 180 -2.30 41.27 0.29
C PHE J 180 -3.10 39.99 0.47
N LEU J 181 -3.97 39.94 1.48
CA LEU J 181 -4.81 38.77 1.68
C LEU J 181 -5.66 38.48 0.45
N LEU J 182 -6.38 39.50 -0.02
CA LEU J 182 -7.26 39.27 -1.16
C LEU J 182 -6.49 39.04 -2.46
N PHE J 183 -5.33 39.67 -2.60
CA PHE J 183 -4.50 39.45 -3.79
C PHE J 183 -3.99 38.02 -3.84
N ILE J 184 -3.51 37.51 -2.70
CA ILE J 184 -3.04 36.13 -2.68
C ILE J 184 -4.19 35.17 -2.89
N GLN J 185 -5.38 35.47 -2.34
CA GLN J 185 -6.52 34.61 -2.61
C GLN J 185 -6.88 34.61 -4.08
N GLY J 186 -6.90 35.79 -4.72
CA GLY J 186 -7.32 35.86 -6.10
C GLY J 186 -6.32 35.25 -7.06
N PHE J 187 -5.04 35.56 -6.89
CA PHE J 187 -4.01 35.09 -7.80
C PHE J 187 -3.44 33.73 -7.44
N HIS J 188 -3.76 33.20 -6.26
CA HIS J 188 -3.15 31.97 -5.78
C HIS J 188 -4.14 30.96 -5.22
N ASN J 189 -5.35 31.37 -4.85
CA ASN J 189 -6.32 30.48 -4.21
C ASN J 189 -5.71 29.85 -2.97
N PHE J 190 -5.17 30.69 -2.09
CA PHE J 190 -4.41 30.23 -0.94
C PHE J 190 -5.27 29.52 0.09
N THR J 191 -6.58 29.79 0.10
CA THR J 191 -7.46 29.07 1.00
C THR J 191 -7.49 27.59 0.67
N LEU J 192 -7.38 27.25 -0.62
CA LEU J 192 -7.35 25.86 -1.05
C LEU J 192 -6.03 25.17 -0.74
N ASN J 193 -4.99 25.92 -0.41
CA ASN J 193 -3.69 25.32 -0.13
C ASN J 193 -3.74 24.54 1.18
N PRO J 194 -3.37 23.26 1.19
CA PRO J 194 -3.47 22.47 2.42
C PRO J 194 -2.51 22.92 3.52
N PHE J 195 -1.36 23.48 3.17
CA PHE J 195 -0.45 23.99 4.20
C PHE J 195 -1.07 25.20 4.90
N HIS J 196 -1.74 26.06 4.15
CA HIS J 196 -2.50 27.13 4.79
C HIS J 196 -3.64 26.58 5.64
N MET J 197 -4.24 25.46 5.22
CA MET J 197 -5.25 24.83 6.05
C MET J 197 -4.66 24.35 7.37
N MET J 198 -3.47 23.77 7.33
CA MET J 198 -2.79 23.37 8.56
C MET J 198 -2.45 24.59 9.41
N GLY J 199 -2.06 25.69 8.78
CA GLY J 199 -1.80 26.91 9.53
C GLY J 199 -3.04 27.45 10.22
N VAL J 200 -4.17 27.46 9.52
CA VAL J 200 -5.43 27.89 10.13
C VAL J 200 -5.80 26.97 11.27
N ALA J 201 -5.64 25.66 11.07
CA ALA J 201 -5.92 24.71 12.14
C ALA J 201 -5.04 24.98 13.35
N GLY J 202 -3.76 25.26 13.12
CA GLY J 202 -2.87 25.57 14.23
C GLY J 202 -3.26 26.83 14.97
N ILE J 203 -3.60 27.89 14.24
CA ILE J 203 -3.96 29.15 14.88
C ILE J 203 -5.25 29.01 15.67
N LEU J 204 -6.28 28.42 15.06
CA LEU J 204 -7.55 28.28 15.74
C LEU J 204 -7.47 27.29 16.90
N GLY J 205 -6.68 26.23 16.76
CA GLY J 205 -6.49 25.32 17.86
C GLY J 205 -5.66 25.92 18.97
N ALA J 206 -4.75 26.83 18.65
CA ALA J 206 -4.01 27.54 19.69
C ALA J 206 -4.91 28.50 20.45
N ALA J 207 -5.79 29.20 19.74
CA ALA J 207 -6.78 30.02 20.43
C ALA J 207 -7.71 29.17 21.28
N LEU J 208 -8.13 28.02 20.75
CA LEU J 208 -8.95 27.09 21.51
C LEU J 208 -8.24 26.62 22.77
N LEU J 209 -6.97 26.25 22.64
CA LEU J 209 -6.20 25.79 23.79
C LEU J 209 -6.02 26.90 24.82
N CYS J 210 -5.73 28.12 24.36
CA CYS J 210 -5.58 29.23 25.29
C CYS J 210 -6.85 29.47 26.07
N ALA J 211 -7.99 29.57 25.36
CA ALA J 211 -9.25 29.81 26.03
C ALA J 211 -9.63 28.67 26.97
N ILE J 212 -9.48 27.43 26.51
CA ILE J 212 -9.91 26.29 27.31
C ILE J 212 -9.00 26.08 28.52
N HIS J 213 -7.69 26.31 28.38
CA HIS J 213 -6.79 26.20 29.52
C HIS J 213 -7.03 27.31 30.53
N GLY J 214 -7.24 28.54 30.06
CA GLY J 214 -7.58 29.61 30.98
C GLY J 214 -8.86 29.34 31.74
N ALA J 215 -9.90 28.90 31.03
CA ALA J 215 -11.17 28.61 31.69
C ALA J 215 -11.05 27.45 32.66
N THR J 216 -10.32 26.39 32.27
CA THR J 216 -10.19 25.22 33.12
C THR J 216 -9.41 25.54 34.38
N VAL J 217 -8.34 26.32 34.26
CA VAL J 217 -7.58 26.68 35.45
C VAL J 217 -8.39 27.62 36.34
N GLN J 218 -9.06 28.61 35.75
CA GLN J 218 -9.83 29.54 36.55
C GLN J 218 -11.06 28.88 37.18
N ASN J 219 -11.49 27.73 36.67
CA ASN J 219 -12.68 27.07 37.17
C ASN J 219 -12.39 25.79 37.96
N THR J 220 -11.12 25.47 38.18
CA THR J 220 -10.75 24.32 39.00
C THR J 220 -9.76 24.72 40.08
N ILE J 221 -9.75 25.99 40.45
CA ILE J 221 -8.85 26.45 41.50
C ILE J 221 -9.28 25.88 42.85
N PHE J 222 -8.32 25.81 43.77
CA PHE J 222 -8.61 25.44 45.14
C PHE J 222 -9.03 26.67 45.93
N GLU J 223 -9.89 26.44 46.93
CA GLU J 223 -10.37 27.52 47.79
C GLU J 223 -9.26 27.85 48.79
N ASP J 224 -8.37 28.74 48.39
CA ASP J 224 -7.23 29.13 49.20
C ASP J 224 -7.45 30.44 49.94
N GLY J 225 -8.66 30.97 49.93
CA GLY J 225 -8.95 32.20 50.64
C GLY J 225 -10.43 32.32 50.92
N ASP J 226 -10.76 33.23 51.84
CA ASP J 226 -12.14 33.47 52.19
C ASP J 226 -12.81 34.53 51.31
N ALA J 227 -12.03 35.30 50.55
CA ALA J 227 -12.60 36.33 49.69
C ALA J 227 -13.27 35.70 48.48
N ALA J 228 -14.37 36.32 48.05
CA ALA J 228 -15.09 35.83 46.87
C ALA J 228 -14.27 36.02 45.61
N ASN J 229 -13.55 37.13 45.49
CA ASN J 229 -12.60 37.30 44.39
C ASN J 229 -11.33 36.55 44.75
N THR J 230 -10.96 35.58 43.91
CA THR J 230 -9.97 34.57 44.25
C THR J 230 -8.58 34.89 43.71
N PHE J 231 -8.36 36.07 43.16
CA PHE J 231 -7.06 36.38 42.60
C PHE J 231 -6.01 36.58 43.68
N ARG J 232 -6.38 37.12 44.83
CA ARG J 232 -5.41 37.37 45.90
C ARG J 232 -5.03 36.11 46.65
N ALA J 233 -5.70 34.99 46.40
CA ALA J 233 -5.39 33.74 47.10
C ALA J 233 -4.32 32.94 46.36
N PHE J 234 -3.20 33.60 46.05
CA PHE J 234 -2.09 32.94 45.37
C PHE J 234 -0.82 33.71 45.66
N THR J 235 0.24 32.96 45.97
CA THR J 235 1.57 33.53 46.09
C THR J 235 2.51 32.83 45.12
N PRO J 236 3.36 33.59 44.40
CA PRO J 236 4.25 32.95 43.42
C PRO J 236 5.22 31.96 44.02
N THR J 237 5.57 32.09 45.30
CA THR J 237 6.57 31.24 45.92
C THR J 237 5.98 30.02 46.61
N GLN J 238 4.67 29.79 46.49
CA GLN J 238 4.05 28.63 47.13
C GLN J 238 4.47 27.35 46.42
N ALA J 239 4.46 26.25 47.16
CA ALA J 239 4.89 24.96 46.63
C ALA J 239 3.76 24.15 46.02
N GLU J 240 2.54 24.31 46.53
CA GLU J 240 1.43 23.50 46.06
C GLU J 240 0.82 24.09 44.79
N GLU J 241 0.12 23.25 44.04
CA GLU J 241 -0.59 23.69 42.86
C GLU J 241 -1.80 24.53 43.26
N THR J 242 -2.11 25.52 42.42
CA THR J 242 -3.22 26.42 42.71
C THR J 242 -4.55 25.94 42.15
N TYR J 243 -4.56 24.89 41.34
CA TYR J 243 -5.79 24.36 40.78
C TYR J 243 -5.71 22.84 40.74
N SER J 244 -6.89 22.21 40.70
CA SER J 244 -7.00 20.76 40.78
C SER J 244 -6.86 20.16 39.39
N MET J 245 -5.78 19.42 39.16
CA MET J 245 -5.63 18.70 37.90
C MET J 245 -6.53 17.48 37.85
N VAL J 246 -6.78 16.84 38.99
CA VAL J 246 -7.64 15.67 39.00
C VAL J 246 -9.08 16.03 38.64
N THR J 247 -9.59 17.12 39.22
CA THR J 247 -10.96 17.53 38.92
C THR J 247 -11.09 17.97 37.47
N ALA J 248 -10.11 18.69 36.96
CA ALA J 248 -10.14 19.11 35.56
C ALA J 248 -10.08 17.90 34.63
N ASN J 249 -9.23 16.94 34.94
CA ASN J 249 -9.13 15.74 34.12
C ASN J 249 -10.44 14.96 34.14
N ARG J 250 -11.07 14.84 35.31
CA ARG J 250 -12.38 14.18 35.37
C ARG J 250 -13.41 14.91 34.55
N PHE J 251 -13.45 16.24 34.68
CA PHE J 251 -14.44 17.04 33.96
C PHE J 251 -14.30 16.86 32.46
N TRP J 252 -13.08 16.96 31.94
CA TRP J 252 -12.91 16.83 30.51
C TRP J 252 -12.92 15.39 30.02
N SER J 253 -12.72 14.42 30.92
CA SER J 253 -12.84 13.03 30.52
C SER J 253 -14.31 12.65 30.35
N GLN J 254 -15.18 13.17 31.21
CA GLN J 254 -16.59 12.84 31.12
C GLN J 254 -17.40 13.86 30.33
N ILE J 255 -16.78 14.96 29.90
CA ILE J 255 -17.45 15.90 29.00
C ILE J 255 -17.03 15.66 27.56
N PHE J 256 -15.73 15.60 27.31
CA PHE J 256 -15.20 15.51 25.96
C PHE J 256 -14.78 14.10 25.57
N GLY J 257 -14.50 13.23 26.54
CA GLY J 257 -14.08 11.88 26.25
C GLY J 257 -12.62 11.66 26.54
N VAL J 258 -11.80 12.65 26.22
CA VAL J 258 -10.37 12.62 26.50
C VAL J 258 -10.02 13.89 27.26
N ALA J 259 -8.93 13.81 28.02
CA ALA J 259 -8.49 14.94 28.83
C ALA J 259 -6.99 14.83 29.06
N PHE J 260 -6.36 15.97 29.32
CA PHE J 260 -4.98 15.95 29.76
C PHE J 260 -4.87 15.39 31.16
N SER J 261 -3.87 14.56 31.38
CA SER J 261 -3.49 14.16 32.73
C SER J 261 -2.09 14.61 33.10
N ASN J 262 -1.27 15.00 32.14
CA ASN J 262 0.08 15.48 32.37
C ASN J 262 0.11 16.97 32.11
N LYS J 263 0.50 17.75 33.13
CA LYS J 263 0.57 19.20 32.98
C LYS J 263 1.67 19.59 32.00
N ARG J 264 2.81 18.91 32.07
CA ARG J 264 3.93 19.23 31.18
C ARG J 264 3.58 18.96 29.73
N TRP J 265 2.92 17.83 29.45
CA TRP J 265 2.48 17.56 28.09
C TRP J 265 1.43 18.55 27.64
N LEU J 266 0.55 18.98 28.55
CA LEU J 266 -0.43 20.01 28.21
C LEU J 266 0.25 21.28 27.75
N HIS J 267 1.26 21.73 28.49
CA HIS J 267 1.90 22.99 28.13
C HIS J 267 2.80 22.84 26.91
N PHE J 268 3.41 21.68 26.70
CA PHE J 268 4.13 21.51 25.45
C PHE J 268 3.18 21.45 24.27
N PHE J 269 1.97 20.92 24.44
CA PHE J 269 1.00 20.95 23.35
C PHE J 269 0.58 22.38 23.05
N MET J 270 0.36 23.18 24.09
CA MET J 270 0.07 24.60 23.88
C MET J 270 1.22 25.30 23.18
N LEU J 271 2.46 24.89 23.45
CA LEU J 271 3.61 25.42 22.72
C LEU J 271 3.63 24.95 21.27
N PHE J 272 3.25 23.69 21.04
CA PHE J 272 3.49 23.04 19.76
C PHE J 272 2.45 23.42 18.71
N VAL J 273 1.18 23.52 19.10
CA VAL J 273 0.13 23.72 18.09
C VAL J 273 0.33 24.99 17.28
N PRO J 274 0.47 26.18 17.88
CA PRO J 274 0.70 27.38 17.04
C PRO J 274 2.01 27.36 16.30
N LEU J 275 3.06 26.79 16.90
CA LEU J 275 4.34 26.72 16.21
C LEU J 275 4.24 25.85 14.96
N ALA J 276 3.60 24.69 15.06
CA ALA J 276 3.42 23.84 13.89
C ALA J 276 2.55 24.52 12.85
N GLY J 277 1.48 25.21 13.29
CA GLY J 277 0.64 25.92 12.34
C GLY J 277 1.42 26.97 11.57
N LEU J 278 2.22 27.77 12.27
CA LEU J 278 3.01 28.80 11.61
C LEU J 278 4.02 28.20 10.66
N TRP J 279 4.70 27.12 11.05
CA TRP J 279 5.71 26.54 10.18
C TRP J 279 5.09 25.92 8.92
N THR J 280 3.96 25.24 9.07
CA THR J 280 3.30 24.68 7.90
C THR J 280 2.78 25.77 6.97
N SER J 281 2.22 26.84 7.52
CA SER J 281 1.79 27.94 6.66
C SER J 281 2.98 28.61 5.99
N ALA J 282 4.13 28.66 6.66
CA ALA J 282 5.33 29.17 6.02
C ALA J 282 5.75 28.30 4.84
N ILE J 283 5.65 26.98 5.01
CA ILE J 283 5.90 26.08 3.89
C ILE J 283 4.95 26.38 2.74
N GLY J 284 3.68 26.64 3.05
CA GLY J 284 2.72 26.98 2.01
C GLY J 284 3.07 28.26 1.28
N ILE J 285 3.49 29.29 2.02
CA ILE J 285 3.85 30.56 1.38
C ILE J 285 5.12 30.40 0.55
N VAL J 286 6.07 29.61 1.03
CA VAL J 286 7.27 29.34 0.25
C VAL J 286 6.90 28.63 -1.06
N GLY J 287 5.93 27.72 -0.99
CA GLY J 287 5.41 27.12 -2.21
C GLY J 287 4.76 28.13 -3.14
N LEU J 288 4.00 29.07 -2.58
CA LEU J 288 3.40 30.12 -3.40
C LEU J 288 4.42 31.03 -4.04
N ALA J 289 5.61 31.18 -3.42
CA ALA J 289 6.61 32.10 -3.94
C ALA J 289 6.98 31.79 -5.38
N LEU J 290 6.90 30.52 -5.79
CA LEU J 290 7.25 30.10 -7.13
C LEU J 290 6.02 29.75 -7.97
N ASN J 291 4.84 30.17 -7.54
CA ASN J 291 3.58 29.84 -8.22
C ASN J 291 3.33 28.35 -8.27
N LEU J 292 3.98 27.59 -7.39
CA LEU J 292 3.67 26.17 -7.20
C LEU J 292 2.53 26.10 -6.20
N ARG J 293 1.31 26.02 -6.70
CA ARG J 293 0.12 26.27 -5.90
C ARG J 293 -0.84 25.10 -5.95
N ALA J 294 -1.70 25.04 -4.93
CA ALA J 294 -2.87 24.19 -4.96
C ALA J 294 -4.07 25.00 -5.48
N TYR J 295 -3.91 25.52 -6.69
CA TYR J 295 -4.92 26.41 -7.25
C TYR J 295 -6.15 25.64 -7.70
N ASP J 296 -5.96 24.49 -8.32
CA ASP J 296 -7.07 23.79 -8.96
C ASP J 296 -7.00 22.30 -8.68
N PHE J 297 -8.17 21.66 -8.73
CA PHE J 297 -8.28 20.22 -8.84
C PHE J 297 -8.57 19.89 -10.30
N VAL J 298 -7.69 19.08 -10.91
CA VAL J 298 -7.75 18.90 -12.36
C VAL J 298 -9.01 18.15 -12.76
N SER J 299 -9.40 17.12 -12.01
CA SER J 299 -10.58 16.35 -12.37
C SER J 299 -11.85 17.18 -12.27
N GLN J 300 -11.94 18.05 -11.27
CA GLN J 300 -13.11 18.93 -11.16
C GLN J 300 -13.20 19.87 -12.36
N GLU J 301 -12.07 20.42 -12.79
CA GLU J 301 -12.09 21.30 -13.96
C GLU J 301 -12.44 20.53 -15.22
N LEU J 302 -11.93 19.30 -15.37
CA LEU J 302 -12.30 18.50 -16.52
C LEU J 302 -13.79 18.19 -16.53
N ARG J 303 -14.35 17.84 -15.38
CA ARG J 303 -15.77 17.53 -15.31
C ARG J 303 -16.63 18.77 -15.54
N ALA J 304 -16.16 19.95 -15.11
CA ALA J 304 -16.89 21.17 -15.36
C ALA J 304 -16.81 21.59 -16.82
N ALA J 305 -15.71 21.28 -17.49
CA ALA J 305 -15.59 21.59 -18.91
C ALA J 305 -16.42 20.63 -19.75
N GLU J 306 -16.43 19.35 -19.39
CA GLU J 306 -17.24 18.38 -20.14
C GLU J 306 -18.73 18.52 -19.85
N ASP J 307 -19.09 18.93 -18.64
CA ASP J 307 -20.50 19.05 -18.24
C ASP J 307 -20.79 20.47 -17.79
N PRO J 308 -21.47 21.29 -18.60
CA PRO J 308 -21.79 22.66 -18.16
C PRO J 308 -22.72 22.72 -16.97
N GLU J 309 -23.49 21.67 -16.69
CA GLU J 309 -24.38 21.66 -15.54
C GLU J 309 -23.67 21.27 -14.24
N PHE J 310 -22.44 20.78 -14.32
CA PHE J 310 -21.71 20.38 -13.12
C PHE J 310 -21.11 21.61 -12.46
N GLU J 311 -21.43 21.80 -11.18
CA GLU J 311 -20.96 22.96 -10.45
C GLU J 311 -20.81 22.61 -8.98
N THR J 312 -19.67 22.98 -8.41
CA THR J 312 -19.40 22.85 -6.99
C THR J 312 -19.04 24.22 -6.43
N PHE J 313 -18.90 24.30 -5.11
CA PHE J 313 -18.42 25.55 -4.52
C PHE J 313 -16.99 25.86 -4.91
N TYR J 314 -16.20 24.84 -5.23
CA TYR J 314 -14.83 25.06 -5.69
C TYR J 314 -14.80 25.80 -7.02
N THR J 315 -15.69 25.44 -7.95
CA THR J 315 -15.76 26.15 -9.22
C THR J 315 -16.19 27.61 -9.02
N LYS J 316 -17.13 27.84 -8.09
CA LYS J 316 -17.52 29.21 -7.77
C LYS J 316 -16.34 29.99 -7.19
N ASN J 317 -15.52 29.33 -6.38
CA ASN J 317 -14.31 29.97 -5.86
C ASN J 317 -13.35 30.31 -6.98
N ILE J 318 -13.22 29.42 -7.97
CA ILE J 318 -12.35 29.71 -9.11
C ILE J 318 -12.86 30.93 -9.87
N LEU J 319 -14.16 31.02 -10.07
CA LEU J 319 -14.74 32.18 -10.74
C LEU J 319 -14.51 33.46 -9.93
N LEU J 320 -14.66 33.38 -8.61
CA LEU J 320 -14.38 34.54 -7.77
C LEU J 320 -12.92 34.95 -7.84
N ASN J 321 -12.00 33.99 -7.92
CA ASN J 321 -10.60 34.32 -8.09
C ASN J 321 -10.34 35.02 -9.42
N GLU J 322 -11.00 34.55 -10.49
CA GLU J 322 -10.89 35.23 -11.77
C GLU J 322 -11.39 36.66 -11.67
N GLY J 323 -12.51 36.85 -10.97
CA GLY J 323 -13.02 38.20 -10.77
C GLY J 323 -12.04 39.09 -10.02
N ILE J 324 -11.46 38.56 -8.94
CA ILE J 324 -10.47 39.31 -8.18
C ILE J 324 -9.32 39.74 -9.09
N ARG J 325 -8.75 38.78 -9.82
CA ARG J 325 -7.60 39.08 -10.66
C ARG J 325 -7.94 40.14 -11.70
N SER J 326 -9.03 39.93 -12.44
CA SER J 326 -9.33 40.80 -13.56
C SER J 326 -9.77 42.19 -13.13
N TRP J 327 -10.52 42.30 -12.04
CA TRP J 327 -10.96 43.62 -11.58
C TRP J 327 -9.94 44.29 -10.67
N MET J 328 -8.87 43.59 -10.30
CA MET J 328 -7.87 44.14 -9.41
C MET J 328 -6.56 44.49 -10.10
N ALA J 329 -6.21 43.82 -11.20
CA ALA J 329 -4.89 43.97 -11.79
C ALA J 329 -4.66 45.35 -12.40
N ALA J 330 -5.70 46.02 -12.87
CA ALA J 330 -5.50 47.29 -13.56
C ALA J 330 -4.95 48.36 -12.63
N GLN J 331 -5.52 48.47 -11.43
CA GLN J 331 -5.07 49.48 -10.47
C GLN J 331 -4.10 48.92 -9.44
N ASP J 332 -4.05 47.60 -9.27
CA ASP J 332 -3.15 46.99 -8.29
C ASP J 332 -1.74 46.84 -8.82
N GLN J 333 -1.58 46.70 -10.14
CA GLN J 333 -0.28 46.61 -10.79
C GLN J 333 -0.24 47.69 -11.87
N PRO J 334 -0.06 48.95 -11.48
CA PRO J 334 -0.11 50.03 -12.47
C PRO J 334 1.08 50.06 -13.41
N HIS J 335 2.19 49.41 -13.06
CA HIS J 335 3.35 49.39 -13.94
C HIS J 335 3.11 48.57 -15.20
N GLU J 336 2.20 47.59 -15.15
CA GLU J 336 1.90 46.77 -16.31
C GLU J 336 1.04 47.48 -17.34
N ASN J 337 0.39 48.58 -16.94
CA ASN J 337 -0.53 49.31 -17.83
C ASN J 337 -1.60 48.39 -18.38
N PHE J 338 -2.29 47.70 -17.48
CA PHE J 338 -3.37 46.81 -17.87
C PHE J 338 -4.59 47.64 -18.25
N ILE J 339 -5.00 47.55 -19.50
CA ILE J 339 -6.22 48.19 -19.98
C ILE J 339 -7.19 47.08 -20.33
N PHE J 340 -8.12 46.79 -19.42
CA PHE J 340 -9.13 45.76 -19.65
C PHE J 340 -10.44 46.41 -20.04
N PRO J 341 -10.95 46.18 -21.25
CA PRO J 341 -12.26 46.72 -21.62
C PRO J 341 -13.36 46.08 -20.79
N GLU J 342 -14.53 46.71 -20.84
CA GLU J 342 -15.66 46.23 -20.04
C GLU J 342 -16.18 44.87 -20.50
N GLU J 343 -15.88 44.47 -21.74
CA GLU J 343 -16.37 43.20 -22.25
C GLU J 343 -15.50 42.01 -21.87
N VAL J 344 -14.21 42.23 -21.59
CA VAL J 344 -13.35 41.14 -21.15
C VAL J 344 -13.41 40.93 -19.65
N LEU J 345 -13.97 41.87 -18.91
CA LEU J 345 -14.08 41.72 -17.46
C LEU J 345 -15.14 40.69 -17.13
N PRO J 346 -14.82 39.68 -16.32
CA PRO J 346 -15.82 38.68 -15.96
C PRO J 346 -16.91 39.28 -15.09
N ARG J 347 -18.16 39.00 -15.46
CA ARG J 347 -19.33 39.42 -14.70
C ARG J 347 -20.27 38.24 -14.56
N GLY J 348 -20.96 38.17 -13.42
CA GLY J 348 -21.92 37.11 -13.22
C GLY J 348 -23.09 37.19 -14.18
N ASN J 349 -23.56 38.40 -14.47
CA ASN J 349 -24.63 38.60 -15.44
C ASN J 349 -24.15 38.44 -16.88
N ALA J 350 -22.84 38.44 -17.11
CA ALA J 350 -22.32 38.33 -18.47
C ALA J 350 -22.48 36.93 -19.05
N LEU J 351 -22.75 35.93 -18.21
CA LEU J 351 -22.92 34.56 -18.70
C LEU J 351 -23.91 33.78 -17.85
N GLY K 7 21.19 51.91 42.29
CA GLY K 7 20.38 51.12 41.38
C GLY K 7 19.53 51.95 40.45
N GLU K 8 18.24 51.62 40.37
CA GLU K 8 17.32 52.34 39.51
C GLU K 8 16.92 53.67 40.14
N ARG K 9 16.29 54.52 39.33
CA ARG K 9 15.79 55.80 39.80
C ARG K 9 14.29 55.70 39.99
N PRO K 10 13.76 55.88 41.20
CA PRO K 10 12.33 55.71 41.43
C PRO K 10 11.52 56.80 40.75
N PHE K 11 10.22 56.53 40.61
CA PHE K 11 9.33 57.45 39.91
C PHE K 11 9.09 58.73 40.70
N SER K 12 9.02 58.63 42.04
CA SER K 12 8.79 59.82 42.85
C SER K 12 9.95 60.81 42.73
N ASP K 13 11.19 60.30 42.75
CA ASP K 13 12.34 61.18 42.55
C ASP K 13 12.33 61.80 41.16
N ILE K 14 11.80 61.09 40.17
CA ILE K 14 11.71 61.65 38.82
C ILE K 14 10.69 62.78 38.77
N ILE K 15 9.49 62.55 39.33
CA ILE K 15 8.40 63.52 39.18
C ILE K 15 8.46 64.65 40.18
N THR K 16 9.26 64.54 41.23
CA THR K 16 9.41 65.62 42.20
C THR K 16 10.65 66.47 41.94
N SER K 17 11.39 66.22 40.87
CA SER K 17 12.58 66.98 40.57
C SER K 17 12.21 68.30 39.90
N ILE K 18 12.77 69.39 40.40
CA ILE K 18 12.43 70.72 39.88
C ILE K 18 13.01 70.92 38.49
N ARG K 19 14.24 70.47 38.26
CA ARG K 19 14.86 70.59 36.94
C ARG K 19 14.08 69.79 35.90
N TYR K 20 13.60 68.61 36.30
CA TYR K 20 12.86 67.72 35.39
C TYR K 20 11.66 68.41 34.78
N TRP K 21 11.05 69.37 35.48
CA TRP K 21 9.88 70.04 34.94
C TRP K 21 10.23 71.26 34.12
N ILE K 22 11.19 72.07 34.56
CA ILE K 22 11.51 73.30 33.83
C ILE K 22 12.16 72.98 32.49
N ILE K 23 13.11 72.03 32.45
CA ILE K 23 13.73 71.72 31.17
C ILE K 23 12.72 71.09 30.20
N HIS K 24 11.80 70.29 30.70
CA HIS K 24 10.75 69.76 29.83
C HIS K 24 9.84 70.88 29.33
N SER K 25 9.46 71.81 30.19
CA SER K 25 8.60 72.91 29.78
C SER K 25 9.28 73.82 28.77
N ILE K 26 10.61 73.88 28.76
CA ILE K 26 11.31 74.69 27.77
C ILE K 26 11.73 73.91 26.53
N THR K 27 11.70 72.58 26.57
CA THR K 27 12.13 71.78 25.43
C THR K 27 10.99 71.13 24.65
N ILE K 28 10.02 70.52 25.32
CA ILE K 28 9.04 69.67 24.63
C ILE K 28 8.07 70.49 23.78
N PRO K 29 7.49 71.59 24.26
CA PRO K 29 6.70 72.44 23.36
C PRO K 29 7.51 72.94 22.18
N ALA K 30 8.82 73.13 22.34
CA ALA K 30 9.65 73.48 21.20
C ALA K 30 9.65 72.37 20.15
N LEU K 31 9.72 71.11 20.60
CA LEU K 31 9.64 70.00 19.65
C LEU K 31 8.27 69.92 18.99
N TYR K 32 7.21 70.16 19.77
CA TYR K 32 5.87 70.14 19.21
C TYR K 32 5.70 71.20 18.13
N VAL K 33 6.13 72.43 18.41
CA VAL K 33 6.05 73.49 17.42
C VAL K 33 6.98 73.20 16.26
N ALA K 34 8.12 72.54 16.51
CA ALA K 34 9.03 72.18 15.43
C ALA K 34 8.37 71.22 14.46
N GLY K 35 7.65 70.21 14.97
CA GLY K 35 6.90 69.33 14.09
C GLY K 35 5.78 70.06 13.37
N TRP K 36 5.07 70.93 14.09
CA TRP K 36 3.98 71.69 13.48
C TRP K 36 4.48 72.53 12.31
N LEU K 37 5.64 73.18 12.48
CA LEU K 37 6.23 73.98 11.42
C LEU K 37 6.92 73.13 10.36
N PHE K 38 7.36 71.93 10.71
CA PHE K 38 7.88 71.00 9.71
C PHE K 38 6.79 70.57 8.75
N VAL K 39 5.56 70.46 9.24
CA VAL K 39 4.44 70.15 8.34
C VAL K 39 3.94 71.42 7.65
N SER K 40 3.67 72.47 8.42
CA SER K 40 2.92 73.61 7.92
C SER K 40 3.70 74.48 6.95
N THR K 41 5.03 74.46 7.01
CA THR K 41 5.84 75.25 6.08
C THR K 41 6.11 74.51 4.78
N GLY K 42 5.59 73.31 4.61
CA GLY K 42 5.83 72.54 3.41
C GLY K 42 7.18 71.86 3.37
N LEU K 43 7.88 71.78 4.49
CA LEU K 43 9.21 71.17 4.51
C LEU K 43 9.12 69.66 4.39
N ALA K 44 8.07 69.04 4.93
CA ALA K 44 7.93 67.60 4.85
C ALA K 44 7.76 67.13 3.42
N TYR K 45 6.97 67.85 2.62
CA TYR K 45 6.78 67.48 1.23
C TYR K 45 8.09 67.50 0.47
N ASP K 46 8.91 68.53 0.71
CA ASP K 46 10.17 68.65 0.01
C ASP K 46 11.20 67.64 0.49
N ILE K 47 11.21 67.33 1.79
CA ILE K 47 12.18 66.37 2.31
C ILE K 47 11.86 64.96 1.84
N PHE K 48 10.61 64.54 1.99
CA PHE K 48 10.24 63.15 1.72
C PHE K 48 9.70 62.94 0.31
N GLY K 49 9.60 63.98 -0.50
CA GLY K 49 9.10 63.82 -1.85
C GLY K 49 7.61 63.57 -1.95
N THR K 50 6.86 63.78 -0.87
CA THR K 50 5.43 63.59 -0.91
C THR K 50 4.79 64.72 -1.72
N PRO K 51 3.92 64.40 -2.68
CA PRO K 51 3.31 65.46 -3.49
C PRO K 51 2.37 66.35 -2.67
N ARG K 52 2.33 67.61 -3.05
CA ARG K 52 1.29 68.50 -2.55
C ARG K 52 -0.05 68.13 -3.18
N PRO K 53 -1.15 68.55 -2.58
CA PRO K 53 -2.47 68.26 -3.19
C PRO K 53 -2.62 68.80 -4.60
N ASN K 54 -1.83 69.80 -4.98
CA ASN K 54 -1.85 70.32 -6.34
C ASN K 54 -0.72 69.76 -7.20
N GLU K 55 -0.06 68.70 -6.75
CA GLU K 55 1.12 68.17 -7.44
C GLU K 55 1.01 66.69 -7.79
N TYR K 56 -0.16 66.07 -7.61
CA TYR K 56 -0.31 64.68 -8.03
C TYR K 56 -0.24 64.55 -9.54
N PHE K 57 -0.91 65.44 -10.26
CA PHE K 57 -0.91 65.45 -11.71
C PHE K 57 -0.42 66.80 -12.21
N THR K 58 0.33 66.79 -13.31
CA THR K 58 0.78 68.00 -13.96
C THR K 58 -0.07 68.24 -15.20
N GLN K 59 0.28 69.29 -15.96
CA GLN K 59 -0.47 69.57 -17.18
C GLN K 59 -0.16 68.55 -18.27
N ASP K 60 1.11 68.15 -18.39
CA ASP K 60 1.48 67.18 -19.42
C ASP K 60 1.23 65.74 -18.97
N ARG K 61 1.36 65.45 -17.69
CA ARG K 61 1.16 64.11 -17.16
C ARG K 61 -0.17 64.07 -16.41
N GLN K 62 -1.16 63.41 -17.00
CA GLN K 62 -2.46 63.20 -16.36
C GLN K 62 -2.65 61.77 -15.90
N GLN K 63 -1.58 60.98 -15.86
CA GLN K 63 -1.64 59.57 -15.48
C GLN K 63 -0.77 59.35 -14.25
N VAL K 64 -0.69 58.08 -13.83
CA VAL K 64 0.11 57.68 -12.68
C VAL K 64 1.58 57.70 -13.07
N PRO K 65 2.43 58.41 -12.34
CA PRO K 65 3.87 58.51 -12.67
C PRO K 65 4.66 57.28 -12.26
N LEU K 66 4.59 56.24 -13.09
CA LEU K 66 5.29 55.00 -12.79
C LEU K 66 6.75 55.09 -13.18
N VAL K 67 7.61 54.55 -12.33
CA VAL K 67 9.04 54.44 -12.62
C VAL K 67 9.28 53.10 -13.29
N ASN K 68 9.84 53.11 -14.50
CA ASN K 68 9.92 51.92 -15.32
C ASN K 68 11.34 51.41 -15.54
N ASP K 69 12.34 52.09 -14.98
CA ASP K 69 13.73 51.61 -15.08
C ASP K 69 14.38 51.68 -13.72
N ARG K 70 15.27 50.72 -13.45
CA ARG K 70 15.85 50.60 -12.13
C ARG K 70 17.01 51.57 -11.92
N PHE K 71 17.98 51.57 -12.81
CA PHE K 71 19.21 52.31 -12.60
C PHE K 71 19.14 53.76 -13.07
N SER K 72 18.06 54.16 -13.73
CA SER K 72 17.82 55.56 -14.07
C SER K 72 16.62 56.10 -13.32
N ALA K 73 16.35 55.56 -12.13
CA ALA K 73 15.19 55.99 -11.36
C ALA K 73 15.32 57.42 -10.88
N LYS K 74 16.53 57.83 -10.48
CA LYS K 74 16.72 59.20 -10.01
C LYS K 74 16.43 60.21 -11.13
N GLN K 75 16.92 59.95 -12.33
CA GLN K 75 16.67 60.85 -13.45
C GLN K 75 15.20 60.86 -13.83
N GLU K 76 14.55 59.70 -13.82
CA GLU K 76 13.13 59.66 -14.15
C GLU K 76 12.29 60.40 -13.11
N LEU K 77 12.64 60.26 -11.83
CA LEU K 77 11.93 61.01 -10.80
C LEU K 77 12.17 62.51 -10.92
N GLU K 78 13.39 62.92 -11.29
CA GLU K 78 13.64 64.34 -11.50
C GLU K 78 12.88 64.86 -12.72
N ASP K 79 12.68 64.03 -13.74
CA ASP K 79 11.88 64.44 -14.88
C ASP K 79 10.40 64.53 -14.53
N LEU K 80 9.91 63.59 -13.72
CA LEU K 80 8.50 63.57 -13.36
C LEU K 80 8.13 64.65 -12.35
N THR K 81 9.05 65.00 -11.46
CA THR K 81 8.75 65.94 -10.38
C THR K 81 9.22 67.36 -10.69
N LYS K 82 9.72 67.62 -11.88
CA LYS K 82 10.10 68.99 -12.23
C LYS K 82 8.86 69.82 -12.53
N GLY K 83 9.00 71.13 -12.32
CA GLY K 83 7.91 72.04 -12.55
C GLY K 83 6.84 72.00 -11.48
N PHE L 13 20.90 60.00 32.26
CA PHE L 13 22.31 59.80 31.96
C PHE L 13 22.63 58.31 31.80
N THR L 14 21.68 57.48 32.21
CA THR L 14 21.86 56.03 32.14
C THR L 14 21.42 55.51 30.77
N PHE L 15 21.41 54.19 30.61
CA PHE L 15 20.91 53.61 29.37
C PHE L 15 19.40 53.71 29.27
N ARG L 16 18.70 53.67 30.40
CA ARG L 16 17.25 53.86 30.38
C ARG L 16 16.88 55.26 29.92
N TRP L 17 17.67 56.26 30.29
CA TRP L 17 17.45 57.62 29.82
C TRP L 17 17.53 57.70 28.30
N LEU L 18 18.58 57.08 27.73
CA LEU L 18 18.72 57.05 26.27
C LEU L 18 17.61 56.26 25.61
N ALA L 19 17.20 55.13 26.19
CA ALA L 19 16.13 54.33 25.62
C ALA L 19 14.81 55.07 25.63
N ILE L 20 14.55 55.88 26.67
CA ILE L 20 13.34 56.68 26.69
C ILE L 20 13.43 57.81 25.67
N HIS L 21 14.56 58.52 25.64
CA HIS L 21 14.67 59.67 24.75
C HIS L 21 14.73 59.28 23.28
N GLY L 22 15.10 58.04 22.97
CA GLY L 22 14.99 57.58 21.60
C GLY L 22 13.55 57.49 21.14
N LEU L 23 12.65 57.12 22.06
CA LEU L 23 11.24 56.94 21.76
C LEU L 23 10.38 58.11 22.23
N ALA L 24 11.00 59.24 22.58
CA ALA L 24 10.26 60.38 23.11
C ALA L 24 10.35 61.61 22.22
N VAL L 25 11.56 62.02 21.84
CA VAL L 25 11.75 63.21 21.02
C VAL L 25 11.06 63.05 19.67
N PRO L 26 11.34 61.98 18.89
CA PRO L 26 10.59 61.81 17.64
C PRO L 26 9.12 61.52 17.87
N THR L 27 8.74 60.97 19.02
CA THR L 27 7.32 60.78 19.30
C THR L 27 6.60 62.12 19.40
N VAL L 28 7.18 63.08 20.14
CA VAL L 28 6.58 64.40 20.25
C VAL L 28 6.63 65.11 18.90
N PHE L 29 7.73 64.96 18.17
CA PHE L 29 7.82 65.59 16.85
C PHE L 29 6.72 65.07 15.93
N PHE L 30 6.52 63.75 15.91
CA PHE L 30 5.48 63.16 15.06
C PHE L 30 4.09 63.52 15.53
N LEU L 31 3.86 63.58 16.84
CA LEU L 31 2.55 63.98 17.33
C LEU L 31 2.22 65.42 16.94
N GLY L 32 3.20 66.32 17.05
CA GLY L 32 3.00 67.67 16.56
C GLY L 32 2.77 67.72 15.07
N ALA L 33 3.51 66.92 14.30
CA ALA L 33 3.31 66.88 12.86
C ALA L 33 1.90 66.41 12.50
N ILE L 34 1.42 65.37 13.19
CA ILE L 34 0.09 64.84 12.89
C ILE L 34 -1.00 65.83 13.30
N THR L 35 -0.82 66.49 14.45
CA THR L 35 -1.78 67.50 14.85
C THR L 35 -1.79 68.66 13.86
N SER L 36 -0.64 69.00 13.30
CA SER L 36 -0.61 70.01 12.25
C SER L 36 -1.30 69.53 10.99
N MET L 37 -1.13 68.25 10.64
CA MET L 37 -1.75 67.68 9.45
C MET L 37 -3.26 67.58 9.60
N GLN L 38 -3.77 67.53 10.83
CA GLN L 38 -5.22 67.50 11.02
C GLN L 38 -5.91 68.75 10.51
N PHE L 39 -5.18 69.86 10.38
CA PHE L 39 -5.77 71.13 9.97
C PHE L 39 -5.45 71.50 8.52
N ILE L 40 -4.95 70.56 7.74
CA ILE L 40 -4.75 70.80 6.32
C ILE L 40 -6.08 70.70 5.60
N GLN L 41 -6.42 71.73 4.83
CA GLN L 41 -7.69 71.74 4.11
C GLN L 41 -7.64 70.77 2.94
N ARG L 42 -8.37 69.67 3.07
CA ARG L 42 -8.39 68.64 2.03
C ARG L 42 -9.30 69.05 0.88
N ALA M 2 38.24 -3.00 23.87
CA ALA M 2 38.55 -2.23 22.66
C ALA M 2 39.64 -2.91 21.86
N LEU M 3 39.29 -3.44 20.69
CA LEU M 3 40.25 -4.16 19.87
C LEU M 3 41.15 -3.19 19.12
N ARG M 4 42.39 -3.61 18.90
CA ARG M 4 43.41 -2.81 18.24
C ARG M 4 43.61 -3.33 16.83
N THR M 5 43.59 -2.42 15.86
CA THR M 5 43.78 -2.76 14.46
C THR M 5 44.96 -1.99 13.89
N ARG M 6 45.38 -2.37 12.67
CA ARG M 6 46.47 -1.66 12.01
C ARG M 6 46.05 -0.25 11.64
N LEU M 7 44.87 -0.09 11.04
CA LEU M 7 44.38 1.25 10.71
C LEU M 7 44.10 2.06 11.96
N GLY M 8 43.60 1.41 13.01
CA GLY M 8 43.38 2.12 14.26
C GLY M 8 44.66 2.64 14.86
N GLU M 9 45.71 1.82 14.86
CA GLU M 9 47.00 2.29 15.36
C GLU M 9 47.61 3.35 14.45
N LEU M 10 47.31 3.28 13.15
CA LEU M 10 47.80 4.30 12.23
C LEU M 10 47.13 5.65 12.50
N LEU M 11 45.83 5.66 12.76
CA LEU M 11 45.09 6.88 12.96
C LEU M 11 44.99 7.31 14.42
N ARG M 12 45.55 6.53 15.35
CA ARG M 12 45.45 6.87 16.76
C ARG M 12 45.99 8.25 17.11
N PRO M 13 47.17 8.69 16.66
CA PRO M 13 47.61 10.04 17.01
C PRO M 13 46.73 11.14 16.45
N LEU M 14 45.96 10.86 15.40
CA LEU M 14 45.05 11.87 14.85
C LEU M 14 43.82 12.06 15.71
N ASN M 15 43.50 11.12 16.59
CA ASN M 15 42.44 11.27 17.59
C ASN M 15 43.05 10.90 18.93
N SER M 16 43.78 11.85 19.52
CA SER M 16 44.43 11.61 20.80
C SER M 16 44.47 12.83 21.71
N GLU M 17 43.87 13.94 21.32
CA GLU M 17 44.00 15.20 22.06
C GLU M 17 42.62 15.79 22.34
N TYR M 18 41.71 14.95 22.84
CA TYR M 18 40.39 15.43 23.20
C TYR M 18 40.48 16.33 24.43
N GLY M 19 39.90 17.52 24.33
CA GLY M 19 39.90 18.46 25.43
C GLY M 19 41.13 19.34 25.54
N LYS M 20 42.12 19.16 24.67
CA LYS M 20 43.33 19.96 24.71
C LYS M 20 43.04 21.34 24.13
N VAL M 21 43.26 22.38 24.93
CA VAL M 21 42.88 23.74 24.56
C VAL M 21 44.09 24.65 24.67
N ALA M 22 44.02 25.75 23.93
CA ALA M 22 44.97 26.83 24.11
C ALA M 22 44.50 27.75 25.23
N PRO M 23 45.36 28.06 26.20
CA PRO M 23 44.92 28.90 27.31
C PRO M 23 44.60 30.32 26.86
N GLY M 24 43.65 30.93 27.55
CA GLY M 24 43.30 32.31 27.27
C GLY M 24 42.45 32.45 26.01
N TRP M 25 42.63 33.57 25.33
CA TRP M 25 41.85 33.86 24.13
C TRP M 25 42.46 33.27 22.85
N GLY M 26 43.71 32.84 22.90
CA GLY M 26 44.31 32.13 21.78
C GLY M 26 44.37 32.93 20.48
N THR M 27 43.73 32.39 19.44
CA THR M 27 43.74 33.00 18.12
C THR M 27 42.41 33.67 17.78
N THR M 28 41.62 34.02 18.79
CA THR M 28 40.32 34.65 18.54
C THR M 28 40.42 35.97 17.78
N PRO M 29 41.35 36.90 18.08
CA PRO M 29 41.36 38.15 17.32
C PRO M 29 41.62 37.97 15.82
N ILE M 30 42.57 37.11 15.46
CA ILE M 30 42.82 36.89 14.04
C ILE M 30 41.67 36.12 13.42
N MET M 31 41.01 35.26 14.19
CA MET M 31 39.80 34.60 13.70
C MET M 31 38.71 35.62 13.38
N GLY M 32 38.54 36.61 14.26
CA GLY M 32 37.57 37.66 14.00
C GLY M 32 37.95 38.51 12.80
N PHE M 33 39.24 38.75 12.60
CA PHE M 33 39.68 39.48 11.41
C PHE M 33 39.35 38.71 10.14
N VAL M 34 39.60 37.40 10.15
CA VAL M 34 39.26 36.58 8.98
C VAL M 34 37.76 36.53 8.77
N MET M 35 36.98 36.45 9.86
CA MET M 35 35.52 36.49 9.73
C MET M 35 35.04 37.81 9.16
N LEU M 36 35.68 38.92 9.57
CA LEU M 36 35.34 40.22 9.01
C LEU M 36 35.63 40.27 7.52
N LEU M 37 36.78 39.74 7.11
CA LEU M 37 37.10 39.69 5.68
C LEU M 37 36.09 38.84 4.93
N PHE M 38 35.68 37.71 5.50
CA PHE M 38 34.69 36.86 4.86
C PHE M 38 33.34 37.55 4.76
N PHE M 39 32.96 38.30 5.80
CA PHE M 39 31.73 39.07 5.76
C PHE M 39 31.77 40.12 4.66
N LEU M 40 32.90 40.82 4.52
CA LEU M 40 33.03 41.80 3.45
C LEU M 40 32.97 41.13 2.08
N PHE M 41 33.61 39.98 1.93
CA PHE M 41 33.58 39.27 0.65
C PHE M 41 32.17 38.81 0.29
N LEU M 42 31.44 38.26 1.26
CA LEU M 42 30.07 37.86 1.02
C LEU M 42 29.20 39.06 0.69
N LEU M 43 29.41 40.19 1.36
CA LEU M 43 28.66 41.40 1.05
C LEU M 43 28.95 41.86 -0.38
N ILE M 44 30.21 41.80 -0.79
CA ILE M 44 30.58 42.23 -2.13
C ILE M 44 29.90 41.35 -3.18
N ILE M 45 30.00 40.03 -3.03
CA ILE M 45 29.39 39.16 -4.04
C ILE M 45 27.87 39.22 -3.99
N LEU M 46 27.27 39.42 -2.81
CA LEU M 46 25.83 39.58 -2.73
C LEU M 46 25.37 40.83 -3.46
N GLN M 47 26.06 41.95 -3.25
CA GLN M 47 25.68 43.18 -3.93
C GLN M 47 26.00 43.14 -5.42
N ILE M 48 26.98 42.33 -5.83
CA ILE M 48 27.20 42.11 -7.26
C ILE M 48 26.04 41.32 -7.86
N TYR M 49 25.66 40.24 -7.21
CA TYR M 49 24.53 39.44 -7.68
C TYR M 49 23.21 40.18 -7.57
N ASN M 50 23.10 41.15 -6.65
CA ASN M 50 21.92 41.96 -6.50
C ASN M 50 21.91 43.16 -7.44
N SER M 51 23.01 43.40 -8.15
CA SER M 51 23.18 44.57 -9.02
C SER M 51 23.11 45.87 -8.23
N SER M 52 23.41 45.81 -6.94
CA SER M 52 23.64 47.00 -6.13
C SER M 52 25.08 47.44 -6.17
N LEU M 53 25.95 46.67 -6.82
CA LEU M 53 27.38 46.96 -6.91
C LEU M 53 27.80 46.58 -8.33
N ILE M 54 27.95 47.60 -9.19
CA ILE M 54 28.30 47.39 -10.59
C ILE M 54 29.80 47.57 -10.75
N ILE M 55 30.46 46.55 -11.28
CA ILE M 55 31.91 46.55 -11.48
C ILE M 55 32.18 46.57 -12.97
N GLU M 56 33.31 47.19 -13.34
CA GLU M 56 33.71 47.20 -14.74
C GLU M 56 33.96 45.77 -15.23
N ASN M 57 33.48 45.49 -16.45
CA ASN M 57 33.64 44.21 -17.11
C ASN M 57 32.97 43.06 -16.34
N VAL M 58 32.04 43.37 -15.45
CA VAL M 58 31.29 42.36 -14.73
C VAL M 58 29.82 42.64 -15.01
N ASP M 59 29.28 41.97 -16.04
CA ASP M 59 27.89 42.16 -16.45
C ASP M 59 27.09 40.98 -15.91
N VAL M 60 26.31 41.22 -14.86
CA VAL M 60 25.48 40.17 -14.28
C VAL M 60 24.24 40.03 -15.14
N ASP M 61 24.30 39.15 -16.14
CA ASP M 61 23.26 39.03 -17.13
C ASP M 61 23.42 37.69 -17.83
N TRP M 62 22.29 37.13 -18.28
CA TRP M 62 22.36 35.96 -19.14
C TRP M 62 23.07 36.29 -20.45
N ALA M 63 22.97 37.54 -20.90
CA ALA M 63 23.56 37.95 -22.16
C ALA M 63 25.07 38.02 -22.14
N SER M 64 25.69 37.98 -20.95
CA SER M 64 27.14 38.00 -20.88
C SER M 64 27.77 36.68 -21.31
N LEU M 65 26.98 35.63 -21.46
CA LEU M 65 27.51 34.35 -21.96
C LEU M 65 27.90 34.46 -23.43
N GLY M 66 27.27 35.36 -24.18
CA GLY M 66 27.56 35.52 -25.58
C GLY M 66 26.94 34.43 -26.44
N MET N 1 -45.70 11.29 4.87
CA MET N 1 -44.96 12.36 5.52
C MET N 1 -45.56 12.70 6.87
N PHE N 2 -46.84 12.37 7.04
CA PHE N 2 -47.49 12.62 8.33
C PHE N 2 -46.99 11.66 9.40
N THR N 3 -46.72 10.41 9.03
CA THR N 3 -46.21 9.46 10.02
C THR N 3 -44.84 9.89 10.54
N LEU N 4 -43.97 10.34 9.65
CA LEU N 4 -42.67 10.86 10.08
C LEU N 4 -42.85 12.09 10.97
N LYS N 5 -43.81 12.95 10.62
CA LYS N 5 -44.04 14.13 11.44
C LYS N 5 -44.51 13.77 12.84
N ILE N 6 -45.42 12.81 12.96
CA ILE N 6 -45.90 12.45 14.29
C ILE N 6 -44.83 11.71 15.07
N VAL N 7 -43.99 10.91 14.40
CA VAL N 7 -42.86 10.27 15.09
C VAL N 7 -41.90 11.32 15.62
N VAL N 8 -41.58 12.33 14.81
CA VAL N 8 -40.66 13.38 15.24
C VAL N 8 -41.26 14.19 16.37
N TYR N 9 -42.55 14.51 16.28
CA TYR N 9 -43.21 15.24 17.36
C TYR N 9 -43.18 14.44 18.64
N THR N 10 -43.44 13.14 18.57
CA THR N 10 -43.39 12.30 19.75
C THR N 10 -41.99 12.27 20.36
N THR N 11 -40.98 12.14 19.52
CA THR N 11 -39.60 12.08 20.03
C THR N 11 -39.20 13.39 20.67
N VAL N 12 -39.48 14.51 20.01
CA VAL N 12 -39.12 15.82 20.56
C VAL N 12 -39.87 16.07 21.86
N THR N 13 -41.16 15.74 21.90
CA THR N 13 -41.91 15.90 23.14
C THR N 13 -41.37 15.02 24.25
N PHE N 14 -40.99 13.79 23.93
CA PHE N 14 -40.44 12.88 24.93
C PHE N 14 -39.16 13.43 25.53
N PHE N 15 -38.22 13.85 24.68
CA PHE N 15 -36.95 14.35 25.21
C PHE N 15 -37.09 15.70 25.91
N VAL N 16 -37.94 16.59 25.40
CA VAL N 16 -38.16 17.86 26.08
C VAL N 16 -38.86 17.63 27.42
N SER N 17 -39.77 16.66 27.49
CA SER N 17 -40.41 16.36 28.76
C SER N 17 -39.41 15.81 29.77
N LEU N 18 -38.53 14.91 29.32
CA LEU N 18 -37.48 14.43 30.22
C LEU N 18 -36.62 15.58 30.72
N PHE N 19 -36.20 16.47 29.82
CA PHE N 19 -35.42 17.64 30.21
C PHE N 19 -36.16 18.48 31.26
N THR N 20 -37.42 18.82 30.96
CA THR N 20 -38.18 19.73 31.80
C THR N 20 -38.44 19.13 33.19
N PHE N 21 -38.88 17.88 33.24
CA PHE N 21 -39.17 17.28 34.53
C PHE N 21 -37.93 16.73 35.21
N GLY N 22 -36.78 16.75 34.56
CA GLY N 22 -35.55 16.42 35.22
C GLY N 22 -34.97 17.63 35.91
N PHE N 23 -35.06 18.80 35.28
CA PHE N 23 -34.59 20.00 35.96
C PHE N 23 -35.55 20.47 37.03
N LEU N 24 -36.79 19.98 37.04
CA LEU N 24 -37.70 20.26 38.15
C LEU N 24 -37.47 19.35 39.35
N SER N 25 -36.68 18.30 39.19
CA SER N 25 -36.53 17.27 40.22
C SER N 25 -35.40 17.62 41.19
N ASN N 26 -35.45 18.81 41.76
CA ASN N 26 -34.49 19.27 42.76
C ASN N 26 -33.06 19.12 42.25
N ASP N 27 -32.80 19.76 41.11
CA ASP N 27 -31.49 19.65 40.48
C ASP N 27 -30.41 20.37 41.28
N ALA N 28 -30.77 21.42 42.02
CA ALA N 28 -29.77 22.13 42.82
C ALA N 28 -29.23 21.27 43.96
N SER N 29 -30.00 20.30 44.43
CA SER N 29 -29.52 19.44 45.50
C SER N 29 -28.45 18.47 45.01
N ARG N 30 -28.44 18.17 43.71
CA ARG N 30 -27.51 17.19 43.15
C ARG N 30 -26.14 17.84 42.97
N ASN N 31 -25.51 18.11 44.10
CA ASN N 31 -24.17 18.68 44.16
C ASN N 31 -23.41 17.98 45.28
N PRO N 32 -22.07 17.93 45.19
CA PRO N 32 -21.31 17.19 46.20
C PRO N 32 -21.29 17.83 47.59
N ASN N 33 -21.74 19.08 47.73
CA ASN N 33 -21.77 19.73 49.03
C ASN N 33 -23.09 19.55 49.75
N ARG N 34 -24.01 18.76 49.20
CA ARG N 34 -25.28 18.51 49.86
C ARG N 34 -25.07 17.63 51.09
N LYS N 35 -25.74 17.98 52.19
CA LYS N 35 -25.65 17.26 53.45
C LYS N 35 -24.20 17.14 53.93
N ARG O 6 4.16 64.48 45.00
CA ARG O 6 3.50 65.58 45.70
C ARG O 6 2.00 65.60 45.38
N ILE O 7 1.67 65.70 44.09
CA ILE O 7 0.28 65.67 43.64
C ILE O 7 -0.20 64.22 43.67
N PRO O 8 -1.40 63.95 44.18
CA PRO O 8 -1.93 62.58 44.16
C PRO O 8 -2.05 62.06 42.74
N LEU O 9 -1.82 60.75 42.59
CA LEU O 9 -1.72 60.14 41.27
C LEU O 9 -3.06 60.03 40.55
N TRP O 10 -4.18 60.02 41.29
CA TRP O 10 -5.47 59.89 40.61
C TRP O 10 -5.81 61.15 39.81
N LEU O 11 -5.44 62.33 40.32
CA LEU O 11 -5.61 63.55 39.54
C LEU O 11 -4.76 63.53 38.27
N ILE O 12 -3.52 63.06 38.39
CA ILE O 12 -2.64 62.97 37.22
C ILE O 12 -3.22 62.00 36.20
N ALA O 13 -3.72 60.85 36.66
CA ALA O 13 -4.32 59.88 35.75
C ALA O 13 -5.57 60.45 35.08
N THR O 14 -6.39 61.18 35.84
CA THR O 14 -7.59 61.78 35.25
C THR O 14 -7.23 62.81 34.19
N VAL O 15 -6.24 63.67 34.48
CA VAL O 15 -5.83 64.68 33.51
C VAL O 15 -5.24 64.02 32.27
N GLY O 16 -4.41 63.00 32.45
CA GLY O 16 -3.87 62.28 31.31
C GLY O 16 -4.92 61.59 30.48
N GLY O 17 -5.93 60.99 31.12
CA GLY O 17 -7.00 60.37 30.38
C GLY O 17 -7.83 61.37 29.60
N THR O 18 -8.13 62.52 30.22
CA THR O 18 -8.85 63.56 29.50
C THR O 18 -8.04 64.08 28.31
N LEU O 19 -6.73 64.24 28.47
CA LEU O 19 -5.91 64.70 27.35
C LEU O 19 -5.82 63.65 26.25
N ALA O 20 -5.74 62.36 26.62
CA ALA O 20 -5.73 61.31 25.62
C ALA O 20 -7.05 61.26 24.85
N LEU O 21 -8.18 61.41 25.56
CA LEU O 21 -9.47 61.47 24.89
C LEU O 21 -9.59 62.72 24.04
N THR O 22 -8.95 63.83 24.44
CA THR O 22 -8.95 65.03 23.61
C THR O 22 -8.16 64.81 22.32
N VAL O 23 -7.03 64.10 22.42
CA VAL O 23 -6.27 63.76 21.22
C VAL O 23 -7.10 62.85 20.31
N VAL O 24 -7.79 61.88 20.89
CA VAL O 24 -8.68 61.01 20.11
C VAL O 24 -9.77 61.84 19.44
N GLY O 25 -10.33 62.81 20.16
CA GLY O 25 -11.40 63.62 19.60
C GLY O 25 -10.93 64.51 18.46
N ILE O 26 -9.75 65.12 18.60
CA ILE O 26 -9.24 65.95 17.50
C ILE O 26 -8.88 65.08 16.30
N PHE O 27 -8.36 63.87 16.53
CA PHE O 27 -8.08 62.98 15.41
C PHE O 27 -9.36 62.56 14.70
N PHE O 28 -10.42 62.26 15.46
CA PHE O 28 -11.70 61.92 14.84
C PHE O 28 -12.30 63.10 14.11
N TYR O 29 -12.18 64.31 14.67
CA TYR O 29 -12.67 65.50 14.00
C TYR O 29 -11.93 65.76 12.70
N GLY O 30 -10.61 65.58 12.69
CA GLY O 30 -9.85 65.67 11.46
C GLY O 30 -10.16 64.57 10.47
N SER O 31 -10.55 63.39 10.95
CA SER O 31 -11.04 62.35 10.05
C SER O 31 -12.38 62.73 9.43
N TYR O 32 -13.24 63.39 10.19
CA TYR O 32 -14.51 63.87 9.66
C TYR O 32 -14.40 65.21 8.94
N SER O 33 -13.24 65.84 8.99
CA SER O 33 -13.04 67.12 8.30
C SER O 33 -11.64 67.21 7.70
N LYS P 9 -35.80 71.01 14.72
CA LYS P 9 -35.32 72.22 15.37
C LYS P 9 -36.09 72.48 16.66
N LEU P 10 -35.42 73.14 17.61
CA LEU P 10 -36.04 73.48 18.88
C LEU P 10 -37.03 74.62 18.70
N PRO P 11 -38.01 74.74 19.61
CA PRO P 11 -38.82 75.95 19.65
C PRO P 11 -37.95 77.18 19.92
N GLU P 12 -38.34 78.30 19.31
CA GLU P 12 -37.49 79.48 19.33
C GLU P 12 -37.33 80.08 20.72
N ALA P 13 -38.22 79.75 21.65
CA ALA P 13 -38.01 80.21 23.03
C ALA P 13 -36.85 79.50 23.69
N TYR P 14 -36.55 78.27 23.25
CA TYR P 14 -35.49 77.46 23.84
C TYR P 14 -34.42 77.11 22.81
N ALA P 15 -34.40 77.79 21.67
CA ALA P 15 -33.41 77.48 20.64
C ALA P 15 -32.01 77.93 21.01
N VAL P 16 -31.87 78.84 21.97
CA VAL P 16 -30.54 79.28 22.39
C VAL P 16 -29.86 78.25 23.28
N PHE P 17 -30.62 77.33 23.87
CA PHE P 17 -30.06 76.30 24.74
C PHE P 17 -29.69 75.04 23.98
N LYS P 18 -29.50 75.14 22.67
CA LYS P 18 -29.13 73.97 21.88
C LYS P 18 -27.81 73.34 22.29
N PRO P 19 -26.73 74.08 22.55
CA PRO P 19 -25.46 73.41 22.92
C PRO P 19 -25.56 72.54 24.16
N ILE P 20 -26.31 72.97 25.18
CA ILE P 20 -26.49 72.13 26.36
C ILE P 20 -27.23 70.85 25.99
N ILE P 21 -28.24 70.96 25.13
CA ILE P 21 -28.97 69.78 24.67
C ILE P 21 -28.06 68.86 23.87
N ASP P 22 -27.12 69.43 23.12
CA ASP P 22 -26.16 68.61 22.38
C ASP P 22 -25.23 67.85 23.33
N VAL P 23 -24.79 68.51 24.40
CA VAL P 23 -23.90 67.86 25.36
C VAL P 23 -24.66 66.80 26.17
N ALA P 24 -25.94 67.03 26.44
CA ALA P 24 -26.67 66.21 27.40
C ALA P 24 -26.63 64.69 27.16
N PRO P 25 -26.77 64.17 25.93
CA PRO P 25 -26.89 62.70 25.79
C PRO P 25 -25.70 61.90 26.31
N VAL P 26 -24.48 62.43 26.24
CA VAL P 26 -23.29 61.62 26.52
C VAL P 26 -22.96 61.62 28.01
N ILE P 27 -23.85 62.16 28.82
CA ILE P 27 -23.59 62.34 30.26
C ILE P 27 -23.54 61.02 31.02
N PRO P 28 -24.37 60.02 30.71
CA PRO P 28 -24.20 58.72 31.38
C PRO P 28 -22.82 58.10 31.19
N VAL P 29 -22.19 58.30 30.03
CA VAL P 29 -20.81 57.86 29.88
C VAL P 29 -19.91 58.56 30.90
N PHE P 30 -20.18 59.85 31.12
CA PHE P 30 -19.45 60.58 32.15
C PHE P 30 -19.78 60.06 33.54
N PHE P 31 -20.96 59.50 33.74
CA PHE P 31 -21.26 58.88 35.03
C PHE P 31 -20.45 57.60 35.24
N LEU P 32 -20.30 56.80 34.19
CA LEU P 32 -19.44 55.62 34.28
C LEU P 32 -17.99 56.02 34.57
N LEU P 33 -17.49 57.02 33.84
CA LEU P 33 -16.15 57.51 34.10
C LEU P 33 -16.04 58.13 35.50
N LEU P 34 -17.14 58.69 36.01
CA LEU P 34 -17.14 59.25 37.36
C LEU P 34 -17.03 58.14 38.40
N ALA P 35 -17.70 57.01 38.16
CA ALA P 35 -17.53 55.87 39.04
C ALA P 35 -16.07 55.41 39.06
N PHE P 36 -15.45 55.35 37.89
CA PHE P 36 -14.04 54.96 37.84
C PHE P 36 -13.15 55.97 38.55
N VAL P 37 -13.44 57.27 38.39
CA VAL P 37 -12.66 58.30 39.07
C VAL P 37 -12.83 58.21 40.57
N TRP P 38 -14.06 57.95 41.02
CA TRP P 38 -14.30 57.82 42.45
C TRP P 38 -13.55 56.62 43.02
N GLN P 39 -13.50 55.52 42.28
CA GLN P 39 -12.69 54.39 42.74
C GLN P 39 -11.20 54.72 42.72
N ALA P 40 -10.77 55.57 41.78
CA ALA P 40 -9.37 55.99 41.79
C ALA P 40 -9.06 56.90 42.97
N ALA P 41 -10.04 57.69 43.42
CA ALA P 41 -9.80 58.62 44.52
C ALA P 41 -9.66 57.92 45.85
N VAL P 42 -10.27 56.75 46.02
CA VAL P 42 -10.16 55.99 47.26
C VAL P 42 -9.07 54.92 47.16
N GLY P 43 -8.27 54.94 46.10
CA GLY P 43 -7.19 53.99 45.96
C GLY P 43 -7.61 52.59 45.61
N PHE P 44 -8.79 52.40 45.03
CA PHE P 44 -9.31 51.09 44.65
C PHE P 44 -9.30 50.14 45.85
N ARG P 45 -9.82 50.62 46.97
CA ARG P 45 -9.84 49.83 48.20
C ARG P 45 -10.77 48.64 48.08
N ILE Q 69 -63.62 25.28 -5.66
CA ILE Q 69 -62.38 25.97 -6.00
C ILE Q 69 -62.61 26.72 -7.31
N THR Q 70 -63.82 27.26 -7.47
CA THR Q 70 -64.19 27.99 -8.68
C THR Q 70 -63.70 29.43 -8.59
N THR Q 71 -64.12 30.27 -9.54
CA THR Q 71 -63.72 31.68 -9.52
C THR Q 71 -64.36 32.42 -8.35
N GLU Q 72 -65.59 32.05 -7.98
CA GLU Q 72 -66.20 32.62 -6.78
C GLU Q 72 -65.40 32.21 -5.54
N ASP Q 73 -64.94 30.96 -5.48
CA ASP Q 73 -64.11 30.53 -4.37
C ASP Q 73 -62.74 31.22 -4.39
N ILE Q 74 -62.24 31.58 -5.57
CA ILE Q 74 -61.00 32.35 -5.65
C ILE Q 74 -61.20 33.75 -5.12
N ARG Q 75 -62.27 34.43 -5.56
CA ARG Q 75 -62.50 35.81 -5.18
C ARG Q 75 -62.97 35.96 -3.74
N GLY Q 76 -63.58 34.92 -3.17
CA GLY Q 76 -64.05 35.01 -1.80
C GLY Q 76 -62.93 35.00 -0.78
N LEU Q 77 -61.86 34.28 -1.06
CA LEU Q 77 -60.74 34.19 -0.13
C LEU Q 77 -59.84 35.41 -0.22
N THR Q 78 -59.28 35.81 0.92
CA THR Q 78 -58.24 36.83 0.97
C THR Q 78 -56.88 36.16 1.01
N TYR Q 79 -55.84 36.98 0.85
CA TYR Q 79 -54.48 36.45 0.75
C TYR Q 79 -53.94 35.91 2.06
N SER Q 80 -54.58 36.21 3.19
CA SER Q 80 -54.05 35.78 4.47
C SER Q 80 -54.20 34.27 4.67
N GLN Q 81 -55.29 33.68 4.16
CA GLN Q 81 -55.53 32.25 4.33
C GLN Q 81 -55.19 31.42 3.11
N VAL Q 82 -54.64 32.03 2.06
CA VAL Q 82 -54.16 31.28 0.90
C VAL Q 82 -52.64 31.15 0.90
N LYS Q 83 -51.93 32.05 1.57
CA LYS Q 83 -50.47 31.99 1.63
C LYS Q 83 -50.03 30.72 2.34
N GLY Q 84 -49.11 29.99 1.71
CA GLY Q 84 -48.58 28.77 2.31
C GLY Q 84 -49.55 27.60 2.31
N THR Q 85 -50.53 27.60 1.42
CA THR Q 85 -51.52 26.53 1.35
C THR Q 85 -51.51 25.75 0.04
N GLY Q 86 -51.01 26.33 -1.04
CA GLY Q 86 -50.99 25.67 -2.33
C GLY Q 86 -52.26 25.79 -3.13
N LEU Q 87 -53.23 26.57 -2.68
CA LEU Q 87 -54.51 26.73 -3.36
C LEU Q 87 -54.48 27.81 -4.45
N ALA Q 88 -53.35 28.49 -4.64
CA ALA Q 88 -53.28 29.57 -5.60
C ALA Q 88 -53.05 29.08 -7.03
N ASN Q 89 -52.21 28.08 -7.22
CA ASN Q 89 -51.97 27.52 -8.56
C ASN Q 89 -52.83 26.28 -8.79
N ARG Q 90 -54.15 26.50 -8.82
CA ARG Q 90 -55.11 25.41 -8.93
C ARG Q 90 -55.89 25.40 -10.23
N CYS Q 91 -55.73 26.42 -11.09
CA CYS Q 91 -56.48 26.54 -12.34
C CYS Q 91 -57.97 26.42 -12.06
N PRO Q 92 -58.60 27.44 -11.48
CA PRO Q 92 -59.99 27.32 -11.03
C PRO Q 92 -60.92 26.99 -12.19
N GLU Q 93 -61.75 25.97 -12.00
CA GLU Q 93 -62.68 25.51 -13.02
C GLU Q 93 -64.09 25.97 -12.71
N VAL Q 94 -64.93 25.94 -13.73
CA VAL Q 94 -66.34 26.30 -13.58
C VAL Q 94 -67.09 25.12 -12.97
N SER Q 95 -68.19 25.43 -12.28
CA SER Q 95 -69.00 24.41 -11.63
C SER Q 95 -70.11 23.93 -12.58
N GLU Q 96 -70.68 22.77 -12.24
CA GLU Q 96 -71.78 22.23 -13.03
C GLU Q 96 -73.08 23.00 -12.84
N GLN Q 97 -73.18 23.81 -11.77
CA GLN Q 97 -74.35 24.65 -11.57
C GLN Q 97 -74.34 25.87 -12.49
N ASN Q 98 -73.19 26.22 -13.07
CA ASN Q 98 -73.09 27.30 -14.02
C ASN Q 98 -72.65 26.85 -15.40
N ALA Q 99 -72.51 25.54 -15.63
CA ALA Q 99 -72.05 25.01 -16.89
C ALA Q 99 -73.24 24.85 -17.85
N GLY Q 100 -73.02 24.14 -18.95
CA GLY Q 100 -74.07 23.95 -19.94
C GLY Q 100 -74.47 25.20 -20.69
N GLY Q 101 -73.50 26.05 -21.02
CA GLY Q 101 -73.77 27.24 -21.81
C GLY Q 101 -73.00 27.25 -23.11
N THR Q 102 -73.06 28.36 -23.84
CA THR Q 102 -72.33 28.48 -25.11
C THR Q 102 -71.85 29.91 -25.27
N ILE Q 103 -70.79 30.06 -26.06
CA ILE Q 103 -70.20 31.37 -26.38
C ILE Q 103 -70.22 31.52 -27.89
N LYS Q 104 -70.79 32.62 -28.37
CA LYS Q 104 -70.88 32.92 -29.79
C LYS Q 104 -69.94 34.07 -30.15
N PHE Q 105 -69.69 34.20 -31.45
CA PHE Q 105 -68.79 35.23 -31.97
C PHE Q 105 -69.50 36.03 -33.05
N ALA Q 106 -69.44 37.35 -32.93
CA ALA Q 106 -70.00 38.24 -33.93
C ALA Q 106 -68.97 38.56 -35.01
N ASP Q 107 -69.46 39.04 -36.14
CA ASP Q 107 -68.60 39.36 -37.28
C ASP Q 107 -68.07 40.78 -37.25
N ASP Q 108 -68.39 41.56 -36.23
CA ASP Q 108 -67.92 42.93 -36.10
C ASP Q 108 -67.17 43.21 -34.80
N LYS Q 109 -67.49 42.49 -33.72
CA LYS Q 109 -66.88 42.75 -32.43
C LYS Q 109 -65.60 41.95 -32.28
N LYS Q 110 -64.53 42.63 -31.87
CA LYS Q 110 -63.24 41.98 -31.66
C LYS Q 110 -63.21 41.26 -30.31
N TYR Q 111 -62.58 40.10 -30.27
CA TYR Q 111 -62.55 39.25 -29.09
C TYR Q 111 -61.12 38.86 -28.75
N LYS Q 112 -60.88 38.64 -27.47
CA LYS Q 112 -59.60 38.15 -26.98
C LYS Q 112 -59.83 37.14 -25.85
N VAL Q 113 -58.83 36.32 -25.60
CA VAL Q 113 -58.88 35.29 -24.56
C VAL Q 113 -58.01 35.75 -23.40
N THR Q 114 -58.59 35.80 -22.21
CA THR Q 114 -57.91 36.29 -21.02
C THR Q 114 -57.92 35.22 -19.94
N GLU Q 115 -56.96 35.35 -19.01
CA GLU Q 115 -56.88 34.49 -17.82
C GLU Q 115 -56.79 33.01 -18.20
N LEU Q 116 -56.01 32.72 -19.23
CA LEU Q 116 -55.81 31.33 -19.66
C LEU Q 116 -54.88 30.64 -18.69
N CYS Q 117 -55.42 29.70 -17.90
CA CYS Q 117 -54.67 29.00 -16.87
C CYS Q 117 -54.52 27.54 -17.25
N LEU Q 118 -53.36 26.97 -16.94
CA LEU Q 118 -53.08 25.56 -17.19
C LEU Q 118 -52.33 24.99 -15.99
N GLU Q 119 -52.85 23.89 -15.44
CA GLU Q 119 -52.24 23.21 -14.29
C GLU Q 119 -51.85 21.80 -14.71
N PRO Q 120 -50.59 21.54 -15.05
CA PRO Q 120 -50.21 20.22 -15.54
C PRO Q 120 -50.14 19.18 -14.42
N LYS Q 121 -50.56 17.96 -14.76
CA LYS Q 121 -50.51 16.82 -13.86
C LYS Q 121 -49.85 15.66 -14.57
N SER Q 122 -49.26 14.75 -13.77
CA SER Q 122 -48.69 13.50 -14.26
C SER Q 122 -47.62 13.76 -15.33
N PHE Q 123 -46.54 14.40 -14.89
CA PHE Q 123 -45.44 14.71 -15.79
C PHE Q 123 -44.77 13.42 -16.25
N GLN Q 124 -44.73 13.20 -17.56
CA GLN Q 124 -44.15 12.01 -18.15
C GLN Q 124 -43.07 12.41 -19.16
N ILE Q 125 -41.95 11.71 -19.13
CA ILE Q 125 -40.83 11.96 -20.03
C ILE Q 125 -40.40 10.64 -20.66
N GLU Q 126 -40.32 10.63 -22.00
CA GLU Q 126 -39.84 9.46 -22.72
C GLU Q 126 -38.32 9.44 -22.71
N GLU Q 127 -37.75 8.30 -22.32
CA GLU Q 127 -36.30 8.15 -22.30
C GLU Q 127 -35.89 6.71 -22.60
N GLU Q 139 -39.66 4.26 -23.77
CA GLU Q 139 -41.07 4.38 -23.40
C GLU Q 139 -41.29 5.59 -22.49
N PHE Q 140 -42.54 5.98 -22.31
CA PHE Q 140 -42.90 7.10 -21.44
C PHE Q 140 -42.97 6.61 -20.00
N VAL Q 141 -42.11 7.16 -19.15
CA VAL Q 141 -42.01 6.77 -17.74
C VAL Q 141 -42.45 7.96 -16.90
N ASP Q 142 -43.31 7.71 -15.92
CA ASP Q 142 -43.79 8.76 -15.03
C ASP Q 142 -42.65 9.30 -14.17
N THR Q 143 -42.71 10.60 -13.89
CA THR Q 143 -41.67 11.29 -13.15
C THR Q 143 -42.22 11.87 -11.86
N LYS Q 144 -41.31 12.31 -11.00
CA LYS Q 144 -41.64 12.94 -9.73
C LYS Q 144 -41.12 14.37 -9.73
N LEU Q 145 -41.97 15.29 -9.27
CA LEU Q 145 -41.66 16.72 -9.34
C LEU Q 145 -40.66 17.11 -8.25
N MET Q 146 -39.69 17.94 -8.63
CA MET Q 146 -38.67 18.43 -7.70
C MET Q 146 -38.97 19.83 -7.18
N THR Q 147 -39.51 20.71 -8.01
CA THR Q 147 -39.94 22.02 -7.55
C THR Q 147 -41.27 21.91 -6.80
N ARG Q 148 -41.59 22.93 -6.04
CA ARG Q 148 -42.82 22.97 -5.27
C ARG Q 148 -43.72 24.08 -5.79
N ALA Q 149 -44.82 23.70 -6.44
CA ALA Q 149 -45.92 24.60 -6.81
C ALA Q 149 -45.47 25.75 -7.69
N THR Q 150 -44.53 25.51 -8.60
CA THR Q 150 -44.10 26.51 -9.58
C THR Q 150 -44.28 26.01 -11.00
N TYR Q 151 -45.28 25.16 -11.24
CA TYR Q 151 -45.45 24.49 -12.53
C TYR Q 151 -46.70 24.91 -13.28
N SER Q 152 -47.57 25.71 -12.71
CA SER Q 152 -48.81 26.11 -13.36
C SER Q 152 -48.65 27.45 -14.06
N LEU Q 153 -49.34 27.60 -15.19
CA LEU Q 153 -49.40 28.85 -15.92
C LEU Q 153 -50.71 29.55 -15.62
N THR Q 154 -50.66 30.87 -15.42
CA THR Q 154 -51.83 31.65 -15.08
C THR Q 154 -51.82 32.98 -15.82
N GLY Q 155 -53.00 33.52 -16.04
CA GLY Q 155 -53.14 34.88 -16.54
C GLY Q 155 -52.71 35.11 -17.97
N ILE Q 156 -52.70 34.06 -18.80
CA ILE Q 156 -52.25 34.19 -20.18
C ILE Q 156 -53.33 34.90 -20.99
N GLU Q 157 -52.94 35.98 -21.67
CA GLU Q 157 -53.85 36.77 -22.47
C GLU Q 157 -53.38 36.81 -23.92
N GLY Q 158 -54.33 36.95 -24.83
CA GLY Q 158 -54.04 37.01 -26.24
C GLY Q 158 -55.30 37.11 -27.08
N PRO Q 159 -55.20 37.73 -28.25
CA PRO Q 159 -56.39 37.92 -29.09
C PRO Q 159 -56.73 36.66 -29.86
N ILE Q 160 -58.03 36.39 -29.97
CA ILE Q 160 -58.53 35.32 -30.81
C ILE Q 160 -58.98 35.96 -32.12
N VAL Q 161 -58.31 35.61 -33.21
CA VAL Q 161 -58.41 36.33 -34.48
C VAL Q 161 -58.87 35.36 -35.56
N PHE Q 162 -59.85 35.79 -36.35
CA PHE Q 162 -60.32 34.98 -37.47
C PHE Q 162 -59.21 34.84 -38.51
N LYS Q 163 -58.97 33.60 -38.94
CA LYS Q 163 -57.92 33.32 -39.90
C LYS Q 163 -58.18 31.98 -40.56
N ASP Q 164 -58.22 31.97 -41.89
CA ASP Q 164 -58.34 30.75 -42.69
C ASP Q 164 -59.61 29.96 -42.32
N GLY Q 165 -60.75 30.61 -42.51
CA GLY Q 165 -62.03 29.98 -42.23
C GLY Q 165 -62.40 30.00 -40.76
N GLY Q 166 -61.57 29.39 -39.93
CA GLY Q 166 -61.75 29.40 -38.50
C GLY Q 166 -61.17 30.64 -37.86
N LEU Q 167 -60.84 30.54 -36.57
CA LEU Q 167 -60.26 31.65 -35.85
C LEU Q 167 -59.16 31.14 -34.95
N THR Q 168 -58.01 31.81 -34.97
CA THR Q 168 -56.80 31.31 -34.33
C THR Q 168 -56.45 32.16 -33.11
N PHE Q 169 -55.93 31.51 -32.09
CA PHE Q 169 -55.54 32.16 -30.84
C PHE Q 169 -54.05 32.46 -30.87
N LEU Q 170 -53.70 33.74 -30.75
CA LEU Q 170 -52.32 34.18 -30.72
C LEU Q 170 -51.92 34.48 -29.28
N GLU Q 171 -50.86 33.85 -28.81
CA GLU Q 171 -50.39 34.01 -27.44
C GLU Q 171 -49.45 35.20 -27.37
N LYS Q 172 -49.75 36.15 -26.48
CA LYS Q 172 -48.96 37.38 -26.40
C LYS Q 172 -48.60 37.81 -24.99
N GLY Q 173 -49.20 37.28 -23.94
CA GLY Q 173 -48.93 37.78 -22.61
C GLY Q 173 -49.28 36.78 -21.54
N GLY Q 174 -49.05 37.20 -20.29
CA GLY Q 174 -49.31 36.38 -19.13
C GLY Q 174 -48.13 35.51 -18.73
N ILE Q 175 -48.29 34.82 -17.61
CA ILE Q 175 -47.28 33.87 -17.16
C ILE Q 175 -47.36 32.64 -18.05
N ASP Q 176 -46.50 32.59 -19.06
CA ASP Q 176 -46.57 31.56 -20.08
C ASP Q 176 -45.35 30.65 -20.09
N TYR Q 177 -44.60 30.62 -18.99
CA TYR Q 177 -43.44 29.74 -18.89
C TYR Q 177 -43.25 29.33 -17.44
N ALA Q 178 -42.71 28.13 -17.24
CA ALA Q 178 -42.49 27.60 -15.90
C ALA Q 178 -41.25 26.71 -15.95
N ALA Q 179 -40.17 27.16 -15.32
CA ALA Q 179 -38.93 26.38 -15.26
C ALA Q 179 -39.04 25.39 -14.10
N THR Q 180 -39.29 24.13 -14.41
CA THR Q 180 -39.49 23.10 -13.42
C THR Q 180 -38.58 21.91 -13.71
N THR Q 181 -38.26 21.16 -12.67
CA THR Q 181 -37.39 19.99 -12.76
C THR Q 181 -38.14 18.77 -12.26
N VAL Q 182 -38.05 17.67 -13.02
CA VAL Q 182 -38.64 16.41 -12.64
C VAL Q 182 -37.55 15.34 -12.70
N GLN Q 183 -37.77 14.26 -11.95
CA GLN Q 183 -36.76 13.21 -11.77
C GLN Q 183 -37.28 11.92 -12.38
N LEU Q 184 -36.51 11.36 -13.31
CA LEU Q 184 -36.80 10.02 -13.80
C LEU Q 184 -36.45 8.99 -12.72
N PRO Q 185 -37.16 7.86 -12.69
CA PRO Q 185 -36.91 6.84 -11.65
C PRO Q 185 -35.59 6.10 -11.85
N GLY Q 186 -34.50 6.86 -11.98
CA GLY Q 186 -33.17 6.30 -12.03
C GLY Q 186 -32.17 7.18 -11.32
N GLY Q 187 -32.66 8.26 -10.70
CA GLY Q 187 -31.83 9.21 -10.01
C GLY Q 187 -31.48 10.47 -10.79
N GLU Q 188 -31.72 10.48 -12.10
CA GLU Q 188 -31.36 11.63 -12.92
C GLU Q 188 -32.49 12.65 -12.96
N ARG Q 189 -32.11 13.91 -13.14
CA ARG Q 189 -33.05 15.03 -13.19
C ARG Q 189 -33.09 15.60 -14.61
N VAL Q 190 -34.29 15.82 -15.12
CA VAL Q 190 -34.50 16.38 -16.45
C VAL Q 190 -35.31 17.66 -16.31
N PRO Q 191 -34.66 18.82 -16.27
CA PRO Q 191 -35.41 20.08 -16.24
C PRO Q 191 -36.06 20.38 -17.57
N PHE Q 192 -37.23 21.01 -17.50
CA PHE Q 192 -37.96 21.39 -18.70
C PHE Q 192 -38.73 22.68 -18.45
N LEU Q 193 -39.04 23.38 -19.54
CA LEU Q 193 -39.73 24.66 -19.48
C LEU Q 193 -41.12 24.48 -20.07
N PHE Q 194 -42.11 24.32 -19.19
CA PHE Q 194 -43.50 24.18 -19.62
C PHE Q 194 -44.00 25.52 -20.15
N THR Q 195 -44.28 25.59 -21.45
CA THR Q 195 -44.64 26.85 -22.07
C THR Q 195 -45.55 26.61 -23.25
N ILE Q 196 -46.34 27.64 -23.60
CA ILE Q 196 -47.15 27.66 -24.80
C ILE Q 196 -46.89 28.95 -25.56
N LYS Q 197 -45.67 29.48 -25.43
CA LYS Q 197 -45.33 30.76 -26.04
C LYS Q 197 -45.46 30.71 -27.56
N GLU Q 198 -45.86 31.84 -28.13
CA GLU Q 198 -46.00 32.00 -29.58
C GLU Q 198 -46.93 30.93 -30.18
N LEU Q 199 -48.04 30.68 -29.49
CA LEU Q 199 -49.02 29.71 -29.96
C LEU Q 199 -49.90 30.33 -31.04
N GLU Q 200 -50.16 29.54 -32.08
CA GLU Q 200 -51.08 29.96 -33.14
C GLU Q 200 -52.22 28.96 -33.24
N GLY Q 201 -52.78 28.56 -32.10
CA GLY Q 201 -53.76 27.49 -32.08
C GLY Q 201 -55.14 27.95 -32.52
N LYS Q 202 -55.79 27.09 -33.31
CA LYS Q 202 -57.18 27.27 -33.73
C LYS Q 202 -58.03 26.17 -33.12
N PHE Q 203 -59.27 26.51 -32.77
CA PHE Q 203 -60.16 25.56 -32.15
C PHE Q 203 -61.33 25.23 -33.07
N SER Q 204 -61.88 24.02 -32.89
CA SER Q 204 -62.91 23.51 -33.78
C SER Q 204 -64.22 24.28 -33.62
N SER Q 205 -64.97 24.35 -34.73
CA SER Q 205 -66.27 25.02 -34.80
C SER Q 205 -66.17 26.52 -34.53
N SER Q 206 -67.27 27.23 -34.72
CA SER Q 206 -67.31 28.68 -34.53
C SER Q 206 -68.03 29.07 -33.25
N GLN Q 207 -68.03 28.19 -32.26
CA GLN Q 207 -68.58 28.49 -30.95
C GLN Q 207 -67.84 27.69 -29.90
N VAL Q 208 -67.90 28.16 -28.66
CA VAL Q 208 -67.25 27.51 -27.54
C VAL Q 208 -68.33 26.82 -26.71
N SER Q 209 -68.31 25.50 -26.70
CA SER Q 209 -69.28 24.70 -25.95
C SER Q 209 -68.58 23.46 -25.43
N ALA Q 210 -69.36 22.58 -24.78
CA ALA Q 210 -68.83 21.35 -24.21
C ALA Q 210 -68.59 20.36 -25.34
N GLY Q 211 -67.33 20.20 -25.73
CA GLY Q 211 -66.98 19.27 -26.78
C GLY Q 211 -65.97 19.84 -27.77
N THR Q 212 -65.86 21.16 -27.81
CA THR Q 212 -64.91 21.80 -28.71
C THR Q 212 -63.49 21.63 -28.19
N GLU Q 213 -62.55 21.43 -29.10
CA GLU Q 213 -61.15 21.23 -28.76
C GLU Q 213 -60.30 22.30 -29.41
N LEU Q 214 -59.30 22.78 -28.68
CA LEU Q 214 -58.37 23.81 -29.15
C LEU Q 214 -56.99 23.19 -29.29
N GLY Q 215 -56.42 23.27 -30.48
CA GLY Q 215 -55.13 22.66 -30.75
C GLY Q 215 -54.27 23.55 -31.61
N GLY Q 216 -52.96 23.41 -31.44
CA GLY Q 216 -52.02 24.20 -32.20
C GLY Q 216 -50.60 23.85 -31.84
N ASN Q 217 -49.67 24.61 -32.40
CA ASN Q 217 -48.24 24.42 -32.17
C ASN Q 217 -47.66 25.67 -31.55
N PHE Q 218 -46.87 25.49 -30.49
CA PHE Q 218 -46.16 26.58 -29.83
C PHE Q 218 -44.66 26.43 -30.03
N LYS Q 219 -43.94 27.50 -29.71
CA LYS Q 219 -42.49 27.55 -29.85
C LYS Q 219 -41.86 27.59 -28.46
N THR Q 220 -41.11 26.54 -28.12
CA THR Q 220 -40.49 26.45 -26.81
C THR Q 220 -39.13 27.10 -26.82
N PRO Q 221 -38.90 28.15 -26.03
CA PRO Q 221 -37.56 28.74 -25.94
C PRO Q 221 -36.64 27.88 -25.09
N SER Q 222 -35.35 28.21 -25.14
CA SER Q 222 -34.37 27.44 -24.39
C SER Q 222 -34.50 27.69 -22.89
N TYR Q 223 -34.04 26.71 -22.12
CA TYR Q 223 -34.10 26.82 -20.65
C TYR Q 223 -33.25 27.97 -20.15
N ARG Q 224 -32.05 28.15 -20.72
CA ARG Q 224 -31.16 29.25 -20.40
C ARG Q 224 -31.12 30.25 -21.54
N THR Q 225 -30.70 31.47 -21.23
CA THR Q 225 -30.55 32.54 -22.20
C THR Q 225 -29.08 32.89 -22.36
N GLY Q 226 -28.81 33.89 -23.19
CA GLY Q 226 -27.45 34.33 -23.43
C GLY Q 226 -26.87 35.16 -22.30
N ASP Q 241 -16.59 30.78 -25.14
CA ASP Q 241 -15.52 30.92 -26.12
C ASP Q 241 -14.19 30.49 -25.53
N MET Q 242 -14.19 30.15 -24.25
CA MET Q 242 -12.98 29.81 -23.53
C MET Q 242 -13.16 28.54 -22.71
N ALA Q 243 -12.08 27.82 -22.53
CA ALA Q 243 -11.95 26.83 -21.45
C ALA Q 243 -10.86 27.37 -20.54
N VAL Q 244 -11.25 28.27 -19.64
CA VAL Q 244 -10.27 28.93 -18.78
C VAL Q 244 -9.65 27.96 -17.78
N ALA Q 245 -10.26 26.79 -17.62
CA ALA Q 245 -9.70 25.79 -16.71
C ALA Q 245 -8.35 25.29 -17.19
N LEU Q 246 -8.19 25.12 -18.50
CA LEU Q 246 -7.02 24.45 -19.08
C LEU Q 246 -6.33 25.37 -20.08
N PRO Q 247 -5.38 26.20 -19.63
CA PRO Q 247 -4.59 27.00 -20.58
C PRO Q 247 -3.70 26.15 -21.48
N GLY Q 248 -3.29 24.97 -21.03
CA GLY Q 248 -2.48 24.09 -21.86
C GLY Q 248 -3.27 23.29 -22.89
N LEU Q 249 -4.60 23.23 -22.74
CA LEU Q 249 -5.42 22.62 -23.78
C LEU Q 249 -5.48 23.50 -25.01
N GLU Q 250 -5.44 24.82 -24.83
CA GLU Q 250 -5.42 25.76 -25.95
C GLU Q 250 -3.97 26.11 -26.33
N ALA Q 251 -3.18 25.05 -26.53
CA ALA Q 251 -1.85 25.19 -27.08
C ALA Q 251 -1.48 24.05 -28.03
N ASP Q 252 -2.41 23.12 -28.29
CA ASP Q 252 -2.08 21.89 -29.00
C ASP Q 252 -1.65 22.14 -30.44
N GLY Q 253 -2.06 23.24 -31.05
CA GLY Q 253 -1.59 23.60 -32.38
C GLY Q 253 -2.55 23.19 -33.48
N GLY Q 254 -3.28 24.17 -34.02
CA GLY Q 254 -4.25 23.92 -35.08
C GLY Q 254 -5.57 23.36 -34.57
N GLU Q 255 -5.51 22.53 -33.54
CA GLU Q 255 -6.69 21.91 -32.94
C GLU Q 255 -6.64 22.19 -31.44
N GLY Q 256 -7.18 23.33 -31.03
CA GLY Q 256 -7.17 23.71 -29.63
C GLY Q 256 -8.56 23.80 -29.03
N GLN Q 257 -8.80 23.01 -27.98
CA GLN Q 257 -10.09 22.99 -27.28
C GLN Q 257 -11.25 22.64 -28.22
N ASP Q 258 -10.96 21.90 -29.29
CA ASP Q 258 -12.01 21.51 -30.23
C ASP Q 258 -12.77 20.29 -29.76
N GLU Q 259 -12.18 19.46 -28.89
CA GLU Q 259 -12.94 18.39 -28.26
C GLU Q 259 -14.01 18.96 -27.36
N LEU Q 260 -13.68 19.98 -26.58
CA LEU Q 260 -14.63 20.66 -25.70
C LEU Q 260 -15.18 21.92 -26.39
N PHE Q 261 -15.78 21.71 -27.55
CA PHE Q 261 -16.34 22.81 -28.34
C PHE Q 261 -17.86 22.90 -28.23
N ALA Q 262 -18.55 21.77 -28.31
CA ALA Q 262 -20.01 21.78 -28.22
C ALA Q 262 -20.48 22.26 -26.85
N GLU Q 263 -19.79 21.87 -25.78
CA GLU Q 263 -20.12 22.39 -24.46
C GLU Q 263 -19.78 23.86 -24.34
N THR Q 264 -18.70 24.31 -25.00
CA THR Q 264 -18.34 25.72 -24.99
C THR Q 264 -19.32 26.53 -25.83
N ASN Q 265 -19.79 25.98 -26.94
CA ASN Q 265 -20.69 26.68 -27.85
C ASN Q 265 -22.10 26.61 -27.28
N LYS Q 266 -22.44 27.59 -26.43
CA LYS Q 266 -23.77 27.68 -25.85
C LYS Q 266 -24.72 28.23 -26.91
N VAL Q 267 -25.52 27.35 -27.51
CA VAL Q 267 -26.39 27.69 -28.63
C VAL Q 267 -27.81 27.85 -28.12
N PHE Q 268 -28.41 29.01 -28.40
CA PHE Q 268 -29.82 29.23 -28.10
C PHE Q 268 -30.67 28.49 -29.11
N GLN Q 269 -31.39 27.46 -28.65
CA GLN Q 269 -32.18 26.61 -29.53
C GLN Q 269 -33.65 26.75 -29.16
N VAL Q 270 -34.47 27.04 -30.17
CA VAL Q 270 -35.91 27.24 -29.99
C VAL Q 270 -36.59 26.00 -30.55
N THR Q 271 -36.92 25.05 -29.67
CA THR Q 271 -37.64 23.86 -30.07
C THR Q 271 -39.13 24.16 -30.20
N ASP Q 272 -39.86 23.21 -30.78
CA ASP Q 272 -41.28 23.36 -31.01
C ASP Q 272 -42.06 22.30 -30.25
N GLY Q 273 -43.32 22.61 -29.96
CA GLY Q 273 -44.19 21.67 -29.27
C GLY Q 273 -45.63 21.86 -29.71
N SER Q 274 -46.45 20.86 -29.40
CA SER Q 274 -47.85 20.85 -29.79
C SER Q 274 -48.72 20.74 -28.54
N ILE Q 275 -49.79 21.54 -28.51
CA ILE Q 275 -50.72 21.56 -27.39
C ILE Q 275 -52.11 21.23 -27.92
N GLU Q 276 -52.81 20.32 -27.22
CA GLU Q 276 -54.18 19.95 -27.56
C GLU Q 276 -55.00 19.99 -26.28
N MET Q 277 -55.97 20.89 -26.23
CA MET Q 277 -56.83 21.05 -25.07
C MET Q 277 -58.29 20.92 -25.48
N ALA Q 278 -59.07 20.26 -24.63
CA ALA Q 278 -60.50 20.07 -24.84
C ALA Q 278 -61.26 20.75 -23.72
N PHE Q 279 -62.46 21.25 -24.03
CA PHE Q 279 -63.27 22.03 -23.09
C PHE Q 279 -64.39 21.14 -22.57
N ASN Q 280 -64.27 20.72 -21.32
CA ASN Q 280 -65.27 19.83 -20.72
C ASN Q 280 -66.55 20.59 -20.36
N ARG Q 281 -66.42 21.77 -19.75
CA ARG Q 281 -67.56 22.56 -19.34
C ARG Q 281 -67.34 24.02 -19.72
N VAL Q 282 -68.40 24.67 -20.21
CA VAL Q 282 -68.34 26.05 -20.66
C VAL Q 282 -69.43 26.84 -19.96
N ASP Q 283 -69.04 27.94 -19.32
CA ASP Q 283 -70.00 28.84 -18.70
C ASP Q 283 -70.66 29.71 -19.75
N GLY Q 284 -71.97 29.88 -19.62
CA GLY Q 284 -72.73 30.65 -20.60
C GLY Q 284 -72.91 32.10 -20.20
N THR Q 285 -72.96 32.38 -18.90
CA THR Q 285 -73.12 33.76 -18.44
C THR Q 285 -71.87 34.58 -18.74
N ASN Q 286 -70.70 34.05 -18.40
CA ASN Q 286 -69.43 34.68 -18.69
C ASN Q 286 -68.77 34.00 -19.88
N GLY Q 287 -67.53 34.37 -20.17
CA GLY Q 287 -66.81 33.76 -21.27
C GLY Q 287 -65.89 32.65 -20.82
N GLU Q 288 -66.22 32.04 -19.68
CA GLU Q 288 -65.35 31.06 -19.05
C GLU Q 288 -65.58 29.67 -19.63
N PHE Q 289 -64.47 28.94 -19.84
CA PHE Q 289 -64.50 27.55 -20.25
C PHE Q 289 -63.52 26.76 -19.41
N SER Q 290 -63.83 25.48 -19.21
CA SER Q 290 -62.99 24.60 -18.41
C SER Q 290 -62.85 23.26 -19.10
N GLY Q 291 -61.74 22.57 -18.82
CA GLY Q 291 -61.50 21.27 -19.40
C GLY Q 291 -60.14 20.69 -19.07
N VAL Q 292 -59.57 19.93 -20.00
CA VAL Q 292 -58.27 19.30 -19.83
C VAL Q 292 -57.40 19.65 -21.03
N PHE Q 293 -56.09 19.53 -20.84
CA PHE Q 293 -55.13 19.80 -21.90
C PHE Q 293 -54.07 18.71 -21.94
N VAL Q 294 -53.57 18.44 -23.13
CA VAL Q 294 -52.49 17.50 -23.36
C VAL Q 294 -51.37 18.22 -24.09
N SER Q 295 -50.16 18.19 -23.53
CA SER Q 295 -49.03 18.93 -24.07
C SER Q 295 -47.88 17.99 -24.36
N GLU Q 296 -47.14 18.30 -25.42
CA GLU Q 296 -45.94 17.55 -25.78
C GLU Q 296 -44.88 18.54 -26.24
N GLN Q 297 -43.77 18.60 -25.51
CA GLN Q 297 -42.70 19.53 -25.82
C GLN Q 297 -41.36 18.89 -25.46
N LEU Q 298 -40.29 19.66 -25.59
CA LEU Q 298 -38.94 19.18 -25.33
C LEU Q 298 -38.38 19.80 -24.06
N SER Q 299 -37.38 19.13 -23.49
CA SER Q 299 -36.79 19.50 -22.22
C SER Q 299 -35.59 20.42 -22.45
N ASP Q 300 -34.79 20.64 -21.41
CA ASP Q 300 -33.61 21.49 -21.51
C ASP Q 300 -32.59 20.89 -22.46
N THR Q 301 -31.97 21.74 -23.26
CA THR Q 301 -30.89 21.33 -24.15
C THR Q 301 -29.50 21.60 -23.59
N ASP Q 302 -29.42 22.21 -22.39
CA ASP Q 302 -28.16 22.67 -21.83
C ASP Q 302 -27.43 23.58 -22.83
N MET Q 303 -28.20 24.46 -23.48
CA MET Q 303 -27.71 25.35 -24.51
C MET Q 303 -27.02 24.56 -25.63
N GLY Q 304 -27.60 23.42 -25.98
CA GLY Q 304 -27.07 22.60 -27.05
C GLY Q 304 -25.96 21.67 -26.62
N SER Q 305 -26.09 21.10 -25.42
CA SER Q 305 -25.09 20.17 -24.91
C SER Q 305 -25.65 18.80 -24.54
N LYS Q 306 -26.97 18.65 -24.43
CA LYS Q 306 -27.59 17.39 -24.11
C LYS Q 306 -28.79 17.17 -25.02
N ALA Q 307 -29.15 15.91 -25.22
CA ALA Q 307 -30.27 15.57 -26.09
C ALA Q 307 -31.59 15.93 -25.41
N PRO Q 308 -32.45 16.71 -26.06
CA PRO Q 308 -33.73 17.08 -25.43
C PRO Q 308 -34.73 15.92 -25.39
N LYS Q 309 -35.06 15.47 -24.19
CA LYS Q 309 -36.08 14.44 -24.02
C LYS Q 309 -37.47 15.06 -24.11
N LYS Q 310 -38.37 14.35 -24.76
CA LYS Q 310 -39.73 14.85 -24.93
C LYS Q 310 -40.55 14.65 -23.65
N VAL Q 311 -41.37 15.64 -23.32
CA VAL Q 311 -42.14 15.68 -22.09
C VAL Q 311 -43.62 15.67 -22.43
N LEU Q 312 -44.38 14.79 -21.78
CA LEU Q 312 -45.81 14.67 -21.98
C LEU Q 312 -46.53 15.18 -20.74
N LEU Q 313 -47.41 16.17 -20.92
CA LEU Q 313 -48.07 16.84 -19.81
C LEU Q 313 -49.57 16.80 -20.03
N LYS Q 314 -50.32 16.28 -19.05
CA LYS Q 314 -51.76 16.11 -19.15
C LYS Q 314 -52.40 16.67 -17.88
N GLY Q 315 -52.93 17.89 -17.96
CA GLY Q 315 -53.52 18.54 -16.81
C GLY Q 315 -54.90 19.08 -17.14
N ILE Q 316 -55.23 20.22 -16.52
CA ILE Q 316 -56.52 20.87 -16.67
C ILE Q 316 -56.30 22.31 -17.14
N VAL Q 317 -57.34 22.89 -17.73
CA VAL Q 317 -57.24 24.19 -18.38
C VAL Q 317 -58.47 25.02 -18.06
N PHE Q 318 -58.28 26.35 -18.06
CA PHE Q 318 -59.35 27.30 -17.84
C PHE Q 318 -59.00 28.61 -18.54
N GLY Q 319 -60.03 29.31 -19.02
CA GLY Q 319 -59.80 30.58 -19.69
C GLY Q 319 -61.08 31.37 -19.84
N LYS Q 320 -60.92 32.67 -20.04
CA LYS Q 320 -62.02 33.60 -20.24
C LYS Q 320 -61.92 34.23 -21.62
N ILE Q 321 -63.05 34.31 -22.31
CA ILE Q 321 -63.14 34.96 -23.61
C ILE Q 321 -64.00 36.20 -23.45
N GLU Q 322 -63.47 37.35 -23.84
CA GLU Q 322 -64.16 38.62 -23.66
C GLU Q 322 -63.74 39.58 -24.77
N GLU Q 323 -64.07 40.85 -24.61
CA GLU Q 323 -63.83 41.86 -25.64
C GLU Q 323 -62.34 42.18 -25.76
N GLN Q 324 -61.92 42.47 -26.98
CA GLN Q 324 -60.54 42.85 -27.25
C GLN Q 324 -60.38 44.37 -27.34
N UNK R 1 7.72 -17.33 43.10
CA UNK R 1 7.56 -16.17 42.24
C UNK R 1 7.00 -16.57 40.88
N UNK R 2 7.13 -17.85 40.55
CA UNK R 2 6.65 -18.35 39.27
C UNK R 2 5.13 -18.45 39.26
N UNK R 3 4.53 -18.08 38.13
CA UNK R 3 3.08 -18.14 37.94
C UNK R 3 2.34 -17.38 39.02
N UNK R 4 2.77 -16.14 39.26
CA UNK R 4 2.16 -15.27 40.24
C UNK R 4 1.47 -14.10 39.55
N UNK R 5 0.31 -13.71 40.05
CA UNK R 5 -0.47 -12.62 39.48
C UNK R 5 -0.84 -11.63 40.57
N UNK R 6 -1.00 -10.38 40.18
CA UNK R 6 -1.34 -9.30 41.11
C UNK R 6 -2.84 -9.02 41.02
N UNK R 7 -3.58 -9.44 42.05
CA UNK R 7 -5.00 -9.20 42.14
C UNK R 7 -5.29 -8.15 43.21
N UNK R 8 -6.34 -7.35 42.98
CA UNK R 8 -6.68 -6.29 43.92
C UNK R 8 -7.13 -6.86 45.26
N UNK R 9 -6.83 -6.11 46.31
CA UNK R 9 -7.22 -6.53 47.66
C UNK R 9 -8.73 -6.51 47.84
N UNK R 10 -9.42 -5.51 47.27
CA UNK R 10 -10.87 -5.48 47.35
C UNK R 10 -11.50 -6.63 46.56
N UNK R 11 -10.96 -6.91 45.36
CA UNK R 11 -11.47 -8.03 44.56
C UNK R 11 -11.23 -9.36 45.26
N UNK R 12 -10.03 -9.54 45.83
CA UNK R 12 -9.75 -10.78 46.56
C UNK R 12 -10.62 -10.90 47.81
N UNK R 13 -10.87 -9.80 48.51
CA UNK R 13 -11.76 -9.84 49.67
C UNK R 13 -13.18 -10.21 49.25
N UNK R 14 -13.65 -9.65 48.13
CA UNK R 14 -14.99 -10.00 47.65
C UNK R 14 -15.06 -11.46 47.23
N UNK R 15 -14.01 -11.98 46.59
CA UNK R 15 -13.99 -13.38 46.20
C UNK R 15 -13.94 -14.30 47.42
N UNK R 16 -13.23 -13.91 48.47
CA UNK R 16 -13.20 -14.70 49.69
C UNK R 16 -14.51 -14.61 50.46
N UNK R 17 -15.21 -13.48 50.37
CA UNK R 17 -16.52 -13.35 51.01
C UNK R 17 -17.60 -14.11 50.25
N UNK R 18 -17.50 -14.18 48.93
CA UNK R 18 -18.45 -14.98 48.16
C UNK R 18 -18.30 -16.46 48.47
N UNK R 19 -17.06 -16.94 48.59
CA UNK R 19 -16.82 -18.33 48.95
C UNK R 19 -17.14 -18.57 50.41
N UNK R 20 -17.61 -19.78 50.71
CA UNK R 20 -17.98 -20.19 52.06
C UNK R 20 -19.04 -19.23 52.64
N UNK R 21 -20.18 -19.17 51.96
CA UNK R 21 -21.30 -18.34 52.36
C UNK R 21 -20.90 -16.87 52.54
N UNK S 1 12.89 45.98 44.74
CA UNK S 1 13.78 46.93 44.10
C UNK S 1 13.30 47.26 42.68
N UNK S 2 13.51 46.32 41.76
CA UNK S 2 13.07 46.50 40.38
C UNK S 2 11.60 46.15 40.18
N UNK S 3 10.94 45.58 41.19
CA UNK S 3 9.50 45.33 41.08
C UNK S 3 8.72 46.64 41.12
N UNK S 4 9.14 47.58 41.98
CA UNK S 4 8.52 48.90 42.02
C UNK S 4 9.03 49.83 40.93
N UNK S 5 10.06 49.43 40.19
CA UNK S 5 10.60 50.22 39.09
C UNK S 5 9.94 49.90 37.77
N UNK S 6 8.95 49.03 37.75
CA UNK S 6 8.29 48.65 36.51
C UNK S 6 6.79 48.93 36.51
N UNK S 7 6.13 48.76 37.66
CA UNK S 7 4.70 49.04 37.73
C UNK S 7 4.40 50.53 37.83
N UNK S 8 5.40 51.35 38.16
CA UNK S 8 5.21 52.80 38.29
C UNK S 8 6.03 53.62 37.32
N UNK S 9 7.08 53.05 36.73
CA UNK S 9 7.85 53.78 35.72
C UNK S 9 7.17 53.79 34.36
N UNK S 10 6.13 52.98 34.17
CA UNK S 10 5.28 53.09 33.00
C UNK S 10 4.28 54.23 33.12
N UNK S 11 4.11 54.79 34.32
CA UNK S 11 3.27 55.95 34.53
C UNK S 11 4.04 57.26 34.54
N UNK S 12 5.34 57.24 34.85
CA UNK S 12 6.12 58.46 34.85
C UNK S 12 6.24 59.06 33.44
N UNK S 13 6.58 58.22 32.46
CA UNK S 13 6.64 58.70 31.08
C UNK S 13 5.25 59.11 30.58
N UNK S 14 4.21 58.40 31.00
CA UNK S 14 2.86 58.78 30.60
C UNK S 14 2.48 60.14 31.17
N UNK S 15 2.82 60.41 32.44
CA UNK S 15 2.54 61.72 33.03
C UNK S 15 3.36 62.81 32.36
N UNK S 16 4.63 62.52 32.04
CA UNK S 16 5.45 63.49 31.34
C UNK S 16 4.85 63.83 29.98
N UNK S 17 4.42 62.82 29.22
CA UNK S 17 3.81 63.07 27.92
C UNK S 17 2.47 63.78 28.05
N UNK S 18 1.68 63.46 29.08
CA UNK S 18 0.40 64.13 29.27
C UNK S 18 0.60 65.61 29.57
N UNK S 19 1.51 65.93 30.50
CA UNK S 19 1.81 67.33 30.79
C UNK S 19 2.41 68.03 29.58
N UNK S 20 3.22 67.31 28.80
CA UNK S 20 3.81 67.90 27.59
C UNK S 20 2.74 68.25 26.56
N UNK S 21 1.77 67.35 26.35
CA UNK S 21 0.68 67.63 25.44
C UNK S 21 -0.26 68.69 25.98
N UNK S 22 -0.37 68.82 27.30
CA UNK S 22 -1.17 69.90 27.88
C UNK S 22 -0.51 71.26 27.66
N UNK S 23 0.81 71.33 27.89
CA UNK S 23 1.51 72.60 27.73
C UNK S 23 1.67 72.96 26.26
N UNK S 24 1.85 71.97 25.38
CA UNK S 24 2.00 72.24 23.96
C UNK S 24 0.67 72.61 23.31
N UNK S 25 -0.42 71.99 23.78
CA UNK S 25 -1.78 72.25 23.28
C UNK S 25 -1.79 71.98 21.78
N UNK S 26 -2.21 72.92 20.95
CA UNK S 26 -2.24 72.71 19.50
C UNK S 26 -2.09 74.03 18.76
N GLU T 83 69.07 -38.99 -48.62
CA GLU T 83 67.90 -39.82 -48.93
C GLU T 83 67.38 -40.63 -47.72
N PRO T 84 68.27 -41.24 -46.93
CA PRO T 84 67.80 -41.85 -45.68
C PRO T 84 67.23 -40.80 -44.73
N GLN T 85 66.26 -41.21 -43.94
CA GLN T 85 65.63 -40.34 -42.96
C GLN T 85 65.46 -41.08 -41.65
N GLY T 86 65.34 -40.30 -40.57
CA GLY T 86 65.17 -40.90 -39.26
C GLY T 86 66.49 -41.44 -38.73
N LEU T 87 66.40 -42.56 -38.01
CA LEU T 87 67.59 -43.15 -37.40
C LEU T 87 68.57 -43.66 -38.45
N THR T 88 68.07 -44.06 -39.61
CA THR T 88 68.96 -44.56 -40.67
C THR T 88 69.76 -43.46 -41.34
N ALA T 89 69.37 -42.20 -41.16
CA ALA T 89 70.14 -41.11 -41.72
C ALA T 89 71.46 -40.94 -40.97
N PRO T 90 72.54 -40.57 -41.67
CA PRO T 90 73.81 -40.29 -40.98
C PRO T 90 73.79 -39.02 -40.14
N ILE T 91 72.85 -38.12 -40.39
CA ILE T 91 72.73 -36.92 -39.55
C ILE T 91 72.47 -37.33 -38.10
N VAL T 92 71.50 -38.21 -37.89
CA VAL T 92 71.25 -38.74 -36.56
C VAL T 92 72.43 -39.56 -36.07
N HIS T 93 73.23 -40.14 -36.96
CA HIS T 93 74.40 -40.88 -36.52
C HIS T 93 75.45 -39.96 -35.88
N PHE T 94 75.78 -38.86 -36.56
CA PHE T 94 76.77 -37.97 -35.95
C PHE T 94 76.17 -37.19 -34.79
N GLY T 95 74.86 -36.94 -34.80
CA GLY T 95 74.21 -36.43 -33.61
C GLY T 95 74.32 -37.37 -32.43
N SER T 96 74.14 -38.67 -32.68
CA SER T 96 74.26 -39.67 -31.62
C SER T 96 75.68 -39.73 -31.08
N VAL T 97 76.67 -39.68 -31.97
CA VAL T 97 78.05 -39.74 -31.48
C VAL T 97 78.41 -38.46 -30.71
N ILE T 98 77.90 -37.30 -31.12
CA ILE T 98 78.14 -36.08 -30.35
C ILE T 98 77.44 -36.16 -28.99
N SER T 99 76.22 -36.69 -28.95
CA SER T 99 75.50 -36.84 -27.70
C SER T 99 76.24 -37.78 -26.75
N LEU T 100 76.75 -38.90 -27.28
CA LEU T 100 77.56 -39.78 -26.44
C LEU T 100 78.86 -39.13 -26.02
N TRP T 101 79.44 -38.28 -26.87
CA TRP T 101 80.63 -37.54 -26.48
C TRP T 101 80.35 -36.64 -25.28
N LEU T 102 79.22 -35.95 -25.27
CA LEU T 102 78.89 -35.12 -24.11
C LEU T 102 78.55 -35.97 -22.89
N LEU T 103 77.80 -37.06 -23.09
CA LEU T 103 77.41 -37.93 -22.00
C LEU T 103 78.61 -38.58 -21.33
N PHE T 104 79.68 -38.84 -22.09
CA PHE T 104 80.93 -39.33 -21.53
C PHE T 104 81.89 -38.21 -21.17
N ALA T 105 81.66 -36.99 -21.64
CA ALA T 105 82.45 -35.84 -21.24
C ALA T 105 82.10 -35.40 -19.83
N LEU T 106 80.87 -35.64 -19.39
CA LEU T 106 80.56 -35.36 -17.99
C LEU T 106 81.44 -36.16 -17.03
N PRO T 107 81.44 -37.51 -17.05
CA PRO T 107 82.15 -38.24 -15.98
C PRO T 107 83.66 -38.25 -16.12
N VAL T 108 84.20 -38.38 -17.34
CA VAL T 108 85.65 -38.48 -17.46
C VAL T 108 86.32 -37.17 -17.05
N TRP T 109 85.76 -36.03 -17.45
CA TRP T 109 86.33 -34.76 -17.07
C TRP T 109 85.95 -34.34 -15.65
N SER T 110 84.81 -34.80 -15.13
CA SER T 110 84.55 -34.62 -13.71
C SER T 110 85.58 -35.37 -12.87
N ALA T 111 85.95 -36.58 -13.29
CA ALA T 111 86.95 -37.35 -12.56
C ALA T 111 88.35 -36.74 -12.72
N ALA T 112 88.68 -36.27 -13.92
CA ALA T 112 89.96 -35.57 -14.11
C ALA T 112 90.02 -34.29 -13.27
N TYR T 113 88.87 -33.65 -13.07
CA TYR T 113 88.81 -32.49 -12.20
C TYR T 113 89.00 -32.89 -10.73
N LYS T 114 88.30 -33.93 -10.30
CA LYS T 114 88.44 -34.40 -8.92
C LYS T 114 89.86 -34.86 -8.63
N ALA T 115 90.57 -35.36 -9.65
CA ALA T 115 91.96 -35.74 -9.45
C ALA T 115 92.85 -34.51 -9.25
N ALA T 116 92.62 -33.45 -10.04
CA ALA T 116 93.41 -32.23 -9.93
C ALA T 116 92.76 -31.20 -9.02
N GLY T 117 91.56 -30.73 -9.37
CA GLY T 117 90.82 -29.79 -8.56
C GLY T 117 91.36 -28.37 -8.54
N ALA T 118 92.60 -28.16 -8.99
CA ALA T 118 93.27 -26.86 -8.84
C ALA T 118 93.27 -26.42 -7.38
N ASP T 119 93.48 -27.39 -6.48
CA ASP T 119 93.48 -27.14 -5.05
C ASP T 119 94.88 -26.97 -4.47
N THR T 120 95.91 -26.96 -5.31
CA THR T 120 97.26 -26.69 -4.83
C THR T 120 97.37 -25.25 -4.38
N ALA T 121 98.31 -25.00 -3.47
CA ALA T 121 98.43 -23.66 -2.89
C ALA T 121 99.27 -22.73 -3.77
N GLU T 122 98.97 -22.72 -5.06
CA GLU T 122 99.43 -21.67 -5.96
C GLU T 122 98.37 -21.19 -6.93
N TRP T 123 97.33 -21.99 -7.20
CA TRP T 123 96.24 -21.57 -8.07
C TRP T 123 95.36 -20.55 -7.36
N VAL T 124 95.75 -19.29 -7.42
CA VAL T 124 95.00 -18.20 -6.81
C VAL T 124 94.67 -17.17 -7.89
N GLY T 125 93.58 -16.45 -7.68
CA GLY T 125 93.25 -15.36 -8.58
C GLY T 125 94.20 -14.20 -8.44
N VAL T 126 94.37 -13.47 -9.54
CA VAL T 126 95.24 -12.30 -9.55
C VAL T 126 94.42 -11.10 -10.02
N SER T 127 94.84 -9.92 -9.56
CA SER T 127 94.18 -8.68 -9.94
C SER T 127 95.18 -7.54 -9.78
N GLN T 128 95.04 -6.53 -10.64
CA GLN T 128 95.91 -5.36 -10.57
C GLN T 128 95.51 -4.41 -9.44
N VAL T 129 94.34 -4.59 -8.85
CA VAL T 129 93.82 -3.66 -7.86
C VAL T 129 94.40 -3.99 -6.50
N THR T 130 94.96 -2.98 -5.84
CA THR T 130 95.44 -3.13 -4.48
C THR T 130 94.28 -3.12 -3.50
N GLU T 131 94.56 -3.49 -2.25
CA GLU T 131 93.50 -3.57 -1.24
C GLU T 131 93.00 -2.20 -0.83
N ASP T 132 93.83 -1.16 -0.96
CA ASP T 132 93.48 0.17 -0.50
C ASP T 132 92.46 0.87 -1.38
N ALA T 133 92.11 0.32 -2.53
CA ALA T 133 91.10 0.93 -3.38
C ALA T 133 89.74 0.84 -2.72
N PRO T 134 88.91 1.87 -2.85
CA PRO T 134 87.58 1.83 -2.23
C PRO T 134 86.68 0.79 -2.90
N GLY T 135 85.72 0.30 -2.12
CA GLY T 135 84.78 -0.70 -2.58
C GLY T 135 85.12 -2.11 -2.18
N ILE T 136 86.37 -2.38 -1.80
CA ILE T 136 86.77 -3.71 -1.36
C ILE T 136 86.28 -3.93 0.06
N GLY T 137 85.58 -5.03 0.28
CA GLY T 137 85.07 -5.34 1.59
C GLY T 137 86.15 -5.85 2.52
N LEU T 138 85.73 -6.20 3.73
CA LEU T 138 86.65 -6.73 4.73
C LEU T 138 86.72 -8.26 4.68
N TYR T 139 85.61 -8.91 4.39
CA TYR T 139 85.55 -10.36 4.28
C TYR T 139 85.11 -10.75 2.88
N GLY T 140 85.30 -12.02 2.55
CA GLY T 140 84.95 -12.51 1.23
C GLY T 140 83.46 -12.54 0.99
N LYS T 141 82.74 -13.44 1.66
CA LYS T 141 81.30 -13.55 1.54
C LYS T 141 80.70 -13.35 2.92
N TYR T 142 80.15 -12.16 3.17
CA TYR T 142 79.76 -11.78 4.52
C TYR T 142 78.39 -12.36 4.89
N ALA T 143 77.37 -12.09 4.08
CA ALA T 143 76.01 -12.54 4.34
C ALA T 143 75.55 -12.12 5.73
N PRO T 144 75.29 -10.84 5.95
CA PRO T 144 74.94 -10.37 7.29
C PRO T 144 73.59 -10.89 7.76
N GLU T 145 73.46 -11.03 9.08
CA GLU T 145 72.17 -11.38 9.67
C GLU T 145 71.30 -10.13 9.73
N TYR T 146 70.06 -10.24 9.26
CA TYR T 146 69.23 -9.06 9.03
C TYR T 146 68.53 -8.59 10.31
N ASP T 147 67.61 -9.40 10.83
CA ASP T 147 66.86 -9.09 12.05
C ASP T 147 66.29 -7.67 12.02
N GLY T 148 65.65 -7.33 10.90
CA GLY T 148 65.15 -5.99 10.71
C GLY T 148 63.67 -5.95 10.37
N PRO T 149 63.21 -4.84 9.81
CA PRO T 149 61.81 -4.72 9.41
C PRO T 149 61.46 -5.71 8.30
N THR T 150 60.20 -6.12 8.28
CA THR T 150 59.75 -7.14 7.34
C THR T 150 59.66 -6.57 5.93
N PHE T 151 59.39 -7.46 4.96
CA PHE T 151 59.25 -7.03 3.58
C PHE T 151 58.03 -6.13 3.39
N ARG T 152 56.95 -6.40 4.10
CA ARG T 152 55.77 -5.54 4.04
C ARG T 152 56.09 -4.14 4.55
N GLU T 153 56.85 -4.05 5.64
CA GLU T 153 57.26 -2.74 6.14
C GLU T 153 58.20 -2.04 5.18
N GLY T 154 59.05 -2.78 4.48
CA GLY T 154 59.88 -2.17 3.46
C GLY T 154 59.07 -1.61 2.30
N LEU T 155 58.04 -2.36 1.87
CA LEU T 155 57.15 -1.84 0.84
C LEU T 155 56.40 -0.62 1.33
N GLU T 156 55.97 -0.61 2.59
CA GLU T 156 55.33 0.58 3.14
C GLU T 156 56.28 1.77 3.19
N TYR T 157 57.57 1.52 3.46
CA TYR T 157 58.56 2.59 3.42
C TYR T 157 58.74 3.14 2.00
N VAL T 158 58.79 2.24 1.01
CA VAL T 158 58.88 2.69 -0.37
C VAL T 158 57.64 3.47 -0.77
N LEU T 159 56.47 3.10 -0.23
CA LEU T 159 55.26 3.86 -0.49
C LEU T 159 55.28 5.21 0.22
N SER T 160 55.84 5.27 1.43
CA SER T 160 56.00 6.53 2.14
C SER T 160 56.98 7.45 1.44
N PHE T 161 57.87 6.91 0.61
CA PHE T 161 58.61 7.76 -0.32
C PHE T 161 57.67 8.61 -1.16
N ALA T 162 56.48 8.08 -1.48
CA ALA T 162 55.54 8.77 -2.34
C ALA T 162 54.51 9.59 -1.56
N TRP T 163 53.94 9.03 -0.49
CA TRP T 163 52.84 9.72 0.18
C TRP T 163 53.27 10.55 1.39
N LYS T 164 54.53 10.52 1.79
CA LYS T 164 55.05 11.40 2.83
C LYS T 164 56.55 11.55 2.69
N PRO T 165 57.00 12.27 1.66
CA PRO T 165 58.43 12.56 1.54
C PRO T 165 58.86 13.62 2.53
N PRO T 166 60.10 13.56 3.01
CA PRO T 166 60.57 14.60 3.94
C PRO T 166 60.92 15.90 3.23
N ILE T 167 59.90 16.60 2.76
CA ILE T 167 60.08 17.80 1.95
C ILE T 167 59.47 19.01 2.64
N LEU T 168 58.17 18.95 2.92
CA LEU T 168 57.50 20.05 3.60
C LEU T 168 57.72 20.04 5.09
N ILE T 169 58.36 19.01 5.64
CA ILE T 169 58.76 19.05 7.04
C ILE T 169 59.91 20.01 7.27
N ALA T 170 60.61 20.41 6.21
CA ALA T 170 61.67 21.41 6.35
C ALA T 170 61.11 22.77 6.69
N TRP T 171 60.01 23.17 6.03
CA TRP T 171 59.39 24.46 6.29
C TRP T 171 58.36 24.38 7.41
N LYS T 172 58.80 23.83 8.55
CA LYS T 172 58.10 23.71 9.81
C LYS T 172 58.76 24.60 10.85
N PRO T 173 57.99 25.31 11.66
CA PRO T 173 58.57 26.20 12.67
C PRO T 173 59.46 25.43 13.64
N ARG T 174 60.46 26.15 14.16
CA ARG T 174 61.52 25.53 14.93
C ARG T 174 61.00 24.94 16.23
N ALA T 175 61.73 23.94 16.73
CA ALA T 175 61.51 23.46 18.08
C ALA T 175 62.18 24.40 19.08
N ASP T 176 61.90 24.16 20.36
CA ASP T 176 62.43 24.99 21.45
C ASP T 176 61.99 26.44 21.32
N LEU T 177 60.83 26.66 20.71
CA LEU T 177 60.23 27.98 20.60
C LEU T 177 59.08 28.10 21.59
N ASP T 178 59.08 29.16 22.39
CA ASP T 178 58.02 29.40 23.35
C ASP T 178 57.93 30.89 23.62
N ARG T 179 56.77 31.31 24.11
CA ARG T 179 56.59 32.72 24.48
C ARG T 179 56.95 32.94 25.95
N ALA T 180 58.08 32.42 26.35
CA ALA T 180 58.70 32.69 27.64
C ALA T 180 60.17 33.07 27.52
N MET T 181 60.89 32.45 26.58
CA MET T 181 62.27 32.81 26.30
C MET T 181 62.40 33.78 25.15
N MET T 182 61.41 33.82 24.25
CA MET T 182 61.45 34.76 23.13
C MET T 182 61.07 36.15 23.62
N ASP T 183 61.99 37.09 23.48
CA ASP T 183 61.75 38.45 23.97
C ASP T 183 60.72 39.15 23.10
N PRO T 184 59.63 39.64 23.67
CA PRO T 184 58.66 40.41 22.87
C PRO T 184 59.24 41.67 22.26
N ALA T 185 60.28 42.25 22.86
CA ALA T 185 60.87 43.47 22.31
C ALA T 185 61.58 43.23 20.99
N ARG T 186 61.92 41.97 20.68
CA ARG T 186 62.59 41.61 19.44
C ARG T 186 61.62 41.06 18.40
N ASP T 187 60.33 41.30 18.57
CA ASP T 187 59.33 40.72 17.67
C ASP T 187 59.36 41.40 16.30
N THR T 188 58.99 40.63 15.29
CA THR T 188 58.95 41.11 13.91
C THR T 188 57.59 40.84 13.31
N VAL T 189 57.45 41.09 12.00
CA VAL T 189 56.17 40.85 11.34
C VAL T 189 55.83 39.35 11.35
N VAL T 190 56.77 38.52 10.92
CA VAL T 190 56.52 37.08 10.84
C VAL T 190 56.38 36.47 12.22
N SER T 191 57.23 36.90 13.17
CA SER T 191 57.15 36.35 14.52
C SER T 191 55.83 36.71 15.19
N SER T 192 55.37 37.95 15.03
CA SER T 192 54.09 38.34 15.62
C SER T 192 52.92 37.67 14.91
N LEU T 193 53.01 37.49 13.60
CA LEU T 193 51.97 36.75 12.88
C LEU T 193 51.95 35.29 13.31
N TYR T 194 53.10 34.73 13.66
CA TYR T 194 53.18 33.37 14.16
C TYR T 194 52.59 33.28 15.56
N LYS T 195 52.83 34.28 16.40
CA LYS T 195 52.22 34.30 17.73
C LYS T 195 50.71 34.45 17.63
N SER T 196 50.23 35.27 16.69
CA SER T 196 48.79 35.47 16.56
C SER T 196 48.09 34.24 16.00
N LEU T 197 48.77 33.46 15.17
CA LEU T 197 48.20 32.24 14.61
C LEU T 197 48.44 31.01 15.48
N GLY T 198 48.61 31.21 16.79
CA GLY T 198 48.78 30.10 17.71
C GLY T 198 50.07 29.32 17.53
N GLY T 199 51.19 30.01 17.37
CA GLY T 199 52.48 29.36 17.26
C GLY T 199 53.18 29.27 18.61
N ALA T 200 54.13 28.33 18.67
CA ALA T 200 54.90 28.07 19.89
C ALA T 200 53.98 27.79 21.07
N LEU T 201 52.92 27.02 20.80
CA LEU T 201 51.92 26.70 21.83
C LEU T 201 52.34 25.42 22.56
N ASP T 202 53.41 25.57 23.35
CA ASP T 202 53.85 24.51 24.25
C ASP T 202 53.22 24.64 25.63
N LYS T 203 52.42 25.68 25.86
CA LYS T 203 51.70 25.88 27.11
C LYS T 203 50.30 25.30 27.08
N THR T 204 49.95 24.57 26.02
CA THR T 204 48.63 23.99 25.86
C THR T 204 48.50 22.62 26.51
N ALA T 205 49.39 22.28 27.45
CA ALA T 205 49.28 21.02 28.15
C ALA T 205 48.04 20.95 29.05
N VAL T 206 47.39 22.09 29.29
CA VAL T 206 46.17 22.10 30.07
C VAL T 206 45.03 21.54 29.24
N TYR T 207 44.15 20.78 29.89
CA TYR T 207 42.93 20.28 29.29
C TYR T 207 41.74 21.01 29.89
N ASP T 208 40.59 20.88 29.24
CA ASP T 208 39.40 21.60 29.68
C ASP T 208 38.91 21.07 31.02
N GLU T 209 38.95 19.76 31.22
CA GLU T 209 38.53 19.13 32.47
C GLU T 209 37.07 19.46 32.81
N GLU T 210 36.25 19.62 31.78
CA GLU T 210 34.81 19.77 31.93
C GLU T 210 34.13 18.74 31.03
N ASP T 211 33.06 18.12 31.54
CA ASP T 211 32.42 17.05 30.80
C ASP T 211 31.82 17.55 29.49
N GLN T 212 31.12 18.69 29.53
CA GLN T 212 30.48 19.32 28.38
C GLN T 212 29.41 18.43 27.75
N LEU T 213 29.13 17.27 28.34
CA LEU T 213 27.95 16.49 27.99
C LEU T 213 27.17 16.08 29.23
N LEU T 214 27.57 16.57 30.41
CA LEU T 214 26.95 16.16 31.67
C LEU T 214 25.59 16.84 31.81
N ILE T 215 24.52 16.07 31.70
CA ILE T 215 23.19 16.55 32.02
C ILE T 215 23.00 16.41 33.53
N LEU T 216 22.59 17.51 34.17
CA LEU T 216 22.42 17.49 35.62
C LEU T 216 21.30 16.54 36.02
N SER T 217 21.50 15.85 37.13
CA SER T 217 20.55 14.85 37.61
C SER T 217 20.24 15.02 39.09
N ASP T 218 20.49 16.20 39.65
CA ASP T 218 20.24 16.45 41.07
C ASP T 218 18.77 16.80 41.27
N MET T 219 17.94 15.76 41.26
CA MET T 219 16.53 15.91 41.54
C MET T 219 16.30 16.12 43.03
N GLU T 220 15.33 16.96 43.36
CA GLU T 220 14.99 17.26 44.74
C GLU T 220 13.61 16.70 45.07
N THR T 221 13.51 16.06 46.24
CA THR T 221 12.25 15.47 46.69
C THR T 221 11.49 16.49 47.54
N PHE T 222 10.28 16.83 47.12
CA PHE T 222 9.46 17.75 47.89
C PHE T 222 8.90 17.03 49.12
N PRO T 223 8.99 17.65 50.29
CA PRO T 223 8.44 17.00 51.50
C PRO T 223 6.92 16.92 51.44
N GLU T 224 6.39 15.79 51.89
CA GLU T 224 4.96 15.56 51.85
C GLU T 224 4.28 16.22 53.06
N THR T 225 3.23 16.99 52.79
CA THR T 225 2.52 17.70 53.84
C THR T 225 1.41 16.84 54.43
N GLU T 226 0.88 17.29 55.57
CA GLU T 226 -0.26 16.61 56.17
C GLU T 226 -1.48 16.68 55.26
N LEU T 227 -1.73 17.85 54.68
CA LEU T 227 -2.71 18.00 53.62
C LEU T 227 -2.05 17.49 52.34
N GLY T 228 -2.43 16.28 51.94
CA GLY T 228 -1.73 15.55 50.90
C GLY T 228 -1.46 14.15 51.37
N ARG T 229 -1.10 14.00 52.66
CA ARG T 229 -1.24 12.70 53.29
C ARG T 229 -2.70 12.39 53.56
N ARG T 230 -3.52 13.42 53.79
CA ARG T 230 -4.96 13.24 53.85
C ARG T 230 -5.60 13.17 52.47
N ARG T 231 -4.84 13.43 51.40
CA ARG T 231 -5.35 13.36 50.05
C ARG T 231 -4.88 12.13 49.29
N VAL T 232 -3.78 11.49 49.71
CA VAL T 232 -3.51 10.14 49.23
C VAL T 232 -4.49 9.16 49.88
N ALA T 233 -4.85 9.38 51.13
CA ALA T 233 -6.04 8.76 51.70
C ALA T 233 -7.27 9.47 51.15
N GLN T 234 -8.42 8.81 51.27
CA GLN T 234 -9.70 9.29 50.75
C GLN T 234 -9.72 9.21 49.23
N ALA T 235 -8.56 8.92 48.64
CA ALA T 235 -8.45 8.60 47.22
C ALA T 235 -8.02 7.17 46.99
N GLU T 236 -7.15 6.65 47.85
CA GLU T 236 -6.86 5.22 47.84
C GLU T 236 -8.09 4.42 48.26
N ALA T 237 -8.89 4.97 49.17
CA ALA T 237 -10.13 4.30 49.56
C ALA T 237 -11.18 4.40 48.46
N ALA T 238 -11.13 5.45 47.65
CA ALA T 238 -12.13 5.65 46.60
C ALA T 238 -11.87 4.82 45.36
N GLY T 239 -10.69 4.23 45.22
CA GLY T 239 -10.37 3.38 44.08
C GLY T 239 -9.20 3.86 43.26
N TRP T 240 -8.65 5.04 43.53
CA TRP T 240 -7.44 5.45 42.83
C TRP T 240 -6.26 4.61 43.30
N PHE T 241 -5.13 4.76 42.63
CA PHE T 241 -3.90 4.02 42.83
C PHE T 241 -3.99 2.56 42.41
N THR T 242 -5.15 2.08 41.98
CA THR T 242 -5.33 0.69 41.60
C THR T 242 -5.88 0.60 40.18
N GLY T 243 -5.45 -0.41 39.44
CA GLY T 243 -5.99 -0.68 38.12
C GLY T 243 -5.00 -0.47 37.00
N ASN T 244 -4.22 0.61 37.05
CA ASN T 244 -3.24 0.93 36.02
C ASN T 244 -1.93 1.29 36.72
N PRO T 245 -1.13 0.29 37.09
CA PRO T 245 0.09 0.56 37.87
C PRO T 245 1.19 1.26 37.08
N SER T 246 1.11 1.30 35.76
CA SER T 246 2.15 1.88 34.93
C SER T 246 1.63 3.06 34.12
N PHE T 247 0.81 3.90 34.74
CA PHE T 247 0.18 4.97 33.98
C PHE T 247 1.11 6.16 33.78
N GLY T 248 1.54 6.80 34.86
CA GLY T 248 2.34 7.99 34.74
C GLY T 248 3.83 7.72 34.82
N LYS T 249 4.22 6.47 34.61
CA LYS T 249 5.61 6.05 34.73
C LYS T 249 6.17 5.71 33.36
N SER T 250 7.42 6.05 33.13
CA SER T 250 8.08 5.74 31.87
C SER T 250 8.48 4.27 31.85
N LEU T 251 9.02 3.83 30.71
CA LEU T 251 9.42 2.44 30.57
C LEU T 251 10.56 2.10 31.52
N ILE T 252 11.60 2.94 31.55
CA ILE T 252 12.71 2.72 32.48
C ILE T 252 12.23 2.85 33.93
N GLU T 253 11.38 3.84 34.19
CA GLU T 253 10.90 4.05 35.56
C GLU T 253 10.07 2.86 36.05
N TYR T 254 9.18 2.34 35.19
CA TYR T 254 8.38 1.19 35.57
C TYR T 254 9.19 -0.10 35.59
N SER T 255 10.30 -0.15 34.86
CA SER T 255 11.21 -1.29 34.95
C SER T 255 12.07 -1.26 36.21
N GLU T 256 12.38 -0.07 36.72
CA GLU T 256 13.12 0.02 37.97
C GLU T 256 12.31 -0.52 39.14
N GLU T 257 11.01 -0.23 39.15
CA GLU T 257 10.11 -0.92 40.07
C GLU T 257 9.68 -2.24 39.46
N THR T 258 8.88 -3.01 40.20
CA THR T 258 8.51 -4.38 39.85
C THR T 258 9.74 -5.28 39.72
N LYS T 259 10.90 -4.81 40.16
CA LYS T 259 12.11 -5.62 40.26
C LYS T 259 12.84 -5.46 41.57
N LYS T 260 12.65 -4.36 42.31
CA LYS T 260 13.24 -4.19 43.63
C LYS T 260 12.18 -3.87 44.67
N GLY T 261 10.92 -4.18 44.39
CA GLY T 261 9.84 -3.92 45.32
C GLY T 261 8.79 -2.98 44.77
N MET T 262 8.07 -2.30 45.65
CA MET T 262 7.07 -1.29 45.28
C MET T 262 5.99 -1.90 44.40
N ARG T 263 5.23 -2.82 44.99
CA ARG T 263 4.07 -3.38 44.34
C ARG T 263 2.98 -2.32 44.16
N GLU T 264 1.97 -2.66 43.37
CA GLU T 264 0.85 -1.74 43.18
C GLU T 264 0.03 -1.67 44.46
N PRO T 265 -0.20 -0.48 45.02
CA PRO T 265 -0.99 -0.39 46.24
C PRO T 265 -2.44 -0.81 46.01
N GLY T 266 -3.03 -1.42 47.05
CA GLY T 266 -4.35 -1.97 46.94
C GLY T 266 -4.41 -3.35 46.30
N THR T 267 -3.27 -3.95 45.99
CA THR T 267 -3.20 -5.26 45.37
C THR T 267 -2.31 -6.18 46.20
N VAL T 268 -2.57 -7.48 46.11
CA VAL T 268 -1.78 -8.49 46.79
C VAL T 268 -1.24 -9.45 45.75
N SER T 269 -0.28 -10.27 46.16
CA SER T 269 0.33 -11.27 45.29
C SER T 269 -0.30 -12.63 45.57
N ILE T 270 -0.71 -13.32 44.50
CA ILE T 270 -1.36 -14.61 44.62
C ILE T 270 -1.06 -15.42 43.37
N SER T 271 -0.87 -16.73 43.55
CA SER T 271 -0.59 -17.61 42.43
C SER T 271 -1.82 -17.79 41.56
N ALA T 272 -1.60 -18.19 40.31
CA ALA T 272 -2.69 -18.36 39.37
C ALA T 272 -3.59 -19.53 39.76
N LYS T 273 -3.01 -20.64 40.22
CA LYS T 273 -3.83 -21.77 40.63
C LYS T 273 -4.68 -21.44 41.85
N GLU T 274 -4.10 -20.74 42.83
CA GLU T 274 -4.87 -20.36 44.02
C GLU T 274 -5.98 -19.37 43.65
N LEU T 275 -5.69 -18.42 42.77
CA LEU T 275 -6.72 -17.49 42.32
C LEU T 275 -7.83 -18.21 41.57
N ALA T 276 -7.47 -19.17 40.72
CA ALA T 276 -8.47 -19.94 40.00
C ALA T 276 -9.34 -20.75 40.96
N ALA T 277 -8.72 -21.37 41.96
CA ALA T 277 -9.50 -22.12 42.95
C ALA T 277 -10.40 -21.21 43.76
N LEU T 278 -9.93 -20.02 44.12
CA LEU T 278 -10.77 -19.07 44.85
C LEU T 278 -11.95 -18.60 44.01
N ARG T 279 -11.71 -18.34 42.71
CA ARG T 279 -12.80 -17.97 41.83
C ARG T 279 -13.77 -19.13 41.61
N ALA T 280 -13.27 -20.37 41.66
CA ALA T 280 -14.14 -21.53 41.55
C ALA T 280 -15.00 -21.70 42.80
N GLU T 281 -14.42 -21.49 43.98
CA GLU T 281 -15.17 -21.57 45.22
C GLU T 281 -16.13 -20.40 45.40
N ALA T 282 -15.84 -19.25 44.79
CA ALA T 282 -16.76 -18.13 44.87
C ALA T 282 -18.03 -18.39 44.08
N ALA T 283 -17.93 -19.07 42.94
CA ALA T 283 -19.07 -19.38 42.09
C ALA T 283 -19.61 -20.78 42.35
N LYS T 284 -19.33 -21.35 43.51
CA LYS T 284 -19.84 -22.68 43.84
C LYS T 284 -21.34 -22.63 44.09
N LYS T 285 -22.07 -23.54 43.45
CA LYS T 285 -23.51 -23.66 43.62
C LYS T 285 -24.22 -22.34 43.31
N MET U 1 -14.05 6.14 -7.82
CA MET U 1 -13.52 5.10 -6.95
C MET U 1 -12.71 5.71 -5.82
N GLU U 2 -12.33 6.97 -5.98
CA GLU U 2 -11.66 7.70 -4.90
C GLU U 2 -12.62 8.04 -3.77
N THR U 3 -13.93 8.03 -4.04
CA THR U 3 -14.91 8.21 -2.98
C THR U 3 -14.77 7.14 -1.93
N LEU U 4 -14.47 5.90 -2.35
CA LEU U 4 -14.22 4.83 -1.41
C LEU U 4 -13.02 5.13 -0.52
N VAL U 5 -11.96 5.68 -1.10
CA VAL U 5 -10.78 6.04 -0.32
C VAL U 5 -11.11 7.14 0.68
N TYR U 6 -11.87 8.15 0.25
CA TYR U 6 -12.26 9.21 1.17
C TYR U 6 -13.09 8.67 2.33
N VAL U 7 -14.05 7.81 2.03
CA VAL U 7 -14.89 7.23 3.08
C VAL U 7 -14.05 6.38 4.01
N PHE U 8 -13.11 5.61 3.47
CA PHE U 8 -12.25 4.78 4.30
C PHE U 8 -11.41 5.63 5.23
N LEU U 9 -10.84 6.72 4.73
CA LEU U 9 -10.03 7.59 5.58
C LEU U 9 -10.87 8.26 6.67
N LEU U 10 -12.06 8.74 6.30
CA LEU U 10 -12.92 9.37 7.31
C LEU U 10 -13.35 8.37 8.37
N ALA U 11 -13.73 7.15 7.96
CA ALA U 11 -14.13 6.13 8.92
C ALA U 11 -12.97 5.71 9.79
N GLY U 12 -11.76 5.64 9.23
CA GLY U 12 -10.60 5.33 10.05
C GLY U 12 -10.31 6.41 11.08
N THR U 13 -10.46 7.67 10.68
CA THR U 13 -10.29 8.76 11.64
C THR U 13 -11.33 8.67 12.76
N LEU U 14 -12.58 8.40 12.40
CA LEU U 14 -13.61 8.25 13.42
C LEU U 14 -13.35 7.05 14.32
N GLY U 15 -12.84 5.96 13.77
CA GLY U 15 -12.49 4.81 14.58
C GLY U 15 -11.34 5.12 15.54
N VAL U 16 -10.36 5.88 15.07
CA VAL U 16 -9.28 6.32 15.95
C VAL U 16 -9.84 7.16 17.08
N ILE U 17 -10.77 8.06 16.77
CA ILE U 17 -11.40 8.87 17.82
C ILE U 17 -12.15 7.99 18.81
N PHE U 18 -12.89 7.02 18.30
CA PHE U 18 -13.65 6.12 19.17
C PHE U 18 -12.73 5.35 20.12
N PHE U 19 -11.64 4.81 19.59
CA PHE U 19 -10.72 4.03 20.41
C PHE U 19 -9.95 4.93 21.37
N ALA U 20 -9.66 6.17 20.97
CA ALA U 20 -8.99 7.08 21.88
C ALA U 20 -9.90 7.50 23.02
N VAL U 21 -11.20 7.57 22.78
CA VAL U 21 -12.13 7.91 23.86
C VAL U 21 -12.35 6.73 24.78
N PHE U 22 -12.73 5.58 24.23
CA PHE U 22 -13.23 4.49 25.06
C PHE U 22 -12.16 3.48 25.45
N PHE U 23 -11.07 3.38 24.71
CA PHE U 23 -9.98 2.47 25.03
C PHE U 23 -8.71 3.23 25.40
N ARG U 24 -8.89 4.36 26.09
CA ARG U 24 -7.76 5.17 26.49
C ARG U 24 -7.03 4.53 27.67
N ASP U 25 -5.83 5.03 27.93
CA ASP U 25 -5.10 4.62 29.11
C ASP U 25 -5.77 5.20 30.34
N PRO U 26 -6.23 4.38 31.29
CA PRO U 26 -6.97 4.90 32.43
C PRO U 26 -6.07 5.70 33.35
N PRO U 27 -6.40 6.95 33.62
CA PRO U 27 -5.55 7.76 34.51
C PRO U 27 -5.67 7.33 35.96
N ARG U 28 -4.54 7.07 36.59
CA ARG U 28 -4.47 6.72 37.99
C ARG U 28 -3.40 7.55 38.67
N ILE U 29 -3.57 7.79 39.96
CA ILE U 29 -2.57 8.51 40.74
C ILE U 29 -1.47 7.54 41.15
N ALA U 30 -0.22 8.00 41.04
CA ALA U 30 0.92 7.19 41.44
C ALA U 30 1.20 7.37 42.92
N LYS U 31 1.96 6.43 43.48
CA LYS U 31 2.25 6.41 44.91
C LYS U 31 3.57 7.10 45.23
N LYS U 32 3.94 8.11 44.46
CA LYS U 32 5.16 8.87 44.71
C LYS U 32 5.10 9.58 46.06
N ASN V 58 -23.43 32.21 -28.12
CA ASN V 58 -22.56 31.29 -28.83
C ASN V 58 -21.13 31.80 -28.87
N VAL V 59 -20.19 30.91 -29.23
CA VAL V 59 -18.79 31.31 -29.34
C VAL V 59 -18.60 32.25 -30.52
N GLU V 60 -19.18 31.91 -31.67
CA GLU V 60 -18.97 32.64 -32.91
C GLU V 60 -20.28 33.30 -33.32
N TYR V 61 -20.25 34.62 -33.51
CA TYR V 61 -21.43 35.38 -33.94
C TYR V 61 -20.93 36.63 -34.66
N PRO V 62 -20.97 36.63 -35.99
CA PRO V 62 -20.38 37.76 -36.73
C PRO V 62 -21.19 39.04 -36.68
N ASN V 63 -22.49 38.98 -36.44
CA ASN V 63 -23.35 40.16 -36.49
C ASN V 63 -23.48 40.84 -35.13
N VAL V 64 -22.36 41.16 -34.49
CA VAL V 64 -22.46 41.87 -33.21
C VAL V 64 -21.45 43.02 -33.11
N PRO V 65 -21.28 43.87 -34.15
CA PRO V 65 -20.77 45.22 -33.89
C PRO V 65 -21.89 46.24 -33.84
N TYR V 66 -23.10 45.80 -34.22
CA TYR V 66 -24.24 46.68 -34.35
C TYR V 66 -25.18 46.61 -33.14
N LEU V 67 -24.77 45.92 -32.07
CA LEU V 67 -25.52 45.90 -30.83
C LEU V 67 -25.12 47.02 -29.88
N GLY V 68 -24.58 48.12 -30.41
CA GLY V 68 -24.08 49.22 -29.62
C GLY V 68 -22.58 49.39 -29.65
N GLY V 69 -21.86 48.53 -30.37
CA GLY V 69 -20.42 48.62 -30.44
C GLY V 69 -19.92 49.56 -31.52
N SER V 70 -20.81 49.95 -32.45
CA SER V 70 -20.42 50.82 -33.54
C SER V 70 -21.46 51.92 -33.74
N ASP V 71 -21.31 52.72 -34.80
CA ASP V 71 -22.28 53.77 -35.08
C ASP V 71 -23.59 53.20 -35.59
N ILE V 72 -23.52 52.23 -36.50
CA ILE V 72 -24.72 51.67 -37.12
C ILE V 72 -25.37 50.69 -36.13
N ILE V 73 -26.68 50.87 -35.92
CA ILE V 73 -27.42 50.14 -34.90
C ILE V 73 -28.38 49.18 -35.61
N ASP V 74 -28.33 47.91 -35.21
CA ASP V 74 -29.21 46.88 -35.76
C ASP V 74 -30.42 46.71 -34.85
N VAL V 75 -31.61 46.73 -35.44
CA VAL V 75 -32.85 46.56 -34.68
C VAL V 75 -33.12 45.06 -34.50
N ASN V 76 -34.09 44.75 -33.63
CA ASN V 76 -34.54 43.39 -33.31
C ASN V 76 -33.40 42.48 -32.86
N ASN V 77 -32.25 43.05 -32.53
CA ASN V 77 -31.18 42.31 -31.87
C ASN V 77 -30.46 43.12 -30.79
N ALA V 78 -30.90 44.33 -30.50
CA ALA V 78 -30.19 45.22 -29.58
C ALA V 78 -31.14 45.68 -28.48
N ASN V 79 -30.53 46.06 -27.35
CA ASN V 79 -31.28 46.54 -26.20
C ASN V 79 -31.74 47.99 -26.44
N VAL V 80 -32.65 48.45 -25.57
CA VAL V 80 -33.11 49.83 -25.63
C VAL V 80 -32.05 50.82 -25.20
N ARG V 81 -30.97 50.37 -24.56
CA ARG V 81 -29.93 51.27 -24.09
C ARG V 81 -29.12 51.86 -25.24
N VAL V 82 -29.08 51.19 -26.39
CA VAL V 82 -28.30 51.70 -27.53
C VAL V 82 -28.99 52.83 -28.27
N TYR V 83 -30.27 53.05 -28.02
CA TYR V 83 -30.99 54.18 -28.60
C TYR V 83 -30.81 55.46 -27.80
N THR V 84 -30.16 55.40 -26.64
CA THR V 84 -29.83 56.60 -25.88
C THR V 84 -28.67 57.37 -26.47
N ARG V 85 -27.90 56.76 -27.37
CA ARG V 85 -26.85 57.49 -28.08
C ARG V 85 -27.44 58.46 -29.08
N LEU V 86 -28.49 58.06 -29.78
CA LEU V 86 -29.17 58.94 -30.72
C LEU V 86 -30.17 59.82 -29.97
N PRO V 87 -30.04 61.14 -30.03
CA PRO V 87 -31.01 62.00 -29.33
C PRO V 87 -32.40 61.87 -29.92
N GLY V 88 -33.39 61.86 -29.03
CA GLY V 88 -34.78 61.79 -29.43
C GLY V 88 -35.31 60.40 -29.73
N MET V 89 -34.51 59.35 -29.51
CA MET V 89 -34.90 57.99 -29.83
C MET V 89 -35.16 57.15 -28.59
N TYR V 90 -35.35 57.80 -27.43
CA TYR V 90 -35.53 57.07 -26.18
C TYR V 90 -36.23 57.98 -25.19
N PRO V 91 -37.14 57.48 -24.35
CA PRO V 91 -37.64 56.10 -24.30
C PRO V 91 -38.79 55.87 -25.26
N ALA V 92 -39.18 56.91 -26.00
CA ALA V 92 -40.17 56.74 -27.06
C ALA V 92 -39.50 56.16 -28.31
N ILE V 93 -40.33 55.87 -29.32
CA ILE V 93 -39.87 55.42 -30.62
C ILE V 93 -39.19 54.06 -30.53
N ALA V 94 -38.14 53.96 -29.70
CA ALA V 94 -37.47 52.67 -29.51
C ALA V 94 -38.42 51.64 -28.92
N LYS V 95 -39.39 52.08 -28.11
CA LYS V 95 -40.41 51.18 -27.62
C LYS V 95 -41.22 50.58 -28.76
N LYS V 96 -41.58 51.41 -29.75
CA LYS V 96 -42.28 50.90 -30.92
C LYS V 96 -41.41 49.92 -31.72
N ILE V 97 -40.10 50.16 -31.75
CA ILE V 97 -39.21 49.25 -32.46
C ILE V 97 -39.13 47.90 -31.75
N ILE V 98 -39.00 47.91 -30.43
CA ILE V 98 -38.84 46.67 -29.68
C ILE V 98 -40.14 45.87 -29.60
N LYS V 99 -41.28 46.56 -29.48
CA LYS V 99 -42.55 45.83 -29.35
C LYS V 99 -42.85 44.99 -30.58
N ARG V 100 -42.80 45.59 -31.77
CA ARG V 100 -42.94 44.86 -33.03
C ARG V 100 -41.53 44.64 -33.60
N ALA V 101 -40.85 43.63 -33.05
CA ALA V 101 -39.40 43.52 -33.27
C ALA V 101 -39.04 43.11 -34.69
N PRO V 102 -39.47 41.96 -35.21
CA PRO V 102 -38.85 41.45 -36.46
C PRO V 102 -39.17 42.33 -37.66
N TYR V 103 -38.12 42.76 -38.36
CA TYR V 103 -38.22 43.59 -39.55
C TYR V 103 -37.38 42.99 -40.67
N LYS V 104 -37.87 43.11 -41.91
CA LYS V 104 -37.07 42.69 -43.06
C LYS V 104 -35.97 43.70 -43.34
N ASP V 105 -36.31 44.98 -43.35
CA ASP V 105 -35.33 46.04 -43.57
C ASP V 105 -35.84 47.32 -42.90
N ILE V 106 -35.23 48.45 -43.24
CA ILE V 106 -35.59 49.71 -42.61
C ILE V 106 -37.01 50.13 -42.98
N ASN V 107 -37.38 49.98 -44.26
CA ASN V 107 -38.70 50.42 -44.70
C ASN V 107 -39.82 49.64 -44.03
N GLU V 108 -39.59 48.37 -43.70
CA GLU V 108 -40.57 47.63 -42.91
C GLU V 108 -40.77 48.25 -41.54
N MET V 109 -39.68 48.73 -40.91
CA MET V 109 -39.83 49.44 -39.65
C MET V 109 -40.56 50.76 -39.83
N LEU V 110 -40.28 51.47 -40.93
CA LEU V 110 -40.95 52.74 -41.17
C LEU V 110 -42.42 52.59 -41.52
N GLU V 111 -42.83 51.44 -42.02
CA GLU V 111 -44.22 51.21 -42.43
C GLU V 111 -45.05 50.50 -41.36
N LYS V 112 -44.56 49.38 -40.84
CA LYS V 112 -45.32 48.63 -39.85
C LYS V 112 -45.38 49.31 -38.49
N GLY V 113 -44.41 50.17 -38.18
CA GLY V 113 -44.43 50.89 -36.91
C GLY V 113 -45.41 52.06 -36.96
N ASP V 114 -46.10 52.27 -35.85
CA ASP V 114 -47.08 53.35 -35.73
C ASP V 114 -46.36 54.64 -35.30
N PHE V 115 -45.66 55.23 -36.28
CA PHE V 115 -44.84 56.41 -36.04
C PHE V 115 -45.59 57.67 -36.45
N THR V 116 -45.70 58.61 -35.52
CA THR V 116 -46.27 59.92 -35.82
C THR V 116 -45.27 60.72 -36.65
N ALA V 117 -45.78 61.78 -37.30
CA ALA V 117 -44.96 62.56 -38.23
C ALA V 117 -43.72 63.14 -37.56
N ALA V 118 -43.84 63.62 -36.32
CA ALA V 118 -42.65 64.07 -35.59
C ALA V 118 -41.71 62.91 -35.33
N GLU V 119 -42.25 61.76 -34.92
CA GLU V 119 -41.42 60.57 -34.78
C GLU V 119 -40.84 60.14 -36.12
N LYS V 120 -41.58 60.34 -37.20
CA LYS V 120 -41.03 60.02 -38.52
C LYS V 120 -39.88 60.95 -38.89
N ASP V 121 -39.94 62.23 -38.50
CA ASP V 121 -38.80 63.12 -38.70
C ASP V 121 -37.61 62.69 -37.85
N ILE V 122 -37.85 62.27 -36.61
CA ILE V 122 -36.78 61.76 -35.77
C ILE V 122 -36.14 60.53 -36.43
N LEU V 123 -36.96 59.66 -37.00
CA LEU V 123 -36.44 58.54 -37.78
C LEU V 123 -35.64 59.02 -38.98
N ASP V 124 -36.11 60.06 -39.66
CA ASP V 124 -35.43 60.61 -40.83
C ASP V 124 -34.08 61.23 -40.47
N LYS V 125 -33.89 61.60 -39.20
CA LYS V 125 -32.59 62.14 -38.81
C LYS V 125 -31.50 61.07 -38.70
N TYR V 126 -31.87 59.79 -38.60
CA TYR V 126 -30.93 58.73 -38.29
C TYR V 126 -31.09 57.54 -39.23
N LEU V 127 -31.18 57.82 -40.53
CA LEU V 127 -31.16 56.74 -41.51
C LEU V 127 -29.83 55.99 -41.56
N PRO V 128 -28.67 56.63 -41.71
CA PRO V 128 -27.46 55.86 -42.01
C PRO V 128 -26.95 55.01 -40.85
N ASN V 129 -27.10 55.46 -39.62
CA ASN V 129 -26.68 54.67 -38.47
C ASN V 129 -27.82 53.80 -37.93
N LEU V 130 -28.41 53.01 -38.83
CA LEU V 130 -29.55 52.18 -38.49
C LEU V 130 -29.72 51.11 -39.57
N THR V 131 -29.88 49.86 -39.15
CA THR V 131 -30.00 48.75 -40.09
C THR V 131 -30.89 47.68 -39.48
N ALA V 132 -31.16 46.63 -40.26
CA ALA V 132 -32.02 45.53 -39.82
C ALA V 132 -31.49 44.24 -40.43
N LEU V 133 -30.81 43.43 -39.60
CA LEU V 133 -30.26 42.17 -40.03
C LEU V 133 -31.15 41.01 -39.55
N GLU V 134 -30.67 39.79 -39.74
CA GLU V 134 -31.43 38.62 -39.35
C GLU V 134 -31.56 38.55 -37.83
N PRO V 135 -32.71 38.10 -37.32
CA PRO V 135 -32.90 38.05 -35.87
C PRO V 135 -32.24 36.82 -35.24
N ALA V 136 -31.63 37.03 -34.08
CA ALA V 136 -31.05 35.97 -33.29
C ALA V 136 -31.84 35.81 -32.00
N PRO V 137 -32.42 34.64 -31.73
CA PRO V 137 -33.27 34.50 -30.53
C PRO V 137 -32.53 34.66 -29.21
N GLU V 138 -31.20 34.54 -29.20
CA GLU V 138 -30.46 34.79 -27.96
C GLU V 138 -30.46 36.26 -27.59
N TYR V 139 -30.59 37.15 -28.58
CA TYR V 139 -30.64 38.59 -28.33
C TYR V 139 -32.05 39.16 -28.44
N VAL V 140 -32.99 38.43 -29.02
CA VAL V 140 -34.38 38.88 -29.04
C VAL V 140 -34.97 38.86 -27.63
N ILE V 141 -34.65 37.82 -26.85
CA ILE V 141 -35.21 37.66 -25.52
C ILE V 141 -34.66 38.67 -24.52
N ASP V 142 -33.59 39.38 -24.88
CA ASP V 142 -32.94 40.34 -23.97
C ASP V 142 -32.77 41.69 -24.66
N ASN V 143 -33.82 42.16 -25.32
CA ASN V 143 -33.81 43.47 -25.96
C ASN V 143 -34.41 44.57 -25.10
N ILE V 144 -34.84 44.25 -23.88
CA ILE V 144 -35.38 45.24 -22.96
C ILE V 144 -34.48 45.42 -21.74
N ASN V 145 -33.88 44.34 -21.25
CA ASN V 145 -33.01 44.40 -20.08
C ASN V 145 -31.56 44.06 -20.41
N ASN V 146 -31.33 42.88 -20.98
CA ASN V 146 -30.01 42.43 -21.43
C ASN V 146 -28.99 42.32 -20.29
N GLY V 147 -29.41 42.60 -19.07
CA GLY V 147 -28.55 42.44 -17.91
C GLY V 147 -27.52 43.53 -17.71
N LEU V 148 -27.44 44.51 -18.60
CA LEU V 148 -26.49 45.62 -18.47
C LEU V 148 -27.13 46.71 -17.62
N TYR V 149 -26.39 47.20 -16.62
CA TYR V 149 -26.93 48.21 -15.72
C TYR V 149 -25.94 49.32 -15.41
N ARG V 150 -24.86 49.45 -16.18
CA ARG V 150 -23.87 50.50 -15.94
C ARG V 150 -23.11 50.89 -17.19
N THR W 33 -10.22 73.61 -12.21
CA THR W 33 -10.93 73.99 -13.42
C THR W 33 -11.93 75.11 -13.13
N ARG W 34 -13.03 74.76 -12.46
CA ARG W 34 -14.02 75.73 -11.96
C ARG W 34 -14.70 76.51 -13.07
N THR W 35 -14.61 76.07 -14.32
CA THR W 35 -15.22 76.74 -15.45
C THR W 35 -16.13 75.76 -16.18
N VAL W 36 -17.43 76.01 -16.13
CA VAL W 36 -18.41 75.14 -16.76
C VAL W 36 -19.24 75.96 -17.75
N PRO W 37 -19.76 75.36 -18.81
CA PRO W 37 -20.63 76.11 -19.73
C PRO W 37 -21.90 76.56 -19.06
N LEU W 38 -22.36 77.75 -19.42
CA LEU W 38 -23.56 78.35 -18.83
C LEU W 38 -24.75 78.32 -19.79
N ASP W 39 -24.58 78.89 -20.98
CA ASP W 39 -25.63 78.95 -21.98
C ASP W 39 -25.46 77.85 -23.02
N SER W 40 -26.50 77.66 -23.83
CA SER W 40 -26.43 76.70 -24.92
C SER W 40 -25.62 77.22 -26.10
N SER W 41 -25.38 78.54 -26.18
CA SER W 41 -24.59 79.08 -27.28
C SER W 41 -23.12 78.79 -27.10
N GLY W 42 -22.65 78.67 -25.85
CA GLY W 42 -21.25 78.43 -25.59
C GLY W 42 -20.67 79.32 -24.52
N THR W 43 -21.53 80.07 -23.83
CA THR W 43 -21.07 80.92 -22.75
C THR W 43 -20.67 80.09 -21.54
N THR W 44 -19.55 80.46 -20.93
CA THR W 44 -19.03 79.76 -19.77
C THR W 44 -19.01 80.68 -18.56
N VAL W 45 -19.18 80.09 -17.38
CA VAL W 45 -19.17 80.81 -16.12
C VAL W 45 -18.12 80.19 -15.21
N ILE W 46 -17.38 81.04 -14.50
CA ILE W 46 -16.35 80.59 -13.58
C ILE W 46 -16.96 80.47 -12.20
N LEU W 47 -16.92 79.26 -11.64
CA LEU W 47 -17.55 78.98 -10.36
C LEU W 47 -16.63 79.34 -9.21
N THR W 48 -17.19 79.98 -8.18
CA THR W 48 -16.44 80.22 -6.96
C THR W 48 -16.26 78.91 -6.20
N PRO W 49 -15.16 78.76 -5.47
CA PRO W 49 -14.96 77.53 -4.68
C PRO W 49 -16.05 77.28 -3.66
N GLU W 50 -16.64 78.34 -3.10
CA GLU W 50 -17.78 78.16 -2.20
C GLU W 50 -18.96 77.54 -2.94
N GLN W 51 -19.21 77.99 -4.18
CA GLN W 51 -20.26 77.40 -4.99
C GLN W 51 -19.96 75.93 -5.28
N VAL W 52 -18.70 75.60 -5.58
CA VAL W 52 -18.36 74.20 -5.85
C VAL W 52 -18.59 73.35 -4.62
N LYS W 53 -18.13 73.80 -3.45
CA LYS W 53 -18.31 73.03 -2.22
C LYS W 53 -19.78 72.87 -1.87
N ARG W 54 -20.57 73.95 -2.00
CA ARG W 54 -21.98 73.89 -1.68
C ARG W 54 -22.72 72.99 -2.66
N GLY W 55 -22.37 73.04 -3.95
CA GLY W 55 -22.98 72.15 -4.91
C GLY W 55 -22.65 70.70 -4.65
N LYS W 56 -21.40 70.41 -4.28
CA LYS W 56 -21.02 69.05 -3.92
C LYS W 56 -21.82 68.56 -2.71
N ARG W 57 -21.95 69.41 -1.68
CA ARG W 57 -22.68 69.01 -0.49
C ARG W 57 -24.16 68.79 -0.79
N LEU W 58 -24.78 69.71 -1.54
CA LEU W 58 -26.19 69.57 -1.86
C LEU W 58 -26.45 68.39 -2.79
N PHE W 59 -25.51 68.08 -3.69
CA PHE W 59 -25.67 66.93 -4.56
C PHE W 59 -25.52 65.63 -3.79
N ASN W 60 -24.60 65.59 -2.82
CA ASN W 60 -24.46 64.39 -2.00
C ASN W 60 -25.61 64.23 -1.00
N SER W 61 -26.28 65.33 -0.65
CA SER W 61 -27.40 65.24 0.29
C SER W 61 -28.73 64.94 -0.40
N SER W 62 -29.01 65.62 -1.51
CA SER W 62 -30.31 65.52 -2.16
C SER W 62 -30.34 64.58 -3.36
N CYS W 63 -29.18 64.32 -3.99
CA CYS W 63 -29.12 63.48 -5.17
C CYS W 63 -28.27 62.23 -4.99
N GLY W 64 -27.52 62.10 -3.90
CA GLY W 64 -26.57 61.02 -3.78
C GLY W 64 -27.19 59.64 -3.81
N ASN W 65 -28.32 59.46 -3.11
CA ASN W 65 -28.95 58.15 -2.98
C ASN W 65 -29.36 57.58 -4.33
N CYS W 66 -29.55 58.42 -5.35
CA CYS W 66 -29.86 57.95 -6.69
C CYS W 66 -28.83 58.34 -7.73
N HIS W 67 -27.88 59.21 -7.41
CA HIS W 67 -26.86 59.66 -8.34
C HIS W 67 -25.48 59.63 -7.70
N VAL W 68 -25.18 58.55 -6.98
CA VAL W 68 -23.81 58.32 -6.53
C VAL W 68 -22.95 57.98 -7.74
N GLY W 69 -21.81 58.67 -7.87
CA GLY W 69 -20.87 58.37 -8.93
C GLY W 69 -21.28 58.82 -10.32
N GLY W 70 -22.35 59.61 -10.44
CA GLY W 70 -22.80 60.07 -11.73
C GLY W 70 -23.66 59.10 -12.51
N ILE W 71 -24.14 58.03 -11.88
CA ILE W 71 -25.01 57.07 -12.53
C ILE W 71 -26.41 57.20 -11.94
N THR W 72 -27.36 56.45 -12.48
CA THR W 72 -28.72 56.42 -11.95
C THR W 72 -29.01 55.02 -11.43
N LYS W 73 -29.27 54.92 -10.13
CA LYS W 73 -29.55 53.61 -9.54
C LYS W 73 -30.95 53.12 -9.87
N THR W 74 -31.85 54.01 -10.30
CA THR W 74 -33.23 53.64 -10.57
C THR W 74 -33.57 53.58 -12.05
N ASN W 75 -32.76 54.17 -12.92
CA ASN W 75 -32.90 54.04 -14.36
C ASN W 75 -31.50 54.01 -14.97
N PRO W 76 -30.83 52.85 -14.94
CA PRO W 76 -29.42 52.78 -15.35
C PRO W 76 -29.19 53.04 -16.83
N ASN W 77 -30.23 53.08 -17.65
CA ASN W 77 -30.05 53.38 -19.07
C ASN W 77 -29.58 54.80 -19.30
N LEU W 78 -29.87 55.71 -18.37
CA LEU W 78 -29.43 57.10 -18.45
C LEU W 78 -28.57 57.42 -17.24
N GLY W 79 -27.67 58.38 -17.41
CA GLY W 79 -26.77 58.76 -16.34
C GLY W 79 -26.37 60.22 -16.46
N LEU W 80 -25.51 60.65 -15.54
CA LEU W 80 -25.02 62.02 -15.51
C LEU W 80 -23.68 62.18 -16.21
N GLU W 81 -23.29 61.21 -17.02
CA GLU W 81 -22.10 61.36 -17.84
C GLU W 81 -22.34 62.43 -18.91
N PRO W 82 -21.30 63.16 -19.31
CA PRO W 82 -21.51 64.26 -20.27
C PRO W 82 -22.06 63.82 -21.61
N ASP W 83 -21.75 62.60 -22.06
CA ASP W 83 -22.27 62.14 -23.34
C ASP W 83 -23.78 61.93 -23.29
N ALA W 84 -24.30 61.44 -22.16
CA ALA W 84 -25.74 61.28 -22.01
C ALA W 84 -26.46 62.62 -21.89
N LEU W 85 -25.84 63.60 -21.24
CA LEU W 85 -26.46 64.91 -21.11
C LEU W 85 -26.42 65.69 -22.41
N SER W 86 -25.32 65.55 -23.17
CA SER W 86 -25.18 66.31 -24.42
C SER W 86 -26.03 65.74 -25.53
N LEU W 87 -26.21 64.42 -25.59
CA LEU W 87 -27.00 63.77 -26.62
C LEU W 87 -28.46 63.62 -26.20
N ALA W 88 -29.08 64.72 -25.80
CA ALA W 88 -30.46 64.71 -25.34
C ALA W 88 -31.22 65.87 -25.96
N THR W 89 -32.55 65.74 -25.95
CA THR W 89 -33.44 66.78 -26.46
C THR W 89 -34.32 67.29 -25.32
N PRO W 90 -34.01 68.45 -24.74
CA PRO W 90 -32.88 69.34 -25.02
C PRO W 90 -31.58 68.87 -24.40
N ALA W 91 -30.44 69.34 -24.89
CA ALA W 91 -29.15 68.92 -24.37
C ALA W 91 -28.92 69.53 -22.98
N ARG W 92 -28.57 68.70 -22.01
CA ARG W 92 -28.40 69.11 -20.63
C ARG W 92 -26.94 69.34 -20.26
N ASP W 93 -26.12 69.79 -21.21
CA ASP W 93 -24.70 70.00 -21.00
C ASP W 93 -24.36 71.43 -20.62
N ASN W 94 -25.31 72.16 -20.02
CA ASN W 94 -25.10 73.54 -19.60
C ASN W 94 -25.84 73.78 -18.29
N ILE W 95 -25.60 74.95 -17.70
CA ILE W 95 -26.21 75.27 -16.41
C ILE W 95 -27.71 75.45 -16.56
N ASP W 96 -28.14 76.22 -17.56
CA ASP W 96 -29.55 76.57 -17.68
C ASP W 96 -30.41 75.35 -18.00
N ALA W 97 -29.91 74.44 -18.83
CA ALA W 97 -30.66 73.22 -19.11
C ALA W 97 -30.83 72.37 -17.86
N LEU W 98 -29.78 72.25 -17.03
CA LEU W 98 -29.90 71.49 -15.80
C LEU W 98 -30.86 72.15 -14.82
N VAL W 99 -30.83 73.48 -14.73
CA VAL W 99 -31.77 74.17 -13.85
C VAL W 99 -33.20 73.99 -14.35
N ASP W 100 -33.40 74.04 -15.66
CA ASP W 100 -34.73 73.82 -16.22
C ASP W 100 -35.20 72.39 -16.01
N TYR W 101 -34.29 71.42 -16.04
CA TYR W 101 -34.64 70.04 -15.73
C TYR W 101 -35.00 69.88 -14.26
N MET W 102 -34.29 70.59 -13.38
CA MET W 102 -34.65 70.56 -11.96
C MET W 102 -35.95 71.31 -11.68
N LYS W 103 -36.36 72.21 -12.57
CA LYS W 103 -37.65 72.88 -12.44
C LYS W 103 -38.75 72.10 -13.17
N ASN W 104 -38.50 71.70 -14.41
CA ASN W 104 -39.47 70.95 -15.21
C ASN W 104 -38.76 69.76 -15.85
N PRO W 105 -38.71 68.61 -15.17
CA PRO W 105 -38.05 67.43 -15.74
C PRO W 105 -38.92 66.76 -16.80
N THR W 106 -38.30 66.41 -17.92
CA THR W 106 -38.97 65.69 -19.01
C THR W 106 -38.28 64.35 -19.23
N THR W 107 -38.81 63.59 -20.18
CA THR W 107 -38.19 62.32 -20.54
C THR W 107 -36.95 62.56 -21.39
N TYR W 108 -36.28 61.47 -21.78
CA TYR W 108 -35.10 61.61 -22.62
C TYR W 108 -35.45 62.11 -24.02
N ASP W 109 -36.65 61.79 -24.51
CA ASP W 109 -37.13 62.36 -25.75
C ASP W 109 -37.59 63.80 -25.57
N GLY W 110 -38.10 64.14 -24.38
CA GLY W 110 -38.50 65.49 -24.06
C GLY W 110 -39.98 65.79 -24.20
N LEU W 111 -40.74 64.92 -24.86
CA LEU W 111 -42.16 65.18 -25.06
C LEU W 111 -42.98 64.92 -23.81
N GLU W 112 -42.56 63.97 -22.98
CA GLU W 112 -43.31 63.56 -21.80
C GLU W 112 -42.62 64.07 -20.54
N SER W 113 -43.40 64.68 -19.65
CA SER W 113 -42.88 65.16 -18.38
C SER W 113 -42.91 64.05 -17.33
N ILE W 114 -41.94 64.08 -16.43
CA ILE W 114 -41.83 63.08 -15.36
C ILE W 114 -41.83 63.78 -14.01
N ALA W 115 -42.52 64.92 -13.91
CA ALA W 115 -42.55 65.67 -12.66
C ALA W 115 -43.18 64.88 -11.53
N GLU W 116 -44.10 63.95 -11.82
CA GLU W 116 -44.63 63.09 -10.78
C GLU W 116 -43.56 62.14 -10.23
N LEU W 117 -42.70 61.61 -11.11
CA LEU W 117 -41.71 60.63 -10.71
C LEU W 117 -40.37 61.25 -10.35
N HIS W 118 -40.01 62.37 -10.98
CA HIS W 118 -38.72 62.99 -10.71
C HIS W 118 -38.88 64.19 -9.80
N PRO W 119 -37.95 64.40 -8.86
CA PRO W 119 -38.03 65.57 -7.98
C PRO W 119 -37.97 66.87 -8.77
N SER W 120 -38.76 67.84 -8.34
CA SER W 120 -38.82 69.13 -9.01
C SER W 120 -39.38 70.17 -8.05
N VAL W 121 -39.10 71.44 -8.34
CA VAL W 121 -39.71 72.52 -7.57
C VAL W 121 -41.19 72.67 -7.89
N LYS W 122 -41.62 72.20 -9.07
CA LYS W 122 -43.05 72.10 -9.34
C LYS W 122 -43.71 71.07 -8.43
N SER W 123 -43.03 69.96 -8.17
CA SER W 123 -43.52 68.89 -7.32
C SER W 123 -42.86 68.88 -5.95
N ALA W 124 -42.57 70.06 -5.40
CA ALA W 124 -41.98 70.14 -4.07
C ALA W 124 -42.90 69.58 -3.00
N ASP W 125 -44.21 69.60 -3.23
CA ASP W 125 -45.13 68.94 -2.30
C ASP W 125 -45.01 67.42 -2.39
N ILE W 126 -44.65 66.90 -3.55
CA ILE W 126 -44.47 65.46 -3.71
C ILE W 126 -43.17 65.01 -3.06
N PHE W 127 -42.07 65.73 -3.33
CA PHE W 127 -40.77 65.41 -2.77
C PHE W 127 -40.38 66.48 -1.75
N PRO W 128 -40.48 66.20 -0.46
CA PRO W 128 -40.28 67.27 0.55
C PRO W 128 -38.87 67.81 0.63
N LYS W 129 -37.86 67.10 0.12
CA LYS W 129 -36.50 67.58 0.23
C LYS W 129 -36.19 68.71 -0.75
N MET W 130 -37.05 68.95 -1.74
CA MET W 130 -36.83 70.01 -2.71
C MET W 130 -37.25 71.39 -2.18
N ARG W 131 -38.03 71.44 -1.12
CA ARG W 131 -38.63 72.69 -0.67
C ARG W 131 -37.61 73.69 -0.13
N SER W 132 -36.38 73.26 0.14
CA SER W 132 -35.35 74.16 0.67
C SER W 132 -34.38 74.65 -0.41
N LEU W 133 -34.45 74.13 -1.62
CA LEU W 133 -33.51 74.49 -2.67
C LEU W 133 -34.01 75.73 -3.42
N SER W 134 -33.14 76.75 -3.50
CA SER W 134 -33.44 77.97 -4.22
C SER W 134 -32.75 77.95 -5.59
N ASP W 135 -32.81 79.07 -6.30
CA ASP W 135 -32.20 79.14 -7.63
C ASP W 135 -30.68 79.05 -7.54
N GLU W 136 -30.07 79.67 -6.53
CA GLU W 136 -28.63 79.52 -6.34
C GLU W 136 -28.26 78.09 -5.99
N ASP W 137 -29.12 77.39 -5.24
CA ASP W 137 -28.85 75.98 -4.94
C ASP W 137 -28.86 75.14 -6.20
N LEU W 138 -29.84 75.36 -7.09
CA LEU W 138 -29.85 74.64 -8.36
C LEU W 138 -28.66 75.02 -9.21
N PHE W 139 -28.25 76.29 -9.17
CA PHE W 139 -27.05 76.72 -9.88
C PHE W 139 -25.82 75.97 -9.40
N ALA W 140 -25.66 75.84 -8.08
CA ALA W 140 -24.52 75.12 -7.52
C ALA W 140 -24.58 73.64 -7.86
N ILE W 141 -25.78 73.04 -7.80
CA ILE W 141 -25.91 71.62 -8.12
C ILE W 141 -25.56 71.36 -9.59
N GLY W 142 -26.05 72.22 -10.49
CA GLY W 142 -25.68 72.09 -11.89
C GLY W 142 -24.21 72.31 -12.14
N GLY W 143 -23.59 73.26 -11.43
CA GLY W 143 -22.16 73.44 -11.55
C GLY W 143 -21.37 72.24 -11.09
N HIS W 144 -21.80 71.61 -10.00
CA HIS W 144 -21.14 70.39 -9.53
C HIS W 144 -21.33 69.25 -10.53
N ILE W 145 -22.52 69.14 -11.13
CA ILE W 145 -22.77 68.09 -12.10
C ILE W 145 -21.90 68.28 -13.35
N LEU W 146 -21.75 69.53 -13.79
CA LEU W 146 -20.93 69.80 -14.97
C LEU W 146 -19.44 69.73 -14.66
N LEU W 147 -19.04 69.96 -13.41
CA LEU W 147 -17.63 70.04 -13.07
C LEU W 147 -16.97 68.66 -12.96
N GLN W 148 -17.74 67.64 -12.59
CA GLN W 148 -17.22 66.31 -12.31
C GLN W 148 -16.68 65.57 -13.54
N PRO W 149 -17.28 65.71 -14.74
CA PRO W 149 -16.68 65.06 -15.91
C PRO W 149 -15.25 65.48 -16.19
N LYS W 150 -14.84 66.69 -15.79
CA LYS W 150 -13.45 67.12 -15.88
C LYS W 150 -12.63 66.71 -14.68
N LEU W 151 -13.22 65.98 -13.74
CA LEU W 151 -12.59 65.66 -12.46
C LEU W 151 -12.55 64.16 -12.30
N SER W 152 -11.34 63.58 -12.30
CA SER W 152 -11.16 62.14 -12.24
C SER W 152 -11.94 61.45 -13.36
N SER W 153 -11.51 61.75 -14.59
CA SER W 153 -12.26 61.37 -15.78
C SER W 153 -12.49 59.87 -15.85
N GLU W 154 -13.56 59.49 -16.55
CA GLU W 154 -13.99 58.11 -16.77
C GLU W 154 -14.59 57.49 -15.51
N LYS W 155 -14.51 58.20 -14.38
CA LYS W 155 -15.12 57.71 -13.15
C LYS W 155 -16.51 58.26 -12.92
N TRP W 156 -16.82 59.42 -13.50
CA TRP W 156 -18.12 60.06 -13.35
C TRP W 156 -19.09 59.45 -14.37
N GLY W 157 -20.05 58.68 -13.89
CA GLY W 157 -20.99 58.00 -14.74
C GLY W 157 -20.52 56.67 -15.29
N GLY W 158 -19.28 56.26 -14.98
CA GLY W 158 -18.77 54.99 -15.45
C GLY W 158 -19.18 53.79 -14.61
N GLY W 159 -19.87 54.01 -13.49
CA GLY W 159 -20.33 52.92 -12.67
C GLY W 159 -19.24 52.35 -11.78
N LYS W 160 -19.48 51.12 -11.32
CA LYS W 160 -18.56 50.43 -10.43
C LYS W 160 -17.29 49.97 -11.12
N ILE W 161 -17.26 49.97 -12.45
CA ILE W 161 -16.06 49.53 -13.17
C ILE W 161 -14.91 50.49 -12.92
N TYR W 162 -15.17 51.78 -12.93
CA TYR W 162 -14.14 52.79 -12.69
C TYR W 162 -14.18 53.28 -11.24
N TYR W 163 -13.89 52.36 -10.33
CA TYR W 163 -13.80 52.69 -8.92
C TYR W 163 -12.36 52.54 -8.42
N MET X 1 37.07 52.06 -10.90
CA MET X 1 36.26 52.55 -9.79
C MET X 1 34.94 53.14 -10.29
N THR X 2 33.90 52.32 -10.30
CA THR X 2 32.57 52.79 -10.68
C THR X 2 31.97 53.62 -9.56
N PRO X 3 30.98 54.47 -9.88
CA PRO X 3 30.27 55.17 -8.80
C PRO X 3 29.63 54.25 -7.78
N SER X 4 29.14 53.08 -8.22
CA SER X 4 28.57 52.14 -7.27
C SER X 4 29.64 51.56 -6.34
N LEU X 5 30.83 51.27 -6.88
CA LEU X 5 31.91 50.76 -6.03
C LEU X 5 32.40 51.83 -5.07
N SER X 6 32.53 53.07 -5.53
CA SER X 6 32.91 54.16 -4.64
C SER X 6 31.86 54.36 -3.55
N ALA X 7 30.58 54.27 -3.92
CA ALA X 7 29.52 54.37 -2.92
C ALA X 7 29.57 53.21 -1.95
N PHE X 8 29.92 52.01 -2.41
CA PHE X 8 30.05 50.87 -1.50
C PHE X 8 31.18 51.07 -0.50
N ILE X 9 32.33 51.54 -0.97
CA ILE X 9 33.45 51.80 -0.05
C ILE X 9 33.09 52.91 0.93
N ASN X 10 32.46 53.98 0.44
CA ASN X 10 32.03 55.06 1.32
C ASN X 10 30.98 54.57 2.31
N SER X 11 30.12 53.64 1.90
CA SER X 11 29.14 53.08 2.81
C SER X 11 29.82 52.27 3.91
N LEU X 12 30.85 51.49 3.55
CA LEU X 12 31.59 50.77 4.58
C LEU X 12 32.25 51.72 5.55
N LEU X 13 32.87 52.79 5.04
CA LEU X 13 33.53 53.75 5.92
C LEU X 13 32.52 54.47 6.82
N LEU X 14 31.40 54.90 6.25
CA LEU X 14 30.37 55.57 7.03
C LEU X 14 29.77 54.65 8.07
N GLY X 15 29.48 53.40 7.69
CA GLY X 15 28.97 52.44 8.65
C GLY X 15 29.93 52.26 9.81
N LEU X 16 31.21 52.06 9.50
CA LEU X 16 32.21 51.96 10.56
C LEU X 16 32.16 53.17 11.47
N PHE X 17 32.49 54.34 10.93
CA PHE X 17 32.70 55.53 11.74
C PHE X 17 31.43 56.14 12.31
N VAL X 18 30.25 55.67 11.93
CA VAL X 18 29.00 56.21 12.43
C VAL X 18 28.31 55.23 13.37
N VAL X 19 28.35 53.94 13.08
CA VAL X 19 27.68 52.95 13.90
C VAL X 19 28.66 52.18 14.78
N VAL X 20 29.70 51.61 14.17
CA VAL X 20 30.52 50.64 14.90
C VAL X 20 31.45 51.34 15.87
N ILE X 21 32.14 52.37 15.40
CA ILE X 21 33.09 53.10 16.24
C ILE X 21 32.40 53.80 17.40
N PRO X 22 31.32 54.56 17.18
CA PRO X 22 30.70 55.24 18.33
C PRO X 22 30.06 54.29 19.33
N ILE X 23 29.32 53.29 18.87
CA ILE X 23 28.69 52.35 19.78
C ILE X 23 29.74 51.56 20.55
N GLY X 24 30.75 51.05 19.85
CA GLY X 24 31.80 50.31 20.53
C GLY X 24 32.59 51.16 21.50
N ALA X 25 32.87 52.40 21.12
CA ALA X 25 33.63 53.30 22.00
C ALA X 25 32.82 53.65 23.25
N ALA X 26 31.53 53.95 23.09
CA ALA X 26 30.71 54.23 24.25
C ALA X 26 30.58 53.00 25.13
N LEU X 27 30.44 51.82 24.53
CA LEU X 27 30.38 50.58 25.30
C LEU X 27 31.66 50.38 26.10
N PHE X 28 32.82 50.61 25.47
CA PHE X 28 34.10 50.49 26.16
C PHE X 28 34.21 51.48 27.31
N LEU X 29 33.83 52.74 27.06
CA LEU X 29 33.94 53.76 28.10
C LEU X 29 33.03 53.46 29.29
N VAL X 30 31.78 53.10 29.02
CA VAL X 30 30.85 52.85 30.12
C VAL X 30 31.19 51.55 30.84
N SER X 31 31.74 50.56 30.13
CA SER X 31 32.15 49.32 30.80
C SER X 31 33.37 49.54 31.67
N GLN X 32 34.31 50.39 31.23
CA GLN X 32 35.46 50.71 32.06
C GLN X 32 35.08 51.60 33.24
N SER X 33 34.07 52.46 33.06
CA SER X 33 33.68 53.38 34.11
C SER X 33 32.78 52.70 35.14
N ASP X 34 31.65 52.15 34.68
CA ASP X 34 30.67 51.52 35.57
C ASP X 34 31.00 50.04 35.68
N ARG X 35 31.82 49.69 36.66
CA ARG X 35 32.28 48.32 36.85
C ARG X 35 31.41 47.61 37.87
N VAL X 36 31.70 46.34 38.10
CA VAL X 36 30.93 45.48 38.99
C VAL X 36 31.83 45.05 40.14
N THR X 37 31.36 45.28 41.36
CA THR X 37 32.10 44.87 42.56
C THR X 37 31.92 43.38 42.76
N ARG X 38 33.01 42.61 42.62
CA ARG X 38 32.98 41.16 42.74
C ARG X 38 33.48 40.68 44.10
N THR X 39 33.34 41.51 45.13
CA THR X 39 33.79 41.16 46.46
C THR X 39 32.80 40.21 47.13
N MET Y 1 -13.55 79.98 14.05
CA MET Y 1 -12.66 80.37 15.13
C MET Y 1 -13.46 80.65 16.40
N PHE Y 2 -14.12 81.81 16.44
CA PHE Y 2 -14.97 82.19 17.56
C PHE Y 2 -16.42 82.19 17.09
N ASN Y 3 -17.14 81.13 17.42
CA ASN Y 3 -18.57 81.05 17.16
C ASN Y 3 -19.32 80.98 18.48
N PRO Y 4 -20.30 81.86 18.70
CA PRO Y 4 -21.04 81.81 19.97
C PRO Y 4 -21.69 80.47 20.25
N THR Y 5 -22.19 79.78 19.22
CA THR Y 5 -22.70 78.43 19.41
C THR Y 5 -21.59 77.48 19.84
N THR Y 6 -20.43 77.55 19.17
CA THR Y 6 -19.30 76.72 19.58
C THR Y 6 -18.76 77.13 20.95
N LEU Y 7 -18.75 78.44 21.24
CA LEU Y 7 -18.31 78.90 22.55
C LEU Y 7 -19.22 78.34 23.65
N PHE Y 8 -20.53 78.39 23.45
CA PHE Y 8 -21.44 77.84 24.43
C PHE Y 8 -21.34 76.31 24.50
N GLN Y 9 -21.07 75.66 23.36
CA GLN Y 9 -20.79 74.23 23.37
C GLN Y 9 -19.63 73.91 24.29
N LEU Y 10 -18.52 74.63 24.12
CA LEU Y 10 -17.34 74.38 24.94
C LEU Y 10 -17.58 74.72 26.41
N ILE Y 11 -18.32 75.79 26.68
CA ILE Y 11 -18.60 76.16 28.06
C ILE Y 11 -19.46 75.11 28.74
N ALA Y 12 -20.52 74.66 28.08
CA ALA Y 12 -21.39 73.64 28.65
C ALA Y 12 -20.64 72.32 28.81
N LEU Y 13 -19.81 71.95 27.82
CA LEU Y 13 -19.03 70.73 27.92
C LEU Y 13 -18.03 70.82 29.08
N PHE Y 14 -17.40 71.97 29.27
CA PHE Y 14 -16.48 72.15 30.38
C PHE Y 14 -17.20 72.03 31.72
N LEU Y 15 -18.36 72.66 31.85
CA LEU Y 15 -19.11 72.55 33.10
C LEU Y 15 -19.54 71.12 33.38
N VAL Y 16 -20.03 70.42 32.35
CA VAL Y 16 -20.45 69.04 32.53
C VAL Y 16 -19.26 68.15 32.89
N ILE Y 17 -18.14 68.34 32.19
CA ILE Y 17 -16.98 67.48 32.41
C ILE Y 17 -16.26 67.78 33.71
N THR Y 18 -16.49 68.95 34.30
CA THR Y 18 -15.84 69.29 35.56
C THR Y 18 -16.79 69.32 36.75
N SER Y 19 -18.07 69.05 36.55
CA SER Y 19 -19.00 69.02 37.69
C SER Y 19 -18.70 67.84 38.62
N GLY Y 20 -18.59 66.64 38.07
CA GLY Y 20 -18.41 65.43 38.85
C GLY Y 20 -17.09 65.38 39.61
N PRO Y 21 -15.98 65.58 38.89
CA PRO Y 21 -14.70 65.70 39.60
C PRO Y 21 -14.68 66.80 40.62
N ALA Y 22 -15.42 67.88 40.40
CA ALA Y 22 -15.58 68.89 41.45
C ALA Y 22 -16.28 68.32 42.66
N ILE Y 23 -17.30 67.48 42.46
CA ILE Y 23 -17.98 66.85 43.58
C ILE Y 23 -17.00 66.00 44.38
N ILE Y 24 -16.20 65.19 43.68
CA ILE Y 24 -15.26 64.30 44.36
C ILE Y 24 -14.20 65.11 45.10
N VAL Y 25 -13.66 66.16 44.46
CA VAL Y 25 -12.62 66.95 45.09
C VAL Y 25 -13.16 67.70 46.30
N LEU Y 26 -14.38 68.23 46.21
CA LEU Y 26 -14.96 68.93 47.33
C LEU Y 26 -15.31 68.00 48.48
N ILE Y 27 -15.74 66.77 48.18
CA ILE Y 27 -15.99 65.81 49.25
C ILE Y 27 -14.68 65.40 49.91
N ALA Y 28 -13.61 65.26 49.11
CA ALA Y 28 -12.31 64.94 49.67
C ALA Y 28 -11.76 66.09 50.51
N PHE Y 29 -12.10 67.34 50.16
CA PHE Y 29 -11.65 68.49 50.93
C PHE Y 29 -12.38 68.60 52.26
N ARG Y 30 -13.66 68.26 52.29
CA ARG Y 30 -14.42 68.25 53.53
C ARG Y 30 -14.22 66.96 54.32
N ARG Y 31 -13.40 66.03 53.81
CA ARG Y 31 -13.13 64.75 54.46
C ARG Y 31 -14.42 63.97 54.72
N GLY Y 32 -15.29 63.92 53.71
CA GLY Y 32 -16.51 63.16 53.79
C GLY Y 32 -16.27 61.68 53.55
N ASN Y 33 -17.38 60.94 53.58
CA ASN Y 33 -17.33 59.47 53.42
C ASN Y 33 -17.25 59.13 51.94
N LEU Y 34 -16.09 59.43 51.36
CA LEU Y 34 -15.85 59.18 49.95
C LEU Y 34 -15.53 57.71 49.69
N MET Z 1 -43.54 85.10 26.50
CA MET Z 1 -42.56 86.17 26.34
C MET Z 1 -41.15 85.61 26.28
N VAL Z 2 -40.55 85.65 25.09
CA VAL Z 2 -39.17 85.22 24.95
C VAL Z 2 -38.24 86.24 25.60
N GLY Z 3 -37.05 85.79 25.96
CA GLY Z 3 -36.14 86.60 26.72
C GLY Z 3 -36.35 86.40 28.21
N LEU Z 4 -37.58 86.66 28.68
CA LEU Z 4 -37.93 86.31 30.04
C LEU Z 4 -37.90 84.80 30.25
N LEU Z 5 -38.40 84.05 29.27
CA LEU Z 5 -38.31 82.59 29.35
C LEU Z 5 -36.86 82.15 29.34
N GLN Z 6 -36.02 82.78 28.52
CA GLN Z 6 -34.61 82.43 28.48
C GLN Z 6 -33.93 82.73 29.82
N ILE Z 7 -34.28 83.85 30.44
CA ILE Z 7 -33.72 84.18 31.75
C ILE Z 7 -34.15 83.16 32.79
N LEU Z 8 -35.44 82.80 32.79
CA LEU Z 8 -35.92 81.81 33.75
C LEU Z 8 -35.25 80.47 33.55
N VAL Z 9 -35.09 80.04 32.30
CA VAL Z 9 -34.45 78.76 32.03
C VAL Z 9 -32.97 78.80 32.41
N SER Z 10 -32.31 79.94 32.19
CA SER Z 10 -30.91 80.07 32.59
C SER Z 10 -30.77 80.02 34.11
N ILE Z 11 -31.70 80.66 34.83
CA ILE Z 11 -31.68 80.58 36.28
C ILE Z 11 -31.92 79.14 36.73
N LEU Z 12 -32.84 78.44 36.08
CA LEU Z 12 -33.08 77.04 36.39
C LEU Z 12 -31.83 76.19 36.14
N ILE Z 13 -31.13 76.46 35.04
CA ILE Z 13 -29.91 75.71 34.72
C ILE Z 13 -28.82 75.98 35.75
N LEU Z 14 -28.64 77.25 36.13
CA LEU Z 14 -27.62 77.56 37.14
C LEU Z 14 -27.97 76.93 38.49
N LEU Z 15 -29.25 76.99 38.88
CA LEU Z 15 -29.67 76.35 40.12
C LEU Z 15 -29.51 74.84 40.05
N SER Z 16 -29.72 74.25 38.87
CA SER Z 16 -29.52 72.81 38.71
C SER Z 16 -28.05 72.45 38.80
N PHE Z 17 -27.16 73.27 38.24
CA PHE Z 17 -25.73 73.07 38.43
C PHE Z 17 -25.38 73.15 39.90
N ALA Z 18 -25.93 74.15 40.60
CA ALA Z 18 -25.66 74.30 42.03
C ALA Z 18 -26.12 73.08 42.81
N LEU Z 19 -27.32 72.58 42.51
CA LEU Z 19 -27.82 71.39 43.19
C LEU Z 19 -26.95 70.18 42.88
N VAL Z 20 -26.72 69.91 41.59
CA VAL Z 20 -25.98 68.72 41.18
C VAL Z 20 -24.61 68.69 41.83
N VAL Z 21 -23.94 69.84 41.89
CA VAL Z 21 -22.61 69.88 42.51
C VAL Z 21 -22.71 69.79 44.03
N GLY Z 22 -23.48 70.70 44.64
CA GLY Z 22 -23.36 70.89 46.07
C GLY Z 22 -24.12 69.89 46.92
N VAL Z 23 -25.24 69.35 46.42
CA VAL Z 23 -26.09 68.49 47.24
C VAL Z 23 -25.31 67.27 47.70
N PRO Z 24 -24.63 66.51 46.82
CA PRO Z 24 -23.73 65.46 47.33
C PRO Z 24 -22.60 65.99 48.18
N VAL Z 25 -22.09 67.18 47.89
CA VAL Z 25 -20.94 67.71 48.63
C VAL Z 25 -21.32 68.00 50.07
N ILE Z 26 -22.44 68.71 50.28
CA ILE Z 26 -22.91 68.99 51.63
C ILE Z 26 -23.76 67.84 52.18
N LEU Z 27 -23.91 66.77 51.42
CA LEU Z 27 -24.69 65.60 51.79
C LEU Z 27 -23.83 64.49 52.37
N VAL Z 28 -22.69 64.22 51.74
CA VAL Z 28 -21.76 63.20 52.22
C VAL Z 28 -20.86 63.71 53.34
N SER Z 29 -20.66 65.02 53.42
CA SER Z 29 -19.72 65.58 54.39
C SER Z 29 -20.18 65.26 55.81
N PRO Z 30 -19.25 65.14 56.76
CA PRO Z 30 -19.64 64.84 58.15
C PRO Z 30 -20.56 65.93 58.70
N GLY Z 31 -21.69 65.50 59.24
CA GLY Z 31 -22.73 66.44 59.61
C GLY Z 31 -23.42 66.99 58.38
N GLU Z 32 -24.02 68.17 58.55
CA GLU Z 32 -24.48 69.00 57.44
C GLU Z 32 -25.66 68.39 56.68
N TRP Z 33 -26.07 67.17 57.01
CA TRP Z 33 -27.31 66.65 56.46
C TRP Z 33 -28.49 66.95 57.38
N GLU Z 34 -28.37 66.58 58.66
CA GLU Z 34 -29.35 67.02 59.64
C GLU Z 34 -29.23 68.52 59.92
N LYS Z 35 -28.10 69.12 59.58
CA LYS Z 35 -27.91 70.55 59.82
C LYS Z 35 -28.47 71.39 58.68
N SER Z 36 -28.31 70.94 57.44
CA SER Z 36 -28.67 71.74 56.28
C SER Z 36 -29.65 71.04 55.34
N LYS Z 37 -30.35 70.02 55.82
CA LYS Z 37 -31.38 69.41 54.99
C LYS Z 37 -32.55 70.36 54.79
N GLY Z 38 -32.79 71.28 55.73
CA GLY Z 38 -33.77 72.32 55.49
C GLY Z 38 -33.39 73.20 54.32
N LEU Z 39 -32.11 73.60 54.24
CA LEU Z 39 -31.65 74.38 53.10
C LEU Z 39 -31.70 73.57 51.82
N VAL Z 40 -31.37 72.28 51.89
CA VAL Z 40 -31.45 71.42 50.69
C VAL Z 40 -32.88 71.36 50.18
N TYR Z 41 -33.84 71.14 51.09
CA TYR Z 41 -35.24 71.06 50.68
C TYR Z 41 -35.77 72.42 50.22
N SER Z 42 -35.27 73.52 50.80
CA SER Z 42 -35.66 74.84 50.32
C SER Z 42 -35.16 75.07 48.90
N ALA Z 43 -33.92 74.69 48.62
CA ALA Z 43 -33.40 74.80 47.26
C ALA Z 43 -34.17 73.90 46.30
N ALA Z 44 -34.53 72.69 46.72
CA ALA Z 44 -35.32 71.81 45.88
C ALA Z 44 -36.70 72.38 45.60
N GLY Z 45 -37.32 72.99 46.61
CA GLY Z 45 -38.60 73.63 46.42
C GLY Z 45 -38.51 74.82 45.48
N LEU Z 46 -37.43 75.60 45.59
CA LEU Z 46 -37.20 76.68 44.65
C LEU Z 46 -37.03 76.16 43.23
N TRP Z 47 -36.33 75.04 43.09
CA TRP Z 47 -36.14 74.42 41.78
C TRP Z 47 -37.48 73.97 41.19
N PHE Z 48 -38.31 73.30 42.00
CA PHE Z 48 -39.62 72.87 41.52
C PHE Z 48 -40.50 74.07 41.19
N GLY Z 49 -40.43 75.14 41.99
CA GLY Z 49 -41.19 76.33 41.69
C GLY Z 49 -40.76 76.99 40.40
N LEU Z 50 -39.44 77.01 40.14
CA LEU Z 50 -38.97 77.51 38.86
C LEU Z 50 -39.48 76.66 37.71
N VAL Z 51 -39.49 75.33 37.89
CA VAL Z 51 -40.03 74.45 36.85
C VAL Z 51 -41.50 74.77 36.59
N ILE Z 52 -42.28 74.97 37.65
CA ILE Z 52 -43.70 75.26 37.50
C ILE Z 52 -43.89 76.62 36.84
N VAL Z 53 -43.09 77.61 37.21
CA VAL Z 53 -43.20 78.94 36.62
C VAL Z 53 -42.89 78.88 35.13
N ILE Z 54 -41.85 78.16 34.74
CA ILE Z 54 -41.53 78.03 33.33
C ILE Z 54 -42.62 77.25 32.60
N ALA Z 55 -43.21 76.25 33.26
CA ALA Z 55 -44.32 75.53 32.66
C ALA Z 55 -45.50 76.46 32.39
N ALA Z 56 -45.77 77.37 33.32
CA ALA Z 56 -46.86 78.33 33.13
C ALA Z 56 -46.53 79.33 32.03
N PHE Z 57 -45.27 79.79 31.97
CA PHE Z 57 -44.87 80.83 31.02
C PHE Z 57 -44.48 80.27 29.65
N ASN Z 58 -44.46 78.96 29.50
CA ASN Z 58 -44.15 78.40 28.20
C ASN Z 58 -45.24 78.81 27.28
N SER Z 59 -46.43 79.00 27.83
CA SER Z 59 -47.56 79.35 27.00
C SER Z 59 -47.49 80.78 26.51
N PHE Z 60 -46.36 81.44 26.72
CA PHE Z 60 -46.16 82.81 26.20
C PHE Z 60 -47.15 83.84 26.72
N VAL Z 61 -48.09 83.44 27.54
CA VAL Z 61 -49.05 84.34 28.15
C VAL Z 61 -49.62 83.73 29.43
N GLY AA 2 6.51 -18.78 24.97
CA GLY AA 2 5.28 -18.09 24.65
C GLY AA 2 4.48 -18.81 23.58
N LEU AA 3 3.26 -18.35 23.35
CA LEU AA 3 2.44 -18.94 22.31
C LEU AA 3 3.00 -18.63 20.93
N PRO AA 4 2.99 -19.58 20.02
CA PRO AA 4 3.36 -19.30 18.63
C PRO AA 4 2.30 -18.44 17.96
N TRP AA 5 2.65 -17.92 16.78
CA TRP AA 5 1.73 -17.05 16.08
C TRP AA 5 0.48 -17.77 15.62
N TYR AA 6 0.56 -19.08 15.40
CA TYR AA 6 -0.58 -19.85 14.92
C TYR AA 6 -1.46 -20.39 16.05
N ARG AA 7 -1.14 -20.06 17.30
CA ARG AA 7 -1.95 -20.49 18.43
C ARG AA 7 -2.44 -19.32 19.27
N VAL AA 8 -2.44 -18.11 18.71
CA VAL AA 8 -2.77 -16.93 19.50
C VAL AA 8 -4.23 -16.90 19.93
N HIS AA 9 -5.12 -17.57 19.21
CA HIS AA 9 -6.54 -17.52 19.53
C HIS AA 9 -6.97 -18.61 20.50
N THR AA 10 -6.06 -19.48 20.90
CA THR AA 10 -6.43 -20.53 21.86
C THR AA 10 -6.59 -20.01 23.27
N VAL AA 11 -6.38 -18.72 23.51
CA VAL AA 11 -6.59 -18.15 24.84
C VAL AA 11 -8.06 -18.06 25.19
N VAL AA 12 -8.95 -18.00 24.20
CA VAL AA 12 -10.38 -17.99 24.44
C VAL AA 12 -10.98 -19.38 24.37
N LEU AA 13 -10.15 -20.42 24.34
CA LEU AA 13 -10.66 -21.78 24.29
C LEU AA 13 -11.37 -22.16 25.57
N ASN AA 14 -10.83 -21.75 26.72
CA ASN AA 14 -11.46 -22.01 28.00
C ASN AA 14 -12.04 -20.74 28.63
N ASP AA 15 -12.21 -19.69 27.82
CA ASP AA 15 -12.81 -18.44 28.28
C ASP AA 15 -14.11 -18.22 27.50
N PRO AA 16 -15.26 -18.62 28.05
CA PRO AA 16 -16.50 -18.52 27.26
C PRO AA 16 -16.90 -17.10 26.93
N GLY AA 17 -16.68 -16.15 27.84
CA GLY AA 17 -17.06 -14.77 27.56
C GLY AA 17 -16.29 -14.18 26.40
N ARG AA 18 -14.97 -14.38 26.39
CA ARG AA 18 -14.17 -13.86 25.28
C ARG AA 18 -14.34 -14.69 24.02
N LEU AA 19 -14.72 -15.97 24.15
CA LEU AA 19 -15.13 -16.72 22.96
C LEU AA 19 -16.37 -16.10 22.32
N ILE AA 20 -17.36 -15.74 23.13
CA ILE AA 20 -18.52 -15.03 22.61
C ILE AA 20 -18.12 -13.68 22.03
N ALA AA 21 -17.16 -13.02 22.68
CA ALA AA 21 -16.71 -11.72 22.18
C ALA AA 21 -16.06 -11.83 20.80
N VAL AA 22 -15.19 -12.82 20.60
CA VAL AA 22 -14.56 -12.97 19.29
C VAL AA 22 -15.55 -13.46 18.26
N HIS AA 23 -16.53 -14.29 18.65
CA HIS AA 23 -17.58 -14.67 17.71
C HIS AA 23 -18.40 -13.46 17.31
N LEU AA 24 -18.70 -12.57 18.25
CA LEU AA 24 -19.41 -11.34 17.94
C LEU AA 24 -18.59 -10.45 17.03
N MET AA 25 -17.29 -10.37 17.25
CA MET AA 25 -16.44 -9.57 16.37
C MET AA 25 -16.41 -10.14 14.96
N HIS AA 26 -16.32 -11.46 14.83
CA HIS AA 26 -16.36 -12.07 13.51
C HIS AA 26 -17.70 -11.84 12.84
N THR AA 27 -18.80 -11.96 13.59
CA THR AA 27 -20.12 -11.71 13.04
C THR AA 27 -20.27 -10.27 12.59
N ALA AA 28 -19.73 -9.33 13.37
CA ALA AA 28 -19.76 -7.92 12.98
C ALA AA 28 -18.95 -7.68 11.72
N LEU AA 29 -17.78 -8.32 11.61
CA LEU AA 29 -16.99 -8.19 10.39
C LEU AA 29 -17.74 -8.74 9.17
N VAL AA 30 -18.40 -9.88 9.33
CA VAL AA 30 -19.13 -10.47 8.21
C VAL AA 30 -20.31 -9.60 7.81
N ALA AA 31 -21.06 -9.10 8.79
CA ALA AA 31 -22.19 -8.23 8.48
C ALA AA 31 -21.73 -6.93 7.83
N GLY AA 32 -20.63 -6.37 8.32
CA GLY AA 32 -20.08 -5.17 7.71
C GLY AA 32 -19.60 -5.42 6.30
N TRP AA 33 -19.01 -6.59 6.05
CA TRP AA 33 -18.65 -6.93 4.68
C TRP AA 33 -19.88 -7.00 3.80
N ALA AA 34 -20.95 -7.63 4.30
CA ALA AA 34 -22.18 -7.69 3.51
C ALA AA 34 -22.69 -6.30 3.16
N GLY AA 35 -22.74 -5.41 4.17
CA GLY AA 35 -23.22 -4.06 3.90
C GLY AA 35 -22.34 -3.28 2.95
N SER AA 36 -21.03 -3.32 3.16
CA SER AA 36 -20.11 -2.59 2.30
C SER AA 36 -20.09 -3.14 0.89
N MET AA 37 -20.15 -4.47 0.74
CA MET AA 37 -20.20 -5.07 -0.58
C MET AA 37 -21.48 -4.67 -1.31
N ALA AA 38 -22.61 -4.65 -0.60
CA ALA AA 38 -23.84 -4.20 -1.22
C ALA AA 38 -23.75 -2.75 -1.65
N LEU AA 39 -23.16 -1.89 -0.81
CA LEU AA 39 -23.02 -0.48 -1.16
C LEU AA 39 -22.12 -0.30 -2.38
N TYR AA 40 -21.00 -1.03 -2.44
CA TYR AA 40 -20.11 -0.93 -3.59
C TYR AA 40 -20.80 -1.42 -4.86
N GLU AA 41 -21.51 -2.54 -4.78
CA GLU AA 41 -22.21 -3.06 -5.94
C GLU AA 41 -23.30 -2.09 -6.41
N LEU AA 42 -24.01 -1.46 -5.48
CA LEU AA 42 -24.95 -0.42 -5.87
C LEU AA 42 -24.24 0.78 -6.49
N ALA AA 43 -23.02 1.06 -6.05
CA ALA AA 43 -22.27 2.16 -6.65
C ALA AA 43 -21.85 1.83 -8.08
N VAL AA 44 -21.63 0.56 -8.41
CA VAL AA 44 -21.12 0.19 -9.72
C VAL AA 44 -22.16 -0.51 -10.58
N PHE AA 45 -23.42 -0.51 -10.17
CA PHE AA 45 -24.45 -1.22 -10.93
C PHE AA 45 -25.11 -0.30 -11.95
N ASP AA 46 -25.45 -0.87 -13.10
CA ASP AA 46 -26.16 -0.15 -14.16
C ASP AA 46 -27.50 -0.81 -14.42
N PRO AA 47 -28.60 -0.26 -13.91
CA PRO AA 47 -29.89 -0.93 -14.05
C PRO AA 47 -30.65 -0.57 -15.32
N SER AA 48 -29.98 0.07 -16.28
CA SER AA 48 -30.69 0.60 -17.44
C SER AA 48 -31.24 -0.50 -18.34
N ASP AA 49 -30.45 -1.54 -18.60
CA ASP AA 49 -30.83 -2.60 -19.54
C ASP AA 49 -30.76 -3.95 -18.84
N PRO AA 50 -31.87 -4.43 -18.28
CA PRO AA 50 -31.87 -5.74 -17.63
C PRO AA 50 -31.83 -6.91 -18.60
N VAL AA 51 -32.03 -6.69 -19.89
CA VAL AA 51 -32.09 -7.79 -20.84
C VAL AA 51 -30.68 -8.18 -21.30
N LEU AA 52 -29.92 -7.21 -21.80
CA LEU AA 52 -28.59 -7.48 -22.33
C LEU AA 52 -27.47 -7.10 -21.37
N ASN AA 53 -27.77 -6.42 -20.27
CA ASN AA 53 -26.79 -6.12 -19.23
C ASN AA 53 -27.40 -6.43 -17.86
N PRO AA 54 -27.65 -7.71 -17.56
CA PRO AA 54 -28.21 -8.05 -16.25
C PRO AA 54 -27.18 -8.01 -15.15
N MET AA 55 -27.57 -8.40 -13.94
CA MET AA 55 -26.68 -8.25 -12.79
C MET AA 55 -25.48 -9.19 -12.86
N TRP AA 56 -25.63 -10.35 -13.49
CA TRP AA 56 -24.51 -11.28 -13.57
C TRP AA 56 -23.49 -10.89 -14.63
N ARG AA 57 -23.90 -10.12 -15.64
CA ARG AA 57 -22.92 -9.59 -16.59
C ARG AA 57 -22.05 -8.51 -15.96
N GLN AA 58 -22.54 -7.86 -14.90
CA GLN AA 58 -21.84 -6.75 -14.27
C GLN AA 58 -21.03 -7.18 -13.07
N GLY AA 59 -20.96 -8.48 -12.78
CA GLY AA 59 -20.17 -8.95 -11.67
C GLY AA 59 -20.77 -8.75 -10.31
N MET AA 60 -22.09 -8.58 -10.22
CA MET AA 60 -22.75 -8.46 -8.93
C MET AA 60 -22.74 -9.80 -8.22
N PHE AA 61 -22.28 -9.81 -6.96
CA PHE AA 61 -22.12 -11.03 -6.20
C PHE AA 61 -23.15 -11.19 -5.10
N VAL AA 62 -23.37 -10.17 -4.28
CA VAL AA 62 -24.38 -10.24 -3.25
C VAL AA 62 -25.74 -9.74 -3.73
N MET AA 63 -25.78 -8.98 -4.81
CA MET AA 63 -27.06 -8.60 -5.40
C MET AA 63 -27.90 -9.81 -5.83
N PRO AA 64 -27.36 -10.85 -6.45
CA PRO AA 64 -28.18 -12.04 -6.71
C PRO AA 64 -28.76 -12.66 -5.45
N PHE AA 65 -28.01 -12.68 -4.36
CA PHE AA 65 -28.53 -13.26 -3.12
C PHE AA 65 -29.57 -12.37 -2.46
N MET AA 66 -29.47 -11.05 -2.65
CA MET AA 66 -30.54 -10.17 -2.19
C MET AA 66 -31.79 -10.34 -3.04
N ALA AA 67 -31.62 -10.51 -4.34
CA ALA AA 67 -32.76 -10.67 -5.25
C ALA AA 67 -33.34 -12.06 -5.21
N ARG AA 68 -32.65 -13.03 -4.61
CA ARG AA 68 -33.14 -14.40 -4.61
C ARG AA 68 -34.39 -14.56 -3.74
N ILE AA 69 -34.42 -13.88 -2.60
CA ILE AA 69 -35.50 -14.11 -1.63
C ILE AA 69 -36.28 -12.84 -1.33
N GLY AA 70 -36.40 -11.94 -2.30
CA GLY AA 70 -37.37 -10.87 -2.16
C GLY AA 70 -36.92 -9.45 -2.44
N VAL AA 71 -35.69 -9.11 -2.09
CA VAL AA 71 -35.22 -7.72 -2.21
C VAL AA 71 -34.85 -7.50 -3.68
N THR AA 72 -35.72 -6.78 -4.41
CA THR AA 72 -35.50 -6.50 -5.81
C THR AA 72 -35.53 -5.03 -6.17
N ASP AA 73 -36.03 -4.17 -5.29
CA ASP AA 73 -36.19 -2.75 -5.60
C ASP AA 73 -35.02 -1.94 -5.03
N SER AA 74 -34.94 -0.69 -5.47
CA SER AA 74 -33.91 0.23 -5.00
C SER AA 74 -34.54 1.58 -4.71
N TRP AA 75 -33.86 2.35 -3.86
CA TRP AA 75 -34.31 3.70 -3.57
C TRP AA 75 -34.13 4.64 -4.76
N GLY AA 76 -33.36 4.23 -5.76
CA GLY AA 76 -33.21 5.03 -6.96
C GLY AA 76 -34.41 4.99 -7.88
N GLY AA 77 -35.38 4.14 -7.60
CA GLY AA 77 -36.59 4.05 -8.39
C GLY AA 77 -36.62 2.95 -9.42
N TRP AA 78 -35.67 2.02 -9.38
CA TRP AA 78 -35.61 0.94 -10.35
C TRP AA 78 -35.67 -0.41 -9.65
N SER AA 79 -35.99 -1.44 -10.43
CA SER AA 79 -36.01 -2.81 -9.98
C SER AA 79 -35.12 -3.64 -10.90
N VAL AA 80 -34.65 -4.78 -10.38
CA VAL AA 80 -33.80 -5.66 -11.18
C VAL AA 80 -34.59 -6.44 -12.23
N THR AA 81 -35.91 -6.45 -12.13
CA THR AA 81 -36.73 -7.04 -13.18
C THR AA 81 -36.94 -6.10 -14.36
N GLY AA 82 -36.50 -4.85 -14.25
CA GLY AA 82 -36.64 -3.88 -15.31
C GLY AA 82 -37.78 -2.90 -15.13
N GLU AA 83 -38.65 -3.12 -14.15
CA GLU AA 83 -39.79 -2.25 -13.93
C GLU AA 83 -39.37 -1.00 -13.15
N SER AA 84 -40.31 -0.07 -13.03
CA SER AA 84 -40.12 1.16 -12.28
C SER AA 84 -40.96 1.10 -11.02
N VAL AA 85 -40.34 1.45 -9.89
CA VAL AA 85 -41.00 1.41 -8.59
C VAL AA 85 -41.13 2.83 -8.07
N ALA AA 86 -42.37 3.29 -7.90
CA ALA AA 86 -42.60 4.63 -7.38
C ALA AA 86 -42.30 4.70 -5.88
N ASN AA 87 -42.77 3.73 -5.12
CA ASN AA 87 -42.56 3.69 -3.67
C ASN AA 87 -41.74 2.46 -3.31
N PRO AA 88 -40.43 2.59 -3.13
CA PRO AA 88 -39.59 1.40 -2.94
C PRO AA 88 -39.75 0.73 -1.59
N GLY AA 89 -40.03 1.50 -0.55
CA GLY AA 89 -40.05 0.95 0.79
C GLY AA 89 -38.66 0.88 1.38
N PHE AA 90 -38.59 0.50 2.65
CA PHE AA 90 -37.30 0.49 3.34
C PHE AA 90 -36.43 -0.67 2.90
N TRP AA 91 -37.00 -1.85 2.69
CA TRP AA 91 -36.22 -3.04 2.38
C TRP AA 91 -35.85 -3.09 0.89
N SER AA 92 -35.08 -2.10 0.48
CA SER AA 92 -34.45 -2.10 -0.83
C SER AA 92 -33.03 -2.63 -0.68
N PHE AA 93 -32.25 -2.53 -1.75
CA PHE AA 93 -30.83 -2.87 -1.64
C PHE AA 93 -30.12 -1.95 -0.66
N GLU AA 94 -30.38 -0.64 -0.75
CA GLU AA 94 -29.75 0.30 0.16
C GLU AA 94 -30.22 0.08 1.60
N GLY AA 95 -31.50 -0.23 1.79
CA GLY AA 95 -31.99 -0.50 3.12
C GLY AA 95 -31.33 -1.71 3.74
N VAL AA 96 -31.16 -2.78 2.95
CA VAL AA 96 -30.49 -3.98 3.45
C VAL AA 96 -29.03 -3.67 3.78
N ALA AA 97 -28.35 -2.92 2.92
CA ALA AA 97 -26.96 -2.59 3.17
C ALA AA 97 -26.80 -1.76 4.45
N LEU AA 98 -27.66 -0.76 4.63
CA LEU AA 98 -27.56 0.06 5.83
C LEU AA 98 -27.95 -0.71 7.08
N ALA AA 99 -28.93 -1.62 6.97
CA ALA AA 99 -29.24 -2.48 8.10
C ALA AA 99 -28.07 -3.38 8.47
N HIS AA 100 -27.35 -3.90 7.47
CA HIS AA 100 -26.18 -4.70 7.77
C HIS AA 100 -25.07 -3.87 8.42
N ILE AA 101 -24.90 -2.63 7.97
CA ILE AA 101 -23.89 -1.77 8.60
C ILE AA 101 -24.25 -1.49 10.05
N GLY AA 102 -25.51 -1.16 10.32
CA GLY AA 102 -25.93 -0.92 11.70
C GLY AA 102 -25.82 -2.16 12.56
N LEU AA 103 -26.17 -3.32 11.99
CA LEU AA 103 -26.02 -4.57 12.72
C LEU AA 103 -24.55 -4.85 13.02
N SER AA 104 -23.66 -4.55 12.08
CA SER AA 104 -22.23 -4.71 12.32
C SER AA 104 -21.77 -3.83 13.46
N GLY AA 105 -22.23 -2.58 13.49
CA GLY AA 105 -21.86 -1.70 14.59
C GLY AA 105 -22.36 -2.20 15.94
N LEU AA 106 -23.63 -2.65 15.98
CA LEU AA 106 -24.18 -3.15 17.23
C LEU AA 106 -23.45 -4.40 17.70
N LEU AA 107 -23.13 -5.31 16.78
CA LEU AA 107 -22.38 -6.50 17.14
C LEU AA 107 -20.97 -6.16 17.59
N PHE AA 108 -20.37 -5.12 17.00
CA PHE AA 108 -19.06 -4.68 17.45
C PHE AA 108 -19.10 -4.16 18.88
N LEU AA 109 -20.12 -3.36 19.20
CA LEU AA 109 -20.27 -2.90 20.58
C LEU AA 109 -20.53 -4.05 21.54
N ALA AA 110 -21.33 -5.02 21.12
CA ALA AA 110 -21.57 -6.19 21.96
C ALA AA 110 -20.29 -7.00 22.18
N ALA AA 111 -19.46 -7.12 21.14
CA ALA AA 111 -18.18 -7.79 21.27
C ALA AA 111 -17.28 -7.06 22.25
N VAL AA 112 -17.28 -5.72 22.21
CA VAL AA 112 -16.50 -4.96 23.18
C VAL AA 112 -16.99 -5.26 24.59
N TRP AA 113 -18.31 -5.23 24.79
CA TRP AA 113 -18.83 -5.48 26.13
C TRP AA 113 -18.48 -6.87 26.62
N HIS AA 114 -18.61 -7.89 25.77
CA HIS AA 114 -18.31 -9.24 26.19
C HIS AA 114 -16.82 -9.49 26.35
N TRP AA 115 -15.97 -8.72 25.68
CA TRP AA 115 -14.54 -8.83 25.94
C TRP AA 115 -14.17 -8.20 27.27
N VAL AA 116 -14.76 -7.05 27.58
CA VAL AA 116 -14.48 -6.42 28.87
C VAL AA 116 -15.10 -7.21 30.01
N TYR AA 117 -16.38 -7.57 29.87
CA TYR AA 117 -17.09 -8.29 30.93
C TYR AA 117 -17.10 -9.78 30.61
N TRP AA 118 -15.93 -10.39 30.79
CA TRP AA 118 -15.75 -11.80 30.47
C TRP AA 118 -16.12 -12.73 31.60
N ASP AA 119 -16.04 -12.25 32.85
CA ASP AA 119 -16.22 -13.13 34.01
C ASP AA 119 -17.67 -13.09 34.50
N LEU AA 120 -18.58 -13.45 33.61
CA LEU AA 120 -19.97 -13.59 33.99
C LEU AA 120 -20.16 -14.88 34.77
N GLU AA 121 -21.06 -14.85 35.76
CA GLU AA 121 -21.30 -16.02 36.58
C GLU AA 121 -22.01 -17.12 35.81
N LEU AA 122 -22.67 -16.78 34.70
CA LEU AA 122 -23.34 -17.78 33.89
C LEU AA 122 -22.35 -18.79 33.30
N PHE AA 123 -21.13 -18.36 33.03
CA PHE AA 123 -20.15 -19.19 32.33
C PHE AA 123 -19.40 -20.14 33.26
N ARG AA 124 -19.69 -20.12 34.56
CA ARG AA 124 -18.98 -20.95 35.52
C ARG AA 124 -19.88 -22.09 35.99
N ASP AA 125 -19.30 -23.27 36.08
CA ASP AA 125 -20.06 -24.46 36.46
C ASP AA 125 -20.46 -24.38 37.93
N PRO AA 126 -21.75 -24.50 38.26
CA PRO AA 126 -22.15 -24.51 39.67
C PRO AA 126 -21.56 -25.65 40.47
N ARG AA 127 -21.24 -26.77 39.83
CA ARG AA 127 -20.74 -27.92 40.59
C ARG AA 127 -19.25 -27.77 40.92
N THR AA 128 -18.45 -27.35 39.95
CA THR AA 128 -17.01 -27.25 40.13
C THR AA 128 -16.49 -25.84 40.31
N GLY AA 129 -17.13 -24.85 39.69
CA GLY AA 129 -16.67 -23.47 39.75
C GLY AA 129 -15.77 -23.07 38.60
N ASN AA 130 -15.23 -24.02 37.85
CA ASN AA 130 -14.39 -23.70 36.71
C ASN AA 130 -15.26 -23.17 35.56
N PRO AA 131 -14.69 -22.35 34.69
CA PRO AA 131 -15.44 -21.89 33.51
C PRO AA 131 -15.73 -23.06 32.58
N ALA AA 132 -17.00 -23.36 32.38
CA ALA AA 132 -17.41 -24.50 31.57
C ALA AA 132 -18.67 -24.17 30.79
N LEU AA 133 -18.86 -24.88 29.68
CA LEU AA 133 -20.04 -24.76 28.85
C LEU AA 133 -20.69 -26.13 28.74
N ASP AA 134 -21.99 -26.19 29.01
CA ASP AA 134 -22.76 -27.43 28.88
C ASP AA 134 -23.11 -27.61 27.41
N LEU AA 135 -22.12 -28.05 26.64
CA LEU AA 135 -22.25 -28.07 25.19
C LEU AA 135 -23.44 -28.87 24.66
N PRO AA 136 -23.81 -30.04 25.19
CA PRO AA 136 -25.01 -30.71 24.67
C PRO AA 136 -26.28 -29.88 24.81
N LYS AA 137 -26.48 -29.22 25.94
CA LYS AA 137 -27.69 -28.42 26.08
C LYS AA 137 -27.62 -27.14 25.27
N ILE AA 138 -26.43 -26.57 25.10
CA ILE AA 138 -26.27 -25.44 24.20
C ILE AA 138 -26.63 -25.85 22.78
N PHE AA 139 -26.21 -27.06 22.37
CA PHE AA 139 -26.58 -27.57 21.06
C PHE AA 139 -28.09 -27.75 20.96
N GLY AA 140 -28.73 -28.24 22.02
CA GLY AA 140 -30.17 -28.35 22.01
C GLY AA 140 -30.85 -27.01 21.81
N ILE AA 141 -30.39 -25.99 22.53
CA ILE AA 141 -30.97 -24.66 22.41
C ILE AA 141 -30.77 -24.12 21.00
N HIS AA 142 -29.56 -24.25 20.47
CA HIS AA 142 -29.27 -23.72 19.14
C HIS AA 142 -30.01 -24.49 18.06
N LEU AA 143 -30.17 -25.80 18.22
CA LEU AA 143 -30.93 -26.58 17.25
C LEU AA 143 -32.40 -26.21 17.30
N LEU AA 144 -32.94 -25.96 18.49
CA LEU AA 144 -34.32 -25.51 18.60
C LEU AA 144 -34.49 -24.14 17.94
N LEU AA 145 -33.55 -23.23 18.17
CA LEU AA 145 -33.62 -21.92 17.54
C LEU AA 145 -33.54 -22.01 16.02
N SER AA 146 -32.63 -22.85 15.52
CA SER AA 146 -32.48 -23.02 14.09
C SER AA 146 -33.71 -23.68 13.48
N GLY AA 147 -34.31 -24.64 14.19
CA GLY AA 147 -35.55 -25.22 13.71
C GLY AA 147 -36.68 -24.21 13.64
N VAL AA 148 -36.79 -23.37 14.67
CA VAL AA 148 -37.81 -22.31 14.65
C VAL AA 148 -37.56 -21.36 13.49
N LEU AA 149 -36.31 -20.94 13.29
CA LEU AA 149 -36.00 -20.02 12.20
C LEU AA 149 -36.26 -20.65 10.84
N CYS AA 150 -35.87 -21.91 10.65
CA CYS AA 150 -36.11 -22.58 9.38
C CYS AA 150 -37.59 -22.75 9.11
N PHE AA 151 -38.36 -23.18 10.12
CA PHE AA 151 -39.79 -23.33 9.94
C PHE AA 151 -40.45 -22.00 9.64
N GLY AA 152 -40.06 -20.94 10.35
CA GLY AA 152 -40.63 -19.63 10.07
C GLY AA 152 -40.29 -19.14 8.69
N PHE AA 153 -39.04 -19.28 8.27
CA PHE AA 153 -38.64 -18.87 6.94
C PHE AA 153 -39.45 -19.60 5.87
N GLY AA 154 -39.52 -20.92 5.97
CA GLY AA 154 -40.23 -21.69 4.97
C GLY AA 154 -41.74 -21.58 5.03
N ALA AA 155 -42.30 -21.17 6.17
CA ALA AA 155 -43.74 -21.11 6.31
C ALA AA 155 -44.31 -19.72 6.08
N PHE AA 156 -43.52 -18.68 6.31
CA PHE AA 156 -43.99 -17.32 6.11
C PHE AA 156 -43.27 -16.59 5.01
N HIS AA 157 -41.94 -16.72 4.92
CA HIS AA 157 -41.20 -15.96 3.92
C HIS AA 157 -41.37 -16.58 2.54
N VAL AA 158 -41.09 -17.88 2.41
CA VAL AA 158 -41.14 -18.51 1.10
C VAL AA 158 -42.57 -18.62 0.59
N THR AA 159 -43.50 -19.01 1.45
CA THR AA 159 -44.88 -19.21 1.03
C THR AA 159 -45.62 -17.91 0.80
N GLY AA 160 -45.09 -16.79 1.25
CA GLY AA 160 -45.80 -15.54 1.11
C GLY AA 160 -46.91 -15.31 2.10
N ALA AA 161 -47.05 -16.20 3.10
CA ALA AA 161 -48.04 -15.96 4.14
C ALA AA 161 -47.74 -14.67 4.89
N TRP AA 162 -46.47 -14.48 5.29
CA TRP AA 162 -45.99 -13.19 5.76
C TRP AA 162 -44.56 -13.05 5.24
N GLY AA 163 -44.42 -12.47 4.05
CA GLY AA 163 -43.14 -12.38 3.42
C GLY AA 163 -43.26 -12.18 1.91
N PRO AA 164 -42.13 -11.97 1.25
CA PRO AA 164 -42.18 -11.67 -0.19
C PRO AA 164 -42.21 -12.89 -1.08
N GLY AA 165 -41.69 -14.01 -0.60
CA GLY AA 165 -41.47 -15.17 -1.43
C GLY AA 165 -40.03 -15.24 -1.91
N ILE AA 166 -39.79 -16.15 -2.85
CA ILE AA 166 -38.46 -16.33 -3.43
C ILE AA 166 -38.55 -16.11 -4.94
N TRP AA 167 -37.39 -16.01 -5.57
CA TRP AA 167 -37.32 -15.76 -6.99
C TRP AA 167 -37.70 -17.01 -7.77
N VAL AA 168 -38.73 -16.91 -8.59
CA VAL AA 168 -39.18 -18.01 -9.43
C VAL AA 168 -39.13 -17.53 -10.88
N SER AA 169 -38.43 -18.28 -11.72
CA SER AA 169 -38.32 -17.98 -13.14
C SER AA 169 -38.93 -19.13 -13.94
N ASP AA 170 -39.02 -18.93 -15.25
CA ASP AA 170 -39.49 -19.97 -16.14
C ASP AA 170 -38.33 -20.89 -16.51
N ALA AA 171 -38.56 -21.80 -17.45
CA ALA AA 171 -37.53 -22.77 -17.79
C ALA AA 171 -36.36 -22.16 -18.54
N TYR AA 172 -36.53 -20.97 -19.11
CA TYR AA 172 -35.49 -20.38 -19.94
C TYR AA 172 -35.12 -18.97 -19.50
N GLY AA 173 -35.49 -18.57 -18.28
CA GLY AA 173 -35.03 -17.32 -17.72
C GLY AA 173 -35.47 -16.07 -18.45
N ILE AA 174 -36.72 -16.05 -18.94
CA ILE AA 174 -37.23 -14.88 -19.64
C ILE AA 174 -38.03 -13.98 -18.70
N THR AA 175 -38.94 -14.57 -17.92
CA THR AA 175 -39.81 -13.83 -17.02
C THR AA 175 -39.63 -14.40 -15.62
N GLY AA 176 -38.74 -13.79 -14.85
CA GLY AA 176 -38.48 -14.21 -13.48
C GLY AA 176 -38.76 -13.08 -12.51
N LYS AA 177 -39.36 -13.42 -11.37
CA LYS AA 177 -39.71 -12.43 -10.35
C LYS AA 177 -39.88 -13.16 -9.03
N VAL AA 178 -40.04 -12.37 -7.97
CA VAL AA 178 -40.27 -12.93 -6.64
C VAL AA 178 -41.75 -13.24 -6.49
N GLN AA 179 -42.07 -14.50 -6.24
CA GLN AA 179 -43.44 -14.94 -6.08
C GLN AA 179 -43.60 -15.75 -4.82
N PRO AA 180 -44.77 -15.71 -4.19
CA PRO AA 180 -45.07 -16.68 -3.14
C PRO AA 180 -45.06 -18.09 -3.71
N VAL AA 181 -44.55 -19.03 -2.93
CA VAL AA 181 -44.30 -20.40 -3.39
C VAL AA 181 -45.06 -21.35 -2.49
N ALA AA 182 -46.04 -22.06 -3.07
CA ALA AA 182 -46.74 -23.08 -2.32
C ALA AA 182 -45.87 -24.34 -2.22
N PRO AA 183 -45.77 -24.94 -1.04
CA PRO AA 183 -44.94 -26.13 -0.90
C PRO AA 183 -45.55 -27.34 -1.59
N ALA AA 184 -44.68 -28.26 -2.00
CA ALA AA 184 -45.07 -29.54 -2.58
C ALA AA 184 -44.59 -30.65 -1.65
N TRP AA 185 -45.53 -31.44 -1.16
CA TRP AA 185 -45.23 -32.44 -0.13
C TRP AA 185 -45.00 -33.83 -0.70
N GLY AA 186 -45.11 -34.01 -2.01
CA GLY AA 186 -44.89 -35.30 -2.63
C GLY AA 186 -43.43 -35.52 -2.95
N ALA AA 187 -43.19 -36.46 -3.87
CA ALA AA 187 -41.84 -36.71 -4.32
C ALA AA 187 -41.31 -35.60 -5.22
N GLU AA 188 -42.19 -34.79 -5.80
CA GLU AA 188 -41.76 -33.69 -6.66
C GLU AA 188 -41.11 -32.56 -5.89
N GLY AA 189 -41.19 -32.56 -4.56
CA GLY AA 189 -40.46 -31.60 -3.77
C GLY AA 189 -38.97 -31.85 -3.74
N PHE AA 190 -38.55 -33.05 -4.09
CA PHE AA 190 -37.13 -33.38 -4.19
C PHE AA 190 -36.59 -33.19 -5.59
N ASN AA 191 -37.41 -32.69 -6.51
CA ASN AA 191 -36.91 -32.17 -7.75
C ASN AA 191 -36.16 -30.88 -7.45
N PRO AA 192 -34.84 -30.82 -7.69
CA PRO AA 192 -34.09 -29.62 -7.29
C PRO AA 192 -34.46 -28.37 -8.07
N PHE AA 193 -35.04 -28.51 -9.25
CA PHE AA 193 -35.48 -27.37 -10.04
C PHE AA 193 -36.92 -26.98 -9.74
N ASN AA 194 -37.56 -27.64 -8.78
CA ASN AA 194 -38.88 -27.26 -8.33
C ASN AA 194 -38.74 -26.35 -7.11
N PRO AA 195 -39.12 -25.07 -7.21
CA PRO AA 195 -38.99 -24.17 -6.05
C PRO AA 195 -39.93 -24.48 -4.91
N SER AA 196 -40.96 -25.31 -5.12
CA SER AA 196 -41.84 -25.69 -4.02
C SER AA 196 -41.11 -26.55 -3.00
N GLY AA 197 -40.07 -27.26 -3.46
CA GLY AA 197 -39.24 -28.03 -2.55
C GLY AA 197 -38.57 -27.19 -1.49
N VAL AA 198 -38.24 -25.94 -1.81
CA VAL AA 198 -37.63 -25.06 -0.82
C VAL AA 198 -38.58 -24.86 0.37
N ALA AA 199 -39.82 -24.49 0.08
CA ALA AA 199 -40.79 -24.25 1.14
C ALA AA 199 -41.09 -25.52 1.91
N SER AA 200 -41.35 -26.62 1.20
CA SER AA 200 -41.68 -27.86 1.90
C SER AA 200 -40.50 -28.35 2.74
N HIS AA 201 -39.29 -28.26 2.20
CA HIS AA 201 -38.10 -28.66 2.94
C HIS AA 201 -37.93 -27.83 4.19
N HIS AA 202 -38.07 -26.52 4.07
CA HIS AA 202 -37.83 -25.69 5.25
C HIS AA 202 -38.89 -25.91 6.31
N ILE AA 203 -40.15 -26.11 5.92
CA ILE AA 203 -41.17 -26.41 6.92
C ILE AA 203 -40.88 -27.73 7.62
N ALA AA 204 -40.65 -28.80 6.84
CA ALA AA 204 -40.44 -30.12 7.44
C ALA AA 204 -39.17 -30.16 8.27
N ALA AA 205 -38.08 -29.59 7.76
CA ALA AA 205 -36.81 -29.59 8.49
C ALA AA 205 -36.88 -28.71 9.71
N GLY AA 206 -37.63 -27.61 9.66
CA GLY AA 206 -37.82 -26.80 10.86
C GLY AA 206 -38.58 -27.56 11.93
N ILE AA 207 -39.63 -28.28 11.54
CA ILE AA 207 -40.35 -29.09 12.53
C ILE AA 207 -39.43 -30.15 13.13
N LEU AA 208 -38.67 -30.84 12.28
CA LEU AA 208 -37.79 -31.90 12.78
C LEU AA 208 -36.69 -31.33 13.66
N GLY AA 209 -36.11 -30.19 13.28
CA GLY AA 209 -35.10 -29.56 14.10
C GLY AA 209 -35.64 -29.05 15.42
N PHE AA 210 -36.87 -28.54 15.42
CA PHE AA 210 -37.50 -28.15 16.68
C PHE AA 210 -37.68 -29.34 17.59
N LEU AA 211 -38.17 -30.46 17.06
CA LEU AA 211 -38.32 -31.66 17.88
C LEU AA 211 -36.97 -32.17 18.38
N ALA AA 212 -35.96 -32.16 17.52
CA ALA AA 212 -34.63 -32.63 17.92
C ALA AA 212 -34.00 -31.70 18.94
N GLY AA 213 -34.25 -30.39 18.84
CA GLY AA 213 -33.78 -29.48 19.87
C GLY AA 213 -34.46 -29.72 21.20
N ILE AA 214 -35.76 -30.01 21.18
CA ILE AA 214 -36.43 -30.41 22.42
C ILE AA 214 -35.76 -31.65 23.01
N PHE AA 215 -35.48 -32.64 22.15
CA PHE AA 215 -34.86 -33.86 22.63
C PHE AA 215 -33.47 -33.60 23.22
N HIS AA 216 -32.68 -32.76 22.55
CA HIS AA 216 -31.31 -32.51 22.99
C HIS AA 216 -31.24 -31.61 24.22
N ILE AA 217 -32.23 -30.75 24.42
CA ILE AA 217 -32.35 -30.06 25.71
C ILE AA 217 -32.74 -31.05 26.80
N ALA AA 218 -33.64 -31.98 26.47
CA ALA AA 218 -34.21 -32.85 27.51
C ALA AA 218 -33.22 -33.91 27.98
N VAL AA 219 -32.51 -34.54 27.05
CA VAL AA 219 -31.83 -35.81 27.31
C VAL AA 219 -30.32 -35.60 27.32
N ARG AA 220 -29.67 -36.10 28.37
CA ARG AA 220 -28.22 -36.04 28.46
C ARG AA 220 -27.58 -37.07 27.54
N PRO AA 221 -26.35 -36.85 27.12
CA PRO AA 221 -25.67 -37.81 26.24
C PRO AA 221 -25.29 -39.07 27.01
N PRO AA 222 -25.13 -40.19 26.31
CA PRO AA 222 -24.60 -41.39 26.96
C PRO AA 222 -23.15 -41.20 27.37
N GLN AA 223 -22.75 -41.97 28.39
CA GLN AA 223 -21.37 -41.88 28.85
C GLN AA 223 -20.40 -42.40 27.79
N ARG AA 224 -20.79 -43.42 27.03
CA ARG AA 224 -19.93 -43.93 25.98
C ARG AA 224 -19.70 -42.88 24.90
N LEU AA 225 -20.76 -42.18 24.49
CA LEU AA 225 -20.61 -41.12 23.50
C LEU AA 225 -19.91 -39.89 24.06
N TYR AA 226 -20.08 -39.63 25.37
CA TYR AA 226 -19.38 -38.51 25.99
C TYR AA 226 -17.88 -38.76 26.05
N ARG AA 227 -17.48 -39.96 26.42
CA ARG AA 227 -16.05 -40.28 26.45
C ARG AA 227 -15.47 -40.44 25.05
N ALA AA 228 -16.23 -41.01 24.13
CA ALA AA 228 -15.71 -41.28 22.79
C ALA AA 228 -15.53 -40.00 21.98
N LEU AA 229 -16.52 -39.13 22.00
CA LEU AA 229 -16.48 -37.90 21.20
C LEU AA 229 -15.89 -36.72 21.95
N ARG AA 230 -15.48 -36.92 23.20
CA ARG AA 230 -14.88 -35.86 24.01
C ARG AA 230 -15.80 -34.64 24.09
N MET AA 231 -17.04 -34.89 24.52
CA MET AA 231 -18.05 -33.84 24.54
C MET AA 231 -17.78 -32.78 25.59
N GLY AA 232 -16.89 -33.03 26.55
CA GLY AA 232 -16.49 -31.98 27.45
C GLY AA 232 -15.51 -31.00 26.86
N ASN AA 233 -14.93 -31.34 25.72
CA ASN AA 233 -14.01 -30.47 25.00
C ASN AA 233 -14.76 -29.76 23.89
N ILE AA 234 -14.53 -28.45 23.77
CA ILE AA 234 -15.19 -27.65 22.74
C ILE AA 234 -14.58 -27.85 21.36
N GLU AA 235 -13.38 -28.42 21.29
CA GLU AA 235 -12.76 -28.65 19.99
C GLU AA 235 -13.48 -29.74 19.20
N THR AA 236 -14.19 -30.66 19.87
CA THR AA 236 -15.01 -31.59 19.12
C THR AA 236 -16.18 -30.88 18.47
N VAL AA 237 -16.74 -29.87 19.14
CA VAL AA 237 -17.77 -29.06 18.51
C VAL AA 237 -17.19 -28.33 17.32
N LEU AA 238 -15.97 -27.79 17.46
CA LEU AA 238 -15.34 -27.12 16.32
C LEU AA 238 -15.13 -28.09 15.16
N SER AA 239 -14.64 -29.29 15.45
CA SER AA 239 -14.36 -30.26 14.40
C SER AA 239 -15.64 -30.68 13.68
N SER AA 240 -16.69 -31.04 14.42
CA SER AA 240 -17.93 -31.46 13.78
C SER AA 240 -18.60 -30.30 13.05
N SER AA 241 -18.51 -29.08 13.59
CA SER AA 241 -19.08 -27.93 12.89
C SER AA 241 -18.35 -27.65 11.60
N ILE AA 242 -17.01 -27.76 11.60
CA ILE AA 242 -16.27 -27.58 10.36
C ILE AA 242 -16.60 -28.68 9.36
N ALA AA 243 -16.78 -29.91 9.84
CA ALA AA 243 -17.18 -30.99 8.95
C ALA AA 243 -18.51 -30.70 8.29
N ALA AA 244 -19.51 -30.33 9.09
CA ALA AA 244 -20.83 -30.01 8.54
C ALA AA 244 -20.77 -28.80 7.61
N VAL AA 245 -19.92 -27.83 7.93
CA VAL AA 245 -19.83 -26.62 7.14
C VAL AA 245 -19.22 -26.91 5.77
N PHE AA 246 -18.18 -27.73 5.70
CA PHE AA 246 -17.65 -28.04 4.38
C PHE AA 246 -18.51 -29.03 3.62
N TRP AA 247 -19.27 -29.87 4.33
CA TRP AA 247 -20.33 -30.65 3.67
C TRP AA 247 -21.34 -29.73 3.00
N SER AA 248 -21.81 -28.71 3.72
CA SER AA 248 -22.75 -27.76 3.15
C SER AA 248 -22.13 -26.97 2.03
N ALA AA 249 -20.83 -26.64 2.14
CA ALA AA 249 -20.16 -25.91 1.08
C ALA AA 249 -20.05 -26.74 -0.19
N PHE AA 250 -19.78 -28.04 -0.07
CA PHE AA 250 -19.82 -28.91 -1.25
C PHE AA 250 -21.21 -28.96 -1.85
N ILE AA 251 -22.24 -29.04 -1.00
CA ILE AA 251 -23.61 -29.07 -1.51
C ILE AA 251 -23.93 -27.80 -2.29
N THR AA 252 -23.57 -26.64 -1.74
CA THR AA 252 -23.86 -25.38 -2.41
C THR AA 252 -23.02 -25.20 -3.66
N THR AA 253 -21.78 -25.69 -3.64
CA THR AA 253 -20.96 -25.67 -4.85
C THR AA 253 -21.61 -26.48 -5.96
N GLY AA 254 -22.10 -27.68 -5.63
CA GLY AA 254 -22.77 -28.48 -6.64
C GLY AA 254 -24.04 -27.83 -7.15
N THR AA 255 -24.88 -27.30 -6.26
CA THR AA 255 -26.12 -26.70 -6.69
C THR AA 255 -25.89 -25.39 -7.44
N MET AA 256 -24.75 -24.74 -7.24
CA MET AA 256 -24.45 -23.55 -8.01
C MET AA 256 -23.93 -23.91 -9.39
N TRP AA 257 -23.02 -24.87 -9.47
CA TRP AA 257 -22.43 -25.23 -10.76
C TRP AA 257 -23.44 -25.93 -11.67
N TYR AA 258 -24.15 -26.92 -11.14
CA TYR AA 258 -25.11 -27.66 -11.95
C TYR AA 258 -26.44 -26.93 -12.08
N GLY AA 259 -26.73 -25.98 -11.20
CA GLY AA 259 -27.98 -25.25 -11.28
C GLY AA 259 -29.08 -25.93 -10.51
N SER AA 260 -29.98 -25.11 -9.98
CA SER AA 260 -31.17 -25.60 -9.27
C SER AA 260 -32.19 -24.47 -9.27
N ALA AA 261 -33.28 -24.68 -8.53
CA ALA AA 261 -34.25 -23.61 -8.35
C ALA AA 261 -33.72 -22.52 -7.43
N THR AA 262 -32.72 -22.83 -6.60
CA THR AA 262 -32.12 -21.86 -5.71
C THR AA 262 -31.01 -21.07 -6.37
N THR AA 263 -30.63 -21.40 -7.60
CA THR AA 263 -29.64 -20.64 -8.36
C THR AA 263 -30.22 -20.35 -9.74
N PRO AA 264 -31.16 -19.40 -9.84
CA PRO AA 264 -31.75 -19.08 -11.13
C PRO AA 264 -30.75 -18.40 -12.05
N ILE AA 265 -31.00 -18.55 -13.36
CA ILE AA 265 -30.07 -18.02 -14.36
C ILE AA 265 -30.24 -16.55 -14.62
N GLU AA 266 -31.30 -15.93 -14.10
CA GLU AA 266 -31.44 -14.48 -14.24
C GLU AA 266 -30.69 -13.72 -13.15
N LEU AA 267 -30.13 -14.41 -12.19
CA LEU AA 267 -29.34 -13.80 -11.12
C LEU AA 267 -27.89 -14.22 -11.15
N PHE AA 268 -27.61 -15.50 -11.38
CA PHE AA 268 -26.25 -16.00 -11.42
C PHE AA 268 -25.75 -16.30 -12.83
N GLY AA 269 -26.61 -16.19 -13.84
CA GLY AA 269 -26.23 -16.48 -15.19
C GLY AA 269 -26.47 -17.94 -15.54
N PRO AA 270 -26.33 -18.27 -16.81
CA PRO AA 270 -26.53 -19.67 -17.23
C PRO AA 270 -25.38 -20.56 -16.76
N THR AA 271 -25.62 -21.85 -16.84
CA THR AA 271 -24.61 -22.85 -16.50
C THR AA 271 -23.89 -23.31 -17.76
N ARG AA 272 -22.78 -24.01 -17.55
CA ARG AA 272 -22.02 -24.51 -18.69
C ARG AA 272 -22.70 -25.69 -19.37
N TYR AA 273 -23.54 -26.42 -18.64
CA TYR AA 273 -24.22 -27.56 -19.22
C TYR AA 273 -25.41 -27.15 -20.08
N GLN AA 274 -25.88 -25.91 -19.94
CA GLN AA 274 -26.87 -25.39 -20.86
C GLN AA 274 -26.24 -25.05 -22.20
N TRP AA 275 -24.96 -24.72 -22.21
CA TRP AA 275 -24.24 -24.53 -23.47
C TRP AA 275 -23.78 -25.86 -24.05
N ASP AA 276 -23.36 -26.79 -23.20
CA ASP AA 276 -22.92 -28.10 -23.68
C ASP AA 276 -24.05 -28.86 -24.35
N SER AA 277 -25.24 -28.82 -23.78
CA SER AA 277 -26.36 -29.56 -24.32
C SER AA 277 -27.13 -28.79 -25.38
N GLY AA 278 -26.77 -27.54 -25.65
CA GLY AA 278 -27.54 -26.71 -26.57
C GLY AA 278 -28.94 -26.43 -26.07
N TYR AA 279 -29.08 -26.14 -24.77
CA TYR AA 279 -30.40 -25.97 -24.17
C TYR AA 279 -31.15 -24.80 -24.80
N PHE AA 280 -30.56 -23.60 -24.72
CA PHE AA 280 -31.20 -22.43 -25.32
C PHE AA 280 -31.22 -22.52 -26.84
N GLN AA 281 -30.20 -23.13 -27.45
CA GLN AA 281 -30.22 -23.32 -28.89
C GLN AA 281 -31.38 -24.20 -29.31
N GLN AA 282 -31.62 -25.29 -28.57
CA GLN AA 282 -32.75 -26.16 -28.89
C GLN AA 282 -34.07 -25.43 -28.69
N GLU AA 283 -34.18 -24.65 -27.62
CA GLU AA 283 -35.42 -23.90 -27.40
C GLU AA 283 -35.67 -22.89 -28.53
N ILE AA 284 -34.63 -22.18 -28.94
CA ILE AA 284 -34.78 -21.19 -30.00
C ILE AA 284 -35.14 -21.86 -31.32
N GLU AA 285 -34.49 -22.98 -31.63
CA GLU AA 285 -34.84 -23.71 -32.85
C GLU AA 285 -36.27 -24.21 -32.80
N ARG AA 286 -36.72 -24.68 -31.64
CA ARG AA 286 -38.10 -25.14 -31.51
C ARG AA 286 -39.09 -24.00 -31.73
N ARG AA 287 -38.81 -22.83 -31.15
CA ARG AA 287 -39.70 -21.69 -31.36
C ARG AA 287 -39.72 -21.24 -32.81
N VAL AA 288 -38.54 -21.21 -33.46
CA VAL AA 288 -38.48 -20.82 -34.86
C VAL AA 288 -39.22 -21.82 -35.73
N GLU AA 289 -39.10 -23.11 -35.44
CA GLU AA 289 -39.83 -24.12 -36.19
C GLU AA 289 -41.34 -23.97 -36.00
N ASN AA 290 -41.77 -23.72 -34.77
CA ASN AA 290 -43.19 -23.52 -34.51
C ASN AA 290 -43.73 -22.28 -35.22
N SER AA 291 -42.92 -21.22 -35.31
CA SER AA 291 -43.35 -20.03 -36.04
C SER AA 291 -43.34 -20.25 -37.55
N LEU AA 292 -42.41 -21.07 -38.06
CA LEU AA 292 -42.41 -21.39 -39.48
C LEU AA 292 -43.59 -22.29 -39.85
N ASN AA 293 -44.04 -23.12 -38.93
CA ASN AA 293 -45.21 -23.96 -39.17
C ASN AA 293 -46.51 -23.17 -39.17
N GLU AA 294 -46.48 -21.90 -38.74
CA GLU AA 294 -47.65 -21.03 -38.76
C GLU AA 294 -47.71 -20.16 -40.00
N GLY AA 295 -46.88 -20.44 -41.01
CA GLY AA 295 -46.89 -19.71 -42.26
C GLY AA 295 -45.98 -18.52 -42.33
N LEU AA 296 -45.26 -18.19 -41.25
CA LEU AA 296 -44.34 -17.08 -41.29
C LEU AA 296 -43.08 -17.44 -42.07
N ASN AA 297 -42.40 -16.41 -42.56
CA ASN AA 297 -41.12 -16.60 -43.21
C ASN AA 297 -40.01 -16.59 -42.16
N LEU AA 298 -38.76 -16.66 -42.60
CA LEU AA 298 -37.65 -16.70 -41.66
C LEU AA 298 -37.49 -15.39 -40.90
N SER AA 299 -37.69 -14.25 -41.56
CA SER AA 299 -37.51 -12.97 -40.90
C SER AA 299 -38.50 -12.79 -39.75
N GLU AA 300 -39.78 -13.09 -39.98
CA GLU AA 300 -40.78 -12.94 -38.93
C GLU AA 300 -40.60 -13.99 -37.83
N ALA AA 301 -40.16 -15.20 -38.19
CA ALA AA 301 -39.95 -16.23 -37.18
C ALA AA 301 -38.77 -15.90 -36.28
N TRP AA 302 -37.66 -15.44 -36.87
CA TRP AA 302 -36.49 -15.11 -36.07
C TRP AA 302 -36.60 -13.76 -35.38
N SER AA 303 -37.47 -12.87 -35.85
CA SER AA 303 -37.69 -11.62 -35.16
C SER AA 303 -38.55 -11.79 -33.92
N ARG AA 304 -39.27 -12.91 -33.81
CA ARG AA 304 -40.09 -13.18 -32.65
C ARG AA 304 -39.27 -13.71 -31.48
N ILE AA 305 -38.03 -14.09 -31.71
CA ILE AA 305 -37.18 -14.58 -30.63
C ILE AA 305 -36.75 -13.42 -29.74
N PRO AA 306 -36.96 -13.49 -28.43
CA PRO AA 306 -36.55 -12.39 -27.56
C PRO AA 306 -35.04 -12.25 -27.50
N ASP AA 307 -34.59 -11.03 -27.20
CA ASP AA 307 -33.16 -10.77 -27.08
C ASP AA 307 -32.56 -11.47 -25.88
N LYS AA 308 -33.33 -11.64 -24.81
CA LYS AA 308 -32.84 -12.37 -23.64
C LYS AA 308 -32.52 -13.82 -23.99
N LEU AA 309 -33.42 -14.47 -24.73
CA LEU AA 309 -33.22 -15.87 -25.07
C LEU AA 309 -32.03 -16.06 -25.99
N ALA AA 310 -31.84 -15.14 -26.95
CA ALA AA 310 -30.67 -15.22 -27.80
C ALA AA 310 -29.39 -14.85 -27.06
N PHE AA 311 -29.51 -14.01 -26.03
CA PHE AA 311 -28.35 -13.65 -25.23
C PHE AA 311 -27.90 -14.81 -24.35
N TYR AA 312 -28.84 -15.65 -23.92
CA TYR AA 312 -28.44 -16.84 -23.17
C TYR AA 312 -27.69 -17.84 -24.04
N ASP AA 313 -27.95 -17.84 -25.35
CA ASP AA 313 -27.33 -18.79 -26.27
C ASP AA 313 -26.04 -18.18 -26.83
N TYR AA 314 -25.09 -17.97 -25.93
CA TYR AA 314 -23.85 -17.29 -26.28
C TYR AA 314 -22.75 -17.78 -25.35
N ILE AA 315 -21.57 -18.06 -25.93
CA ILE AA 315 -20.49 -18.68 -25.16
C ILE AA 315 -19.79 -17.70 -24.25
N GLY AA 316 -19.97 -16.40 -24.44
CA GLY AA 316 -19.42 -15.44 -23.50
C GLY AA 316 -20.12 -15.42 -22.17
N ASN AA 317 -21.38 -15.86 -22.13
CA ASN AA 317 -22.12 -16.01 -20.89
C ASN AA 317 -21.86 -17.36 -20.22
N ASN AA 318 -21.08 -18.22 -20.85
CA ASN AA 318 -20.74 -19.49 -20.25
C ASN AA 318 -19.80 -19.25 -19.07
N PRO AA 319 -20.11 -19.75 -17.87
CA PRO AA 319 -19.19 -19.59 -16.74
C PRO AA 319 -17.89 -20.35 -16.90
N ALA AA 320 -17.82 -21.33 -17.80
CA ALA AA 320 -16.62 -22.12 -18.01
C ALA AA 320 -15.75 -21.59 -19.13
N LYS AA 321 -15.77 -20.28 -19.39
CA LYS AA 321 -14.93 -19.66 -20.39
C LYS AA 321 -14.03 -18.57 -19.83
N GLY AA 322 -14.06 -18.34 -18.52
CA GLY AA 322 -13.30 -17.28 -17.91
C GLY AA 322 -11.87 -17.67 -17.62
N GLY AA 323 -11.20 -16.83 -16.85
CA GLY AA 323 -9.83 -17.09 -16.46
C GLY AA 323 -9.66 -16.82 -14.97
N LEU AA 324 -8.61 -17.45 -14.42
CA LEU AA 324 -8.38 -17.34 -12.98
C LEU AA 324 -7.99 -15.92 -12.59
N PHE AA 325 -7.21 -15.24 -13.42
CA PHE AA 325 -6.76 -13.89 -13.12
C PHE AA 325 -7.31 -12.85 -14.08
N ARG AA 326 -8.35 -13.20 -14.84
CA ARG AA 326 -9.12 -12.23 -15.62
C ARG AA 326 -10.18 -11.65 -14.69
N ALA AA 327 -9.74 -10.72 -13.84
CA ALA AA 327 -10.61 -10.18 -12.80
C ALA AA 327 -11.61 -9.20 -13.38
N GLY AA 328 -12.65 -8.93 -12.60
CA GLY AA 328 -13.63 -7.94 -12.95
C GLY AA 328 -14.95 -8.53 -13.42
N PRO AA 329 -15.85 -7.67 -13.89
CA PRO AA 329 -17.15 -8.15 -14.37
C PRO AA 329 -17.01 -8.81 -15.74
N MET AA 330 -18.10 -9.44 -16.17
CA MET AA 330 -18.12 -10.04 -17.50
C MET AA 330 -18.12 -8.98 -18.60
N ASN AA 331 -18.59 -7.77 -18.31
CA ASN AA 331 -18.53 -6.68 -19.27
C ASN AA 331 -17.12 -6.17 -19.49
N LYS AA 332 -16.18 -6.51 -18.60
CA LYS AA 332 -14.77 -6.21 -18.80
C LYS AA 332 -14.14 -7.12 -19.83
N GLY AA 333 -14.85 -8.15 -20.29
CA GLY AA 333 -14.31 -9.10 -21.23
C GLY AA 333 -14.71 -8.79 -22.65
N ASP AA 334 -15.71 -9.51 -23.18
CA ASP AA 334 -16.18 -9.25 -24.54
C ASP AA 334 -16.81 -7.87 -24.68
N GLY AA 335 -17.22 -7.25 -23.58
CA GLY AA 335 -17.75 -5.90 -23.59
C GLY AA 335 -19.16 -5.86 -23.01
N ILE AA 336 -19.79 -4.70 -23.17
CA ILE AA 336 -21.17 -4.51 -22.74
C ILE AA 336 -22.07 -4.75 -23.94
N ALA AA 337 -22.99 -5.69 -23.82
CA ALA AA 337 -23.85 -6.06 -24.94
C ALA AA 337 -24.82 -4.92 -25.25
N GLU AA 338 -24.86 -4.53 -26.52
CA GLU AA 338 -25.74 -3.46 -26.97
C GLU AA 338 -26.99 -3.97 -27.68
N ALA AA 339 -26.82 -4.86 -28.65
CA ALA AA 339 -27.95 -5.34 -29.43
C ALA AA 339 -27.65 -6.74 -29.93
N TRP AA 340 -28.72 -7.48 -30.24
CA TRP AA 340 -28.62 -8.77 -30.90
C TRP AA 340 -28.62 -8.54 -32.40
N LEU AA 341 -27.57 -8.97 -33.08
CA LEU AA 341 -27.46 -8.73 -34.51
C LEU AA 341 -28.33 -9.64 -35.35
N GLY AA 342 -28.89 -10.70 -34.77
CA GLY AA 342 -29.73 -11.62 -35.51
C GLY AA 342 -29.02 -12.94 -35.78
N HIS AA 343 -29.82 -13.89 -36.23
CA HIS AA 343 -29.30 -15.23 -36.51
C HIS AA 343 -28.65 -15.27 -37.88
N PRO AA 344 -27.38 -15.62 -37.97
CA PRO AA 344 -26.76 -15.75 -39.29
C PRO AA 344 -27.05 -17.11 -39.91
N ILE AA 345 -27.38 -17.11 -41.20
CA ILE AA 345 -27.51 -18.32 -41.99
C ILE AA 345 -26.53 -18.22 -43.14
N PHE AA 346 -25.64 -19.19 -43.23
CA PHE AA 346 -24.54 -19.16 -44.19
C PHE AA 346 -24.89 -20.03 -45.39
N GLN AA 347 -24.82 -19.43 -46.58
CA GLN AA 347 -25.11 -20.12 -47.82
C GLN AA 347 -23.92 -20.04 -48.75
N ASP AA 348 -23.66 -21.14 -49.46
CA ASP AA 348 -22.57 -21.19 -50.44
C ASP AA 348 -23.06 -20.62 -51.76
N LYS AA 349 -22.27 -20.81 -52.82
CA LYS AA 349 -22.67 -20.35 -54.15
C LYS AA 349 -23.83 -21.13 -54.72
N GLU AA 350 -24.12 -22.32 -54.18
CA GLU AA 350 -25.23 -23.14 -54.64
C GLU AA 350 -26.47 -23.02 -53.78
N GLY AA 351 -26.45 -22.16 -52.76
CA GLY AA 351 -27.60 -21.95 -51.92
C GLY AA 351 -27.79 -22.93 -50.79
N LYS AA 352 -26.89 -23.90 -50.64
CA LYS AA 352 -26.99 -24.83 -49.52
C LYS AA 352 -26.62 -24.14 -48.22
N GLU AA 353 -27.43 -24.38 -47.18
CA GLU AA 353 -27.21 -23.73 -45.90
C GLU AA 353 -26.04 -24.39 -45.16
N LEU AA 354 -25.28 -23.56 -44.45
CA LEU AA 354 -24.13 -24.02 -43.69
C LEU AA 354 -24.22 -23.47 -42.28
N THR AA 355 -23.81 -24.29 -41.31
CA THR AA 355 -23.78 -23.90 -39.90
C THR AA 355 -22.35 -23.94 -39.41
N VAL AA 356 -21.89 -22.85 -38.81
CA VAL AA 356 -20.57 -22.82 -38.19
C VAL AA 356 -20.59 -23.69 -36.94
N ARG AA 357 -19.64 -24.60 -36.82
CA ARG AA 357 -19.58 -25.46 -35.65
C ARG AA 357 -19.24 -24.63 -34.42
N ARG AA 358 -20.04 -24.79 -33.37
CA ARG AA 358 -19.88 -23.97 -32.18
C ARG AA 358 -18.64 -24.39 -31.38
N MET AA 359 -18.05 -23.41 -30.74
CA MET AA 359 -16.85 -23.66 -29.94
C MET AA 359 -17.22 -24.37 -28.64
N PRO AA 360 -16.56 -25.49 -28.33
CA PRO AA 360 -16.77 -26.12 -27.02
C PRO AA 360 -16.14 -25.28 -25.91
N ALA AA 361 -16.61 -25.53 -24.68
CA ALA AA 361 -16.12 -24.76 -23.54
C ALA AA 361 -14.68 -25.10 -23.18
N PHE AA 362 -14.16 -26.25 -23.63
CA PHE AA 362 -12.77 -26.59 -23.34
C PHE AA 362 -11.80 -25.68 -24.08
N PHE AA 363 -12.16 -25.26 -25.29
CA PHE AA 363 -11.20 -24.65 -26.21
C PHE AA 363 -11.09 -23.16 -25.96
N GLU AA 364 -9.87 -22.69 -25.68
CA GLU AA 364 -9.62 -21.26 -25.71
C GLU AA 364 -9.79 -20.70 -27.11
N THR AA 365 -9.26 -21.39 -28.10
CA THR AA 365 -9.44 -21.06 -29.51
C THR AA 365 -9.94 -22.29 -30.24
N PHE AA 366 -10.82 -22.06 -31.21
CA PHE AA 366 -11.39 -23.15 -31.99
C PHE AA 366 -11.33 -22.79 -33.46
N PRO AA 367 -11.01 -23.74 -34.33
CA PRO AA 367 -11.00 -23.45 -35.77
C PRO AA 367 -12.41 -23.22 -36.29
N VAL AA 368 -12.53 -22.24 -37.18
CA VAL AA 368 -13.83 -21.89 -37.76
C VAL AA 368 -14.08 -22.83 -38.94
N ILE AA 369 -15.05 -23.72 -38.77
CA ILE AA 369 -15.43 -24.67 -39.81
C ILE AA 369 -16.93 -24.61 -40.01
N LEU AA 370 -17.35 -24.76 -41.26
CA LEU AA 370 -18.77 -24.73 -41.62
C LEU AA 370 -19.16 -26.10 -42.15
N VAL AA 371 -20.20 -26.68 -41.56
CA VAL AA 371 -20.69 -27.99 -41.96
C VAL AA 371 -22.05 -27.81 -42.63
N ASP AA 372 -22.42 -28.81 -43.42
CA ASP AA 372 -23.73 -28.84 -44.04
C ASP AA 372 -24.69 -29.58 -43.12
N LYS AA 373 -25.89 -29.88 -43.60
CA LYS AA 373 -26.86 -30.60 -42.78
C LYS AA 373 -26.44 -32.04 -42.51
N ASP AA 374 -25.59 -32.62 -43.37
CA ASP AA 374 -25.13 -33.98 -43.16
C ASP AA 374 -24.01 -34.06 -42.13
N GLY AA 375 -23.19 -33.03 -42.04
CA GLY AA 375 -22.03 -33.03 -41.18
C GLY AA 375 -20.70 -33.04 -41.91
N ILE AA 376 -20.68 -32.67 -43.18
CA ILE AA 376 -19.45 -32.68 -43.99
C ILE AA 376 -18.92 -31.25 -44.09
N ILE AA 377 -17.61 -31.11 -43.94
CA ILE AA 377 -16.97 -29.80 -44.01
C ILE AA 377 -17.08 -29.29 -45.44
N ARG AA 378 -17.86 -28.23 -45.64
CA ARG AA 378 -17.99 -27.60 -46.94
C ARG AA 378 -17.21 -26.31 -47.07
N ALA AA 379 -16.96 -25.62 -45.95
CA ALA AA 379 -16.17 -24.40 -45.95
C ALA AA 379 -15.56 -24.22 -44.57
N ASP AA 380 -14.50 -23.42 -44.52
CA ASP AA 380 -13.80 -23.15 -43.28
C ASP AA 380 -12.91 -21.94 -43.46
N ILE AA 381 -12.21 -21.57 -42.39
CA ILE AA 381 -11.18 -20.53 -42.43
C ILE AA 381 -9.84 -21.19 -42.16
N PRO AA 382 -8.81 -20.92 -42.93
CA PRO AA 382 -7.48 -21.48 -42.64
C PRO AA 382 -6.96 -20.99 -41.30
N PHE AA 383 -5.90 -21.66 -40.83
CA PHE AA 383 -5.43 -21.39 -39.48
C PHE AA 383 -4.96 -19.96 -39.31
N ARG AA 384 -3.83 -19.60 -39.92
CA ARG AA 384 -3.47 -18.19 -39.98
C ARG AA 384 -3.12 -17.76 -41.40
N ARG AA 385 -2.19 -18.48 -42.04
CA ARG AA 385 -1.73 -18.11 -43.38
C ARG AA 385 -1.48 -19.33 -44.27
N ALA AA 386 -2.11 -20.46 -43.98
CA ALA AA 386 -1.85 -21.68 -44.73
C ALA AA 386 -2.54 -21.64 -46.10
N GLU AA 387 -2.00 -22.43 -47.02
CA GLU AA 387 -2.68 -22.64 -48.29
C GLU AA 387 -3.98 -23.41 -48.05
N SER AA 388 -5.04 -23.04 -48.76
CA SER AA 388 -6.37 -23.49 -48.42
C SER AA 388 -7.03 -24.25 -49.55
N LYS AA 389 -8.02 -25.06 -49.19
CA LYS AA 389 -8.86 -25.79 -50.12
C LYS AA 389 -10.34 -25.49 -49.98
N TYR AA 390 -10.81 -25.16 -48.78
CA TYR AA 390 -12.21 -24.91 -48.49
C TYR AA 390 -12.44 -23.51 -47.93
N SER AA 391 -11.67 -22.53 -48.36
CA SER AA 391 -11.72 -21.23 -47.71
C SER AA 391 -13.01 -20.50 -48.04
N ILE AA 392 -13.26 -19.41 -47.30
CA ILE AA 392 -14.47 -18.62 -47.49
C ILE AA 392 -14.46 -17.94 -48.85
N GLU AA 393 -13.30 -17.44 -49.28
CA GLU AA 393 -13.21 -16.78 -50.58
C GLU AA 393 -13.46 -17.73 -51.73
N GLN AA 394 -13.10 -19.00 -51.58
CA GLN AA 394 -13.22 -19.95 -52.67
C GLN AA 394 -14.66 -20.44 -52.83
N VAL AA 395 -15.27 -20.89 -51.73
CA VAL AA 395 -16.63 -21.40 -51.80
C VAL AA 395 -17.63 -20.29 -52.04
N GLY AA 396 -17.26 -19.04 -51.78
CA GLY AA 396 -18.17 -17.92 -51.96
C GLY AA 396 -19.32 -17.94 -50.98
N VAL AA 397 -19.00 -18.10 -49.70
CA VAL AA 397 -20.03 -18.16 -48.66
C VAL AA 397 -20.65 -16.78 -48.47
N THR AA 398 -21.97 -16.73 -48.49
CA THR AA 398 -22.72 -15.51 -48.19
C THR AA 398 -23.57 -15.75 -46.95
N VAL AA 399 -23.68 -14.71 -46.12
CA VAL AA 399 -24.40 -14.80 -44.85
C VAL AA 399 -25.60 -13.87 -44.90
N SER AA 400 -26.76 -14.39 -44.51
CA SER AA 400 -27.98 -13.61 -44.42
C SER AA 400 -28.50 -13.67 -42.99
N PHE AA 401 -28.79 -12.51 -42.42
CA PHE AA 401 -29.25 -12.42 -41.03
C PHE AA 401 -30.77 -12.32 -40.98
N TYR AA 402 -31.36 -13.06 -40.06
CA TYR AA 402 -32.80 -13.03 -39.83
C TYR AA 402 -33.05 -12.66 -38.38
N GLY AA 403 -33.87 -11.63 -38.17
CA GLY AA 403 -34.12 -11.11 -36.84
C GLY AA 403 -33.00 -10.20 -36.39
N GLY AA 404 -33.19 -9.63 -35.20
CA GLY AA 404 -32.16 -8.79 -34.64
C GLY AA 404 -32.02 -7.46 -35.36
N LYS AA 405 -30.85 -6.84 -35.17
CA LYS AA 405 -30.59 -5.53 -35.74
C LYS AA 405 -30.31 -5.59 -37.23
N LEU AA 406 -29.69 -6.68 -37.71
CA LEU AA 406 -29.34 -6.84 -39.12
C LEU AA 406 -30.38 -7.66 -39.88
N ASN AA 407 -31.64 -7.57 -39.48
CA ASN AA 407 -32.68 -8.39 -40.09
C ASN AA 407 -32.86 -8.04 -41.56
N GLY AA 408 -32.81 -9.06 -42.41
CA GLY AA 408 -33.01 -8.89 -43.84
C GLY AA 408 -31.75 -8.57 -44.62
N GLN AA 409 -30.67 -8.18 -43.95
CA GLN AA 409 -29.45 -7.83 -44.65
C GLN AA 409 -28.68 -9.07 -45.08
N VAL AA 410 -28.11 -9.03 -46.28
CA VAL AA 410 -27.30 -10.12 -46.81
C VAL AA 410 -25.93 -9.56 -47.11
N PHE AA 411 -24.91 -10.19 -46.53
CA PHE AA 411 -23.52 -9.79 -46.74
C PHE AA 411 -22.84 -10.82 -47.64
N LYS AA 412 -22.18 -10.35 -48.69
CA LYS AA 412 -21.55 -11.22 -49.66
C LYS AA 412 -20.05 -11.05 -49.77
N ASP AA 413 -19.48 -9.97 -49.24
CA ASP AA 413 -18.04 -9.75 -49.30
C ASP AA 413 -17.32 -10.64 -48.30
N ALA AA 414 -16.17 -11.17 -48.71
CA ALA AA 414 -15.47 -12.17 -47.93
C ALA AA 414 -15.06 -11.70 -46.53
N PRO AA 415 -14.47 -10.51 -46.34
CA PRO AA 415 -14.09 -10.13 -44.96
C PRO AA 415 -15.27 -10.08 -43.99
N THR AA 416 -16.42 -9.57 -44.43
CA THR AA 416 -17.57 -9.50 -43.56
C THR AA 416 -18.11 -10.89 -43.25
N VAL AA 417 -18.11 -11.78 -44.25
CA VAL AA 417 -18.58 -13.14 -44.03
C VAL AA 417 -17.66 -13.87 -43.06
N LYS AA 418 -16.34 -13.68 -43.21
CA LYS AA 418 -15.41 -14.28 -42.25
C LYS AA 418 -15.62 -13.73 -40.86
N LYS AA 419 -15.83 -12.42 -40.73
CA LYS AA 419 -16.08 -11.83 -39.41
C LYS AA 419 -17.33 -12.42 -38.78
N TYR AA 420 -18.41 -12.53 -39.56
CA TYR AA 420 -19.65 -13.05 -39.00
C TYR AA 420 -19.61 -14.54 -38.75
N ALA AA 421 -18.82 -15.29 -39.52
CA ALA AA 421 -18.62 -16.70 -39.19
C ALA AA 421 -17.82 -16.86 -37.91
N ARG AA 422 -16.80 -16.02 -37.72
CA ARG AA 422 -16.04 -16.06 -36.48
C ARG AA 422 -16.90 -15.65 -35.29
N LYS AA 423 -17.87 -14.77 -35.51
CA LYS AA 423 -18.81 -14.43 -34.44
C LYS AA 423 -19.80 -15.57 -34.20
N ALA AA 424 -20.30 -16.20 -35.26
CA ALA AA 424 -21.27 -17.28 -35.14
C ALA AA 424 -20.66 -18.54 -34.54
N GLN AA 425 -19.34 -18.68 -34.58
CA GLN AA 425 -18.69 -19.75 -33.85
C GLN AA 425 -18.98 -19.66 -32.36
N LEU AA 426 -19.15 -18.43 -31.85
CA LEU AA 426 -19.40 -18.20 -30.43
C LEU AA 426 -20.86 -18.38 -30.04
N GLY AA 427 -21.74 -18.66 -30.99
CA GLY AA 427 -23.15 -18.78 -30.70
C GLY AA 427 -23.97 -17.74 -31.41
N GLU AA 428 -24.85 -17.05 -30.69
CA GLU AA 428 -25.62 -15.98 -31.28
C GLU AA 428 -24.76 -14.74 -31.46
N VAL AA 429 -24.95 -14.04 -32.56
CA VAL AA 429 -24.12 -12.88 -32.91
C VAL AA 429 -24.70 -11.66 -32.22
N LEU AA 430 -23.87 -10.98 -31.43
CA LEU AA 430 -24.29 -9.82 -30.65
C LEU AA 430 -23.41 -8.62 -31.00
N GLU AA 431 -23.83 -7.46 -30.53
CA GLU AA 431 -23.06 -6.23 -30.66
C GLU AA 431 -22.62 -5.79 -29.27
N PHE AA 432 -21.31 -5.57 -29.11
CA PHE AA 432 -20.72 -5.27 -27.82
C PHE AA 432 -20.08 -3.89 -27.82
N ASP AA 433 -20.17 -3.23 -26.68
CA ASP AA 433 -19.55 -1.92 -26.48
C ASP AA 433 -18.25 -2.09 -25.71
N ARG AA 434 -17.18 -1.48 -26.23
CA ARG AA 434 -15.85 -1.71 -25.71
C ARG AA 434 -15.19 -0.48 -25.10
N THR AA 435 -15.67 0.71 -25.40
CA THR AA 435 -15.02 1.93 -24.92
C THR AA 435 -15.48 2.38 -23.56
N THR AA 436 -16.52 1.75 -23.00
CA THR AA 436 -17.01 2.17 -21.68
C THR AA 436 -16.07 1.70 -20.57
N LEU AA 437 -15.70 0.42 -20.58
CA LEU AA 437 -14.85 -0.16 -19.56
C LEU AA 437 -13.47 -0.53 -20.08
N GLU AA 438 -13.17 -0.20 -21.34
CA GLU AA 438 -11.92 -0.61 -21.98
C GLU AA 438 -11.72 -2.13 -21.87
N SER AA 439 -12.68 -2.85 -22.45
CA SER AA 439 -12.67 -4.30 -22.37
C SER AA 439 -11.55 -4.87 -23.22
N ASP AA 440 -10.78 -5.78 -22.63
CA ASP AA 440 -9.58 -6.31 -23.28
C ASP AA 440 -9.92 -7.30 -24.39
N GLY AA 441 -10.93 -8.14 -24.18
CA GLY AA 441 -11.35 -9.10 -25.17
C GLY AA 441 -11.13 -10.56 -24.84
N VAL AA 442 -10.99 -10.91 -23.56
CA VAL AA 442 -10.90 -12.29 -23.13
C VAL AA 442 -12.07 -12.56 -22.18
N PHE AA 443 -12.73 -13.70 -22.38
CA PHE AA 443 -13.94 -14.00 -21.63
C PHE AA 443 -13.65 -14.11 -20.14
N ARG AA 444 -14.62 -13.70 -19.34
CA ARG AA 444 -14.53 -13.74 -17.89
C ARG AA 444 -15.72 -14.53 -17.34
N SER AA 445 -15.53 -15.09 -16.15
CA SER AA 445 -16.53 -15.97 -15.57
C SER AA 445 -17.65 -15.18 -14.91
N SER AA 446 -18.78 -15.86 -14.72
CA SER AA 446 -19.95 -15.27 -14.09
C SER AA 446 -19.83 -15.37 -12.58
N PRO AA 447 -20.73 -14.72 -11.84
CA PRO AA 447 -20.76 -14.95 -10.39
C PRO AA 447 -21.01 -16.40 -10.02
N ARG AA 448 -21.69 -17.15 -10.89
CA ARG AA 448 -21.86 -18.58 -10.66
C ARG AA 448 -20.51 -19.29 -10.62
N GLY AA 449 -19.66 -19.02 -11.61
CA GLY AA 449 -18.36 -19.66 -11.65
C GLY AA 449 -17.45 -19.23 -10.51
N TRP AA 450 -17.45 -17.94 -10.18
CA TRP AA 450 -16.62 -17.48 -9.08
C TRP AA 450 -17.09 -18.04 -7.74
N TYR AA 451 -18.40 -18.10 -7.53
CA TYR AA 451 -18.92 -18.74 -6.32
C TYR AA 451 -18.49 -20.19 -6.25
N THR AA 452 -18.60 -20.91 -7.37
CA THR AA 452 -18.21 -22.31 -7.40
C THR AA 452 -16.73 -22.48 -7.07
N PHE AA 453 -15.88 -21.64 -7.68
CA PHE AA 453 -14.45 -21.74 -7.42
C PHE AA 453 -14.13 -21.48 -5.95
N GLY AA 454 -14.62 -20.35 -5.44
CA GLY AA 454 -14.32 -20.01 -4.06
C GLY AA 454 -14.81 -21.04 -3.07
N HIS AA 455 -16.03 -21.55 -3.27
CA HIS AA 455 -16.59 -22.44 -2.28
C HIS AA 455 -16.09 -23.88 -2.43
N ALA AA 456 -15.74 -24.31 -3.64
CA ALA AA 456 -15.07 -25.59 -3.78
C ALA AA 456 -13.72 -25.57 -3.09
N ASN AA 457 -12.94 -24.50 -3.29
CA ASN AA 457 -11.65 -24.43 -2.61
C ASN AA 457 -11.83 -24.32 -1.11
N PHE AA 458 -12.82 -23.55 -0.66
CA PHE AA 458 -13.05 -23.40 0.78
C PHE AA 458 -13.48 -24.72 1.40
N ALA AA 459 -14.33 -25.49 0.72
CA ALA AA 459 -14.71 -26.80 1.23
C ALA AA 459 -13.52 -27.74 1.28
N LEU AA 460 -12.66 -27.71 0.26
CA LEU AA 460 -11.48 -28.57 0.27
C LEU AA 460 -10.56 -28.21 1.42
N LEU AA 461 -10.36 -26.91 1.68
CA LEU AA 461 -9.50 -26.50 2.78
C LEU AA 461 -10.15 -26.80 4.14
N PHE AA 462 -11.46 -26.67 4.25
CA PHE AA 462 -12.12 -26.98 5.50
C PHE AA 462 -12.16 -28.47 5.77
N PHE AA 463 -12.02 -29.31 4.75
CA PHE AA 463 -11.78 -30.72 5.01
C PHE AA 463 -10.48 -30.92 5.78
N LEU AA 464 -9.42 -30.24 5.36
CA LEU AA 464 -8.16 -30.29 6.10
C LEU AA 464 -8.31 -29.72 7.50
N GLY AA 465 -9.05 -28.63 7.63
CA GLY AA 465 -9.30 -28.06 8.94
C GLY AA 465 -10.05 -29.00 9.86
N HIS AA 466 -11.04 -29.70 9.33
CA HIS AA 466 -11.78 -30.69 10.10
C HIS AA 466 -10.87 -31.83 10.54
N LEU AA 467 -10.01 -32.31 9.64
CA LEU AA 467 -9.07 -33.35 10.04
C LEU AA 467 -8.16 -32.87 11.15
N TRP AA 468 -7.64 -31.65 11.02
CA TRP AA 468 -6.74 -31.11 12.03
C TRP AA 468 -7.43 -31.00 13.39
N HIS AA 469 -8.66 -30.49 13.41
CA HIS AA 469 -9.31 -30.29 14.71
C HIS AA 469 -9.84 -31.58 15.30
N GLY AA 470 -10.26 -32.54 14.48
CA GLY AA 470 -10.56 -33.86 15.01
C GLY AA 470 -9.33 -34.51 15.61
N SER AA 471 -8.18 -34.36 14.96
CA SER AA 471 -6.94 -34.89 15.51
C SER AA 471 -6.58 -34.22 16.82
N ARG AA 472 -6.72 -32.90 16.90
CA ARG AA 472 -6.41 -32.20 18.15
C ARG AA 472 -7.43 -32.48 19.23
N THR AA 473 -8.63 -32.90 18.87
CA THR AA 473 -9.63 -33.28 19.87
C THR AA 473 -9.34 -34.65 20.44
N LEU AA 474 -9.21 -35.65 19.56
CA LEU AA 474 -9.04 -37.02 20.04
C LEU AA 474 -7.66 -37.29 20.61
N PHE AA 475 -6.70 -36.38 20.42
CA PHE AA 475 -5.33 -36.57 20.89
C PHE AA 475 -4.91 -35.42 21.78
N ARG AA 476 -5.82 -34.96 22.64
CA ARG AA 476 -5.52 -33.81 23.49
C ARG AA 476 -4.46 -34.13 24.53
N ASP AA 477 -4.43 -35.37 25.03
CA ASP AA 477 -3.51 -35.73 26.09
C ASP AA 477 -2.06 -35.80 25.63
N VAL AA 478 -1.82 -35.97 24.33
CA VAL AA 478 -0.46 -36.08 23.80
C VAL AA 478 -0.17 -34.88 22.93
N PHE AA 479 -0.77 -33.73 23.27
CA PHE AA 479 -0.60 -32.53 22.47
C PHE AA 479 0.86 -32.06 22.47
N SER AA 480 1.51 -32.10 23.61
CA SER AA 480 2.89 -31.64 23.71
C SER AA 480 3.91 -32.74 23.51
N GLY AA 481 3.47 -33.96 23.23
CA GLY AA 481 4.36 -35.08 23.02
C GLY AA 481 3.90 -36.29 23.79
N ILE AA 482 4.68 -37.37 23.65
CA ILE AA 482 4.37 -38.63 24.29
C ILE AA 482 5.35 -38.87 25.43
N GLY AA 483 4.95 -39.75 26.34
CA GLY AA 483 5.74 -40.06 27.51
C GLY AA 483 6.44 -41.39 27.39
N ALA AA 484 6.84 -41.95 28.53
CA ALA AA 484 7.53 -43.22 28.59
C ALA AA 484 6.58 -44.40 28.69
N GLU AA 485 5.27 -44.16 28.68
CA GLU AA 485 4.28 -45.23 28.73
C GLU AA 485 3.95 -45.78 27.36
N VAL AA 486 4.65 -45.33 26.31
CA VAL AA 486 4.38 -45.76 24.95
C VAL AA 486 5.29 -46.91 24.57
N THR AA 487 6.45 -47.00 25.23
CA THR AA 487 7.44 -48.00 24.85
C THR AA 487 6.94 -49.42 25.08
N GLU AA 488 6.14 -49.63 26.13
CA GLU AA 488 5.62 -50.97 26.38
C GLU AA 488 4.49 -51.34 25.42
N GLN AA 489 3.73 -50.35 24.96
CA GLN AA 489 2.60 -50.64 24.07
C GLN AA 489 3.05 -50.97 22.66
N VAL AA 490 4.18 -50.41 22.23
CA VAL AA 490 4.62 -50.56 20.84
C VAL AA 490 5.38 -51.85 20.59
N GLU AA 491 5.62 -52.65 21.62
CA GLU AA 491 6.21 -53.96 21.40
C GLU AA 491 5.21 -54.88 20.71
N PHE AA 492 5.65 -55.53 19.64
CA PHE AA 492 4.75 -56.35 18.84
C PHE AA 492 4.40 -57.63 19.58
N GLY AA 493 3.11 -57.84 19.82
CA GLY AA 493 2.67 -59.02 20.53
C GLY AA 493 2.82 -58.95 22.04
N ALA AA 494 3.12 -57.78 22.59
CA ALA AA 494 3.22 -57.66 24.04
C ALA AA 494 1.86 -57.78 24.70
N PHE AA 495 0.84 -57.16 24.11
CA PHE AA 495 -0.53 -57.23 24.60
C PHE AA 495 -1.40 -57.91 23.56
N GLN AA 496 -2.48 -58.55 24.03
CA GLN AA 496 -3.42 -59.16 23.11
C GLN AA 496 -4.20 -58.09 22.34
N LYS AA 497 -4.80 -57.15 23.07
CA LYS AA 497 -5.47 -56.01 22.45
C LYS AA 497 -4.50 -54.83 22.42
N LEU AA 498 -4.45 -54.16 21.27
CA LEU AA 498 -3.51 -53.07 21.09
C LEU AA 498 -3.91 -51.87 21.95
N GLY AA 499 -2.98 -51.39 22.76
CA GLY AA 499 -3.21 -50.23 23.58
C GLY AA 499 -3.85 -50.50 24.93
N ASP AA 500 -4.22 -51.74 25.22
CA ASP AA 500 -4.88 -52.08 26.47
C ASP AA 500 -3.86 -52.75 27.39
N ARG AA 501 -3.61 -52.13 28.55
CA ARG AA 501 -2.64 -52.66 29.49
C ARG AA 501 -3.13 -53.92 30.20
N SER AA 502 -4.45 -54.12 30.28
CA SER AA 502 -5.00 -55.26 30.99
C SER AA 502 -4.95 -56.55 30.19
N THR AA 503 -4.64 -56.48 28.90
CA THR AA 503 -4.61 -57.65 28.02
C THR AA 503 -3.19 -58.15 27.78
N LYS AA 504 -2.32 -58.03 28.78
CA LYS AA 504 -0.93 -58.45 28.63
C LYS AA 504 -0.83 -59.96 28.59
N LYS AA 505 0.01 -60.46 27.69
CA LYS AA 505 0.20 -61.90 27.54
C LYS AA 505 1.04 -62.46 28.68
N VAL BA 11 35.08 -68.43 8.43
CA VAL BA 11 36.48 -68.34 8.04
C VAL BA 11 36.93 -66.89 8.06
N ALA BA 12 38.03 -66.62 8.77
CA ALA BA 12 38.50 -65.25 8.96
C ALA BA 12 38.88 -64.61 7.63
N GLY BA 13 38.62 -63.32 7.52
CA GLY BA 13 38.90 -62.57 6.32
C GLY BA 13 37.77 -62.55 5.30
N ARG BA 14 36.72 -63.34 5.52
CA ARG BA 14 35.60 -63.42 4.59
C ARG BA 14 34.27 -63.29 5.32
N ASP BA 15 34.24 -62.47 6.37
CA ASP BA 15 33.00 -62.17 7.08
C ASP BA 15 33.09 -60.76 7.64
N ILE BA 16 31.97 -60.27 8.14
CA ILE BA 16 31.94 -58.92 8.71
C ILE BA 16 32.57 -58.85 10.08
N GLU BA 17 32.65 -59.98 10.80
CA GLU BA 17 33.23 -59.97 12.14
C GLU BA 17 34.74 -59.82 12.11
N SER BA 18 35.39 -60.24 11.03
CA SER BA 18 36.84 -60.19 10.93
C SER BA 18 37.36 -59.10 10.01
N THR BA 19 36.52 -58.53 9.16
CA THR BA 19 36.94 -57.49 8.23
C THR BA 19 36.25 -56.15 8.46
N GLY BA 20 35.07 -56.13 9.06
CA GLY BA 20 34.32 -54.90 9.21
C GLY BA 20 33.52 -54.50 7.99
N PHE BA 21 33.52 -55.30 6.94
CA PHE BA 21 32.77 -55.01 5.72
C PHE BA 21 31.67 -56.06 5.55
N ALA BA 22 30.49 -55.59 5.13
CA ALA BA 22 29.35 -56.46 4.93
C ALA BA 22 29.51 -57.23 3.62
N TRP BA 23 28.50 -58.06 3.31
CA TRP BA 23 28.55 -58.86 2.09
C TRP BA 23 28.44 -57.99 0.84
N TRP BA 24 27.64 -56.94 0.89
CA TRP BA 24 27.47 -56.05 -0.25
C TRP BA 24 28.66 -55.12 -0.46
N SER BA 25 29.56 -55.03 0.51
CA SER BA 25 30.81 -54.31 0.36
C SER BA 25 32.00 -55.25 0.56
N GLY BA 26 31.85 -56.51 0.14
CA GLY BA 26 32.83 -57.53 0.40
C GLY BA 26 34.06 -57.49 -0.47
N ASN BA 27 34.01 -56.80 -1.60
CA ASN BA 27 35.21 -56.65 -2.41
C ASN BA 27 36.22 -55.72 -1.77
N SER BA 28 35.80 -54.91 -0.80
CA SER BA 28 36.72 -54.08 -0.04
C SER BA 28 37.47 -54.87 1.01
N ARG BA 29 37.15 -56.15 1.19
CA ARG BA 29 37.96 -57.05 1.99
C ARG BA 29 39.25 -57.45 1.26
N LEU BA 30 39.37 -57.13 -0.02
CA LEU BA 30 40.52 -57.50 -0.83
C LEU BA 30 41.55 -56.39 -0.92
N ILE BA 31 41.36 -55.29 -0.19
CA ILE BA 31 42.27 -54.14 -0.32
C ILE BA 31 43.67 -54.51 0.16
N ASN BA 32 43.77 -55.18 1.30
CA ASN BA 32 45.05 -55.56 1.87
C ASN BA 32 45.40 -57.02 1.62
N VAL BA 33 44.62 -57.71 0.80
CA VAL BA 33 44.87 -59.10 0.44
C VAL BA 33 45.28 -59.10 -1.02
N SER BA 34 46.60 -59.07 -1.27
CA SER BA 34 47.10 -58.78 -2.60
C SER BA 34 46.89 -59.93 -3.58
N GLY BA 35 47.12 -61.17 -3.14
CA GLY BA 35 46.97 -62.28 -4.06
C GLY BA 35 45.54 -62.49 -4.53
N LYS BA 36 44.59 -62.42 -3.60
CA LYS BA 36 43.20 -62.53 -4.00
C LYS BA 36 42.76 -61.34 -4.82
N LEU BA 37 43.31 -60.15 -4.57
CA LEU BA 37 43.02 -58.99 -5.40
C LEU BA 37 43.52 -59.21 -6.83
N LEU BA 38 44.72 -59.79 -6.97
CA LEU BA 38 45.22 -60.14 -8.28
C LEU BA 38 44.32 -61.16 -8.96
N GLY BA 39 43.83 -62.14 -8.20
CA GLY BA 39 42.90 -63.11 -8.77
C GLY BA 39 41.63 -62.45 -9.26
N ALA BA 40 41.08 -61.52 -8.47
CA ALA BA 40 39.88 -60.81 -8.89
C ALA BA 40 40.12 -60.02 -10.17
N HIS BA 41 41.26 -59.34 -10.26
CA HIS BA 41 41.56 -58.56 -11.45
C HIS BA 41 41.73 -59.46 -12.67
N VAL BA 42 42.42 -60.59 -12.51
CA VAL BA 42 42.62 -61.48 -13.65
C VAL BA 42 41.32 -62.14 -14.08
N ALA BA 43 40.47 -62.52 -13.13
CA ALA BA 43 39.17 -63.07 -13.48
C ALA BA 43 38.30 -62.03 -14.19
N HIS BA 44 38.38 -60.77 -13.76
CA HIS BA 44 37.64 -59.72 -14.45
C HIS BA 44 38.18 -59.49 -15.86
N ALA BA 45 39.50 -59.57 -16.03
CA ALA BA 45 40.07 -59.48 -17.37
C ALA BA 45 39.59 -60.63 -18.24
N GLY BA 46 39.51 -61.83 -17.66
CA GLY BA 46 38.92 -62.95 -18.38
C GLY BA 46 37.48 -62.69 -18.78
N LEU BA 47 36.71 -62.05 -17.90
CA LEU BA 47 35.35 -61.68 -18.23
C LEU BA 47 35.29 -60.71 -19.40
N MET BA 48 36.18 -59.70 -19.40
CA MET BA 48 36.19 -58.72 -20.47
C MET BA 48 36.55 -59.37 -21.81
N VAL BA 49 37.59 -60.21 -21.82
CA VAL BA 49 37.98 -60.89 -23.04
C VAL BA 49 36.90 -61.87 -23.48
N PHE BA 50 36.21 -62.50 -22.51
CA PHE BA 50 35.12 -63.40 -22.84
C PHE BA 50 33.99 -62.65 -23.53
N TRP BA 51 33.63 -61.47 -23.03
CA TRP BA 51 32.61 -60.70 -23.73
C TRP BA 51 33.08 -60.29 -25.11
N CYS BA 52 34.35 -59.89 -25.24
CA CYS BA 52 34.87 -59.53 -26.55
C CYS BA 52 34.69 -60.67 -27.54
N GLY BA 53 35.17 -61.86 -27.18
CA GLY BA 53 35.06 -62.99 -28.07
C GLY BA 53 33.62 -63.41 -28.35
N ALA BA 54 32.81 -63.50 -27.29
CA ALA BA 54 31.43 -63.95 -27.45
C ALA BA 54 30.62 -62.98 -28.30
N MET BA 55 30.78 -61.67 -28.07
CA MET BA 55 30.04 -60.69 -28.86
C MET BA 55 30.56 -60.63 -30.29
N THR BA 56 31.88 -60.80 -30.49
CA THR BA 56 32.38 -60.85 -31.86
C THR BA 56 31.79 -62.03 -32.61
N LEU BA 57 31.76 -63.21 -31.99
CA LEU BA 57 31.16 -64.36 -32.65
C LEU BA 57 29.66 -64.19 -32.83
N PHE BA 58 29.00 -63.53 -31.89
CA PHE BA 58 27.57 -63.25 -32.02
C PHE BA 58 27.29 -62.35 -33.23
N GLU BA 59 28.09 -61.30 -33.39
CA GLU BA 59 27.91 -60.39 -34.52
C GLU BA 59 28.31 -61.05 -35.83
N VAL BA 60 29.26 -61.99 -35.79
CA VAL BA 60 29.55 -62.76 -36.99
C VAL BA 60 28.37 -63.65 -37.35
N ALA BA 61 27.78 -64.31 -36.36
CA ALA BA 61 26.67 -65.21 -36.61
C ALA BA 61 25.42 -64.48 -37.07
N HIS BA 62 25.24 -63.24 -36.64
CA HIS BA 62 24.07 -62.45 -37.01
C HIS BA 62 24.32 -61.54 -38.21
N TYR BA 63 25.49 -61.62 -38.83
CA TYR BA 63 25.83 -60.72 -39.92
C TYR BA 63 25.12 -61.13 -41.19
N ILE BA 64 24.41 -60.18 -41.80
CA ILE BA 64 23.76 -60.36 -43.09
C ILE BA 64 24.63 -59.70 -44.15
N PRO BA 65 25.11 -60.44 -45.16
CA PRO BA 65 26.02 -59.83 -46.15
C PRO BA 65 25.40 -58.72 -46.98
N GLU BA 66 24.07 -58.64 -47.07
CA GLU BA 66 23.45 -57.62 -47.90
C GLU BA 66 23.45 -56.26 -47.21
N LYS BA 67 22.98 -56.19 -45.97
CA LYS BA 67 22.89 -54.93 -45.26
C LYS BA 67 24.25 -54.48 -44.77
N PRO BA 68 24.45 -53.16 -44.60
CA PRO BA 68 25.71 -52.67 -44.02
C PRO BA 68 25.82 -53.00 -42.54
N LEU BA 69 26.98 -52.71 -41.94
CA LEU BA 69 27.19 -53.04 -40.54
C LEU BA 69 26.29 -52.24 -39.62
N TYR BA 70 26.03 -50.97 -39.93
CA TYR BA 70 25.25 -50.12 -39.04
C TYR BA 70 23.76 -50.37 -39.11
N GLU BA 71 23.28 -51.13 -40.09
CA GLU BA 71 21.87 -51.47 -40.16
C GLU BA 71 21.56 -52.77 -39.42
N GLN BA 72 22.57 -53.44 -38.86
CA GLN BA 72 22.37 -54.71 -38.19
C GLN BA 72 22.68 -54.65 -36.70
N GLY BA 73 22.94 -53.46 -36.17
CA GLY BA 73 23.25 -53.32 -34.76
C GLY BA 73 24.55 -53.97 -34.34
N LEU BA 74 25.61 -53.78 -35.11
CA LEU BA 74 26.92 -54.36 -34.83
C LEU BA 74 27.88 -53.24 -34.45
N ILE BA 75 28.62 -53.44 -33.36
CA ILE BA 75 29.53 -52.42 -32.85
C ILE BA 75 30.98 -52.89 -32.79
N LEU BA 76 31.24 -54.19 -32.86
CA LEU BA 76 32.61 -54.70 -32.83
C LEU BA 76 33.14 -55.03 -34.21
N LEU BA 77 32.29 -55.56 -35.09
CA LEU BA 77 32.69 -55.69 -36.49
C LEU BA 77 33.11 -54.36 -37.10
N PRO BA 78 32.43 -53.23 -36.85
CA PRO BA 78 33.00 -51.95 -37.30
C PRO BA 78 34.36 -51.66 -36.71
N HIS BA 79 34.59 -52.04 -35.45
CA HIS BA 79 35.90 -51.83 -34.85
C HIS BA 79 36.99 -52.61 -35.58
N LEU BA 80 36.68 -53.83 -36.01
CA LEU BA 80 37.63 -54.59 -36.82
C LEU BA 80 37.71 -54.08 -38.26
N ALA BA 81 36.64 -53.48 -38.78
CA ALA BA 81 36.66 -52.92 -40.12
C ALA BA 81 37.48 -51.64 -40.20
N VAL BA 82 37.62 -50.92 -39.08
CA VAL BA 82 38.50 -49.75 -39.07
C VAL BA 82 39.94 -50.18 -39.32
N LEU BA 83 40.33 -51.32 -38.76
CA LEU BA 83 41.72 -51.76 -38.79
C LEU BA 83 42.08 -52.56 -40.04
N GLY BA 84 41.16 -52.72 -40.98
CA GLY BA 84 41.50 -53.23 -42.29
C GLY BA 84 41.42 -54.72 -42.49
N TRP BA 85 40.70 -55.45 -41.64
CA TRP BA 85 40.49 -56.87 -41.84
C TRP BA 85 39.20 -57.09 -42.63
N GLY BA 86 39.32 -57.78 -43.77
CA GLY BA 86 38.16 -58.16 -44.55
C GLY BA 86 37.34 -57.02 -45.09
N VAL BA 87 37.98 -55.91 -45.45
CA VAL BA 87 37.29 -54.75 -45.99
C VAL BA 87 37.85 -54.44 -47.37
N GLY BA 88 36.96 -54.33 -48.35
CA GLY BA 88 37.35 -53.93 -49.69
C GLY BA 88 37.28 -52.42 -49.84
N PRO BA 89 37.51 -51.93 -51.05
CA PRO BA 89 37.38 -50.49 -51.29
C PRO BA 89 35.94 -50.03 -51.11
N GLY BA 90 35.80 -48.79 -50.64
CA GLY BA 90 34.49 -48.21 -50.44
C GLY BA 90 33.77 -48.67 -49.20
N GLY BA 91 34.45 -49.36 -48.29
CA GLY BA 91 33.83 -49.84 -47.07
C GLY BA 91 33.05 -51.12 -47.22
N GLU BA 92 33.19 -51.83 -48.33
CA GLU BA 92 32.49 -53.08 -48.54
C GLU BA 92 33.12 -54.18 -47.69
N ILE BA 93 32.29 -54.91 -46.95
CA ILE BA 93 32.77 -56.04 -46.15
C ILE BA 93 32.83 -57.26 -47.06
N ILE BA 94 34.04 -57.74 -47.33
CA ILE BA 94 34.24 -58.82 -48.28
C ILE BA 94 34.49 -60.17 -47.61
N ASP BA 95 34.98 -60.19 -46.38
CA ASP BA 95 35.27 -61.44 -45.69
C ASP BA 95 35.17 -61.21 -44.20
N ILE BA 96 34.40 -62.05 -43.52
CA ILE BA 96 34.23 -61.95 -42.08
C ILE BA 96 34.98 -63.04 -41.34
N TYR BA 97 35.78 -63.85 -42.04
CA TYR BA 97 36.59 -64.85 -41.36
C TYR BA 97 37.59 -64.26 -40.38
N PRO BA 98 38.31 -63.18 -40.68
CA PRO BA 98 39.19 -62.59 -39.66
C PRO BA 98 38.45 -62.16 -38.40
N TYR BA 99 37.20 -61.70 -38.54
CA TYR BA 99 36.40 -61.40 -37.36
C TYR BA 99 36.20 -62.65 -36.52
N PHE BA 100 35.91 -63.77 -37.18
CA PHE BA 100 35.75 -65.05 -36.49
C PHE BA 100 37.06 -65.46 -35.80
N VAL BA 101 38.19 -65.22 -36.46
CA VAL BA 101 39.48 -65.54 -35.86
C VAL BA 101 39.70 -64.71 -34.60
N VAL BA 102 39.39 -63.42 -34.66
CA VAL BA 102 39.55 -62.57 -33.49
C VAL BA 102 38.66 -63.05 -32.36
N GLY BA 103 37.41 -63.39 -32.67
CA GLY BA 103 36.51 -63.86 -31.64
C GLY BA 103 36.98 -65.15 -30.99
N VAL BA 104 37.44 -66.11 -31.78
CA VAL BA 104 37.89 -67.39 -31.22
C VAL BA 104 39.15 -67.21 -30.40
N LEU BA 105 40.09 -66.39 -30.90
CA LEU BA 105 41.31 -66.13 -30.13
C LEU BA 105 40.99 -65.49 -28.80
N HIS BA 106 40.08 -64.51 -28.80
CA HIS BA 106 39.69 -63.90 -27.53
C HIS BA 106 38.98 -64.89 -26.62
N LEU BA 107 38.17 -65.79 -27.17
CA LEU BA 107 37.50 -66.77 -26.33
C LEU BA 107 38.49 -67.70 -25.63
N ILE BA 108 39.49 -68.19 -26.38
CA ILE BA 108 40.48 -69.08 -25.77
C ILE BA 108 41.34 -68.32 -24.75
N SER BA 109 41.76 -67.10 -25.10
CA SER BA 109 42.53 -66.30 -24.16
C SER BA 109 41.72 -66.00 -22.91
N SER BA 110 40.41 -65.81 -23.04
CA SER BA 110 39.57 -65.59 -21.88
C SER BA 110 39.47 -66.85 -21.03
N ALA BA 111 39.48 -68.02 -21.66
CA ALA BA 111 39.55 -69.25 -20.87
C ALA BA 111 40.82 -69.28 -20.03
N VAL BA 112 41.96 -68.94 -20.65
CA VAL BA 112 43.22 -68.93 -19.90
C VAL BA 112 43.16 -67.92 -18.75
N LEU BA 113 42.70 -66.70 -19.04
CA LEU BA 113 42.64 -65.67 -18.02
C LEU BA 113 41.66 -66.02 -16.91
N GLY BA 114 40.54 -66.66 -17.24
CA GLY BA 114 39.61 -67.08 -16.22
C GLY BA 114 40.18 -68.15 -15.32
N PHE BA 115 40.93 -69.10 -15.90
CA PHE BA 115 41.61 -70.08 -15.06
C PHE BA 115 42.58 -69.41 -14.12
N GLY BA 116 43.36 -68.45 -14.62
CA GLY BA 116 44.29 -67.74 -13.75
C GLY BA 116 43.61 -66.98 -12.65
N GLY BA 117 42.51 -66.30 -12.98
CA GLY BA 117 41.78 -65.55 -11.98
C GLY BA 117 41.18 -66.45 -10.91
N VAL BA 118 40.58 -67.56 -11.32
CA VAL BA 118 40.03 -68.50 -10.33
C VAL BA 118 41.14 -69.06 -9.46
N TYR BA 119 42.28 -69.43 -10.05
CA TYR BA 119 43.38 -69.98 -9.27
C TYR BA 119 43.85 -68.98 -8.22
N HIS BA 120 44.16 -67.75 -8.63
CA HIS BA 120 44.68 -66.76 -7.69
C HIS BA 120 43.62 -66.28 -6.70
N SER BA 121 42.33 -66.39 -7.05
CA SER BA 121 41.30 -65.99 -6.10
C SER BA 121 41.07 -67.05 -5.03
N LEU BA 122 41.15 -68.34 -5.41
CA LEU BA 122 40.69 -69.40 -4.53
C LEU BA 122 41.80 -70.20 -3.87
N ILE BA 123 42.84 -70.60 -4.59
CA ILE BA 123 43.85 -71.50 -4.03
C ILE BA 123 45.25 -70.90 -4.03
N GLY BA 124 45.47 -69.77 -4.68
CA GLY BA 124 46.76 -69.11 -4.62
C GLY BA 124 46.97 -68.45 -3.28
N PRO BA 125 48.18 -67.95 -3.03
CA PRO BA 125 48.44 -67.26 -1.76
C PRO BA 125 47.61 -66.00 -1.64
N ASP BA 126 47.13 -65.73 -0.42
CA ASP BA 126 46.31 -64.55 -0.19
C ASP BA 126 47.16 -63.28 -0.27
N THR BA 127 48.31 -63.26 0.39
CA THR BA 127 49.21 -62.13 0.38
C THR BA 127 50.50 -62.55 -0.31
N LEU BA 128 50.93 -61.78 -1.30
CA LEU BA 128 52.13 -62.08 -2.06
C LEU BA 128 53.40 -61.53 -1.42
N GLU BA 129 53.29 -60.80 -0.32
CA GLU BA 129 54.43 -60.09 0.24
C GLU BA 129 55.46 -60.99 0.91
N GLU BA 130 55.11 -62.25 1.19
CA GLU BA 130 56.05 -63.18 1.79
C GLU BA 130 56.46 -64.32 0.86
N SER BA 131 55.56 -64.79 0.01
CA SER BA 131 55.89 -65.89 -0.88
C SER BA 131 56.64 -65.41 -2.12
N PHE BA 132 56.15 -64.33 -2.74
CA PHE BA 132 56.73 -63.78 -3.96
C PHE BA 132 56.95 -62.28 -3.75
N PRO BA 133 58.04 -61.90 -3.07
CA PRO BA 133 58.25 -60.49 -2.76
C PRO BA 133 58.39 -59.60 -3.98
N ALA BA 134 58.75 -60.13 -5.14
CA ALA BA 134 58.83 -59.33 -6.34
C ALA BA 134 57.46 -58.86 -6.82
N PHE BA 135 56.39 -59.56 -6.41
CA PHE BA 135 55.04 -59.17 -6.77
C PHE BA 135 54.25 -58.58 -5.61
N GLY BA 136 54.64 -58.87 -4.38
CA GLY BA 136 53.96 -58.28 -3.23
C GLY BA 136 54.22 -56.80 -3.13
N TYR BA 137 53.29 -56.11 -2.48
CA TYR BA 137 53.36 -54.66 -2.37
C TYR BA 137 52.56 -54.20 -1.16
N ASP BA 138 52.83 -52.97 -0.76
CA ASP BA 138 51.97 -52.24 0.17
C ASP BA 138 51.53 -50.96 -0.53
N TRP BA 139 50.28 -50.56 -0.29
CA TRP BA 139 49.75 -49.38 -0.96
C TRP BA 139 50.51 -48.12 -0.56
N ARG BA 140 51.02 -48.07 0.68
CA ARG BA 140 51.76 -46.90 1.14
C ARG BA 140 53.20 -46.89 0.64
N ASP BA 141 53.68 -47.97 0.04
CA ASP BA 141 55.03 -48.02 -0.52
C ASP BA 141 54.98 -47.41 -1.92
N LYS BA 142 55.41 -46.16 -2.03
CA LYS BA 142 55.27 -45.43 -3.29
C LYS BA 142 56.17 -45.99 -4.38
N ASN BA 143 57.35 -46.49 -4.01
CA ASN BA 143 58.30 -46.96 -5.01
C ASN BA 143 57.78 -48.17 -5.77
N LYS BA 144 57.26 -49.17 -5.06
CA LYS BA 144 56.76 -50.37 -5.72
C LYS BA 144 55.52 -50.07 -6.54
N ILE BA 145 54.64 -49.20 -6.04
CA ILE BA 145 53.44 -48.85 -6.79
C ILE BA 145 53.82 -48.11 -8.07
N THR BA 146 54.81 -47.22 -8.00
CA THR BA 146 55.29 -46.56 -9.21
C THR BA 146 55.94 -47.55 -10.16
N THR BA 147 56.60 -48.58 -9.64
CA THR BA 147 57.16 -49.62 -10.51
C THR BA 147 56.05 -50.34 -11.27
N ILE BA 148 54.98 -50.71 -10.57
CA ILE BA 148 53.85 -51.37 -11.23
C ILE BA 148 53.22 -50.45 -12.26
N LEU BA 149 53.06 -49.17 -11.92
CA LEU BA 149 52.51 -48.20 -12.85
C LEU BA 149 53.38 -48.07 -14.09
N GLY BA 150 54.71 -48.07 -13.92
CA GLY BA 150 55.59 -48.00 -15.06
C GLY BA 150 55.53 -49.23 -15.93
N ILE BA 151 55.42 -50.41 -15.32
CA ILE BA 151 55.28 -51.64 -16.09
C ILE BA 151 54.02 -51.58 -16.95
N HIS BA 152 52.91 -51.14 -16.35
CA HIS BA 152 51.67 -51.07 -17.11
C HIS BA 152 51.70 -49.97 -18.16
N LEU BA 153 52.41 -48.87 -17.88
CA LEU BA 153 52.59 -47.84 -18.90
C LEU BA 153 53.35 -48.37 -20.10
N ILE BA 154 54.39 -49.18 -19.86
CA ILE BA 154 55.14 -49.75 -20.96
C ILE BA 154 54.29 -50.77 -21.71
N VAL BA 155 53.44 -51.52 -21.01
CA VAL BA 155 52.52 -52.42 -21.69
C VAL BA 155 51.58 -51.63 -22.60
N LEU BA 156 51.04 -50.52 -22.11
CA LEU BA 156 50.17 -49.69 -22.94
C LEU BA 156 50.91 -49.11 -24.14
N GLY BA 157 52.16 -48.69 -23.94
CA GLY BA 157 52.95 -48.22 -25.07
C GLY BA 157 53.18 -49.31 -26.10
N ILE BA 158 53.40 -50.54 -25.64
CA ILE BA 158 53.53 -51.67 -26.56
C ILE BA 158 52.23 -51.87 -27.33
N GLY BA 159 51.09 -51.71 -26.67
CA GLY BA 159 49.82 -51.81 -27.39
C GLY BA 159 49.64 -50.72 -28.43
N ALA BA 160 50.03 -49.49 -28.09
CA ALA BA 160 49.94 -48.40 -29.06
C ALA BA 160 50.86 -48.64 -30.25
N PHE BA 161 52.06 -49.17 -29.98
CA PHE BA 161 52.94 -49.52 -31.09
C PHE BA 161 52.44 -50.73 -31.86
N LEU BA 162 51.65 -51.61 -31.24
CA LEU BA 162 50.98 -52.65 -32.01
C LEU BA 162 50.00 -52.04 -32.99
N LEU BA 163 49.24 -51.04 -32.55
CA LEU BA 163 48.37 -50.32 -33.48
C LEU BA 163 49.18 -49.66 -34.59
N VAL BA 164 50.32 -49.07 -34.24
CA VAL BA 164 51.18 -48.42 -35.24
C VAL BA 164 51.68 -49.44 -36.24
N ILE BA 165 52.13 -50.60 -35.77
CA ILE BA 165 52.64 -51.64 -36.66
C ILE BA 165 51.54 -52.15 -37.57
N LYS BA 166 50.33 -52.32 -37.05
CA LYS BA 166 49.21 -52.72 -37.89
C LYS BA 166 48.92 -51.68 -38.96
N ALA BA 167 48.98 -50.39 -38.60
CA ALA BA 167 48.63 -49.35 -39.55
C ALA BA 167 49.70 -49.12 -40.60
N MET BA 168 50.96 -49.32 -40.25
CA MET BA 168 52.06 -48.96 -41.14
C MET BA 168 52.62 -50.14 -41.92
N TYR BA 169 52.64 -51.34 -41.35
CA TYR BA 169 53.30 -52.47 -42.00
C TYR BA 169 52.36 -53.64 -42.28
N VAL BA 170 51.55 -54.04 -41.32
CA VAL BA 170 50.76 -55.28 -41.46
C VAL BA 170 49.41 -54.86 -42.05
N GLY BA 171 49.38 -54.79 -43.38
CA GLY BA 171 48.14 -54.63 -44.11
C GLY BA 171 47.55 -53.23 -44.11
N GLY BA 172 47.86 -52.41 -43.10
CA GLY BA 172 47.30 -51.07 -43.03
C GLY BA 172 45.91 -51.05 -42.41
N ILE BA 173 45.36 -49.85 -42.34
CA ILE BA 173 44.05 -49.62 -41.75
C ILE BA 173 43.16 -48.93 -42.79
N TYR BA 174 41.87 -48.98 -42.54
CA TYR BA 174 40.89 -48.39 -43.46
C TYR BA 174 40.92 -46.88 -43.33
N ASP BA 175 41.37 -46.20 -44.38
CA ASP BA 175 41.35 -44.75 -44.46
C ASP BA 175 40.11 -44.34 -45.24
N THR BA 176 39.14 -43.75 -44.55
CA THR BA 176 37.91 -43.32 -45.21
C THR BA 176 38.09 -42.07 -46.04
N TRP BA 177 39.22 -41.37 -45.90
CA TRP BA 177 39.52 -40.19 -46.68
C TRP BA 177 40.33 -40.51 -47.92
N ALA BA 178 40.57 -41.79 -48.21
CA ALA BA 178 41.28 -42.16 -49.41
C ALA BA 178 40.46 -41.80 -50.65
N PRO BA 179 41.12 -41.35 -51.71
CA PRO BA 179 40.39 -41.02 -52.93
C PRO BA 179 39.67 -42.22 -53.51
N GLY BA 180 38.51 -41.97 -54.09
CA GLY BA 180 37.69 -43.01 -54.67
C GLY BA 180 36.56 -43.49 -53.79
N GLY BA 181 36.60 -43.20 -52.50
CA GLY BA 181 35.53 -43.58 -51.60
C GLY BA 181 35.98 -44.31 -50.36
N GLY BA 182 37.28 -44.31 -50.10
CA GLY BA 182 37.81 -44.97 -48.93
C GLY BA 182 38.29 -46.38 -49.20
N ASP BA 183 39.47 -46.71 -48.67
CA ASP BA 183 40.06 -48.02 -48.91
C ASP BA 183 41.06 -48.31 -47.81
N VAL BA 184 41.39 -49.59 -47.65
CA VAL BA 184 42.43 -49.98 -46.71
C VAL BA 184 43.77 -49.52 -47.26
N ARG BA 185 44.47 -48.68 -46.50
CA ARG BA 185 45.66 -48.01 -46.98
C ARG BA 185 46.80 -48.17 -45.99
N ILE BA 186 48.00 -48.44 -46.52
CA ILE BA 186 49.20 -48.42 -45.70
C ILE BA 186 49.57 -46.97 -45.41
N ILE BA 187 49.68 -46.63 -44.14
CA ILE BA 187 50.03 -45.28 -43.71
C ILE BA 187 51.54 -45.22 -43.63
N ASP BA 188 52.17 -44.66 -44.67
CA ASP BA 188 53.63 -44.68 -44.77
C ASP BA 188 54.30 -43.44 -44.23
N SER BA 189 53.58 -42.31 -44.14
CA SER BA 189 54.15 -41.06 -43.66
C SER BA 189 53.27 -40.49 -42.55
N PRO BA 190 53.40 -41.03 -41.34
CA PRO BA 190 52.63 -40.48 -40.21
C PRO BA 190 53.14 -39.11 -39.81
N THR BA 191 52.25 -38.35 -39.18
CA THR BA 191 52.55 -36.98 -38.77
C THR BA 191 53.29 -37.03 -37.44
N LEU BA 192 54.61 -36.93 -37.50
CA LEU BA 192 55.45 -36.93 -36.30
C LEU BA 192 55.75 -35.53 -35.80
N ASN BA 193 55.18 -34.51 -36.41
CA ASN BA 193 55.43 -33.15 -35.97
C ASN BA 193 54.75 -32.91 -34.62
N PRO BA 194 55.48 -32.59 -33.56
CA PRO BA 194 54.83 -32.34 -32.27
C PRO BA 194 53.89 -31.15 -32.29
N GLY BA 195 54.11 -30.19 -33.19
CA GLY BA 195 53.21 -29.05 -33.26
C GLY BA 195 51.79 -29.45 -33.57
N VAL BA 196 51.60 -30.28 -34.59
CA VAL BA 196 50.26 -30.72 -34.96
C VAL BA 196 49.67 -31.61 -33.87
N ILE BA 197 50.46 -32.58 -33.41
CA ILE BA 197 49.95 -33.57 -32.46
C ILE BA 197 49.52 -32.91 -31.16
N PHE BA 198 50.33 -31.97 -30.66
CA PHE BA 198 50.00 -31.31 -29.41
C PHE BA 198 49.23 -30.02 -29.60
N GLY BA 199 48.92 -29.63 -30.84
CA GLY BA 199 47.95 -28.60 -31.07
C GLY BA 199 46.57 -29.20 -31.16
N TYR BA 200 46.52 -30.50 -31.46
CA TYR BA 200 45.27 -31.23 -31.26
C TYR BA 200 44.88 -31.25 -29.79
N VAL BA 201 45.85 -31.46 -28.90
CA VAL BA 201 45.57 -31.58 -27.48
C VAL BA 201 45.18 -30.24 -26.88
N LEU BA 202 45.78 -29.15 -27.35
CA LEU BA 202 45.52 -27.82 -26.81
C LEU BA 202 44.42 -27.09 -27.56
N LYS BA 203 43.77 -27.75 -28.51
CA LYS BA 203 42.67 -27.14 -29.24
C LYS BA 203 41.42 -27.10 -28.36
N SER BA 204 40.57 -26.11 -28.60
CA SER BA 204 39.36 -25.96 -27.81
C SER BA 204 38.39 -27.10 -28.10
N PRO BA 205 37.64 -27.54 -27.09
CA PRO BA 205 36.67 -28.63 -27.29
C PRO BA 205 35.32 -28.19 -27.80
N TRP BA 206 35.16 -26.95 -28.23
CA TRP BA 206 33.86 -26.42 -28.59
C TRP BA 206 33.61 -26.61 -30.09
N GLY BA 207 32.52 -26.02 -30.58
CA GLY BA 207 32.10 -26.25 -31.95
C GLY BA 207 33.07 -25.64 -32.95
N GLY BA 208 33.34 -26.38 -34.02
CA GLY BA 208 34.26 -25.95 -35.04
C GLY BA 208 35.70 -26.32 -34.79
N ASP BA 209 36.04 -26.67 -33.56
CA ASP BA 209 37.40 -27.11 -33.22
C ASP BA 209 37.43 -28.55 -32.74
N GLY BA 210 36.63 -28.89 -31.72
CA GLY BA 210 36.40 -30.27 -31.36
C GLY BA 210 37.49 -30.95 -30.56
N TRP BA 211 38.56 -30.24 -30.21
CA TRP BA 211 39.68 -30.80 -29.44
C TRP BA 211 40.26 -31.96 -30.22
N ILE BA 212 40.39 -33.15 -29.64
CA ILE BA 212 41.00 -34.29 -30.33
C ILE BA 212 39.95 -35.18 -31.00
N VAL BA 213 38.67 -34.77 -30.95
CA VAL BA 213 37.66 -35.51 -31.70
C VAL BA 213 37.75 -35.18 -33.18
N SER BA 214 38.37 -34.05 -33.52
CA SER BA 214 38.40 -33.56 -34.89
C SER BA 214 39.60 -34.05 -35.68
N VAL BA 215 40.18 -35.18 -35.31
CA VAL BA 215 41.24 -35.76 -36.14
C VAL BA 215 40.61 -36.25 -37.43
N ASN BA 216 41.06 -35.70 -38.56
CA ASN BA 216 40.38 -35.89 -39.84
C ASN BA 216 41.24 -36.61 -40.87
N ASN BA 217 42.35 -37.20 -40.46
CA ASN BA 217 43.19 -37.96 -41.37
C ASN BA 217 43.94 -39.01 -40.57
N MET BA 218 44.29 -40.11 -41.24
CA MET BA 218 44.97 -41.20 -40.56
C MET BA 218 46.43 -40.91 -40.29
N GLU BA 219 47.04 -39.97 -41.01
CA GLU BA 219 48.43 -39.62 -40.73
C GLU BA 219 48.60 -39.04 -39.33
N ASP BA 220 47.72 -38.12 -38.94
CA ASP BA 220 47.78 -37.57 -37.59
C ASP BA 220 47.52 -38.64 -36.55
N LEU BA 221 46.56 -39.53 -36.83
CA LEU BA 221 46.25 -40.61 -35.90
C LEU BA 221 47.45 -41.50 -35.65
N VAL BA 222 48.10 -41.97 -36.73
CA VAL BA 222 49.23 -42.87 -36.58
C VAL BA 222 50.42 -42.16 -35.97
N GLY BA 223 50.68 -40.91 -36.37
CA GLY BA 223 51.81 -40.19 -35.82
C GLY BA 223 51.65 -39.91 -34.34
N GLY BA 224 50.46 -39.51 -33.92
CA GLY BA 224 50.23 -39.32 -32.50
C GLY BA 224 50.16 -40.60 -31.71
N HIS BA 225 49.82 -41.71 -32.35
CA HIS BA 225 49.95 -42.99 -31.64
C HIS BA 225 51.42 -43.38 -31.48
N ILE BA 226 52.26 -43.06 -32.45
CA ILE BA 226 53.70 -43.19 -32.25
C ILE BA 226 54.14 -42.35 -31.07
N TRP BA 227 53.65 -41.10 -31.02
CA TRP BA 227 53.98 -40.22 -29.91
C TRP BA 227 53.51 -40.79 -28.58
N ILE BA 228 52.29 -41.33 -28.54
CA ILE BA 228 51.75 -41.88 -27.31
C ILE BA 228 52.56 -43.09 -26.87
N GLY BA 229 52.93 -43.97 -27.82
CA GLY BA 229 53.76 -45.10 -27.45
C GLY BA 229 55.12 -44.69 -26.90
N ILE BA 230 55.77 -43.73 -27.56
CA ILE BA 230 57.06 -43.25 -27.08
C ILE BA 230 56.93 -42.64 -25.70
N ILE BA 231 55.92 -41.79 -25.51
CA ILE BA 231 55.71 -41.13 -24.23
C ILE BA 231 55.42 -42.14 -23.14
N CYS BA 232 54.56 -43.13 -23.44
CA CYS BA 232 54.20 -44.13 -22.45
C CYS BA 232 55.41 -44.98 -22.06
N ILE BA 233 56.23 -45.38 -23.04
CA ILE BA 233 57.39 -46.20 -22.71
C ILE BA 233 58.40 -45.40 -21.91
N VAL BA 234 58.66 -44.15 -22.30
CA VAL BA 234 59.60 -43.32 -21.57
C VAL BA 234 59.11 -43.09 -20.14
N GLY BA 235 57.82 -42.77 -19.98
CA GLY BA 235 57.27 -42.58 -18.65
C GLY BA 235 57.24 -43.85 -17.83
N GLY BA 236 57.04 -45.00 -18.47
CA GLY BA 236 57.08 -46.25 -17.75
C GLY BA 236 58.46 -46.56 -17.20
N PHE BA 237 59.49 -46.35 -18.01
CA PHE BA 237 60.84 -46.52 -17.47
C PHE BA 237 61.16 -45.45 -16.44
N TRP BA 238 60.62 -44.25 -16.61
CA TRP BA 238 60.79 -43.20 -15.62
C TRP BA 238 60.22 -43.60 -14.27
N HIS BA 239 59.02 -44.18 -14.26
CA HIS BA 239 58.40 -44.61 -13.02
C HIS BA 239 58.99 -45.90 -12.47
N ILE BA 240 59.55 -46.75 -13.33
CA ILE BA 240 60.29 -47.91 -12.82
C ILE BA 240 61.55 -47.46 -12.11
N PHE BA 241 62.17 -46.39 -12.57
CA PHE BA 241 63.44 -46.03 -11.98
C PHE BA 241 63.41 -44.83 -11.06
N THR BA 242 62.23 -44.34 -10.73
CA THR BA 242 62.13 -43.22 -9.83
C THR BA 242 61.12 -43.40 -8.76
N LYS BA 243 61.13 -42.51 -7.78
CA LYS BA 243 60.15 -42.53 -6.73
C LYS BA 243 59.57 -41.15 -6.77
N PRO BA 244 58.32 -40.97 -6.38
CA PRO BA 244 57.60 -39.69 -6.44
C PRO BA 244 58.34 -38.59 -5.69
N PHE BA 245 58.29 -37.39 -6.25
CA PHE BA 245 58.95 -36.25 -5.65
C PHE BA 245 58.17 -35.75 -4.44
N ALA BA 246 58.78 -34.81 -3.71
CA ALA BA 246 58.20 -34.35 -2.45
C ALA BA 246 56.86 -33.65 -2.67
N TRP BA 247 56.73 -32.86 -3.73
CA TRP BA 247 55.45 -32.21 -3.99
C TRP BA 247 54.36 -33.23 -4.28
N ALA BA 248 54.68 -34.28 -5.04
CA ALA BA 248 53.72 -35.35 -5.26
C ALA BA 248 53.42 -36.11 -3.97
N ARG BA 249 54.42 -36.28 -3.10
CA ARG BA 249 54.18 -36.97 -1.84
C ARG BA 249 53.28 -36.17 -0.92
N ARG BA 250 53.41 -34.84 -0.92
CA ARG BA 250 52.49 -34.02 -0.14
C ARG BA 250 51.10 -33.96 -0.76
N ALA BA 251 51.03 -34.01 -2.10
CA ALA BA 251 49.77 -33.76 -2.78
C ALA BA 251 48.79 -34.92 -2.64
N TYR BA 252 49.25 -36.15 -2.82
CA TYR BA 252 48.34 -37.28 -3.04
C TYR BA 252 48.19 -38.13 -1.78
N VAL BA 253 47.09 -38.87 -1.75
CA VAL BA 253 46.85 -39.87 -0.72
C VAL BA 253 47.37 -41.21 -1.21
N TRP BA 254 48.17 -41.88 -0.40
CA TRP BA 254 48.86 -43.10 -0.81
C TRP BA 254 48.15 -44.29 -0.18
N SER BA 255 47.08 -44.72 -0.83
CA SER BA 255 46.30 -45.88 -0.42
C SER BA 255 45.64 -46.47 -1.65
N GLY BA 256 45.24 -47.74 -1.54
CA GLY BA 256 44.65 -48.42 -2.68
C GLY BA 256 43.37 -47.78 -3.17
N GLU BA 257 42.51 -47.33 -2.24
CA GLU BA 257 41.28 -46.68 -2.64
C GLU BA 257 41.53 -45.35 -3.31
N ALA BA 258 42.56 -44.62 -2.89
CA ALA BA 258 42.90 -43.36 -3.55
C ALA BA 258 43.36 -43.60 -4.98
N TYR BA 259 44.21 -44.61 -5.20
CA TYR BA 259 44.62 -44.95 -6.56
C TYR BA 259 43.42 -45.38 -7.39
N LEU BA 260 42.50 -46.13 -6.79
CA LEU BA 260 41.28 -46.52 -7.48
C LEU BA 260 40.48 -45.30 -7.90
N SER BA 261 40.36 -44.32 -7.01
CA SER BA 261 39.60 -43.11 -7.35
C SER BA 261 40.26 -42.32 -8.47
N TYR BA 262 41.59 -42.23 -8.45
CA TYR BA 262 42.29 -41.57 -9.56
C TYR BA 262 42.00 -42.29 -10.88
N SER BA 263 42.10 -43.62 -10.87
CA SER BA 263 41.79 -44.37 -12.08
C SER BA 263 40.34 -44.18 -12.50
N LEU BA 264 39.43 -44.10 -11.54
CA LEU BA 264 38.02 -43.92 -11.86
C LEU BA 264 37.78 -42.61 -12.57
N VAL BA 265 38.38 -41.52 -12.08
CA VAL BA 265 38.17 -40.25 -12.76
C VAL BA 265 38.84 -40.24 -14.13
N ALA BA 266 40.01 -40.86 -14.26
CA ALA BA 266 40.66 -40.91 -15.57
C ALA BA 266 39.81 -41.66 -16.57
N VAL BA 267 39.32 -42.84 -16.18
CA VAL BA 267 38.53 -43.65 -17.11
C VAL BA 267 37.15 -43.05 -17.34
N SER BA 268 36.62 -42.26 -16.40
CA SER BA 268 35.39 -41.52 -16.65
C SER BA 268 35.59 -40.45 -17.72
N LEU BA 269 36.70 -39.70 -17.62
CA LEU BA 269 37.01 -38.74 -18.68
C LEU BA 269 37.18 -39.45 -20.01
N MET BA 270 37.83 -40.61 -20.00
CA MET BA 270 37.98 -41.38 -21.22
C MET BA 270 36.64 -41.82 -21.77
N GLY BA 271 35.69 -42.19 -20.91
CA GLY BA 271 34.37 -42.56 -21.37
C GLY BA 271 33.66 -41.41 -22.04
N PHE BA 272 33.73 -40.22 -21.44
CA PHE BA 272 33.14 -39.04 -22.08
C PHE BA 272 33.78 -38.77 -23.44
N ILE BA 273 35.12 -38.84 -23.51
CA ILE BA 273 35.82 -38.55 -24.74
C ILE BA 273 35.47 -39.56 -25.82
N ALA BA 274 35.34 -40.84 -25.44
CA ALA BA 274 34.97 -41.86 -26.41
C ALA BA 274 33.54 -41.70 -26.88
N SER BA 275 32.64 -41.28 -25.99
CA SER BA 275 31.27 -41.00 -26.42
C SER BA 275 31.26 -39.90 -27.47
N GLN BA 276 32.05 -38.84 -27.25
CA GLN BA 276 32.10 -37.78 -28.26
C GLN BA 276 32.80 -38.23 -29.53
N TYR BA 277 33.80 -39.11 -29.42
CA TYR BA 277 34.39 -39.73 -30.61
C TYR BA 277 33.33 -40.45 -31.43
N SER BA 278 32.53 -41.28 -30.76
CA SER BA 278 31.51 -42.04 -31.46
C SER BA 278 30.43 -41.14 -32.05
N TRP BA 279 30.15 -40.02 -31.41
CA TRP BA 279 29.07 -39.17 -31.90
C TRP BA 279 29.52 -38.27 -33.05
N TYR BA 280 30.74 -37.75 -33.01
CA TYR BA 280 31.16 -36.73 -33.97
C TYR BA 280 32.18 -37.20 -34.98
N ASN BA 281 33.15 -38.01 -34.59
CA ASN BA 281 34.26 -38.35 -35.47
C ASN BA 281 33.82 -39.37 -36.52
N ASN BA 282 34.19 -39.12 -37.77
CA ASN BA 282 33.93 -40.05 -38.86
C ASN BA 282 35.21 -40.52 -39.53
N THR BA 283 36.37 -40.24 -38.95
CA THR BA 283 37.64 -40.75 -39.45
C THR BA 283 38.04 -42.04 -38.76
N ALA BA 284 38.20 -42.01 -37.43
CA ALA BA 284 38.42 -43.22 -36.66
C ALA BA 284 37.14 -44.03 -36.50
N TYR BA 285 35.99 -43.45 -36.78
CA TYR BA 285 34.71 -44.14 -36.77
C TYR BA 285 34.04 -43.90 -38.11
N PRO BA 286 34.51 -44.58 -39.16
CA PRO BA 286 34.00 -44.32 -40.50
C PRO BA 286 32.51 -44.61 -40.62
N SER BA 287 31.83 -43.78 -41.41
CA SER BA 287 30.40 -43.92 -41.58
C SER BA 287 30.00 -45.07 -42.49
N GLU BA 288 30.95 -45.69 -43.20
CA GLU BA 288 30.65 -46.91 -43.92
C GLU BA 288 30.40 -48.07 -42.98
N PHE BA 289 30.86 -47.97 -41.74
CA PHE BA 289 30.73 -49.03 -40.75
C PHE BA 289 29.80 -48.65 -39.60
N TYR BA 290 30.07 -47.53 -38.94
CA TYR BA 290 29.25 -47.08 -37.83
C TYR BA 290 28.02 -46.31 -38.27
N GLY BA 291 27.92 -45.93 -39.54
CA GLY BA 291 26.82 -45.14 -40.01
C GLY BA 291 27.10 -43.67 -39.88
N PRO BA 292 26.26 -42.84 -40.52
CA PRO BA 292 26.49 -41.40 -40.47
C PRO BA 292 26.21 -40.83 -39.09
N THR BA 293 26.85 -39.70 -38.81
CA THR BA 293 26.56 -38.95 -37.61
C THR BA 293 25.30 -38.12 -37.82
N GLY BA 294 24.79 -37.56 -36.72
CA GLY BA 294 23.66 -36.66 -36.79
C GLY BA 294 23.90 -35.50 -37.73
N PRO BA 295 25.01 -34.78 -37.54
CA PRO BA 295 25.38 -33.76 -38.52
C PRO BA 295 25.54 -34.33 -39.92
N GLU BA 296 26.13 -35.51 -40.04
CA GLU BA 296 26.32 -36.11 -41.35
C GLU BA 296 24.99 -36.46 -41.99
N ALA BA 297 24.04 -36.98 -41.21
CA ALA BA 297 22.73 -37.32 -41.77
C ALA BA 297 21.97 -36.07 -42.20
N SER BA 298 21.99 -35.02 -41.38
CA SER BA 298 21.29 -33.78 -41.73
C SER BA 298 21.90 -33.15 -42.97
N GLN BA 299 23.23 -33.08 -43.03
CA GLN BA 299 23.88 -32.51 -44.20
C GLN BA 299 23.68 -33.39 -45.43
N SER BA 300 23.56 -34.71 -45.24
CA SER BA 300 23.26 -35.59 -46.37
C SER BA 300 21.87 -35.31 -46.91
N GLN BA 301 20.89 -35.14 -46.03
CA GLN BA 301 19.55 -34.80 -46.49
C GLN BA 301 19.54 -33.46 -47.23
N ALA BA 302 20.18 -32.45 -46.65
CA ALA BA 302 20.21 -31.14 -47.31
C ALA BA 302 20.95 -31.20 -48.63
N PHE BA 303 22.05 -31.95 -48.70
CA PHE BA 303 22.85 -32.03 -49.91
C PHE BA 303 22.12 -32.81 -51.00
N THR BA 304 21.40 -33.87 -50.62
CA THR BA 304 20.63 -34.61 -51.61
C THR BA 304 19.47 -33.79 -52.14
N PHE BA 305 18.79 -33.03 -51.28
CA PHE BA 305 17.78 -32.11 -51.78
C PHE BA 305 18.39 -31.04 -52.69
N LEU BA 306 19.56 -30.55 -52.33
CA LEU BA 306 20.26 -29.57 -53.17
C LEU BA 306 20.56 -30.14 -54.54
N VAL BA 307 21.03 -31.39 -54.60
CA VAL BA 307 21.32 -32.02 -55.87
C VAL BA 307 20.04 -32.24 -56.67
N ARG BA 308 18.99 -32.74 -56.01
CA ARG BA 308 17.74 -33.02 -56.72
C ARG BA 308 17.07 -31.75 -57.22
N ASP BA 309 17.32 -30.61 -56.59
CA ASP BA 309 16.76 -29.35 -57.07
C ASP BA 309 17.65 -28.64 -58.07
N GLN BA 310 18.97 -28.83 -58.00
CA GLN BA 310 19.85 -28.27 -59.01
C GLN BA 310 19.74 -29.05 -60.32
N ARG BA 311 19.47 -30.36 -60.25
CA ARG BA 311 19.34 -31.15 -61.45
C ARG BA 311 17.95 -31.03 -62.07
N LEU BA 312 16.91 -30.90 -61.24
CA LEU BA 312 15.52 -30.90 -61.71
C LEU BA 312 14.93 -29.50 -61.75
N GLY BA 313 15.73 -28.48 -62.09
CA GLY BA 313 15.20 -27.17 -62.38
C GLY BA 313 14.71 -26.37 -61.19
N ALA BA 314 15.62 -25.97 -60.31
CA ALA BA 314 15.30 -25.08 -59.20
C ALA BA 314 16.57 -24.36 -58.79
N ASN BA 315 16.57 -23.03 -58.90
CA ASN BA 315 17.74 -22.23 -58.57
C ASN BA 315 17.87 -22.18 -57.05
N VAL BA 316 18.82 -22.95 -56.53
CA VAL BA 316 18.93 -23.12 -55.07
C VAL BA 316 19.58 -21.92 -54.41
N SER BA 317 20.50 -21.23 -55.09
CA SER BA 317 21.22 -20.13 -54.46
C SER BA 317 20.39 -18.85 -54.37
N SER BA 318 19.31 -18.73 -55.14
CA SER BA 318 18.46 -17.56 -55.10
C SER BA 318 17.09 -17.84 -54.47
N ALA BA 319 16.85 -19.05 -53.98
CA ALA BA 319 15.56 -19.42 -53.41
C ALA BA 319 15.49 -18.88 -51.99
N GLN BA 320 14.68 -17.84 -51.80
CA GLN BA 320 14.53 -17.24 -50.48
C GLN BA 320 13.68 -18.12 -49.58
N GLY BA 321 14.14 -18.31 -48.34
CA GLY BA 321 13.44 -19.14 -47.39
C GLY BA 321 12.27 -18.41 -46.74
N PRO BA 322 11.61 -19.08 -45.79
CA PRO BA 322 10.45 -18.46 -45.13
C PRO BA 322 10.80 -17.26 -44.27
N THR BA 323 12.07 -17.08 -43.89
CA THR BA 323 12.47 -15.98 -43.03
C THR BA 323 13.46 -15.04 -43.73
N GLY BA 324 13.58 -15.14 -45.06
CA GLY BA 324 14.52 -14.35 -45.79
C GLY BA 324 15.93 -14.91 -45.86
N LEU BA 325 16.18 -16.04 -45.22
CA LEU BA 325 17.49 -16.67 -45.25
C LEU BA 325 17.56 -17.68 -46.38
N GLY BA 326 18.68 -18.40 -46.47
CA GLY BA 326 18.85 -19.39 -47.52
C GLY BA 326 18.04 -20.64 -47.23
N LYS BA 327 17.29 -21.09 -48.23
CA LYS BA 327 16.54 -22.33 -48.08
C LYS BA 327 17.41 -23.55 -48.36
N TYR BA 328 18.31 -23.45 -49.32
CA TYR BA 328 19.22 -24.54 -49.68
C TYR BA 328 20.67 -24.19 -49.41
N LEU BA 329 21.14 -23.02 -49.86
CA LEU BA 329 22.47 -22.54 -49.57
C LEU BA 329 22.37 -21.19 -48.89
N MET BA 330 23.06 -21.03 -47.77
CA MET BA 330 23.07 -19.77 -47.04
C MET BA 330 24.50 -19.39 -46.68
N ARG BA 331 24.66 -18.36 -45.85
CA ARG BA 331 25.95 -17.84 -45.47
C ARG BA 331 26.24 -18.18 -44.01
N SER BA 332 27.44 -18.69 -43.74
CA SER BA 332 27.82 -19.08 -42.40
C SER BA 332 28.12 -17.84 -41.55
N PRO BA 333 28.10 -17.98 -40.22
CA PRO BA 333 28.51 -16.86 -39.36
C PRO BA 333 29.95 -16.43 -39.57
N SER BA 334 30.79 -17.28 -40.17
CA SER BA 334 32.14 -16.89 -40.54
C SER BA 334 32.26 -16.49 -42.01
N GLY BA 335 31.17 -16.53 -42.76
CA GLY BA 335 31.16 -16.04 -44.12
C GLY BA 335 31.31 -17.07 -45.22
N GLU BA 336 31.19 -18.36 -44.91
CA GLU BA 336 31.34 -19.41 -45.92
C GLU BA 336 29.98 -19.82 -46.48
N ILE BA 337 30.02 -20.46 -47.64
CA ILE BA 337 28.82 -20.98 -48.29
C ILE BA 337 28.52 -22.34 -47.68
N ILE BA 338 27.39 -22.45 -46.98
CA ILE BA 338 27.00 -23.66 -46.29
C ILE BA 338 25.60 -24.05 -46.72
N LEU BA 339 25.19 -25.25 -46.33
CA LEU BA 339 23.84 -25.72 -46.62
C LEU BA 339 22.82 -24.99 -45.74
N GLY BA 340 21.73 -24.56 -46.36
CA GLY BA 340 20.71 -23.81 -45.65
C GLY BA 340 19.68 -24.70 -44.98
N GLY BA 341 18.83 -24.06 -44.17
CA GLY BA 341 17.81 -24.76 -43.43
C GLY BA 341 18.14 -24.87 -41.96
N GLU BA 342 17.63 -25.91 -41.30
CA GLU BA 342 17.97 -26.14 -39.91
C GLU BA 342 19.31 -26.84 -39.75
N THR BA 343 19.93 -27.26 -40.84
CA THR BA 343 21.24 -27.90 -40.81
C THR BA 343 22.38 -26.90 -40.78
N GLN BA 344 22.08 -25.60 -40.69
CA GLN BA 344 23.13 -24.60 -40.59
C GLN BA 344 23.95 -24.73 -39.30
N ARG BA 345 23.40 -25.37 -38.27
CA ARG BA 345 24.16 -25.59 -37.05
C ARG BA 345 25.22 -26.67 -37.24
N PHE BA 346 25.09 -27.50 -38.27
CA PHE BA 346 26.02 -28.60 -38.53
C PHE BA 346 26.93 -28.29 -39.71
N TRP BA 347 27.31 -27.02 -39.86
CA TRP BA 347 28.14 -26.61 -40.98
C TRP BA 347 29.62 -26.96 -40.78
N ASP BA 348 29.98 -27.49 -39.62
CA ASP BA 348 31.35 -27.90 -39.34
C ASP BA 348 31.62 -29.32 -39.80
N LEU BA 349 30.67 -29.96 -40.48
CA LEU BA 349 30.82 -31.35 -40.87
C LEU BA 349 31.87 -31.50 -41.96
N ARG BA 350 32.77 -32.47 -41.78
CA ARG BA 350 33.70 -32.88 -42.81
C ARG BA 350 33.42 -34.33 -43.14
N ALA BA 351 33.10 -34.61 -44.40
CA ALA BA 351 32.82 -35.97 -44.82
C ALA BA 351 33.54 -36.25 -46.13
N PRO BA 352 34.02 -37.48 -46.33
CA PRO BA 352 34.74 -37.79 -47.57
C PRO BA 352 33.89 -37.68 -48.83
N TRP BA 353 32.57 -37.74 -48.71
CA TRP BA 353 31.70 -37.60 -49.87
C TRP BA 353 31.33 -36.15 -50.17
N ILE BA 354 31.87 -35.21 -49.41
CA ILE BA 354 31.55 -33.79 -49.62
C ILE BA 354 32.77 -32.90 -49.69
N GLU BA 355 33.94 -33.35 -49.29
CA GLU BA 355 35.14 -32.52 -49.29
C GLU BA 355 35.67 -32.24 -50.69
N PRO BA 356 35.62 -33.20 -51.63
CA PRO BA 356 35.94 -32.85 -53.02
C PRO BA 356 35.04 -31.76 -53.59
N LEU BA 357 33.81 -31.63 -53.10
CA LEU BA 357 32.87 -30.64 -53.57
C LEU BA 357 32.88 -29.37 -52.73
N ARG BA 358 33.95 -29.14 -51.98
CA ARG BA 358 34.02 -28.02 -51.05
C ARG BA 358 35.23 -27.15 -51.40
N GLY BA 359 34.97 -25.88 -51.69
CA GLY BA 359 36.02 -24.94 -52.03
C GLY BA 359 36.52 -24.19 -50.82
N PRO BA 360 37.32 -23.14 -51.06
CA PRO BA 360 37.83 -22.35 -49.93
C PRO BA 360 36.78 -21.48 -49.26
N ASN BA 361 35.70 -21.14 -49.96
CA ASN BA 361 34.61 -20.36 -49.38
C ASN BA 361 33.42 -21.22 -48.99
N GLY BA 362 33.62 -22.52 -48.82
CA GLY BA 362 32.53 -23.41 -48.53
C GLY BA 362 32.22 -24.31 -49.70
N LEU BA 363 30.93 -24.52 -49.97
CA LEU BA 363 30.52 -25.35 -51.09
C LEU BA 363 30.62 -24.54 -52.37
N ASP BA 364 31.42 -25.03 -53.32
CA ASP BA 364 31.59 -24.35 -54.60
C ASP BA 364 30.47 -24.78 -55.53
N LEU BA 365 29.67 -23.81 -55.97
CA LEU BA 365 28.50 -24.13 -56.80
C LEU BA 365 28.89 -24.76 -58.12
N ASN BA 366 29.99 -24.28 -58.73
CA ASN BA 366 30.45 -24.87 -59.98
C ASN BA 366 30.88 -26.32 -59.78
N LYS BA 367 31.60 -26.59 -58.69
CA LYS BA 367 31.96 -27.98 -58.38
C LYS BA 367 30.76 -28.81 -58.00
N ILE BA 368 29.70 -28.18 -57.46
CA ILE BA 368 28.47 -28.91 -57.18
C ILE BA 368 27.80 -29.31 -58.48
N LYS BA 369 27.74 -28.41 -59.45
CA LYS BA 369 27.06 -28.72 -60.71
C LYS BA 369 27.94 -29.46 -61.70
N ASN BA 370 29.23 -29.64 -61.42
CA ASN BA 370 30.10 -30.24 -62.42
C ASN BA 370 30.86 -31.47 -61.94
N ASP BA 371 31.36 -31.46 -60.70
CA ASP BA 371 32.38 -32.43 -60.27
C ASP BA 371 31.83 -33.48 -59.32
N ILE BA 372 30.57 -33.88 -59.47
CA ILE BA 372 30.00 -34.89 -58.60
C ILE BA 372 30.37 -36.28 -59.12
N GLN BA 373 31.06 -37.06 -58.31
CA GLN BA 373 31.26 -38.47 -58.64
C GLN BA 373 30.05 -39.27 -58.16
N PRO BA 374 29.66 -40.30 -58.90
CA PRO BA 374 28.46 -41.06 -58.52
C PRO BA 374 28.54 -41.72 -57.15
N TRP BA 375 29.72 -42.12 -56.70
CA TRP BA 375 29.80 -42.75 -55.38
C TRP BA 375 29.46 -41.76 -54.28
N GLN BA 376 29.74 -40.48 -54.48
CA GLN BA 376 29.29 -39.46 -53.53
C GLN BA 376 27.76 -39.38 -53.51
N GLU BA 377 27.14 -39.49 -54.69
CA GLU BA 377 25.68 -39.55 -54.73
C GLU BA 377 25.15 -40.75 -53.96
N ARG BA 378 25.78 -41.91 -54.14
CA ARG BA 378 25.33 -43.11 -53.42
C ARG BA 378 25.49 -42.92 -51.92
N ARG BA 379 26.63 -42.37 -51.49
CA ARG BA 379 26.88 -42.17 -50.07
C ARG BA 379 25.88 -41.20 -49.46
N ALA BA 380 25.61 -40.08 -50.14
CA ALA BA 380 24.68 -39.11 -49.61
C ALA BA 380 23.24 -39.61 -49.63
N ALA BA 381 22.88 -40.42 -50.63
CA ALA BA 381 21.54 -41.00 -50.65
C ALA BA 381 21.38 -42.06 -49.56
N GLU BA 382 22.46 -42.78 -49.24
CA GLU BA 382 22.38 -43.78 -48.19
C GLU BA 382 22.33 -43.15 -46.79
N TYR BA 383 23.14 -42.12 -46.56
CA TYR BA 383 23.26 -41.56 -45.21
C TYR BA 383 22.05 -40.73 -44.79
N MET BA 384 21.25 -40.24 -45.74
CA MET BA 384 20.17 -39.32 -45.38
C MET BA 384 18.99 -40.03 -44.75
N THR BA 385 18.87 -41.35 -44.89
CA THR BA 385 17.73 -42.09 -44.38
C THR BA 385 17.96 -42.69 -43.01
N HIS BA 386 19.14 -43.25 -42.77
CA HIS BA 386 19.46 -43.88 -41.49
C HIS BA 386 20.10 -42.86 -40.55
N ALA BA 387 19.30 -41.87 -40.18
CA ALA BA 387 19.76 -40.85 -39.26
C ALA BA 387 19.83 -41.42 -37.84
N PRO BA 388 20.75 -40.90 -37.01
CA PRO BA 388 20.83 -41.38 -35.63
C PRO BA 388 19.69 -40.87 -34.75
N LEU BA 389 18.47 -41.34 -35.04
CA LEU BA 389 17.30 -41.04 -34.21
C LEU BA 389 16.53 -42.33 -33.99
N GLY BA 390 16.44 -42.75 -32.74
CA GLY BA 390 15.79 -44.01 -32.43
C GLY BA 390 15.24 -44.01 -31.02
N SER BA 391 14.72 -45.17 -30.62
CA SER BA 391 14.05 -45.34 -29.34
C SER BA 391 14.64 -46.53 -28.59
N LEU BA 392 14.26 -46.67 -27.32
CA LEU BA 392 14.75 -47.77 -26.50
C LEU BA 392 14.14 -49.10 -26.91
N ASN BA 393 12.95 -49.10 -27.53
CA ASN BA 393 12.37 -50.31 -28.10
C ASN BA 393 12.73 -50.48 -29.57
N SER BA 394 13.76 -49.76 -30.03
CA SER BA 394 14.33 -49.92 -31.38
C SER BA 394 13.29 -49.66 -32.46
N VAL BA 395 12.77 -48.43 -32.46
CA VAL BA 395 11.86 -47.95 -33.48
C VAL BA 395 12.51 -46.77 -34.17
N GLY BA 396 12.62 -46.85 -35.50
CA GLY BA 396 13.34 -45.84 -36.24
C GLY BA 396 12.57 -44.54 -36.35
N GLY BA 397 13.31 -43.48 -36.70
CA GLY BA 397 12.71 -42.19 -36.92
C GLY BA 397 12.54 -41.39 -35.64
N VAL BA 398 11.75 -40.33 -35.74
CA VAL BA 398 11.47 -39.45 -34.60
C VAL BA 398 10.50 -40.15 -33.66
N ALA BA 399 10.31 -39.57 -32.48
CA ALA BA 399 9.44 -40.18 -31.46
C ALA BA 399 7.98 -40.23 -31.87
N THR BA 400 7.58 -39.50 -32.92
CA THR BA 400 6.20 -39.49 -33.39
C THR BA 400 6.00 -40.36 -34.63
N GLU BA 401 6.76 -41.45 -34.74
CA GLU BA 401 6.67 -42.35 -35.88
C GLU BA 401 6.00 -43.65 -35.45
N ILE BA 402 5.45 -44.36 -36.44
CA ILE BA 402 4.73 -45.61 -36.19
C ILE BA 402 5.71 -46.76 -36.07
N ASN BA 403 5.25 -47.90 -35.57
CA ASN BA 403 6.11 -49.06 -35.32
C ASN BA 403 6.22 -49.89 -36.59
N SER BA 404 7.01 -49.37 -37.55
CA SER BA 404 7.33 -50.12 -38.75
C SER BA 404 8.79 -50.05 -39.15
N VAL BA 405 9.58 -49.15 -38.58
CA VAL BA 405 11.01 -49.03 -38.86
C VAL BA 405 11.77 -49.51 -37.63
N ASN BA 406 12.72 -50.40 -37.84
CA ASN BA 406 13.51 -51.01 -36.76
C ASN BA 406 14.96 -50.61 -36.94
N TYR BA 407 15.33 -49.46 -36.38
CA TYR BA 407 16.70 -48.97 -36.54
C TYR BA 407 17.03 -47.98 -35.44
N VAL BA 408 18.10 -48.24 -34.69
CA VAL BA 408 18.77 -47.25 -33.85
C VAL BA 408 20.25 -47.30 -34.19
N SER BA 409 20.84 -46.12 -34.38
CA SER BA 409 22.21 -46.05 -34.89
C SER BA 409 23.19 -46.64 -33.89
N PRO BA 410 24.20 -47.38 -34.36
CA PRO BA 410 25.27 -47.82 -33.45
C PRO BA 410 26.00 -46.67 -32.79
N ARG BA 411 26.11 -45.53 -33.49
CA ARG BA 411 26.72 -44.36 -32.86
C ARG BA 411 25.91 -43.92 -31.64
N SER BA 412 24.59 -43.95 -31.74
CA SER BA 412 23.75 -43.60 -30.60
C SER BA 412 23.97 -44.56 -29.44
N TRP BA 413 24.03 -45.86 -29.73
CA TRP BA 413 24.25 -46.84 -28.67
C TRP BA 413 25.59 -46.62 -27.99
N LEU BA 414 26.66 -46.50 -28.76
CA LEU BA 414 27.98 -46.33 -28.17
C LEU BA 414 28.06 -45.03 -27.38
N THR BA 415 27.55 -43.93 -27.95
CA THR BA 415 27.63 -42.64 -27.29
C THR BA 415 26.83 -42.64 -26.00
N CYS BA 416 25.59 -43.13 -26.03
CA CYS BA 416 24.78 -43.13 -24.82
C CYS BA 416 25.37 -44.05 -23.76
N ALA BA 417 25.81 -45.25 -24.15
CA ALA BA 417 26.37 -46.18 -23.17
C ALA BA 417 27.61 -45.61 -22.51
N HIS BA 418 28.50 -45.02 -23.30
CA HIS BA 418 29.74 -44.53 -22.71
C HIS BA 418 29.57 -43.20 -22.00
N PHE BA 419 28.57 -42.39 -22.36
CA PHE BA 419 28.25 -41.23 -21.54
C PHE BA 419 27.67 -41.65 -20.19
N PHE BA 420 26.77 -42.63 -20.21
CA PHE BA 420 26.26 -43.20 -18.97
C PHE BA 420 27.39 -43.71 -18.09
N LEU BA 421 28.32 -44.47 -18.67
CA LEU BA 421 29.40 -45.04 -17.89
C LEU BA 421 30.39 -43.98 -17.43
N GLY BA 422 30.63 -42.95 -18.24
CA GLY BA 422 31.50 -41.87 -17.81
C GLY BA 422 30.93 -41.13 -16.62
N PHE BA 423 29.64 -40.82 -16.65
CA PHE BA 423 29.04 -40.17 -15.49
C PHE BA 423 29.04 -41.09 -14.27
N ALA BA 424 28.72 -42.36 -14.47
CA ALA BA 424 28.72 -43.30 -13.35
C ALA BA 424 30.11 -43.42 -12.73
N PHE BA 425 31.15 -43.43 -13.55
CA PHE BA 425 32.49 -43.54 -13.01
C PHE BA 425 33.00 -42.23 -12.43
N TYR BA 426 32.47 -41.08 -12.87
CA TYR BA 426 32.72 -39.86 -12.12
C TYR BA 426 32.09 -39.94 -10.73
N ILE BA 427 30.88 -40.50 -10.63
CA ILE BA 427 30.27 -40.70 -9.33
C ILE BA 427 31.13 -41.62 -8.47
N GLY BA 428 31.61 -42.71 -9.07
CA GLY BA 428 32.50 -43.60 -8.36
C GLY BA 428 33.78 -42.93 -7.91
N HIS BA 429 34.34 -42.07 -8.76
CA HIS BA 429 35.53 -41.33 -8.37
C HIS BA 429 35.26 -40.44 -7.16
N LEU BA 430 34.13 -39.73 -7.18
CA LEU BA 430 33.82 -38.86 -6.05
C LEU BA 430 33.65 -39.69 -4.78
N TRP BA 431 32.92 -40.80 -4.87
CA TRP BA 431 32.72 -41.66 -3.70
C TRP BA 431 34.05 -42.16 -3.16
N HIS BA 432 34.90 -42.72 -4.02
CA HIS BA 432 36.13 -43.33 -3.55
C HIS BA 432 37.18 -42.31 -3.14
N ALA BA 433 37.20 -41.13 -3.76
CA ALA BA 433 38.13 -40.09 -3.32
C ALA BA 433 37.72 -39.56 -1.95
N GLY BA 434 36.43 -39.32 -1.75
CA GLY BA 434 35.98 -38.92 -0.43
C GLY BA 434 36.30 -39.96 0.62
N ARG BA 435 36.02 -41.23 0.33
CA ARG BA 435 36.27 -42.25 1.33
C ARG BA 435 37.76 -42.48 1.54
N ALA BA 436 38.59 -42.31 0.50
CA ALA BA 436 40.02 -42.43 0.68
C ALA BA 436 40.56 -41.34 1.57
N ARG BA 437 40.12 -40.10 1.36
CA ARG BA 437 40.53 -39.02 2.25
C ARG BA 437 40.06 -39.26 3.68
N ALA BA 438 38.81 -39.72 3.85
CA ALA BA 438 38.29 -39.91 5.20
C ALA BA 438 38.95 -41.09 5.90
N ALA BA 439 39.32 -42.13 5.16
CA ALA BA 439 40.00 -43.27 5.76
C ALA BA 439 41.47 -42.99 6.04
N ALA BA 440 42.11 -42.15 5.21
CA ALA BA 440 43.47 -41.74 5.51
C ALA BA 440 43.52 -40.85 6.74
N ALA BA 441 42.61 -39.86 6.80
CA ALA BA 441 42.56 -39.00 7.97
C ALA BA 441 42.04 -39.75 9.20
N GLY BA 442 41.10 -40.67 9.01
CA GLY BA 442 40.70 -41.56 10.09
C GLY BA 442 39.33 -41.28 10.67
N PHE BA 443 38.41 -40.75 9.88
CA PHE BA 443 37.04 -40.54 10.33
C PHE BA 443 36.06 -41.04 9.29
N GLU BA 444 36.37 -42.16 8.64
CA GLU BA 444 35.44 -42.74 7.67
C GLU BA 444 34.35 -43.57 8.32
N LYS BA 445 34.51 -43.92 9.60
CA LYS BA 445 33.52 -44.69 10.32
C LYS BA 445 32.59 -43.82 11.18
N GLY BA 446 32.77 -42.51 11.15
CA GLY BA 446 31.92 -41.60 11.90
C GLY BA 446 32.73 -40.67 12.76
N ILE BA 447 32.01 -39.77 13.43
CA ILE BA 447 32.62 -38.77 14.29
C ILE BA 447 32.93 -39.37 15.65
N ASN BA 448 34.11 -39.09 16.16
CA ASN BA 448 34.48 -39.56 17.50
C ASN BA 448 33.71 -38.79 18.55
N ARG BA 449 33.02 -39.52 19.44
CA ARG BA 449 32.24 -38.87 20.48
C ARG BA 449 33.12 -38.18 21.51
N GLU BA 450 34.30 -38.75 21.80
CA GLU BA 450 35.14 -38.18 22.84
C GLU BA 450 35.75 -36.86 22.40
N ASN BA 451 36.20 -36.77 21.15
CA ASN BA 451 36.81 -35.55 20.61
C ASN BA 451 36.09 -35.20 19.32
N GLU BA 452 34.98 -34.49 19.43
CA GLU BA 452 34.30 -34.02 18.24
C GLU BA 452 34.96 -32.75 17.74
N PRO BA 453 35.41 -32.71 16.48
CA PRO BA 453 36.12 -31.51 15.99
C PRO BA 453 35.29 -30.25 16.07
N THR BA 454 33.97 -30.35 15.89
CA THR BA 454 33.14 -29.15 15.88
C THR BA 454 33.01 -28.55 17.27
N LEU BA 455 32.93 -29.40 18.30
CA LEU BA 455 32.75 -28.90 19.66
C LEU BA 455 33.95 -28.12 20.16
N SER BA 456 35.13 -28.36 19.58
CA SER BA 456 36.33 -27.64 19.99
C SER BA 456 36.57 -26.36 19.20
N LEU BA 457 35.67 -26.02 18.28
CA LEU BA 457 35.78 -24.79 17.52
C LEU BA 457 34.96 -23.68 18.16
N ARG BA 458 35.34 -22.44 17.85
CA ARG BA 458 34.54 -21.30 18.26
C ARG BA 458 33.22 -21.29 17.49
N PRO BA 459 32.13 -20.88 18.14
CA PRO BA 459 30.88 -20.69 17.40
C PRO BA 459 31.05 -19.64 16.31
N ILE BA 460 30.39 -19.88 15.18
CA ILE BA 460 30.71 -19.14 13.97
C ILE BA 460 30.01 -17.78 13.91
N ASP BA 461 28.87 -17.61 14.58
CA ASP BA 461 28.17 -16.34 14.52
C ASP BA 461 28.26 -15.61 15.86
N GLY CA 10 -20.60 -61.40 30.56
CA GLY CA 10 -19.59 -60.46 30.97
C GLY CA 10 -19.63 -59.16 30.19
N ARG CA 11 -18.76 -59.06 29.19
CA ARG CA 11 -18.72 -57.87 28.36
C ARG CA 11 -19.87 -57.86 27.36
N GLY CA 12 -20.18 -56.67 26.85
CA GLY CA 12 -21.18 -56.56 25.81
C GLY CA 12 -20.63 -57.01 24.47
N TRP CA 13 -21.56 -57.15 23.52
CA TRP CA 13 -21.15 -57.56 22.17
C TRP CA 13 -20.27 -56.52 21.50
N PHE CA 14 -20.60 -55.23 21.68
CA PHE CA 14 -19.76 -54.18 21.11
C PHE CA 14 -18.35 -54.21 21.69
N ASP CA 15 -18.22 -54.48 22.99
CA ASP CA 15 -16.90 -54.55 23.60
C ASP CA 15 -16.11 -55.73 23.05
N LEU CA 16 -16.77 -56.87 22.84
CA LEU CA 16 -16.08 -58.03 22.27
C LEU CA 16 -15.63 -57.76 20.84
N ILE CA 17 -16.49 -57.13 20.04
CA ILE CA 17 -16.10 -56.79 18.67
C ILE CA 17 -14.95 -55.79 18.67
N ASP CA 18 -14.99 -54.82 19.59
CA ASP CA 18 -13.91 -53.85 19.70
C ASP CA 18 -12.60 -54.50 20.13
N ASP CA 19 -12.70 -55.52 20.99
CA ASP CA 19 -11.50 -56.24 21.40
C ASP CA 19 -10.92 -57.06 20.26
N TRP CA 20 -11.78 -57.69 19.46
CA TRP CA 20 -11.28 -58.51 18.36
C TRP CA 20 -10.71 -57.66 17.23
N LEU CA 21 -11.36 -56.54 16.93
CA LEU CA 21 -10.88 -55.68 15.85
C LEU CA 21 -9.54 -55.04 16.20
N LYS CA 22 -9.35 -54.67 17.47
CA LYS CA 22 -8.12 -54.05 17.92
C LYS CA 22 -7.11 -55.04 18.46
N ARG CA 23 -7.19 -56.30 18.02
CA ARG CA 23 -6.22 -57.30 18.43
C ARG CA 23 -4.86 -57.02 17.80
N ASP CA 24 -3.80 -57.28 18.56
CA ASP CA 24 -2.44 -57.01 18.08
C ASP CA 24 -1.96 -58.24 17.31
N ARG CA 25 -2.29 -58.29 16.03
CA ARG CA 25 -1.95 -59.39 15.15
C ARG CA 25 -1.05 -58.88 14.03
N PHE CA 26 -0.74 -59.77 13.08
CA PHE CA 26 0.17 -59.40 11.99
C PHE CA 26 -0.42 -58.31 11.12
N VAL CA 27 -1.70 -58.41 10.79
CA VAL CA 27 -2.40 -57.40 10.00
C VAL CA 27 -3.47 -56.79 10.89
N PHE CA 28 -3.22 -55.57 11.35
CA PHE CA 28 -4.19 -54.87 12.18
C PHE CA 28 -5.45 -54.55 11.39
N VAL CA 29 -6.61 -54.79 11.98
CA VAL CA 29 -7.86 -54.55 11.29
C VAL CA 29 -8.50 -53.28 11.82
N GLY CA 30 -8.85 -53.27 13.10
CA GLY CA 30 -9.48 -52.11 13.70
C GLY CA 30 -10.88 -51.88 13.15
N TRP CA 31 -11.54 -50.85 13.69
CA TRP CA 31 -12.84 -50.46 13.16
C TRP CA 31 -12.73 -49.87 11.77
N SER CA 32 -11.60 -49.22 11.47
CA SER CA 32 -11.39 -48.67 10.14
C SER CA 32 -11.18 -49.75 9.10
N GLY CA 33 -10.77 -50.95 9.51
CA GLY CA 33 -10.56 -52.03 8.56
C GLY CA 33 -11.81 -52.47 7.83
N LEU CA 34 -12.96 -52.41 8.49
CA LEU CA 34 -14.21 -52.79 7.85
C LEU CA 34 -14.51 -51.93 6.64
N LEU CA 35 -14.10 -50.67 6.68
CA LEU CA 35 -14.25 -49.78 5.52
C LEU CA 35 -13.06 -49.88 4.57
N LEU CA 36 -11.87 -50.11 5.11
CA LEU CA 36 -10.66 -50.06 4.30
C LEU CA 36 -10.48 -51.29 3.43
N PHE CA 37 -10.48 -52.47 4.05
CA PHE CA 37 -10.06 -53.68 3.36
C PHE CA 37 -10.95 -54.07 2.18
N PRO CA 38 -12.28 -54.13 2.32
CA PRO CA 38 -13.09 -54.44 1.15
C PRO CA 38 -13.02 -53.38 0.07
N THR CA 39 -13.00 -52.09 0.44
CA THR CA 39 -12.96 -51.05 -0.58
C THR CA 39 -11.62 -51.03 -1.32
N SER CA 40 -10.51 -51.11 -0.59
CA SER CA 40 -9.21 -51.15 -1.25
C SER CA 40 -9.04 -52.42 -2.07
N TYR CA 41 -9.52 -53.55 -1.55
CA TYR CA 41 -9.45 -54.79 -2.29
C TYR CA 41 -10.23 -54.69 -3.58
N LEU CA 42 -11.43 -54.11 -3.54
CA LEU CA 42 -12.22 -53.96 -4.75
C LEU CA 42 -11.61 -52.95 -5.71
N SER CA 43 -10.98 -51.90 -5.19
CA SER CA 43 -10.31 -50.94 -6.07
C SER CA 43 -9.17 -51.59 -6.84
N ILE CA 44 -8.30 -52.31 -6.12
CA ILE CA 44 -7.17 -52.96 -6.79
C ILE CA 44 -7.66 -54.06 -7.72
N GLY CA 45 -8.64 -54.85 -7.29
CA GLY CA 45 -9.17 -55.91 -8.13
C GLY CA 45 -9.84 -55.38 -9.38
N GLY CA 46 -10.61 -54.29 -9.24
CA GLY CA 46 -11.23 -53.68 -10.40
C GLY CA 46 -10.22 -53.06 -11.34
N TRP CA 47 -9.16 -52.48 -10.81
CA TRP CA 47 -8.11 -51.96 -11.69
C TRP CA 47 -7.45 -53.08 -12.47
N PHE CA 48 -7.12 -54.19 -11.81
CA PHE CA 48 -6.52 -55.32 -12.53
C PHE CA 48 -7.50 -55.90 -13.55
N THR CA 49 -8.78 -56.00 -13.19
CA THR CA 49 -9.78 -56.51 -14.11
C THR CA 49 -9.94 -55.60 -15.33
N GLY CA 50 -9.94 -54.29 -15.11
CA GLY CA 50 -10.06 -53.37 -16.23
C GLY CA 50 -8.84 -53.37 -17.13
N THR CA 51 -7.65 -53.37 -16.54
CA THR CA 51 -6.43 -53.40 -17.34
C THR CA 51 -6.16 -54.76 -17.95
N THR CA 52 -6.86 -55.80 -17.52
CA THR CA 52 -6.65 -57.15 -18.03
C THR CA 52 -7.66 -57.56 -19.09
N PHE CA 53 -8.93 -57.21 -18.92
CA PHE CA 53 -9.98 -57.70 -19.81
C PHE CA 53 -10.83 -56.60 -20.42
N VAL CA 54 -11.14 -55.54 -19.68
CA VAL CA 54 -12.17 -54.60 -20.09
C VAL CA 54 -11.63 -53.66 -21.15
N THR CA 55 -12.40 -53.46 -22.21
CA THR CA 55 -12.01 -52.61 -23.33
C THR CA 55 -12.40 -51.16 -23.08
N SER CA 56 -11.97 -50.31 -24.01
CA SER CA 56 -12.38 -48.90 -24.04
C SER CA 56 -12.90 -48.54 -25.42
N TRP CA 57 -13.35 -49.53 -26.19
CA TRP CA 57 -13.72 -49.31 -27.58
C TRP CA 57 -15.01 -48.53 -27.73
N TYR CA 58 -15.92 -48.65 -26.77
CA TYR CA 58 -17.22 -48.01 -26.85
C TYR CA 58 -17.30 -46.70 -26.07
N THR CA 59 -16.23 -46.32 -25.38
CA THR CA 59 -16.17 -45.04 -24.68
C THR CA 59 -15.16 -44.09 -25.28
N HIS CA 60 -13.96 -44.57 -25.58
CA HIS CA 60 -12.93 -43.76 -26.19
C HIS CA 60 -12.54 -44.20 -27.60
N GLY CA 61 -12.99 -45.35 -28.06
CA GLY CA 61 -12.45 -45.90 -29.28
C GLY CA 61 -11.00 -46.31 -29.13
N LEU CA 62 -10.64 -46.87 -27.99
CA LEU CA 62 -9.27 -47.24 -27.68
C LEU CA 62 -9.22 -48.68 -27.19
N ALA CA 63 -8.03 -49.27 -27.30
CA ALA CA 63 -7.74 -50.55 -26.67
C ALA CA 63 -6.93 -50.28 -25.41
N SER CA 64 -7.40 -50.79 -24.27
CA SER CA 64 -6.74 -50.50 -23.01
C SER CA 64 -6.68 -51.72 -22.10
N SER CA 65 -6.60 -52.91 -22.68
CA SER CA 65 -6.55 -54.15 -21.91
C SER CA 65 -5.49 -55.08 -22.49
N TYR CA 66 -5.00 -55.98 -21.65
CA TYR CA 66 -4.10 -57.02 -22.13
C TYR CA 66 -4.80 -57.97 -23.11
N LEU CA 67 -6.12 -58.08 -23.03
CA LEU CA 67 -6.86 -58.93 -23.95
C LEU CA 67 -6.82 -58.38 -25.36
N GLU CA 68 -6.70 -57.06 -25.51
CA GLU CA 68 -6.63 -56.43 -26.81
C GLU CA 68 -5.20 -56.28 -27.33
N GLY CA 69 -4.20 -56.61 -26.51
CA GLY CA 69 -2.82 -56.55 -26.93
C GLY CA 69 -2.00 -55.43 -26.31
N CYS CA 70 -2.49 -54.78 -25.27
CA CYS CA 70 -1.76 -53.70 -24.65
C CYS CA 70 -0.74 -54.22 -23.64
N ASN CA 71 0.31 -53.46 -23.43
CA ASN CA 71 1.31 -53.77 -22.42
C ASN CA 71 0.96 -53.06 -21.11
N PHE CA 72 1.90 -53.06 -20.17
CA PHE CA 72 1.65 -52.40 -18.88
C PHE CA 72 1.48 -50.90 -19.04
N PHE CA 73 2.19 -50.29 -19.99
CA PHE CA 73 2.12 -48.84 -20.15
C PHE CA 73 0.82 -48.39 -20.82
N THR CA 74 0.34 -49.14 -21.81
CA THR CA 74 -0.81 -48.70 -22.59
C THR CA 74 -2.14 -49.22 -22.08
N ALA CA 75 -2.15 -50.19 -21.18
CA ALA CA 75 -3.39 -50.69 -20.60
C ALA CA 75 -3.89 -49.74 -19.53
N ALA CA 76 -5.20 -49.56 -19.45
CA ALA CA 76 -5.78 -48.64 -18.49
C ALA CA 76 -7.23 -49.01 -18.22
N VAL CA 77 -7.71 -48.53 -17.07
CA VAL CA 77 -9.14 -48.53 -16.78
C VAL CA 77 -9.66 -47.16 -17.23
N SER CA 78 -10.23 -47.12 -18.42
CA SER CA 78 -10.58 -45.85 -19.04
C SER CA 78 -11.84 -45.26 -18.41
N THR CA 79 -11.94 -43.94 -18.48
CA THR CA 79 -13.06 -43.22 -17.92
C THR CA 79 -14.34 -43.53 -18.71
N PRO CA 80 -15.50 -43.31 -18.10
CA PRO CA 80 -16.76 -43.57 -18.80
C PRO CA 80 -16.93 -42.68 -20.03
N ALA CA 81 -17.97 -42.98 -20.79
CA ALA CA 81 -18.27 -42.20 -21.98
C ALA CA 81 -18.78 -40.82 -21.61
N ASN CA 82 -18.61 -39.87 -22.54
CA ASN CA 82 -19.06 -38.51 -22.27
C ASN CA 82 -20.57 -38.41 -22.17
N SER CA 83 -21.29 -39.29 -22.88
CA SER CA 83 -22.75 -39.27 -22.80
C SER CA 83 -23.28 -39.63 -21.43
N MET CA 84 -22.47 -40.34 -20.62
CA MET CA 84 -22.91 -40.73 -19.29
C MET CA 84 -23.01 -39.54 -18.35
N GLY CA 85 -22.36 -38.42 -18.67
CA GLY CA 85 -22.39 -37.29 -17.76
C GLY CA 85 -21.62 -37.59 -16.49
N HIS CA 86 -22.17 -37.14 -15.37
CA HIS CA 86 -21.61 -37.42 -14.05
C HIS CA 86 -22.38 -38.51 -13.33
N SER CA 87 -22.87 -39.50 -14.07
CA SER CA 87 -23.61 -40.60 -13.48
C SER CA 87 -22.73 -41.39 -12.53
N LEU CA 88 -23.34 -41.88 -11.45
CA LEU CA 88 -22.61 -42.78 -10.55
C LEU CA 88 -22.31 -44.10 -11.22
N LEU CA 89 -23.04 -44.45 -12.27
CA LEU CA 89 -22.82 -45.66 -13.05
C LEU CA 89 -22.84 -46.91 -12.16
N LEU CA 90 -23.88 -47.00 -11.35
CA LEU CA 90 -24.09 -48.21 -10.57
C LEU CA 90 -24.43 -49.37 -11.48
N LEU CA 91 -24.03 -50.58 -11.06
CA LEU CA 91 -24.32 -51.76 -11.86
C LEU CA 91 -25.81 -51.95 -12.03
N TRP CA 92 -26.59 -51.62 -11.01
CA TRP CA 92 -28.04 -51.67 -11.07
C TRP CA 92 -28.65 -50.38 -11.60
N GLY CA 93 -27.83 -49.41 -11.98
CA GLY CA 93 -28.31 -48.11 -12.38
C GLY CA 93 -29.04 -48.11 -13.71
N PRO CA 94 -29.64 -46.98 -14.06
CA PRO CA 94 -30.44 -46.92 -15.30
C PRO CA 94 -29.62 -47.02 -16.56
N GLU CA 95 -28.30 -46.90 -16.50
CA GLU CA 95 -27.48 -47.02 -17.71
C GLU CA 95 -27.20 -48.48 -18.04
N ALA CA 96 -26.75 -49.26 -17.07
CA ALA CA 96 -26.42 -50.66 -17.29
C ALA CA 96 -27.60 -51.58 -17.03
N GLN CA 97 -28.43 -51.25 -16.04
CA GLN CA 97 -29.64 -52.02 -15.72
C GLN CA 97 -29.30 -53.47 -15.40
N GLY CA 98 -28.25 -53.68 -14.63
CA GLY CA 98 -27.89 -55.00 -14.14
C GLY CA 98 -27.03 -55.82 -15.07
N ASP CA 99 -26.76 -55.34 -16.28
CA ASP CA 99 -25.96 -56.07 -17.25
C ASP CA 99 -24.49 -55.77 -16.99
N PHE CA 100 -23.74 -56.78 -16.54
CA PHE CA 100 -22.32 -56.59 -16.25
C PHE CA 100 -21.54 -56.28 -17.51
N THR CA 101 -21.89 -56.90 -18.64
CA THR CA 101 -21.18 -56.65 -19.88
C THR CA 101 -21.35 -55.20 -20.33
N ARG CA 102 -22.59 -54.71 -20.37
CA ARG CA 102 -22.81 -53.32 -20.75
C ARG CA 102 -22.24 -52.36 -19.73
N TRP CA 103 -22.22 -52.75 -18.46
CA TRP CA 103 -21.61 -51.93 -17.43
C TRP CA 103 -20.11 -51.79 -17.66
N CYS CA 104 -19.45 -52.87 -18.07
CA CYS CA 104 -18.04 -52.78 -18.41
C CYS CA 104 -17.83 -51.98 -19.70
N GLN CA 105 -18.77 -52.07 -20.65
CA GLN CA 105 -18.58 -51.40 -21.93
C GLN CA 105 -18.79 -49.90 -21.85
N ILE CA 106 -19.59 -49.41 -20.91
CA ILE CA 106 -19.82 -47.97 -20.79
C ILE CA 106 -18.84 -47.29 -19.85
N GLY CA 107 -17.84 -48.02 -19.34
CA GLY CA 107 -16.88 -47.44 -18.44
C GLY CA 107 -17.28 -47.42 -16.98
N GLY CA 108 -18.25 -48.23 -16.58
CA GLY CA 108 -18.67 -48.25 -15.20
C GLY CA 108 -17.62 -48.79 -14.25
N LEU CA 109 -16.65 -49.55 -14.76
CA LEU CA 109 -15.59 -50.04 -13.91
C LEU CA 109 -14.70 -48.91 -13.43
N TRP CA 110 -14.55 -47.85 -14.21
CA TRP CA 110 -13.82 -46.69 -13.73
C TRP CA 110 -14.52 -46.05 -12.54
N ALA CA 111 -15.85 -45.90 -12.62
CA ALA CA 111 -16.59 -45.38 -11.47
C ALA CA 111 -16.49 -46.31 -10.28
N PHE CA 112 -16.55 -47.62 -10.52
CA PHE CA 112 -16.34 -48.59 -9.45
C PHE CA 112 -15.02 -48.34 -8.74
N CYS CA 113 -13.93 -48.27 -9.51
CA CYS CA 113 -12.61 -48.06 -8.93
C CYS CA 113 -12.52 -46.71 -8.24
N ALA CA 114 -13.09 -45.67 -8.84
CA ALA CA 114 -12.95 -44.32 -8.28
C ALA CA 114 -13.68 -44.20 -6.95
N LEU CA 115 -14.94 -44.66 -6.88
CA LEU CA 115 -15.68 -44.56 -5.64
C LEU CA 115 -15.09 -45.46 -4.56
N HIS CA 116 -14.73 -46.69 -4.92
CA HIS CA 116 -14.13 -47.57 -3.92
C HIS CA 116 -12.78 -47.06 -3.48
N GLY CA 117 -12.02 -46.40 -4.36
CA GLY CA 117 -10.76 -45.82 -3.95
C GLY CA 117 -10.92 -44.61 -3.08
N SER CA 118 -11.94 -43.80 -3.32
CA SER CA 118 -12.24 -42.70 -2.41
C SER CA 118 -12.52 -43.21 -1.01
N PHE CA 119 -13.41 -44.20 -0.91
CA PHE CA 119 -13.70 -44.73 0.42
C PHE CA 119 -12.55 -45.54 0.99
N ALA CA 120 -11.67 -46.08 0.14
CA ALA CA 120 -10.49 -46.76 0.65
C ALA CA 120 -9.46 -45.78 1.20
N LEU CA 121 -9.32 -44.61 0.56
CA LEU CA 121 -8.47 -43.56 1.12
C LEU CA 121 -9.04 -43.06 2.45
N ILE CA 122 -10.36 -42.91 2.52
CA ILE CA 122 -10.98 -42.56 3.80
C ILE CA 122 -10.66 -43.62 4.84
N GLY CA 123 -10.78 -44.89 4.47
CA GLY CA 123 -10.48 -45.97 5.40
C GLY CA 123 -9.03 -46.01 5.83
N PHE CA 124 -8.10 -45.69 4.94
CA PHE CA 124 -6.69 -45.72 5.31
C PHE CA 124 -6.34 -44.55 6.22
N CYS CA 125 -6.92 -43.38 5.97
CA CYS CA 125 -6.70 -42.27 6.89
C CYS CA 125 -7.31 -42.57 8.26
N LEU CA 126 -8.49 -43.18 8.29
CA LEU CA 126 -9.06 -43.62 9.56
C LEU CA 126 -8.19 -44.66 10.24
N ARG CA 127 -7.57 -45.54 9.46
CA ARG CA 127 -6.64 -46.53 10.02
C ARG CA 127 -5.45 -45.85 10.66
N GLN CA 128 -4.92 -44.82 10.01
CA GLN CA 128 -3.82 -44.06 10.60
C GLN CA 128 -4.26 -43.42 11.91
N PHE CA 129 -5.43 -42.79 11.93
CA PHE CA 129 -5.95 -42.21 13.16
C PHE CA 129 -6.09 -43.27 14.25
N GLU CA 130 -6.65 -44.42 13.92
CA GLU CA 130 -6.94 -45.45 14.91
C GLU CA 130 -5.67 -46.05 15.47
N ILE CA 131 -4.69 -46.35 14.61
CA ILE CA 131 -3.44 -46.91 15.10
C ILE CA 131 -2.66 -45.88 15.89
N ALA CA 132 -2.71 -44.60 15.49
CA ALA CA 132 -2.04 -43.58 16.29
C ALA CA 132 -2.71 -43.42 17.65
N ARG CA 133 -4.02 -43.58 17.73
CA ARG CA 133 -4.70 -43.48 19.02
C ARG CA 133 -4.42 -44.68 19.91
N LEU CA 134 -4.39 -45.88 19.34
CA LEU CA 134 -4.12 -47.07 20.14
C LEU CA 134 -2.67 -47.13 20.59
N VAL CA 135 -1.74 -46.82 19.69
CA VAL CA 135 -0.32 -46.82 20.06
C VAL CA 135 -0.05 -45.73 21.10
N GLY CA 136 -0.64 -44.56 20.92
CA GLY CA 136 -0.47 -43.47 21.85
C GLY CA 136 0.37 -42.30 21.36
N ILE CA 137 0.53 -42.15 20.05
CA ILE CA 137 1.34 -41.08 19.47
C ILE CA 137 0.40 -40.07 18.82
N ARG CA 138 0.99 -38.94 18.43
CA ARG CA 138 0.23 -37.88 17.79
C ARG CA 138 -0.10 -38.26 16.35
N PRO CA 139 -1.25 -37.84 15.83
CA PRO CA 139 -1.72 -38.29 14.52
C PRO CA 139 -1.25 -37.40 13.36
N TYR CA 140 0.04 -37.15 13.28
CA TYR CA 140 0.54 -36.32 12.19
C TYR CA 140 0.64 -37.09 10.87
N ASN CA 141 0.65 -38.42 10.92
CA ASN CA 141 0.69 -39.19 9.68
C ASN CA 141 -0.62 -39.09 8.91
N ALA CA 142 -1.76 -39.04 9.61
CA ALA CA 142 -3.03 -38.83 8.91
C ALA CA 142 -3.12 -37.44 8.32
N ILE CA 143 -2.59 -36.43 9.02
CA ILE CA 143 -2.55 -35.09 8.46
C ILE CA 143 -1.66 -35.06 7.22
N ALA CA 144 -0.56 -35.81 7.26
CA ALA CA 144 0.29 -35.92 6.07
C ALA CA 144 -0.44 -36.60 4.93
N PHE CA 145 -1.19 -37.65 5.23
CA PHE CA 145 -1.92 -38.38 4.20
C PHE CA 145 -3.13 -37.62 3.68
N SER CA 146 -3.56 -36.57 4.37
CA SER CA 146 -4.59 -35.71 3.81
C SER CA 146 -4.15 -35.09 2.50
N GLY CA 147 -2.85 -34.98 2.27
CA GLY CA 147 -2.31 -34.47 1.03
C GLY CA 147 -2.70 -35.30 -0.18
N PRO CA 148 -2.30 -36.57 -0.19
CA PRO CA 148 -2.73 -37.46 -1.27
C PRO CA 148 -4.24 -37.59 -1.38
N ILE CA 149 -4.96 -37.51 -0.27
CA ILE CA 149 -6.42 -37.51 -0.34
C ILE CA 149 -6.91 -36.27 -1.09
N ALA CA 150 -6.29 -35.11 -0.81
CA ALA CA 150 -6.64 -33.90 -1.55
C ALA CA 150 -6.33 -34.06 -3.03
N ILE CA 151 -5.19 -34.66 -3.36
CA ILE CA 151 -4.84 -34.88 -4.76
C ILE CA 151 -5.89 -35.74 -5.45
N PHE CA 152 -6.21 -36.88 -4.84
CA PHE CA 152 -7.15 -37.80 -5.46
C PHE CA 152 -8.53 -37.16 -5.59
N VAL CA 153 -9.02 -36.52 -4.54
CA VAL CA 153 -10.32 -35.86 -4.63
C VAL CA 153 -10.31 -34.82 -5.74
N SER CA 154 -9.43 -33.82 -5.64
CA SER CA 154 -9.45 -32.71 -6.59
C SER CA 154 -9.27 -33.18 -8.03
N VAL CA 155 -8.45 -34.22 -8.26
CA VAL CA 155 -8.15 -34.60 -9.63
C VAL CA 155 -9.20 -35.57 -10.18
N PHE CA 156 -9.48 -36.64 -9.45
CA PHE CA 156 -10.33 -37.70 -9.98
C PHE CA 156 -11.81 -37.49 -9.71
N LEU CA 157 -12.19 -36.59 -8.80
CA LEU CA 157 -13.60 -36.31 -8.55
C LEU CA 157 -13.97 -34.87 -8.85
N MET CA 158 -13.27 -33.90 -8.27
CA MET CA 158 -13.67 -32.51 -8.40
C MET CA 158 -13.39 -31.96 -9.79
N TYR CA 159 -12.30 -32.38 -10.44
CA TYR CA 159 -12.07 -31.92 -11.81
C TYR CA 159 -13.13 -32.42 -12.77
N PRO CA 160 -13.44 -33.72 -12.86
CA PRO CA 160 -14.49 -34.14 -13.80
C PRO CA 160 -15.87 -33.64 -13.42
N LEU CA 161 -16.15 -33.44 -12.13
CA LEU CA 161 -17.46 -32.96 -11.74
C LEU CA 161 -17.67 -31.51 -12.13
N GLY CA 162 -16.59 -30.75 -12.36
CA GLY CA 162 -16.73 -29.40 -12.86
C GLY CA 162 -16.75 -29.36 -14.38
N GLN CA 163 -16.28 -30.44 -15.01
CA GLN CA 163 -16.23 -30.52 -16.46
C GLN CA 163 -17.52 -31.16 -16.97
N ALA CA 164 -17.55 -31.56 -18.23
CA ALA CA 164 -18.79 -32.03 -18.84
C ALA CA 164 -19.23 -33.38 -18.25
N SER CA 165 -18.29 -34.28 -18.00
CA SER CA 165 -18.63 -35.63 -17.59
C SER CA 165 -17.42 -36.26 -16.90
N TRP CA 166 -17.54 -37.54 -16.57
CA TRP CA 166 -16.40 -38.32 -16.10
C TRP CA 166 -15.38 -38.58 -17.20
N PHE CA 167 -15.74 -38.31 -18.45
CA PHE CA 167 -14.86 -38.66 -19.57
C PHE CA 167 -13.52 -37.96 -19.48
N PHE CA 168 -13.48 -36.75 -18.94
CA PHE CA 168 -12.27 -35.94 -18.93
C PHE CA 168 -11.48 -36.11 -17.64
N ALA CA 169 -11.87 -37.03 -16.78
CA ALA CA 169 -11.06 -37.40 -15.64
C ALA CA 169 -9.88 -38.24 -16.11
N PRO CA 170 -8.82 -38.34 -15.31
CA PRO CA 170 -7.73 -39.24 -15.67
C PRO CA 170 -8.19 -40.68 -15.73
N SER CA 171 -7.67 -41.41 -16.71
CA SER CA 171 -7.91 -42.84 -16.80
C SER CA 171 -6.82 -43.59 -16.05
N LEU CA 172 -7.21 -44.68 -15.41
CA LEU CA 172 -6.32 -45.40 -14.50
C LEU CA 172 -5.34 -46.25 -15.31
N GLY CA 173 -4.29 -45.60 -15.78
CA GLY CA 173 -3.24 -46.26 -16.54
C GLY CA 173 -1.95 -45.50 -16.43
N VAL CA 174 -1.05 -45.74 -17.37
CA VAL CA 174 0.24 -45.05 -17.43
C VAL CA 174 0.27 -44.07 -18.59
N ALA CA 175 0.16 -44.58 -19.82
CA ALA CA 175 0.00 -43.70 -20.97
C ALA CA 175 -1.28 -42.89 -20.88
N ALA CA 176 -2.30 -43.40 -20.19
CA ALA CA 176 -3.50 -42.62 -19.96
C ALA CA 176 -3.21 -41.41 -19.08
N ILE CA 177 -2.40 -41.59 -18.03
CA ILE CA 177 -2.02 -40.47 -17.19
C ILE CA 177 -1.14 -39.49 -17.96
N PHE CA 178 -0.27 -40.00 -18.84
CA PHE CA 178 0.51 -39.10 -19.68
C PHE CA 178 -0.39 -38.30 -20.62
N ARG CA 179 -1.40 -38.96 -21.19
CA ARG CA 179 -2.40 -38.25 -21.98
C ARG CA 179 -3.07 -37.17 -21.14
N PHE CA 180 -3.39 -37.48 -19.88
CA PHE CA 180 -4.02 -36.47 -19.02
C PHE CA 180 -3.08 -35.29 -18.81
N LEU CA 181 -1.81 -35.56 -18.58
CA LEU CA 181 -0.83 -34.48 -18.41
C LEU CA 181 -0.81 -33.57 -19.62
N LEU CA 182 -0.65 -34.15 -20.81
CA LEU CA 182 -0.55 -33.33 -22.01
C LEU CA 182 -1.87 -32.68 -22.37
N PHE CA 183 -3.00 -33.34 -22.09
CA PHE CA 183 -4.31 -32.75 -22.35
C PHE CA 183 -4.55 -31.53 -21.46
N ILE CA 184 -4.21 -31.65 -20.17
CA ILE CA 184 -4.37 -30.52 -19.27
C ILE CA 184 -3.42 -29.40 -19.64
N GLN CA 185 -2.20 -29.73 -20.08
CA GLN CA 185 -1.30 -28.67 -20.54
C GLN CA 185 -1.85 -27.97 -21.77
N GLY CA 186 -2.36 -28.73 -22.75
CA GLY CA 186 -2.81 -28.13 -23.98
C GLY CA 186 -4.08 -27.31 -23.82
N PHE CA 187 -5.06 -27.83 -23.09
CA PHE CA 187 -6.33 -27.13 -22.93
C PHE CA 187 -6.35 -26.15 -21.77
N HIS CA 188 -5.40 -26.26 -20.84
CA HIS CA 188 -5.43 -25.49 -19.61
C HIS CA 188 -4.18 -24.67 -19.36
N ASN CA 189 -3.06 -24.99 -20.01
CA ASN CA 189 -1.78 -24.34 -19.74
C ASN CA 189 -1.46 -24.41 -18.25
N PHE CA 190 -1.51 -25.63 -17.71
CA PHE CA 190 -1.41 -25.83 -16.28
C PHE CA 190 -0.01 -25.53 -15.76
N THR CA 191 1.01 -25.56 -16.62
CA THR CA 191 2.35 -25.18 -16.19
C THR CA 191 2.38 -23.71 -15.80
N LEU CA 192 1.61 -22.88 -16.48
CA LEU CA 192 1.55 -21.46 -16.17
C LEU CA 192 0.75 -21.17 -14.90
N ASN CA 193 0.00 -22.14 -14.39
CA ASN CA 193 -0.81 -21.92 -13.20
C ASN CA 193 0.11 -21.78 -11.97
N PRO CA 194 0.00 -20.70 -11.20
CA PRO CA 194 0.91 -20.53 -10.06
C PRO CA 194 0.69 -21.53 -8.95
N PHE CA 195 -0.52 -22.05 -8.77
CA PHE CA 195 -0.74 -23.09 -7.76
C PHE CA 195 -0.02 -24.37 -8.14
N HIS CA 196 -0.02 -24.71 -9.43
CA HIS CA 196 0.80 -25.83 -9.88
C HIS CA 196 2.29 -25.54 -9.70
N MET CA 197 2.69 -24.28 -9.85
CA MET CA 197 4.08 -23.92 -9.57
C MET CA 197 4.42 -24.17 -8.11
N MET CA 198 3.52 -23.79 -7.20
CA MET CA 198 3.73 -24.09 -5.78
C MET CA 198 3.76 -25.58 -5.52
N GLY CA 199 2.92 -26.35 -6.22
CA GLY CA 199 2.98 -27.80 -6.08
C GLY CA 199 4.28 -28.40 -6.54
N VAL CA 200 4.79 -27.93 -7.68
CA VAL CA 200 6.10 -28.40 -8.16
C VAL CA 200 7.19 -28.01 -7.18
N ALA CA 201 7.14 -26.79 -6.66
CA ALA CA 201 8.11 -26.37 -5.66
C ALA CA 201 8.05 -27.26 -4.44
N GLY CA 202 6.85 -27.60 -3.99
CA GLY CA 202 6.72 -28.48 -2.83
C GLY CA 202 7.28 -29.87 -3.09
N ILE CA 203 6.97 -30.45 -4.26
CA ILE CA 203 7.44 -31.80 -4.56
C ILE CA 203 8.96 -31.82 -4.69
N LEU CA 204 9.52 -30.89 -5.45
CA LEU CA 204 10.97 -30.87 -5.65
C LEU CA 204 11.70 -30.50 -4.37
N GLY CA 205 11.14 -29.61 -3.55
CA GLY CA 205 11.75 -29.31 -2.27
C GLY CA 205 11.63 -30.45 -1.28
N ALA CA 206 10.57 -31.26 -1.38
CA ALA CA 206 10.47 -32.44 -0.54
C ALA CA 206 11.49 -33.49 -0.95
N ALA CA 207 11.69 -33.68 -2.24
CA ALA CA 207 12.77 -34.57 -2.69
C ALA CA 207 14.13 -34.04 -2.26
N LEU CA 208 14.33 -32.72 -2.37
CA LEU CA 208 15.57 -32.11 -1.90
C LEU CA 208 15.78 -32.35 -0.42
N LEU CA 209 14.73 -32.15 0.38
CA LEU CA 209 14.84 -32.35 1.82
C LEU CA 209 15.12 -33.81 2.16
N CYS CA 210 14.45 -34.73 1.48
CA CYS CA 210 14.69 -36.15 1.72
C CYS CA 210 16.13 -36.51 1.43
N ALA CA 211 16.63 -36.12 0.25
CA ALA CA 211 18.00 -36.45 -0.12
C ALA CA 211 19.01 -35.78 0.82
N ILE CA 212 18.80 -34.50 1.13
CA ILE CA 212 19.78 -33.78 1.93
C ILE CA 212 19.77 -34.25 3.38
N HIS CA 213 18.59 -34.60 3.94
CA HIS CA 213 18.53 -35.11 5.29
C HIS CA 213 19.15 -36.50 5.38
N GLY CA 214 18.87 -37.36 4.39
CA GLY CA 214 19.51 -38.66 4.38
C GLY CA 214 21.02 -38.56 4.30
N ALA CA 215 21.51 -37.71 3.39
CA ALA CA 215 22.96 -37.56 3.25
C ALA CA 215 23.58 -36.96 4.50
N THR CA 216 22.92 -35.95 5.09
CA THR CA 216 23.48 -35.31 6.28
C THR CA 216 23.53 -36.25 7.46
N VAL CA 217 22.47 -37.05 7.66
CA VAL CA 217 22.50 -38.00 8.76
C VAL CA 217 23.51 -39.10 8.51
N GLN CA 218 23.58 -39.63 7.29
CA GLN CA 218 24.53 -40.68 7.00
C GLN CA 218 25.97 -40.19 7.02
N ASN CA 219 26.19 -38.89 6.92
CA ASN CA 219 27.54 -38.34 6.86
C ASN CA 219 27.93 -37.60 8.13
N THR CA 220 27.09 -37.58 9.15
CA THR CA 220 27.42 -36.97 10.44
C THR CA 220 27.19 -37.94 11.59
N ILE CA 221 27.20 -39.24 11.30
CA ILE CA 221 27.02 -40.23 12.35
C ILE CA 221 28.21 -40.25 13.29
N PHE CA 222 27.98 -40.73 14.50
CA PHE CA 222 29.04 -40.95 15.45
C PHE CA 222 29.66 -42.32 15.23
N GLU CA 223 30.96 -42.42 15.53
CA GLU CA 223 31.67 -43.69 15.40
C GLU CA 223 31.30 -44.57 16.58
N ASP CA 224 30.22 -45.33 16.41
CA ASP CA 224 29.71 -46.19 17.47
C ASP CA 224 30.13 -47.64 17.30
N GLY CA 225 31.02 -47.93 16.36
CA GLY CA 225 31.47 -49.29 16.16
C GLY CA 225 32.80 -49.30 15.45
N ASP CA 226 33.46 -50.46 15.51
CA ASP CA 226 34.75 -50.64 14.85
C ASP CA 226 34.63 -51.10 13.41
N ALA CA 227 33.46 -51.56 12.99
CA ALA CA 227 33.27 -52.02 11.62
C ALA CA 227 33.20 -50.83 10.65
N ALA CA 228 33.76 -51.03 9.46
CA ALA CA 228 33.74 -49.98 8.44
C ALA CA 228 32.33 -49.72 7.94
N ASN CA 229 31.51 -50.76 7.79
CA ASN CA 229 30.10 -50.59 7.50
C ASN CA 229 29.38 -50.26 8.80
N THR CA 230 28.75 -49.08 8.85
CA THR CA 230 28.30 -48.49 10.10
C THR CA 230 26.82 -48.73 10.38
N PHE CA 231 26.16 -49.58 9.60
CA PHE CA 231 24.73 -49.80 9.82
C PHE CA 231 24.47 -50.60 11.09
N ARG CA 232 25.36 -51.53 11.45
CA ARG CA 232 25.16 -52.34 12.63
C ARG CA 232 25.46 -51.62 13.92
N ALA CA 233 26.02 -50.41 13.86
CA ALA CA 233 26.35 -49.65 15.06
C ALA CA 233 25.18 -48.77 15.50
N PHE CA 234 24.01 -49.39 15.64
CA PHE CA 234 22.82 -48.67 16.08
C PHE CA 234 21.83 -49.65 16.68
N THR CA 235 21.27 -49.29 17.83
CA THR CA 235 20.18 -50.04 18.43
C THR CA 235 18.96 -49.14 18.58
N PRO CA 236 17.77 -49.62 18.25
CA PRO CA 236 16.58 -48.77 18.35
C PRO CA 236 16.29 -48.28 19.76
N THR CA 237 16.72 -49.00 20.78
CA THR CA 237 16.39 -48.67 22.16
C THR CA 237 17.45 -47.80 22.84
N GLN CA 238 18.45 -47.34 22.10
CA GLN CA 238 19.48 -46.50 22.70
C GLN CA 238 18.94 -45.11 23.00
N ALA CA 239 19.54 -44.46 23.98
CA ALA CA 239 19.06 -43.16 24.42
C ALA CA 239 19.76 -42.00 23.71
N GLU CA 240 21.00 -42.17 23.29
CA GLU CA 240 21.75 -41.08 22.68
C GLU CA 240 21.43 -40.98 21.19
N GLU CA 241 21.69 -39.80 20.64
CA GLU CA 241 21.52 -39.58 19.22
C GLU CA 241 22.60 -40.32 18.44
N THR CA 242 22.24 -40.79 17.25
CA THR CA 242 23.16 -41.55 16.42
C THR CA 242 23.98 -40.68 15.48
N TYR CA 243 23.68 -39.39 15.37
CA TYR CA 243 24.44 -38.50 14.51
C TYR CA 243 24.57 -37.15 15.18
N SER CA 244 25.59 -36.40 14.76
CA SER CA 244 25.94 -35.13 15.37
C SER CA 244 25.12 -34.01 14.74
N MET CA 245 24.22 -33.42 15.52
CA MET CA 245 23.49 -32.26 15.04
C MET CA 245 24.36 -31.01 15.02
N VAL CA 246 25.31 -30.90 15.95
CA VAL CA 246 26.19 -29.74 15.97
C VAL CA 246 27.08 -29.71 14.75
N THR CA 247 27.68 -30.84 14.38
CA THR CA 247 28.55 -30.88 13.21
C THR CA 247 27.76 -30.61 11.94
N ALA CA 248 26.56 -31.18 11.82
CA ALA CA 248 25.73 -30.94 10.65
C ALA CA 248 25.33 -29.47 10.56
N ASN CA 249 24.96 -28.88 11.69
CA ASN CA 249 24.59 -27.47 11.70
C ASN CA 249 25.77 -26.59 11.30
N ARG CA 250 26.96 -26.90 11.80
CA ARG CA 250 28.15 -26.15 11.40
C ARG CA 250 28.41 -26.29 9.91
N PHE CA 251 28.31 -27.52 9.40
CA PHE CA 251 28.59 -27.78 7.99
C PHE CA 251 27.64 -26.98 7.10
N TRP CA 252 26.35 -27.03 7.39
CA TRP CA 252 25.41 -26.32 6.55
C TRP CA 252 25.36 -24.82 6.83
N SER CA 253 25.84 -24.38 7.99
CA SER CA 253 25.92 -22.95 8.24
C SER CA 253 27.06 -22.33 7.46
N GLN CA 254 28.18 -23.03 7.33
CA GLN CA 254 29.31 -22.49 6.60
C GLN CA 254 29.36 -22.94 5.14
N ILE CA 255 28.47 -23.83 4.72
CA ILE CA 255 28.36 -24.18 3.31
C ILE CA 255 27.22 -23.41 2.64
N PHE CA 256 26.05 -23.41 3.24
CA PHE CA 256 24.86 -22.82 2.64
C PHE CA 256 24.49 -21.46 3.23
N GLY CA 257 24.95 -21.16 4.44
CA GLY CA 257 24.65 -19.89 5.06
C GLY CA 257 23.67 -20.04 6.20
N VAL CA 258 22.67 -20.90 6.01
CA VAL CA 258 21.68 -21.20 7.04
C VAL CA 258 21.65 -22.72 7.22
N ALA CA 259 21.22 -23.13 8.41
CA ALA CA 259 21.15 -24.56 8.72
C ALA CA 259 20.10 -24.77 9.79
N PHE CA 260 19.57 -25.99 9.84
CA PHE CA 260 18.71 -26.37 10.94
C PHE CA 260 19.51 -26.49 12.23
N SER CA 261 18.94 -26.00 13.31
CA SER CA 261 19.47 -26.28 14.64
C SER CA 261 18.49 -27.05 15.50
N ASN CA 262 17.21 -27.10 15.14
CA ASN CA 262 16.19 -27.82 15.86
C ASN CA 262 15.79 -29.05 15.05
N LYS CA 263 15.95 -30.23 15.64
CA LYS CA 263 15.60 -31.47 14.95
C LYS CA 263 14.09 -31.55 14.72
N ARG CA 264 13.31 -31.14 15.71
CA ARG CA 264 11.85 -31.20 15.60
C ARG CA 264 11.34 -30.29 14.50
N TRP CA 265 11.88 -29.06 14.42
CA TRP CA 265 11.50 -28.16 13.35
C TRP CA 265 11.94 -28.70 12.00
N LEU CA 266 13.11 -29.35 11.95
CA LEU CA 266 13.56 -29.97 10.70
C LEU CA 266 12.56 -31.00 10.22
N HIS CA 267 12.11 -31.87 11.12
CA HIS CA 267 11.19 -32.93 10.69
C HIS CA 267 9.80 -32.40 10.42
N PHE CA 268 9.35 -31.37 11.12
CA PHE CA 268 8.08 -30.77 10.74
C PHE CA 268 8.18 -30.07 9.40
N PHE CA 269 9.33 -29.50 9.06
CA PHE CA 269 9.49 -28.91 7.73
C PHE CA 269 9.45 -29.98 6.66
N MET CA 270 10.10 -31.12 6.91
CA MET CA 270 10.00 -32.25 5.99
C MET CA 270 8.56 -32.73 5.85
N LEU CA 271 7.79 -32.66 6.92
CA LEU CA 271 6.37 -32.99 6.84
C LEU CA 271 5.59 -31.94 6.06
N PHE CA 272 5.95 -30.67 6.22
CA PHE CA 272 5.12 -29.57 5.75
C PHE CA 272 5.30 -29.30 4.26
N VAL CA 273 6.53 -29.37 3.76
CA VAL CA 273 6.78 -28.96 2.37
C VAL CA 273 5.96 -29.77 1.36
N PRO CA 274 6.01 -31.10 1.35
CA PRO CA 274 5.18 -31.84 0.38
C PRO CA 274 3.69 -31.69 0.62
N LEU CA 275 3.27 -31.60 1.87
CA LEU CA 275 1.85 -31.42 2.17
C LEU CA 275 1.35 -30.11 1.61
N ALA CA 276 2.09 -29.02 1.82
CA ALA CA 276 1.70 -27.73 1.27
C ALA CA 276 1.72 -27.75 -0.24
N GLY CA 277 2.72 -28.40 -0.84
CA GLY CA 277 2.75 -28.50 -2.29
C GLY CA 277 1.53 -29.21 -2.84
N LEU CA 278 1.17 -30.34 -2.24
CA LEU CA 278 0.00 -31.09 -2.70
C LEU CA 278 -1.27 -30.28 -2.52
N TRP CA 279 -1.44 -29.59 -1.39
CA TRP CA 279 -2.67 -28.85 -1.17
C TRP CA 279 -2.79 -27.66 -2.13
N THR CA 280 -1.69 -26.96 -2.39
CA THR CA 280 -1.76 -25.85 -3.33
C THR CA 280 -2.02 -26.34 -4.75
N SER CA 281 -1.40 -27.45 -5.15
CA SER CA 281 -1.72 -27.99 -6.47
C SER CA 281 -3.16 -28.47 -6.55
N ALA CA 282 -3.72 -28.97 -5.44
CA ALA CA 282 -5.12 -29.33 -5.42
C ALA CA 282 -6.00 -28.11 -5.62
N ILE CA 283 -5.63 -26.99 -5.00
CA ILE CA 283 -6.35 -25.73 -5.24
C ILE CA 283 -6.29 -25.37 -6.72
N GLY CA 284 -5.12 -25.55 -7.33
CA GLY CA 284 -5.00 -25.25 -8.75
C GLY CA 284 -5.88 -26.13 -9.62
N ILE CA 285 -5.93 -27.42 -9.33
CA ILE CA 285 -6.78 -28.32 -10.12
C ILE CA 285 -8.26 -28.02 -9.88
N VAL CA 286 -8.63 -27.67 -8.66
CA VAL CA 286 -10.02 -27.27 -8.40
C VAL CA 286 -10.36 -26.03 -9.20
N GLY CA 287 -9.41 -25.10 -9.32
CA GLY CA 287 -9.61 -23.96 -10.20
C GLY CA 287 -9.77 -24.36 -11.65
N LEU CA 288 -8.98 -25.34 -12.11
CA LEU CA 288 -9.11 -25.82 -13.47
C LEU CA 288 -10.43 -26.53 -13.73
N ALA CA 289 -11.06 -27.09 -12.69
CA ALA CA 289 -12.30 -27.83 -12.88
C ALA CA 289 -13.37 -26.99 -13.55
N LEU CA 290 -13.36 -25.68 -13.33
CA LEU CA 290 -14.34 -24.77 -13.90
C LEU CA 290 -13.76 -23.95 -15.05
N ASN CA 291 -12.64 -24.39 -15.62
CA ASN CA 291 -11.94 -23.65 -16.67
C ASN CA 291 -11.53 -22.26 -16.19
N LEU CA 292 -11.36 -22.09 -14.88
CA LEU CA 292 -10.83 -20.84 -14.31
C LEU CA 292 -9.32 -20.99 -14.19
N ARG CA 293 -8.63 -20.65 -15.27
CA ARG CA 293 -7.24 -20.99 -15.45
C ARG CA 293 -6.36 -19.76 -15.55
N ALA CA 294 -5.07 -19.97 -15.29
CA ALA CA 294 -4.05 -18.99 -15.63
C ALA CA 294 -3.51 -19.29 -17.02
N TYR CA 295 -4.41 -19.24 -18.00
CA TYR CA 295 -4.04 -19.61 -19.36
C TYR CA 295 -3.19 -18.55 -20.04
N ASP CA 296 -3.52 -17.27 -19.85
CA ASP CA 296 -2.90 -16.22 -20.61
C ASP CA 296 -2.57 -15.02 -19.73
N PHE CA 297 -1.57 -14.27 -20.15
CA PHE CA 297 -1.33 -12.92 -19.66
C PHE CA 297 -1.89 -11.96 -20.70
N VAL CA 298 -2.82 -11.10 -20.28
CA VAL CA 298 -3.56 -10.30 -21.24
C VAL CA 298 -2.66 -9.28 -21.92
N SER CA 299 -1.76 -8.65 -21.17
CA SER CA 299 -0.89 -7.64 -21.75
C SER CA 299 0.06 -8.23 -22.78
N GLN CA 300 0.58 -9.43 -22.52
CA GLN CA 300 1.44 -10.09 -23.49
C GLN CA 300 0.70 -10.39 -24.79
N GLU CA 301 -0.54 -10.85 -24.68
CA GLU CA 301 -1.33 -11.14 -25.88
C GLU CA 301 -1.66 -9.85 -26.63
N LEU CA 302 -1.98 -8.78 -25.92
CA LEU CA 302 -2.23 -7.50 -26.57
C LEU CA 302 -0.98 -6.99 -27.29
N ARG CA 303 0.18 -7.12 -26.66
CA ARG CA 303 1.41 -6.64 -27.29
C ARG CA 303 1.79 -7.52 -28.47
N ALA CA 304 1.49 -8.81 -28.42
CA ALA CA 304 1.76 -9.69 -29.56
C ALA CA 304 0.80 -9.43 -30.71
N ALA CA 305 -0.43 -9.03 -30.40
CA ALA CA 305 -1.38 -8.70 -31.45
C ALA CA 305 -1.06 -7.35 -32.09
N GLU CA 306 -0.64 -6.37 -31.30
CA GLU CA 306 -0.28 -5.07 -31.86
C GLU CA 306 1.07 -5.10 -32.55
N ASP CA 307 2.01 -5.91 -32.06
CA ASP CA 307 3.36 -5.98 -32.63
C ASP CA 307 3.64 -7.40 -33.10
N PRO CA 308 3.60 -7.68 -34.41
CA PRO CA 308 3.89 -9.03 -34.89
C PRO CA 308 5.32 -9.48 -34.61
N GLU CA 309 6.26 -8.56 -34.45
CA GLU CA 309 7.64 -8.94 -34.15
C GLU CA 309 7.87 -9.25 -32.68
N PHE CA 310 6.91 -8.95 -31.81
CA PHE CA 310 7.06 -9.23 -30.39
C PHE CA 310 6.78 -10.70 -30.13
N GLU CA 311 7.73 -11.38 -29.50
CA GLU CA 311 7.59 -12.80 -29.23
C GLU CA 311 8.36 -13.15 -27.96
N THR CA 312 7.72 -13.89 -27.07
CA THR CA 312 8.34 -14.44 -25.87
C THR CA 312 8.16 -15.95 -25.88
N PHE CA 313 8.78 -16.62 -24.91
CA PHE CA 313 8.56 -18.05 -24.77
C PHE CA 313 7.14 -18.37 -24.36
N TYR CA 314 6.46 -17.45 -23.69
CA TYR CA 314 5.07 -17.65 -23.32
C TYR CA 314 4.16 -17.72 -24.54
N THR CA 315 4.40 -16.88 -25.55
CA THR CA 315 3.62 -16.95 -26.78
C THR CA 315 3.87 -18.26 -27.51
N LYS CA 316 5.12 -18.73 -27.51
CA LYS CA 316 5.42 -20.03 -28.09
C LYS CA 316 4.70 -21.14 -27.36
N ASN CA 317 4.60 -21.04 -26.03
CA ASN CA 317 3.84 -22.01 -25.26
C ASN CA 317 2.36 -21.97 -25.64
N ILE CA 318 1.82 -20.78 -25.86
CA ILE CA 318 0.42 -20.65 -26.27
C ILE CA 318 0.20 -21.34 -27.61
N LEU CA 319 1.11 -21.14 -28.55
CA LEU CA 319 1.00 -21.80 -29.85
C LEU CA 319 1.13 -23.32 -29.72
N LEU CA 320 2.01 -23.79 -28.84
CA LEU CA 320 2.12 -25.23 -28.61
C LEU CA 320 0.83 -25.79 -28.01
N ASN CA 321 0.19 -25.03 -27.11
CA ASN CA 321 -1.09 -25.46 -26.57
C ASN CA 321 -2.16 -25.54 -27.66
N GLU CA 322 -2.16 -24.57 -28.57
CA GLU CA 322 -3.09 -24.63 -29.69
C GLU CA 322 -2.83 -25.88 -30.53
N GLY CA 323 -1.56 -26.18 -30.77
CA GLY CA 323 -1.23 -27.40 -31.51
C GLY CA 323 -1.72 -28.65 -30.80
N ILE CA 324 -1.51 -28.73 -29.49
CA ILE CA 324 -1.98 -29.87 -28.73
C ILE CA 324 -3.49 -30.02 -28.89
N ARG CA 325 -4.23 -28.94 -28.65
CA ARG CA 325 -5.68 -29.01 -28.70
C ARG CA 325 -6.16 -29.45 -30.08
N SER CA 326 -5.67 -28.79 -31.13
CA SER CA 326 -6.21 -29.03 -32.46
C SER CA 326 -5.80 -30.38 -33.02
N TRP CA 327 -4.58 -30.85 -32.75
CA TRP CA 327 -4.16 -32.14 -33.24
C TRP CA 327 -4.56 -33.28 -32.33
N MET CA 328 -5.10 -32.98 -31.15
CA MET CA 328 -5.49 -34.02 -30.20
C MET CA 328 -6.98 -34.22 -30.09
N ALA CA 329 -7.79 -33.20 -30.39
CA ALA CA 329 -9.21 -33.27 -30.11
C ALA CA 329 -9.96 -34.27 -31.00
N ALA CA 330 -9.49 -34.51 -32.22
CA ALA CA 330 -10.23 -35.37 -33.13
C ALA CA 330 -10.29 -36.82 -32.62
N GLN CA 331 -9.17 -37.34 -32.14
CA GLN CA 331 -9.13 -38.71 -31.64
C GLN CA 331 -9.24 -38.80 -30.13
N ASP CA 332 -9.00 -37.70 -29.42
CA ASP CA 332 -9.07 -37.71 -27.97
C ASP CA 332 -10.49 -37.55 -27.46
N GLN CA 333 -11.35 -36.87 -28.23
CA GLN CA 333 -12.77 -36.70 -27.90
C GLN CA 333 -13.56 -37.20 -29.10
N PRO CA 334 -13.67 -38.52 -29.27
CA PRO CA 334 -14.36 -39.05 -30.45
C PRO CA 334 -15.85 -38.84 -30.45
N HIS CA 335 -16.45 -38.58 -29.29
CA HIS CA 335 -17.89 -38.35 -29.22
C HIS CA 335 -18.30 -37.03 -29.88
N GLU CA 336 -17.40 -36.06 -29.95
CA GLU CA 336 -17.71 -34.78 -30.57
C GLU CA 336 -17.70 -34.85 -32.08
N ASN CA 337 -17.11 -35.89 -32.66
CA ASN CA 337 -16.98 -36.03 -34.12
C ASN CA 337 -16.29 -34.80 -34.72
N PHE CA 338 -15.13 -34.48 -34.18
CA PHE CA 338 -14.34 -33.36 -34.68
C PHE CA 338 -13.70 -33.76 -36.01
N ILE CA 339 -14.07 -33.08 -37.08
CA ILE CA 339 -13.45 -33.26 -38.39
C ILE CA 339 -12.70 -31.98 -38.70
N PHE CA 340 -11.40 -31.99 -38.48
CA PHE CA 340 -10.56 -30.83 -38.76
C PHE CA 340 -9.83 -31.04 -40.07
N PRO CA 341 -10.09 -30.24 -41.10
CA PRO CA 341 -9.31 -30.35 -42.34
C PRO CA 341 -7.87 -29.96 -42.11
N GLU CA 342 -7.02 -30.35 -43.07
CA GLU CA 342 -5.59 -30.09 -42.94
C GLU CA 342 -5.27 -28.60 -42.99
N GLU CA 343 -6.15 -27.78 -43.54
CA GLU CA 343 -5.86 -26.34 -43.63
C GLU CA 343 -6.15 -25.61 -42.33
N VAL CA 344 -7.11 -26.10 -41.54
CA VAL CA 344 -7.39 -25.47 -40.25
C VAL CA 344 -6.46 -25.96 -39.15
N LEU CA 345 -5.74 -27.05 -39.38
CA LEU CA 345 -4.80 -27.53 -38.38
C LEU CA 345 -3.60 -26.60 -38.30
N PRO CA 346 -3.26 -26.08 -37.13
CA PRO CA 346 -2.11 -25.18 -37.02
C PRO CA 346 -0.81 -25.90 -37.31
N ARG CA 347 0.08 -25.18 -38.01
CA ARG CA 347 1.41 -25.68 -38.32
C ARG CA 347 2.40 -24.55 -38.15
N GLY CA 348 3.67 -24.93 -37.92
CA GLY CA 348 4.71 -23.93 -37.78
C GLY CA 348 5.10 -23.27 -39.09
N ASN CA 349 4.82 -23.92 -40.21
CA ASN CA 349 5.11 -23.37 -41.53
C ASN CA 349 3.96 -22.54 -42.09
N ALA CA 350 2.94 -22.25 -41.29
CA ALA CA 350 1.72 -21.63 -41.76
C ALA CA 350 1.55 -20.21 -41.23
N LEU CA 351 2.63 -19.44 -41.20
CA LEU CA 351 2.54 -18.03 -40.90
C LEU CA 351 3.65 -17.23 -41.58
N GLY DA 7 -0.48 -67.40 18.83
CA GLY DA 7 0.14 -66.34 18.08
C GLY DA 7 0.12 -66.55 16.58
N GLU DA 8 0.97 -65.85 15.86
CA GLU DA 8 1.06 -65.96 14.42
C GLU DA 8 1.78 -67.25 14.03
N ARG DA 9 1.36 -67.82 12.90
CA ARG DA 9 1.92 -69.09 12.46
C ARG DA 9 3.27 -68.87 11.77
N PRO DA 10 4.34 -69.51 12.21
CA PRO DA 10 5.66 -69.27 11.61
C PRO DA 10 5.76 -69.82 10.19
N PHE DA 11 6.73 -69.27 9.45
CA PHE DA 11 6.98 -69.67 8.07
C PHE DA 11 7.44 -71.12 7.98
N SER DA 12 8.29 -71.57 8.91
CA SER DA 12 8.78 -72.95 8.89
C SER DA 12 7.63 -73.94 9.05
N ASP DA 13 6.72 -73.68 9.99
CA ASP DA 13 5.57 -74.56 10.14
C ASP DA 13 4.66 -74.52 8.93
N ILE DA 14 4.62 -73.38 8.23
CA ILE DA 14 3.81 -73.28 7.02
C ILE DA 14 4.38 -74.16 5.91
N ILE DA 15 5.69 -74.07 5.69
CA ILE DA 15 6.28 -74.77 4.55
C ILE DA 15 6.67 -76.21 4.85
N THR DA 16 6.68 -76.62 6.12
CA THR DA 16 6.97 -78.01 6.46
C THR DA 16 5.70 -78.86 6.58
N SER DA 17 4.53 -78.27 6.34
CA SER DA 17 3.28 -79.01 6.44
C SER DA 17 3.03 -79.81 5.17
N ILE DA 18 2.70 -81.09 5.33
CA ILE DA 18 2.46 -81.96 4.18
C ILE DA 18 1.15 -81.59 3.49
N ARG DA 19 0.11 -81.25 4.25
CA ARG DA 19 -1.16 -80.86 3.66
C ARG DA 19 -1.02 -79.59 2.84
N TYR DA 20 -0.20 -78.66 3.33
CA TYR DA 20 0.01 -77.37 2.67
C TYR DA 20 0.46 -77.53 1.22
N TRP DA 21 1.21 -78.58 0.92
CA TRP DA 21 1.70 -78.79 -0.44
C TRP DA 21 0.73 -79.58 -1.30
N ILE DA 22 0.08 -80.59 -0.75
CA ILE DA 22 -0.82 -81.41 -1.57
C ILE DA 22 -2.09 -80.65 -1.94
N ILE DA 23 -2.67 -79.88 -1.03
CA ILE DA 23 -3.86 -79.13 -1.43
C ILE DA 23 -3.49 -78.09 -2.50
N HIS DA 24 -2.30 -77.50 -2.41
CA HIS DA 24 -1.84 -76.61 -3.48
C HIS DA 24 -1.71 -77.36 -4.79
N SER DA 25 -1.03 -78.51 -4.78
CA SER DA 25 -0.79 -79.26 -6.00
C SER DA 25 -2.07 -79.83 -6.60
N ILE DA 26 -3.16 -79.90 -5.85
CA ILE DA 26 -4.43 -80.28 -6.45
C ILE DA 26 -5.30 -79.08 -6.84
N THR DA 27 -5.06 -77.91 -6.25
CA THR DA 27 -5.92 -76.76 -6.54
C THR DA 27 -5.33 -75.76 -7.52
N ILE DA 28 -4.12 -75.26 -7.27
CA ILE DA 28 -3.65 -74.06 -7.97
C ILE DA 28 -3.35 -74.30 -9.46
N PRO DA 29 -2.85 -75.45 -9.91
CA PRO DA 29 -2.80 -75.65 -11.36
C PRO DA 29 -4.17 -75.65 -12.00
N ALA DA 30 -5.20 -76.08 -11.28
CA ALA DA 30 -6.56 -75.95 -11.78
C ALA DA 30 -6.95 -74.50 -11.95
N LEU DA 31 -6.55 -73.62 -11.02
CA LEU DA 31 -6.81 -72.20 -11.20
C LEU DA 31 -6.06 -71.63 -12.40
N TYR DA 32 -4.80 -72.04 -12.58
CA TYR DA 32 -4.02 -71.57 -13.72
C TYR DA 32 -4.68 -71.99 -15.03
N VAL DA 33 -5.05 -73.26 -15.14
CA VAL DA 33 -5.71 -73.75 -16.35
C VAL DA 33 -7.09 -73.11 -16.49
N ALA DA 34 -7.75 -72.79 -15.39
CA ALA DA 34 -9.04 -72.13 -15.45
C ALA DA 34 -8.91 -70.75 -16.08
N GLY DA 35 -7.89 -70.00 -15.69
CA GLY DA 35 -7.63 -68.73 -16.35
C GLY DA 35 -7.25 -68.90 -17.80
N TRP DA 36 -6.41 -69.90 -18.09
CA TRP DA 36 -6.00 -70.14 -19.47
C TRP DA 36 -7.19 -70.46 -20.36
N LEU DA 37 -8.13 -71.26 -19.86
CA LEU DA 37 -9.33 -71.60 -20.62
C LEU DA 37 -10.38 -70.49 -20.59
N PHE DA 38 -10.35 -69.63 -19.57
CA PHE DA 38 -11.20 -68.45 -19.56
C PHE DA 38 -10.80 -67.49 -20.67
N VAL DA 39 -9.50 -67.42 -20.98
CA VAL DA 39 -9.07 -66.61 -22.11
C VAL DA 39 -9.25 -67.36 -23.43
N SER DA 40 -8.75 -68.59 -23.51
CA SER DA 40 -8.60 -69.29 -24.78
C SER DA 40 -9.92 -69.75 -25.38
N THR DA 41 -10.95 -69.96 -24.58
CA THR DA 41 -12.24 -70.37 -25.10
C THR DA 41 -13.12 -69.20 -25.52
N GLY DA 42 -12.61 -67.98 -25.43
CA GLY DA 42 -13.39 -66.81 -25.79
C GLY DA 42 -14.39 -66.38 -24.74
N LEU DA 43 -14.29 -66.92 -23.52
CA LEU DA 43 -15.27 -66.57 -22.50
C LEU DA 43 -15.04 -65.16 -21.96
N ALA DA 44 -13.79 -64.70 -21.92
CA ALA DA 44 -13.51 -63.36 -21.43
C ALA DA 44 -14.12 -62.29 -22.32
N TYR DA 45 -14.05 -62.47 -23.64
CA TYR DA 45 -14.64 -61.51 -24.57
C TYR DA 45 -16.13 -61.40 -24.35
N ASP DA 46 -16.81 -62.53 -24.16
CA ASP DA 46 -18.25 -62.53 -23.98
C ASP DA 46 -18.66 -61.97 -22.61
N ILE DA 47 -17.88 -62.26 -21.57
CA ILE DA 47 -18.22 -61.78 -20.23
C ILE DA 47 -18.02 -60.28 -20.14
N PHE DA 48 -16.86 -59.78 -20.57
CA PHE DA 48 -16.52 -58.38 -20.37
C PHE DA 48 -16.86 -57.50 -21.56
N GLY DA 49 -17.40 -58.06 -22.64
CA GLY DA 49 -17.73 -57.26 -23.79
C GLY DA 49 -16.55 -56.78 -24.61
N THR DA 50 -15.37 -57.33 -24.38
CA THR DA 50 -14.20 -56.93 -25.15
C THR DA 50 -14.30 -57.48 -26.57
N PRO DA 51 -14.11 -56.66 -27.59
CA PRO DA 51 -14.23 -57.16 -28.96
C PRO DA 51 -13.14 -58.15 -29.31
N ARG DA 52 -13.50 -59.11 -30.15
CA ARG DA 52 -12.51 -59.97 -30.78
C ARG DA 52 -11.73 -59.17 -31.82
N PRO DA 53 -10.55 -59.64 -32.22
CA PRO DA 53 -9.79 -58.93 -33.25
C PRO DA 53 -10.55 -58.78 -34.56
N ASN DA 54 -11.55 -59.60 -34.81
CA ASN DA 54 -12.39 -59.48 -36.00
C ASN DA 54 -13.70 -58.77 -35.71
N GLU DA 55 -13.84 -58.12 -34.55
CA GLU DA 55 -15.11 -57.53 -34.15
C GLU DA 55 -15.01 -56.05 -33.79
N TYR DA 56 -13.89 -55.40 -34.08
CA TYR DA 56 -13.81 -53.97 -33.85
C TYR DA 56 -14.71 -53.20 -34.80
N PHE DA 57 -14.71 -53.59 -36.07
CA PHE DA 57 -15.56 -52.96 -37.08
C PHE DA 57 -16.43 -54.02 -37.73
N THR DA 58 -17.66 -53.63 -38.06
CA THR DA 58 -18.58 -54.50 -38.78
C THR DA 58 -18.65 -54.05 -40.23
N GLN DA 59 -19.50 -54.71 -41.02
CA GLN DA 59 -19.65 -54.33 -42.42
C GLN DA 59 -20.36 -52.98 -42.56
N ASP DA 60 -21.39 -52.76 -41.74
CA ASP DA 60 -22.13 -51.50 -41.82
C ASP DA 60 -21.47 -50.38 -41.04
N ARG DA 61 -20.78 -50.70 -39.95
CA ARG DA 61 -20.13 -49.70 -39.11
C ARG DA 61 -18.62 -49.81 -39.33
N GLN DA 62 -18.05 -48.82 -40.02
CA GLN DA 62 -16.61 -48.72 -40.23
C GLN DA 62 -15.99 -47.62 -39.39
N GLN DA 63 -16.71 -47.09 -38.42
CA GLN DA 63 -16.24 -46.00 -37.57
C GLN DA 63 -16.21 -46.45 -36.11
N VAL DA 64 -15.84 -45.53 -35.24
CA VAL DA 64 -15.78 -45.79 -33.81
C VAL DA 64 -17.19 -45.85 -33.23
N PRO DA 65 -17.56 -46.92 -32.55
CA PRO DA 65 -18.92 -47.08 -32.00
C PRO DA 65 -19.15 -46.27 -30.73
N LEU DA 66 -19.41 -44.98 -30.90
CA LEU DA 66 -19.62 -44.11 -29.76
C LEU DA 66 -21.05 -44.24 -29.22
N VAL DA 67 -21.18 -44.25 -27.90
CA VAL DA 67 -22.48 -44.24 -27.24
C VAL DA 67 -22.86 -42.79 -26.99
N ASN DA 68 -24.00 -42.37 -27.52
CA ASN DA 68 -24.36 -40.96 -27.53
C ASN DA 68 -25.56 -40.62 -26.65
N ASP DA 69 -26.16 -41.60 -25.98
CA ASP DA 69 -27.25 -41.34 -25.05
C ASP DA 69 -27.01 -42.09 -23.76
N ARG DA 70 -27.44 -41.49 -22.65
CA ARG DA 70 -27.13 -42.03 -21.34
C ARG DA 70 -28.08 -43.16 -20.96
N PHE DA 71 -29.39 -42.91 -21.02
CA PHE DA 71 -30.37 -43.84 -20.49
C PHE DA 71 -30.78 -44.92 -21.49
N SER DA 72 -30.35 -44.83 -22.74
CA SER DA 72 -30.56 -45.88 -23.72
C SER DA 72 -29.24 -46.53 -24.13
N ALA DA 73 -28.26 -46.52 -23.21
CA ALA DA 73 -26.94 -47.06 -23.53
C ALA DA 73 -26.99 -48.57 -23.73
N LYS DA 74 -27.79 -49.28 -22.95
CA LYS DA 74 -27.88 -50.73 -23.10
C LYS DA 74 -28.43 -51.10 -24.48
N GLN DA 75 -29.49 -50.41 -24.93
CA GLN DA 75 -30.05 -50.69 -26.24
C GLN DA 75 -29.08 -50.33 -27.36
N GLU DA 76 -28.38 -49.20 -27.22
CA GLU DA 76 -27.41 -48.81 -28.24
C GLU DA 76 -26.25 -49.80 -28.31
N LEU DA 77 -25.78 -50.29 -27.16
CA LEU DA 77 -24.73 -51.29 -27.18
C LEU DA 77 -25.22 -52.61 -27.79
N GLU DA 78 -26.47 -52.99 -27.51
CA GLU DA 78 -27.01 -54.19 -28.13
C GLU DA 78 -27.16 -54.03 -29.64
N ASP DA 79 -27.46 -52.81 -30.10
CA ASP DA 79 -27.54 -52.56 -31.54
C ASP DA 79 -26.16 -52.58 -32.17
N LEU DA 80 -25.15 -52.02 -31.48
CA LEU DA 80 -23.81 -51.95 -32.03
C LEU DA 80 -23.09 -53.30 -32.00
N THR DA 81 -23.36 -54.14 -31.02
CA THR DA 81 -22.66 -55.40 -30.85
C THR DA 81 -23.41 -56.59 -31.41
N LYS DA 82 -24.54 -56.37 -32.07
CA LYS DA 82 -25.25 -57.49 -32.68
C LYS DA 82 -24.55 -57.93 -33.97
N GLY DA 83 -24.73 -59.19 -34.31
CA GLY DA 83 -24.12 -59.75 -35.50
C GLY DA 83 -22.63 -60.01 -35.34
N PHE EA 13 -7.25 -70.41 8.38
CA PHE EA 13 -8.52 -70.30 9.08
C PHE EA 13 -8.64 -68.96 9.78
N THR EA 14 -7.53 -68.25 9.87
CA THR EA 14 -7.49 -66.96 10.55
C THR EA 14 -7.85 -65.84 9.57
N PHE EA 15 -7.74 -64.59 10.01
CA PHE EA 15 -7.97 -63.46 9.12
C PHE EA 15 -6.82 -63.30 8.13
N ARG EA 16 -5.60 -63.67 8.53
CA ARG EA 16 -4.48 -63.60 7.60
C ARG EA 16 -4.63 -64.60 6.48
N TRP EA 17 -5.21 -65.78 6.76
CA TRP EA 17 -5.50 -66.75 5.71
C TRP EA 17 -6.46 -66.16 4.67
N LEU EA 18 -7.51 -65.49 5.15
CA LEU EA 18 -8.46 -64.87 4.22
C LEU EA 18 -7.84 -63.70 3.46
N ALA EA 19 -6.96 -62.93 4.12
CA ALA EA 19 -6.30 -61.83 3.45
C ALA EA 19 -5.36 -62.31 2.36
N ILE EA 20 -4.66 -63.42 2.61
CA ILE EA 20 -3.77 -63.98 1.59
C ILE EA 20 -4.58 -64.58 0.45
N HIS EA 21 -5.61 -65.36 0.78
CA HIS EA 21 -6.38 -66.05 -0.26
C HIS EA 21 -7.23 -65.08 -1.08
N GLY EA 22 -7.55 -63.90 -0.54
CA GLY EA 22 -8.21 -62.89 -1.35
C GLY EA 22 -7.29 -62.37 -2.45
N LEU EA 23 -6.00 -62.28 -2.17
CA LEU EA 23 -5.02 -61.74 -3.10
C LEU EA 23 -4.21 -62.83 -3.80
N ALA EA 24 -4.63 -64.10 -3.70
CA ALA EA 24 -3.87 -65.18 -4.30
C ALA EA 24 -4.65 -65.92 -5.37
N VAL EA 25 -5.89 -66.31 -5.10
CA VAL EA 25 -6.69 -67.06 -6.08
C VAL EA 25 -6.90 -66.22 -7.33
N PRO EA 26 -7.40 -64.98 -7.25
CA PRO EA 26 -7.50 -64.17 -8.46
C PRO EA 26 -6.14 -63.81 -9.04
N THR EA 27 -5.09 -63.77 -8.22
CA THR EA 27 -3.76 -63.51 -8.75
C THR EA 27 -3.30 -64.64 -9.66
N VAL EA 28 -3.47 -65.89 -9.22
CA VAL EA 28 -3.11 -67.03 -10.07
C VAL EA 28 -4.01 -67.08 -11.29
N PHE EA 29 -5.31 -66.81 -11.10
CA PHE EA 29 -6.23 -66.81 -12.23
C PHE EA 29 -5.82 -65.79 -13.28
N PHE EA 30 -5.47 -64.57 -12.84
CA PHE EA 30 -5.05 -63.52 -13.77
C PHE EA 30 -3.71 -63.84 -14.40
N LEU EA 31 -2.77 -64.44 -13.65
CA LEU EA 31 -1.49 -64.80 -14.25
C LEU EA 31 -1.67 -65.86 -15.33
N GLY EA 32 -2.53 -66.85 -15.08
CA GLY EA 32 -2.85 -67.81 -16.11
C GLY EA 32 -3.52 -67.17 -17.32
N ALA EA 33 -4.43 -66.22 -17.07
CA ALA EA 33 -5.10 -65.54 -18.17
C ALA EA 33 -4.11 -64.75 -19.02
N ILE EA 34 -3.16 -64.06 -18.37
CA ILE EA 34 -2.19 -63.26 -19.11
C ILE EA 34 -1.22 -64.15 -19.86
N THR EA 35 -0.80 -65.27 -19.26
CA THR EA 35 0.06 -66.20 -19.97
C THR EA 35 -0.66 -66.79 -21.17
N SER EA 36 -1.97 -67.03 -21.05
CA SER EA 36 -2.75 -67.47 -22.20
C SER EA 36 -2.82 -66.38 -23.27
N MET EA 37 -2.99 -65.13 -22.85
CA MET EA 37 -3.07 -64.02 -23.78
C MET EA 37 -1.76 -63.76 -24.50
N GLN EA 38 -0.64 -64.18 -23.92
CA GLN EA 38 0.64 -64.02 -24.60
C GLN EA 38 0.72 -64.81 -25.89
N PHE EA 39 -0.11 -65.84 -26.05
CA PHE EA 39 -0.05 -66.71 -27.22
C PHE EA 39 -1.18 -66.46 -28.21
N ILE EA 40 -1.91 -65.35 -28.07
CA ILE EA 40 -2.92 -64.98 -29.04
C ILE EA 40 -2.23 -64.38 -30.26
N GLN EA 41 -2.55 -64.92 -31.44
CA GLN EA 41 -1.95 -64.44 -32.68
C GLN EA 41 -2.51 -63.07 -33.04
N ARG EA 42 -1.69 -62.04 -32.90
CA ARG EA 42 -2.11 -60.68 -33.18
C ARG EA 42 -2.10 -60.40 -34.68
N UNK FA 1 87.50 -39.56 -9.42
CA UNK FA 1 87.56 -39.62 -7.96
C UNK FA 1 88.62 -38.66 -7.43
N UNK FA 2 88.60 -38.43 -6.11
CA UNK FA 2 89.50 -37.48 -5.47
C UNK FA 2 90.91 -38.02 -5.29
N UNK FA 3 91.12 -39.32 -5.46
CA UNK FA 3 92.43 -39.93 -5.30
C UNK FA 3 93.06 -40.20 -6.66
N UNK FA 4 94.39 -40.03 -6.72
CA UNK FA 4 95.10 -40.30 -7.97
C UNK FA 4 95.09 -41.79 -8.29
N UNK FA 5 95.63 -42.61 -7.40
CA UNK FA 5 95.52 -44.05 -7.54
C UNK FA 5 94.15 -44.52 -7.05
N UNK FA 6 93.80 -45.74 -7.42
CA UNK FA 6 92.50 -46.28 -7.01
C UNK FA 6 92.51 -46.63 -5.52
N UNK FA 7 91.33 -46.61 -4.93
CA UNK FA 7 91.19 -47.00 -3.54
C UNK FA 7 91.32 -48.51 -3.41
N UNK FA 8 91.53 -48.95 -2.17
CA UNK FA 8 91.66 -50.37 -1.90
C UNK FA 8 90.35 -51.11 -2.17
N UNK FA 9 90.46 -52.28 -2.79
CA UNK FA 9 89.31 -53.11 -3.14
C UNK FA 9 88.30 -52.33 -4.00
N UNK FA 10 88.83 -51.63 -5.00
CA UNK FA 10 87.98 -50.91 -5.93
C UNK FA 10 87.29 -51.87 -6.89
N UNK FA 11 86.08 -51.49 -7.32
CA UNK FA 11 85.28 -52.33 -8.20
C UNK FA 11 85.67 -52.21 -9.67
N UNK FA 12 86.62 -51.33 -10.00
CA UNK FA 12 87.13 -51.15 -11.36
C UNK FA 12 86.05 -50.70 -12.33
N UNK FA 13 86.45 -50.46 -13.59
CA UNK FA 13 85.53 -49.94 -14.60
C UNK FA 13 84.77 -51.09 -15.22
N UNK FA 14 83.46 -51.16 -14.94
CA UNK FA 14 82.62 -52.22 -15.49
C UNK FA 14 81.21 -51.67 -15.63
N UNK FA 15 80.78 -51.44 -16.87
CA UNK FA 15 79.44 -50.95 -17.18
C UNK FA 15 79.16 -49.62 -16.51
N UNK FA 16 78.23 -49.61 -15.55
CA UNK FA 16 77.78 -48.39 -14.90
C UNK FA 16 78.56 -48.06 -13.64
N UNK FA 17 79.59 -48.85 -13.32
CA UNK FA 17 80.43 -48.50 -12.17
C UNK FA 17 81.21 -47.22 -12.42
N UNK FA 18 81.48 -46.89 -13.68
CA UNK FA 18 82.23 -45.70 -14.03
C UNK FA 18 81.37 -44.45 -14.16
N UNK FA 19 80.04 -44.60 -14.17
CA UNK FA 19 79.17 -43.44 -14.37
C UNK FA 19 79.17 -42.53 -13.14
N UNK FA 20 78.98 -43.10 -11.96
CA UNK FA 20 79.01 -42.33 -10.72
C UNK FA 20 80.41 -42.36 -10.12
N UNK FA 21 80.55 -41.90 -8.89
CA UNK FA 21 81.85 -41.89 -8.20
C UNK FA 21 82.07 -43.20 -7.44
N UNK FA 22 81.92 -44.32 -8.13
CA UNK FA 22 82.14 -45.63 -7.54
C UNK FA 22 83.19 -46.44 -8.28
N UNK FA 23 83.78 -45.90 -9.35
CA UNK FA 23 84.84 -46.62 -10.05
C UNK FA 23 86.10 -46.72 -9.20
N UNK FA 24 86.42 -45.67 -8.45
CA UNK FA 24 87.57 -45.63 -7.55
C UNK FA 24 87.06 -45.30 -6.15
N UNK FA 25 86.62 -46.33 -5.43
CA UNK FA 25 86.12 -46.17 -4.07
C UNK FA 25 86.07 -47.53 -3.41
N UNK FA 26 85.98 -47.52 -2.09
CA UNK FA 26 85.86 -48.74 -1.33
C UNK FA 26 84.40 -49.23 -1.33
N UNK FA 27 84.20 -50.46 -0.85
CA UNK FA 27 82.86 -51.00 -0.78
C UNK FA 27 82.03 -50.26 0.28
N UNK FA 28 82.62 -49.98 1.43
CA UNK FA 28 81.90 -49.24 2.47
C UNK FA 28 81.63 -47.80 2.04
N UNK FA 29 82.60 -47.16 1.37
CA UNK FA 29 82.36 -45.81 0.86
C UNK FA 29 81.25 -45.81 -0.19
N UNK FA 30 81.24 -46.83 -1.06
CA UNK FA 30 80.17 -46.94 -2.04
C UNK FA 30 78.82 -47.15 -1.38
N UNK FA 31 78.78 -47.97 -0.32
CA UNK FA 31 77.53 -48.17 0.40
C UNK FA 31 77.05 -46.88 1.06
N UNK FA 32 77.98 -46.12 1.66
CA UNK FA 32 77.59 -44.85 2.27
C UNK FA 32 77.09 -43.86 1.22
N UNK FA 33 77.75 -43.79 0.07
CA UNK FA 33 77.30 -42.91 -0.99
C UNK FA 33 75.92 -43.34 -1.52
N UNK FA 34 75.70 -44.65 -1.64
CA UNK FA 34 74.39 -45.13 -2.08
C UNK FA 34 73.31 -44.79 -1.06
N UNK FA 35 73.62 -44.93 0.23
CA UNK FA 35 72.66 -44.56 1.26
C UNK FA 35 72.34 -43.07 1.21
N UNK FA 36 73.36 -42.23 1.03
CA UNK FA 36 73.14 -40.80 0.93
C UNK FA 36 72.30 -40.45 -0.29
N UNK FA 37 72.57 -41.10 -1.43
CA UNK FA 37 71.81 -40.83 -2.65
C UNK FA 37 70.38 -41.32 -2.53
N UNK FA 38 70.15 -42.44 -1.83
CA UNK FA 38 68.79 -42.90 -1.61
C UNK FA 38 68.04 -42.00 -0.65
N UNK FA 39 68.73 -41.42 0.33
CA UNK FA 39 68.07 -40.52 1.28
C UNK FA 39 67.81 -39.15 0.68
N UNK FA 40 68.68 -38.67 -0.22
CA UNK FA 40 68.60 -37.30 -0.71
C UNK FA 40 68.17 -37.19 -2.16
N UNK FA 41 67.79 -38.29 -2.80
CA UNK FA 41 67.38 -38.23 -4.19
C UNK FA 41 66.33 -39.30 -4.46
N UNK FA 42 65.52 -39.06 -5.48
CA UNK FA 42 64.47 -39.99 -5.90
C UNK FA 42 64.89 -40.88 -7.06
N UNK FA 43 66.12 -40.76 -7.54
CA UNK FA 43 66.60 -41.56 -8.67
C UNK FA 43 67.23 -42.87 -8.21
N UNK FA 44 66.50 -43.61 -7.39
CA UNK FA 44 66.93 -44.93 -6.92
C UNK FA 44 65.67 -45.71 -6.59
N UNK FA 45 65.34 -46.70 -7.42
CA UNK FA 45 64.03 -47.32 -7.35
C UNK FA 45 64.13 -48.80 -7.68
N UNK FA 46 63.07 -49.53 -7.33
CA UNK FA 46 63.01 -50.96 -7.57
C UNK FA 46 62.76 -51.25 -9.05
N UNK FA 47 63.40 -52.30 -9.54
CA UNK FA 47 63.25 -52.68 -10.94
C UNK FA 47 62.01 -53.54 -11.13
N UNK FA 48 61.76 -53.95 -12.37
CA UNK FA 48 60.60 -54.76 -12.68
C UNK FA 48 60.79 -56.18 -12.17
N UNK FA 49 59.68 -56.93 -12.12
CA UNK FA 49 59.72 -58.30 -11.67
C UNK FA 49 60.49 -59.18 -12.64
N UNK FA 50 61.00 -60.30 -12.13
CA UNK FA 50 61.79 -61.25 -12.91
C UNK FA 50 62.99 -60.58 -13.57
N UNK FA 51 63.66 -59.70 -12.81
CA UNK FA 51 64.88 -59.07 -13.24
C UNK FA 51 66.10 -59.42 -12.40
N UNK FA 52 65.89 -59.98 -11.20
CA UNK FA 52 66.98 -60.46 -10.34
C UNK FA 52 67.92 -59.34 -9.92
N UNK FA 53 67.40 -58.11 -9.80
CA UNK FA 53 68.20 -56.98 -9.31
C UNK FA 53 67.26 -56.00 -8.61
N UNK FA 54 67.14 -56.16 -7.29
CA UNK FA 54 66.33 -55.26 -6.45
C UNK FA 54 64.90 -55.13 -6.98
N UNK FA 55 64.27 -56.29 -7.21
CA UNK FA 55 62.93 -56.33 -7.76
C UNK FA 55 61.85 -56.37 -6.69
N UNK FA 56 62.22 -56.32 -5.41
CA UNK FA 56 61.28 -56.49 -4.31
C UNK FA 56 61.29 -55.28 -3.40
N UNK FA 57 60.10 -54.79 -3.06
CA UNK FA 57 59.88 -53.78 -2.00
C UNK FA 57 60.63 -52.50 -2.39
N UNK FA 58 61.18 -51.78 -1.42
CA UNK FA 58 61.85 -50.51 -1.66
C UNK FA 58 62.99 -50.35 -0.65
N UNK FA 59 63.86 -49.38 -0.93
CA UNK FA 59 65.01 -49.13 -0.08
C UNK FA 59 64.69 -48.03 0.93
N UNK FA 60 65.03 -48.29 2.19
CA UNK FA 60 64.87 -47.31 3.28
C UNK FA 60 63.42 -46.87 3.42
N UNK FA 61 62.52 -47.84 3.57
CA UNK FA 61 61.13 -47.52 3.85
C UNK FA 61 60.99 -47.09 5.31
N UNK FA 62 60.16 -46.07 5.53
CA UNK FA 62 59.98 -45.51 6.86
C UNK FA 62 58.96 -46.34 7.65
N UNK FA 63 58.59 -45.87 8.83
CA UNK FA 63 57.63 -46.53 9.69
C UNK FA 63 56.28 -45.83 9.63
N UNK FA 64 55.24 -46.55 10.03
CA UNK FA 64 53.88 -46.02 10.03
C UNK FA 64 53.68 -45.05 11.18
N MET GA 1 38.02 -5.47 -27.65
CA MET GA 1 37.63 -6.81 -27.23
C MET GA 1 38.85 -7.61 -26.79
N PHE GA 2 40.03 -7.19 -27.25
CA PHE GA 2 41.26 -7.88 -26.84
C PHE GA 2 41.61 -7.57 -25.39
N THR GA 3 41.37 -6.33 -24.94
CA THR GA 3 41.65 -5.99 -23.56
C THR GA 3 40.79 -6.80 -22.61
N LEU GA 4 39.51 -6.94 -22.92
CA LEU GA 4 38.64 -7.79 -22.10
C LEU GA 4 39.11 -9.23 -22.12
N LYS GA 5 39.55 -9.71 -23.28
CA LYS GA 5 40.04 -11.09 -23.36
C LYS GA 5 41.26 -11.30 -22.50
N ILE GA 6 42.21 -10.37 -22.52
CA ILE GA 6 43.41 -10.55 -21.71
C ILE GA 6 43.09 -10.39 -20.23
N VAL GA 7 42.16 -9.52 -19.87
CA VAL GA 7 41.74 -9.42 -18.47
C VAL GA 7 41.11 -10.72 -18.01
N VAL GA 8 40.24 -11.31 -18.83
CA VAL GA 8 39.59 -12.56 -18.45
C VAL GA 8 40.60 -13.69 -18.36
N TYR GA 9 41.55 -13.75 -19.31
CA TYR GA 9 42.58 -14.76 -19.24
C TYR GA 9 43.42 -14.62 -17.99
N THR GA 10 43.77 -13.39 -17.63
CA THR GA 10 44.54 -13.16 -16.41
C THR GA 10 43.76 -13.60 -15.17
N THR GA 11 42.47 -13.26 -15.12
CA THR GA 11 41.67 -13.63 -13.96
C THR GA 11 41.51 -15.15 -13.84
N VAL GA 12 41.20 -15.82 -14.95
CA VAL GA 12 41.03 -17.26 -14.93
C VAL GA 12 42.34 -17.94 -14.55
N THR GA 13 43.45 -17.48 -15.13
CA THR GA 13 44.74 -18.05 -14.76
C THR GA 13 45.07 -17.83 -13.30
N PHE GA 14 44.76 -16.65 -12.77
CA PHE GA 14 45.03 -16.35 -11.36
C PHE GA 14 44.25 -17.29 -10.45
N PHE GA 15 42.94 -17.44 -10.69
CA PHE GA 15 42.15 -18.30 -9.82
C PHE GA 15 42.47 -19.77 -10.00
N VAL GA 16 42.72 -20.23 -11.22
CA VAL GA 16 43.10 -21.61 -11.42
C VAL GA 16 44.47 -21.89 -10.79
N SER GA 17 45.39 -20.93 -10.84
CA SER GA 17 46.68 -21.10 -10.19
C SER GA 17 46.53 -21.20 -8.68
N LEU GA 18 45.68 -20.34 -8.10
CA LEU GA 18 45.43 -20.46 -6.67
C LEU GA 18 44.85 -21.82 -6.32
N PHE GA 19 43.87 -22.29 -7.10
CA PHE GA 19 43.30 -23.61 -6.87
C PHE GA 19 44.36 -24.70 -6.94
N THR GA 20 45.16 -24.69 -8.02
CA THR GA 20 46.13 -25.75 -8.26
C THR GA 20 47.20 -25.78 -7.18
N PHE GA 21 47.79 -24.63 -6.85
CA PHE GA 21 48.85 -24.61 -5.86
C PHE GA 21 48.31 -24.61 -4.43
N GLY GA 22 47.00 -24.51 -4.25
CA GLY GA 22 46.44 -24.68 -2.93
C GLY GA 22 46.19 -26.14 -2.65
N PHE GA 23 45.73 -26.89 -3.66
CA PHE GA 23 45.56 -28.32 -3.43
C PHE GA 23 46.88 -29.07 -3.44
N LEU GA 24 47.96 -28.46 -3.93
CA LEU GA 24 49.28 -29.05 -3.80
C LEU GA 24 49.92 -28.79 -2.44
N SER GA 25 49.35 -27.91 -1.64
CA SER GA 25 49.96 -27.47 -0.39
C SER GA 25 49.55 -28.35 0.78
N ASN GA 26 49.74 -29.66 0.64
CA ASN GA 26 49.46 -30.64 1.68
C ASN GA 26 48.03 -30.49 2.20
N ASP GA 27 47.08 -30.61 1.28
CA ASP GA 27 45.69 -30.43 1.63
C ASP GA 27 45.17 -31.57 2.51
N ALA GA 28 45.73 -32.77 2.36
CA ALA GA 28 45.28 -33.90 3.17
C ALA GA 28 45.62 -33.72 4.65
N SER GA 29 46.65 -32.94 4.97
CA SER GA 29 47.00 -32.71 6.36
C SER GA 29 46.01 -31.78 7.04
N ARG GA 30 45.31 -30.95 6.27
CA ARG GA 30 44.37 -29.98 6.84
C ARG GA 30 43.07 -30.69 7.22
N ASN GA 31 43.16 -31.51 8.24
CA ASN GA 31 42.03 -32.23 8.81
C ASN GA 31 42.16 -32.22 10.32
N PRO GA 32 41.04 -32.33 11.05
CA PRO GA 32 41.11 -32.22 12.51
C PRO GA 32 41.80 -33.39 13.21
N ASN GA 33 42.05 -34.49 12.52
CA ASN GA 33 42.72 -35.64 13.11
C ASN GA 33 44.24 -35.59 12.94
N ARG GA 34 44.78 -34.52 12.37
CA ARG GA 34 46.22 -34.40 12.22
C ARG GA 34 46.87 -34.18 13.58
N LYS GA 35 47.98 -34.87 13.80
CA LYS GA 35 48.74 -34.79 15.05
C LYS GA 35 47.87 -35.09 16.26
N ARG HA 6 12.92 -77.46 5.72
CA ARG HA 6 13.70 -78.63 5.34
C ARG HA 6 14.72 -78.29 4.26
N ILE HA 7 14.23 -77.77 3.13
CA ILE HA 7 15.10 -77.34 2.04
C ILE HA 7 15.72 -76.01 2.41
N PRO HA 8 17.03 -75.81 2.19
CA PRO HA 8 17.64 -74.51 2.47
C PRO HA 8 17.00 -73.41 1.64
N LEU HA 9 16.92 -72.22 2.24
CA LEU HA 9 16.18 -71.11 1.64
C LEU HA 9 16.87 -70.51 0.43
N TRP HA 10 18.18 -70.65 0.30
CA TRP HA 10 18.86 -70.06 -0.86
C TRP HA 10 18.49 -70.78 -2.15
N LEU HA 11 18.31 -72.10 -2.10
CA LEU HA 11 17.82 -72.82 -3.27
C LEU HA 11 16.42 -72.38 -3.65
N ILE HA 12 15.54 -72.19 -2.66
CA ILE HA 12 14.18 -71.73 -2.93
C ILE HA 12 14.21 -70.35 -3.55
N ALA HA 13 15.05 -69.45 -3.02
CA ALA HA 13 15.16 -68.11 -3.58
C ALA HA 13 15.70 -68.15 -5.00
N THR HA 14 16.70 -69.00 -5.26
CA THR HA 14 17.24 -69.11 -6.61
C THR HA 14 16.20 -69.62 -7.60
N VAL HA 15 15.45 -70.65 -7.22
CA VAL HA 15 14.41 -71.18 -8.10
C VAL HA 15 13.33 -70.14 -8.34
N GLY HA 16 12.91 -69.43 -7.29
CA GLY HA 16 11.91 -68.39 -7.46
C GLY HA 16 12.38 -67.25 -8.34
N GLY HA 17 13.66 -66.87 -8.21
CA GLY HA 17 14.19 -65.84 -9.07
C GLY HA 17 14.28 -66.27 -10.52
N THR HA 18 14.69 -67.51 -10.75
CA THR HA 18 14.73 -68.02 -12.12
C THR HA 18 13.33 -68.08 -12.73
N LEU HA 19 12.34 -68.48 -11.94
CA LEU HA 19 10.97 -68.52 -12.45
C LEU HA 19 10.40 -67.13 -12.69
N ALA HA 20 10.73 -66.16 -11.83
CA ALA HA 20 10.31 -64.79 -12.06
C ALA HA 20 10.94 -64.22 -13.33
N LEU HA 21 12.23 -64.49 -13.54
CA LEU HA 21 12.87 -64.06 -14.77
C LEU HA 21 12.30 -64.79 -15.98
N THR HA 22 11.87 -66.04 -15.82
CA THR HA 22 11.21 -66.74 -16.92
C THR HA 22 9.87 -66.11 -17.26
N VAL HA 23 9.11 -65.69 -16.24
CA VAL HA 23 7.86 -64.96 -16.48
C VAL HA 23 8.14 -63.65 -17.21
N VAL HA 24 9.18 -62.94 -16.77
CA VAL HA 24 9.57 -61.70 -17.45
C VAL HA 24 9.94 -61.98 -18.90
N GLY HA 25 10.67 -63.08 -19.13
CA GLY HA 25 11.09 -63.40 -20.49
C GLY HA 25 9.93 -63.77 -21.39
N ILE HA 26 8.97 -64.54 -20.89
CA ILE HA 26 7.82 -64.87 -21.72
C ILE HA 26 6.96 -63.63 -21.98
N PHE HA 27 6.85 -62.73 -20.99
CA PHE HA 27 6.11 -61.50 -21.23
C PHE HA 27 6.80 -60.63 -22.28
N PHE HA 28 8.13 -60.53 -22.23
CA PHE HA 28 8.86 -59.78 -23.24
C PHE HA 28 8.76 -60.43 -24.62
N TYR HA 29 8.80 -61.76 -24.67
CA TYR HA 29 8.64 -62.46 -25.95
C TYR HA 29 7.26 -62.23 -26.53
N GLY HA 30 6.22 -62.26 -25.70
CA GLY HA 30 4.89 -61.91 -26.16
C GLY HA 30 4.74 -60.46 -26.56
N SER HA 31 5.51 -59.57 -25.93
CA SER HA 31 5.54 -58.18 -26.38
C SER HA 31 6.20 -58.05 -27.74
N TYR HA 32 7.23 -58.85 -28.00
CA TYR HA 32 7.89 -58.86 -29.30
C TYR HA 32 7.19 -59.76 -30.31
N SER HA 33 6.17 -60.49 -29.91
CA SER HA 33 5.44 -61.36 -30.82
C SER HA 33 3.95 -61.39 -30.46
N LYS IA 9 26.90 -64.29 -41.05
CA LYS IA 9 26.72 -65.72 -40.88
C LYS IA 9 28.03 -66.42 -40.54
N LEU IA 10 27.95 -67.49 -39.76
CA LEU IA 10 29.13 -68.24 -39.37
C LEU IA 10 29.67 -69.05 -40.55
N PRO IA 11 30.95 -69.38 -40.54
CA PRO IA 11 31.46 -70.37 -41.50
C PRO IA 11 30.73 -71.70 -41.34
N GLU IA 12 30.53 -72.37 -42.47
CA GLU IA 12 29.68 -73.57 -42.48
C GLU IA 12 30.26 -74.72 -41.68
N ALA IA 13 31.57 -74.71 -41.39
CA ALA IA 13 32.13 -75.74 -40.53
C ALA IA 13 31.67 -75.56 -39.09
N TYR IA 14 31.36 -74.32 -38.69
CA TYR IA 14 30.95 -74.01 -37.34
C TYR IA 14 29.55 -73.41 -37.27
N ALA IA 15 28.77 -73.52 -38.34
CA ALA IA 15 27.44 -72.94 -38.37
C ALA IA 15 26.45 -73.71 -37.50
N VAL IA 16 26.76 -74.95 -37.14
CA VAL IA 16 25.86 -75.72 -36.28
C VAL IA 16 25.96 -75.29 -34.83
N PHE IA 17 27.05 -74.61 -34.45
CA PHE IA 17 27.25 -74.16 -33.09
C PHE IA 17 26.70 -72.76 -32.86
N LYS IA 18 25.79 -72.31 -33.70
CA LYS IA 18 25.20 -70.97 -33.53
C LYS IA 18 24.46 -70.79 -32.21
N PRO IA 19 23.63 -71.72 -31.74
CA PRO IA 19 22.92 -71.47 -30.47
C PRO IA 19 23.84 -71.22 -29.28
N ILE IA 20 24.95 -71.94 -29.19
CA ILE IA 20 25.91 -71.69 -28.11
C ILE IA 20 26.48 -70.28 -28.23
N ILE IA 21 26.79 -69.86 -29.46
CA ILE IA 21 27.29 -68.51 -29.68
C ILE IA 21 26.24 -67.48 -29.32
N ASP IA 22 24.96 -67.77 -29.55
CA ASP IA 22 23.90 -66.86 -29.16
C ASP IA 22 23.79 -66.74 -27.64
N VAL IA 23 23.96 -67.87 -26.93
CA VAL IA 23 23.87 -67.83 -25.48
C VAL IA 23 25.09 -67.12 -24.89
N ALA IA 24 26.25 -67.26 -25.53
CA ALA IA 24 27.51 -66.85 -24.92
C ALA IA 24 27.56 -65.41 -24.40
N PRO IA 25 27.05 -64.38 -25.11
CA PRO IA 25 27.28 -63.00 -24.64
C PRO IA 25 26.73 -62.70 -23.25
N VAL IA 26 25.63 -63.31 -22.83
CA VAL IA 26 24.96 -62.89 -21.60
C VAL IA 26 25.54 -63.58 -20.37
N ILE IA 27 26.65 -64.29 -20.55
CA ILE IA 27 27.23 -65.10 -19.49
C ILE IA 27 27.82 -64.26 -18.35
N PRO IA 28 28.46 -63.12 -18.61
CA PRO IA 28 28.89 -62.27 -17.48
C PRO IA 28 27.76 -61.84 -16.55
N VAL IA 29 26.56 -61.61 -17.09
CA VAL IA 29 25.41 -61.35 -16.21
C VAL IA 29 25.18 -62.56 -15.30
N PHE IA 30 25.33 -63.76 -15.86
CA PHE IA 30 25.22 -64.95 -15.04
C PHE IA 30 26.35 -65.05 -14.03
N PHE IA 31 27.52 -64.47 -14.32
CA PHE IA 31 28.58 -64.43 -13.33
C PHE IA 31 28.23 -63.51 -12.17
N LEU IA 32 27.63 -62.37 -12.46
CA LEU IA 32 27.16 -61.48 -11.39
C LEU IA 32 26.10 -62.17 -10.54
N LEU IA 33 25.13 -62.82 -11.19
CA LEU IA 33 24.13 -63.57 -10.46
C LEU IA 33 24.75 -64.73 -9.70
N LEU IA 34 25.84 -65.29 -10.21
CA LEU IA 34 26.53 -66.37 -9.51
C LEU IA 34 27.20 -65.85 -8.25
N ALA IA 35 27.76 -64.65 -8.30
CA ALA IA 35 28.31 -64.04 -7.09
C ALA IA 35 27.20 -63.86 -6.05
N PHE IA 36 26.04 -63.38 -6.48
CA PHE IA 36 24.93 -63.22 -5.54
C PHE IA 36 24.48 -64.57 -4.98
N VAL IA 37 24.42 -65.60 -5.82
CA VAL IA 37 24.02 -66.92 -5.35
C VAL IA 37 25.04 -67.47 -4.36
N TRP IA 38 26.33 -67.27 -4.63
CA TRP IA 38 27.36 -67.73 -3.72
C TRP IA 38 27.25 -67.02 -2.37
N GLN IA 39 26.95 -65.73 -2.38
CA GLN IA 39 26.72 -65.04 -1.11
C GLN IA 39 25.46 -65.54 -0.42
N ALA IA 40 24.46 -65.96 -1.19
CA ALA IA 40 23.27 -66.55 -0.58
C ALA IA 40 23.56 -67.90 0.04
N ALA IA 41 24.49 -68.66 -0.55
CA ALA IA 41 24.79 -70.00 -0.06
C ALA IA 41 25.55 -69.98 1.26
N VAL IA 42 26.30 -68.92 1.53
CA VAL IA 42 27.03 -68.79 2.79
C VAL IA 42 26.25 -67.96 3.80
N GLY IA 43 25.00 -67.63 3.52
CA GLY IA 43 24.19 -66.89 4.45
C GLY IA 43 24.53 -65.42 4.58
N PHE IA 44 25.19 -64.84 3.57
CA PHE IA 44 25.58 -63.44 3.58
C PHE IA 44 26.39 -63.11 4.83
N ARG IA 45 27.38 -63.95 5.11
CA ARG IA 45 28.21 -63.78 6.30
C ARG IA 45 29.07 -62.53 6.20
N MET JA 1 -13.03 -7.92 38.97
CA MET JA 1 -13.55 -8.69 37.84
C MET JA 1 -12.92 -8.20 36.54
N SER JA 2 -13.26 -6.97 36.14
CA SER JA 2 -12.59 -6.33 35.02
C SER JA 2 -11.14 -6.07 35.42
N GLY JA 3 -10.23 -6.90 34.93
CA GLY JA 3 -8.88 -6.89 35.41
C GLY JA 3 -8.08 -8.06 34.87
N PRO JA 4 -7.45 -8.82 35.75
CA PRO JA 4 -6.55 -9.88 35.33
C PRO JA 4 -7.32 -11.07 34.77
N ASN JA 5 -7.28 -11.23 33.46
CA ASN JA 5 -7.79 -12.45 32.83
C ASN JA 5 -6.75 -13.55 32.96
N PRO JA 6 -7.09 -14.70 33.53
CA PRO JA 6 -6.08 -15.75 33.75
C PRO JA 6 -5.59 -16.41 32.47
N ASN JA 7 -6.27 -16.21 31.35
CA ASN JA 7 -5.92 -16.86 30.09
C ASN JA 7 -4.97 -16.03 29.25
N LYS JA 8 -4.46 -14.93 29.78
CA LYS JA 8 -3.51 -14.09 29.05
C LYS JA 8 -2.19 -14.82 28.88
N GLN JA 9 -1.74 -14.95 27.63
CA GLN JA 9 -0.49 -15.62 27.32
C GLN JA 9 0.36 -14.75 26.41
N PRO JA 10 1.68 -14.74 26.60
CA PRO JA 10 2.57 -14.02 25.69
C PRO JA 10 2.69 -14.72 24.34
N VAL JA 11 3.06 -13.93 23.33
CA VAL JA 11 3.19 -14.40 21.96
C VAL JA 11 4.62 -14.19 21.52
N GLU JA 12 5.23 -15.22 20.94
CA GLU JA 12 6.63 -15.19 20.55
C GLU JA 12 6.76 -15.39 19.04
N LEU JA 13 7.85 -14.86 18.50
CA LEU JA 13 8.23 -15.11 17.12
C LEU JA 13 9.73 -14.92 17.03
N ASN JA 14 10.47 -16.03 16.98
CA ASN JA 14 11.93 -15.95 16.94
C ASN JA 14 12.38 -15.49 15.55
N ARG JA 15 13.69 -15.24 15.43
CA ARG JA 15 14.20 -14.67 14.18
C ARG JA 15 14.09 -15.66 13.02
N THR JA 16 14.22 -16.96 13.30
CA THR JA 16 14.04 -17.95 12.24
C THR JA 16 12.64 -17.87 11.64
N SER JA 17 11.62 -17.78 12.50
CA SER JA 17 10.26 -17.65 12.02
C SER JA 17 10.06 -16.34 11.27
N LEU JA 18 10.67 -15.26 11.74
CA LEU JA 18 10.57 -13.98 11.05
C LEU JA 18 11.14 -14.09 9.63
N PHE JA 19 12.31 -14.70 9.50
CA PHE JA 19 12.92 -14.83 8.19
C PHE JA 19 12.13 -15.77 7.29
N TRP JA 20 11.58 -16.86 7.85
CA TRP JA 20 10.74 -17.74 7.04
C TRP JA 20 9.50 -17.01 6.56
N GLY JA 21 8.86 -16.22 7.42
CA GLY JA 21 7.68 -15.48 7.01
C GLY JA 21 8.00 -14.42 5.97
N LEU JA 22 9.11 -13.70 6.14
CA LEU JA 22 9.51 -12.72 5.14
C LEU JA 22 9.78 -13.40 3.80
N LEU JA 23 10.50 -14.52 3.82
CA LEU JA 23 10.79 -15.24 2.58
C LEU JA 23 9.49 -15.72 1.93
N LEU JA 24 8.57 -16.27 2.73
CA LEU JA 24 7.31 -16.76 2.18
C LEU JA 24 6.52 -15.63 1.53
N ILE JA 25 6.39 -14.50 2.22
CA ILE JA 25 5.59 -13.41 1.69
C ILE JA 25 6.23 -12.82 0.44
N PHE JA 26 7.55 -12.63 0.46
CA PHE JA 26 8.20 -12.05 -0.70
C PHE JA 26 8.20 -12.99 -1.90
N VAL JA 27 8.37 -14.29 -1.67
CA VAL JA 27 8.31 -15.25 -2.77
C VAL JA 27 6.89 -15.35 -3.32
N LEU JA 28 5.88 -15.31 -2.45
CA LEU JA 28 4.50 -15.29 -2.92
C LEU JA 28 4.21 -14.04 -3.73
N ALA JA 29 4.72 -12.89 -3.30
CA ALA JA 29 4.54 -11.67 -4.10
C ALA JA 29 5.23 -11.78 -5.45
N VAL JA 30 6.44 -12.33 -5.48
CA VAL JA 30 7.15 -12.53 -6.74
C VAL JA 30 6.34 -13.44 -7.65
N LEU JA 31 5.75 -14.50 -7.08
CA LEU JA 31 5.02 -15.47 -7.90
C LEU JA 31 3.72 -14.88 -8.44
N PHE JA 32 2.95 -14.21 -7.59
CA PHE JA 32 1.61 -13.77 -7.95
C PHE JA 32 1.55 -12.37 -8.54
N SER JA 33 2.66 -11.62 -8.55
CA SER JA 33 2.64 -10.29 -9.13
C SER JA 33 2.41 -10.33 -10.63
N SER JA 34 2.98 -11.33 -11.30
CA SER JA 34 2.80 -11.45 -12.75
C SER JA 34 1.36 -11.76 -13.11
N TYR JA 35 0.63 -12.44 -12.23
CA TYR JA 35 -0.75 -12.80 -12.51
C TYR JA 35 -1.73 -11.74 -12.06
N PHE JA 36 -1.43 -11.01 -10.98
CA PHE JA 36 -2.27 -9.88 -10.62
C PHE JA 36 -2.19 -8.78 -11.66
N PHE JA 37 -0.99 -8.54 -12.21
CA PHE JA 37 -0.81 -7.50 -13.20
C PHE JA 37 -1.45 -7.84 -14.54
N ASN JA 38 -1.72 -9.12 -14.81
CA ASN JA 38 -2.28 -9.52 -16.09
C ASN JA 38 -3.46 -10.46 -15.94
N ILE KA 69 44.41 -10.65 -51.25
CA ILE KA 69 43.12 -11.31 -51.10
C ILE KA 69 42.44 -11.37 -52.48
N THR KA 70 43.25 -11.60 -53.50
CA THR KA 70 42.76 -11.66 -54.88
C THR KA 70 42.18 -13.05 -55.16
N THR KA 71 41.86 -13.32 -56.42
CA THR KA 71 41.34 -14.63 -56.80
C THR KA 71 42.40 -15.72 -56.66
N GLU KA 72 43.66 -15.39 -56.95
CA GLU KA 72 44.74 -16.34 -56.70
C GLU KA 72 44.87 -16.64 -55.21
N ASP KA 73 44.70 -15.63 -54.36
CA ASP KA 73 44.73 -15.86 -52.92
C ASP KA 73 43.53 -16.69 -52.47
N ILE KA 74 42.39 -16.57 -53.15
CA ILE KA 74 41.24 -17.41 -52.83
C ILE KA 74 41.50 -18.85 -53.22
N ARG KA 75 42.01 -19.07 -54.43
CA ARG KA 75 42.23 -20.42 -54.93
C ARG KA 75 43.40 -21.12 -54.25
N GLY KA 76 44.37 -20.36 -53.72
CA GLY KA 76 45.50 -20.97 -53.08
C GLY KA 76 45.18 -21.57 -51.72
N LEU KA 77 44.26 -20.97 -50.99
CA LEU KA 77 43.93 -21.43 -49.66
C LEU KA 77 42.96 -22.60 -49.72
N THR KA 78 43.19 -23.59 -48.87
CA THR KA 78 42.24 -24.68 -48.67
C THR KA 78 41.24 -24.28 -47.58
N TYR KA 79 40.18 -25.09 -47.45
CA TYR KA 79 39.09 -24.74 -46.55
C TYR KA 79 39.47 -24.90 -45.08
N SER KA 80 40.57 -25.58 -44.78
CA SER KA 80 40.92 -25.82 -43.38
C SER KA 80 41.40 -24.57 -42.67
N GLN KA 81 42.03 -23.64 -43.39
CA GLN KA 81 42.55 -22.42 -42.78
C GLN KA 81 41.69 -21.20 -43.09
N VAL KA 82 40.57 -21.37 -43.77
CA VAL KA 82 39.61 -20.28 -43.98
C VAL KA 82 38.40 -20.41 -43.06
N LYS KA 83 38.13 -21.60 -42.51
CA LYS KA 83 37.00 -21.79 -41.59
C LYS KA 83 37.24 -21.01 -40.30
N GLY KA 84 36.24 -20.24 -39.89
CA GLY KA 84 36.34 -19.49 -38.65
C GLY KA 84 37.30 -18.31 -38.70
N THR KA 85 37.56 -17.76 -39.88
CA THR KA 85 38.47 -16.64 -40.03
C THR KA 85 37.83 -15.37 -40.58
N GLY KA 86 36.71 -15.48 -41.29
CA GLY KA 86 36.07 -14.33 -41.89
C GLY KA 86 36.62 -13.89 -43.22
N LEU KA 87 37.55 -14.64 -43.81
CA LEU KA 87 38.16 -14.30 -45.08
C LEU KA 87 37.36 -14.80 -46.28
N ALA KA 88 36.24 -15.48 -46.05
CA ALA KA 88 35.47 -16.06 -47.16
C ALA KA 88 34.55 -15.04 -47.83
N ASN KA 89 33.90 -14.18 -47.06
CA ASN KA 89 33.03 -13.14 -47.62
C ASN KA 89 33.77 -11.82 -47.75
N ARG KA 90 34.79 -11.81 -48.60
CA ARG KA 90 35.65 -10.66 -48.75
C ARG KA 90 35.54 -9.96 -50.11
N CYS KA 91 34.78 -10.53 -51.05
CA CYS KA 91 34.66 -9.97 -52.40
C CYS KA 91 36.04 -9.77 -53.01
N PRO KA 92 36.72 -10.85 -53.40
CA PRO KA 92 38.12 -10.72 -53.84
C PRO KA 92 38.25 -9.80 -55.04
N GLU KA 93 39.17 -8.85 -54.94
CA GLU KA 93 39.39 -7.85 -55.98
C GLU KA 93 40.65 -8.17 -56.77
N VAL KA 94 40.74 -7.59 -57.96
CA VAL KA 94 41.91 -7.76 -58.79
C VAL KA 94 43.04 -6.87 -58.29
N SER KA 95 44.27 -7.28 -58.58
CA SER KA 95 45.44 -6.54 -58.16
C SER KA 95 45.88 -5.54 -59.24
N GLU KA 96 46.72 -4.59 -58.83
CA GLU KA 96 47.23 -3.60 -59.77
C GLU KA 96 48.27 -4.19 -60.72
N GLN KA 97 48.84 -5.34 -60.38
CA GLN KA 97 49.77 -6.00 -61.28
C GLN KA 97 49.07 -6.69 -62.44
N ASN KA 98 47.76 -6.91 -62.34
CA ASN KA 98 46.98 -7.48 -63.42
C ASN KA 98 45.90 -6.54 -63.93
N ALA KA 99 45.83 -5.32 -63.43
CA ALA KA 99 44.82 -4.36 -63.82
C ALA KA 99 45.26 -3.63 -65.10
N GLY KA 100 44.55 -2.56 -65.44
CA GLY KA 100 44.86 -1.80 -66.63
C GLY KA 100 44.57 -2.53 -67.94
N GLY KA 101 43.47 -3.27 -68.00
CA GLY KA 101 43.04 -3.95 -69.20
C GLY KA 101 41.67 -3.48 -69.64
N THR KA 102 41.17 -4.13 -70.69
CA THR KA 102 39.85 -3.82 -71.23
C THR KA 102 39.16 -5.10 -71.67
N ILE KA 103 37.82 -5.06 -71.66
CA ILE KA 103 36.99 -6.16 -72.12
C ILE KA 103 36.11 -5.64 -73.24
N LYS KA 104 36.13 -6.33 -74.37
CA LYS KA 104 35.35 -5.96 -75.55
C LYS KA 104 34.22 -6.96 -75.76
N PHE KA 105 33.25 -6.56 -76.58
CA PHE KA 105 32.08 -7.36 -76.86
C PHE KA 105 31.91 -7.51 -78.37
N ALA KA 106 31.73 -8.74 -78.83
CA ALA KA 106 31.49 -9.03 -80.23
C ALA KA 106 30.00 -8.99 -80.53
N ASP KA 107 29.67 -8.86 -81.81
CA ASP KA 107 28.29 -8.77 -82.26
C ASP KA 107 27.67 -10.13 -82.56
N ASP KA 108 28.41 -11.22 -82.36
CA ASP KA 108 27.89 -12.56 -82.60
C ASP KA 108 27.99 -13.48 -81.41
N LYS KA 109 28.95 -13.27 -80.51
CA LYS KA 109 29.16 -14.15 -79.37
C LYS KA 109 28.34 -13.68 -78.18
N LYS KA 110 27.59 -14.61 -77.58
CA LYS KA 110 26.78 -14.30 -76.41
C LYS KA 110 27.65 -14.27 -75.16
N TYR KA 111 27.31 -13.35 -74.25
CA TYR KA 111 28.09 -13.13 -73.04
C TYR KA 111 27.19 -13.13 -71.82
N LYS KA 112 27.76 -13.53 -70.68
CA LYS KA 112 27.08 -13.49 -69.41
C LYS KA 112 28.06 -13.05 -68.32
N VAL KA 113 27.52 -12.55 -67.22
CA VAL KA 113 28.32 -12.09 -66.09
C VAL KA 113 28.21 -13.13 -64.98
N THR KA 114 29.35 -13.61 -64.50
CA THR KA 114 29.41 -14.66 -63.50
C THR KA 114 30.19 -14.18 -62.28
N GLU KA 115 29.94 -14.84 -61.15
CA GLU KA 115 30.67 -14.60 -59.90
C GLU KA 115 30.60 -13.14 -59.47
N LEU KA 116 29.42 -12.54 -59.62
CA LEU KA 116 29.21 -11.15 -59.21
C LEU KA 116 29.12 -11.09 -57.69
N CYS KA 117 30.14 -10.53 -57.05
CA CYS KA 117 30.24 -10.46 -55.60
C CYS KA 117 30.12 -9.01 -55.14
N LEU KA 118 29.43 -8.81 -54.01
CA LEU KA 118 29.27 -7.50 -53.41
C LEU KA 118 29.44 -7.61 -51.90
N GLU KA 119 30.33 -6.80 -51.34
CA GLU KA 119 30.59 -6.78 -49.90
C GLU KA 119 30.26 -5.40 -49.35
N PRO KA 120 29.08 -5.21 -48.75
CA PRO KA 120 28.68 -3.88 -48.30
C PRO KA 120 29.43 -3.45 -47.04
N LYS KA 121 29.75 -2.17 -46.99
CA LYS KA 121 30.38 -1.55 -45.83
C LYS KA 121 29.62 -0.29 -45.44
N SER KA 122 29.73 0.07 -44.16
CA SER KA 122 29.17 1.31 -43.62
C SER KA 122 27.66 1.38 -43.86
N PHE KA 123 26.95 0.46 -43.23
CA PHE KA 123 25.50 0.40 -43.34
C PHE KA 123 24.88 1.65 -42.72
N GLN KA 124 24.13 2.39 -43.52
CA GLN KA 124 23.48 3.62 -43.07
C GLN KA 124 21.98 3.54 -43.34
N ILE KA 125 21.18 3.98 -42.36
CA ILE KA 125 19.73 3.98 -42.47
C ILE KA 125 19.22 5.36 -42.08
N GLU KA 126 18.40 5.95 -42.96
CA GLU KA 126 17.77 7.23 -42.68
C GLU KA 126 16.55 7.03 -41.79
N GLU KA 127 16.48 7.79 -40.69
CA GLU KA 127 15.34 7.70 -39.80
C GLU KA 127 15.04 9.07 -39.16
N GLU KA 139 17.79 12.34 -41.09
CA GLU KA 139 19.12 12.27 -41.68
C GLU KA 139 19.62 10.84 -41.71
N PHE KA 140 20.72 10.60 -42.43
CA PHE KA 140 21.32 9.28 -42.53
C PHE KA 140 22.28 9.09 -41.36
N VAL KA 141 21.99 8.10 -40.52
CA VAL KA 141 22.78 7.82 -39.32
C VAL KA 141 23.43 6.45 -39.49
N ASP KA 142 24.73 6.38 -39.17
CA ASP KA 142 25.46 5.14 -39.29
C ASP KA 142 24.95 4.11 -38.28
N THR KA 143 24.96 2.85 -38.67
CA THR KA 143 24.42 1.76 -37.86
C THR KA 143 25.51 0.76 -37.52
N LYS KA 144 25.20 -0.13 -36.59
CA LYS KA 144 26.11 -1.19 -36.16
C LYS KA 144 25.48 -2.54 -36.45
N LEU KA 145 26.26 -3.42 -37.07
CA LEU KA 145 25.75 -4.69 -37.55
C LEU KA 145 25.47 -5.64 -36.39
N MET KA 146 24.40 -6.44 -36.54
CA MET KA 146 24.03 -7.45 -35.57
C MET KA 146 24.44 -8.86 -36.00
N THR KA 147 24.27 -9.19 -37.27
CA THR KA 147 24.66 -10.50 -37.79
C THR KA 147 26.17 -10.57 -37.95
N ARG KA 148 26.69 -11.79 -38.02
CA ARG KA 148 28.12 -12.04 -38.10
C ARG KA 148 28.44 -12.56 -39.51
N ALA KA 149 28.98 -11.67 -40.35
CA ALA KA 149 29.56 -12.03 -41.64
C ALA KA 149 28.57 -12.77 -42.56
N THR KA 150 27.30 -12.38 -42.52
CA THR KA 150 26.29 -12.94 -43.41
C THR KA 150 25.67 -11.86 -44.29
N TYR KA 151 26.45 -10.84 -44.65
CA TYR KA 151 25.95 -9.68 -45.36
C TYR KA 151 26.46 -9.54 -46.78
N SER KA 152 27.39 -10.38 -47.21
CA SER KA 152 27.96 -10.26 -48.55
C SER KA 152 27.24 -11.18 -49.53
N LEU KA 153 27.10 -10.72 -50.76
CA LEU KA 153 26.54 -11.51 -51.85
C LEU KA 153 27.68 -12.06 -52.70
N THR KA 154 27.54 -13.33 -53.09
CA THR KA 154 28.57 -14.00 -53.87
C THR KA 154 27.94 -14.86 -54.96
N GLY KA 155 28.71 -15.08 -56.03
CA GLY KA 155 28.33 -16.05 -57.04
C GLY KA 155 27.13 -15.70 -57.88
N ILE KA 156 26.80 -14.41 -57.99
CA ILE KA 156 25.63 -13.99 -58.76
C ILE KA 156 25.93 -14.11 -60.24
N GLU KA 157 25.07 -14.83 -60.97
CA GLU KA 157 25.24 -15.05 -62.40
C GLU KA 157 24.02 -14.53 -63.15
N GLY KA 158 24.25 -14.11 -64.39
CA GLY KA 158 23.20 -13.60 -65.23
C GLY KA 158 23.72 -13.14 -66.58
N PRO KA 159 22.88 -13.20 -67.60
CA PRO KA 159 23.33 -12.82 -68.95
C PRO KA 159 23.35 -11.32 -69.14
N ILE KA 160 24.38 -10.85 -69.84
CA ILE KA 160 24.45 -9.45 -70.26
C ILE KA 160 23.96 -9.38 -71.70
N VAL KA 161 22.85 -8.70 -71.92
CA VAL KA 161 22.11 -8.78 -73.17
C VAL KA 161 21.99 -7.38 -73.77
N PHE KA 162 22.28 -7.27 -75.07
CA PHE KA 162 22.12 -6.01 -75.77
C PHE KA 162 20.67 -5.58 -75.79
N LYS KA 163 20.40 -4.33 -75.41
CA LYS KA 163 19.04 -3.83 -75.35
C LYS KA 163 19.07 -2.31 -75.39
N ASP KA 164 18.35 -1.71 -76.33
CA ASP KA 164 18.16 -0.26 -76.43
C ASP KA 164 19.50 0.47 -76.55
N GLY KA 165 20.23 0.12 -77.60
CA GLY KA 165 21.51 0.75 -77.87
C GLY KA 165 22.65 0.15 -77.06
N GLY KA 166 22.54 0.21 -75.75
CA GLY KA 166 23.50 -0.39 -74.85
C GLY KA 166 23.23 -1.86 -74.63
N LEU KA 167 23.72 -2.38 -73.51
CA LEU KA 167 23.50 -3.78 -73.15
C LEU KA 167 23.20 -3.86 -71.66
N THR KA 168 22.17 -4.62 -71.31
CA THR KA 168 21.62 -4.64 -69.97
C THR KA 168 21.92 -5.96 -69.29
N PHE KA 169 22.19 -5.89 -67.99
CA PHE KA 169 22.49 -7.07 -67.18
C PHE KA 169 21.22 -7.55 -66.49
N LEU KA 170 20.82 -8.78 -66.77
CA LEU KA 170 19.65 -9.39 -66.15
C LEU KA 170 20.11 -10.35 -65.05
N GLU KA 171 19.62 -10.14 -63.84
CA GLU KA 171 20.00 -10.95 -62.69
C GLU KA 171 19.11 -12.18 -62.62
N LYS KA 172 19.72 -13.36 -62.57
CA LYS KA 172 18.95 -14.60 -62.60
C LYS KA 172 19.40 -15.65 -61.60
N GLY KA 173 20.58 -15.54 -60.97
CA GLY KA 173 21.03 -16.61 -60.11
C GLY KA 173 22.08 -16.14 -59.13
N GLY KA 174 22.54 -17.08 -58.32
CA GLY KA 174 23.54 -16.81 -57.30
C GLY KA 174 22.93 -16.40 -55.97
N ILE KA 175 23.81 -16.22 -54.99
CA ILE KA 175 23.40 -15.75 -53.67
C ILE KA 175 23.13 -14.25 -53.81
N ASP KA 176 21.86 -13.89 -54.02
CA ASP KA 176 21.49 -12.52 -54.33
C ASP KA 176 20.63 -11.89 -53.23
N TYR KA 177 20.65 -12.44 -52.02
CA TYR KA 177 19.91 -11.88 -50.91
C TYR KA 177 20.65 -12.17 -49.62
N ALA KA 178 20.48 -11.29 -48.64
CA ALA KA 178 21.14 -11.43 -47.34
C ALA KA 178 20.25 -10.79 -46.29
N ALA KA 179 19.67 -11.62 -45.42
CA ALA KA 179 18.83 -11.13 -44.34
C ALA KA 179 19.72 -10.74 -43.17
N THR KA 180 19.91 -9.44 -42.99
CA THR KA 180 20.82 -8.92 -41.97
C THR KA 180 20.09 -7.88 -41.13
N THR KA 181 20.57 -7.71 -39.90
CA THR KA 181 20.00 -6.76 -38.96
C THR KA 181 21.07 -5.77 -38.52
N VAL KA 182 20.70 -4.49 -38.46
CA VAL KA 182 21.57 -3.43 -37.98
C VAL KA 182 20.81 -2.63 -36.92
N GLN KA 183 21.57 -1.95 -36.07
CA GLN KA 183 21.02 -1.23 -34.93
C GLN KA 183 21.27 0.26 -35.10
N LEU KA 184 20.18 1.04 -35.07
CA LEU KA 184 20.31 2.48 -34.99
C LEU KA 184 20.80 2.89 -33.60
N PRO KA 185 21.57 3.97 -33.49
CA PRO KA 185 22.10 4.37 -32.18
C PRO KA 185 21.03 4.91 -31.23
N GLY KA 186 19.97 4.15 -31.04
CA GLY KA 186 18.94 4.48 -30.06
C GLY KA 186 18.42 3.25 -29.36
N GLY KA 187 19.00 2.09 -29.70
CA GLY KA 187 18.59 0.82 -29.13
C GLY KA 187 17.71 -0.01 -30.04
N GLU KA 188 17.14 0.56 -31.10
CA GLU KA 188 16.23 -0.16 -31.96
C GLU KA 188 16.98 -0.88 -33.08
N ARG KA 189 16.40 -1.98 -33.54
CA ARG KA 189 16.97 -2.81 -34.61
C ARG KA 189 16.10 -2.71 -35.84
N VAL KA 190 16.73 -2.48 -37.00
CA VAL KA 190 16.03 -2.39 -38.27
C VAL KA 190 16.60 -3.46 -39.20
N PRO KA 191 15.93 -4.61 -39.31
CA PRO KA 191 16.36 -5.62 -40.26
C PRO KA 191 16.07 -5.22 -41.70
N PHE KA 192 16.97 -5.65 -42.59
CA PHE KA 192 16.82 -5.34 -44.01
C PHE KA 192 17.39 -6.49 -44.83
N LEU KA 193 16.91 -6.59 -46.07
CA LEU KA 193 17.31 -7.66 -46.99
C LEU KA 193 18.13 -7.04 -48.10
N PHE KA 194 19.45 -7.13 -48.00
CA PHE KA 194 20.35 -6.62 -49.03
C PHE KA 194 20.25 -7.51 -50.26
N THR KA 195 19.73 -6.96 -51.36
CA THR KA 195 19.47 -7.76 -52.54
C THR KA 195 19.57 -6.90 -53.79
N ILE KA 196 19.86 -7.56 -54.91
CA ILE KA 196 19.83 -6.92 -56.24
C ILE KA 196 18.99 -7.78 -57.17
N LYS KA 197 18.01 -8.48 -56.62
CA LYS KA 197 17.20 -9.42 -57.40
C LYS KA 197 16.44 -8.70 -58.50
N GLU KA 198 16.26 -9.39 -59.63
CA GLU KA 198 15.52 -8.87 -60.79
C GLU KA 198 16.09 -7.54 -61.27
N LEU KA 199 17.41 -7.45 -61.32
CA LEU KA 199 18.08 -6.24 -61.78
C LEU KA 199 18.08 -6.18 -63.31
N GLU KA 200 17.81 -5.00 -63.85
CA GLU KA 200 17.90 -4.77 -65.29
C GLU KA 200 18.91 -3.68 -65.58
N GLY KA 201 20.07 -3.75 -64.92
CA GLY KA 201 21.04 -2.67 -64.99
C GLY KA 201 21.83 -2.67 -66.29
N LYS KA 202 22.02 -1.47 -66.84
CA LYS KA 202 22.86 -1.24 -68.01
C LYS KA 202 24.05 -0.39 -67.60
N PHE KA 203 25.20 -0.66 -68.22
CA PHE KA 203 26.43 0.03 -67.88
C PHE KA 203 26.90 0.90 -69.04
N SER KA 204 27.61 1.97 -68.70
CA SER KA 204 28.01 2.96 -69.69
C SER KA 204 29.04 2.40 -70.66
N SER KA 205 29.00 2.93 -71.89
CA SER KA 205 29.92 2.57 -72.98
C SER KA 205 29.77 1.11 -73.38
N SER KA 206 30.44 0.72 -74.46
CA SER KA 206 30.38 -0.65 -74.99
C SER KA 206 31.64 -1.44 -74.67
N GLN KA 207 32.33 -1.10 -73.59
CA GLN KA 207 33.48 -1.86 -73.13
C GLN KA 207 33.59 -1.71 -71.62
N VAL KA 208 34.29 -2.65 -71.00
CA VAL KA 208 34.50 -2.65 -69.55
C VAL KA 208 35.95 -2.25 -69.31
N SER KA 209 36.14 -1.08 -68.71
CA SER KA 209 37.45 -0.55 -68.40
C SER KA 209 37.38 0.24 -67.10
N ALA KA 210 38.50 0.84 -66.72
CA ALA KA 210 38.58 1.61 -65.48
C ALA KA 210 37.88 2.95 -65.69
N GLY KA 211 36.66 3.07 -65.17
CA GLY KA 211 35.90 4.30 -65.31
C GLY KA 211 34.45 4.07 -65.66
N THR KA 212 34.15 2.90 -66.22
CA THR KA 212 32.77 2.58 -66.57
C THR KA 212 31.95 2.28 -65.33
N GLU KA 213 30.71 2.74 -65.33
CA GLU KA 213 29.80 2.57 -64.20
C GLU KA 213 28.58 1.76 -64.64
N LEU KA 214 28.13 0.88 -63.76
CA LEU KA 214 26.96 0.03 -64.01
C LEU KA 214 25.86 0.44 -63.04
N GLY KA 215 24.70 0.80 -63.58
CA GLY KA 215 23.60 1.26 -62.76
C GLY KA 215 22.28 0.72 -63.26
N GLY KA 216 21.33 0.58 -62.33
CA GLY KA 216 20.03 0.07 -62.67
C GLY KA 216 19.14 0.02 -61.45
N ASN KA 217 17.96 -0.56 -61.64
CA ASN KA 217 16.96 -0.69 -60.58
C ASN KA 217 16.66 -2.16 -60.36
N PHE KA 218 16.66 -2.57 -59.09
CA PHE KA 218 16.31 -3.93 -58.71
C PHE KA 218 15.00 -3.93 -57.93
N LYS KA 219 14.45 -5.13 -57.74
CA LYS KA 219 13.19 -5.32 -57.03
C LYS KA 219 13.47 -6.04 -55.73
N THR KA 220 13.22 -5.37 -54.61
CA THR KA 220 13.49 -5.95 -53.30
C THR KA 220 12.28 -6.72 -52.82
N PRO KA 221 12.39 -8.03 -52.59
CA PRO KA 221 11.27 -8.79 -52.01
C PRO KA 221 11.15 -8.52 -50.52
N SER KA 222 10.04 -8.97 -49.96
CA SER KA 222 9.77 -8.75 -48.55
C SER KA 222 10.71 -9.61 -47.69
N TYR KA 223 10.93 -9.15 -46.45
CA TYR KA 223 11.81 -9.85 -45.54
C TYR KA 223 11.25 -11.23 -45.19
N ARG KA 224 9.94 -11.33 -45.01
CA ARG KA 224 9.26 -12.59 -44.75
C ARG KA 224 8.43 -12.99 -45.97
N THR KA 225 8.06 -14.27 -46.00
CA THR KA 225 7.22 -14.82 -47.06
C THR KA 225 5.87 -15.23 -46.47
N GLY KA 226 5.03 -15.80 -47.33
CA GLY KA 226 3.72 -16.25 -46.91
C GLY KA 226 3.76 -17.55 -46.11
N ASP KA 241 -4.99 -14.70 -40.22
CA ASP KA 241 -6.30 -14.17 -40.57
C ASP KA 241 -7.18 -14.03 -39.34
N MET KA 242 -6.56 -14.13 -38.16
CA MET KA 242 -7.28 -14.08 -36.90
C MET KA 242 -6.54 -13.19 -35.91
N ALA KA 243 -7.27 -12.78 -34.87
CA ALA KA 243 -6.66 -12.37 -33.61
C ALA KA 243 -6.89 -13.54 -32.67
N VAL KA 244 -5.97 -14.50 -32.70
CA VAL KA 244 -6.16 -15.76 -31.97
C VAL KA 244 -6.22 -15.52 -30.47
N ALA KA 245 -5.51 -14.50 -30.00
CA ALA KA 245 -5.40 -14.26 -28.56
C ALA KA 245 -6.75 -13.91 -27.93
N LEU KA 246 -7.58 -13.17 -28.66
CA LEU KA 246 -8.75 -12.52 -28.07
C LEU KA 246 -10.03 -13.01 -28.74
N PRO KA 247 -10.67 -14.05 -28.21
CA PRO KA 247 -11.98 -14.46 -28.73
C PRO KA 247 -13.09 -13.45 -28.44
N GLY KA 248 -12.96 -12.67 -27.37
CA GLY KA 248 -13.95 -11.64 -27.06
C GLY KA 248 -13.81 -10.38 -27.88
N LEU KA 249 -12.67 -10.21 -28.58
CA LEU KA 249 -12.54 -9.08 -29.49
C LEU KA 249 -13.38 -9.28 -30.74
N GLU KA 250 -13.54 -10.52 -31.18
CA GLU KA 250 -14.39 -10.83 -32.33
C GLU KA 250 -15.81 -11.17 -31.87
N ALA KA 251 -16.39 -10.25 -31.11
CA ALA KA 251 -17.80 -10.32 -30.77
C ALA KA 251 -18.48 -8.95 -30.80
N ASP KA 252 -17.73 -7.88 -31.10
CA ASP KA 252 -18.23 -6.52 -30.88
C ASP KA 252 -19.40 -6.16 -31.78
N GLY KA 253 -19.57 -6.82 -32.92
CA GLY KA 253 -20.73 -6.60 -33.75
C GLY KA 253 -20.50 -5.63 -34.89
N GLY KA 254 -20.36 -6.15 -36.10
CA GLY KA 254 -20.13 -5.31 -37.26
C GLY KA 254 -18.68 -4.89 -37.41
N GLU KA 255 -18.06 -4.51 -36.29
CA GLU KA 255 -16.67 -4.06 -36.26
C GLU KA 255 -15.91 -4.93 -35.25
N GLY KA 256 -15.38 -6.05 -35.73
CA GLY KA 256 -14.64 -6.96 -34.87
C GLY KA 256 -13.21 -7.17 -35.34
N GLN KA 257 -12.26 -6.93 -34.45
CA GLN KA 257 -10.82 -7.10 -34.74
C GLN KA 257 -10.37 -6.22 -35.91
N ASP KA 258 -11.10 -5.12 -36.16
CA ASP KA 258 -10.73 -4.22 -37.23
C ASP KA 258 -9.67 -3.21 -36.82
N GLU KA 259 -9.53 -2.94 -35.52
CA GLU KA 259 -8.39 -2.14 -35.06
C GLU KA 259 -7.08 -2.90 -35.29
N LEU KA 260 -7.08 -4.20 -34.99
CA LEU KA 260 -5.92 -5.06 -35.23
C LEU KA 260 -6.07 -5.80 -36.56
N PHE KA 261 -6.23 -5.02 -37.63
CA PHE KA 261 -6.38 -5.58 -38.97
C PHE KA 261 -5.12 -5.45 -39.81
N ALA KA 262 -4.46 -4.30 -39.79
CA ALA KA 262 -3.24 -4.12 -40.56
C ALA KA 262 -2.13 -5.05 -40.08
N GLU KA 263 -2.03 -5.27 -38.77
CA GLU KA 263 -1.09 -6.27 -38.27
C GLU KA 263 -1.51 -7.68 -38.65
N THR KA 264 -2.82 -7.94 -38.67
CA THR KA 264 -3.30 -9.26 -39.08
C THR KA 264 -3.11 -9.47 -40.58
N ASN KA 265 -3.32 -8.43 -41.38
CA ASN KA 265 -3.20 -8.52 -42.83
C ASN KA 265 -1.74 -8.43 -43.22
N LYS KA 266 -1.08 -9.59 -43.25
CA LYS KA 266 0.33 -9.67 -43.65
C LYS KA 266 0.39 -9.60 -45.18
N VAL KA 267 0.83 -8.47 -45.71
CA VAL KA 267 0.83 -8.24 -47.15
C VAL KA 267 2.25 -8.39 -47.68
N PHE KA 268 2.40 -9.22 -48.70
CA PHE KA 268 3.69 -9.38 -49.37
C PHE KA 268 3.94 -8.16 -50.24
N GLN KA 269 4.90 -7.33 -49.85
CA GLN KA 269 5.18 -6.08 -50.54
C GLN KA 269 6.56 -6.15 -51.18
N VAL KA 270 6.61 -5.88 -52.49
CA VAL KA 270 7.85 -5.93 -53.26
C VAL KA 270 8.28 -4.50 -53.50
N THR KA 271 9.15 -3.98 -52.64
CA THR KA 271 9.68 -2.64 -52.81
C THR KA 271 10.78 -2.63 -53.88
N ASP KA 272 11.16 -1.43 -54.30
CA ASP KA 272 12.16 -1.26 -55.34
C ASP KA 272 13.38 -0.53 -54.79
N GLY KA 273 14.52 -0.76 -55.43
CA GLY KA 273 15.75 -0.10 -55.05
C GLY KA 273 16.63 0.14 -56.26
N SER KA 274 17.62 1.00 -56.08
CA SER KA 274 18.53 1.40 -57.14
C SER KA 274 19.96 1.08 -56.74
N ILE KA 275 20.73 0.52 -57.66
CA ILE KA 275 22.12 0.15 -57.43
C ILE KA 275 22.98 0.87 -58.44
N GLU KA 276 24.07 1.48 -57.97
CA GLU KA 276 25.04 2.17 -58.82
C GLU KA 276 26.43 1.70 -58.43
N MET KA 277 27.12 1.01 -59.34
CA MET KA 277 28.44 0.49 -59.08
C MET KA 277 29.41 0.99 -60.15
N ALA KA 278 30.63 1.33 -59.72
CA ALA KA 278 31.68 1.79 -60.61
C ALA KA 278 32.85 0.81 -60.55
N PHE KA 279 33.55 0.68 -61.66
CA PHE KA 279 34.62 -0.30 -61.82
C PHE KA 279 35.96 0.43 -61.72
N ASN KA 280 36.65 0.23 -60.59
CA ASN KA 280 37.93 0.91 -60.36
C ASN KA 280 39.05 0.28 -61.16
N ARG KA 281 39.13 -1.04 -61.17
CA ARG KA 281 40.17 -1.77 -61.89
C ARG KA 281 39.56 -2.93 -62.65
N VAL KA 282 40.04 -3.14 -63.87
CA VAL KA 282 39.53 -4.18 -64.76
C VAL KA 282 40.69 -5.03 -65.24
N ASP KA 283 40.57 -6.34 -65.07
CA ASP KA 283 41.58 -7.27 -65.57
C ASP KA 283 41.38 -7.49 -67.06
N GLY KA 284 42.49 -7.50 -67.81
CA GLY KA 284 42.43 -7.66 -69.24
C GLY KA 284 42.59 -9.10 -69.70
N THR KA 285 43.34 -9.90 -68.94
CA THR KA 285 43.53 -11.30 -69.31
C THR KA 285 42.23 -12.09 -69.15
N ASN KA 286 41.56 -11.93 -68.03
CA ASN KA 286 40.29 -12.56 -67.77
C ASN KA 286 39.17 -11.53 -67.93
N GLY KA 287 37.94 -11.91 -67.58
CA GLY KA 287 36.82 -11.01 -67.67
C GLY KA 287 36.50 -10.34 -66.34
N GLU KA 288 37.50 -10.25 -65.48
CA GLU KA 288 37.31 -9.78 -64.11
C GLU KA 288 37.36 -8.25 -64.04
N PHE KA 289 36.46 -7.69 -63.24
CA PHE KA 289 36.45 -6.26 -62.94
C PHE KA 289 36.25 -6.06 -61.45
N SER KA 290 36.80 -4.97 -60.92
CA SER KA 290 36.71 -4.66 -59.51
C SER KA 290 36.40 -3.18 -59.32
N GLY KA 291 35.76 -2.85 -58.20
CA GLY KA 291 35.43 -1.48 -57.91
C GLY KA 291 34.61 -1.31 -56.65
N VAL KA 292 33.72 -0.31 -56.63
CA VAL KA 292 32.86 -0.02 -55.50
C VAL KA 292 31.42 0.06 -55.99
N PHE KA 293 30.49 -0.11 -55.06
CA PHE KA 293 29.07 -0.02 -55.36
C PHE KA 293 28.35 0.80 -54.31
N VAL KA 294 27.30 1.49 -54.74
CA VAL KA 294 26.44 2.27 -53.86
C VAL KA 294 25.02 1.78 -54.06
N SER KA 295 24.36 1.38 -52.97
CA SER KA 295 23.04 0.79 -53.01
C SER KA 295 22.08 1.59 -52.15
N GLU KA 296 20.83 1.67 -52.60
CA GLU KA 296 19.77 2.32 -51.84
C GLU KA 296 18.50 1.48 -51.99
N GLN KA 297 18.01 0.95 -50.87
CA GLN KA 297 16.84 0.08 -50.87
C GLN KA 297 16.06 0.32 -49.57
N LEU KA 298 15.01 -0.47 -49.39
CA LEU KA 298 14.14 -0.36 -48.23
C LEU KA 298 14.34 -1.54 -47.29
N SER KA 299 13.96 -1.33 -46.03
CA SER KA 299 14.16 -2.31 -44.97
C SER KA 299 12.92 -3.20 -44.84
N ASP KA 300 12.85 -3.97 -43.76
CA ASP KA 300 11.71 -4.85 -43.52
C ASP KA 300 10.44 -4.03 -43.32
N THR KA 301 9.36 -4.50 -43.93
CA THR KA 301 8.03 -3.90 -43.76
C THR KA 301 7.21 -4.59 -42.69
N ASP KA 302 7.73 -5.67 -42.08
CA ASP KA 302 6.95 -6.53 -41.20
C ASP KA 302 5.69 -7.01 -41.90
N MET KA 303 5.83 -7.36 -43.18
CA MET KA 303 4.73 -7.78 -44.04
C MET KA 303 3.63 -6.72 -44.07
N GLY KA 304 4.04 -5.46 -44.09
CA GLY KA 304 3.09 -4.36 -44.16
C GLY KA 304 2.58 -3.91 -42.82
N SER KA 305 3.45 -3.90 -41.81
CA SER KA 305 3.07 -3.47 -40.47
C SER KA 305 3.93 -2.33 -39.93
N LYS KA 306 5.08 -2.04 -40.52
CA LYS KA 306 5.94 -0.94 -40.10
C LYS KA 306 6.42 -0.18 -41.33
N ALA KA 307 6.80 1.07 -41.11
CA ALA KA 307 7.25 1.92 -42.21
C ALA KA 307 8.64 1.49 -42.66
N PRO KA 308 8.85 1.21 -43.94
CA PRO KA 308 10.18 0.80 -44.41
C PRO KA 308 11.17 1.94 -44.45
N LYS KA 309 12.18 1.89 -43.58
CA LYS KA 309 13.26 2.88 -43.61
C LYS KA 309 14.23 2.56 -44.73
N LYS KA 310 14.71 3.61 -45.41
CA LYS KA 310 15.64 3.42 -46.52
C LYS KA 310 17.05 3.16 -46.01
N VAL KA 311 17.75 2.26 -46.69
CA VAL KA 311 19.08 1.81 -46.29
C VAL KA 311 20.08 2.18 -47.37
N LEU KA 312 21.19 2.79 -46.96
CA LEU KA 312 22.26 3.20 -47.86
C LEU KA 312 23.46 2.31 -47.63
N LEU KA 313 23.92 1.64 -48.68
CA LEU KA 313 25.01 0.66 -48.58
C LEU KA 313 26.09 1.00 -49.59
N LYS KA 314 27.32 1.16 -49.11
CA LYS KA 314 28.47 1.58 -49.92
C LYS KA 314 29.62 0.61 -49.64
N GLY KA 315 29.83 -0.35 -50.53
CA GLY KA 315 30.87 -1.35 -50.37
C GLY KA 315 31.71 -1.49 -51.61
N ILE KA 316 32.17 -2.72 -51.86
CA ILE KA 316 33.02 -3.05 -52.98
C ILE KA 316 32.37 -4.15 -53.80
N VAL KA 317 32.79 -4.26 -55.06
CA VAL KA 317 32.15 -5.15 -56.03
C VAL KA 317 33.20 -5.86 -56.87
N PHE KA 318 32.86 -7.06 -57.33
CA PHE KA 318 33.71 -7.84 -58.21
C PHE KA 318 32.83 -8.75 -59.06
N GLY KA 319 33.28 -9.01 -60.28
CA GLY KA 319 32.54 -9.88 -61.17
C GLY KA 319 33.37 -10.33 -62.35
N LYS KA 320 32.92 -11.42 -62.97
CA LYS KA 320 33.57 -12.01 -64.14
C LYS KA 320 32.61 -11.98 -65.31
N ILE KA 321 33.12 -11.58 -66.48
CA ILE KA 321 32.35 -11.58 -67.72
C ILE KA 321 32.95 -12.64 -68.64
N GLU KA 322 32.12 -13.56 -69.10
CA GLU KA 322 32.60 -14.67 -69.93
C GLU KA 322 31.48 -15.07 -70.88
N GLU KA 323 31.64 -16.23 -71.52
CA GLU KA 323 30.71 -16.69 -72.53
C GLU KA 323 29.39 -17.15 -71.91
N GLN KA 324 28.30 -16.89 -72.61
CA GLN KA 324 26.98 -17.35 -72.18
C GLN KA 324 26.62 -18.68 -72.83
N UNK LA 1 8.66 -62.34 18.43
CA UNK LA 1 7.50 -63.15 18.07
C UNK LA 1 6.94 -62.73 16.72
N UNK LA 2 6.38 -61.53 16.67
CA UNK LA 2 5.84 -61.00 15.42
C UNK LA 2 6.91 -60.52 14.47
N UNK LA 3 8.10 -60.19 14.96
CA UNK LA 3 9.19 -59.81 14.08
C UNK LA 3 9.64 -60.98 13.22
N UNK LA 4 9.79 -62.16 13.84
CA UNK LA 4 10.13 -63.36 13.07
C UNK LA 4 8.96 -63.84 12.23
N UNK LA 5 7.73 -63.51 12.62
CA UNK LA 5 6.54 -63.83 11.83
C UNK LA 5 6.26 -62.77 10.78
N UNK LA 6 7.08 -61.73 10.70
CA UNK LA 6 6.97 -60.69 9.68
C UNK LA 6 8.13 -60.71 8.70
N UNK LA 7 9.35 -60.98 9.16
CA UNK LA 7 10.49 -61.04 8.25
C UNK LA 7 10.47 -62.28 7.39
N UNK LA 8 9.85 -63.36 7.87
CA UNK LA 8 9.80 -64.62 7.15
C UNK LA 8 8.45 -64.88 6.48
N UNK LA 9 7.42 -64.12 6.83
CA UNK LA 9 6.12 -64.28 6.17
C UNK LA 9 6.06 -63.60 4.81
N UNK LA 10 7.03 -62.75 4.48
CA UNK LA 10 7.11 -62.19 3.15
C UNK LA 10 7.61 -63.22 2.14
N UNK LA 11 8.25 -64.28 2.59
CA UNK LA 11 8.71 -65.36 1.72
C UNK LA 11 7.68 -66.47 1.58
N UNK LA 12 6.62 -66.49 2.39
CA UNK LA 12 5.64 -67.56 2.30
C UNK LA 12 4.89 -67.50 0.97
N UNK LA 13 4.25 -66.37 0.68
CA UNK LA 13 3.55 -66.21 -0.59
C UNK LA 13 4.53 -66.26 -1.76
N UNK LA 14 5.77 -65.78 -1.56
CA UNK LA 14 6.76 -65.81 -2.63
C UNK LA 14 7.09 -67.25 -3.02
N UNK LA 15 7.38 -68.11 -2.03
CA UNK LA 15 7.67 -69.51 -2.33
C UNK LA 15 6.45 -70.25 -2.85
N UNK LA 16 5.26 -69.95 -2.32
CA UNK LA 16 4.05 -70.59 -2.83
C UNK LA 16 3.79 -70.22 -4.29
N UNK LA 17 4.00 -68.95 -4.65
CA UNK LA 17 3.81 -68.53 -6.03
C UNK LA 17 4.91 -69.06 -6.93
N UNK LA 18 6.14 -69.20 -6.41
CA UNK LA 18 7.19 -69.83 -7.19
C UNK LA 18 6.86 -71.27 -7.50
N UNK LA 19 6.35 -72.01 -6.51
CA UNK LA 19 5.90 -73.37 -6.76
C UNK LA 19 4.70 -73.40 -7.71
N UNK LA 20 3.83 -72.40 -7.62
CA UNK LA 20 2.70 -72.32 -8.55
C UNK LA 20 3.18 -72.14 -9.99
N UNK LA 21 4.11 -71.22 -10.20
CA UNK LA 21 4.66 -71.01 -11.53
C UNK LA 21 5.49 -72.19 -12.02
N UNK LA 22 6.08 -72.95 -11.10
CA UNK LA 22 6.84 -74.14 -11.49
C UNK LA 22 5.91 -75.27 -11.92
N UNK LA 23 4.92 -75.59 -11.09
CA UNK LA 23 4.05 -76.73 -11.37
C UNK LA 23 3.03 -76.43 -12.46
N UNK LA 24 2.51 -75.20 -12.51
CA UNK LA 24 1.53 -74.84 -13.53
C UNK LA 24 2.18 -74.72 -14.91
N UNK LA 25 3.41 -74.21 -14.96
CA UNK LA 25 4.18 -74.05 -16.21
C UNK LA 25 3.36 -73.16 -17.14
N UNK LA 26 3.07 -73.58 -18.37
CA UNK LA 26 2.31 -72.76 -19.30
C UNK LA 26 1.56 -73.64 -20.29
N ASN MA 58 -1.87 -12.90 -46.96
CA ASN MA 58 -2.88 -11.93 -46.57
C ASN MA 58 -4.12 -12.61 -46.00
N VAL MA 59 -4.95 -11.84 -45.30
CA VAL MA 59 -6.18 -12.38 -44.75
C VAL MA 59 -7.16 -12.72 -45.86
N GLU MA 60 -7.30 -11.82 -46.83
CA GLU MA 60 -8.29 -11.97 -47.91
C GLU MA 60 -7.56 -12.18 -49.23
N TYR MA 61 -7.88 -13.28 -49.90
CA TYR MA 61 -7.31 -13.58 -51.21
C TYR MA 61 -8.29 -14.45 -52.00
N PRO MA 62 -9.01 -13.87 -52.96
CA PRO MA 62 -10.08 -14.65 -53.62
C PRO MA 62 -9.58 -15.68 -54.62
N ASN MA 63 -8.38 -15.55 -55.15
CA ASN MA 63 -7.90 -16.45 -56.20
C ASN MA 63 -7.11 -17.62 -55.62
N VAL MA 64 -7.69 -18.35 -54.66
CA VAL MA 64 -6.99 -19.52 -54.13
C VAL MA 64 -7.91 -20.73 -53.99
N PRO MA 65 -8.78 -21.06 -54.98
CA PRO MA 65 -9.24 -22.45 -55.08
C PRO MA 65 -8.45 -23.21 -56.14
N TYR MA 66 -7.63 -22.48 -56.90
CA TYR MA 66 -6.90 -23.04 -58.02
C TYR MA 66 -5.45 -23.36 -57.70
N LEU MA 67 -5.07 -23.29 -56.42
CA LEU MA 67 -3.75 -23.67 -55.96
C LEU MA 67 -3.68 -25.14 -55.57
N GLY MA 68 -4.58 -25.97 -56.08
CA GLY MA 68 -4.67 -27.37 -55.71
C GLY MA 68 -5.93 -27.74 -54.96
N GLY MA 69 -6.81 -26.78 -54.67
CA GLY MA 69 -8.05 -27.05 -53.99
C GLY MA 69 -9.21 -27.46 -54.86
N SER MA 70 -9.09 -27.28 -56.18
CA SER MA 70 -10.15 -27.64 -57.11
C SER MA 70 -9.58 -28.36 -58.32
N ASP MA 71 -10.44 -28.62 -59.31
CA ASP MA 71 -9.98 -29.29 -60.53
C ASP MA 71 -9.12 -28.36 -61.39
N ILE MA 72 -9.56 -27.12 -61.55
CA ILE MA 72 -8.85 -26.16 -62.41
C ILE MA 72 -7.62 -25.65 -61.68
N ILE MA 73 -6.46 -25.73 -62.34
CA ILE MA 73 -5.18 -25.41 -61.74
C ILE MA 73 -4.66 -24.12 -62.35
N ASP MA 74 -4.25 -23.18 -61.50
CA ASP MA 74 -3.72 -21.90 -61.94
C ASP MA 74 -2.19 -21.94 -61.92
N VAL MA 75 -1.58 -21.52 -63.02
CA VAL MA 75 -0.13 -21.49 -63.14
C VAL MA 75 0.42 -20.21 -62.51
N ASN MA 76 1.74 -20.17 -62.33
CA ASN MA 76 2.48 -19.03 -61.75
C ASN MA 76 1.93 -18.59 -60.40
N ASN MA 77 1.12 -19.43 -59.75
CA ASN MA 77 0.74 -19.21 -58.37
C ASN MA 77 0.67 -20.49 -57.55
N ALA MA 78 1.01 -21.65 -58.12
CA ALA MA 78 0.85 -22.93 -57.47
C ALA MA 78 2.16 -23.69 -57.45
N ASN MA 79 2.26 -24.61 -56.49
CA ASN MA 79 3.45 -25.43 -56.32
C ASN MA 79 3.48 -26.54 -57.38
N VAL MA 80 4.63 -27.20 -57.50
CA VAL MA 80 4.76 -28.32 -58.40
C VAL MA 80 4.02 -29.56 -57.93
N ARG MA 81 3.59 -29.58 -56.67
CA ARG MA 81 2.87 -30.74 -56.14
C ARG MA 81 1.48 -30.90 -56.73
N VAL MA 82 0.88 -29.80 -57.21
CA VAL MA 82 -0.47 -29.86 -57.77
C VAL MA 82 -0.51 -30.45 -59.17
N TYR MA 83 0.63 -30.58 -59.83
CA TYR MA 83 0.70 -31.23 -61.13
C TYR MA 83 0.84 -32.74 -61.03
N THR MA 84 1.00 -33.28 -59.80
CA THR MA 84 1.01 -34.72 -59.60
C THR MA 84 -0.39 -35.32 -59.67
N ARG MA 85 -1.43 -34.50 -59.58
CA ARG MA 85 -2.79 -34.99 -59.79
C ARG MA 85 -3.03 -35.36 -61.25
N LEU MA 86 -2.47 -34.58 -62.17
CA LEU MA 86 -2.60 -34.87 -63.59
C LEU MA 86 -1.50 -35.84 -64.01
N PRO MA 87 -1.84 -37.02 -64.54
CA PRO MA 87 -0.80 -37.95 -65.00
C PRO MA 87 0.00 -37.36 -66.16
N GLY MA 88 1.32 -37.54 -66.10
CA GLY MA 88 2.19 -37.08 -67.16
C GLY MA 88 2.62 -35.64 -67.09
N MET MA 89 2.27 -34.91 -66.02
CA MET MA 89 2.59 -33.50 -65.87
C MET MA 89 3.66 -33.25 -64.81
N TYR MA 90 4.38 -34.29 -64.39
CA TYR MA 90 5.35 -34.16 -63.31
C TYR MA 90 6.33 -35.31 -63.41
N PRO MA 91 7.63 -35.08 -63.14
CA PRO MA 91 8.27 -33.81 -62.81
C PRO MA 91 8.68 -33.04 -64.05
N ALA MA 92 8.38 -33.57 -65.23
CA ALA MA 92 8.59 -32.83 -66.46
C ALA MA 92 7.42 -31.88 -66.70
N ILE MA 93 7.53 -31.10 -67.78
CA ILE MA 93 6.48 -30.18 -68.21
C ILE MA 93 6.23 -29.10 -67.17
N ALA MA 94 5.87 -29.50 -65.94
CA ALA MA 94 5.63 -28.53 -64.88
C ALA MA 94 6.90 -27.75 -64.55
N LYS MA 95 8.07 -28.36 -64.74
CA LYS MA 95 9.32 -27.65 -64.59
C LYS MA 95 9.42 -26.48 -65.57
N LYS MA 96 9.02 -26.72 -66.82
CA LYS MA 96 8.99 -25.65 -67.82
C LYS MA 96 7.98 -24.57 -67.44
N ILE MA 97 6.86 -24.95 -66.83
CA ILE MA 97 5.86 -23.99 -66.40
C ILE MA 97 6.40 -23.10 -65.28
N ILE MA 98 7.04 -23.71 -64.29
CA ILE MA 98 7.51 -22.95 -63.13
C ILE MA 98 8.73 -22.09 -63.47
N LYS MA 99 9.63 -22.59 -64.33
CA LYS MA 99 10.83 -21.82 -64.65
C LYS MA 99 10.48 -20.49 -65.32
N ARG MA 100 9.68 -20.54 -66.39
CA ARG MA 100 9.18 -19.32 -67.03
C ARG MA 100 7.76 -19.04 -66.54
N ALA MA 101 7.68 -18.53 -65.31
CA ALA MA 101 6.41 -18.53 -64.59
C ALA MA 101 5.37 -17.59 -65.19
N PRO MA 102 5.60 -16.27 -65.30
CA PRO MA 102 4.49 -15.35 -65.59
C PRO MA 102 3.92 -15.56 -66.99
N TYR MA 103 2.60 -15.78 -67.06
CA TYR MA 103 1.89 -15.99 -68.31
C TYR MA 103 0.67 -15.08 -68.35
N LYS MA 104 0.30 -14.62 -69.54
CA LYS MA 104 -0.93 -13.86 -69.69
C LYS MA 104 -2.14 -14.78 -69.71
N ASP MA 105 -2.08 -15.85 -70.50
CA ASP MA 105 -3.14 -16.84 -70.54
C ASP MA 105 -2.53 -18.19 -70.92
N ILE MA 106 -3.38 -19.14 -71.30
CA ILE MA 106 -2.91 -20.49 -71.61
C ILE MA 106 -2.05 -20.50 -72.87
N ASN MA 107 -2.46 -19.74 -73.89
CA ASN MA 107 -1.72 -19.75 -75.15
C ASN MA 107 -0.31 -19.18 -74.99
N GLU MA 108 -0.13 -18.23 -74.06
CA GLU MA 108 1.22 -17.77 -73.76
C GLU MA 108 2.08 -18.90 -73.19
N MET MA 109 1.49 -19.74 -72.34
CA MET MA 109 2.23 -20.91 -71.85
C MET MA 109 2.53 -21.89 -72.98
N LEU MA 110 1.57 -22.08 -73.90
CA LEU MA 110 1.78 -23.01 -75.00
C LEU MA 110 2.81 -22.51 -76.00
N GLU MA 111 3.01 -21.20 -76.10
CA GLU MA 111 3.93 -20.62 -77.07
C GLU MA 111 5.32 -20.32 -76.49
N LYS MA 112 5.38 -19.62 -75.36
CA LYS MA 112 6.66 -19.26 -74.78
C LYS MA 112 7.39 -20.44 -74.16
N GLY MA 113 6.66 -21.48 -73.74
CA GLY MA 113 7.31 -22.65 -73.19
C GLY MA 113 7.89 -23.53 -74.28
N ASP MA 114 9.06 -24.12 -73.98
CA ASP MA 114 9.75 -25.00 -74.93
C ASP MA 114 9.21 -26.42 -74.78
N PHE MA 115 8.00 -26.62 -75.30
CA PHE MA 115 7.31 -27.89 -75.17
C PHE MA 115 7.50 -28.73 -76.43
N THR MA 116 7.93 -29.97 -76.25
CA THR MA 116 8.02 -30.93 -77.34
C THR MA 116 6.64 -31.47 -77.68
N ALA MA 117 6.54 -32.12 -78.84
CA ALA MA 117 5.25 -32.54 -79.38
C ALA MA 117 4.51 -33.48 -78.43
N ALA MA 118 5.22 -34.40 -77.77
CA ALA MA 118 4.57 -35.26 -76.78
C ALA MA 118 4.11 -34.45 -75.57
N GLU MA 119 4.93 -33.52 -75.11
CA GLU MA 119 4.52 -32.62 -74.04
C GLU MA 119 3.33 -31.77 -74.47
N LYS MA 120 3.31 -31.34 -75.74
CA LYS MA 120 2.16 -30.61 -76.25
C LYS MA 120 0.91 -31.51 -76.30
N ASP MA 121 1.09 -32.81 -76.56
CA ASP MA 121 -0.04 -33.73 -76.50
C ASP MA 121 -0.58 -33.85 -75.08
N ILE MA 122 0.31 -33.90 -74.08
CA ILE MA 122 -0.14 -33.89 -72.69
C ILE MA 122 -0.89 -32.59 -72.38
N LEU MA 123 -0.35 -31.46 -72.83
CA LEU MA 123 -1.02 -30.18 -72.63
C LEU MA 123 -2.40 -30.17 -73.28
N ASP MA 124 -2.52 -30.74 -74.49
CA ASP MA 124 -3.82 -30.89 -75.13
C ASP MA 124 -4.73 -31.83 -74.33
N LYS MA 125 -4.14 -32.79 -73.63
CA LYS MA 125 -4.93 -33.66 -72.76
C LYS MA 125 -5.45 -32.92 -71.53
N TYR MA 126 -4.80 -31.84 -71.11
CA TYR MA 126 -5.19 -31.15 -69.88
C TYR MA 126 -5.44 -29.67 -70.12
N LEU MA 127 -6.28 -29.37 -71.13
CA LEU MA 127 -6.72 -27.99 -71.33
C LEU MA 127 -7.66 -27.51 -70.23
N PRO MA 128 -8.82 -28.14 -69.99
CA PRO MA 128 -9.87 -27.48 -69.18
C PRO MA 128 -9.53 -27.35 -67.70
N ASN MA 129 -8.75 -28.25 -67.12
CA ASN MA 129 -8.34 -28.11 -65.72
C ASN MA 129 -7.02 -27.35 -65.60
N LEU MA 130 -7.00 -26.16 -66.21
CA LEU MA 130 -5.76 -25.38 -66.32
C LEU MA 130 -6.12 -23.95 -66.69
N THR MA 131 -5.60 -22.99 -65.93
CA THR MA 131 -5.88 -21.59 -66.16
C THR MA 131 -4.65 -20.76 -65.81
N ALA MA 132 -4.75 -19.46 -66.07
CA ALA MA 132 -3.65 -18.52 -65.79
C ALA MA 132 -4.26 -17.20 -65.35
N LEU MA 133 -4.07 -16.86 -64.08
CA LEU MA 133 -4.59 -15.64 -63.49
C LEU MA 133 -3.44 -14.69 -63.14
N GLU MA 134 -3.77 -13.58 -62.48
CA GLU MA 134 -2.77 -12.60 -62.12
C GLU MA 134 -1.80 -13.18 -61.10
N PRO MA 135 -0.51 -12.85 -61.20
CA PRO MA 135 0.48 -13.42 -60.28
C PRO MA 135 0.48 -12.70 -58.94
N ALA MA 136 0.62 -13.50 -57.87
CA ALA MA 136 0.77 -12.98 -56.52
C ALA MA 136 2.17 -13.29 -56.02
N PRO MA 137 2.96 -12.28 -55.65
CA PRO MA 137 4.34 -12.56 -55.24
C PRO MA 137 4.47 -13.38 -53.97
N GLU MA 138 3.43 -13.47 -53.15
CA GLU MA 138 3.49 -14.34 -51.98
C GLU MA 138 3.49 -15.81 -52.35
N TYR MA 139 2.91 -16.14 -53.50
CA TYR MA 139 2.88 -17.52 -53.98
C TYR MA 139 3.87 -17.79 -55.11
N VAL MA 140 4.40 -16.73 -55.74
CA VAL MA 140 5.45 -16.93 -56.74
C VAL MA 140 6.74 -17.43 -56.08
N ILE MA 141 7.07 -16.89 -54.91
CA ILE MA 141 8.31 -17.25 -54.23
C ILE MA 141 8.29 -18.66 -53.67
N ASP MA 142 7.12 -19.30 -53.61
CA ASP MA 142 6.97 -20.63 -53.03
C ASP MA 142 6.24 -21.56 -53.99
N ASN MA 143 6.65 -21.54 -55.26
CA ASN MA 143 6.07 -22.42 -56.26
C ASN MA 143 6.89 -23.68 -56.49
N ILE MA 144 7.99 -23.87 -55.75
CA ILE MA 144 8.80 -25.06 -55.85
C ILE MA 144 8.74 -25.89 -54.57
N ASN MA 145 8.70 -25.23 -53.41
CA ASN MA 145 8.67 -25.92 -52.13
C ASN MA 145 7.36 -25.69 -51.38
N ASN MA 146 7.02 -24.42 -51.12
CA ASN MA 146 5.75 -24.02 -50.49
C ASN MA 146 5.61 -24.57 -49.07
N GLY MA 147 6.61 -25.29 -48.58
CA GLY MA 147 6.60 -25.78 -47.22
C GLY MA 147 5.71 -26.98 -46.95
N LEU MA 148 5.00 -27.49 -47.97
CA LEU MA 148 4.16 -28.66 -47.81
C LEU MA 148 4.97 -29.92 -48.07
N TYR MA 149 4.88 -30.89 -47.15
CA TYR MA 149 5.68 -32.10 -47.28
C TYR MA 149 4.90 -33.38 -46.98
N ARG MA 150 3.56 -33.31 -46.94
CA ARG MA 150 2.76 -34.50 -46.67
C ARG MA 150 1.36 -34.40 -47.27
N THR NA 33 -9.55 -58.70 -46.27
CA THR NA 33 -9.74 -58.40 -47.68
C THR NA 33 -8.94 -59.37 -48.54
N ARG NA 34 -7.61 -59.18 -48.55
CA ARG NA 34 -6.66 -60.09 -49.18
C ARG NA 34 -6.84 -60.20 -50.69
N THR NA 35 -7.54 -59.26 -51.31
CA THR NA 35 -7.79 -59.28 -52.76
C THR NA 35 -7.32 -57.95 -53.34
N VAL NA 36 -6.27 -58.00 -54.16
CA VAL NA 36 -5.73 -56.80 -54.79
C VAL NA 36 -5.76 -56.99 -56.31
N PRO NA 37 -5.87 -55.92 -57.09
CA PRO NA 37 -5.81 -56.07 -58.55
C PRO NA 37 -4.44 -56.57 -59.00
N LEU NA 38 -4.46 -57.41 -60.05
CA LEU NA 38 -3.25 -58.02 -60.58
C LEU NA 38 -2.83 -57.41 -61.91
N ASP NA 39 -3.73 -57.42 -62.89
CA ASP NA 39 -3.46 -56.88 -64.21
C ASP NA 39 -4.04 -55.48 -64.36
N SER NA 40 -3.63 -54.81 -65.43
CA SER NA 40 -4.17 -53.49 -65.74
C SER NA 40 -5.57 -53.56 -66.33
N SER NA 41 -5.99 -54.73 -66.81
CA SER NA 41 -7.34 -54.86 -67.37
C SER NA 41 -8.39 -54.89 -66.27
N GLY NA 42 -8.04 -55.39 -65.09
CA GLY NA 42 -8.98 -55.48 -63.99
C GLY NA 42 -8.97 -56.83 -63.29
N THR NA 43 -7.99 -57.66 -63.64
CA THR NA 43 -7.87 -58.96 -62.99
C THR NA 43 -7.38 -58.81 -61.57
N THR NA 44 -7.98 -59.57 -60.65
CA THR NA 44 -7.64 -59.52 -59.24
C THR NA 44 -7.10 -60.86 -58.79
N VAL NA 45 -6.20 -60.83 -57.80
CA VAL NA 45 -5.59 -62.03 -57.24
C VAL NA 45 -5.82 -62.03 -55.74
N ILE NA 46 -6.16 -63.20 -55.20
CA ILE NA 46 -6.40 -63.36 -53.77
C ILE NA 46 -5.10 -63.79 -53.11
N LEU NA 47 -4.61 -62.96 -52.18
CA LEU NA 47 -3.32 -63.21 -51.56
C LEU NA 47 -3.45 -64.13 -50.36
N THR NA 48 -2.50 -65.05 -50.23
CA THR NA 48 -2.46 -65.89 -49.04
C THR NA 48 -1.98 -65.07 -47.84
N PRO NA 49 -2.43 -65.42 -46.63
CA PRO NA 49 -1.95 -64.69 -45.43
C PRO NA 49 -0.44 -64.75 -45.26
N GLU NA 50 0.20 -65.85 -45.67
CA GLU NA 50 1.66 -65.91 -45.63
C GLU NA 50 2.27 -64.88 -46.55
N GLN NA 51 1.69 -64.70 -47.75
CA GLN NA 51 2.16 -63.65 -48.65
C GLN NA 51 1.98 -62.27 -48.05
N VAL NA 52 0.84 -62.03 -47.38
CA VAL NA 52 0.60 -60.73 -46.77
C VAL NA 52 1.62 -60.46 -45.66
N LYS NA 53 1.87 -61.45 -44.79
CA LYS NA 53 2.82 -61.26 -43.71
C LYS NA 53 4.23 -61.07 -44.24
N ARG NA 54 4.63 -61.86 -45.24
CA ARG NA 54 5.96 -61.73 -45.81
C ARG NA 54 6.13 -60.39 -46.53
N GLY NA 55 5.10 -59.93 -47.23
CA GLY NA 55 5.17 -58.63 -47.86
C GLY NA 55 5.27 -57.50 -46.84
N LYS NA 56 4.51 -57.60 -45.75
CA LYS NA 56 4.63 -56.61 -44.69
C LYS NA 56 6.04 -56.58 -44.11
N ARG NA 57 6.60 -57.76 -43.83
CA ARG NA 57 7.94 -57.82 -43.25
C ARG NA 57 8.99 -57.29 -44.22
N LEU NA 58 8.92 -57.67 -45.49
CA LEU NA 58 9.89 -57.21 -46.47
C LEU NA 58 9.74 -55.72 -46.75
N PHE NA 59 8.51 -55.19 -46.69
CA PHE NA 59 8.31 -53.76 -46.89
C PHE NA 59 8.82 -52.96 -45.71
N ASN NA 60 8.65 -53.48 -44.49
CA ASN NA 60 9.18 -52.79 -43.32
C ASN NA 60 10.69 -52.91 -43.22
N SER NA 61 11.28 -53.95 -43.83
CA SER NA 61 12.74 -54.10 -43.79
C SER NA 61 13.45 -53.35 -44.90
N SER NA 62 12.95 -53.43 -46.13
CA SER NA 62 13.64 -52.88 -47.29
C SER NA 62 13.11 -51.52 -47.73
N CYS NA 63 11.88 -51.17 -47.35
CA CYS NA 63 11.27 -49.91 -47.78
C CYS NA 63 10.87 -48.99 -46.64
N GLY NA 64 10.90 -49.47 -45.39
CA GLY NA 64 10.34 -48.69 -44.29
C GLY NA 64 11.05 -47.38 -44.06
N ASN NA 65 12.38 -47.35 -44.16
CA ASN NA 65 13.16 -46.15 -43.87
C ASN NA 65 12.80 -45.00 -44.80
N CYS NA 66 12.23 -45.27 -45.97
CA CYS NA 66 11.80 -44.25 -46.89
C CYS NA 66 10.32 -44.28 -47.20
N HIS NA 67 9.60 -45.34 -46.79
CA HIS NA 67 8.18 -45.48 -47.05
C HIS NA 67 7.44 -45.93 -45.79
N VAL NA 68 7.77 -45.33 -44.66
CA VAL NA 68 6.96 -45.53 -43.47
C VAL NA 68 5.62 -44.82 -43.66
N GLY NA 69 4.52 -45.55 -43.40
CA GLY NA 69 3.21 -44.96 -43.48
C GLY NA 69 2.68 -44.70 -44.87
N GLY NA 70 3.36 -45.19 -45.90
CA GLY NA 70 2.91 -44.98 -47.26
C GLY NA 70 3.30 -43.65 -47.88
N ILE NA 71 4.20 -42.90 -47.25
CA ILE NA 71 4.67 -41.63 -47.79
C ILE NA 71 6.11 -41.79 -48.23
N THR NA 72 6.68 -40.76 -48.84
CA THR NA 72 8.08 -40.75 -49.24
C THR NA 72 8.81 -39.68 -48.44
N LYS NA 73 9.80 -40.10 -47.65
CA LYS NA 73 10.56 -39.16 -46.84
C LYS NA 73 11.57 -38.37 -47.65
N THR NA 74 11.91 -38.83 -48.86
CA THR NA 74 12.92 -38.19 -49.67
C THR NA 74 12.37 -37.44 -50.88
N ASN NA 75 11.13 -37.75 -51.29
CA ASN NA 75 10.43 -36.98 -52.32
C ASN NA 75 8.97 -36.90 -51.91
N PRO NA 76 8.63 -35.97 -51.00
CA PRO NA 76 7.28 -35.94 -50.44
C PRO NA 76 6.20 -35.55 -51.43
N ASN NA 77 6.55 -35.09 -52.64
CA ASN NA 77 5.54 -34.76 -53.63
C ASN NA 77 4.81 -36.00 -54.14
N LEU NA 78 5.44 -37.17 -54.05
CA LEU NA 78 4.83 -38.43 -54.45
C LEU NA 78 4.79 -39.37 -53.26
N GLY NA 79 3.84 -40.30 -53.28
CA GLY NA 79 3.66 -41.22 -52.19
C GLY NA 79 3.07 -42.53 -52.67
N LEU NA 80 2.84 -43.44 -51.72
CA LEU NA 80 2.29 -44.75 -52.00
C LEU NA 80 0.77 -44.81 -51.81
N GLU NA 81 0.12 -43.65 -51.69
CA GLU NA 81 -1.33 -43.63 -51.66
C GLU NA 81 -1.89 -44.07 -53.01
N PRO NA 82 -3.03 -44.76 -53.01
CA PRO NA 82 -3.56 -45.28 -54.28
C PRO NA 82 -3.89 -44.23 -55.31
N ASP NA 83 -4.23 -43.00 -54.89
CA ASP NA 83 -4.50 -41.94 -55.87
C ASP NA 83 -3.25 -41.55 -56.62
N ALA NA 84 -2.10 -41.50 -55.93
CA ALA NA 84 -0.85 -41.17 -56.61
C ALA NA 84 -0.38 -42.30 -57.51
N LEU NA 85 -0.63 -43.55 -57.13
CA LEU NA 85 -0.24 -44.69 -57.96
C LEU NA 85 -1.14 -44.83 -59.18
N SER NA 86 -2.44 -44.56 -59.02
CA SER NA 86 -3.37 -44.71 -60.14
C SER NA 86 -3.23 -43.58 -61.16
N LEU NA 87 -2.92 -42.38 -60.70
CA LEU NA 87 -2.77 -41.22 -61.60
C LEU NA 87 -1.33 -41.06 -62.06
N ALA NA 88 -0.76 -42.11 -62.64
CA ALA NA 88 0.61 -42.10 -63.10
C ALA NA 88 0.69 -42.73 -64.49
N THR NA 89 1.78 -42.41 -65.19
CA THR NA 89 2.06 -42.98 -66.51
C THR NA 89 3.35 -43.79 -66.43
N PRO NA 90 3.27 -45.12 -66.36
CA PRO NA 90 2.06 -45.96 -66.31
C PRO NA 90 1.44 -46.00 -64.91
N ALA NA 91 0.17 -46.38 -64.81
CA ALA NA 91 -0.51 -46.42 -63.53
C ALA NA 91 0.01 -47.59 -62.70
N ARG NA 92 0.42 -47.31 -61.46
CA ARG NA 92 1.01 -48.30 -60.58
C ARG NA 92 0.01 -48.88 -59.59
N ASP NA 93 -1.25 -49.00 -59.98
CA ASP NA 93 -2.31 -49.49 -59.10
C ASP NA 93 -2.58 -50.97 -59.29
N ASN NA 94 -1.58 -51.73 -59.74
CA ASN NA 94 -1.72 -53.18 -59.92
C ASN NA 94 -0.41 -53.84 -59.54
N ILE NA 95 -0.43 -55.18 -59.50
CA ILE NA 95 0.74 -55.94 -59.09
C ILE NA 95 1.86 -55.82 -60.13
N ASP NA 96 1.51 -56.01 -61.41
CA ASP NA 96 2.52 -56.05 -62.45
C ASP NA 96 3.21 -54.70 -62.63
N ALA NA 97 2.47 -53.60 -62.51
CA ALA NA 97 3.09 -52.28 -62.61
C ALA NA 97 4.07 -52.05 -61.48
N LEU NA 98 3.72 -52.46 -60.27
CA LEU NA 98 4.64 -52.30 -59.13
C LEU NA 98 5.88 -53.18 -59.30
N VAL NA 99 5.70 -54.41 -59.79
CA VAL NA 99 6.87 -55.27 -60.02
C VAL NA 99 7.76 -54.69 -61.11
N ASP NA 100 7.16 -54.14 -62.16
CA ASP NA 100 7.94 -53.51 -63.22
C ASP NA 100 8.66 -52.27 -62.72
N TYR NA 101 8.04 -51.51 -61.81
CA TYR NA 101 8.72 -50.37 -61.20
C TYR NA 101 9.87 -50.82 -60.32
N MET NA 102 9.72 -51.92 -59.60
CA MET NA 102 10.81 -52.46 -58.80
C MET NA 102 11.89 -53.09 -59.66
N LYS NA 103 11.59 -53.47 -60.90
CA LYS NA 103 12.60 -53.94 -61.84
C LYS NA 103 13.17 -52.80 -62.68
N ASN NA 104 12.35 -51.83 -63.06
CA ASN NA 104 12.81 -50.69 -63.85
C ASN NA 104 12.03 -49.46 -63.43
N PRO NA 105 12.52 -48.70 -62.44
CA PRO NA 105 11.81 -47.51 -61.98
C PRO NA 105 12.01 -46.34 -62.93
N THR NA 106 10.93 -45.63 -63.22
CA THR NA 106 10.95 -44.44 -64.05
C THR NA 106 10.46 -43.25 -63.22
N THR NA 107 10.46 -42.07 -63.84
CA THR NA 107 9.95 -40.88 -63.20
C THR NA 107 8.42 -40.91 -63.18
N TYR NA 108 7.82 -39.87 -62.60
CA TYR NA 108 6.36 -39.80 -62.57
C TYR NA 108 5.78 -39.59 -63.95
N ASP NA 109 6.51 -38.91 -64.84
CA ASP NA 109 6.10 -38.82 -66.23
C ASP NA 109 6.37 -40.11 -66.98
N GLY NA 110 7.42 -40.85 -66.60
CA GLY NA 110 7.73 -42.13 -67.18
C GLY NA 110 8.80 -42.12 -68.26
N LEU NA 111 9.15 -40.95 -68.78
CA LEU NA 111 10.14 -40.89 -69.85
C LEU NA 111 11.56 -41.08 -69.33
N GLU NA 112 11.84 -40.66 -68.11
CA GLU NA 112 13.18 -40.70 -67.53
C GLU NA 112 13.26 -41.79 -66.48
N SER NA 113 14.32 -42.61 -66.56
CA SER NA 113 14.54 -43.67 -65.60
C SER NA 113 15.33 -43.14 -64.40
N ILE NA 114 15.05 -43.70 -63.23
CA ILE NA 114 15.72 -43.30 -62.00
C ILE NA 114 16.38 -44.51 -61.36
N ALA NA 115 16.83 -45.46 -62.18
CA ALA NA 115 17.47 -46.67 -61.66
C ALA NA 115 18.75 -46.36 -60.88
N GLU NA 116 19.43 -45.26 -61.20
CA GLU NA 116 20.59 -44.87 -60.41
C GLU NA 116 20.18 -44.41 -59.02
N LEU NA 117 19.07 -43.68 -58.93
CA LEU NA 117 18.62 -43.11 -57.65
C LEU NA 117 17.68 -44.04 -56.89
N HIS NA 118 16.82 -44.77 -57.60
CA HIS NA 118 15.85 -45.64 -56.94
C HIS NA 118 16.34 -47.08 -56.94
N PRO NA 119 16.13 -47.82 -55.84
CA PRO NA 119 16.56 -49.23 -55.81
C PRO NA 119 15.84 -50.05 -56.86
N SER NA 120 16.58 -51.00 -57.44
CA SER NA 120 16.05 -51.85 -58.49
C SER NA 120 16.90 -53.11 -58.57
N VAL NA 121 16.32 -54.16 -59.17
CA VAL NA 121 17.10 -55.37 -59.44
C VAL NA 121 18.09 -55.14 -60.58
N LYS NA 122 17.83 -54.16 -61.45
CA LYS NA 122 18.85 -53.74 -62.41
C LYS NA 122 20.05 -53.14 -61.71
N SER NA 123 19.80 -52.35 -60.66
CA SER NA 123 20.85 -51.69 -59.89
C SER NA 123 21.10 -52.38 -58.56
N ALA NA 124 21.01 -53.71 -58.52
CA ALA NA 124 21.28 -54.43 -57.29
C ALA NA 124 22.73 -54.28 -56.82
N ASP NA 125 23.65 -54.00 -57.75
CA ASP NA 125 25.02 -53.69 -57.35
C ASP NA 125 25.09 -52.33 -56.67
N ILE NA 126 24.22 -51.40 -57.06
CA ILE NA 126 24.20 -50.09 -56.42
C ILE NA 126 23.58 -50.15 -55.03
N PHE NA 127 22.45 -50.84 -54.91
CA PHE NA 127 21.76 -50.99 -53.63
C PHE NA 127 21.87 -52.44 -53.18
N PRO NA 128 22.73 -52.76 -52.20
CA PRO NA 128 22.98 -54.16 -51.85
C PRO NA 128 21.80 -54.88 -51.22
N LYS NA 129 20.81 -54.17 -50.70
CA LYS NA 129 19.69 -54.84 -50.05
C LYS NA 129 18.71 -55.46 -51.04
N MET NA 130 18.81 -55.12 -52.33
CA MET NA 130 17.93 -55.67 -53.33
C MET NA 130 18.36 -57.05 -53.81
N ARG NA 131 19.60 -57.45 -53.54
CA ARG NA 131 20.14 -58.68 -54.11
C ARG NA 131 19.48 -59.94 -53.58
N SER NA 132 18.70 -59.86 -52.51
CA SER NA 132 18.05 -61.03 -51.94
C SER NA 132 16.57 -61.15 -52.34
N LEU NA 133 16.02 -60.14 -53.01
CA LEU NA 133 14.60 -60.14 -53.36
C LEU NA 133 14.39 -60.86 -54.69
N SER NA 134 13.50 -61.84 -54.69
CA SER NA 134 13.14 -62.58 -55.89
C SER NA 134 11.81 -62.06 -56.44
N ASP NA 135 11.29 -62.75 -57.46
CA ASP NA 135 10.03 -62.32 -58.06
C ASP NA 135 8.87 -62.49 -57.10
N GLU NA 136 8.87 -63.57 -56.31
CA GLU NA 136 7.83 -63.74 -55.30
C GLU NA 136 7.94 -62.68 -54.21
N ASP NA 137 9.15 -62.25 -53.88
CA ASP NA 137 9.32 -61.17 -52.92
C ASP NA 137 8.73 -59.86 -53.44
N LEU NA 138 8.98 -59.55 -54.71
CA LEU NA 138 8.36 -58.36 -55.29
C LEU NA 138 6.85 -58.50 -55.37
N PHE NA 139 6.37 -59.70 -55.65
CA PHE NA 139 4.93 -59.95 -55.65
C PHE NA 139 4.32 -59.66 -54.27
N ALA NA 140 4.97 -60.14 -53.21
CA ALA NA 140 4.48 -59.90 -51.86
C ALA NA 140 4.56 -58.42 -51.50
N ILE NA 141 5.64 -57.73 -51.89
CA ILE NA 141 5.77 -56.31 -51.59
C ILE NA 141 4.68 -55.51 -52.30
N GLY NA 142 4.44 -55.80 -53.58
CA GLY NA 142 3.37 -55.13 -54.29
C GLY NA 142 2.00 -55.43 -53.71
N GLY NA 143 1.77 -56.67 -53.29
CA GLY NA 143 0.52 -57.00 -52.63
C GLY NA 143 0.33 -56.26 -51.32
N HIS NA 144 1.40 -56.10 -50.55
CA HIS NA 144 1.32 -55.32 -49.32
C HIS NA 144 1.04 -53.84 -49.62
N ILE NA 145 1.68 -53.30 -50.65
CA ILE NA 145 1.46 -51.90 -51.01
C ILE NA 145 0.02 -51.68 -51.46
N LEU NA 146 -0.52 -52.58 -52.28
CA LEU NA 146 -1.90 -52.45 -52.72
C LEU NA 146 -2.90 -52.78 -51.62
N LEU NA 147 -2.50 -53.56 -50.62
CA LEU NA 147 -3.41 -54.04 -49.59
C LEU NA 147 -3.56 -53.07 -48.43
N GLN NA 148 -2.58 -52.19 -48.23
CA GLN NA 148 -2.64 -51.27 -47.10
C GLN NA 148 -3.72 -50.19 -47.20
N PRO NA 149 -4.07 -49.65 -48.36
CA PRO NA 149 -5.16 -48.65 -48.38
C PRO NA 149 -6.48 -49.17 -47.84
N LYS NA 150 -6.73 -50.48 -47.91
CA LYS NA 150 -7.94 -51.05 -47.35
C LYS NA 150 -7.81 -51.35 -45.86
N LEU NA 151 -6.64 -51.15 -45.27
CA LEU NA 151 -6.39 -51.36 -43.85
C LEU NA 151 -6.13 -50.00 -43.22
N SER NA 152 -7.04 -49.58 -42.33
CA SER NA 152 -6.95 -48.27 -41.68
C SER NA 152 -6.88 -47.15 -42.70
N SER NA 153 -7.97 -47.01 -43.44
CA SER NA 153 -8.03 -46.10 -44.58
C SER NA 153 -7.74 -44.67 -44.15
N GLU NA 154 -7.23 -43.89 -45.11
CA GLU NA 154 -6.80 -42.49 -44.98
C GLU NA 154 -5.54 -42.33 -44.15
N LYS NA 155 -5.02 -43.40 -43.56
CA LYS NA 155 -3.75 -43.34 -42.85
C LYS NA 155 -2.56 -43.76 -43.71
N TRP NA 156 -2.83 -44.52 -44.79
CA TRP NA 156 -1.78 -44.96 -45.70
C TRP NA 156 -1.50 -43.84 -46.69
N GLY NA 157 -0.32 -43.23 -46.58
CA GLY NA 157 0.03 -42.11 -47.44
C GLY NA 157 -0.47 -40.76 -46.97
N GLY NA 158 -1.23 -40.71 -45.87
CA GLY NA 158 -1.73 -39.46 -45.35
C GLY NA 158 -0.76 -38.69 -44.48
N GLY NA 159 0.41 -39.26 -44.21
CA GLY NA 159 1.42 -38.56 -43.42
C GLY NA 159 1.11 -38.60 -41.94
N LYS NA 160 1.75 -37.68 -41.22
CA LYS NA 160 1.62 -37.58 -39.78
C LYS NA 160 0.25 -37.07 -39.33
N ILE NA 161 -0.53 -36.49 -40.24
CA ILE NA 161 -1.84 -35.97 -39.87
C ILE NA 161 -2.77 -37.11 -39.44
N TYR NA 162 -2.75 -38.22 -40.17
CA TYR NA 162 -3.58 -39.37 -39.86
C TYR NA 162 -2.79 -40.42 -39.08
N TYR NA 163 -2.36 -40.02 -37.88
CA TYR NA 163 -1.65 -40.93 -36.99
C TYR NA 163 -2.50 -41.23 -35.75
N MET OA 1 -43.81 -47.01 -9.03
CA MET OA 1 -42.57 -47.76 -8.88
C MET OA 1 -41.86 -47.91 -10.22
N THR OA 2 -40.92 -47.00 -10.49
CA THR OA 2 -40.14 -47.06 -11.71
C THR OA 2 -39.12 -48.20 -11.63
N PRO OA 3 -38.62 -48.66 -12.79
CA PRO OA 3 -37.54 -49.65 -12.75
C PRO OA 3 -36.31 -49.18 -12.02
N SER OA 4 -35.99 -47.89 -12.10
CA SER OA 4 -34.84 -47.37 -11.35
C SER OA 4 -35.09 -47.42 -9.85
N LEU OA 5 -36.31 -47.10 -9.41
CA LEU OA 5 -36.62 -47.17 -7.99
C LEU OA 5 -36.63 -48.61 -7.50
N SER OA 6 -37.18 -49.53 -8.29
CA SER OA 6 -37.13 -50.94 -7.92
C SER OA 6 -35.70 -51.43 -7.85
N ALA OA 7 -34.86 -51.02 -8.79
CA ALA OA 7 -33.45 -51.38 -8.77
C ALA OA 7 -32.76 -50.78 -7.54
N PHE OA 8 -33.14 -49.57 -7.14
CA PHE OA 8 -32.54 -48.98 -5.95
C PHE OA 8 -32.92 -49.75 -4.68
N ILE OA 9 -34.19 -50.13 -4.56
CA ILE OA 9 -34.60 -50.92 -3.40
C ILE OA 9 -33.92 -52.27 -3.41
N ASN OA 10 -33.85 -52.93 -4.57
CA ASN OA 10 -33.16 -54.20 -4.66
C ASN OA 10 -31.68 -54.05 -4.37
N SER OA 11 -31.07 -52.92 -4.74
CA SER OA 11 -29.68 -52.68 -4.42
C SER OA 11 -29.48 -52.53 -2.93
N LEU OA 12 -30.40 -51.83 -2.24
CA LEU OA 12 -30.31 -51.74 -0.80
C LEU OA 12 -30.42 -53.11 -0.14
N LEU OA 13 -31.37 -53.92 -0.61
CA LEU OA 13 -31.54 -55.26 -0.03
C LEU OA 13 -30.32 -56.14 -0.30
N LEU OA 14 -29.81 -56.11 -1.53
CA LEU OA 14 -28.63 -56.91 -1.86
C LEU OA 14 -27.41 -56.44 -1.09
N GLY OA 15 -27.21 -55.12 -0.98
CA GLY OA 15 -26.12 -54.62 -0.19
C GLY OA 15 -26.19 -55.08 1.25
N LEU OA 16 -27.37 -54.96 1.86
CA LEU OA 16 -27.56 -55.48 3.21
C LEU OA 16 -27.16 -56.95 3.28
N PHE OA 17 -27.91 -57.80 2.59
CA PHE OA 17 -27.81 -59.25 2.77
C PHE OA 17 -26.54 -59.85 2.18
N VAL OA 18 -25.73 -59.09 1.44
CA VAL OA 18 -24.51 -59.60 0.84
C VAL OA 18 -23.28 -59.04 1.52
N VAL OA 19 -23.29 -57.78 1.92
CA VAL OA 19 -22.13 -57.15 2.54
C VAL OA 19 -22.33 -57.00 4.04
N VAL OA 20 -23.42 -56.37 4.46
CA VAL OA 20 -23.52 -55.94 5.85
C VAL OA 20 -23.83 -57.13 6.76
N ILE OA 21 -24.80 -57.96 6.38
CA ILE OA 21 -25.19 -59.11 7.19
C ILE OA 21 -24.06 -60.12 7.29
N PRO OA 22 -23.43 -60.54 6.19
CA PRO OA 22 -22.37 -61.56 6.34
C PRO OA 22 -21.15 -61.05 7.08
N ILE OA 23 -20.67 -59.85 6.77
CA ILE OA 23 -19.50 -59.33 7.45
C ILE OA 23 -19.79 -59.11 8.93
N GLY OA 24 -20.94 -58.50 9.25
CA GLY OA 24 -21.29 -58.29 10.63
C GLY OA 24 -21.50 -59.58 11.39
N ALA OA 25 -22.13 -60.57 10.76
CA ALA OA 25 -22.35 -61.85 11.41
C ALA OA 25 -21.05 -62.59 11.67
N ALA OA 26 -20.14 -62.59 10.69
CA ALA OA 26 -18.84 -63.23 10.90
C ALA OA 26 -18.06 -62.50 11.98
N LEU OA 27 -18.12 -61.17 11.99
CA LEU OA 27 -17.46 -60.39 13.03
C LEU OA 27 -18.00 -60.75 14.41
N PHE OA 28 -19.33 -60.85 14.53
CA PHE OA 28 -19.94 -61.23 15.79
C PHE OA 28 -19.52 -62.62 16.23
N LEU OA 29 -19.54 -63.58 15.29
CA LEU OA 29 -19.19 -64.95 15.64
C LEU OA 29 -17.74 -65.08 16.07
N VAL OA 30 -16.82 -64.45 15.33
CA VAL OA 30 -15.41 -64.57 15.67
C VAL OA 30 -15.08 -63.78 16.93
N SER OA 31 -15.78 -62.67 17.18
CA SER OA 31 -15.55 -61.92 18.42
C SER OA 31 -16.08 -62.68 19.63
N GLN OA 32 -17.21 -63.38 19.49
CA GLN OA 32 -17.70 -64.18 20.59
C GLN OA 32 -16.86 -65.43 20.80
N SER OA 33 -16.28 -65.97 19.73
CA SER OA 33 -15.48 -67.18 19.83
C SER OA 33 -14.07 -66.89 20.33
N ASP OA 34 -13.34 -66.05 19.61
CA ASP OA 34 -11.95 -65.73 19.94
C ASP OA 34 -11.95 -64.51 20.85
N ARG OA 35 -11.98 -64.75 22.15
CA ARG OA 35 -12.04 -63.68 23.13
C ARG OA 35 -10.65 -63.36 23.66
N VAL OA 36 -10.58 -62.37 24.54
CA VAL OA 36 -9.32 -61.87 25.09
C VAL OA 36 -9.32 -62.13 26.58
N THR OA 37 -8.28 -62.79 27.08
CA THR OA 37 -8.13 -63.06 28.51
C THR OA 37 -7.66 -61.79 29.19
N ARG OA 38 -8.50 -61.21 30.04
CA ARG OA 38 -8.20 -59.96 30.74
C ARG OA 38 -7.76 -60.21 32.17
N THR OA 39 -7.18 -61.38 32.45
CA THR OA 39 -6.73 -61.71 33.79
C THR OA 39 -5.40 -61.00 34.11
N MET PA 1 7.26 -75.19 -32.69
CA MET PA 1 7.11 -76.12 -31.60
C MET PA 1 8.44 -76.81 -31.30
N PHE PA 2 8.82 -77.76 -32.14
CA PHE PA 2 10.10 -78.47 -32.01
C PHE PA 2 11.00 -78.06 -33.18
N ASN PA 3 11.93 -77.15 -32.90
CA ASN PA 3 12.95 -76.75 -33.85
C ASN PA 3 14.32 -77.16 -33.34
N PRO PA 4 15.11 -77.89 -34.13
CA PRO PA 4 16.44 -78.29 -33.63
C PRO PA 4 17.32 -77.13 -33.23
N THR PA 5 17.22 -75.99 -33.94
CA THR PA 5 17.96 -74.80 -33.50
C THR PA 5 17.44 -74.31 -32.16
N THR PA 6 16.11 -74.25 -31.99
CA THR PA 6 15.55 -73.85 -30.70
C THR PA 6 15.84 -74.90 -29.63
N LEU PA 7 15.81 -76.18 -29.99
CA LEU PA 7 16.14 -77.23 -29.03
C LEU PA 7 17.57 -77.08 -28.53
N PHE PA 8 18.51 -76.84 -29.45
CA PHE PA 8 19.89 -76.65 -29.04
C PHE PA 8 20.07 -75.34 -28.27
N GLN PA 9 19.29 -74.30 -28.63
CA GLN PA 9 19.29 -73.08 -27.84
C GLN PA 9 18.92 -73.36 -26.39
N LEU PA 10 17.83 -74.09 -26.19
CA LEU PA 10 17.38 -74.39 -24.84
C LEU PA 10 18.36 -75.30 -24.10
N ILE PA 11 18.95 -76.27 -24.80
CA ILE PA 11 19.91 -77.16 -24.16
C ILE PA 11 21.15 -76.38 -23.71
N ALA PA 12 21.70 -75.54 -24.60
CA ALA PA 12 22.87 -74.75 -24.25
C ALA PA 12 22.55 -73.76 -23.13
N LEU PA 13 21.37 -73.14 -23.18
CA LEU PA 13 20.98 -72.21 -22.14
C LEU PA 13 20.82 -72.92 -20.80
N PHE PA 14 20.25 -74.13 -20.81
CA PHE PA 14 20.12 -74.91 -19.59
C PHE PA 14 21.49 -75.27 -19.01
N LEU PA 15 22.40 -75.72 -19.87
CA LEU PA 15 23.74 -76.06 -19.39
C LEU PA 15 24.45 -74.85 -18.81
N VAL PA 16 24.37 -73.71 -19.50
CA VAL PA 16 25.00 -72.49 -19.01
C VAL PA 16 24.38 -72.03 -17.69
N ILE PA 17 23.05 -72.06 -17.61
CA ILE PA 17 22.36 -71.55 -16.43
C ILE PA 17 22.48 -72.50 -15.25
N THR PA 18 22.84 -73.76 -15.48
CA THR PA 18 22.99 -74.71 -14.38
C THR PA 18 24.43 -75.11 -14.11
N SER PA 19 25.40 -74.59 -14.87
CA SER PA 19 26.80 -74.91 -14.59
C SER PA 19 27.26 -74.31 -13.27
N GLY PA 20 27.03 -73.02 -13.06
CA GLY PA 20 27.51 -72.33 -11.89
C GLY PA 20 26.90 -72.80 -10.59
N PRO PA 21 25.56 -72.84 -10.52
CA PRO PA 21 24.92 -73.44 -9.34
C PRO PA 21 25.34 -74.87 -9.11
N ALA PA 22 25.65 -75.63 -10.17
CA ALA PA 22 26.22 -76.95 -9.98
C ALA PA 22 27.58 -76.86 -9.27
N ILE PA 23 28.40 -75.88 -9.62
CA ILE PA 23 29.68 -75.71 -8.94
C ILE PA 23 29.46 -75.43 -7.46
N ILE PA 24 28.53 -74.52 -7.16
CA ILE PA 24 28.29 -74.18 -5.76
C ILE PA 24 27.75 -75.37 -4.98
N VAL PA 25 26.80 -76.11 -5.58
CA VAL PA 25 26.21 -77.25 -4.89
C VAL PA 25 27.24 -78.35 -4.68
N LEU PA 26 28.09 -78.60 -5.68
CA LEU PA 26 29.12 -79.62 -5.54
C LEU PA 26 30.17 -79.23 -4.50
N ILE PA 27 30.53 -77.95 -4.43
CA ILE PA 27 31.45 -77.52 -3.39
C ILE PA 27 30.82 -77.64 -2.01
N ALA PA 28 29.52 -77.35 -1.91
CA ALA PA 28 28.82 -77.50 -0.64
C ALA PA 28 28.68 -78.96 -0.24
N PHE PA 29 28.60 -79.87 -1.23
CA PHE PA 29 28.50 -81.29 -0.93
C PHE PA 29 29.83 -81.87 -0.46
N ARG PA 30 30.94 -81.38 -1.02
CA ARG PA 30 32.26 -81.80 -0.57
C ARG PA 30 32.73 -81.03 0.66
N ARG PA 31 31.90 -80.11 1.17
CA ARG PA 31 32.23 -79.31 2.35
C ARG PA 31 33.52 -78.53 2.13
N GLY PA 32 33.63 -77.88 0.98
CA GLY PA 32 34.77 -77.05 0.67
C GLY PA 32 34.68 -75.67 1.30
N ASN PA 33 35.68 -74.85 1.01
CA ASN PA 33 35.78 -73.51 1.57
C ASN PA 33 34.92 -72.56 0.74
N LEU PA 34 33.62 -72.77 0.82
CA LEU PA 34 32.66 -71.96 0.05
C LEU PA 34 32.47 -70.60 0.71
N MET QA 1 37.77 -80.77 -43.66
CA MET QA 1 36.80 -81.85 -43.51
C MET QA 1 35.74 -81.50 -42.47
N VAL QA 2 34.54 -81.14 -42.96
CA VAL QA 2 33.43 -80.89 -42.07
C VAL QA 2 32.92 -82.21 -41.50
N GLY QA 3 32.21 -82.11 -40.38
CA GLY QA 3 31.80 -83.30 -39.66
C GLY QA 3 32.85 -83.72 -38.66
N LEU QA 4 34.06 -83.97 -39.14
CA LEU QA 4 35.18 -84.22 -38.22
C LEU QA 4 35.48 -82.97 -37.41
N LEU QA 5 35.46 -81.80 -38.05
CA LEU QA 5 35.63 -80.55 -37.31
C LEU QA 5 34.52 -80.36 -36.29
N GLN QA 6 33.28 -80.69 -36.67
CA GLN QA 6 32.17 -80.56 -35.73
C GLN QA 6 32.34 -81.51 -34.55
N ILE QA 7 32.81 -82.73 -34.80
CA ILE QA 7 33.05 -83.67 -33.71
C ILE QA 7 34.15 -83.16 -32.79
N LEU QA 8 35.23 -82.66 -33.37
CA LEU QA 8 36.32 -82.13 -32.55
C LEU QA 8 35.87 -80.93 -31.72
N VAL QA 9 35.09 -80.04 -32.31
CA VAL QA 9 34.60 -78.87 -31.57
C VAL QA 9 33.62 -79.30 -30.48
N SER QA 10 32.79 -80.31 -30.75
CA SER QA 10 31.88 -80.80 -29.72
C SER QA 10 32.64 -81.44 -28.57
N ILE QA 11 33.71 -82.18 -28.87
CA ILE QA 11 34.54 -82.74 -27.81
C ILE QA 11 35.20 -81.63 -27.01
N LEU QA 12 35.66 -80.58 -27.70
CA LEU QA 12 36.25 -79.44 -27.01
C LEU QA 12 35.22 -78.75 -26.11
N ILE QA 13 33.98 -78.64 -26.58
CA ILE QA 13 32.93 -78.00 -25.78
C ILE QA 13 32.60 -78.85 -24.55
N LEU QA 14 32.51 -80.17 -24.72
CA LEU QA 14 32.22 -81.02 -23.57
C LEU QA 14 33.37 -81.00 -22.57
N LEU QA 15 34.62 -81.02 -23.06
CA LEU QA 15 35.75 -80.93 -22.16
C LEU QA 15 35.81 -79.57 -21.48
N SER QA 16 35.38 -78.51 -22.17
CA SER QA 16 35.32 -77.19 -21.54
C SER QA 16 34.23 -77.12 -20.48
N PHE QA 17 33.10 -77.77 -20.71
CA PHE QA 17 32.09 -77.89 -19.65
C PHE QA 17 32.66 -78.64 -18.45
N ALA QA 18 33.38 -79.72 -18.71
CA ALA QA 18 34.00 -80.48 -17.63
C ALA QA 18 35.01 -79.65 -16.86
N LEU QA 19 35.78 -78.82 -17.56
CA LEU QA 19 36.76 -77.96 -16.89
C LEU QA 19 36.11 -76.80 -16.15
N VAL QA 20 35.04 -76.23 -16.70
CA VAL QA 20 34.37 -75.12 -16.03
C VAL QA 20 33.69 -75.60 -14.75
N VAL QA 21 32.98 -76.73 -14.83
CA VAL QA 21 32.28 -77.23 -13.65
C VAL QA 21 33.24 -77.88 -12.68
N GLY QA 22 34.25 -78.59 -13.18
CA GLY QA 22 35.04 -79.46 -12.34
C GLY QA 22 36.27 -78.85 -11.69
N VAL QA 23 36.96 -77.94 -12.37
CA VAL QA 23 38.20 -77.39 -11.85
C VAL QA 23 37.98 -76.68 -10.52
N PRO QA 24 37.02 -75.74 -10.41
CA PRO QA 24 36.80 -75.09 -9.10
C PRO QA 24 36.28 -76.04 -8.03
N VAL QA 25 35.60 -77.11 -8.41
CA VAL QA 25 35.00 -78.00 -7.42
C VAL QA 25 36.08 -78.81 -6.71
N ILE QA 26 37.03 -79.35 -7.46
CA ILE QA 26 38.05 -80.23 -6.90
C ILE QA 26 39.22 -79.40 -6.41
N LEU QA 27 39.08 -78.08 -6.44
CA LEU QA 27 40.10 -77.16 -5.99
C LEU QA 27 39.77 -76.52 -4.65
N VAL QA 28 38.52 -76.11 -4.44
CA VAL QA 28 38.10 -75.57 -3.15
C VAL QA 28 37.81 -76.69 -2.14
N SER QA 29 37.59 -77.91 -2.62
CA SER QA 29 37.36 -79.02 -1.72
C SER QA 29 38.61 -79.28 -0.88
N PRO QA 30 38.44 -79.77 0.35
CA PRO QA 30 39.62 -80.02 1.21
C PRO QA 30 40.54 -81.05 0.57
N GLY QA 31 41.81 -80.67 0.45
CA GLY QA 31 42.76 -81.48 -0.29
C GLY QA 31 42.50 -81.39 -1.79
N GLU QA 32 42.96 -82.42 -2.50
CA GLU QA 32 42.58 -82.66 -3.89
C GLU QA 32 43.16 -81.64 -4.86
N TRP QA 33 43.85 -80.61 -4.36
CA TRP QA 33 44.58 -79.73 -5.26
C TRP QA 33 46.01 -80.22 -5.45
N GLU QA 34 46.73 -80.48 -4.36
CA GLU QA 34 48.01 -81.15 -4.49
C GLU QA 34 47.84 -82.61 -4.91
N LYS QA 35 46.70 -83.20 -4.58
CA LYS QA 35 46.47 -84.61 -4.94
C LYS QA 35 46.17 -84.76 -6.43
N SER QA 36 45.38 -83.86 -7.00
CA SER QA 36 44.88 -84.01 -8.35
C SER QA 36 45.25 -82.85 -9.28
N LYS QA 37 46.25 -82.05 -8.91
CA LYS QA 37 46.68 -81.00 -9.83
C LYS QA 37 47.38 -81.58 -11.05
N GLY QA 38 47.97 -82.77 -10.92
CA GLY QA 38 48.46 -83.46 -12.10
C GLY QA 38 47.36 -83.80 -13.08
N LEU QA 39 46.23 -84.30 -12.57
CA LEU QA 39 45.08 -84.56 -13.43
C LEU QA 39 44.50 -83.28 -14.00
N VAL QA 40 44.47 -82.21 -13.20
CA VAL QA 40 43.98 -80.92 -13.70
C VAL QA 40 44.85 -80.43 -14.86
N TYR QA 41 46.17 -80.50 -14.69
CA TYR QA 41 47.07 -80.05 -15.75
C TYR QA 41 47.04 -80.97 -16.95
N SER QA 42 46.80 -82.27 -16.74
CA SER QA 42 46.64 -83.17 -17.88
C SER QA 42 45.39 -82.83 -18.67
N ALA QA 43 44.28 -82.54 -17.98
CA ALA QA 43 43.07 -82.12 -18.67
C ALA QA 43 43.27 -80.80 -19.40
N ALA QA 44 43.98 -79.86 -18.77
CA ALA QA 44 44.26 -78.58 -19.43
C ALA QA 44 45.14 -78.77 -20.66
N GLY QA 45 46.13 -79.65 -20.58
CA GLY QA 45 46.94 -79.96 -21.74
C GLY QA 45 46.16 -80.62 -22.85
N LEU QA 46 45.24 -81.52 -22.50
CA LEU QA 46 44.35 -82.11 -23.49
C LEU QA 46 43.48 -81.04 -24.14
N TRP QA 47 43.00 -80.09 -23.35
CA TRP QA 47 42.19 -78.99 -23.88
C TRP QA 47 42.99 -78.14 -24.86
N PHE QA 48 44.23 -77.79 -24.49
CA PHE QA 48 45.07 -77.00 -25.39
C PHE QA 48 45.41 -77.80 -26.64
N GLY QA 49 45.66 -79.10 -26.50
CA GLY QA 49 45.93 -79.92 -27.67
C GLY QA 49 44.73 -80.01 -28.60
N LEU QA 50 43.52 -80.09 -28.04
CA LEU QA 50 42.32 -80.05 -28.87
C LEU QA 50 42.20 -78.73 -29.60
N VAL QA 51 42.52 -77.63 -28.91
CA VAL QA 51 42.49 -76.32 -29.56
C VAL QA 51 43.47 -76.28 -30.71
N ILE QA 52 44.69 -76.78 -30.50
CA ILE QA 52 45.70 -76.78 -31.56
C ILE QA 52 45.28 -77.68 -32.71
N VAL QA 53 44.69 -78.84 -32.41
CA VAL QA 53 44.25 -79.75 -33.46
C VAL QA 53 43.16 -79.11 -34.31
N ILE QA 54 42.20 -78.45 -33.66
CA ILE QA 54 41.15 -77.77 -34.41
C ILE QA 54 41.72 -76.61 -35.20
N ALA QA 55 42.73 -75.92 -34.67
CA ALA QA 55 43.38 -74.86 -35.42
C ALA QA 55 44.05 -75.41 -36.68
N ALA QA 56 44.69 -76.58 -36.56
CA ALA QA 56 45.33 -77.17 -37.73
C ALA QA 56 44.32 -77.67 -38.74
N PHE QA 57 43.22 -78.27 -38.27
CA PHE QA 57 42.21 -78.83 -39.15
C PHE QA 57 41.19 -77.79 -39.62
N ASN QA 58 41.32 -76.53 -39.19
CA ASN QA 58 40.35 -75.51 -39.56
C ASN QA 58 40.37 -75.25 -41.07
N SER QA 59 41.53 -75.33 -41.70
CA SER QA 59 41.67 -75.01 -43.12
C SER QA 59 41.30 -76.18 -44.02
N PHE QA 60 40.52 -77.14 -43.50
CA PHE QA 60 39.86 -78.16 -44.31
C PHE QA 60 40.86 -79.09 -45.01
N VAL QA 61 41.80 -79.60 -44.24
CA VAL QA 61 42.70 -80.64 -44.73
C VAL QA 61 42.72 -81.80 -43.74
N GLN RA 53 -97.85 -24.79 54.27
CA GLN RA 53 -96.89 -25.68 53.63
C GLN RA 53 -97.32 -25.96 52.20
N ALA RA 54 -96.52 -25.50 51.24
CA ALA RA 54 -96.92 -25.55 49.83
C ALA RA 54 -96.40 -26.79 49.12
N ILE RA 55 -95.09 -26.96 49.04
CA ILE RA 55 -94.47 -28.03 48.26
C ILE RA 55 -93.90 -29.05 49.25
N PRO RA 56 -94.45 -30.27 49.34
CA PRO RA 56 -94.00 -31.23 50.35
C PRO RA 56 -92.58 -31.75 50.14
N GLY RA 57 -92.11 -31.81 48.89
CA GLY RA 57 -90.77 -32.33 48.65
C GLY RA 57 -89.68 -31.40 49.17
N SER RA 58 -89.87 -30.09 49.02
CA SER RA 58 -88.86 -29.11 49.35
C SER RA 58 -89.16 -28.48 50.71
N GLU RA 59 -88.35 -27.50 51.09
CA GLU RA 59 -88.47 -26.80 52.36
C GLU RA 59 -88.43 -25.30 52.13
N PRO RA 60 -89.08 -24.52 52.98
CA PRO RA 60 -89.06 -23.06 52.84
C PRO RA 60 -87.72 -22.50 53.27
N PRO RA 61 -87.35 -21.32 52.77
CA PRO RA 61 -86.13 -20.66 53.23
C PRO RA 61 -86.27 -20.23 54.68
N PRO RA 62 -85.15 -20.08 55.40
CA PRO RA 62 -85.23 -19.69 56.82
C PRO RA 62 -85.85 -18.32 57.05
N ALA RA 63 -85.90 -17.45 56.04
CA ALA RA 63 -86.65 -16.21 56.19
C ALA RA 63 -88.15 -16.47 56.21
N LEU RA 64 -88.60 -17.51 55.52
CA LEU RA 64 -90.01 -17.91 55.54
C LEU RA 64 -90.20 -18.84 56.74
N ASP RA 65 -90.61 -18.26 57.86
CA ASP RA 65 -90.80 -19.02 59.09
C ASP RA 65 -92.09 -18.57 59.78
N GLY RA 66 -93.12 -18.28 59.00
CA GLY RA 66 -94.34 -17.76 59.55
C GLY RA 66 -94.22 -16.29 59.88
N THR RA 67 -95.18 -15.82 60.68
CA THR RA 67 -95.26 -14.42 61.12
C THR RA 67 -95.32 -13.46 59.93
N TRP RA 68 -95.89 -13.92 58.82
CA TRP RA 68 -96.08 -13.08 57.65
C TRP RA 68 -97.36 -13.52 56.93
N VAL RA 69 -97.99 -12.57 56.26
CA VAL RA 69 -99.24 -12.83 55.58
C VAL RA 69 -98.96 -13.62 54.30
N GLY RA 70 -99.71 -14.70 54.09
CA GLY RA 70 -99.56 -15.50 52.90
C GLY RA 70 -98.38 -16.45 52.91
N ASP RA 71 -97.76 -16.66 54.06
CA ASP RA 71 -96.57 -17.52 54.14
C ASP RA 71 -97.02 -18.97 54.15
N VAL RA 72 -97.02 -19.60 52.99
CA VAL RA 72 -97.25 -21.04 52.87
C VAL RA 72 -95.95 -21.77 52.55
N GLY RA 73 -94.82 -21.10 52.74
CA GLY RA 73 -93.53 -21.72 52.47
C GLY RA 73 -93.17 -21.86 51.02
N PHE RA 74 -93.78 -21.07 50.14
CA PHE RA 74 -93.56 -21.17 48.70
C PHE RA 74 -92.48 -20.17 48.27
N ASP RA 75 -91.25 -20.64 48.20
CA ASP RA 75 -90.13 -19.87 47.63
C ASP RA 75 -89.01 -20.83 47.27
N PRO RA 76 -89.12 -21.55 46.15
CA PRO RA 76 -88.13 -22.59 45.84
C PRO RA 76 -86.82 -22.03 45.32
N LEU RA 77 -86.87 -20.90 44.60
CA LEU RA 77 -85.65 -20.34 44.04
C LEU RA 77 -84.78 -19.68 45.10
N GLY RA 78 -85.37 -19.18 46.17
CA GLY RA 78 -84.61 -18.58 47.25
C GLY RA 78 -84.38 -17.10 47.09
N PHE RA 79 -85.44 -16.35 46.81
CA PHE RA 79 -85.32 -14.90 46.73
C PHE RA 79 -85.14 -14.27 48.10
N SER RA 80 -85.75 -14.84 49.12
CA SER RA 80 -85.64 -14.29 50.47
C SER RA 80 -84.26 -14.52 51.09
N ARG RA 81 -83.43 -15.37 50.48
CA ARG RA 81 -82.08 -15.57 51.00
C ARG RA 81 -81.17 -14.39 50.70
N VAL RA 82 -81.41 -13.70 49.59
CA VAL RA 82 -80.55 -12.58 49.16
C VAL RA 82 -81.26 -11.24 49.19
N ILE RA 83 -82.57 -11.22 49.35
CA ILE RA 83 -83.35 -9.98 49.37
C ILE RA 83 -84.00 -9.85 50.73
N ASP RA 84 -84.02 -8.63 51.27
CA ASP RA 84 -84.66 -8.39 52.56
C ASP RA 84 -86.16 -8.65 52.46
N MET RA 85 -86.72 -9.13 53.57
CA MET RA 85 -88.14 -9.52 53.56
C MET RA 85 -89.06 -8.30 53.44
N ARG RA 86 -88.70 -7.18 54.06
CA ARG RA 86 -89.56 -6.00 53.99
C ARG RA 86 -89.65 -5.47 52.58
N TRP RA 87 -88.52 -5.41 51.86
CA TRP RA 87 -88.55 -4.98 50.47
C TRP RA 87 -89.40 -5.92 49.63
N LEU RA 88 -89.26 -7.23 49.85
CA LEU RA 88 -90.03 -8.21 49.10
C LEU RA 88 -91.53 -8.03 49.34
N ARG RA 89 -91.94 -7.88 50.59
CA ARG RA 89 -93.36 -7.75 50.89
C ARG RA 89 -93.93 -6.42 50.41
N GLU RA 90 -93.15 -5.34 50.52
CA GLU RA 90 -93.58 -4.07 49.97
C GLU RA 90 -93.77 -4.16 48.47
N ALA RA 91 -92.82 -4.79 47.76
CA ALA RA 91 -92.96 -4.95 46.32
C ALA RA 91 -94.14 -5.85 45.97
N GLU RA 92 -94.38 -6.89 46.76
CA GLU RA 92 -95.53 -7.76 46.50
C GLU RA 92 -96.83 -6.99 46.62
N LEU RA 93 -96.98 -6.21 47.70
CA LEU RA 93 -98.20 -5.42 47.85
C LEU RA 93 -98.32 -4.34 46.78
N LYS RA 94 -97.21 -3.73 46.38
CA LYS RA 94 -97.26 -2.70 45.34
C LYS RA 94 -97.68 -3.29 44.00
N HIS RA 95 -97.06 -4.41 43.61
CA HIS RA 95 -97.47 -5.10 42.38
C HIS RA 95 -98.93 -5.54 42.46
N GLY RA 96 -99.34 -6.07 43.61
CA GLY RA 96 -100.71 -6.54 43.75
C GLY RA 96 -101.73 -5.42 43.62
N ARG RA 97 -101.48 -4.29 44.28
CA ARG RA 97 -102.41 -3.17 44.20
C ARG RA 97 -102.42 -2.56 42.79
N VAL RA 98 -101.25 -2.41 42.17
CA VAL RA 98 -101.19 -1.89 40.81
C VAL RA 98 -101.98 -2.79 39.87
N CYS RA 99 -101.80 -4.10 39.98
CA CYS RA 99 -102.52 -5.03 39.11
C CYS RA 99 -104.01 -5.11 39.44
N MET RA 100 -104.38 -4.97 40.71
CA MET RA 100 -105.80 -4.91 41.05
C MET RA 100 -106.47 -3.74 40.36
N LEU RA 101 -105.90 -2.53 40.52
CA LEU RA 101 -106.47 -1.37 39.87
C LEU RA 101 -106.43 -1.50 38.35
N ALA RA 102 -105.34 -2.07 37.80
CA ALA RA 102 -105.24 -2.22 36.36
C ALA RA 102 -106.30 -3.18 35.81
N ALA RA 103 -106.52 -4.31 36.48
CA ALA RA 103 -107.51 -5.27 36.02
C ALA RA 103 -108.92 -4.71 36.12
N THR RA 104 -109.26 -4.08 37.26
CA THR RA 104 -110.58 -3.49 37.39
C THR RA 104 -110.79 -2.39 36.36
N GLY RA 105 -109.77 -1.56 36.14
CA GLY RA 105 -109.85 -0.52 35.15
C GLY RA 105 -109.99 -1.04 33.73
N MET RA 106 -109.31 -2.14 33.42
CA MET RA 106 -109.44 -2.73 32.09
C MET RA 106 -110.84 -3.30 31.88
N ILE RA 107 -111.40 -3.95 32.90
CA ILE RA 107 -112.78 -4.43 32.80
C ILE RA 107 -113.73 -3.26 32.57
N VAL RA 108 -113.57 -2.19 33.35
CA VAL RA 108 -114.44 -1.03 33.22
C VAL RA 108 -114.28 -0.38 31.84
N GLN RA 109 -113.03 -0.29 31.36
CA GLN RA 109 -112.78 0.30 30.04
C GLN RA 109 -113.43 -0.52 28.94
N ASP RA 110 -113.35 -1.84 29.02
CA ASP RA 110 -113.97 -2.68 28.00
C ASP RA 110 -115.48 -2.80 28.18
N ILE RA 111 -116.03 -2.32 29.30
CA ILE RA 111 -117.47 -2.30 29.47
C ILE RA 111 -118.03 -0.93 29.07
N ALA RA 112 -117.58 0.13 29.73
CA ALA RA 112 -118.15 1.46 29.51
C ALA RA 112 -117.07 2.52 29.60
N LEU RA 113 -117.07 3.44 28.63
CA LEU RA 113 -116.08 4.50 28.56
C LEU RA 113 -116.64 5.82 29.11
N PHE RA 114 -115.75 6.79 29.24
CA PHE RA 114 -116.13 8.13 29.67
C PHE RA 114 -116.76 8.90 28.52
N PRO RA 115 -117.55 9.93 28.83
CA PRO RA 115 -118.12 10.76 27.76
C PRO RA 115 -117.03 11.56 27.05
N GLY RA 116 -117.07 11.53 25.72
CA GLY RA 116 -116.17 12.32 24.90
C GLY RA 116 -114.78 11.75 24.73
N VAL RA 117 -114.48 10.60 25.33
CA VAL RA 117 -113.14 10.03 25.21
C VAL RA 117 -112.95 9.27 23.90
N THR RA 118 -114.02 8.75 23.32
CA THR RA 118 -113.92 8.05 22.04
C THR RA 118 -113.70 9.00 20.88
N LYS RA 119 -114.09 10.27 21.03
CA LYS RA 119 -113.86 11.24 19.96
C LYS RA 119 -112.37 11.44 19.71
N THR RA 120 -111.57 11.45 20.77
CA THR RA 120 -110.13 11.67 20.66
C THR RA 120 -109.34 10.37 20.58
N PHE RA 121 -109.58 9.44 21.51
CA PHE RA 121 -108.79 8.21 21.53
C PHE RA 121 -109.24 7.21 20.47
N GLY RA 122 -110.42 7.37 19.89
CA GLY RA 122 -110.90 6.48 18.86
C GLY RA 122 -111.21 5.10 19.41
N PRO RA 123 -111.29 4.11 18.52
CA PRO RA 123 -111.52 2.72 18.95
C PRO RA 123 -110.22 1.99 19.27
N ALA RA 124 -109.43 2.58 20.18
CA ALA RA 124 -108.14 2.03 20.59
C ALA RA 124 -108.21 1.64 22.06
N LYS RA 125 -107.80 0.41 22.37
CA LYS RA 125 -107.84 -0.10 23.74
C LYS RA 125 -106.54 -0.81 24.07
N ILE RA 126 -106.23 -0.82 25.38
CA ILE RA 126 -105.04 -1.47 25.93
C ILE RA 126 -103.78 -0.85 25.33
N THR RA 127 -103.12 -1.56 24.41
CA THR RA 127 -101.81 -1.11 23.95
C THR RA 127 -101.91 0.05 22.96
N ALA RA 128 -102.89 -0.01 22.05
CA ALA RA 128 -103.12 1.13 21.17
C ALA RA 128 -103.59 2.34 21.98
N LEU RA 129 -104.39 2.11 23.02
CA LEU RA 129 -104.77 3.19 23.92
C LEU RA 129 -103.56 3.82 24.59
N HIS RA 130 -102.62 2.98 25.03
CA HIS RA 130 -101.38 3.50 25.62
C HIS RA 130 -100.57 4.28 24.60
N ASP RA 131 -100.45 3.77 23.38
CA ASP RA 131 -99.68 4.44 22.34
C ASP RA 131 -100.28 5.79 21.96
N VAL RA 132 -101.60 5.91 22.02
CA VAL RA 132 -102.23 7.19 21.71
C VAL RA 132 -102.17 8.13 22.92
N ALA RA 133 -102.35 7.59 24.12
CA ALA RA 133 -102.41 8.41 25.33
C ALA RA 133 -101.04 8.94 25.75
N VAL RA 134 -99.95 8.28 25.36
CA VAL RA 134 -98.64 8.87 25.61
C VAL RA 134 -98.46 10.13 24.78
N LYS RA 135 -99.01 10.14 23.55
CA LYS RA 135 -99.00 11.36 22.74
C LYS RA 135 -100.02 12.37 23.24
N GLN RA 136 -101.11 11.90 23.83
CA GLN RA 136 -102.15 12.81 24.34
C GLN RA 136 -101.67 13.54 25.59
N GLY RA 137 -100.81 12.91 26.39
CA GLY RA 137 -100.36 13.48 27.63
C GLY RA 137 -101.04 12.95 28.88
N SER RA 138 -101.99 12.03 28.72
CA SER RA 138 -102.63 11.42 29.89
C SER RA 138 -101.64 10.59 30.68
N MET RA 139 -100.91 9.70 30.00
CA MET RA 139 -99.94 8.86 30.68
C MET RA 139 -98.73 9.66 31.15
N GLN RA 140 -98.41 10.78 30.51
CA GLN RA 140 -97.37 11.66 31.04
C GLN RA 140 -97.78 12.25 32.38
N GLN RA 141 -99.04 12.70 32.48
CA GLN RA 141 -99.55 13.18 33.77
C GLN RA 141 -99.57 12.07 34.80
N LEU RA 142 -99.99 10.87 34.40
CA LEU RA 142 -99.99 9.74 35.33
C LEU RA 142 -98.59 9.44 35.83
N LEU RA 143 -97.60 9.43 34.92
CA LEU RA 143 -96.23 9.18 35.30
C LEU RA 143 -95.73 10.24 36.27
N VAL RA 144 -95.97 11.52 35.97
CA VAL RA 144 -95.49 12.59 36.82
C VAL RA 144 -96.08 12.48 38.22
N TRP RA 145 -97.41 12.38 38.31
CA TRP RA 145 -98.04 12.40 39.63
C TRP RA 145 -97.79 11.11 40.41
N LEU RA 146 -97.75 9.97 39.73
CA LEU RA 146 -97.51 8.72 40.44
C LEU RA 146 -96.05 8.58 40.86
N GLY RA 147 -95.10 9.09 40.08
CA GLY RA 147 -93.74 9.19 40.57
C GLY RA 147 -93.60 10.17 41.71
N PHE RA 148 -94.38 11.25 41.68
CA PHE RA 148 -94.40 12.18 42.81
C PHE RA 148 -94.87 11.49 44.08
N LEU RA 149 -95.92 10.67 43.98
CA LEU RA 149 -96.35 9.86 45.13
C LEU RA 149 -95.31 8.81 45.50
N GLU RA 150 -94.67 8.20 44.51
CA GLU RA 150 -93.65 7.20 44.78
C GLU RA 150 -92.39 7.80 45.39
N ILE RA 151 -92.20 9.12 45.33
CA ILE RA 151 -91.14 9.73 46.13
C ILE RA 151 -91.38 9.50 47.61
N PHE RA 152 -92.59 9.79 48.07
CA PHE RA 152 -92.95 9.53 49.46
C PHE RA 152 -92.99 8.05 49.74
N GLY RA 153 -93.44 7.24 48.79
CA GLY RA 153 -93.34 5.80 48.95
C GLY RA 153 -91.90 5.33 49.10
N PHE RA 154 -90.98 5.95 48.37
CA PHE RA 154 -89.57 5.60 48.43
C PHE RA 154 -88.98 5.94 49.80
N VAL RA 155 -89.26 7.14 50.31
CA VAL RA 155 -88.76 7.45 51.64
C VAL RA 155 -89.46 6.63 52.72
N ALA RA 156 -90.70 6.20 52.48
CA ALA RA 156 -91.33 5.25 53.39
C ALA RA 156 -90.60 3.92 53.41
N ILE RA 157 -90.21 3.43 52.23
CA ILE RA 157 -89.44 2.18 52.15
C ILE RA 157 -88.09 2.36 52.86
N VAL RA 158 -87.46 3.52 52.67
CA VAL RA 158 -86.17 3.78 53.30
C VAL RA 158 -86.30 3.78 54.81
N GLN RA 159 -87.30 4.48 55.34
CA GLN RA 159 -87.50 4.52 56.79
C GLN RA 159 -87.91 3.16 57.33
N MET RA 160 -88.62 2.36 56.54
CA MET RA 160 -88.93 0.99 56.96
C MET RA 160 -87.65 0.15 57.04
N LEU RA 161 -86.77 0.29 56.06
CA LEU RA 161 -85.55 -0.52 56.04
C LEU RA 161 -84.56 -0.09 57.11
N GLN RA 162 -84.55 1.20 57.47
CA GLN RA 162 -83.69 1.66 58.55
C GLN RA 162 -84.36 1.62 59.91
N GLY RA 163 -85.63 1.23 59.97
CA GLY RA 163 -86.27 0.93 61.24
C GLY RA 163 -87.11 2.05 61.84
N SER RA 164 -87.98 2.67 61.04
CA SER RA 164 -88.93 3.61 61.61
C SER RA 164 -90.01 2.89 62.39
N GLY RA 165 -90.56 1.81 61.83
CA GLY RA 165 -91.57 1.03 62.53
C GLY RA 165 -92.72 0.60 61.66
N ARG RA 166 -92.81 1.13 60.44
CA ARG RA 166 -93.91 0.81 59.56
C ARG RA 166 -93.73 -0.57 58.93
N GLN RA 167 -94.86 -1.18 58.57
CA GLN RA 167 -94.88 -2.49 57.92
C GLN RA 167 -94.93 -2.33 56.42
N PRO RA 168 -94.48 -3.34 55.67
CA PRO RA 168 -94.51 -3.25 54.21
C PRO RA 168 -95.94 -3.07 53.70
N GLY RA 169 -96.10 -2.15 52.75
CA GLY RA 169 -97.39 -1.87 52.18
C GLY RA 169 -98.29 -0.98 53.01
N ASP RA 170 -97.83 -0.52 54.17
CA ASP RA 170 -98.63 0.31 55.06
C ASP RA 170 -98.39 1.78 54.73
N PHE RA 171 -99.36 2.39 54.04
CA PHE RA 171 -99.30 3.80 53.72
C PHE RA 171 -100.29 4.63 54.54
N GLY RA 172 -100.98 4.01 55.49
CA GLY RA 172 -101.90 4.73 56.34
C GLY RA 172 -103.18 5.17 55.69
N PHE RA 173 -103.47 4.69 54.48
CA PHE RA 173 -104.66 5.13 53.73
C PHE RA 173 -105.83 4.24 54.14
N ASP RA 174 -106.56 4.68 55.16
CA ASP RA 174 -107.75 3.98 55.65
C ASP RA 174 -108.88 4.98 55.88
N PRO RA 175 -109.54 5.42 54.81
CA PRO RA 175 -110.75 6.23 54.99
C PRO RA 175 -111.89 5.38 55.54
N LEU RA 176 -112.80 6.04 56.25
CA LEU RA 176 -114.02 5.46 56.81
C LEU RA 176 -113.74 4.39 57.87
N ASN RA 177 -112.48 4.23 58.29
CA ASN RA 177 -112.10 3.27 59.32
C ASN RA 177 -112.56 1.86 58.96
N CYS RA 178 -112.43 1.50 57.68
CA CYS RA 178 -112.84 0.18 57.23
C CYS RA 178 -111.78 -0.86 57.54
N GLY RA 179 -112.18 -1.93 58.21
CA GLY RA 179 -111.29 -3.02 58.50
C GLY RA 179 -110.10 -2.67 59.36
N ALA RA 180 -110.28 -1.82 60.36
CA ALA RA 180 -109.19 -1.39 61.23
C ALA RA 180 -109.23 -2.04 62.60
N ASN RA 181 -110.05 -3.07 62.80
CA ASN RA 181 -110.26 -3.64 64.12
C ASN RA 181 -110.15 -5.16 64.09
N THR RA 182 -109.62 -5.70 65.18
CA THR RA 182 -109.66 -7.13 65.52
C THR RA 182 -109.00 -7.97 64.41
N ASP RA 183 -109.48 -9.20 64.24
CA ASP RA 183 -108.98 -10.12 63.23
C ASP RA 183 -109.44 -9.75 61.83
N THR RA 184 -110.37 -8.82 61.70
CA THR RA 184 -110.82 -8.39 60.38
C THR RA 184 -109.68 -7.77 59.60
N LEU RA 185 -108.78 -7.05 60.29
CA LEU RA 185 -107.63 -6.45 59.61
C LEU RA 185 -106.71 -7.51 59.02
N ALA RA 186 -106.42 -8.57 59.79
CA ALA RA 186 -105.58 -9.65 59.27
C ALA RA 186 -106.27 -10.40 58.14
N ARG RA 187 -107.58 -10.62 58.27
CA ARG RA 187 -108.31 -11.28 57.17
C ARG RA 187 -108.27 -10.43 55.91
N ARG RA 188 -108.40 -9.10 56.07
CA ARG RA 188 -108.29 -8.21 54.92
C ARG RA 188 -106.89 -8.21 54.34
N GLN RA 189 -105.86 -8.36 55.18
CA GLN RA 189 -104.50 -8.48 54.66
C GLN RA 189 -104.36 -9.73 53.78
N LEU RA 190 -104.85 -10.86 54.29
CA LEU RA 190 -104.78 -12.10 53.51
C LEU RA 190 -105.59 -12.00 52.22
N VAL RA 191 -106.79 -11.41 52.30
CA VAL RA 191 -107.63 -11.24 51.14
C VAL RA 191 -106.95 -10.32 50.12
N GLU RA 192 -106.36 -9.23 50.59
CA GLU RA 192 -105.69 -8.29 49.70
C GLU RA 192 -104.52 -8.96 49.01
N LEU RA 193 -103.74 -9.76 49.73
CA LEU RA 193 -102.59 -10.42 49.12
C LEU RA 193 -103.02 -11.46 48.08
N LYS RA 194 -103.99 -12.31 48.44
CA LYS RA 194 -104.43 -13.34 47.50
C LYS RA 194 -105.10 -12.73 46.27
N ASN RA 195 -105.94 -11.71 46.48
CA ASN RA 195 -106.58 -11.05 45.35
C ASN RA 195 -105.58 -10.26 44.52
N GLY RA 196 -104.52 -9.74 45.14
CA GLY RA 196 -103.48 -9.10 44.36
C GLY RA 196 -102.73 -10.07 43.48
N ARG RA 197 -102.42 -11.26 44.00
CA ARG RA 197 -101.80 -12.28 43.17
C ARG RA 197 -102.72 -12.71 42.03
N LEU RA 198 -104.00 -12.92 42.34
CA LEU RA 198 -104.97 -13.31 41.31
C LEU RA 198 -105.11 -12.22 40.26
N ALA RA 199 -105.17 -10.95 40.68
CA ALA RA 199 -105.27 -9.85 39.74
C ALA RA 199 -103.98 -9.68 38.94
N MET RA 200 -102.83 -10.01 39.53
CA MET RA 200 -101.58 -9.99 38.78
C MET RA 200 -101.62 -10.99 37.63
N ILE RA 201 -102.01 -12.23 37.93
CA ILE RA 201 -102.09 -13.25 36.89
C ILE RA 201 -103.16 -12.88 35.86
N ALA RA 202 -104.28 -12.33 36.31
CA ALA RA 202 -105.33 -11.92 35.38
C ALA RA 202 -104.91 -10.75 34.51
N THR RA 203 -104.13 -9.81 35.06
CA THR RA 203 -103.62 -8.70 34.26
C THR RA 203 -102.68 -9.20 33.19
N GLY RA 204 -101.77 -10.11 33.54
CA GLY RA 204 -100.93 -10.72 32.52
C GLY RA 204 -101.74 -11.45 31.47
N GLY RA 205 -102.78 -12.16 31.90
CA GLY RA 205 -103.62 -12.86 30.95
C GLY RA 205 -104.33 -11.94 29.99
N MET RA 206 -104.88 -10.83 30.51
CA MET RA 206 -105.57 -9.87 29.65
C MET RA 206 -104.60 -9.21 28.66
N ILE RA 207 -103.41 -8.83 29.14
CA ILE RA 207 -102.43 -8.21 28.26
C ILE RA 207 -102.04 -9.17 27.14
N HIS RA 208 -101.78 -10.43 27.47
CA HIS RA 208 -101.39 -11.38 26.43
C HIS RA 208 -102.57 -11.78 25.54
N HIS RA 209 -103.80 -11.75 26.06
CA HIS RA 209 -104.97 -11.99 25.22
C HIS RA 209 -105.14 -10.89 24.19
N PHE RA 210 -104.92 -9.63 24.59
CA PHE RA 210 -104.95 -8.55 23.60
C PHE RA 210 -103.76 -8.65 22.65
N PHE RA 211 -102.62 -9.16 23.12
CA PHE RA 211 -101.48 -9.38 22.24
C PHE RA 211 -101.83 -10.40 21.15
N LEU RA 212 -102.50 -11.48 21.53
CA LEU RA 212 -102.77 -12.56 20.59
C LEU RA 212 -103.94 -12.23 19.67
N THR RA 213 -105.07 -11.79 20.23
CA THR RA 213 -106.31 -11.65 19.48
C THR RA 213 -106.62 -10.21 19.09
N GLY RA 214 -106.12 -9.22 19.82
CA GLY RA 214 -106.46 -7.85 19.54
C GLY RA 214 -107.85 -7.46 19.99
N LYS RA 215 -108.37 -8.09 21.03
CA LYS RA 215 -109.71 -7.82 21.54
C LYS RA 215 -109.65 -7.57 23.03
N GLY RA 216 -110.67 -6.86 23.54
CA GLY RA 216 -110.75 -6.54 24.94
C GLY RA 216 -111.15 -7.73 25.78
N PRO RA 217 -111.09 -7.56 27.11
CA PRO RA 217 -111.39 -8.68 28.01
C PRO RA 217 -112.81 -9.20 27.91
N ILE RA 218 -113.82 -8.31 27.94
CA ILE RA 218 -115.21 -8.78 27.96
C ILE RA 218 -115.65 -9.31 26.60
N GLU RA 219 -114.98 -8.92 25.52
CA GLU RA 219 -115.34 -9.42 24.20
C GLU RA 219 -114.53 -10.64 23.79
N PHE RA 220 -113.36 -10.85 24.39
CA PHE RA 220 -112.60 -12.06 24.13
C PHE RA 220 -113.23 -13.27 24.80
N ILE RA 221 -113.77 -13.07 26.01
CA ILE RA 221 -114.39 -14.17 26.75
C ILE RA 221 -115.76 -14.54 26.23
N THR RA 222 -116.33 -13.74 25.32
CA THR RA 222 -117.63 -14.03 24.74
C THR RA 222 -117.57 -14.37 23.26
N THR RA 223 -116.40 -14.25 22.62
CA THR RA 223 -116.23 -14.51 21.19
C THR RA 223 -115.07 -15.46 20.96
N LEU RA 224 -115.03 -16.55 21.72
CA LEU RA 224 -114.00 -17.57 21.56
C LEU RA 224 -114.01 -18.15 20.15
N TYR SA 42 -50.92 -85.23 20.51
CA TYR SA 42 -50.76 -85.21 21.96
C TYR SA 42 -49.29 -85.09 22.34
N LYS SA 43 -49.01 -84.39 23.44
CA LYS SA 43 -47.66 -84.26 23.95
C LYS SA 43 -47.31 -85.55 24.68
N ASP SA 44 -46.57 -86.44 24.01
CA ASP SA 44 -46.27 -87.76 24.54
C ASP SA 44 -44.79 -88.03 24.74
N GLY SA 45 -43.90 -87.28 24.10
CA GLY SA 45 -42.50 -87.59 24.10
C GLY SA 45 -42.05 -88.48 22.95
N ILE SA 46 -42.98 -88.96 22.14
CA ILE SA 46 -42.65 -89.74 20.95
C ILE SA 46 -42.93 -88.97 19.67
N ILE SA 47 -43.73 -87.91 19.71
CA ILE SA 47 -43.93 -87.05 18.56
C ILE SA 47 -43.18 -85.73 18.69
N GLN SA 48 -42.91 -85.28 19.91
CA GLN SA 48 -42.12 -84.07 20.15
C GLN SA 48 -41.37 -84.25 21.47
N GLY SA 49 -40.19 -83.65 21.54
CA GLY SA 49 -39.42 -83.68 22.77
C GLY SA 49 -38.03 -84.29 22.63
N LEU SA 50 -37.49 -84.79 23.73
CA LEU SA 50 -36.14 -85.35 23.74
C LEU SA 50 -36.08 -86.72 23.07
N GLY SA 51 -37.14 -87.53 23.20
CA GLY SA 51 -37.13 -88.88 22.70
C GLY SA 51 -36.96 -88.97 21.20
N VAL SA 52 -37.94 -88.48 20.45
CA VAL SA 52 -37.85 -88.48 18.99
C VAL SA 52 -36.85 -87.40 18.57
N GLU SA 53 -36.09 -87.68 17.52
CA GLU SA 53 -35.02 -86.78 17.10
C GLU SA 53 -34.85 -86.90 15.60
N ALA SA 54 -35.22 -85.85 14.87
CA ALA SA 54 -35.07 -85.84 13.42
C ALA SA 54 -33.59 -85.80 13.04
N ILE SA 55 -33.32 -86.04 11.76
CA ILE SA 55 -31.99 -86.28 11.20
C ILE SA 55 -31.19 -87.10 12.20
N PRO SA 56 -31.54 -88.38 12.38
CA PRO SA 56 -30.91 -89.17 13.44
C PRO SA 56 -29.43 -89.38 13.19
N GLY SA 57 -28.73 -89.73 14.26
CA GLY SA 57 -27.28 -89.81 14.22
C GLY SA 57 -26.58 -88.49 14.44
N ALA SA 58 -27.32 -87.44 14.78
CA ALA SA 58 -26.76 -86.11 15.03
C ALA SA 58 -27.15 -85.64 16.43
N GLY SA 59 -26.59 -84.50 16.81
CA GLY SA 59 -26.85 -83.93 18.13
C GLY SA 59 -27.87 -82.80 18.06
N ARG SA 60 -28.70 -82.72 19.09
CA ARG SA 60 -29.67 -81.64 19.18
C ARG SA 60 -28.98 -80.34 19.54
N PRO SA 61 -29.52 -79.21 19.10
CA PRO SA 61 -28.96 -77.92 19.50
C PRO SA 61 -29.12 -77.69 21.00
N ALA SA 62 -28.19 -76.92 21.56
CA ALA SA 62 -28.20 -76.66 23.00
C ALA SA 62 -29.40 -75.82 23.41
N ASN SA 63 -29.77 -74.81 22.61
CA ASN SA 63 -30.93 -74.00 22.94
C ASN SA 63 -32.23 -74.77 22.73
N LEU SA 64 -32.27 -75.66 21.75
CA LEU SA 64 -33.43 -76.50 21.47
C LEU SA 64 -33.41 -77.67 22.45
N ASP SA 65 -33.99 -77.45 23.63
CA ASP SA 65 -33.93 -78.42 24.72
C ASP SA 65 -35.20 -79.25 24.85
N GLY SA 66 -35.98 -79.35 23.77
CA GLY SA 66 -37.19 -80.16 23.80
C GLY SA 66 -38.26 -79.68 24.75
N THR SA 67 -38.37 -78.37 24.95
CA THR SA 67 -39.39 -77.80 25.83
C THR SA 67 -40.57 -77.22 25.07
N LEU SA 68 -40.32 -76.55 23.94
CA LEU SA 68 -41.39 -75.94 23.18
C LEU SA 68 -42.18 -76.99 22.42
N VAL SA 69 -43.26 -76.55 21.78
CA VAL SA 69 -44.09 -77.43 20.98
C VAL SA 69 -43.40 -77.73 19.65
N GLY SA 70 -43.49 -78.99 19.22
CA GLY SA 70 -42.94 -79.37 17.94
C GLY SA 70 -41.44 -79.51 17.89
N ASP SA 71 -40.80 -79.79 19.03
CA ASP SA 71 -39.35 -79.95 19.09
C ASP SA 71 -39.01 -81.40 18.73
N VAL SA 72 -38.56 -81.61 17.50
CA VAL SA 72 -38.11 -82.92 17.06
C VAL SA 72 -36.59 -82.93 16.85
N GLY SA 73 -35.88 -81.96 17.42
CA GLY SA 73 -34.45 -81.88 17.30
C GLY SA 73 -33.94 -81.46 15.94
N PHE SA 74 -34.81 -80.91 15.09
CA PHE SA 74 -34.44 -80.58 13.71
C PHE SA 74 -34.17 -79.09 13.61
N ASP SA 75 -32.89 -78.72 13.73
CA ASP SA 75 -32.46 -77.35 13.45
C ASP SA 75 -31.08 -77.39 12.83
N PRO SA 76 -30.99 -77.59 11.52
CA PRO SA 76 -29.74 -77.34 10.80
C PRO SA 76 -29.54 -75.84 10.59
N LEU SA 77 -28.35 -75.49 10.11
CA LEU SA 77 -27.90 -74.12 9.85
C LEU SA 77 -27.77 -73.29 11.12
N GLY SA 78 -28.03 -73.87 12.30
CA GLY SA 78 -27.84 -73.17 13.55
C GLY SA 78 -28.69 -71.93 13.74
N PHE SA 79 -29.97 -71.99 13.39
CA PHE SA 79 -30.85 -70.84 13.55
C PHE SA 79 -31.34 -70.65 14.97
N SER SA 80 -31.18 -71.66 15.84
CA SER SA 80 -31.63 -71.57 17.22
C SER SA 80 -30.58 -70.99 18.15
N ASN SA 81 -29.40 -70.65 17.64
CA ASN SA 81 -28.32 -70.14 18.49
C ASN SA 81 -28.30 -68.63 18.56
N TRP SA 82 -28.62 -67.94 17.45
CA TRP SA 82 -28.57 -66.49 17.40
C TRP SA 82 -29.95 -65.85 17.40
N LEU SA 83 -31.02 -66.62 17.29
CA LEU SA 83 -32.37 -66.09 17.22
C LEU SA 83 -33.14 -66.47 18.48
N ASP SA 84 -33.94 -65.53 18.98
CA ASP SA 84 -34.74 -65.79 20.16
C ASP SA 84 -35.85 -66.79 19.83
N LEU SA 85 -36.01 -67.80 20.69
CA LEU SA 85 -37.01 -68.83 20.43
C LEU SA 85 -38.43 -68.31 20.60
N ARG SA 86 -38.64 -67.31 21.46
CA ARG SA 86 -39.97 -66.71 21.57
C ARG SA 86 -40.35 -66.01 20.28
N TRP SA 87 -39.43 -65.19 19.74
CA TRP SA 87 -39.70 -64.50 18.49
C TRP SA 87 -39.91 -65.49 17.34
N ALA SA 88 -39.07 -66.52 17.27
CA ALA SA 88 -39.19 -67.51 16.20
C ALA SA 88 -40.48 -68.31 16.32
N ARG SA 89 -40.86 -68.69 17.55
CA ARG SA 89 -42.10 -69.43 17.74
C ARG SA 89 -43.32 -68.59 17.39
N GLU SA 90 -43.32 -67.31 17.80
CA GLU SA 90 -44.40 -66.42 17.43
C GLU SA 90 -44.48 -66.24 15.93
N ALA SA 91 -43.33 -66.09 15.27
CA ALA SA 91 -43.32 -65.96 13.82
C ALA SA 91 -43.84 -67.21 13.14
N GLU SA 92 -43.44 -68.38 13.64
CA GLU SA 92 -43.92 -69.63 13.05
C GLU SA 92 -45.43 -69.78 13.22
N ILE SA 93 -45.95 -69.47 14.41
CA ILE SA 93 -47.39 -69.60 14.64
C ILE SA 93 -48.16 -68.62 13.77
N LYS SA 94 -47.69 -67.37 13.69
CA LYS SA 94 -48.39 -66.37 12.89
C LYS SA 94 -48.35 -66.72 11.41
N HIS SA 95 -47.19 -67.13 10.90
CA HIS SA 95 -47.08 -67.55 9.51
C HIS SA 95 -47.98 -68.75 9.24
N GLY SA 96 -48.02 -69.71 10.17
CA GLY SA 96 -48.86 -70.87 9.97
C GLY SA 96 -50.34 -70.54 9.93
N ARG SA 97 -50.80 -69.67 10.84
CA ARG SA 97 -52.22 -69.30 10.84
C ARG SA 97 -52.57 -68.49 9.60
N VAL SA 98 -51.73 -67.54 9.22
CA VAL SA 98 -51.98 -66.76 8.01
C VAL SA 98 -51.98 -67.67 6.79
N ALA SA 99 -51.10 -68.67 6.77
CA ALA SA 99 -51.05 -69.60 5.65
C ALA SA 99 -52.26 -70.53 5.63
N MET SA 100 -52.77 -70.91 6.80
CA MET SA 100 -54.01 -71.67 6.85
C MET SA 100 -55.16 -70.87 6.23
N LEU SA 101 -55.30 -69.61 6.64
CA LEU SA 101 -56.34 -68.78 6.05
C LEU SA 101 -56.12 -68.58 4.56
N ALA SA 102 -54.86 -68.40 4.14
CA ALA SA 102 -54.55 -68.20 2.73
C ALA SA 102 -54.90 -69.44 1.91
N ALA SA 103 -54.53 -70.63 2.40
CA ALA SA 103 -54.83 -71.86 1.66
C ALA SA 103 -56.32 -72.13 1.61
N THR SA 104 -57.04 -71.86 2.70
CA THR SA 104 -58.48 -72.00 2.66
C THR SA 104 -59.10 -71.02 1.67
N GLY SA 105 -58.57 -69.79 1.59
CA GLY SA 105 -59.01 -68.87 0.56
C GLY SA 105 -58.71 -69.36 -0.83
N MET SA 106 -57.54 -69.99 -1.02
CA MET SA 106 -57.20 -70.55 -2.32
C MET SA 106 -58.20 -71.62 -2.72
N ILE SA 107 -58.60 -72.47 -1.77
CA ILE SA 107 -59.54 -73.54 -2.08
C ILE SA 107 -60.93 -72.98 -2.34
N VAL SA 108 -61.38 -72.05 -1.50
CA VAL SA 108 -62.77 -71.59 -1.57
C VAL SA 108 -62.99 -70.63 -2.72
N GLN SA 109 -62.07 -69.69 -2.93
CA GLN SA 109 -62.23 -68.72 -4.01
C GLN SA 109 -62.33 -69.40 -5.37
N ASP SA 110 -61.60 -70.50 -5.56
CA ASP SA 110 -61.66 -71.24 -6.81
C ASP SA 110 -62.96 -72.02 -6.98
N ALA SA 111 -63.70 -72.24 -5.89
CA ALA SA 111 -64.95 -72.98 -5.93
C ALA SA 111 -66.18 -72.09 -5.79
N TYR SA 112 -66.17 -71.16 -4.85
CA TYR SA 112 -67.30 -70.29 -4.58
C TYR SA 112 -66.84 -68.85 -4.43
N LYS SA 113 -67.59 -67.93 -5.03
CA LYS SA 113 -67.31 -66.51 -4.95
C LYS SA 113 -68.53 -65.76 -4.43
N PHE SA 114 -68.29 -64.77 -3.58
CA PHE SA 114 -69.38 -63.99 -3.04
C PHE SA 114 -70.05 -63.16 -4.13
N PRO SA 115 -71.37 -62.98 -4.05
CA PRO SA 115 -72.07 -62.18 -5.07
C PRO SA 115 -71.60 -60.73 -5.03
N GLY SA 116 -71.30 -60.18 -6.19
CA GLY SA 116 -70.83 -58.81 -6.29
C GLY SA 116 -69.36 -58.72 -6.66
N PHE SA 117 -68.54 -59.58 -6.07
CA PHE SA 117 -67.11 -59.59 -6.39
C PHE SA 117 -66.83 -60.24 -7.74
N GLU SA 118 -67.60 -61.26 -8.12
CA GLU SA 118 -67.36 -61.94 -9.38
C GLU SA 118 -67.74 -61.11 -10.58
N GLY SA 119 -68.55 -60.07 -10.39
CA GLY SA 119 -68.87 -59.15 -11.47
C GLY SA 119 -67.84 -58.05 -11.61
N GLU SA 120 -67.28 -57.63 -10.47
CA GLU SA 120 -66.25 -56.61 -10.48
C GLU SA 120 -64.90 -57.16 -10.95
N PHE SA 121 -64.55 -58.37 -10.53
CA PHE SA 121 -63.25 -58.95 -10.85
C PHE SA 121 -63.30 -59.93 -12.01
N GLY SA 122 -64.45 -60.51 -12.30
CA GLY SA 122 -64.56 -61.49 -13.36
C GLY SA 122 -64.10 -62.86 -12.94
N GLY SA 123 -63.38 -63.56 -13.81
CA GLY SA 123 -62.88 -64.88 -13.50
C GLY SA 123 -61.48 -64.86 -12.92
N ALA SA 124 -61.00 -63.68 -12.54
CA ALA SA 124 -59.66 -63.54 -12.01
C ALA SA 124 -59.56 -64.15 -10.61
N ALA SA 125 -58.42 -64.76 -10.32
CA ALA SA 125 -58.16 -65.36 -9.03
C ALA SA 125 -56.66 -65.43 -8.80
N MET SA 126 -56.27 -65.90 -7.61
CA MET SA 126 -54.88 -66.14 -7.25
C MET SA 126 -54.05 -64.86 -7.29
N MET SA 127 -53.12 -64.77 -8.23
CA MET SA 127 -52.20 -63.65 -8.32
C MET SA 127 -52.74 -62.52 -9.19
N LYS SA 128 -53.97 -62.63 -9.69
CA LYS SA 128 -54.63 -61.51 -10.35
C LYS SA 128 -55.65 -60.83 -9.46
N LEU SA 129 -56.20 -61.53 -8.47
CA LEU SA 129 -57.18 -60.93 -7.58
C LEU SA 129 -56.56 -59.83 -6.72
N HIS SA 130 -55.28 -59.99 -6.36
CA HIS SA 130 -54.61 -58.97 -5.55
C HIS SA 130 -54.50 -57.66 -6.31
N ASN SA 131 -54.06 -57.71 -7.56
CA ASN SA 131 -53.83 -56.49 -8.33
C ASN SA 131 -55.13 -55.79 -8.70
N LEU SA 132 -56.20 -56.55 -8.90
CA LEU SA 132 -57.50 -55.93 -9.14
C LEU SA 132 -58.13 -55.40 -7.86
N ALA SA 133 -57.92 -56.09 -6.74
CA ALA SA 133 -58.46 -55.65 -5.45
C ALA SA 133 -57.75 -54.43 -4.92
N VAL SA 134 -56.48 -54.23 -5.26
CA VAL SA 134 -55.80 -52.99 -4.89
C VAL SA 134 -56.48 -51.79 -5.54
N GLU SA 135 -56.81 -51.91 -6.82
CA GLU SA 135 -57.47 -50.81 -7.51
C GLU SA 135 -58.94 -50.69 -7.12
N GLN SA 136 -59.57 -51.81 -6.76
CA GLN SA 136 -60.97 -51.78 -6.36
C GLN SA 136 -61.16 -51.16 -4.98
N GLY SA 137 -60.30 -51.54 -4.03
CA GLY SA 137 -60.40 -51.08 -2.66
C GLY SA 137 -60.54 -52.18 -1.64
N ALA SA 138 -60.76 -53.44 -2.05
CA ALA SA 138 -60.82 -54.53 -1.08
C ALA SA 138 -59.47 -54.76 -0.43
N MET SA 139 -58.40 -54.77 -1.23
CA MET SA 139 -57.07 -55.03 -0.68
C MET SA 139 -56.61 -53.91 0.24
N GLN SA 140 -56.93 -52.66 -0.09
CA GLN SA 140 -56.54 -51.54 0.77
C GLN SA 140 -57.28 -51.60 2.11
N GLN SA 141 -58.58 -51.89 2.09
CA GLN SA 141 -59.33 -52.02 3.32
C GLN SA 141 -58.81 -53.19 4.15
N LEU SA 142 -58.52 -54.32 3.51
CA LEU SA 142 -57.96 -55.46 4.22
C LEU SA 142 -56.61 -55.12 4.84
N LEU SA 143 -55.74 -54.44 4.09
CA LEU SA 143 -54.45 -54.05 4.62
C LEU SA 143 -54.60 -53.12 5.82
N LEU SA 144 -55.48 -52.11 5.71
CA LEU SA 144 -55.66 -51.18 6.81
C LEU SA 144 -56.19 -51.87 8.05
N TRP SA 145 -57.24 -52.70 7.91
CA TRP SA 145 -57.82 -53.33 9.07
C TRP SA 145 -56.87 -54.34 9.70
N LEU SA 146 -56.20 -55.16 8.88
CA LEU SA 146 -55.27 -56.13 9.43
C LEU SA 146 -54.05 -55.46 10.05
N GLY SA 147 -53.56 -54.37 9.46
CA GLY SA 147 -52.46 -53.65 10.05
C GLY SA 147 -52.84 -53.00 11.36
N LEU SA 148 -54.05 -52.43 11.44
CA LEU SA 148 -54.51 -51.86 12.70
C LEU SA 148 -54.65 -52.94 13.76
N LEU SA 149 -55.22 -54.09 13.39
CA LEU SA 149 -55.34 -55.20 14.33
C LEU SA 149 -53.97 -55.67 14.80
N GLU SA 150 -53.02 -55.78 13.88
CA GLU SA 150 -51.66 -56.18 14.26
C GLU SA 150 -51.02 -55.15 15.18
N ILE SA 151 -51.18 -53.87 14.86
CA ILE SA 151 -50.57 -52.82 15.67
C ILE SA 151 -51.12 -52.85 17.09
N ILE SA 152 -52.43 -53.01 17.24
CA ILE SA 152 -53.02 -52.94 18.58
C ILE SA 152 -53.06 -54.29 19.29
N SER SA 153 -52.67 -55.39 18.63
CA SER SA 153 -52.64 -56.68 19.29
C SER SA 153 -51.24 -57.27 19.37
N GLY SA 154 -50.56 -57.47 18.24
CA GLY SA 154 -49.34 -58.26 18.26
C GLY SA 154 -48.13 -57.49 18.76
N VAL SA 155 -48.00 -56.22 18.37
CA VAL SA 155 -46.81 -55.45 18.74
C VAL SA 155 -46.64 -55.35 20.25
N PRO SA 156 -47.64 -54.91 21.03
CA PRO SA 156 -47.48 -54.98 22.49
C PRO SA 156 -47.32 -56.40 22.99
N ALA SA 157 -47.98 -57.37 22.36
CA ALA SA 157 -47.77 -58.77 22.71
C ALA SA 157 -46.34 -59.20 22.42
N ILE SA 158 -45.79 -58.75 21.30
CA ILE SA 158 -44.38 -59.04 20.99
C ILE SA 158 -43.48 -58.49 22.07
N ILE SA 159 -43.69 -57.23 22.45
CA ILE SA 159 -42.84 -56.59 23.44
C ILE SA 159 -42.94 -57.30 24.78
N GLN SA 160 -44.16 -57.64 25.19
CA GLN SA 160 -44.33 -58.26 26.50
C GLN SA 160 -43.78 -59.68 26.54
N THR SA 161 -44.00 -60.46 25.47
CA THR SA 161 -43.51 -61.83 25.46
C THR SA 161 -42.01 -61.91 25.20
N LEU SA 162 -41.40 -60.85 24.67
CA LEU SA 162 -39.94 -60.81 24.57
C LEU SA 162 -39.29 -60.27 25.84
N ASN SA 163 -40.00 -59.41 26.58
CA ASN SA 163 -39.46 -58.88 27.83
C ASN SA 163 -39.68 -59.80 29.02
N GLY SA 164 -40.46 -60.87 28.86
CA GLY SA 164 -40.58 -61.84 29.92
C GLY SA 164 -41.94 -61.93 30.60
N SER SA 165 -43.01 -61.70 29.85
CA SER SA 165 -44.34 -61.86 30.40
C SER SA 165 -44.73 -63.34 30.43
N GLU SA 166 -45.88 -63.61 31.03
CA GLU SA 166 -46.40 -64.97 31.12
C GLU SA 166 -47.11 -65.41 29.84
N ARG SA 167 -47.29 -64.51 28.87
CA ARG SA 167 -47.95 -64.87 27.63
C ARG SA 167 -47.02 -65.68 26.76
N GLN SA 168 -47.41 -66.91 26.43
CA GLN SA 168 -46.62 -67.73 25.53
C GLN SA 168 -46.72 -67.21 24.11
N PRO SA 169 -45.67 -67.35 23.31
CA PRO SA 169 -45.75 -66.94 21.90
C PRO SA 169 -46.84 -67.71 21.17
N GLY SA 170 -47.57 -67.00 20.32
CA GLY SA 170 -48.68 -67.57 19.61
C GLY SA 170 -49.96 -67.66 20.41
N ASP SA 171 -49.97 -67.18 21.65
CA ASP SA 171 -51.14 -67.24 22.51
C ASP SA 171 -51.75 -65.85 22.61
N PHE SA 172 -52.94 -65.69 22.05
CA PHE SA 172 -53.72 -64.47 22.21
C PHE SA 172 -54.92 -64.65 23.13
N GLY SA 173 -55.08 -65.84 23.72
CA GLY SA 173 -56.21 -66.11 24.58
C GLY SA 173 -57.54 -66.18 23.87
N PHE SA 174 -57.54 -66.27 22.54
CA PHE SA 174 -58.77 -66.29 21.74
C PHE SA 174 -59.35 -67.70 21.80
N ASP SA 175 -60.24 -67.92 22.77
CA ASP SA 175 -60.89 -69.22 22.95
C ASP SA 175 -62.39 -69.03 23.10
N PRO SA 176 -63.10 -68.71 22.03
CA PRO SA 176 -64.56 -68.80 22.06
C PRO SA 176 -65.02 -70.25 22.03
N LEU SA 177 -66.23 -70.47 22.56
CA LEU SA 177 -66.85 -71.78 22.67
C LEU SA 177 -66.08 -72.74 23.57
N ASN SA 178 -65.07 -72.23 24.28
CA ASN SA 178 -64.31 -73.03 25.26
C ASN SA 178 -63.74 -74.30 24.64
N CYS SA 179 -63.23 -74.18 23.42
CA CYS SA 179 -62.62 -75.32 22.75
C CYS SA 179 -61.25 -75.63 23.36
N GLY SA 180 -60.99 -76.91 23.60
CA GLY SA 180 -59.72 -77.31 24.16
C GLY SA 180 -59.46 -76.86 25.58
N ALA SA 181 -60.47 -76.96 26.45
CA ALA SA 181 -60.28 -76.58 27.85
C ALA SA 181 -59.43 -77.60 28.61
N ASN SA 182 -59.33 -78.83 28.12
CA ASN SA 182 -58.50 -79.84 28.76
C ASN SA 182 -57.04 -79.66 28.37
N PRO SA 183 -56.12 -79.72 29.34
CA PRO SA 183 -54.70 -79.48 29.02
C PRO SA 183 -54.10 -80.49 28.05
N ASP SA 184 -54.44 -81.77 28.18
CA ASP SA 184 -53.96 -82.76 27.20
C ASP SA 184 -54.53 -82.46 25.82
N THR SA 185 -55.83 -82.16 25.76
CA THR SA 185 -56.43 -81.74 24.51
C THR SA 185 -55.80 -80.45 24.02
N LEU SA 186 -55.42 -79.55 24.93
CA LEU SA 186 -54.78 -78.31 24.54
C LEU SA 186 -53.43 -78.56 23.88
N ALA SA 187 -52.64 -79.48 24.45
CA ALA SA 187 -51.36 -79.82 23.83
C ALA SA 187 -51.55 -80.50 22.48
N ARG SA 188 -52.55 -81.38 22.38
CA ARG SA 188 -52.89 -81.97 21.09
C ARG SA 188 -53.21 -80.90 20.06
N ARG SA 189 -54.03 -79.91 20.45
CA ARG SA 189 -54.38 -78.82 19.56
C ARG SA 189 -53.17 -77.97 19.19
N GLN SA 190 -52.26 -77.73 20.14
CA GLN SA 190 -51.07 -76.95 19.85
C GLN SA 190 -50.20 -77.65 18.80
N LEU SA 191 -49.92 -78.94 19.02
CA LEU SA 191 -49.07 -79.66 18.06
C LEU SA 191 -49.75 -79.78 16.71
N THR SA 192 -51.06 -80.03 16.70
CA THR SA 192 -51.79 -80.12 15.44
C THR SA 192 -51.78 -78.79 14.70
N GLU SA 193 -51.98 -77.68 15.42
CA GLU SA 193 -51.94 -76.37 14.80
C GLU SA 193 -50.57 -76.08 14.22
N LEU SA 194 -49.50 -76.43 14.94
CA LEU SA 194 -48.16 -76.18 14.44
C LEU SA 194 -47.88 -76.98 13.18
N LYS SA 195 -48.20 -78.28 13.19
CA LYS SA 195 -47.92 -79.10 12.02
C LYS SA 195 -48.78 -78.70 10.83
N ASN SA 196 -50.06 -78.40 11.06
CA ASN SA 196 -50.91 -77.95 9.98
C ASN SA 196 -50.50 -76.58 9.47
N GLY SA 197 -49.91 -75.74 10.32
CA GLY SA 197 -49.37 -74.47 9.85
C GLY SA 197 -48.17 -74.66 8.94
N ARG SA 198 -47.28 -75.59 9.29
CA ARG SA 198 -46.19 -75.92 8.38
C ARG SA 198 -46.73 -76.43 7.04
N LEU SA 199 -47.71 -77.33 7.10
CA LEU SA 199 -48.31 -77.85 5.89
C LEU SA 199 -48.95 -76.74 5.07
N ALA SA 200 -49.62 -75.80 5.74
CA ALA SA 200 -50.28 -74.71 5.05
C ALA SA 200 -49.28 -73.77 4.38
N MET SA 201 -48.17 -73.48 5.06
CA MET SA 201 -47.14 -72.64 4.45
C MET SA 201 -46.60 -73.29 3.18
N ILE SA 202 -46.25 -74.57 3.28
CA ILE SA 202 -45.71 -75.27 2.10
C ILE SA 202 -46.76 -75.33 0.99
N ALA SA 203 -48.01 -75.61 1.35
CA ALA SA 203 -49.07 -75.70 0.34
C ALA SA 203 -49.33 -74.36 -0.33
N VAL SA 204 -49.31 -73.26 0.43
CA VAL SA 204 -49.54 -71.95 -0.15
C VAL SA 204 -48.41 -71.60 -1.12
N GLY SA 205 -47.17 -71.88 -0.73
CA GLY SA 205 -46.08 -71.68 -1.68
C GLY SA 205 -46.23 -72.51 -2.93
N GLY SA 206 -46.63 -73.78 -2.77
CA GLY SA 206 -46.83 -74.64 -3.92
C GLY SA 206 -47.90 -74.11 -4.85
N MET SA 207 -49.04 -73.68 -4.30
CA MET SA 207 -50.12 -73.16 -5.12
C MET SA 207 -49.73 -71.87 -5.82
N VAL SA 208 -48.98 -71.00 -5.13
CA VAL SA 208 -48.51 -69.76 -5.75
C VAL SA 208 -47.63 -70.08 -6.95
N HIS SA 209 -46.70 -71.02 -6.79
CA HIS SA 209 -45.85 -71.37 -7.92
C HIS SA 209 -46.64 -72.09 -9.02
N HIS SA 210 -47.65 -72.88 -8.64
CA HIS SA 210 -48.51 -73.51 -9.65
C HIS SA 210 -49.21 -72.48 -10.50
N TYR SA 211 -49.75 -71.42 -9.89
CA TYR SA 211 -50.39 -70.38 -10.67
C TYR SA 211 -49.37 -69.56 -11.46
N LEU SA 212 -48.18 -69.35 -10.91
CA LEU SA 212 -47.16 -68.59 -11.63
C LEU SA 212 -46.62 -69.34 -12.84
N LEU SA 213 -46.69 -70.67 -12.83
CA LEU SA 213 -46.25 -71.45 -14.00
C LEU SA 213 -47.40 -71.73 -14.97
N VAL SA 214 -48.45 -72.39 -14.49
CA VAL SA 214 -49.53 -72.80 -15.37
C VAL SA 214 -50.52 -71.65 -15.58
N GLY SA 215 -51.05 -71.10 -14.49
CA GLY SA 215 -52.05 -70.06 -14.59
C GLY SA 215 -53.43 -70.51 -14.21
N ARG SA 216 -53.53 -71.37 -13.19
CA ARG SA 216 -54.81 -71.91 -12.75
C ARG SA 216 -54.84 -71.94 -11.22
N GLY SA 217 -56.06 -72.02 -10.69
CA GLY SA 217 -56.26 -72.15 -9.27
C GLY SA 217 -56.02 -73.56 -8.78
N PRO SA 218 -56.13 -73.75 -7.46
CA PRO SA 218 -55.76 -75.04 -6.85
C PRO SA 218 -56.55 -76.23 -7.36
N ILE SA 219 -57.89 -76.18 -7.23
CA ILE SA 219 -58.69 -77.30 -7.72
C ILE SA 219 -58.63 -77.37 -9.24
N GLU SA 220 -58.55 -76.22 -9.92
CA GLU SA 220 -58.34 -76.23 -11.36
C GLU SA 220 -56.99 -76.83 -11.73
N PHE SA 221 -55.96 -76.60 -10.91
CA PHE SA 221 -54.65 -77.19 -11.18
C PHE SA 221 -54.65 -78.69 -10.91
N ILE SA 222 -55.41 -79.15 -9.91
CA ILE SA 222 -55.43 -80.58 -9.61
C ILE SA 222 -56.39 -81.34 -10.52
N THR SA 223 -57.31 -80.65 -11.20
CA THR SA 223 -58.15 -81.27 -12.20
C THR SA 223 -57.62 -81.10 -13.62
N ASN SA 224 -56.53 -80.36 -13.80
CA ASN SA 224 -55.93 -80.15 -15.11
C ASN SA 224 -54.46 -80.55 -15.07
N ILE SA 225 -54.17 -81.73 -14.56
CA ILE SA 225 -52.83 -82.20 -14.21
C ILE SA 225 -51.81 -82.01 -15.33
N PRO SA 226 -52.10 -82.34 -16.59
CA PRO SA 226 -51.09 -82.13 -17.64
C PRO SA 226 -50.68 -80.67 -17.76
N ASN SA 227 -49.41 -80.46 -18.11
CA ASN SA 227 -48.83 -79.14 -18.18
C ASN SA 227 -49.13 -78.41 -19.48
N PHE SA 228 -49.85 -79.05 -20.42
CA PHE SA 228 -50.20 -78.42 -21.68
C PHE SA 228 -51.36 -77.45 -21.47
N LYS SA 229 -51.79 -76.84 -22.58
CA LYS SA 229 -52.96 -75.96 -22.67
C LYS SA 229 -53.05 -74.97 -21.50
N ASN SA 230 -51.90 -74.45 -21.08
CA ASN SA 230 -51.87 -73.48 -19.97
C ASN SA 230 -52.33 -72.10 -20.44
N PRO SA 231 -53.07 -71.38 -19.62
CA PRO SA 231 -53.45 -70.00 -19.96
C PRO SA 231 -52.32 -69.03 -19.59
N LEU SA 232 -52.59 -67.75 -19.83
CA LEU SA 232 -51.63 -66.71 -19.47
C LEU SA 232 -51.66 -66.49 -17.96
N PRO SA 233 -50.52 -66.60 -17.27
CA PRO SA 233 -50.45 -66.23 -15.86
C PRO SA 233 -49.98 -64.79 -15.65
N PRO SA 234 -50.85 -63.79 -15.77
CA PRO SA 234 -50.40 -62.42 -15.50
C PRO SA 234 -50.13 -62.24 -14.01
N PHE SA 235 -48.96 -61.69 -13.69
CA PHE SA 235 -48.56 -61.55 -12.29
C PHE SA 235 -49.33 -60.43 -11.60
N ASP TA 44 -51.05 -59.86 36.65
CA ASP TA 44 -52.40 -59.34 36.46
C ASP TA 44 -52.60 -58.83 35.04
N PHE TA 45 -53.21 -59.66 34.20
CA PHE TA 45 -53.48 -59.29 32.82
C PHE TA 45 -54.66 -58.35 32.73
N SER TA 46 -54.81 -57.71 31.57
CA SER TA 46 -55.88 -56.75 31.37
C SER TA 46 -57.23 -57.46 31.28
N ALA TA 47 -58.26 -56.81 31.83
CA ALA TA 47 -59.60 -57.37 31.77
C ALA TA 47 -60.13 -57.37 30.34
N ALA TA 48 -59.86 -56.31 29.58
CA ALA TA 48 -60.33 -56.26 28.19
C ALA TA 48 -59.47 -57.13 27.29
N VAL TA 49 -58.15 -56.98 27.38
CA VAL TA 49 -57.21 -57.70 26.53
C VAL TA 49 -56.63 -58.85 27.36
N PRO TA 50 -56.99 -60.10 27.08
CA PRO TA 50 -56.53 -61.20 27.95
C PRO TA 50 -55.07 -61.60 27.76
N PHE TA 51 -54.45 -61.25 26.63
CA PHE TA 51 -53.06 -61.61 26.39
C PHE TA 51 -52.08 -60.52 26.75
N LEU TA 52 -52.54 -59.34 27.15
CA LEU TA 52 -51.68 -58.23 27.53
C LEU TA 52 -51.76 -57.97 29.03
N LYS TA 53 -50.63 -57.60 29.61
CA LYS TA 53 -50.60 -57.18 31.00
C LYS TA 53 -51.41 -55.90 31.18
N ARG TA 54 -52.05 -55.78 32.34
CA ARG TA 54 -52.73 -54.55 32.67
C ARG TA 54 -51.72 -53.42 32.85
N PRO TA 55 -51.96 -52.26 32.25
CA PRO TA 55 -51.03 -51.13 32.43
C PRO TA 55 -50.90 -50.76 33.90
N SER TA 56 -49.68 -50.41 34.30
CA SER TA 56 -49.40 -50.16 35.70
C SER TA 56 -50.08 -48.90 36.23
N ASN TA 57 -50.42 -47.96 35.35
CA ASN TA 57 -51.09 -46.73 35.77
C ASN TA 57 -52.61 -46.83 35.69
N LEU TA 58 -53.15 -47.92 35.15
CA LEU TA 58 -54.59 -48.11 35.04
C LEU TA 58 -55.02 -49.09 36.13
N ASP TA 59 -55.26 -48.56 37.33
CA ASP TA 59 -55.68 -49.39 38.44
C ASP TA 59 -57.15 -49.81 38.33
N GLY TA 60 -57.96 -49.03 37.62
CA GLY TA 60 -59.38 -49.34 37.46
C GLY TA 60 -60.31 -48.41 38.22
N THR TA 61 -59.79 -47.40 38.90
CA THR TA 61 -60.65 -46.47 39.63
C THR TA 61 -61.38 -45.50 38.72
N LEU TA 62 -60.80 -45.18 37.56
CA LEU TA 62 -61.43 -44.24 36.66
C LEU TA 62 -62.62 -44.87 35.95
N ALA TA 63 -63.50 -44.02 35.45
CA ALA TA 63 -64.68 -44.47 34.73
C ALA TA 63 -64.29 -44.98 33.35
N GLY TA 64 -64.76 -46.17 33.00
CA GLY TA 64 -64.41 -46.77 31.74
C GLY TA 64 -63.04 -47.40 31.69
N ASP TA 65 -62.35 -47.50 32.83
CA ASP TA 65 -61.02 -48.10 32.88
C ASP TA 65 -61.18 -49.61 32.87
N VAL TA 66 -61.20 -50.17 31.66
CA VAL TA 66 -61.30 -51.62 31.47
C VAL TA 66 -59.94 -52.26 31.26
N GLY TA 67 -58.86 -51.47 31.23
CA GLY TA 67 -57.53 -51.97 30.99
C GLY TA 67 -57.07 -51.89 29.56
N PHE TA 68 -57.84 -51.28 28.67
CA PHE TA 68 -57.50 -51.21 27.25
C PHE TA 68 -56.50 -50.10 27.02
N ASP TA 69 -55.23 -50.48 26.85
CA ASP TA 69 -54.19 -49.55 26.44
C ASP TA 69 -53.04 -50.33 25.83
N PRO TA 70 -53.16 -50.75 24.58
CA PRO TA 70 -52.11 -51.56 23.96
C PRO TA 70 -50.81 -50.78 23.74
N LEU TA 71 -50.93 -49.58 23.18
CA LEU TA 71 -49.75 -48.78 22.90
C LEU TA 71 -49.14 -48.19 24.17
N GLY TA 72 -49.90 -48.13 25.27
CA GLY TA 72 -49.38 -47.68 26.54
C GLY TA 72 -49.08 -46.20 26.64
N PHE TA 73 -50.02 -45.36 26.20
CA PHE TA 73 -49.86 -43.92 26.40
C PHE TA 73 -49.97 -43.52 27.86
N SER TA 74 -50.67 -44.30 28.68
CA SER TA 74 -50.76 -43.99 30.10
C SER TA 74 -49.48 -44.33 30.85
N ASP TA 75 -48.59 -45.13 30.24
CA ASP TA 75 -47.33 -45.46 30.89
C ASP TA 75 -46.37 -44.29 30.90
N VAL TA 76 -46.51 -43.34 29.97
CA VAL TA 76 -45.58 -42.24 29.80
C VAL TA 76 -46.21 -40.91 30.21
N PHE TA 77 -47.35 -40.57 29.60
CA PHE TA 77 -48.01 -39.30 29.87
C PHE TA 77 -48.95 -39.42 31.06
N ASP TA 78 -49.33 -38.27 31.61
CA ASP TA 78 -50.13 -38.24 32.81
C ASP TA 78 -51.55 -38.72 32.52
N LEU TA 79 -52.06 -39.58 33.41
CA LEU TA 79 -53.39 -40.15 33.20
C LEU TA 79 -54.48 -39.10 33.39
N ARG TA 80 -54.29 -38.16 34.32
CA ARG TA 80 -55.30 -37.13 34.52
C ARG TA 80 -55.43 -36.22 33.30
N VAL TA 81 -54.30 -35.82 32.72
CA VAL TA 81 -54.35 -34.99 31.51
C VAL TA 81 -54.95 -35.78 30.35
N LEU TA 82 -54.63 -37.06 30.26
CA LEU TA 82 -55.20 -37.89 29.20
C LEU TA 82 -56.71 -38.03 29.36
N ARG TA 83 -57.19 -38.20 30.58
CA ARG TA 83 -58.63 -38.27 30.80
C ARG TA 83 -59.30 -36.93 30.52
N GLU TA 84 -58.63 -35.82 30.85
CA GLU TA 84 -59.16 -34.51 30.49
C GLU TA 84 -59.30 -34.38 28.98
N ALA TA 85 -58.27 -34.77 28.23
CA ALA TA 85 -58.32 -34.70 26.78
C ALA TA 85 -59.40 -35.63 26.23
N GLU TA 86 -59.51 -36.84 26.79
CA GLU TA 86 -60.53 -37.78 26.34
C GLU TA 86 -61.92 -37.23 26.56
N LEU TA 87 -62.17 -36.66 27.75
CA LEU TA 87 -63.50 -36.13 28.05
C LEU TA 87 -63.82 -34.92 27.20
N LYS TA 88 -62.85 -34.03 26.96
CA LYS TA 88 -63.14 -32.87 26.12
C LYS TA 88 -63.38 -33.28 24.68
N HIS TA 89 -62.57 -34.20 24.15
CA HIS TA 89 -62.82 -34.71 22.81
C HIS TA 89 -64.19 -35.36 22.72
N GLY TA 90 -64.55 -36.16 23.74
CA GLY TA 90 -65.83 -36.84 23.71
C GLY TA 90 -67.00 -35.89 23.80
N ARG TA 91 -66.90 -34.87 24.63
CA ARG TA 91 -67.97 -33.89 24.74
C ARG TA 91 -68.13 -33.11 23.44
N PHE TA 92 -67.01 -32.68 22.84
CA PHE TA 92 -67.08 -32.04 21.54
C PHE TA 92 -67.73 -32.95 20.51
N ALA TA 93 -67.37 -34.24 20.51
CA ALA TA 93 -67.91 -35.17 19.53
C ALA TA 93 -69.39 -35.44 19.77
N MET TA 94 -69.83 -35.53 21.02
CA MET TA 94 -71.24 -35.73 21.30
C MET TA 94 -72.06 -34.54 20.85
N LEU TA 95 -71.61 -33.33 21.17
CA LEU TA 95 -72.30 -32.15 20.68
C LEU TA 95 -72.28 -32.10 19.16
N ALA TA 96 -71.19 -32.55 18.53
CA ALA TA 96 -71.11 -32.52 17.07
C ALA TA 96 -72.05 -33.53 16.43
N VAL TA 97 -72.19 -34.72 17.02
CA VAL TA 97 -73.11 -35.71 16.48
C VAL TA 97 -74.55 -35.25 16.61
N LEU TA 98 -74.91 -34.74 17.80
CA LEU TA 98 -76.25 -34.18 17.96
C LEU TA 98 -76.48 -33.03 17.01
N GLY TA 99 -75.46 -32.20 16.79
CA GLY TA 99 -75.58 -31.10 15.85
C GLY TA 99 -75.77 -31.56 14.42
N PHE TA 100 -75.06 -32.61 14.02
CA PHE TA 100 -75.25 -33.16 12.68
C PHE TA 100 -76.68 -33.67 12.50
N LEU TA 101 -77.19 -34.42 13.48
CA LEU TA 101 -78.57 -34.91 13.39
C LEU TA 101 -79.56 -33.75 13.29
N VAL TA 102 -79.41 -32.76 14.17
CA VAL TA 102 -80.37 -31.65 14.20
C VAL TA 102 -80.27 -30.80 12.94
N GLN TA 103 -79.04 -30.49 12.52
CA GLN TA 103 -78.84 -29.69 11.31
C GLN TA 103 -79.38 -30.40 10.08
N GLU TA 104 -79.29 -31.73 10.03
CA GLU TA 104 -79.89 -32.45 8.91
C GLU TA 104 -81.42 -32.41 8.99
N VAL TA 105 -81.97 -32.50 10.21
CA VAL TA 105 -83.43 -32.53 10.32
C VAL TA 105 -84.04 -31.13 10.40
N TYR TA 106 -83.29 -30.12 10.85
CA TYR TA 106 -83.87 -28.79 11.04
C TYR TA 106 -82.77 -27.73 10.98
N THR TA 107 -82.94 -26.76 10.09
CA THR TA 107 -82.07 -25.60 10.01
C THR TA 107 -82.87 -24.36 10.38
N PHE TA 108 -82.22 -23.40 11.04
CA PHE TA 108 -82.90 -22.17 11.42
C PHE TA 108 -83.37 -21.44 10.17
N PRO TA 109 -84.58 -20.87 10.18
CA PRO TA 109 -85.12 -20.24 8.97
C PRO TA 109 -84.34 -19.01 8.52
N PHE TA 110 -83.68 -18.29 9.43
CA PHE TA 110 -82.88 -17.15 9.01
C PHE TA 110 -81.51 -17.54 8.48
N PHE TA 111 -81.10 -18.82 8.67
CA PHE TA 111 -79.94 -19.37 8.00
C PHE TA 111 -80.35 -20.03 6.69
N PRO TA 112 -79.48 -20.01 5.67
CA PRO TA 112 -79.77 -20.76 4.45
C PRO TA 112 -79.63 -22.25 4.67
N LYS TA 113 -80.25 -23.02 3.78
CA LYS TA 113 -80.32 -24.47 3.91
C LYS TA 113 -79.21 -25.13 3.11
N MET TA 114 -78.38 -25.92 3.78
CA MET TA 114 -77.36 -26.73 3.13
C MET TA 114 -76.95 -27.85 4.07
N ALA TA 115 -76.06 -28.72 3.59
CA ALA TA 115 -75.57 -29.82 4.40
C ALA TA 115 -74.66 -29.29 5.52
N PRO TA 116 -74.57 -30.02 6.63
CA PRO TA 116 -73.73 -29.54 7.73
C PRO TA 116 -72.26 -29.39 7.37
N VAL TA 117 -71.70 -30.28 6.57
CA VAL TA 117 -70.26 -30.30 6.36
C VAL TA 117 -69.81 -29.13 5.48
N ASP TA 118 -70.51 -28.87 4.38
CA ASP TA 118 -70.11 -27.78 3.50
C ASP TA 118 -70.60 -26.42 3.98
N ALA TA 119 -71.38 -26.37 5.07
CA ALA TA 119 -71.67 -25.10 5.70
C ALA TA 119 -70.47 -24.55 6.47
N HIS TA 120 -69.46 -25.39 6.70
CA HIS TA 120 -68.27 -24.95 7.43
C HIS TA 120 -67.56 -23.83 6.69
N ASP TA 121 -67.37 -23.97 5.38
CA ASP TA 121 -66.78 -22.88 4.61
C ASP TA 121 -67.72 -21.68 4.50
N TYR TA 122 -69.03 -21.94 4.49
CA TYR TA 122 -70.00 -20.84 4.46
C TYR TA 122 -69.86 -19.96 5.70
N PHE TA 123 -69.63 -20.57 6.85
CA PHE TA 123 -69.44 -19.79 8.07
C PHE TA 123 -67.99 -19.37 8.29
N VAL TA 124 -67.05 -19.93 7.55
CA VAL TA 124 -65.74 -19.32 7.43
C VAL TA 124 -65.86 -17.97 6.75
N THR TA 125 -66.61 -17.92 5.66
CA THR TA 125 -66.78 -16.67 4.91
C THR TA 125 -67.71 -15.71 5.64
N GLN TA 126 -68.78 -16.23 6.26
CA GLN TA 126 -69.80 -15.37 6.86
C GLN TA 126 -69.31 -14.74 8.16
N GLY TA 127 -68.62 -15.51 9.00
CA GLY TA 127 -68.09 -15.01 10.26
C GLY TA 127 -68.69 -15.64 11.50
N GLY TA 128 -69.70 -16.47 11.38
CA GLY TA 128 -70.25 -17.15 12.54
C GLY TA 128 -69.29 -18.16 13.14
N GLY TA 129 -68.57 -18.90 12.30
CA GLY TA 129 -67.58 -19.83 12.80
C GLY TA 129 -66.46 -19.16 13.56
N SER TA 130 -66.07 -17.96 13.12
CA SER TA 130 -65.09 -17.19 13.88
C SER TA 130 -65.63 -16.85 15.26
N GLN TA 131 -66.91 -16.49 15.36
CA GLN TA 131 -67.51 -16.26 16.67
C GLN TA 131 -67.51 -17.52 17.53
N ILE TA 132 -67.83 -18.67 16.92
CA ILE TA 132 -67.90 -19.91 17.68
C ILE TA 132 -66.53 -20.26 18.24
N ILE TA 133 -65.49 -20.21 17.40
CA ILE TA 133 -64.16 -20.51 17.89
C ILE TA 133 -63.66 -19.43 18.83
N PHE TA 134 -64.12 -18.19 18.66
CA PHE TA 134 -63.75 -17.13 19.59
C PHE TA 134 -64.27 -17.42 20.99
N TRP TA 135 -65.52 -17.85 21.11
CA TRP TA 135 -66.06 -18.15 22.43
C TRP TA 135 -65.49 -19.46 22.99
N ILE TA 136 -65.19 -20.43 22.12
CA ILE TA 136 -64.51 -21.64 22.59
C ILE TA 136 -63.14 -21.27 23.14
N SER TA 137 -62.42 -20.40 22.45
CA SER TA 137 -61.12 -19.95 22.94
C SER TA 137 -61.25 -19.16 24.23
N PHE TA 138 -62.31 -18.36 24.36
CA PHE TA 138 -62.52 -17.62 25.59
C PHE TA 138 -62.76 -18.55 26.77
N VAL TA 139 -63.56 -19.60 26.57
CA VAL TA 139 -63.78 -20.58 27.64
C VAL TA 139 -62.51 -21.34 27.95
N GLU TA 140 -61.75 -21.70 26.93
CA GLU TA 140 -60.58 -22.52 27.19
C GLU TA 140 -59.34 -21.70 27.56
N ILE TA 141 -59.43 -20.38 27.56
CA ILE TA 141 -58.42 -19.58 28.26
C ILE TA 141 -58.43 -19.91 29.74
N PHE TA 142 -59.63 -19.98 30.33
CA PHE TA 142 -59.77 -20.51 31.68
C PHE TA 142 -59.60 -22.01 31.72
N GLY TA 143 -59.86 -22.68 30.60
CA GLY TA 143 -59.53 -24.10 30.51
C GLY TA 143 -58.05 -24.37 30.70
N VAL TA 144 -57.19 -23.45 30.24
CA VAL TA 144 -55.76 -23.56 30.48
C VAL TA 144 -55.46 -23.53 31.98
N VAL TA 145 -56.11 -22.61 32.70
CA VAL TA 145 -55.90 -22.53 34.14
C VAL TA 145 -56.42 -23.80 34.82
N ALA TA 146 -57.55 -24.32 34.35
CA ALA TA 146 -58.07 -25.58 34.90
C ALA TA 146 -57.10 -26.72 34.65
N LEU TA 147 -56.49 -26.75 33.47
CA LEU TA 147 -55.50 -27.78 33.16
C LEU TA 147 -54.27 -27.64 34.04
N PHE TA 148 -53.85 -26.40 34.31
CA PHE TA 148 -52.72 -26.19 35.21
C PHE TA 148 -53.04 -26.67 36.62
N GLU TA 149 -54.25 -26.40 37.10
CA GLU TA 149 -54.67 -26.90 38.40
C GLU TA 149 -54.76 -28.43 38.40
N LEU TA 150 -55.14 -29.02 37.27
CA LEU TA 150 -55.14 -30.47 37.14
C LEU TA 150 -53.72 -31.02 37.23
N ILE TA 151 -52.76 -30.33 36.61
CA ILE TA 151 -51.35 -30.73 36.73
C ILE TA 151 -50.91 -30.65 38.17
N GLN TA 152 -51.29 -29.57 38.87
CA GLN TA 152 -50.91 -29.43 40.28
C GLN TA 152 -51.66 -30.39 41.18
N GLY TA 153 -52.69 -31.09 40.69
CA GLY TA 153 -53.37 -32.09 41.47
C GLY TA 153 -54.47 -31.56 42.38
N LYS TA 154 -54.99 -30.37 42.12
CA LYS TA 154 -56.06 -29.80 42.92
C LYS TA 154 -57.42 -29.88 42.23
N ARG TA 155 -57.54 -30.71 41.20
CA ARG TA 155 -58.77 -30.85 40.46
C ARG TA 155 -58.83 -32.24 39.84
N ASP TA 156 -60.02 -32.84 39.84
CA ASP TA 156 -60.21 -34.11 39.16
C ASP TA 156 -60.25 -33.90 37.66
N ALA TA 157 -59.96 -34.98 36.92
CA ALA TA 157 -59.90 -34.91 35.47
C ALA TA 157 -61.29 -34.77 34.89
N GLY TA 158 -61.51 -33.74 34.07
CA GLY TA 158 -62.80 -33.51 33.47
C GLY TA 158 -63.86 -33.01 34.41
N ASP TA 159 -63.50 -32.57 35.61
CA ASP TA 159 -64.45 -32.15 36.63
C ASP TA 159 -64.45 -30.63 36.69
N PHE TA 160 -65.36 -30.01 35.94
CA PHE TA 160 -65.60 -28.59 36.03
C PHE TA 160 -66.72 -28.24 37.00
N ALA TA 161 -67.25 -29.24 37.71
CA ALA TA 161 -68.34 -29.06 38.67
C ALA TA 161 -69.57 -28.44 38.00
N PHE TA 162 -69.83 -28.84 36.76
CA PHE TA 162 -70.96 -28.30 36.00
C PHE TA 162 -72.13 -29.24 36.13
N ASP TA 163 -72.92 -29.04 37.18
CA ASP TA 163 -74.17 -29.78 37.40
C ASP TA 163 -75.26 -28.78 37.78
N PRO TA 164 -75.78 -28.03 36.82
CA PRO TA 164 -76.78 -27.00 37.14
C PRO TA 164 -78.14 -27.57 37.50
N LEU TA 165 -78.52 -28.68 36.88
CA LEU TA 165 -79.83 -29.29 37.15
C LEU TA 165 -79.81 -30.24 38.33
N GLY TA 166 -78.65 -30.51 38.92
CA GLY TA 166 -78.56 -31.41 40.05
C GLY TA 166 -78.95 -32.84 39.74
N LEU TA 167 -78.57 -33.34 38.55
CA LEU TA 167 -78.91 -34.71 38.18
C LEU TA 167 -78.09 -35.72 38.97
N GLY TA 168 -76.78 -35.48 39.09
CA GLY TA 168 -75.93 -36.41 39.79
C GLY TA 168 -75.46 -35.92 41.14
N LYS TA 169 -76.04 -36.45 42.20
CA LYS TA 169 -75.61 -36.15 43.56
C LYS TA 169 -75.34 -37.40 44.38
N ASP TA 170 -76.11 -38.47 44.18
CA ASP TA 170 -75.80 -39.73 44.83
C ASP TA 170 -74.54 -40.33 44.21
N GLU TA 171 -73.69 -40.93 45.06
CA GLU TA 171 -72.40 -41.40 44.59
C GLU TA 171 -72.53 -42.57 43.62
N ALA TA 172 -73.45 -43.50 43.87
CA ALA TA 172 -73.67 -44.58 42.92
C ALA TA 172 -74.18 -44.07 41.59
N THR TA 173 -75.15 -43.14 41.63
CA THR TA 173 -75.64 -42.54 40.40
C THR TA 173 -74.55 -41.72 39.73
N LEU TA 174 -73.69 -41.06 40.51
CA LEU TA 174 -72.59 -40.30 39.92
C LEU TA 174 -71.61 -41.21 39.18
N ALA TA 175 -71.25 -42.35 39.79
CA ALA TA 175 -70.37 -43.29 39.12
C ALA TA 175 -71.02 -43.88 37.87
N ARG TA 176 -72.31 -44.22 37.95
CA ARG TA 176 -73.01 -44.74 36.78
C ARG TA 176 -73.04 -43.70 35.67
N TYR TA 177 -73.28 -42.44 36.02
CA TYR TA 177 -73.29 -41.38 35.02
C TYR TA 177 -71.89 -41.15 34.44
N LYS TA 178 -70.84 -41.29 35.24
CA LYS TA 178 -69.49 -41.19 34.70
C LYS TA 178 -69.22 -42.29 33.67
N VAL TA 179 -69.60 -43.53 33.99
CA VAL TA 179 -69.41 -44.62 33.05
C VAL TA 179 -70.21 -44.39 31.77
N ALA TA 180 -71.48 -43.99 31.92
CA ALA TA 180 -72.30 -43.72 30.75
C ALA TA 180 -71.73 -42.58 29.91
N GLU TA 181 -71.25 -41.53 30.57
CA GLU TA 181 -70.68 -40.39 29.87
C GLU TA 181 -69.44 -40.79 29.08
N ILE TA 182 -68.56 -41.58 29.67
CA ILE TA 182 -67.35 -41.96 28.93
C ILE TA 182 -67.70 -42.91 27.78
N LYS TA 183 -68.65 -43.83 27.98
CA LYS TA 183 -69.04 -44.71 26.89
C LYS TA 183 -69.67 -43.93 25.73
N HIS TA 184 -70.57 -43.00 26.06
CA HIS TA 184 -71.15 -42.16 25.02
C HIS TA 184 -70.11 -41.29 24.34
N ALA TA 185 -69.13 -40.80 25.09
CA ALA TA 185 -68.06 -39.99 24.52
C ALA TA 185 -67.27 -40.78 23.48
N ARG TA 186 -66.90 -42.02 23.83
CA ARG TA 186 -66.17 -42.85 22.87
C ARG TA 186 -67.02 -43.16 21.66
N LEU TA 187 -68.29 -43.54 21.87
CA LEU TA 187 -69.16 -43.87 20.77
C LEU TA 187 -69.34 -42.70 19.81
N ALA TA 188 -69.55 -41.50 20.37
CA ALA TA 188 -69.71 -40.31 19.53
C ALA TA 188 -68.41 -39.86 18.88
N MET TA 189 -67.26 -40.08 19.53
CA MET TA 189 -65.99 -39.79 18.88
C MET TA 189 -65.82 -40.63 17.64
N ILE TA 190 -66.22 -41.90 17.70
CA ILE TA 190 -66.21 -42.71 16.47
C ILE TA 190 -67.26 -42.23 15.49
N ALA TA 191 -68.46 -41.90 15.99
CA ALA TA 191 -69.59 -41.63 15.11
C ALA TA 191 -69.43 -40.34 14.33
N ILE TA 192 -68.79 -39.31 14.89
CA ILE TA 192 -68.68 -38.04 14.17
C ILE TA 192 -67.75 -38.19 12.98
N GLY TA 193 -66.63 -38.90 13.16
CA GLY TA 193 -65.77 -39.21 12.03
C GLY TA 193 -66.46 -40.10 11.02
N GLY TA 194 -67.29 -41.04 11.49
CA GLY TA 194 -68.09 -41.82 10.56
C GLY TA 194 -68.98 -40.95 9.69
N PHE TA 195 -69.70 -40.02 10.33
CA PHE TA 195 -70.59 -39.14 9.58
C PHE TA 195 -69.82 -38.30 8.57
N ILE TA 196 -68.71 -37.70 8.99
CA ILE TA 196 -67.98 -36.81 8.09
C ILE TA 196 -67.41 -37.59 6.91
N HIS TA 197 -66.84 -38.77 7.16
CA HIS TA 197 -66.26 -39.54 6.06
C HIS TA 197 -67.33 -40.09 5.13
N GLN TA 198 -68.48 -40.51 5.68
CA GLN TA 198 -69.57 -40.98 4.83
C GLN TA 198 -70.09 -39.85 3.94
N PHE TA 199 -70.20 -38.63 4.48
CA PHE TA 199 -70.57 -37.50 3.63
C PHE TA 199 -69.48 -37.20 2.60
N TRP TA 200 -68.22 -37.42 2.96
CA TRP TA 200 -67.14 -37.14 2.02
C TRP TA 200 -67.10 -38.12 0.87
N VAL TA 201 -67.50 -39.38 1.10
CA VAL TA 201 -67.41 -40.38 0.05
C VAL TA 201 -68.72 -40.49 -0.73
N THR TA 202 -69.85 -40.24 -0.08
CA THR TA 202 -71.16 -40.43 -0.71
C THR TA 202 -71.84 -39.14 -1.12
N LYS TA 203 -71.34 -37.99 -0.68
CA LYS TA 203 -71.93 -36.69 -1.00
C LYS TA 203 -73.40 -36.60 -0.59
N GLN TA 204 -73.75 -37.24 0.52
CA GLN TA 204 -75.10 -37.17 1.05
C GLN TA 204 -75.03 -37.28 2.57
N THR TA 205 -76.03 -36.74 3.24
CA THR TA 205 -76.03 -36.62 4.69
C THR TA 205 -76.39 -37.97 5.32
N VAL TA 206 -76.61 -37.96 6.63
CA VAL TA 206 -76.72 -39.22 7.38
C VAL TA 206 -78.08 -39.87 7.14
N LEU TA 207 -79.16 -39.20 7.53
CA LEU TA 207 -80.49 -39.76 7.32
C LEU TA 207 -80.84 -39.85 5.84
N GLU TA 208 -80.27 -38.99 5.00
CA GLU TA 208 -80.43 -39.15 3.56
C GLU TA 208 -79.81 -40.44 3.07
N GLN TA 209 -78.62 -40.78 3.58
CA GLN TA 209 -78.00 -42.04 3.21
C GLN TA 209 -78.75 -43.23 3.78
N LEU TA 210 -79.32 -43.09 4.99
CA LEU TA 210 -80.19 -44.12 5.53
C LEU TA 210 -81.49 -44.24 4.75
N GLY TA 211 -81.86 -43.21 3.99
CA GLY TA 211 -83.02 -43.28 3.12
C GLY TA 211 -82.78 -44.21 1.95
N ASN TA 212 -81.87 -43.83 1.05
CA ASN TA 212 -81.45 -44.68 -0.05
C ASN TA 212 -80.00 -45.06 0.18
N PHE TA 213 -79.77 -46.32 0.58
CA PHE TA 213 -78.45 -46.80 0.92
C PHE TA 213 -77.72 -47.16 -0.37
N GLN TA 214 -76.99 -46.20 -0.92
CA GLN TA 214 -76.20 -46.40 -2.12
C GLN TA 214 -74.81 -46.90 -1.75
N SER TA 215 -74.41 -48.02 -2.34
CA SER TA 215 -73.15 -48.67 -2.01
C SER TA 215 -72.18 -48.53 -3.16
N LEU TA 216 -71.00 -47.98 -2.89
CA LEU TA 216 -69.95 -47.83 -3.89
C LEU TA 216 -68.58 -47.73 -3.23
N ASP UA 45 -60.97 -26.04 49.54
CA ASP UA 45 -60.74 -24.62 49.30
C ASP UA 45 -60.90 -24.30 47.81
N ARG UA 46 -62.13 -23.95 47.43
CA ARG UA 46 -62.46 -23.62 46.05
C ARG UA 46 -63.08 -22.23 45.99
N SER UA 47 -62.83 -21.53 44.88
CA SER UA 47 -63.43 -20.22 44.69
C SER UA 47 -64.91 -20.36 44.39
N TYR UA 48 -65.67 -19.34 44.77
CA TYR UA 48 -67.12 -19.38 44.57
C TYR UA 48 -67.48 -19.14 43.10
N ALA UA 49 -66.77 -18.22 42.43
CA ALA UA 49 -67.07 -17.95 41.03
C ALA UA 49 -66.60 -19.08 40.13
N MET UA 50 -65.45 -19.68 40.42
CA MET UA 50 -64.94 -20.80 39.66
C MET UA 50 -64.89 -22.02 40.57
N PRO UA 51 -65.93 -22.85 40.58
CA PRO UA 51 -65.93 -24.01 41.49
C PRO UA 51 -64.83 -25.03 41.19
N PHE UA 52 -64.36 -25.10 39.96
CA PHE UA 52 -63.30 -26.03 39.59
C PHE UA 52 -61.90 -25.49 39.83
N LEU UA 53 -61.78 -24.21 40.17
CA LEU UA 53 -60.49 -23.60 40.48
C LEU UA 53 -60.39 -23.35 41.98
N SER UA 54 -59.16 -23.34 42.48
CA SER UA 54 -58.92 -23.02 43.87
C SER UA 54 -59.09 -21.52 44.09
N ARG UA 55 -59.38 -21.16 45.33
CA ARG UA 55 -59.52 -19.75 45.68
C ARG UA 55 -58.16 -19.06 45.61
N PRO UA 56 -58.07 -17.89 44.98
CA PRO UA 56 -56.82 -17.13 44.97
C PRO UA 56 -56.38 -16.78 46.37
N PRO UA 57 -55.08 -16.84 46.65
CA PRO UA 57 -54.62 -16.60 48.04
C PRO UA 57 -54.89 -15.19 48.54
N ALA UA 58 -54.83 -14.19 47.68
CA ALA UA 58 -55.06 -12.81 48.11
C ALA UA 58 -56.53 -12.46 48.22
N LEU UA 59 -57.41 -13.28 47.65
CA LEU UA 59 -58.86 -13.03 47.68
C LEU UA 59 -59.47 -13.88 48.79
N ASP UA 60 -59.28 -13.42 50.03
CA ASP UA 60 -59.82 -14.13 51.18
C ASP UA 60 -61.32 -13.96 51.31
N GLY UA 61 -61.85 -12.82 50.88
CA GLY UA 61 -63.26 -12.51 51.03
C GLY UA 61 -63.56 -11.29 51.87
N SER UA 62 -62.54 -10.63 52.44
CA SER UA 62 -62.77 -9.42 53.21
C SER UA 62 -63.06 -8.22 52.31
N MET UA 63 -62.44 -8.17 51.14
CA MET UA 63 -62.70 -7.07 50.21
C MET UA 63 -64.05 -7.25 49.54
N ALA UA 64 -64.73 -6.14 49.28
CA ALA UA 64 -66.04 -6.17 48.66
C ALA UA 64 -65.95 -6.65 47.21
N GLY UA 65 -67.03 -7.28 46.75
CA GLY UA 65 -67.09 -7.78 45.40
C GLY UA 65 -66.31 -9.06 45.16
N ASP UA 66 -65.80 -9.69 46.21
CA ASP UA 66 -64.92 -10.83 46.08
C ASP UA 66 -65.74 -12.11 46.06
N VAL UA 67 -65.75 -12.79 44.91
CA VAL UA 67 -66.26 -14.13 44.79
C VAL UA 67 -65.17 -15.09 44.33
N GLY UA 68 -63.92 -14.71 44.54
CA GLY UA 68 -62.80 -15.55 44.16
C GLY UA 68 -62.54 -15.62 42.67
N PHE UA 69 -62.92 -14.59 41.91
CA PHE UA 69 -62.76 -14.59 40.47
C PHE UA 69 -61.46 -13.89 40.09
N ASP UA 70 -60.36 -14.60 40.27
CA ASP UA 70 -59.07 -14.20 39.70
C ASP UA 70 -58.42 -15.43 39.08
N PRO UA 71 -58.90 -15.86 37.92
CA PRO UA 71 -58.32 -17.06 37.31
C PRO UA 71 -56.87 -16.90 36.90
N LEU UA 72 -56.50 -15.72 36.38
CA LEU UA 72 -55.14 -15.50 35.92
C LEU UA 72 -54.19 -15.11 37.03
N GLY UA 73 -54.67 -14.94 38.26
CA GLY UA 73 -53.82 -14.64 39.39
C GLY UA 73 -53.16 -13.28 39.33
N PHE UA 74 -53.93 -12.24 38.96
CA PHE UA 74 -53.38 -10.89 38.97
C PHE UA 74 -53.10 -10.40 40.38
N SER UA 75 -53.89 -10.84 41.36
CA SER UA 75 -53.70 -10.41 42.73
C SER UA 75 -52.45 -10.99 43.36
N ASN UA 76 -51.87 -12.04 42.79
CA ASN UA 76 -50.63 -12.61 43.31
C ASN UA 76 -49.41 -11.82 42.88
N TYR UA 77 -49.53 -10.99 41.84
CA TYR UA 77 -48.39 -10.25 41.32
C TYR UA 77 -48.61 -8.75 41.24
N PHE UA 78 -49.77 -8.25 41.67
CA PHE UA 78 -50.03 -6.83 41.68
C PHE UA 78 -50.67 -6.44 43.01
N ASP UA 79 -50.50 -5.17 43.38
CA ASP UA 79 -51.11 -4.66 44.60
C ASP UA 79 -52.61 -4.64 44.44
N LEU UA 80 -53.32 -5.32 45.35
CA LEU UA 80 -54.77 -5.39 45.24
C LEU UA 80 -55.42 -4.03 45.47
N LYS UA 81 -54.78 -3.15 46.25
CA LYS UA 81 -55.29 -1.79 46.35
C LYS UA 81 -55.23 -1.08 45.00
N TRP UA 82 -54.11 -1.23 44.27
CA TRP UA 82 -54.01 -0.64 42.95
C TRP UA 82 -55.03 -1.24 42.00
N LEU UA 83 -55.23 -2.56 42.07
CA LEU UA 83 -56.20 -3.21 41.20
C LEU UA 83 -57.62 -2.72 41.49
N ARG UA 84 -57.98 -2.60 42.77
CA ARG UA 84 -59.32 -2.12 43.11
C ARG UA 84 -59.49 -0.66 42.74
N GLU UA 85 -58.46 0.17 42.92
CA GLU UA 85 -58.55 1.56 42.49
C GLU UA 85 -58.76 1.65 40.98
N ALA UA 86 -58.01 0.87 40.21
CA ALA UA 86 -58.18 0.88 38.76
C ALA UA 86 -59.55 0.37 38.36
N GLU UA 87 -60.04 -0.69 39.01
CA GLU UA 87 -61.36 -1.22 38.71
C GLU UA 87 -62.44 -0.18 38.99
N LEU UA 88 -62.36 0.49 40.14
CA LEU UA 88 -63.37 1.47 40.48
C LEU UA 88 -63.30 2.69 39.57
N LYS UA 89 -62.09 3.13 39.21
CA LYS UA 89 -61.98 4.27 38.31
C LYS UA 89 -62.53 3.94 36.92
N HIS UA 90 -62.18 2.77 36.40
CA HIS UA 90 -62.73 2.32 35.12
C HIS UA 90 -64.25 2.24 35.20
N GLY UA 91 -64.78 1.67 36.29
CA GLY UA 91 -66.21 1.51 36.41
C GLY UA 91 -66.97 2.82 36.54
N ARG UA 92 -66.42 3.78 37.28
CA ARG UA 92 -67.07 5.07 37.40
C ARG UA 92 -67.03 5.83 36.08
N VAL UA 93 -65.88 5.79 35.40
CA VAL UA 93 -65.79 6.40 34.08
C VAL UA 93 -66.80 5.77 33.14
N CYS UA 94 -66.95 4.45 33.19
CA CYS UA 94 -67.89 3.76 32.31
C CYS UA 94 -69.34 4.00 32.70
N MET UA 95 -69.64 4.15 33.99
CA MET UA 95 -71.00 4.49 34.38
C MET UA 95 -71.39 5.85 33.83
N LEU UA 96 -70.53 6.85 34.02
CA LEU UA 96 -70.82 8.15 33.44
C LEU UA 96 -70.81 8.11 31.92
N GLY UA 97 -70.00 7.25 31.32
CA GLY UA 97 -69.97 7.10 29.88
C GLY UA 97 -71.24 6.50 29.31
N CYS UA 98 -71.78 5.47 29.97
CA CYS UA 98 -73.06 4.91 29.54
C CYS UA 98 -74.19 5.93 29.72
N LEU UA 99 -74.15 6.68 30.82
CA LEU UA 99 -75.13 7.73 31.00
C LEU UA 99 -75.03 8.76 29.87
N GLY UA 100 -73.82 9.13 29.49
CA GLY UA 100 -73.64 10.05 28.38
C GLY UA 100 -74.10 9.47 27.06
N PHE UA 101 -73.81 8.18 26.82
CA PHE UA 101 -74.28 7.53 25.60
C PHE UA 101 -75.79 7.56 25.50
N LEU UA 102 -76.48 7.36 26.63
CA LEU UA 102 -77.94 7.40 26.60
C LEU UA 102 -78.48 8.83 26.51
N VAL UA 103 -77.76 9.80 27.06
CA VAL UA 103 -78.31 11.16 27.15
C VAL UA 103 -78.05 11.95 25.88
N GLN UA 104 -76.85 11.84 25.30
CA GLN UA 104 -76.46 12.70 24.18
C GLN UA 104 -77.37 12.53 22.97
N GLU UA 105 -77.93 11.34 22.77
CA GLU UA 105 -78.81 11.10 21.62
C GLU UA 105 -80.20 11.69 21.81
N GLN UA 106 -80.59 12.03 23.03
CA GLN UA 106 -81.91 12.59 23.29
C GLN UA 106 -81.88 14.05 23.67
N ALA UA 107 -80.84 14.52 24.34
CA ALA UA 107 -80.67 15.91 24.69
C ALA UA 107 -79.25 16.34 24.33
N ASN UA 108 -79.14 17.53 23.74
CA ASN UA 108 -77.85 18.08 23.36
C ASN UA 108 -77.79 19.55 23.72
N LEU UA 109 -76.57 20.04 23.95
CA LEU UA 109 -76.40 21.45 24.23
C LEU UA 109 -76.61 22.27 22.96
N PRO UA 110 -77.26 23.42 23.05
CA PRO UA 110 -77.53 24.24 21.85
C PRO UA 110 -76.30 25.03 21.41
N LEU UA 111 -75.28 24.31 20.95
CA LEU UA 111 -74.03 24.90 20.53
C LEU UA 111 -73.66 24.40 19.15
N PRO UA 112 -72.94 25.21 18.36
CA PRO UA 112 -72.54 24.74 17.02
C PRO UA 112 -71.55 23.59 17.12
N GLY UA 113 -71.84 22.53 16.37
CA GLY UA 113 -71.05 21.32 16.43
C GLY UA 113 -71.40 20.40 17.58
N PHE UA 114 -72.40 20.75 18.39
CA PHE UA 114 -72.79 19.97 19.55
C PHE UA 114 -74.13 19.25 19.35
N ASP UA 115 -74.54 19.04 18.10
CA ASP UA 115 -75.82 18.42 17.79
C ASP UA 115 -75.68 17.01 17.24
N ASN UA 116 -74.47 16.45 17.27
CA ASN UA 116 -74.25 15.11 16.74
C ASN UA 116 -74.82 14.07 17.70
N LYS UA 117 -75.63 13.15 17.16
CA LYS UA 117 -76.26 12.11 17.97
C LYS UA 117 -75.37 10.89 18.14
N LEU UA 118 -74.59 10.55 17.12
CA LEU UA 118 -73.65 9.44 17.21
C LEU UA 118 -72.42 9.91 17.98
N ALA UA 119 -72.21 9.33 19.17
CA ALA UA 119 -71.19 9.83 20.08
C ALA UA 119 -69.78 9.64 19.52
N THR UA 120 -69.54 8.53 18.81
CA THR UA 120 -68.23 8.33 18.21
C THR UA 120 -67.92 9.43 17.19
N GLU UA 121 -68.91 9.78 16.36
CA GLU UA 121 -68.75 10.91 15.46
C GLU UA 121 -68.86 12.25 16.19
N ALA UA 122 -69.51 12.28 17.36
CA ALA UA 122 -69.55 13.49 18.16
C ALA UA 122 -68.20 13.80 18.79
N PHE UA 123 -67.34 12.80 18.96
CA PHE UA 123 -66.00 13.05 19.45
C PHE UA 123 -65.19 13.85 18.43
N PHE UA 124 -65.41 13.62 17.15
CA PHE UA 124 -64.74 14.38 16.09
C PHE UA 124 -65.54 15.59 15.63
N SER UA 125 -66.82 15.69 15.99
CA SER UA 125 -67.64 16.83 15.61
C SER UA 125 -67.48 17.99 16.58
N VAL UA 126 -67.37 17.69 17.88
CA VAL UA 126 -67.11 18.73 18.87
C VAL UA 126 -65.71 19.28 18.66
N PRO UA 127 -65.49 20.60 18.78
CA PRO UA 127 -64.14 21.14 18.63
C PRO UA 127 -63.17 20.51 19.63
N ALA UA 128 -61.95 20.27 19.15
CA ALA UA 128 -60.97 19.53 19.96
C ALA UA 128 -60.44 20.34 21.12
N GLY UA 129 -60.47 21.68 21.01
CA GLY UA 129 -59.99 22.50 22.11
C GLY UA 129 -60.78 22.31 23.39
N GLY UA 130 -62.10 22.22 23.27
CA GLY UA 130 -62.92 21.91 24.43
C GLY UA 130 -62.66 20.53 24.98
N LEU UA 131 -62.39 19.56 24.11
CA LEU UA 131 -62.03 18.23 24.57
C LEU UA 131 -60.74 18.25 25.38
N TRP UA 132 -59.75 19.01 24.92
CA TRP UA 132 -58.50 19.09 25.68
C TRP UA 132 -58.69 19.89 26.97
N GLN UA 133 -59.59 20.87 26.98
CA GLN UA 133 -59.93 21.53 28.24
C GLN UA 133 -60.55 20.54 29.22
N ILE UA 134 -61.44 19.67 28.73
CA ILE UA 134 -61.98 18.61 29.57
C ILE UA 134 -60.87 17.70 30.08
N PHE UA 135 -59.94 17.36 29.19
CA PHE UA 135 -58.83 16.50 29.56
C PHE UA 135 -57.99 17.11 30.69
N PHE UA 136 -57.67 18.40 30.56
CA PHE UA 136 -56.85 19.05 31.58
C PHE UA 136 -57.62 19.28 32.87
N SER UA 137 -58.92 19.56 32.80
CA SER UA 137 -59.72 19.68 34.02
C SER UA 137 -59.78 18.35 34.76
N LEU UA 138 -59.99 17.25 34.05
CA LEU UA 138 -60.00 15.94 34.69
C LEU UA 138 -58.60 15.58 35.21
N GLY UA 139 -57.55 16.02 34.53
CA GLY UA 139 -56.22 15.83 35.07
C GLY UA 139 -55.99 16.58 36.36
N ALA UA 140 -56.50 17.82 36.43
CA ALA UA 140 -56.43 18.57 37.69
C ALA UA 140 -57.21 17.86 38.78
N ILE UA 141 -58.38 17.30 38.44
CA ILE UA 141 -59.14 16.52 39.41
C ILE UA 141 -58.33 15.33 39.90
N GLU UA 142 -57.67 14.63 38.99
CA GLU UA 142 -56.83 13.50 39.36
C GLU UA 142 -55.68 13.93 40.27
N ILE UA 143 -55.08 15.08 39.98
CA ILE UA 143 -54.00 15.59 40.82
C ILE UA 143 -54.51 15.90 42.22
N ILE UA 144 -55.65 16.58 42.31
CA ILE UA 144 -56.14 17.04 43.61
C ILE UA 144 -56.63 15.86 44.46
N THR UA 145 -57.39 14.95 43.85
CA THR UA 145 -58.04 13.90 44.62
C THR UA 145 -57.08 12.79 45.04
N ASN UA 146 -55.89 12.72 44.44
CA ASN UA 146 -54.88 11.76 44.86
C ASN UA 146 -53.76 12.40 45.68
N LYS UA 147 -53.88 13.68 46.01
CA LYS UA 147 -52.88 14.40 46.79
C LYS UA 147 -51.51 14.37 46.12
N GLY UA 148 -51.50 14.34 44.78
CA GLY UA 148 -50.26 14.28 44.05
C GLY UA 148 -49.58 12.93 44.05
N LYS UA 149 -50.24 11.90 44.57
CA LYS UA 149 -49.69 10.55 44.61
C LYS UA 149 -50.32 9.76 43.47
N LEU UA 150 -49.57 9.59 42.38
CA LEU UA 150 -50.11 9.00 41.16
C LEU UA 150 -49.51 7.65 40.81
N THR UA 151 -48.27 7.39 41.18
CA THR UA 151 -47.64 6.13 40.85
C THR UA 151 -48.14 5.01 41.75
N PRO UA 152 -48.04 3.76 41.30
CA PRO UA 152 -48.39 2.64 42.18
C PRO UA 152 -47.57 2.59 43.46
N GLY UA 153 -46.33 3.05 43.42
CA GLY UA 153 -45.46 3.04 44.58
C GLY UA 153 -45.65 4.20 45.54
N SER UA 154 -46.58 5.10 45.25
CA SER UA 154 -46.82 6.24 46.14
C SER UA 154 -48.29 6.53 46.40
N MET UA 155 -49.22 5.90 45.69
CA MET UA 155 -50.63 6.29 45.82
C MET UA 155 -51.19 5.93 47.18
N PHE UA 156 -50.82 4.78 47.73
CA PHE UA 156 -51.38 4.29 48.98
C PHE UA 156 -50.38 4.34 50.13
N THR UA 157 -49.27 5.06 49.95
CA THR UA 157 -48.29 5.16 51.02
C THR UA 157 -48.75 6.11 52.13
N GLY UA 158 -49.51 7.14 51.78
CA GLY UA 158 -50.04 8.04 52.80
C GLY UA 158 -51.18 7.46 53.59
N GLY UA 159 -51.82 6.41 53.09
CA GLY UA 159 -52.93 5.79 53.77
C GLY UA 159 -54.26 6.22 53.19
N ARG UA 160 -54.84 5.36 52.35
CA ARG UA 160 -56.10 5.69 51.69
C ARG UA 160 -56.72 4.41 51.17
N ALA UA 161 -58.02 4.25 51.37
CA ALA UA 161 -58.71 3.09 50.85
C ALA UA 161 -58.82 3.17 49.33
N PRO UA 162 -58.82 2.04 48.64
CA PRO UA 162 -58.95 2.06 47.18
C PRO UA 162 -60.33 2.57 46.77
N GLY UA 163 -60.34 3.58 45.91
CA GLY UA 163 -61.57 4.21 45.48
C GLY UA 163 -62.13 5.24 46.42
N ASP UA 164 -61.51 5.45 47.57
CA ASP UA 164 -61.98 6.43 48.55
C ASP UA 164 -61.35 7.77 48.19
N LEU UA 165 -62.06 8.54 47.37
CA LEU UA 165 -61.62 9.87 46.97
C LEU UA 165 -62.29 10.96 47.80
N ASP UA 166 -62.86 10.59 48.96
CA ASP UA 166 -63.57 11.52 49.84
C ASP UA 166 -64.68 12.25 49.10
N PHE UA 167 -65.63 11.47 48.61
CA PHE UA 167 -66.80 11.99 47.88
C PHE UA 167 -68.05 11.30 48.39
N ASP UA 168 -68.67 11.89 49.41
CA ASP UA 168 -70.01 11.47 49.85
C ASP UA 168 -70.71 12.70 50.40
N PRO UA 169 -71.22 13.57 49.53
CA PRO UA 169 -71.90 14.78 50.01
C PRO UA 169 -73.16 14.50 50.80
N LEU UA 170 -73.79 13.35 50.62
CA LEU UA 170 -74.95 12.96 51.40
C LEU UA 170 -74.56 12.27 52.70
N ASN UA 171 -73.27 12.15 52.98
CA ASN UA 171 -72.76 11.53 54.21
C ASN UA 171 -73.31 10.11 54.38
N LEU UA 172 -73.41 9.39 53.26
CA LEU UA 172 -73.83 8.01 53.30
C LEU UA 172 -72.66 7.12 53.69
N SER UA 173 -72.96 5.83 53.84
CA SER UA 173 -71.96 4.81 54.17
C SER UA 173 -71.28 5.08 55.51
N VAL UA 174 -71.95 5.81 56.40
CA VAL UA 174 -71.50 5.85 57.79
C VAL UA 174 -71.75 4.51 58.45
N ASP UA 175 -72.91 3.92 58.19
CA ASP UA 175 -73.16 2.55 58.62
C ASP UA 175 -72.28 1.59 57.86
N GLU UA 176 -71.68 0.63 58.59
CA GLU UA 176 -70.71 -0.26 57.98
C GLU UA 176 -71.39 -1.27 57.06
N THR UA 177 -72.51 -1.85 57.49
CA THR UA 177 -73.22 -2.81 56.64
C THR UA 177 -73.79 -2.14 55.40
N ALA UA 178 -74.34 -0.93 55.55
CA ALA UA 178 -74.78 -0.17 54.39
C ALA UA 178 -73.60 0.16 53.49
N LEU UA 179 -72.44 0.43 54.07
CA LEU UA 179 -71.23 0.66 53.27
C LEU UA 179 -70.88 -0.58 52.45
N ARG UA 180 -70.96 -1.77 53.05
CA ARG UA 180 -70.66 -2.98 52.31
C ARG UA 180 -71.65 -3.22 51.20
N ARG UA 181 -72.94 -3.04 51.47
CA ARG UA 181 -73.95 -3.21 50.42
C ARG UA 181 -73.74 -2.22 49.29
N PHE UA 182 -73.45 -0.96 49.62
CA PHE UA 182 -73.21 0.04 48.59
C PHE UA 182 -71.95 -0.26 47.81
N GLU UA 183 -70.92 -0.80 48.45
CA GLU UA 183 -69.72 -1.20 47.73
C GLU UA 183 -70.00 -2.32 46.75
N LEU UA 184 -70.77 -3.33 47.17
CA LEU UA 184 -71.12 -4.39 46.24
C LEU UA 184 -71.94 -3.85 45.07
N ALA UA 185 -72.89 -2.96 45.35
CA ALA UA 185 -73.67 -2.36 44.28
C ALA UA 185 -72.80 -1.56 43.33
N GLU UA 186 -71.86 -0.78 43.89
CA GLU UA 186 -70.97 0.03 43.07
C GLU UA 186 -70.10 -0.84 42.18
N LEU UA 187 -69.57 -1.94 42.73
CA LEU UA 187 -68.72 -2.82 41.93
C LEU UA 187 -69.51 -3.52 40.83
N LYS UA 188 -70.71 -4.00 41.16
CA LYS UA 188 -71.53 -4.64 40.13
C LYS UA 188 -71.89 -3.64 39.03
N HIS UA 189 -72.27 -2.42 39.40
CA HIS UA 189 -72.55 -1.40 38.40
C HIS UA 189 -71.31 -1.03 37.61
N ALA UA 190 -70.14 -1.03 38.25
CA ALA UA 190 -68.90 -0.70 37.55
C ALA UA 190 -68.61 -1.73 36.47
N ARG UA 191 -68.68 -3.02 36.82
CA ARG UA 191 -68.42 -4.06 35.84
C ARG UA 191 -69.47 -4.06 34.74
N LEU UA 192 -70.75 -3.92 35.12
CA LEU UA 192 -71.82 -3.90 34.13
C LEU UA 192 -71.68 -2.71 33.19
N ALA UA 193 -71.26 -1.56 33.72
CA ALA UA 193 -71.09 -0.37 32.90
C ALA UA 193 -69.87 -0.47 31.99
N MET UA 194 -68.79 -1.10 32.46
CA MET UA 194 -67.66 -1.36 31.57
C MET UA 194 -68.10 -2.21 30.38
N ILE UA 195 -68.80 -3.31 30.66
CA ILE UA 195 -69.27 -4.17 29.59
C ILE UA 195 -70.24 -3.43 28.67
N GLY UA 196 -71.16 -2.65 29.26
CA GLY UA 196 -72.14 -1.94 28.46
C GLY UA 196 -71.53 -0.85 27.59
N LEU UA 197 -70.56 -0.11 28.13
CA LEU UA 197 -69.88 0.90 27.32
C LEU UA 197 -69.13 0.26 26.17
N GLY UA 198 -68.43 -0.86 26.44
CA GLY UA 198 -67.78 -1.55 25.34
C GLY UA 198 -68.75 -1.99 24.27
N GLY UA 199 -69.88 -2.58 24.68
CA GLY UA 199 -70.85 -3.06 23.71
C GLY UA 199 -71.47 -1.93 22.91
N MET UA 200 -71.90 -0.86 23.57
CA MET UA 200 -72.52 0.25 22.87
C MET UA 200 -71.53 0.93 21.95
N LEU UA 201 -70.28 1.10 22.38
CA LEU UA 201 -69.27 1.70 21.51
C LEU UA 201 -69.02 0.84 20.28
N HIS UA 202 -68.91 -0.48 20.45
CA HIS UA 202 -68.68 -1.34 19.29
C HIS UA 202 -69.88 -1.34 18.35
N GLN UA 203 -71.10 -1.36 18.90
CA GLN UA 203 -72.28 -1.31 18.05
C GLN UA 203 -72.38 0.01 17.30
N MET UA 204 -72.02 1.12 17.93
CA MET UA 204 -72.02 2.39 17.24
C MET UA 204 -70.92 2.45 16.19
N LEU UA 205 -69.79 1.81 16.43
CA LEU UA 205 -68.73 1.76 15.43
C LEU UA 205 -69.14 0.93 14.22
N LEU UA 206 -69.84 -0.18 14.45
CA LEU UA 206 -70.16 -1.09 13.35
C LEU UA 206 -71.41 -0.65 12.60
N THR UA 207 -72.54 -0.54 13.31
CA THR UA 207 -73.81 -0.26 12.66
C THR UA 207 -74.01 1.22 12.34
N LYS UA 208 -73.14 2.09 12.84
CA LYS UA 208 -73.28 3.53 12.65
C LYS UA 208 -74.61 4.05 13.16
N GLN UA 209 -75.14 3.42 14.21
CA GLN UA 209 -76.41 3.81 14.81
C GLN UA 209 -76.23 3.98 16.31
N ALA UA 210 -76.89 5.00 16.85
CA ALA UA 210 -76.88 5.22 18.29
C ALA UA 210 -77.78 4.20 18.98
N PRO UA 211 -77.52 3.94 20.26
CA PRO UA 211 -78.34 2.95 20.99
C PRO UA 211 -79.80 3.38 21.09
N ILE UA 212 -80.64 2.45 21.57
CA ILE UA 212 -82.07 2.65 21.69
C ILE UA 212 -82.69 2.89 20.32
N GLU UA 213 -82.18 3.90 19.60
CA GLU UA 213 -82.50 4.04 18.19
C GLU UA 213 -82.17 2.76 17.43
N GLN UA 214 -81.03 2.14 17.76
CA GLN UA 214 -80.69 0.85 17.17
C GLN UA 214 -81.65 -0.24 17.63
N LEU UA 215 -82.19 -0.11 18.84
CA LEU UA 215 -83.14 -1.10 19.33
C LEU UA 215 -84.49 -0.97 18.61
N THR UA 216 -84.91 0.27 18.32
CA THR UA 216 -86.17 0.48 17.61
C THR UA 216 -86.04 0.24 16.11
N ASN UA 217 -84.83 0.39 15.56
CA ASN UA 217 -84.60 0.26 14.14
C ASN UA 217 -83.61 -0.86 13.87
N PHE UA 218 -83.84 -2.01 14.47
CA PHE UA 218 -82.87 -3.11 14.51
C PHE UA 218 -82.61 -3.60 13.09
N LYS UA 219 -81.42 -3.27 12.57
CA LYS UA 219 -80.98 -3.73 11.26
C LYS UA 219 -79.90 -4.76 11.46
N SER UA 220 -80.18 -6.00 11.07
CA SER UA 220 -79.22 -7.08 11.22
C SER UA 220 -78.07 -6.92 10.23
N LEU UA 221 -76.91 -7.45 10.59
CA LEU UA 221 -75.73 -7.30 9.78
C LEU UA 221 -75.84 -8.09 8.48
N ALA UA 222 -75.15 -7.60 7.45
CA ALA UA 222 -75.17 -8.24 6.13
C ALA UA 222 -74.37 -9.53 6.14
N VAL VA 11 -13.48 52.03 55.65
CA VAL VA 11 -14.85 51.91 56.13
C VAL VA 11 -15.41 50.55 55.77
N ALA VA 12 -15.94 49.85 56.77
CA ALA VA 12 -16.41 48.48 56.57
C ALA VA 12 -17.57 48.43 55.59
N GLY VA 13 -17.61 47.36 54.79
CA GLY VA 13 -18.63 47.18 53.79
C GLY VA 13 -18.30 47.77 52.44
N ARG VA 14 -17.21 48.54 52.32
CA ARG VA 14 -16.83 49.18 51.07
C ARG VA 14 -15.36 48.92 50.76
N ASP VA 15 -14.85 47.75 51.13
CA ASP VA 15 -13.50 47.36 50.79
C ASP VA 15 -13.46 45.85 50.62
N ILE VA 16 -12.32 45.36 50.11
CA ILE VA 16 -12.17 43.93 49.90
C ILE VA 16 -11.91 43.17 51.19
N GLU VA 17 -11.41 43.85 52.23
CA GLU VA 17 -11.12 43.16 53.48
C GLU VA 17 -12.38 42.83 54.26
N SER VA 18 -13.45 43.59 54.08
CA SER VA 18 -14.69 43.38 54.81
C SER VA 18 -15.79 42.73 53.99
N THR VA 19 -15.67 42.71 52.67
CA THR VA 19 -16.68 42.13 51.81
C THR VA 19 -16.21 40.94 50.99
N GLY VA 20 -14.90 40.84 50.72
CA GLY VA 20 -14.40 39.79 49.87
C GLY VA 20 -14.50 40.06 48.39
N PHE VA 21 -14.99 41.23 48.01
CA PHE VA 21 -15.12 41.62 46.61
C PHE VA 21 -14.18 42.78 46.30
N ALA VA 22 -13.54 42.72 45.14
CA ALA VA 22 -12.60 43.75 44.73
C ALA VA 22 -13.36 44.98 44.23
N TRP VA 23 -12.61 46.00 43.80
CA TRP VA 23 -13.24 47.23 43.33
C TRP VA 23 -13.98 47.02 42.01
N TRP VA 24 -13.46 46.17 41.13
CA TRP VA 24 -14.11 45.91 39.86
C TRP VA 24 -15.32 45.00 39.99
N SER VA 25 -15.51 44.36 41.14
CA SER VA 25 -16.72 43.61 41.44
C SER VA 25 -17.42 44.18 42.66
N GLY VA 26 -17.34 45.50 42.83
CA GLY VA 26 -17.84 46.15 44.03
C GLY VA 26 -19.33 46.32 44.11
N ASN VA 27 -20.05 46.21 42.98
CA ASN VA 27 -21.50 46.25 43.04
C ASN VA 27 -22.08 44.99 43.66
N SER VA 28 -21.31 43.92 43.75
CA SER VA 28 -21.74 42.71 44.44
C SER VA 28 -21.63 42.85 45.95
N ARG VA 29 -21.08 43.96 46.44
CA ARG VA 29 -21.16 44.29 47.85
C ARG VA 29 -22.54 44.77 48.27
N LEU VA 30 -23.42 45.02 47.30
CA LEU VA 30 -24.77 45.52 47.56
C LEU VA 30 -25.82 44.42 47.59
N ILE VA 31 -25.40 43.15 47.51
CA ILE VA 31 -26.37 42.07 47.44
C ILE VA 31 -27.17 41.97 48.73
N ASN VA 32 -26.49 42.04 49.88
CA ASN VA 32 -27.15 41.95 51.17
C ASN VA 32 -27.35 43.31 51.83
N VAL VA 33 -27.06 44.40 51.11
CA VAL VA 33 -27.29 45.74 51.60
C VAL VA 33 -28.46 46.33 50.84
N SER VA 34 -29.66 46.22 51.40
CA SER VA 34 -30.88 46.46 50.63
C SER VA 34 -31.11 47.94 50.31
N GLY VA 35 -30.86 48.82 51.28
CA GLY VA 35 -31.11 50.23 51.05
C GLY VA 35 -30.20 50.85 50.01
N LYS VA 36 -28.91 50.52 50.09
CA LYS VA 36 -27.98 51.00 49.07
C LYS VA 36 -28.27 50.36 47.72
N LEU VA 37 -28.74 49.11 47.71
CA LEU VA 37 -29.15 48.50 46.45
C LEU VA 37 -30.33 49.22 45.84
N LEU VA 38 -31.30 49.63 46.67
CA LEU VA 38 -32.40 50.44 46.19
C LEU VA 38 -31.91 51.77 45.65
N GLY VA 39 -30.95 52.38 46.33
CA GLY VA 39 -30.37 53.61 45.82
C GLY VA 39 -29.72 53.43 44.46
N ALA VA 40 -28.98 52.34 44.30
CA ALA VA 40 -28.35 52.06 43.00
C ALA VA 40 -29.40 51.89 41.92
N HIS VA 41 -30.47 51.15 42.22
CA HIS VA 41 -31.52 50.94 41.23
C HIS VA 41 -32.21 52.25 40.85
N VAL VA 42 -32.51 53.10 41.85
CA VAL VA 42 -33.19 54.34 41.55
C VAL VA 42 -32.28 55.30 40.79
N ALA VA 43 -31.00 55.34 41.14
CA ALA VA 43 -30.06 56.17 40.38
C ALA VA 43 -29.93 55.68 38.94
N HIS VA 44 -29.93 54.37 38.74
CA HIS VA 44 -29.88 53.85 37.37
C HIS VA 44 -31.15 54.18 36.62
N ALA VA 45 -32.30 54.13 37.28
CA ALA VA 45 -33.55 54.55 36.64
C ALA VA 45 -33.48 56.02 36.25
N GLY VA 46 -32.92 56.85 37.12
CA GLY VA 46 -32.69 58.24 36.78
C GLY VA 46 -31.79 58.39 35.58
N LEU VA 47 -30.76 57.55 35.47
CA LEU VA 47 -29.90 57.56 34.28
C LEU VA 47 -30.69 57.21 33.02
N MET VA 48 -31.53 56.19 33.10
CA MET VA 48 -32.31 55.79 31.94
C MET VA 48 -33.28 56.89 31.50
N VAL VA 49 -33.99 57.49 32.45
CA VAL VA 49 -34.90 58.57 32.11
C VAL VA 49 -34.13 59.79 31.62
N PHE VA 50 -32.94 60.03 32.17
CA PHE VA 50 -32.12 61.13 31.69
C PHE VA 50 -31.71 60.94 30.25
N TRP VA 51 -31.30 59.72 29.87
CA TRP VA 51 -30.99 59.48 28.47
C TRP VA 51 -32.22 59.64 27.61
N CYS VA 52 -33.37 59.15 28.07
CA CYS VA 52 -34.60 59.32 27.30
C CYS VA 52 -34.86 60.79 27.01
N GLY VA 53 -34.86 61.62 28.04
CA GLY VA 53 -35.13 63.04 27.85
C GLY VA 53 -34.07 63.74 27.02
N ALA VA 54 -32.80 63.48 27.33
CA ALA VA 54 -31.72 64.16 26.62
C ALA VA 54 -31.69 63.78 25.15
N MET VA 55 -31.87 62.50 24.83
CA MET VA 55 -31.86 62.08 23.43
C MET VA 55 -33.12 62.56 22.71
N THR VA 56 -34.26 62.60 23.39
CA THR VA 56 -35.45 63.15 22.76
C THR VA 56 -35.24 64.62 22.40
N LEU VA 57 -34.68 65.41 23.32
CA LEU VA 57 -34.43 66.80 23.02
C LEU VA 57 -33.34 66.96 21.97
N PHE VA 58 -32.35 66.06 21.96
CA PHE VA 58 -31.31 66.08 20.93
C PHE VA 58 -31.90 65.85 19.55
N GLU VA 59 -32.78 64.86 19.43
CA GLU VA 59 -33.42 64.58 18.15
C GLU VA 59 -34.41 65.66 17.75
N VAL VA 60 -35.03 66.34 18.72
CA VAL VA 60 -35.83 67.52 18.39
C VAL VA 60 -34.95 68.62 17.84
N ALA VA 61 -33.81 68.87 18.49
CA ALA VA 61 -32.93 69.96 18.07
C ALA VA 61 -32.29 69.68 16.72
N HIS VA 62 -32.07 68.42 16.38
CA HIS VA 62 -31.46 68.06 15.11
C HIS VA 62 -32.47 67.73 14.02
N TYR VA 63 -33.76 67.92 14.29
CA TYR VA 63 -34.79 67.52 13.34
C TYR VA 63 -34.90 68.54 12.21
N ILE VA 64 -34.71 68.09 10.98
CA ILE VA 64 -34.92 68.90 9.78
C ILE VA 64 -36.33 68.65 9.28
N PRO VA 65 -37.18 69.68 9.18
CA PRO VA 65 -38.58 69.44 8.78
C PRO VA 65 -38.76 68.90 7.37
N GLU VA 66 -37.75 69.05 6.50
CA GLU VA 66 -37.92 68.59 5.12
C GLU VA 66 -37.74 67.08 4.99
N LYS VA 67 -36.65 66.56 5.55
CA LYS VA 67 -36.34 65.14 5.43
C LYS VA 67 -37.23 64.30 6.36
N PRO VA 68 -37.47 63.05 6.01
CA PRO VA 68 -38.21 62.15 6.91
C PRO VA 68 -37.38 61.80 8.13
N LEU VA 69 -38.04 61.12 9.07
CA LEU VA 69 -37.37 60.77 10.32
C LEU VA 69 -36.23 59.78 10.11
N TYR VA 70 -36.40 58.83 9.18
CA TYR VA 70 -35.39 57.79 9.00
C TYR VA 70 -34.18 58.26 8.20
N GLU VA 71 -34.24 59.43 7.57
CA GLU VA 71 -33.09 59.98 6.87
C GLU VA 71 -32.23 60.86 7.76
N GLN VA 72 -32.64 61.10 9.00
CA GLN VA 72 -31.92 61.97 9.91
C GLN VA 72 -31.32 61.23 11.09
N GLY VA 73 -31.37 59.90 11.08
CA GLY VA 73 -30.82 59.12 12.18
C GLY VA 73 -31.52 59.31 13.50
N LEU VA 74 -32.86 59.34 13.49
CA LEU VA 74 -33.65 59.54 14.69
C LEU VA 74 -34.37 58.24 15.03
N ILE VA 75 -34.24 57.79 16.26
CA ILE VA 75 -34.86 56.54 16.70
C ILE VA 75 -35.89 56.74 17.80
N LEU VA 76 -35.88 57.86 18.52
CA LEU VA 76 -36.85 58.11 19.57
C LEU VA 76 -38.06 58.87 19.08
N LEU VA 77 -37.88 59.84 18.18
CA LEU VA 77 -39.01 60.50 17.57
C LEU VA 77 -39.95 59.54 16.85
N PRO VA 78 -39.49 58.53 16.11
CA PRO VA 78 -40.43 57.56 15.55
C PRO VA 78 -41.26 56.84 16.60
N HIS VA 79 -40.70 56.61 17.78
CA HIS VA 79 -41.46 55.95 18.84
C HIS VA 79 -42.67 56.80 19.25
N LEU VA 80 -42.49 58.12 19.33
CA LEU VA 80 -43.61 59.01 19.59
C LEU VA 80 -44.50 59.19 18.38
N ALA VA 81 -43.96 59.03 17.17
CA ALA VA 81 -44.78 59.09 15.97
C ALA VA 81 -45.71 57.89 15.87
N VAL VA 82 -45.33 56.75 16.44
CA VAL VA 82 -46.23 55.61 16.48
C VAL VA 82 -47.45 55.93 17.34
N LEU VA 83 -47.24 56.63 18.46
CA LEU VA 83 -48.30 56.91 19.41
C LEU VA 83 -49.21 58.05 18.98
N GLY VA 84 -49.00 58.64 17.81
CA GLY VA 84 -49.92 59.61 17.29
C GLY VA 84 -49.72 61.03 17.75
N TRP VA 85 -48.55 61.35 18.29
CA TRP VA 85 -48.26 62.71 18.72
C TRP VA 85 -47.61 63.48 17.57
N GLY VA 86 -48.27 64.57 17.15
CA GLY VA 86 -47.70 65.44 16.13
C GLY VA 86 -47.53 64.80 14.77
N VAL VA 87 -48.41 63.88 14.39
CA VAL VA 87 -48.34 63.18 13.11
C VAL VA 87 -49.64 63.42 12.37
N GLY VA 88 -49.54 63.89 11.13
CA GLY VA 88 -50.69 64.03 10.27
C GLY VA 88 -50.92 62.79 9.44
N PRO VA 89 -51.88 62.85 8.52
CA PRO VA 89 -52.11 61.71 7.64
C PRO VA 89 -50.92 61.43 6.74
N GLY VA 90 -50.71 60.16 6.43
CA GLY VA 90 -49.64 59.76 5.56
C GLY VA 90 -48.27 59.71 6.22
N GLY VA 91 -48.19 59.83 7.54
CA GLY VA 91 -46.92 59.82 8.23
C GLY VA 91 -46.18 61.13 8.22
N GLU VA 92 -46.84 62.22 7.86
CA GLU VA 92 -46.19 63.53 7.86
C GLU VA 92 -46.06 64.03 9.29
N ILE VA 93 -44.86 64.49 9.65
CA ILE VA 93 -44.62 65.06 10.97
C ILE VA 93 -45.03 66.53 10.92
N ILE VA 94 -46.14 66.86 11.58
CA ILE VA 94 -46.69 68.20 11.51
C ILE VA 94 -46.31 69.07 12.70
N ASP VA 95 -45.95 68.48 13.83
CA ASP VA 95 -45.60 69.25 15.02
C ASP VA 95 -44.66 68.41 15.89
N ILE VA 96 -43.58 69.03 16.34
CA ILE VA 96 -42.60 68.37 17.19
C ILE VA 96 -42.64 68.88 18.61
N TYR VA 97 -43.58 69.78 18.93
CA TYR VA 97 -43.70 70.25 20.31
C TYR VA 97 -44.02 69.14 21.31
N PRO VA 98 -44.94 68.20 21.03
CA PRO VA 98 -45.14 67.10 22.00
C PRO VA 98 -43.88 66.28 22.24
N TYR VA 99 -43.02 66.12 21.25
CA TYR VA 99 -41.75 65.46 21.48
C TYR VA 99 -40.92 66.24 22.49
N PHE VA 100 -40.91 67.57 22.35
CA PHE VA 100 -40.19 68.42 23.30
C PHE VA 100 -40.78 68.29 24.70
N VAL VA 101 -42.11 68.20 24.79
CA VAL VA 101 -42.77 68.04 26.09
C VAL VA 101 -42.35 66.73 26.73
N VAL VA 102 -42.32 65.65 25.94
CA VAL VA 102 -41.89 64.35 26.46
C VAL VA 102 -40.46 64.42 26.97
N GLY VA 103 -39.59 65.04 26.18
CA GLY VA 103 -38.19 65.17 26.60
C GLY VA 103 -38.02 65.95 27.88
N VAL VA 104 -38.71 67.09 28.00
CA VAL VA 104 -38.57 67.91 29.19
C VAL VA 104 -39.14 67.20 30.41
N LEU VA 105 -40.30 66.55 30.26
CA LEU VA 105 -40.88 65.81 31.37
C LEU VA 105 -39.94 64.71 31.84
N HIS VA 106 -39.35 63.97 30.90
CA HIS VA 106 -38.41 62.94 31.29
C HIS VA 106 -37.17 63.52 31.95
N LEU VA 107 -36.70 64.69 31.49
CA LEU VA 107 -35.54 65.30 32.12
C LEU VA 107 -35.82 65.67 33.58
N ILE VA 108 -36.96 66.28 33.84
CA ILE VA 108 -37.29 66.65 35.22
C ILE VA 108 -37.50 65.41 36.08
N SER VA 109 -38.20 64.41 35.54
CA SER VA 109 -38.40 63.17 36.28
C SER VA 109 -37.08 62.49 36.57
N SER VA 110 -36.12 62.58 35.64
CA SER VA 110 -34.80 62.02 35.88
C SER VA 110 -34.07 62.78 36.96
N ALA VA 111 -34.27 64.09 37.05
CA ALA VA 111 -33.70 64.83 38.18
C ALA VA 111 -34.25 64.30 39.51
N VAL VA 112 -35.56 64.09 39.57
CA VAL VA 112 -36.16 63.57 40.80
C VAL VA 112 -35.60 62.18 41.13
N LEU VA 113 -35.55 61.30 40.13
CA LEU VA 113 -35.07 59.94 40.36
C LEU VA 113 -33.60 59.93 40.74
N GLY VA 114 -32.79 60.81 40.15
CA GLY VA 114 -31.39 60.89 40.53
C GLY VA 114 -31.20 61.35 41.95
N PHE VA 115 -32.00 62.33 42.39
CA PHE VA 115 -31.94 62.72 43.79
C PHE VA 115 -32.30 61.55 44.70
N GLY VA 116 -33.35 60.81 44.35
CA GLY VA 116 -33.72 59.65 45.16
C GLY VA 116 -32.63 58.60 45.21
N GLY VA 117 -32.02 58.32 44.06
CA GLY VA 117 -30.95 57.33 44.02
C GLY VA 117 -29.75 57.74 44.84
N VAL VA 118 -29.33 59.00 44.73
CA VAL VA 118 -28.21 59.47 45.53
C VAL VA 118 -28.54 59.39 47.01
N TYR VA 119 -29.74 59.84 47.39
CA TYR VA 119 -30.11 59.83 48.81
C TYR VA 119 -30.11 58.42 49.37
N HIS VA 120 -30.71 57.46 48.65
CA HIS VA 120 -30.75 56.11 49.17
C HIS VA 120 -29.42 55.39 49.05
N SER VA 121 -28.51 55.89 48.20
CA SER VA 121 -27.19 55.26 48.11
C SER VA 121 -26.24 55.75 49.20
N LEU VA 122 -26.39 57.00 49.64
CA LEU VA 122 -25.36 57.60 50.48
C LEU VA 122 -25.73 57.76 51.95
N ILE VA 123 -26.93 58.26 52.27
CA ILE VA 123 -27.30 58.43 53.67
C ILE VA 123 -28.57 57.66 54.05
N GLY VA 124 -29.44 57.32 53.12
CA GLY VA 124 -30.54 56.43 53.41
C GLY VA 124 -30.00 55.13 54.00
N PRO VA 125 -30.77 54.50 54.87
CA PRO VA 125 -30.26 53.36 55.63
C PRO VA 125 -29.76 52.25 54.72
N ASP VA 126 -28.68 51.60 55.15
CA ASP VA 126 -28.07 50.55 54.33
C ASP VA 126 -28.98 49.33 54.24
N THR VA 127 -29.49 48.87 55.38
CA THR VA 127 -30.41 47.75 55.43
C THR VA 127 -31.78 48.26 55.87
N LEU VA 128 -32.80 48.00 55.06
CA LEU VA 128 -34.16 48.44 55.35
C LEU VA 128 -34.90 47.49 56.28
N GLU VA 129 -34.31 46.36 56.66
CA GLU VA 129 -35.04 45.33 57.38
C GLU VA 129 -35.34 45.70 58.82
N GLU VA 130 -34.72 46.75 59.36
CA GLU VA 130 -35.00 47.18 60.73
C GLU VA 130 -35.70 48.53 60.80
N SER VA 131 -35.36 49.46 59.90
CA SER VA 131 -35.97 50.78 59.95
C SER VA 131 -37.35 50.78 59.29
N PHE VA 132 -37.47 50.15 58.13
CA PHE VA 132 -38.73 50.09 57.38
C PHE VA 132 -38.99 48.64 57.00
N PRO VA 133 -39.54 47.86 57.93
CA PRO VA 133 -39.74 46.42 57.65
C PRO VA 133 -40.67 46.14 56.48
N ALA VA 134 -41.54 47.08 56.12
CA ALA VA 134 -42.42 46.86 54.97
C ALA VA 134 -41.66 46.87 53.65
N PHE VA 135 -40.46 47.47 53.63
CA PHE VA 135 -39.63 47.48 52.44
C PHE VA 135 -38.42 46.56 52.55
N GLY VA 136 -37.99 46.22 53.76
CA GLY VA 136 -36.87 45.31 53.90
C GLY VA 136 -37.24 43.90 53.48
N TYR VA 137 -36.22 43.15 53.10
CA TYR VA 137 -36.43 41.80 52.59
C TYR VA 137 -35.16 40.99 52.77
N ASP VA 138 -35.32 39.67 52.67
CA ASP VA 138 -34.21 38.75 52.50
C ASP VA 138 -34.44 37.99 51.22
N TRP VA 139 -33.35 37.71 50.49
CA TRP VA 139 -33.48 37.02 49.21
C TRP VA 139 -34.04 35.62 49.38
N ARG VA 140 -33.76 34.97 50.51
CA ARG VA 140 -34.26 33.63 50.76
C ARG VA 140 -35.71 33.62 51.22
N ASP VA 141 -36.28 34.77 51.54
CA ASP VA 141 -37.68 34.86 51.94
C ASP VA 141 -38.53 34.93 50.68
N LYS VA 142 -39.13 33.79 50.30
CA LYS VA 142 -39.84 33.73 49.03
C LYS VA 142 -41.11 34.56 49.03
N ASN VA 143 -41.78 34.68 50.18
CA ASN VA 143 -43.06 35.37 50.23
C ASN VA 143 -42.89 36.86 49.93
N LYS VA 144 -41.91 37.52 50.56
CA LYS VA 144 -41.71 38.95 50.34
C LYS VA 144 -41.22 39.22 48.92
N ILE VA 145 -40.36 38.36 48.40
CA ILE VA 145 -39.87 38.55 47.03
C ILE VA 145 -41.01 38.39 46.03
N THR VA 146 -41.90 37.42 46.27
CA THR VA 146 -43.07 37.29 45.41
C THR VA 146 -44.00 38.49 45.55
N THR VA 147 -44.09 39.08 46.74
CA THR VA 147 -44.88 40.30 46.90
C THR VA 147 -44.32 41.43 46.06
N ILE VA 148 -42.99 41.62 46.09
CA ILE VA 148 -42.37 42.66 45.28
C ILE VA 148 -42.59 42.38 43.79
N LEU VA 149 -42.44 41.11 43.39
CA LEU VA 149 -42.67 40.74 42.00
C LEU VA 149 -44.10 41.03 41.58
N GLY VA 150 -45.08 40.76 42.46
CA GLY VA 150 -46.46 41.07 42.14
C GLY VA 150 -46.72 42.56 42.03
N ILE VA 151 -46.11 43.35 42.90
CA ILE VA 151 -46.26 44.80 42.82
C ILE VA 151 -45.74 45.30 41.48
N HIS VA 152 -44.56 44.81 41.06
CA HIS VA 152 -44.01 45.26 39.80
C HIS VA 152 -44.80 44.73 38.61
N LEU VA 153 -45.37 43.53 38.73
CA LEU VA 153 -46.25 43.03 37.68
C LEU VA 153 -47.47 43.91 37.52
N ILE VA 154 -48.05 44.37 38.62
CA ILE VA 154 -49.21 45.25 38.53
C ILE VA 154 -48.81 46.61 37.97
N VAL VA 155 -47.61 47.09 38.30
CA VAL VA 155 -47.12 48.32 37.69
C VAL VA 155 -47.00 48.16 36.18
N LEU VA 156 -46.45 47.04 35.72
CA LEU VA 156 -46.34 46.79 34.29
C LEU VA 156 -47.71 46.67 33.62
N GLY VA 157 -48.67 46.04 34.29
CA GLY VA 157 -50.01 45.99 33.76
C GLY VA 157 -50.63 47.37 33.64
N ILE VA 158 -50.36 48.24 34.62
CA ILE VA 158 -50.84 49.61 34.54
C ILE VA 158 -50.19 50.32 33.35
N GLY VA 159 -48.92 50.06 33.08
CA GLY VA 159 -48.29 50.64 31.91
C GLY VA 159 -48.90 50.15 30.60
N ALA VA 160 -49.20 48.86 30.53
CA ALA VA 160 -49.83 48.32 29.33
C ALA VA 160 -51.22 48.92 29.14
N PHE VA 161 -51.97 49.10 30.23
CA PHE VA 161 -53.25 49.76 30.12
C PHE VA 161 -53.12 51.24 29.83
N LEU VA 162 -52.00 51.87 30.19
CA LEU VA 162 -51.73 53.23 29.73
C LEU VA 162 -51.60 53.27 28.22
N LEU VA 163 -50.88 52.29 27.65
CA LEU VA 163 -50.82 52.19 26.19
C LEU VA 163 -52.21 51.96 25.60
N VAL VA 164 -53.00 51.10 26.23
CA VAL VA 164 -54.36 50.84 25.76
C VAL VA 164 -55.20 52.11 25.78
N ILE VA 165 -55.13 52.88 26.86
CA ILE VA 165 -55.89 54.11 26.99
C ILE VA 165 -55.44 55.13 25.95
N LYS VA 166 -54.13 55.21 25.70
CA LYS VA 166 -53.65 56.10 24.66
C LYS VA 166 -54.17 55.70 23.29
N ALA VA 167 -54.20 54.40 23.00
CA ALA VA 167 -54.62 53.94 21.68
C ALA VA 167 -56.13 54.04 21.48
N MET VA 168 -56.92 53.85 22.53
CA MET VA 168 -58.36 53.76 22.40
C MET VA 168 -59.09 55.06 22.69
N TYR VA 169 -58.59 55.88 23.60
CA TYR VA 169 -59.34 57.07 24.01
C TYR VA 169 -58.58 58.37 23.83
N VAL VA 170 -57.29 58.41 24.17
CA VAL VA 170 -56.55 59.69 24.15
C VAL VA 170 -55.86 59.77 22.80
N GLY VA 171 -56.59 60.30 21.83
CA GLY VA 171 -55.99 60.66 20.55
C GLY VA 171 -55.75 59.51 19.59
N GLY VA 172 -55.57 58.30 20.11
CA GLY VA 172 -55.29 57.16 19.28
C GLY VA 172 -53.83 57.06 18.92
N ILE VA 173 -53.51 56.04 18.12
CA ILE VA 173 -52.15 55.79 17.68
C ILE VA 173 -52.13 55.74 16.16
N TYR VA 174 -50.93 55.85 15.60
CA TYR VA 174 -50.76 55.87 14.16
C TYR VA 174 -50.95 54.47 13.61
N ASP VA 175 -51.99 54.28 12.82
CA ASP VA 175 -52.23 53.02 12.12
C ASP VA 175 -51.75 53.18 10.69
N THR VA 176 -50.66 52.50 10.35
CA THR VA 176 -50.10 52.59 9.01
C THR VA 176 -50.92 51.81 7.98
N TRP VA 177 -51.84 50.96 8.43
CA TRP VA 177 -52.71 50.20 7.54
C TRP VA 177 -54.03 50.91 7.29
N ALA VA 178 -54.20 52.13 7.78
CA ALA VA 178 -55.41 52.89 7.52
C ALA VA 178 -55.51 53.22 6.03
N PRO VA 179 -56.71 53.18 5.47
CA PRO VA 179 -56.87 53.52 4.05
C PRO VA 179 -56.45 54.95 3.77
N GLY VA 180 -55.86 55.15 2.60
CA GLY VA 180 -55.39 56.44 2.16
C GLY VA 180 -53.90 56.66 2.33
N GLY VA 181 -53.24 55.83 3.13
CA GLY VA 181 -51.80 55.95 3.30
C GLY VA 181 -51.34 55.97 4.74
N GLY VA 182 -52.25 55.70 5.68
CA GLY VA 182 -51.91 55.70 7.08
C GLY VA 182 -52.25 56.98 7.78
N ASP VA 183 -52.85 56.88 8.96
CA ASP VA 183 -53.28 58.07 9.70
C ASP VA 183 -53.41 57.69 11.17
N VAL VA 184 -53.40 58.71 12.03
CA VAL VA 184 -53.65 58.48 13.44
C VAL VA 184 -55.11 58.12 13.62
N ARG VA 185 -55.36 56.94 14.20
CA ARG VA 185 -56.70 56.38 14.25
C ARG VA 185 -57.03 55.92 15.65
N ILE VA 186 -58.26 56.22 16.09
CA ILE VA 186 -58.77 55.67 17.35
C ILE VA 186 -59.10 54.21 17.13
N ILE VA 187 -58.51 53.33 17.93
CA ILE VA 187 -58.74 51.90 17.83
C ILE VA 187 -59.94 51.58 18.73
N ASP VA 188 -61.12 51.47 18.12
CA ASP VA 188 -62.35 51.33 18.89
C ASP VA 188 -62.76 49.88 19.11
N SER VA 189 -62.29 48.94 18.29
CA SER VA 189 -62.66 47.53 18.40
C SER VA 189 -61.40 46.68 18.42
N PRO VA 190 -60.73 46.61 19.58
CA PRO VA 190 -59.55 45.74 19.69
C PRO VA 190 -59.93 44.28 19.67
N THR VA 191 -58.96 43.46 19.26
CA THR VA 191 -59.17 42.02 19.12
C THR VA 191 -59.01 41.37 20.49
N LEU VA 192 -60.12 41.10 21.16
CA LEU VA 192 -60.11 40.47 22.47
C LEU VA 192 -60.27 38.96 22.38
N ASN VA 193 -60.31 38.40 21.19
CA ASN VA 193 -60.45 36.96 21.04
C ASN VA 193 -59.17 36.27 21.49
N PRO VA 194 -59.21 35.41 22.51
CA PRO VA 194 -57.98 34.73 22.93
C PRO VA 194 -57.41 33.82 21.86
N GLY VA 195 -58.24 33.33 20.94
CA GLY VA 195 -57.72 32.47 19.88
C GLY VA 195 -56.69 33.17 19.03
N VAL VA 196 -57.00 34.38 18.57
CA VAL VA 196 -56.06 35.12 17.73
C VAL VA 196 -54.83 35.53 18.54
N ILE VA 197 -55.05 36.09 19.74
CA ILE VA 197 -53.96 36.62 20.54
C ILE VA 197 -52.98 35.52 20.91
N PHE VA 198 -53.47 34.36 21.32
CA PHE VA 198 -52.59 33.27 21.71
C PHE VA 198 -52.27 32.31 20.57
N GLY VA 199 -52.79 32.56 19.36
CA GLY VA 199 -52.28 31.89 18.20
C GLY VA 199 -51.13 32.66 17.61
N TYR VA 200 -51.07 33.95 17.95
CA TYR VA 200 -49.84 34.70 17.68
C TYR VA 200 -48.68 34.13 18.49
N VAL VA 201 -48.92 33.81 19.76
CA VAL VA 201 -47.87 33.33 20.64
C VAL VA 201 -47.41 31.93 20.25
N LEU VA 202 -48.33 31.08 19.80
CA LEU VA 202 -48.00 29.71 19.44
C LEU VA 202 -47.65 29.54 17.98
N LYS VA 203 -47.58 30.64 17.22
CA LYS VA 203 -47.18 30.57 15.82
C LYS VA 203 -45.68 30.34 15.70
N SER VA 204 -45.28 29.68 14.62
CA SER VA 204 -43.87 29.38 14.42
C SER VA 204 -43.09 30.66 14.15
N PRO VA 205 -41.84 30.73 14.62
CA PRO VA 205 -41.02 31.92 14.40
C PRO VA 205 -40.28 31.96 13.07
N TRP VA 206 -40.57 31.06 12.15
CA TRP VA 206 -39.81 30.93 10.92
C TRP VA 206 -40.43 31.79 9.82
N GLY VA 207 -39.92 31.65 8.60
CA GLY VA 207 -40.34 32.50 7.51
C GLY VA 207 -41.79 32.24 7.10
N GLY VA 208 -42.50 33.32 6.83
CA GLY VA 208 -43.89 33.26 6.46
C GLY VA 208 -44.86 33.27 7.62
N ASP VA 209 -44.38 33.00 8.82
CA ASP VA 209 -45.21 33.04 10.03
C ASP VA 209 -44.74 34.12 11.00
N GLY VA 210 -43.47 34.09 11.40
CA GLY VA 210 -42.88 35.19 12.12
C GLY VA 210 -43.21 35.29 13.60
N TRP VA 211 -43.96 34.34 14.14
CA TRP VA 211 -44.35 34.33 15.57
C TRP VA 211 -45.10 35.63 15.85
N ILE VA 212 -44.69 36.42 16.85
CA ILE VA 212 -45.41 37.64 17.21
C ILE VA 212 -44.81 38.87 16.53
N VAL VA 213 -43.82 38.68 15.66
CA VAL VA 213 -43.33 39.81 14.88
C VAL VA 213 -44.29 40.15 13.76
N SER VA 214 -45.16 39.20 13.39
CA SER VA 214 -46.03 39.36 12.23
C SER VA 214 -47.38 39.96 12.58
N VAL VA 215 -47.47 40.72 13.67
CA VAL VA 215 -48.71 41.44 13.94
C VAL VA 215 -48.87 42.53 12.90
N ASN VA 216 -49.97 42.46 12.13
CA ASN VA 216 -50.12 43.28 10.94
C ASN VA 216 -51.30 44.23 11.02
N ASN VA 217 -51.88 44.42 12.20
CA ASN VA 217 -52.97 45.37 12.38
C ASN VA 217 -52.97 45.85 13.82
N MET VA 218 -53.46 47.07 14.03
CA MET VA 218 -53.46 47.65 15.36
C MET VA 218 -54.53 47.06 16.26
N GLU VA 219 -55.57 46.44 15.70
CA GLU VA 219 -56.59 45.81 16.54
C GLU VA 219 -56.00 44.68 17.36
N ASP VA 220 -55.21 43.80 16.73
CA ASP VA 220 -54.56 42.72 17.46
C ASP VA 220 -53.60 43.27 18.50
N LEU VA 221 -52.85 44.31 18.15
CA LEU VA 221 -51.91 44.92 19.08
C LEU VA 221 -52.61 45.42 20.33
N VAL VA 222 -53.68 46.21 20.15
CA VAL VA 222 -54.37 46.78 21.29
C VAL VA 222 -55.09 45.70 22.09
N GLY VA 223 -55.72 44.73 21.41
CA GLY VA 223 -56.42 43.69 22.13
C GLY VA 223 -55.48 42.83 22.95
N GLY VA 224 -54.34 42.46 22.39
CA GLY VA 224 -53.37 41.70 23.16
C GLY VA 224 -52.67 42.51 24.23
N HIS VA 225 -52.60 43.83 24.07
CA HIS VA 225 -52.12 44.64 25.19
C HIS VA 225 -53.15 44.69 26.32
N ILE VA 226 -54.44 44.71 25.98
CA ILE VA 226 -55.46 44.53 27.00
C ILE VA 226 -55.27 43.21 27.71
N TRP VA 227 -55.03 42.15 26.93
CA TRP VA 227 -54.78 40.83 27.51
C TRP VA 227 -53.56 40.83 28.41
N ILE VA 228 -52.48 41.47 27.97
CA ILE VA 228 -51.25 41.51 28.76
C ILE VA 228 -51.48 42.28 30.05
N GLY VA 229 -52.19 43.40 29.99
CA GLY VA 229 -52.49 44.14 31.21
C GLY VA 229 -53.33 43.33 32.18
N ILE VA 230 -54.38 42.66 31.68
CA ILE VA 230 -55.21 41.85 32.56
C ILE VA 230 -54.40 40.73 33.17
N ILE VA 231 -53.61 40.04 32.36
CA ILE VA 231 -52.81 38.91 32.84
C ILE VA 231 -51.80 39.39 33.87
N CYS VA 232 -51.13 40.52 33.60
CA CYS VA 232 -50.13 41.04 34.52
C CYS VA 232 -50.75 41.45 35.85
N ILE VA 233 -51.91 42.11 35.81
CA ILE VA 233 -52.55 42.52 37.07
C ILE VA 233 -53.02 41.31 37.86
N VAL VA 234 -53.64 40.34 37.18
CA VAL VA 234 -54.10 39.15 37.87
C VAL VA 234 -52.92 38.39 38.48
N GLY VA 235 -51.84 38.23 37.73
CA GLY VA 235 -50.66 37.57 38.26
C GLY VA 235 -49.97 38.34 39.35
N GLY VA 236 -50.02 39.67 39.29
CA GLY VA 236 -49.45 40.47 40.36
C GLY VA 236 -50.20 40.30 41.66
N PHE VA 237 -51.53 40.31 41.60
CA PHE VA 237 -52.29 40.02 42.81
C PHE VA 237 -52.12 38.58 43.25
N TRP VA 238 -51.95 37.67 42.30
CA TRP VA 238 -51.68 36.27 42.63
C TRP VA 238 -50.38 36.13 43.42
N HIS VA 239 -49.33 36.82 42.99
CA HIS VA 239 -48.05 36.75 43.69
C HIS VA 239 -48.02 37.58 44.97
N ILE VA 240 -48.85 38.62 45.07
CA ILE VA 240 -48.97 39.32 46.34
C ILE VA 240 -49.66 38.44 47.36
N PHE VA 241 -50.57 37.60 46.93
CA PHE VA 241 -51.32 36.83 47.91
C PHE VA 241 -50.94 35.37 48.02
N THR VA 242 -49.87 34.97 47.36
CA THR VA 242 -49.44 33.59 47.45
C THR VA 242 -47.98 33.43 47.69
N LYS VA 243 -47.56 32.22 48.00
CA LYS VA 243 -46.17 31.92 48.17
C LYS VA 243 -45.92 30.79 47.21
N PRO VA 244 -44.72 30.65 46.69
CA PRO VA 244 -44.37 29.65 45.68
C PRO VA 244 -44.69 28.24 46.15
N PHE VA 245 -45.15 27.41 45.21
CA PHE VA 245 -45.50 26.04 45.52
C PHE VA 245 -44.25 25.19 45.70
N ALA VA 246 -44.46 23.96 46.16
CA ALA VA 246 -43.34 23.08 46.49
C ALA VA 246 -42.50 22.74 45.28
N TRP VA 247 -43.11 22.53 44.12
CA TRP VA 247 -42.33 22.24 42.92
C TRP VA 247 -41.46 23.43 42.54
N ALA VA 248 -42.00 24.65 42.64
CA ALA VA 248 -41.20 25.83 42.40
C ALA VA 248 -40.10 26.00 43.46
N ARG VA 249 -40.39 25.62 44.70
CA ARG VA 249 -39.38 25.73 45.75
C ARG VA 249 -38.23 24.74 45.52
N ARG VA 250 -38.52 23.54 45.02
CA ARG VA 250 -37.46 22.61 44.68
C ARG VA 250 -36.72 23.05 43.41
N ALA VA 251 -37.42 23.68 42.48
CA ALA VA 251 -36.83 23.95 41.16
C ALA VA 251 -35.79 25.05 41.20
N TYR VA 252 -36.08 26.16 41.88
CA TYR VA 252 -35.30 27.38 41.71
C TYR VA 252 -34.33 27.61 42.87
N VAL VA 253 -33.32 28.41 42.59
CA VAL VA 253 -32.38 28.89 43.60
C VAL VA 253 -32.89 30.22 44.12
N TRP VA 254 -32.98 30.34 45.44
CA TRP VA 254 -33.59 31.51 46.07
C TRP VA 254 -32.48 32.40 46.63
N SER VA 255 -31.93 33.22 45.75
CA SER VA 255 -30.90 34.19 46.10
C SER VA 255 -30.98 35.35 45.12
N GLY VA 256 -30.41 36.48 45.52
CA GLY VA 256 -30.48 37.67 44.68
C GLY VA 256 -29.82 37.50 43.33
N GLU VA 257 -28.67 36.83 43.29
CA GLU VA 257 -27.99 36.61 42.02
C GLU VA 257 -28.78 35.67 41.12
N ALA VA 258 -29.47 34.68 41.69
CA ALA VA 258 -30.32 33.81 40.88
C ALA VA 258 -31.46 34.58 40.24
N TYR VA 259 -32.12 35.45 41.02
CA TYR VA 259 -33.18 36.28 40.46
C TYR VA 259 -32.63 37.20 39.38
N LEU VA 260 -31.43 37.73 39.60
CA LEU VA 260 -30.80 38.57 38.59
C LEU VA 260 -30.56 37.78 37.31
N SER VA 261 -30.10 36.53 37.43
CA SER VA 261 -29.86 35.72 36.25
C SER VA 261 -31.15 35.42 35.49
N TYR VA 262 -32.23 35.13 36.23
CA TYR VA 262 -33.51 34.92 35.57
C TYR VA 262 -33.93 36.16 34.80
N SER VA 263 -33.82 37.33 35.43
CA SER VA 263 -34.15 38.57 34.75
C SER VA 263 -33.24 38.80 33.55
N LEU VA 264 -31.96 38.45 33.66
CA LEU VA 264 -31.04 38.63 32.54
C LEU VA 264 -31.44 37.80 31.35
N VAL VA 265 -31.81 36.53 31.56
CA VAL VA 265 -32.20 35.73 30.41
C VAL VA 265 -33.53 36.22 29.84
N ALA VA 266 -34.46 36.65 30.68
CA ALA VA 266 -35.73 37.17 30.17
C ALA VA 266 -35.50 38.40 29.31
N VAL VA 267 -34.73 39.35 29.80
CA VAL VA 267 -34.49 40.58 29.06
C VAL VA 267 -33.60 40.35 27.85
N SER VA 268 -32.75 39.32 27.87
CA SER VA 268 -32.01 38.96 26.67
C SER VA 268 -32.94 38.44 25.58
N LEU VA 269 -33.88 37.57 25.94
CA LEU VA 269 -34.88 37.13 24.97
C LEU VA 269 -35.68 38.32 24.45
N MET VA 270 -36.03 39.24 25.34
CA MET VA 270 -36.74 40.44 24.91
C MET VA 270 -35.90 41.27 23.93
N GLY VA 271 -34.60 41.36 24.17
CA GLY VA 271 -33.73 42.08 23.25
C GLY VA 271 -33.71 41.45 21.87
N PHE VA 272 -33.59 40.12 21.82
CA PHE VA 272 -33.66 39.43 20.53
C PHE VA 272 -34.99 39.69 19.83
N ILE VA 273 -36.10 39.58 20.57
CA ILE VA 273 -37.41 39.76 19.99
C ILE VA 273 -37.60 41.19 19.48
N ALA VA 274 -37.09 42.17 20.22
CA ALA VA 274 -37.20 43.56 19.78
C ALA VA 274 -36.33 43.83 18.57
N SER VA 275 -35.16 43.20 18.49
CA SER VA 275 -34.34 43.33 17.28
C SER VA 275 -35.09 42.81 16.06
N GLN VA 276 -35.76 41.66 16.21
CA GLN VA 276 -36.54 41.15 15.08
C GLN VA 276 -37.76 42.00 14.79
N TYR VA 277 -38.38 42.59 15.82
CA TYR VA 277 -39.44 43.57 15.60
C TYR VA 277 -38.95 44.71 14.74
N SER VA 278 -37.81 45.29 15.10
CA SER VA 278 -37.27 46.41 14.36
C SER VA 278 -36.86 46.03 12.95
N TRP VA 279 -36.43 44.79 12.74
CA TRP VA 279 -35.97 44.40 11.42
C TRP VA 279 -37.12 44.04 10.48
N TYR VA 280 -38.16 43.39 10.98
CA TYR VA 280 -39.19 42.83 10.11
C TYR VA 280 -40.53 43.54 10.20
N ASN VA 281 -40.97 43.95 11.38
CA ASN VA 281 -42.32 44.47 11.54
C ASN VA 281 -42.42 45.89 11.00
N ASN VA 282 -43.47 46.16 10.23
CA ASN VA 282 -43.75 47.50 9.74
C ASN VA 282 -45.10 48.03 10.21
N THR VA 283 -45.74 47.35 11.16
CA THR VA 283 -46.98 47.83 11.76
C THR VA 283 -46.71 48.63 13.02
N ALA VA 284 -46.09 48.00 14.02
CA ALA VA 284 -45.64 48.71 15.21
C ALA VA 284 -44.40 49.54 14.95
N TYR VA 285 -43.72 49.33 13.83
CA TYR VA 285 -42.57 50.12 13.41
C TYR VA 285 -42.84 50.58 11.99
N PRO VA 286 -43.72 51.57 11.82
CA PRO VA 286 -44.12 51.99 10.48
C PRO VA 286 -42.94 52.52 9.67
N SER VA 287 -42.96 52.23 8.38
CA SER VA 287 -41.87 52.63 7.50
C SER VA 287 -41.91 54.11 7.14
N GLU VA 288 -43.00 54.82 7.45
CA GLU VA 288 -42.98 56.28 7.31
C GLU VA 288 -42.07 56.94 8.33
N PHE VA 289 -41.75 56.24 9.41
CA PHE VA 289 -40.93 56.77 10.49
C PHE VA 289 -39.59 56.07 10.59
N TYR VA 290 -39.60 54.74 10.73
CA TYR VA 290 -38.35 53.98 10.85
C TYR VA 290 -37.72 53.68 9.50
N GLY VA 291 -38.43 53.89 8.41
CA GLY VA 291 -37.91 53.56 7.09
C GLY VA 291 -38.28 52.15 6.70
N PRO VA 292 -38.10 51.82 5.43
CA PRO VA 292 -38.46 50.49 4.95
C PRO VA 292 -37.54 49.42 5.49
N THR VA 293 -38.06 48.21 5.57
CA THR VA 293 -37.24 47.05 5.91
C THR VA 293 -36.46 46.59 4.68
N GLY VA 294 -35.51 45.69 4.91
CA GLY VA 294 -34.76 45.10 3.82
C GLY VA 294 -35.67 44.44 2.80
N PRO VA 295 -36.56 43.55 3.26
CA PRO VA 295 -37.57 43.02 2.34
C PRO VA 295 -38.42 44.10 1.70
N GLU VA 296 -38.79 45.13 2.49
CA GLU VA 296 -39.60 46.20 1.94
C GLU VA 296 -38.85 46.98 0.87
N ALA VA 297 -37.56 47.24 1.10
CA ALA VA 297 -36.77 47.97 0.12
C ALA VA 297 -36.58 47.16 -1.16
N SER VA 298 -36.28 45.87 -1.03
CA SER VA 298 -36.10 45.04 -2.21
C SER VA 298 -37.39 44.91 -3.00
N GLN VA 299 -38.51 44.68 -2.32
CA GLN VA 299 -39.80 44.59 -3.01
C GLN VA 299 -40.20 45.94 -3.60
N SER VA 300 -39.82 47.04 -2.96
CA SER VA 300 -40.08 48.36 -3.53
C SER VA 300 -39.31 48.55 -4.82
N GLN VA 301 -38.04 48.15 -4.85
CA GLN VA 301 -37.27 48.26 -6.08
C GLN VA 301 -37.88 47.40 -7.18
N ALA VA 302 -38.21 46.14 -6.87
CA ALA VA 302 -38.80 45.26 -7.86
C ALA VA 302 -40.15 45.79 -8.34
N PHE VA 303 -40.97 46.30 -7.43
CA PHE VA 303 -42.29 46.79 -7.79
C PHE VA 303 -42.22 48.06 -8.62
N THR VA 304 -41.27 48.95 -8.31
CA THR VA 304 -41.10 50.15 -9.11
C THR VA 304 -40.59 49.83 -10.50
N PHE VA 305 -39.66 48.88 -10.62
CA PHE VA 305 -39.26 48.44 -11.95
C PHE VA 305 -40.41 47.79 -12.69
N LEU VA 306 -41.24 47.01 -11.98
CA LEU VA 306 -42.42 46.40 -12.60
C LEU VA 306 -43.36 47.47 -13.14
N VAL VA 307 -43.61 48.51 -12.35
CA VAL VA 307 -44.49 49.59 -12.80
C VAL VA 307 -43.88 50.32 -14.00
N ARG VA 308 -42.58 50.63 -13.92
CA ARG VA 308 -41.94 51.37 -15.01
C ARG VA 308 -41.88 50.56 -16.30
N ASP VA 309 -41.87 49.23 -16.21
CA ASP VA 309 -41.88 48.40 -17.42
C ASP VA 309 -43.28 48.08 -17.91
N GLN VA 310 -44.27 48.01 -17.03
CA GLN VA 310 -45.64 47.84 -17.48
C GLN VA 310 -46.18 49.12 -18.11
N ARG VA 311 -45.72 50.28 -17.63
CA ARG VA 311 -46.19 51.54 -18.19
C ARG VA 311 -45.44 51.90 -19.47
N LEU VA 312 -44.15 51.58 -19.55
CA LEU VA 312 -43.30 51.98 -20.67
C LEU VA 312 -43.05 50.84 -21.65
N GLY VA 313 -44.04 49.98 -21.86
CA GLY VA 313 -43.98 49.01 -22.94
C GLY VA 313 -43.01 47.85 -22.75
N ALA VA 314 -43.31 46.98 -21.79
CA ALA VA 314 -42.54 45.76 -21.59
C ALA VA 314 -43.44 44.75 -20.89
N ASN VA 315 -43.69 43.62 -21.54
CA ASN VA 315 -44.56 42.59 -20.99
C ASN VA 315 -43.81 41.86 -19.88
N VAL VA 316 -44.17 42.16 -18.63
CA VAL VA 316 -43.40 41.68 -17.49
C VAL VA 316 -43.71 40.22 -17.16
N SER VA 317 -44.94 39.78 -17.41
CA SER VA 317 -45.32 38.42 -17.04
C SER VA 317 -44.80 37.36 -18.00
N SER VA 318 -44.38 37.75 -19.20
CA SER VA 318 -43.83 36.81 -20.17
C SER VA 318 -42.34 36.99 -20.39
N ALA VA 319 -41.69 37.89 -19.66
CA ALA VA 319 -40.27 38.16 -19.85
C ALA VA 319 -39.46 37.08 -19.13
N GLN VA 320 -38.85 36.18 -19.91
CA GLN VA 320 -38.07 35.10 -19.35
C GLN VA 320 -36.74 35.63 -18.83
N GLY VA 321 -36.36 35.19 -17.62
CA GLY VA 321 -35.13 35.62 -17.01
C GLY VA 321 -33.93 34.86 -17.53
N PRO VA 322 -32.76 35.14 -16.95
CA PRO VA 322 -31.53 34.46 -17.43
C PRO VA 322 -31.50 32.97 -17.16
N THR VA 323 -32.33 32.46 -16.24
CA THR VA 323 -32.33 31.05 -15.90
C THR VA 323 -33.66 30.38 -16.23
N GLY VA 324 -34.50 31.03 -17.03
CA GLY VA 324 -35.81 30.50 -17.35
C GLY VA 324 -36.89 30.82 -16.35
N LEU VA 325 -36.56 31.53 -15.26
CA LEU VA 325 -37.54 31.90 -14.25
C LEU VA 325 -38.11 33.28 -14.57
N GLY VA 326 -38.96 33.79 -13.68
CA GLY VA 326 -39.54 35.11 -13.89
C GLY VA 326 -38.55 36.21 -13.61
N LYS VA 327 -38.45 37.17 -14.53
CA LYS VA 327 -37.57 38.31 -14.32
C LYS VA 327 -38.26 39.38 -13.48
N TYR VA 328 -39.56 39.59 -13.68
CA TYR VA 328 -40.33 40.57 -12.94
C TYR VA 328 -41.40 39.94 -12.07
N LEU VA 329 -42.21 39.04 -12.63
CA LEU VA 329 -43.20 38.29 -11.88
C LEU VA 329 -42.94 36.81 -12.06
N MET VA 330 -42.85 36.08 -10.95
CA MET VA 330 -42.64 34.64 -11.00
C MET VA 330 -43.65 33.93 -10.10
N ARG VA 331 -43.45 32.63 -9.90
CA ARG VA 331 -44.37 31.81 -9.12
C ARG VA 331 -43.72 31.43 -7.80
N SER VA 332 -44.47 31.59 -6.71
CA SER VA 332 -43.94 31.31 -5.39
C SER VA 332 -43.86 29.79 -5.16
N PRO VA 333 -43.05 29.37 -4.19
CA PRO VA 333 -43.04 27.93 -3.84
C PRO VA 333 -44.37 27.42 -3.34
N SER VA 334 -45.28 28.30 -2.91
CA SER VA 334 -46.63 27.92 -2.54
C SER VA 334 -47.64 28.16 -3.66
N GLY VA 335 -47.20 28.72 -4.79
CA GLY VA 335 -48.05 28.86 -5.95
C GLY VA 335 -48.66 30.23 -6.18
N GLU VA 336 -48.20 31.26 -5.48
CA GLU VA 336 -48.74 32.60 -5.64
C GLU VA 336 -47.90 33.42 -6.61
N ILE VA 337 -48.51 34.49 -7.13
CA ILE VA 337 -47.82 35.42 -8.03
C ILE VA 337 -47.02 36.40 -7.18
N ILE VA 338 -45.70 36.35 -7.30
CA ILE VA 338 -44.81 37.18 -6.51
C ILE VA 338 -43.88 37.94 -7.45
N LEU VA 339 -43.13 38.87 -6.88
CA LEU VA 339 -42.14 39.61 -7.66
C LEU VA 339 -40.93 38.73 -7.94
N GLY VA 340 -40.49 38.76 -9.19
CA GLY VA 340 -39.36 37.94 -9.61
C GLY VA 340 -38.02 38.58 -9.34
N GLY VA 341 -36.96 37.80 -9.56
CA GLY VA 341 -35.62 38.26 -9.32
C GLY VA 341 -35.02 37.67 -8.07
N GLU VA 342 -34.08 38.38 -7.45
CA GLU VA 342 -33.52 37.93 -6.18
C GLU VA 342 -34.41 38.28 -5.00
N THR VA 343 -35.47 39.05 -5.22
CA THR VA 343 -36.41 39.40 -4.16
C THR VA 343 -37.45 38.33 -3.92
N GLN VA 344 -37.35 37.19 -4.59
CA GLN VA 344 -38.29 36.10 -4.36
C GLN VA 344 -38.18 35.54 -2.94
N ARG VA 345 -37.06 35.74 -2.26
CA ARG VA 345 -36.95 35.30 -0.88
C ARG VA 345 -37.75 36.17 0.07
N PHE VA 346 -38.12 37.37 -0.36
CA PHE VA 346 -38.86 38.33 0.46
C PHE VA 346 -40.31 38.43 0.02
N TRP VA 347 -40.89 37.32 -0.40
CA TRP VA 347 -42.26 37.31 -0.89
C TRP VA 347 -43.29 37.32 0.25
N ASP VA 348 -42.85 37.24 1.50
CA ASP VA 348 -43.72 37.29 2.65
C ASP VA 348 -44.00 38.71 3.11
N LEU VA 349 -43.53 39.71 2.37
CA LEU VA 349 -43.65 41.09 2.79
C LEU VA 349 -45.11 41.55 2.69
N ARG VA 350 -45.58 42.19 3.75
CA ARG VA 350 -46.87 42.89 3.76
C ARG VA 350 -46.60 44.37 3.99
N ALA VA 351 -47.02 45.20 3.05
CA ALA VA 351 -46.85 46.63 3.18
C ALA VA 351 -48.14 47.34 2.80
N PRO VA 352 -48.46 48.45 3.47
CA PRO VA 352 -49.70 49.16 3.16
C PRO VA 352 -49.76 49.72 1.75
N TRP VA 353 -48.62 49.92 1.10
CA TRP VA 353 -48.60 50.43 -0.27
C TRP VA 353 -48.69 49.33 -1.31
N ILE VA 354 -48.83 48.07 -0.89
CA ILE VA 354 -48.89 46.96 -1.84
C ILE VA 354 -50.05 46.02 -1.58
N GLU VA 355 -50.71 46.08 -0.43
CA GLU VA 355 -51.80 45.16 -0.11
C GLU VA 355 -53.07 45.45 -0.90
N PRO VA 356 -53.43 46.72 -1.18
CA PRO VA 356 -54.53 46.96 -2.11
C PRO VA 356 -54.30 46.38 -3.49
N LEU VA 357 -53.04 46.24 -3.91
CA LEU VA 357 -52.69 45.70 -5.20
C LEU VA 357 -52.40 44.20 -5.16
N ARG VA 358 -52.90 43.50 -4.15
CA ARG VA 358 -52.57 42.10 -3.94
C ARG VA 358 -53.84 41.28 -3.79
N GLY VA 359 -54.05 40.33 -4.70
CA GLY VA 359 -55.18 39.45 -4.63
C GLY VA 359 -54.88 38.18 -3.86
N PRO VA 360 -55.84 37.25 -3.81
CA PRO VA 360 -55.60 35.99 -3.10
C PRO VA 360 -54.58 35.08 -3.79
N ASN VA 361 -54.29 35.30 -5.06
CA ASN VA 361 -53.27 34.55 -5.77
C ASN VA 361 -51.93 35.26 -5.79
N GLY VA 362 -51.78 36.30 -4.97
CA GLY VA 362 -50.57 37.12 -5.01
C GLY VA 362 -50.86 38.47 -5.62
N LEU VA 363 -49.93 38.96 -6.45
CA LEU VA 363 -50.11 40.24 -7.10
C LEU VA 363 -51.05 40.08 -8.29
N ASP VA 364 -52.15 40.82 -8.28
CA ASP VA 364 -53.12 40.75 -9.37
C ASP VA 364 -52.67 41.68 -10.49
N LEU VA 365 -52.46 41.11 -11.68
CA LEU VA 365 -51.97 41.92 -12.80
C LEU VA 365 -52.96 43.00 -13.21
N ASN VA 366 -54.25 42.69 -13.20
CA ASN VA 366 -55.26 43.69 -13.55
C ASN VA 366 -55.28 44.82 -12.53
N LYS VA 367 -55.23 44.49 -11.24
CA LYS VA 367 -55.16 45.53 -10.21
C LYS VA 367 -53.84 46.28 -10.27
N ILE VA 368 -52.78 45.63 -10.74
CA ILE VA 368 -51.50 46.31 -10.93
C ILE VA 368 -51.61 47.34 -12.05
N LYS VA 369 -52.26 46.97 -13.16
CA LYS VA 369 -52.35 47.89 -14.29
C LYS VA 369 -53.51 48.87 -14.17
N ASN VA 370 -54.38 48.73 -13.17
CA ASN VA 370 -55.57 49.57 -13.10
C ASN VA 370 -55.72 50.34 -11.80
N ASP VA 371 -55.43 49.73 -10.65
CA ASP VA 371 -55.87 50.26 -9.36
C ASP VA 371 -54.73 50.86 -8.54
N ILE VA 372 -53.74 51.46 -9.20
CA ILE VA 372 -52.62 52.06 -8.48
C ILE VA 372 -53.02 53.47 -8.04
N GLN VA 373 -52.99 53.71 -6.73
CA GLN VA 373 -53.14 55.06 -6.25
C GLN VA 373 -51.77 55.75 -6.24
N PRO VA 374 -51.73 57.05 -6.54
CA PRO VA 374 -50.43 57.74 -6.64
C PRO VA 374 -49.61 57.72 -5.36
N TRP VA 375 -50.25 57.71 -4.19
CA TRP VA 375 -49.47 57.68 -2.95
C TRP VA 375 -48.70 56.37 -2.82
N GLN VA 376 -49.24 55.28 -3.35
CA GLN VA 376 -48.48 54.03 -3.38
C GLN VA 376 -47.25 54.16 -4.28
N GLU VA 377 -47.40 54.87 -5.41
CA GLU VA 377 -46.24 55.15 -6.25
C GLU VA 377 -45.20 55.97 -5.49
N ARG VA 378 -45.63 56.98 -4.76
CA ARG VA 378 -44.69 57.79 -3.99
C ARG VA 378 -43.99 56.96 -2.93
N ARG VA 379 -44.74 56.11 -2.22
CA ARG VA 379 -44.16 55.28 -1.17
C ARG VA 379 -43.14 54.30 -1.75
N ALA VA 380 -43.48 53.65 -2.86
CA ALA VA 380 -42.56 52.68 -3.45
C ALA VA 380 -41.34 53.36 -4.06
N ALA VA 381 -41.51 54.56 -4.61
CA ALA VA 381 -40.35 55.28 -5.14
C ALA VA 381 -39.44 55.77 -4.02
N GLU VA 382 -40.03 56.11 -2.87
CA GLU VA 382 -39.23 56.55 -1.73
C GLU VA 382 -38.47 55.41 -1.07
N TYR VA 383 -39.14 54.25 -0.89
CA TYR VA 383 -38.55 53.16 -0.13
C TYR VA 383 -37.46 52.42 -0.89
N MET VA 384 -37.42 52.51 -2.22
CA MET VA 384 -36.49 51.71 -2.99
C MET VA 384 -35.06 52.23 -2.92
N THR VA 385 -34.86 53.48 -2.51
CA THR VA 385 -33.53 54.08 -2.49
C THR VA 385 -32.85 53.99 -1.14
N HIS VA 386 -33.58 54.20 -0.06
CA HIS VA 386 -33.00 54.17 1.29
C HIS VA 386 -33.13 52.76 1.87
N ALA VA 387 -32.43 51.83 1.24
CA ALA VA 387 -32.41 50.46 1.70
C ALA VA 387 -31.59 50.34 2.97
N PRO VA 388 -31.93 49.39 3.86
CA PRO VA 388 -31.13 49.20 5.07
C PRO VA 388 -29.79 48.54 4.81
N LEU VA 389 -28.90 49.26 4.12
CA LEU VA 389 -27.53 48.80 3.89
C LEU VA 389 -26.59 49.96 4.17
N GLY VA 390 -25.73 49.81 5.16
CA GLY VA 390 -24.84 50.89 5.55
C GLY VA 390 -23.59 50.36 6.21
N SER VA 391 -22.79 51.29 6.72
CA SER VA 391 -21.49 50.97 7.30
C SER VA 391 -21.36 51.63 8.68
N LEU VA 392 -20.31 51.25 9.39
CA LEU VA 392 -20.06 51.81 10.72
C LEU VA 392 -19.62 53.26 10.66
N ASN VA 393 -19.01 53.69 9.55
CA ASN VA 393 -18.70 55.10 9.36
C ASN VA 393 -19.81 55.83 8.62
N SER VA 394 -21.00 55.25 8.57
CA SER VA 394 -22.20 55.90 8.03
C SER VA 394 -22.01 56.29 6.56
N VAL VA 395 -21.76 55.27 5.74
CA VAL VA 395 -21.69 55.42 4.28
C VAL VA 395 -22.80 54.58 3.67
N GLY VA 396 -23.63 55.21 2.84
CA GLY VA 396 -24.78 54.52 2.29
C GLY VA 396 -24.41 53.53 1.21
N GLY VA 397 -25.36 52.64 0.93
CA GLY VA 397 -25.19 51.66 -0.12
C GLY VA 397 -24.44 50.42 0.33
N VAL VA 398 -24.02 49.64 -0.66
CA VAL VA 398 -23.27 48.41 -0.42
C VAL VA 398 -21.85 48.76 -0.02
N ALA VA 399 -21.10 47.77 0.45
CA ALA VA 399 -19.74 47.98 0.93
C ALA VA 399 -18.78 48.42 -0.16
N THR VA 400 -19.16 48.29 -1.44
CA THR VA 400 -18.32 48.70 -2.56
C THR VA 400 -18.75 50.03 -3.15
N GLU VA 401 -19.27 50.94 -2.33
CA GLU VA 401 -19.71 52.25 -2.77
C GLU VA 401 -18.73 53.32 -2.29
N ILE VA 402 -18.75 54.46 -2.99
CA ILE VA 402 -17.84 55.56 -2.69
C ILE VA 402 -18.40 56.39 -1.54
N ASN VA 403 -17.57 57.26 -0.97
CA ASN VA 403 -17.94 58.05 0.20
C ASN VA 403 -18.65 59.32 -0.25
N SER VA 404 -19.89 59.16 -0.70
CA SER VA 404 -20.74 60.30 -1.01
C SER VA 404 -22.15 60.20 -0.44
N VAL VA 405 -22.62 59.02 -0.06
CA VAL VA 405 -23.95 58.84 0.52
C VAL VA 405 -23.78 58.62 2.02
N ASN VA 406 -24.53 59.37 2.82
CA ASN VA 406 -24.45 59.33 4.28
C ASN VA 406 -25.79 58.83 4.81
N TYR VA 407 -25.93 57.51 4.91
CA TYR VA 407 -27.20 56.94 5.38
C TYR VA 407 -26.98 55.53 5.89
N VAL VA 408 -27.39 55.29 7.14
CA VAL VA 408 -27.59 53.95 7.68
C VAL VA 408 -28.97 53.92 8.31
N SER VA 409 -29.73 52.87 8.00
CA SER VA 409 -31.13 52.83 8.39
C SER VA 409 -31.28 52.78 9.91
N PRO VA 410 -32.25 53.49 10.48
CA PRO VA 410 -32.52 53.33 11.92
C PRO VA 410 -32.90 51.91 12.29
N ARG VA 411 -33.56 51.18 11.38
CA ARG VA 411 -33.85 49.78 11.64
C ARG VA 411 -32.58 48.98 11.84
N SER VA 412 -31.56 49.24 11.03
CA SER VA 412 -30.28 48.56 11.20
C SER VA 412 -29.67 48.88 12.55
N TRP VA 413 -29.68 50.15 12.95
CA TRP VA 413 -29.11 50.53 14.24
C TRP VA 413 -29.84 49.84 15.38
N LEU VA 414 -31.16 49.92 15.41
CA LEU VA 414 -31.92 49.31 16.48
C LEU VA 414 -31.72 47.80 16.52
N THR VA 415 -31.80 47.14 15.35
CA THR VA 415 -31.66 45.70 15.31
C THR VA 415 -30.27 45.25 15.75
N CYS VA 416 -29.22 45.88 15.23
CA CYS VA 416 -27.87 45.49 15.61
C CYS VA 416 -27.61 45.75 17.08
N ALA VA 417 -28.01 46.92 17.58
CA ALA VA 417 -27.77 47.24 18.98
C ALA VA 417 -28.49 46.26 19.90
N HIS VA 418 -29.75 45.96 19.62
CA HIS VA 418 -30.47 45.09 20.52
C HIS VA 418 -30.12 43.63 20.34
N PHE VA 419 -29.64 43.21 19.17
CA PHE VA 419 -29.09 41.86 19.05
C PHE VA 419 -27.79 41.73 19.84
N PHE VA 420 -26.92 42.75 19.74
CA PHE VA 420 -25.71 42.79 20.55
C PHE VA 420 -26.05 42.69 22.04
N LEU VA 421 -27.02 43.49 22.49
CA LEU VA 421 -27.36 43.50 23.91
C LEU VA 421 -28.06 42.21 24.33
N GLY VA 422 -28.86 41.61 23.45
CA GLY VA 422 -29.47 40.34 23.79
C GLY VA 422 -28.45 39.24 23.96
N PHE VA 423 -27.46 39.17 23.07
CA PHE VA 423 -26.41 38.18 23.25
C PHE VA 423 -25.59 38.47 24.50
N ALA VA 424 -25.25 39.73 24.74
CA ALA VA 424 -24.48 40.08 25.92
C ALA VA 424 -25.22 39.72 27.20
N PHE VA 425 -26.53 39.93 27.23
CA PHE VA 425 -27.29 39.59 28.42
C PHE VA 425 -27.56 38.10 28.54
N TYR VA 426 -27.55 37.35 27.44
CA TYR VA 426 -27.50 35.91 27.57
C TYR VA 426 -26.19 35.46 28.22
N ILE VA 427 -25.08 36.09 27.83
CA ILE VA 427 -23.80 35.79 28.47
C ILE VA 427 -23.87 36.12 29.96
N GLY VA 428 -24.44 37.27 30.30
CA GLY VA 428 -24.62 37.63 31.69
C GLY VA 428 -25.51 36.65 32.44
N HIS VA 429 -26.57 36.17 31.80
CA HIS VA 429 -27.42 35.17 32.42
C HIS VA 429 -26.64 33.91 32.72
N LEU VA 430 -25.85 33.44 31.76
CA LEU VA 430 -25.08 32.22 32.00
C LEU VA 430 -24.09 32.42 33.14
N TRP VA 431 -23.40 33.56 33.14
CA TRP VA 431 -22.44 33.85 34.22
C TRP VA 431 -23.13 33.86 35.57
N HIS VA 432 -24.22 34.60 35.69
CA HIS VA 432 -24.85 34.77 36.99
C HIS VA 432 -25.61 33.52 37.43
N ALA VA 433 -26.18 32.75 36.50
CA ALA VA 433 -26.81 31.50 36.89
C ALA VA 433 -25.79 30.49 37.38
N GLY VA 434 -24.66 30.38 36.68
CA GLY VA 434 -23.61 29.51 37.16
C GLY VA 434 -23.11 29.94 38.53
N ARG VA 435 -22.87 31.23 38.71
CA ARG VA 435 -22.34 31.67 40.00
C ARG VA 435 -23.39 31.56 41.10
N ALA VA 436 -24.67 31.75 40.77
CA ALA VA 436 -25.71 31.57 41.78
C ALA VA 436 -25.79 30.12 42.23
N ARG VA 437 -25.73 29.18 41.29
CA ARG VA 437 -25.72 27.77 41.67
C ARG VA 437 -24.48 27.44 42.51
N ALA VA 438 -23.32 27.95 42.10
CA ALA VA 438 -22.09 27.61 42.82
C ALA VA 438 -22.03 28.25 44.21
N ALA VA 439 -22.62 29.45 44.36
CA ALA VA 439 -22.65 30.10 45.66
C ALA VA 439 -23.72 29.51 46.56
N ALA VA 440 -24.83 29.03 46.00
CA ALA VA 440 -25.83 28.34 46.81
C ALA VA 440 -25.29 27.00 47.30
N ALA VA 441 -24.66 26.24 46.40
CA ALA VA 441 -24.07 24.97 46.81
C ALA VA 441 -22.85 25.19 47.69
N GLY VA 442 -22.07 26.23 47.42
CA GLY VA 442 -21.00 26.61 48.32
C GLY VA 442 -19.60 26.30 47.84
N PHE VA 443 -19.39 26.31 46.53
CA PHE VA 443 -18.05 26.14 45.97
C PHE VA 443 -17.78 27.17 44.89
N GLU VA 444 -18.24 28.40 45.10
CA GLU VA 444 -17.96 29.48 44.15
C GLU VA 444 -16.58 30.09 44.36
N LYS VA 445 -15.93 29.82 45.48
CA LYS VA 445 -14.60 30.34 45.75
C LYS VA 445 -13.50 29.33 45.44
N GLY VA 446 -13.85 28.15 44.95
CA GLY VA 446 -12.88 27.15 44.58
C GLY VA 446 -13.17 25.82 45.25
N ILE VA 447 -12.33 24.85 44.93
CA ILE VA 447 -12.48 23.48 45.43
C ILE VA 447 -11.86 23.39 46.82
N ASN VA 448 -12.56 22.74 47.73
CA ASN VA 448 -12.02 22.52 49.07
C ASN VA 448 -10.91 21.49 49.03
N ARG VA 449 -9.75 21.85 49.57
CA ARG VA 449 -8.62 20.93 49.56
C ARG VA 449 -8.84 19.74 50.48
N GLU VA 450 -9.54 19.96 51.61
CA GLU VA 450 -9.72 18.88 52.58
C GLU VA 450 -10.65 17.80 52.04
N ASN VA 451 -11.75 18.20 51.38
CA ASN VA 451 -12.72 17.26 50.82
C ASN VA 451 -12.93 17.63 49.36
N GLU VA 452 -12.07 17.11 48.49
CA GLU VA 452 -12.27 17.31 47.07
C GLU VA 452 -13.28 16.29 46.55
N PRO VA 453 -14.36 16.74 45.91
CA PRO VA 453 -15.39 15.78 45.46
C PRO VA 453 -14.86 14.75 44.49
N THR VA 454 -13.89 15.11 43.66
CA THR VA 454 -13.40 14.16 42.65
C THR VA 454 -12.58 13.05 43.30
N LEU VA 455 -11.81 13.37 44.32
CA LEU VA 455 -10.96 12.36 44.95
C LEU VA 455 -11.76 11.28 45.66
N SER VA 456 -13.01 11.56 46.02
CA SER VA 456 -13.85 10.57 46.69
C SER VA 456 -14.67 9.75 45.72
N LEU VA 457 -14.52 9.97 44.41
CA LEU VA 457 -15.23 9.20 43.41
C LEU VA 457 -14.37 8.04 42.91
N ARG VA 458 -15.03 7.03 42.37
CA ARG VA 458 -14.31 5.95 41.70
C ARG VA 458 -13.70 6.46 40.41
N PRO VA 459 -12.51 5.98 40.06
CA PRO VA 459 -11.95 6.31 38.75
C PRO VA 459 -12.86 5.83 37.63
N ILE VA 460 -12.93 6.63 36.57
CA ILE VA 460 -13.99 6.45 35.59
C ILE VA 460 -13.66 5.37 34.56
N ASP VA 461 -12.39 5.10 34.30
CA ASP VA 461 -12.03 4.10 33.31
C ASP VA 461 -11.46 2.86 33.99
N UNK WA 1 -70.24 26.50 60.62
CA UNK WA 1 -69.47 25.94 61.74
C UNK WA 1 -70.16 24.70 62.30
N UNK WA 2 -69.44 23.96 63.14
CA UNK WA 2 -69.95 22.71 63.69
C UNK WA 2 -70.87 22.91 64.89
N UNK WA 3 -71.01 24.14 65.39
CA UNK WA 3 -71.86 24.43 66.53
C UNK WA 3 -73.10 25.18 66.09
N UNK WA 4 -74.23 24.89 66.75
CA UNK WA 4 -75.48 25.56 66.42
C UNK WA 4 -75.41 27.03 66.82
N UNK WA 5 -75.20 27.30 68.11
CA UNK WA 5 -74.96 28.66 68.56
C UNK WA 5 -73.50 29.03 68.31
N UNK WA 6 -73.22 30.33 68.35
CA UNK WA 6 -71.87 30.80 68.13
C UNK WA 6 -70.99 30.48 69.34
N UNK WA 7 -69.69 30.39 69.08
CA UNK WA 7 -68.74 30.14 70.15
C UNK WA 7 -68.54 31.41 70.98
N UNK WA 8 -67.94 31.24 72.15
CA UNK WA 8 -67.70 32.37 73.03
C UNK WA 8 -66.67 33.31 72.41
N UNK WA 9 -66.93 34.61 72.52
CA UNK WA 9 -66.06 35.66 71.98
C UNK WA 9 -65.85 35.46 70.48
N UNK WA 10 -66.94 35.19 69.77
CA UNK WA 10 -66.87 35.05 68.33
C UNK WA 10 -66.72 36.42 67.66
N UNK WA 11 -66.04 36.43 66.51
CA UNK WA 11 -65.79 37.67 65.80
C UNK WA 11 -67.00 38.15 65.00
N UNK WA 12 -68.07 37.37 64.95
CA UNK WA 12 -69.32 37.74 64.27
C UNK WA 12 -69.12 37.93 62.76
N UNK WA 13 -70.23 38.12 62.05
CA UNK WA 13 -70.20 38.19 60.59
C UNK WA 13 -69.96 39.63 60.14
N UNK WA 14 -68.91 39.84 59.34
CA UNK WA 14 -68.58 41.14 58.79
C UNK WA 14 -68.19 41.02 57.32
N UNK WA 15 -68.84 40.11 56.60
CA UNK WA 15 -68.70 39.96 55.16
C UNK WA 15 -67.28 39.61 54.72
N UNK WA 16 -66.37 39.44 55.66
CA UNK WA 16 -65.00 39.05 55.35
C UNK WA 16 -64.55 37.85 56.15
N UNK WA 17 -64.95 37.74 57.41
CA UNK WA 17 -64.65 36.56 58.21
C UNK WA 17 -65.56 35.39 57.91
N UNK WA 18 -66.60 35.59 57.09
CA UNK WA 18 -67.55 34.54 56.76
C UNK WA 18 -67.09 33.64 55.62
N UNK WA 19 -66.01 34.02 54.92
CA UNK WA 19 -65.53 33.21 53.81
C UNK WA 19 -64.90 31.91 54.27
N UNK WA 20 -64.22 31.92 55.41
CA UNK WA 20 -63.66 30.72 56.03
C UNK WA 20 -64.42 30.38 57.29
N UNK WA 21 -63.95 29.37 58.01
CA UNK WA 21 -64.62 28.91 59.23
C UNK WA 21 -64.12 29.69 60.45
N UNK WA 22 -64.26 31.01 60.36
CA UNK WA 22 -63.88 31.90 61.45
C UNK WA 22 -65.02 32.78 61.91
N UNK WA 23 -66.20 32.68 61.29
CA UNK WA 23 -67.35 33.47 61.73
C UNK WA 23 -67.84 33.02 63.10
N UNK WA 24 -67.83 31.71 63.35
CA UNK WA 24 -68.27 31.13 64.62
C UNK WA 24 -67.10 30.30 65.17
N UNK WA 25 -66.19 30.96 65.87
CA UNK WA 25 -65.04 30.30 66.47
C UNK WA 25 -64.42 31.23 67.49
N UNK WA 26 -63.61 30.66 68.37
CA UNK WA 26 -62.90 31.44 69.36
C UNK WA 26 -61.66 32.08 68.74
N UNK WA 27 -61.05 33.00 69.48
CA UNK WA 27 -59.82 33.64 69.00
C UNK WA 27 -58.67 32.66 68.93
N UNK WA 28 -58.53 31.81 69.96
CA UNK WA 28 -57.47 30.81 69.94
C UNK WA 28 -57.71 29.75 68.88
N UNK WA 29 -58.97 29.34 68.70
CA UNK WA 29 -59.28 28.39 67.63
C UNK WA 29 -59.00 29.00 66.26
N UNK WA 30 -59.33 30.28 66.07
CA UNK WA 30 -59.01 30.96 64.82
C UNK WA 30 -57.50 31.04 64.61
N UNK WA 31 -56.74 31.32 65.66
CA UNK WA 31 -55.28 31.37 65.54
C UNK WA 31 -54.72 30.00 65.17
N UNK WA 32 -55.24 28.94 65.79
CA UNK WA 32 -54.77 27.59 65.46
C UNK WA 32 -55.12 27.23 64.01
N UNK WA 33 -56.32 27.57 63.56
CA UNK WA 33 -56.69 27.32 62.18
C UNK WA 33 -55.84 28.13 61.21
N UNK WA 34 -55.53 29.38 61.54
CA UNK WA 34 -54.66 30.18 60.69
C UNK WA 34 -53.25 29.60 60.64
N UNK WA 35 -52.74 29.11 61.77
CA UNK WA 35 -51.42 28.47 61.77
C UNK WA 35 -51.43 27.20 60.92
N UNK WA 36 -52.48 26.40 61.03
CA UNK WA 36 -52.57 25.19 60.21
C UNK WA 36 -52.66 25.53 58.72
N UNK WA 37 -53.43 26.57 58.38
CA UNK WA 37 -53.55 26.97 56.98
C UNK WA 37 -52.25 27.55 56.44
N UNK WA 38 -51.50 28.28 57.27
CA UNK WA 38 -50.20 28.79 56.85
C UNK WA 38 -49.19 27.68 56.69
N UNK WA 39 -49.26 26.64 57.52
CA UNK WA 39 -48.33 25.53 57.41
C UNK WA 39 -48.66 24.60 56.26
N UNK WA 40 -49.95 24.43 55.93
CA UNK WA 40 -50.38 23.44 54.96
C UNK WA 40 -50.87 24.03 53.65
N UNK WA 41 -50.76 25.35 53.45
CA UNK WA 41 -51.22 25.95 52.22
C UNK WA 41 -50.37 27.17 51.90
N UNK WA 42 -50.36 27.53 50.62
CA UNK WA 42 -49.60 28.68 50.14
C UNK WA 42 -50.46 29.92 49.95
N UNK WA 43 -51.76 29.85 50.27
CA UNK WA 43 -52.66 30.98 50.09
C UNK WA 43 -52.72 31.86 51.36
N UNK WA 44 -51.53 32.26 51.82
CA UNK WA 44 -51.42 33.16 52.97
C UNK WA 44 -50.10 33.89 52.81
N UNK WA 45 -50.16 35.18 52.47
CA UNK WA 45 -48.96 35.89 52.04
C UNK WA 45 -49.01 37.33 52.51
N UNK WA 46 -47.85 37.98 52.46
CA UNK WA 46 -47.72 39.37 52.88
C UNK WA 46 -48.33 40.30 51.83
N UNK WA 47 -48.96 41.36 52.30
CA UNK WA 47 -49.59 42.33 51.42
C UNK WA 47 -48.56 43.36 50.94
N UNK WA 48 -49.02 44.29 50.12
CA UNK WA 48 -48.14 45.31 49.59
C UNK WA 48 -47.77 46.33 50.67
N UNK WA 49 -46.75 47.12 50.39
CA UNK WA 49 -46.30 48.14 51.33
C UNK WA 49 -47.35 49.24 51.47
N UNK WA 50 -47.29 49.93 52.60
CA UNK WA 50 -48.23 51.02 52.91
C UNK WA 50 -49.68 50.54 52.86
N UNK WA 51 -49.93 49.33 53.39
CA UNK WA 51 -51.26 48.78 53.50
C UNK WA 51 -51.71 48.55 54.94
N UNK WA 52 -50.78 48.57 55.90
CA UNK WA 52 -51.08 48.45 57.33
C UNK WA 52 -51.76 47.13 57.68
N UNK WA 53 -51.46 46.07 56.93
CA UNK WA 53 -52.00 44.74 57.24
C UNK WA 53 -51.00 43.70 56.76
N UNK WA 54 -50.12 43.27 57.68
CA UNK WA 54 -49.12 42.23 57.42
C UNK WA 54 -48.30 42.55 56.18
N UNK WA 55 -47.75 43.76 56.15
CA UNK WA 55 -46.96 44.23 55.02
C UNK WA 55 -45.47 43.94 55.17
N UNK WA 56 -45.05 43.29 56.26
CA UNK WA 56 -43.64 43.11 56.56
C UNK WA 56 -43.32 41.63 56.67
N UNK WA 57 -42.24 41.22 56.02
CA UNK WA 57 -41.60 39.90 56.17
C UNK WA 57 -42.62 38.82 55.78
N UNK WA 58 -42.61 37.66 56.46
CA UNK WA 58 -43.50 36.56 56.13
C UNK WA 58 -43.85 35.82 57.41
N UNK WA 59 -44.85 34.94 57.30
CA UNK WA 59 -45.34 34.19 58.45
C UNK WA 59 -44.67 32.83 58.49
N UNK WA 60 -44.18 32.45 59.67
CA UNK WA 60 -43.57 31.15 59.93
C UNK WA 60 -42.40 30.88 59.00
N UNK WA 61 -41.44 31.82 59.00
CA UNK WA 61 -40.20 31.61 58.27
C UNK WA 61 -39.33 30.61 59.00
N UNK WA 62 -38.66 29.73 58.24
CA UNK WA 62 -37.85 28.68 58.82
C UNK WA 62 -36.45 29.22 59.14
N UNK WA 63 -35.56 28.32 59.54
CA UNK WA 63 -34.19 28.69 59.88
C UNK WA 63 -33.24 28.28 58.76
N UNK WA 64 -32.06 28.89 58.77
CA UNK WA 64 -31.04 28.60 57.77
C UNK WA 64 -30.37 27.26 58.03
N MET XA 1 33.96 -7.96 23.13
CA MET XA 1 33.83 -6.72 22.37
C MET XA 1 32.51 -6.69 21.61
N SER XA 2 32.38 -7.55 20.62
CA SER XA 2 31.10 -7.73 19.93
C SER XA 2 30.14 -8.36 20.93
N GLY XA 3 29.24 -7.54 21.47
CA GLY XA 3 28.42 -7.95 22.58
C GLY XA 3 27.65 -6.79 23.16
N PRO XA 4 27.76 -6.60 24.46
CA PRO XA 4 26.93 -5.59 25.15
C PRO XA 4 27.42 -4.18 24.83
N ASN XA 5 26.66 -3.48 24.01
CA ASN XA 5 26.89 -2.06 23.81
C ASN XA 5 26.28 -1.29 24.96
N PRO XA 6 27.06 -0.46 25.67
CA PRO XA 6 26.51 0.23 26.85
C PRO XA 6 25.49 1.31 26.52
N ASN XA 7 25.36 1.72 25.26
CA ASN XA 7 24.45 2.78 24.87
C ASN XA 7 23.09 2.26 24.45
N LYS XA 8 22.82 0.97 24.64
CA LYS XA 8 21.53 0.39 24.30
C LYS XA 8 20.47 0.92 25.25
N GLN XA 9 19.41 1.51 24.70
CA GLN XA 9 18.32 2.06 25.49
C GLN XA 9 16.99 1.56 24.98
N PRO XA 10 16.04 1.29 25.87
CA PRO XA 10 14.69 0.91 25.43
C PRO XA 10 13.92 2.10 24.87
N VAL XA 11 12.94 1.79 24.03
CA VAL XA 11 12.11 2.79 23.37
C VAL XA 11 10.66 2.57 23.79
N GLU XA 12 10.00 3.65 24.19
CA GLU XA 12 8.64 3.59 24.68
C GLU XA 12 7.70 4.39 23.80
N LEU XA 13 6.43 4.01 23.83
CA LEU XA 13 5.37 4.78 23.19
C LEU XA 13 4.08 4.44 23.92
N ASN XA 14 3.62 5.34 24.78
CA ASN XA 14 2.40 5.08 25.54
C ASN XA 14 1.18 5.20 24.64
N ARG XA 15 0.01 4.84 25.19
CA ARG XA 15 -1.20 4.80 24.37
C ARG XA 15 -1.63 6.20 23.93
N THR XA 16 -1.37 7.22 24.74
CA THR XA 16 -1.70 8.59 24.34
C THR XA 16 -0.92 8.99 23.09
N SER XA 17 0.38 8.68 23.06
CA SER XA 17 1.18 8.98 21.89
C SER XA 17 0.72 8.17 20.68
N LEU XA 18 0.34 6.91 20.89
CA LEU XA 18 -0.16 6.09 19.80
C LEU XA 18 -1.41 6.71 19.19
N PHE XA 19 -2.34 7.14 20.03
CA PHE XA 19 -3.57 7.74 19.53
C PHE XA 19 -3.31 9.08 18.86
N TRP XA 20 -2.39 9.88 19.40
CA TRP XA 20 -2.04 11.14 18.74
C TRP XA 20 -1.42 10.88 17.38
N GLY XA 21 -0.53 9.90 17.27
CA GLY XA 21 0.08 9.59 15.99
C GLY XA 21 -0.93 9.06 14.99
N LEU XA 22 -1.84 8.19 15.43
CA LEU XA 22 -2.88 7.69 14.53
C LEU XA 22 -3.76 8.83 14.05
N LEU XA 23 -4.17 9.72 14.97
CA LEU XA 23 -4.99 10.86 14.57
C LEU XA 23 -4.25 11.75 13.59
N LEU XA 24 -2.97 12.02 13.86
CA LEU XA 24 -2.19 12.88 12.97
C LEU XA 24 -2.09 12.28 11.58
N ILE XA 25 -1.76 10.99 11.48
CA ILE XA 25 -1.57 10.37 10.18
C ILE XA 25 -2.89 10.29 9.43
N PHE XA 26 -3.98 9.92 10.11
CA PHE XA 26 -5.25 9.81 9.43
C PHE XA 26 -5.79 11.17 9.00
N VAL XA 27 -5.61 12.20 9.82
CA VAL XA 27 -6.06 13.54 9.44
C VAL XA 27 -5.21 14.07 8.29
N LEU XA 28 -3.90 13.80 8.30
CA LEU XA 28 -3.06 14.20 7.17
C LEU XA 28 -3.48 13.49 5.89
N ALA XA 29 -3.81 12.20 5.98
CA ALA XA 29 -4.30 11.49 4.81
C ALA XA 29 -5.60 12.08 4.31
N VAL XA 30 -6.53 12.38 5.22
CA VAL XA 30 -7.79 13.02 4.83
C VAL XA 30 -7.53 14.35 4.13
N LEU XA 31 -6.56 15.12 4.64
CA LEU XA 31 -6.30 16.44 4.08
C LEU XA 31 -5.65 16.35 2.71
N PHE XA 32 -4.64 15.49 2.56
CA PHE XA 32 -3.83 15.46 1.35
C PHE XA 32 -4.33 14.47 0.30
N SER XA 33 -5.34 13.65 0.61
CA SER XA 33 -5.85 12.71 -0.39
C SER XA 33 -6.51 13.45 -1.54
N SER XA 34 -7.21 14.54 -1.24
CA SER XA 34 -7.87 15.30 -2.30
C SER XA 34 -6.87 15.94 -3.25
N TYR XA 35 -5.69 16.28 -2.76
CA TYR XA 35 -4.68 16.92 -3.58
C TYR XA 35 -3.80 15.93 -4.31
N PHE XA 36 -3.53 14.76 -3.71
CA PHE XA 36 -2.81 13.73 -4.42
C PHE XA 36 -3.64 13.19 -5.57
N PHE XA 37 -4.95 13.04 -5.38
CA PHE XA 37 -5.83 12.51 -6.41
C PHE XA 37 -6.03 13.49 -7.56
N ASN XA 38 -5.78 14.77 -7.36
CA ASN XA 38 -6.02 15.77 -8.40
C ASN XA 38 -4.85 16.71 -8.58
N LEU YA 47 -79.76 52.21 66.51
CA LEU YA 47 -79.00 51.35 65.64
C LEU YA 47 -79.53 51.41 64.21
N ALA YA 48 -78.63 51.68 63.25
CA ALA YA 48 -79.06 51.84 61.86
C ALA YA 48 -79.57 50.53 61.27
N VAL YA 49 -78.87 49.43 61.52
CA VAL YA 49 -79.29 48.12 61.02
C VAL YA 49 -79.80 47.30 62.20
N PRO YA 50 -81.12 47.17 62.36
CA PRO YA 50 -81.64 46.48 63.56
C PRO YA 50 -81.51 44.98 63.53
N PHE YA 51 -81.46 44.35 62.35
CA PHE YA 51 -81.35 42.90 62.27
C PHE YA 51 -79.91 42.41 62.36
N LEU YA 52 -78.93 43.31 62.43
CA LEU YA 52 -77.55 42.95 62.63
C LEU YA 52 -77.05 43.51 63.96
N GLU YA 53 -75.96 42.96 64.44
CA GLU YA 53 -75.37 43.42 65.69
C GLU YA 53 -74.68 44.77 65.49
N ARG YA 54 -74.42 45.44 66.59
CA ARG YA 54 -73.62 46.66 66.55
C ARG YA 54 -72.17 46.29 66.26
N PRO YA 55 -71.52 46.97 65.31
CA PRO YA 55 -70.11 46.68 65.01
C PRO YA 55 -69.24 46.86 66.24
N PRO YA 56 -68.25 45.98 66.43
CA PRO YA 56 -67.46 46.02 67.66
C PRO YA 56 -66.62 47.26 67.83
N MET YA 57 -66.20 47.90 66.73
CA MET YA 57 -65.31 49.05 66.81
C MET YA 57 -66.04 50.39 66.81
N LEU YA 58 -67.38 50.38 66.75
CA LEU YA 58 -68.16 51.62 66.72
C LEU YA 58 -68.75 51.84 68.11
N ASP YA 59 -67.96 52.47 68.97
CA ASP YA 59 -68.42 52.78 70.32
C ASP YA 59 -69.37 53.97 70.35
N GLY YA 60 -69.18 54.94 69.46
CA GLY YA 60 -70.01 56.13 69.45
C GLY YA 60 -69.24 57.39 69.77
N SER YA 61 -67.91 57.29 69.75
CA SER YA 61 -67.07 58.44 70.06
C SER YA 61 -67.08 59.47 68.93
N TYR YA 62 -67.08 59.02 67.69
CA TYR YA 62 -67.09 59.93 66.56
C TYR YA 62 -68.51 60.46 66.29
N ALA YA 63 -68.56 61.57 65.56
CA ALA YA 63 -69.83 62.18 65.22
C ALA YA 63 -70.49 61.44 64.06
N GLY YA 64 -71.79 61.19 64.20
CA GLY YA 64 -72.53 60.48 63.18
C GLY YA 64 -72.45 58.97 63.28
N ASP YA 65 -71.94 58.43 64.38
CA ASP YA 65 -71.84 56.99 64.56
C ASP YA 65 -73.17 56.46 65.08
N ILE YA 66 -73.88 55.72 64.24
CA ILE YA 66 -75.12 55.06 64.62
C ILE YA 66 -74.99 53.55 64.49
N GLY YA 67 -73.77 53.03 64.53
CA GLY YA 67 -73.54 51.61 64.37
C GLY YA 67 -73.89 51.08 62.99
N PHE YA 68 -73.53 51.82 61.93
CA PHE YA 68 -73.80 51.41 60.56
C PHE YA 68 -72.50 50.96 59.91
N ASP YA 69 -72.19 49.67 60.04
CA ASP YA 69 -71.11 49.05 59.27
C ASP YA 69 -71.39 47.56 59.17
N PRO YA 70 -72.30 47.17 58.28
CA PRO YA 70 -72.57 45.73 58.13
C PRO YA 70 -71.42 44.98 57.48
N VAL YA 71 -70.75 45.60 56.49
CA VAL YA 71 -69.64 44.95 55.81
C VAL YA 71 -68.36 44.96 56.64
N GLY YA 72 -68.36 45.68 57.77
CA GLY YA 72 -67.28 45.56 58.73
C GLY YA 72 -65.95 46.17 58.35
N PHE YA 73 -65.97 47.36 57.74
CA PHE YA 73 -64.71 48.06 57.51
C PHE YA 73 -64.14 48.66 58.78
N SER YA 74 -64.97 48.84 59.81
CA SER YA 74 -64.46 49.31 61.10
C SER YA 74 -63.43 48.35 61.65
N ASN YA 75 -63.72 47.05 61.57
CA ASN YA 75 -62.73 46.04 61.87
C ASN YA 75 -61.75 45.91 60.71
N TYR YA 76 -60.59 45.33 61.00
CA TYR YA 76 -59.54 45.05 60.03
C TYR YA 76 -58.95 46.30 59.39
N PHE YA 77 -59.23 47.49 59.94
CA PHE YA 77 -58.68 48.73 59.42
C PHE YA 77 -58.52 49.70 60.58
N ASP YA 78 -58.02 50.90 60.26
CA ASP YA 78 -57.85 51.96 61.23
C ASP YA 78 -59.06 52.88 61.17
N LEU YA 79 -59.76 53.03 62.30
CA LEU YA 79 -60.96 53.84 62.33
C LEU YA 79 -60.65 55.33 62.14
N ARG YA 80 -59.49 55.78 62.64
CA ARG YA 80 -59.08 57.16 62.40
C ARG YA 80 -58.82 57.40 60.92
N TRP YA 81 -58.19 56.43 60.24
CA TRP YA 81 -57.98 56.56 58.81
C TRP YA 81 -59.30 56.66 58.06
N LEU YA 82 -60.26 55.80 58.41
CA LEU YA 82 -61.57 55.85 57.77
C LEU YA 82 -62.31 57.14 58.07
N ARG YA 83 -62.18 57.66 59.31
CA ARG YA 83 -62.84 58.91 59.64
C ARG YA 83 -62.26 60.09 58.87
N GLU YA 84 -60.93 60.15 58.76
CA GLU YA 84 -60.33 61.22 57.96
C GLU YA 84 -60.66 61.06 56.48
N ALA YA 85 -60.71 59.83 55.98
CA ALA YA 85 -61.12 59.63 54.58
C ALA YA 85 -62.55 60.07 54.36
N GLU YA 86 -63.45 59.75 55.29
CA GLU YA 86 -64.84 60.16 55.18
C GLU YA 86 -64.95 61.68 55.21
N LEU YA 87 -64.24 62.34 56.13
CA LEU YA 87 -64.29 63.79 56.18
C LEU YA 87 -63.70 64.41 54.92
N LYS YA 88 -62.61 63.85 54.38
CA LYS YA 88 -62.00 64.40 53.18
C LYS YA 88 -62.92 64.25 51.96
N HIS YA 89 -63.51 63.07 51.79
CA HIS YA 89 -64.46 62.87 50.70
C HIS YA 89 -65.66 63.80 50.86
N GLY YA 90 -66.17 63.93 52.10
CA GLY YA 90 -67.30 64.80 52.34
C GLY YA 90 -66.99 66.25 52.01
N ARG YA 91 -65.82 66.75 52.43
CA ARG YA 91 -65.46 68.12 52.15
C ARG YA 91 -65.24 68.34 50.66
N VAL YA 92 -64.58 67.40 49.98
CA VAL YA 92 -64.34 67.56 48.55
C VAL YA 92 -65.64 67.60 47.78
N CYS YA 93 -66.54 66.64 48.04
CA CYS YA 93 -67.84 66.66 47.37
C CYS YA 93 -68.68 67.85 47.82
N MET YA 94 -68.48 68.32 49.04
CA MET YA 94 -69.24 69.43 49.57
C MET YA 94 -68.90 70.72 48.83
N LEU YA 95 -67.62 70.93 48.53
CA LEU YA 95 -67.25 72.04 47.68
C LEU YA 95 -67.58 71.77 46.21
N GLY YA 96 -67.56 70.51 45.78
CA GLY YA 96 -67.86 70.18 44.40
C GLY YA 96 -69.30 70.44 44.02
N VAL YA 97 -70.24 70.19 44.92
CA VAL YA 97 -71.64 70.48 44.63
C VAL YA 97 -71.84 71.99 44.41
N VAL YA 98 -71.24 72.81 45.28
CA VAL YA 98 -71.32 74.25 45.09
C VAL YA 98 -70.62 74.67 43.81
N GLY YA 99 -69.52 74.02 43.45
CA GLY YA 99 -68.88 74.32 42.19
C GLY YA 99 -69.75 74.00 40.99
N PHE YA 100 -70.43 72.86 41.03
CA PHE YA 100 -71.37 72.50 39.96
C PHE YA 100 -72.53 73.48 39.89
N LEU YA 101 -72.97 74.00 41.04
CA LEU YA 101 -74.02 75.01 41.01
C LEU YA 101 -73.52 76.33 40.43
N VAL YA 102 -72.30 76.74 40.79
CA VAL YA 102 -71.78 78.04 40.36
C VAL YA 102 -71.41 78.03 38.87
N GLN YA 103 -70.83 76.94 38.38
CA GLN YA 103 -70.33 76.92 37.01
C GLN YA 103 -71.42 77.02 35.96
N GLU YA 104 -72.69 76.84 36.34
CA GLU YA 104 -73.78 77.01 35.37
C GLU YA 104 -73.96 78.47 34.99
N PHE YA 105 -73.98 79.36 36.00
CA PHE YA 105 -74.30 80.76 35.78
C PHE YA 105 -73.09 81.68 35.84
N VAL YA 106 -72.03 81.28 36.54
CA VAL YA 106 -70.84 82.12 36.72
C VAL YA 106 -69.68 81.43 36.03
N THR YA 107 -69.04 82.14 35.11
CA THR YA 107 -67.86 81.66 34.40
C THR YA 107 -66.74 82.67 34.53
N LEU YA 108 -65.54 82.20 34.83
CA LEU YA 108 -64.39 83.09 34.93
C LEU YA 108 -64.06 83.66 33.56
N PRO YA 109 -63.67 84.94 33.48
CA PRO YA 109 -63.42 85.57 32.18
C PRO YA 109 -62.25 84.97 31.41
N MET YA 110 -61.34 84.25 32.08
CA MET YA 110 -60.20 83.68 31.36
C MET YA 110 -60.59 82.49 30.50
N PHE YA 111 -61.51 81.66 30.99
CA PHE YA 111 -61.89 80.43 30.31
C PHE YA 111 -63.20 80.61 29.56
N SER YA 112 -63.49 79.66 28.68
CA SER YA 112 -64.73 79.61 27.93
C SER YA 112 -65.61 78.50 28.49
N ASN YA 113 -66.87 78.82 28.77
CA ASN YA 113 -67.77 77.87 29.42
C ASN YA 113 -68.19 76.77 28.46
N GLY YA 114 -68.28 75.56 28.97
CA GLY YA 114 -68.75 74.42 28.20
C GLY YA 114 -70.25 74.25 28.31
N VAL YA 115 -70.73 73.13 27.76
CA VAL YA 115 -72.16 72.85 27.80
C VAL YA 115 -72.59 72.41 29.20
N THR YA 116 -71.72 71.72 29.94
CA THR YA 116 -72.01 71.27 31.28
C THR YA 116 -70.78 71.52 32.15
N PRO YA 117 -70.97 71.67 33.46
CA PRO YA 117 -69.81 71.75 34.36
C PRO YA 117 -68.93 70.51 34.30
N VAL YA 118 -69.48 69.36 33.93
CA VAL YA 118 -68.66 68.19 33.68
C VAL YA 118 -67.74 68.43 32.48
N ASP YA 119 -68.28 69.02 31.42
CA ASP YA 119 -67.48 69.36 30.26
C ASP YA 119 -66.65 70.63 30.45
N ASP YA 120 -66.86 71.35 31.56
CA ASP YA 120 -65.96 72.45 31.89
C ASP YA 120 -64.56 71.95 32.24
N PHE YA 121 -64.43 70.66 32.59
CA PHE YA 121 -63.11 70.09 32.84
C PHE YA 121 -62.30 69.97 31.55
N PHE YA 122 -62.97 69.79 30.41
CA PHE YA 122 -62.28 69.55 29.15
C PHE YA 122 -61.96 70.82 28.38
N VAL YA 123 -62.82 71.84 28.46
CA VAL YA 123 -62.61 73.06 27.69
C VAL YA 123 -61.48 73.91 28.24
N VAL YA 124 -61.13 73.75 29.51
CA VAL YA 124 -59.96 74.43 30.08
C VAL YA 124 -58.72 73.70 29.59
N PRO YA 125 -57.59 74.38 29.40
CA PRO YA 125 -56.40 73.71 28.86
C PRO YA 125 -55.82 72.71 29.84
N ALA YA 126 -55.08 71.75 29.29
CA ALA YA 126 -54.40 70.75 30.13
C ALA YA 126 -53.40 71.40 31.06
N THR YA 127 -52.64 72.38 30.57
CA THR YA 127 -51.80 73.18 31.44
C THR YA 127 -52.67 74.09 32.29
N GLY YA 128 -52.38 74.17 33.59
CA GLY YA 128 -53.25 74.86 34.51
C GLY YA 128 -54.08 73.87 35.31
N LEU YA 129 -54.53 72.81 34.65
CA LEU YA 129 -55.13 71.68 35.36
C LEU YA 129 -54.11 71.01 36.27
N TRP YA 130 -52.90 70.76 35.76
CA TRP YA 130 -51.86 70.19 36.59
C TRP YA 130 -51.35 71.19 37.62
N GLN YA 131 -51.54 72.49 37.40
CA GLN YA 131 -51.28 73.45 38.47
C GLN YA 131 -52.21 73.22 39.65
N ILE YA 132 -53.49 72.96 39.38
CA ILE YA 132 -54.42 72.59 40.44
C ILE YA 132 -53.99 71.29 41.09
N PHE YA 133 -53.58 70.31 40.28
CA PHE YA 133 -53.14 69.03 40.82
C PHE YA 133 -51.98 69.20 41.79
N PHE YA 134 -50.96 69.97 41.38
CA PHE YA 134 -49.79 70.18 42.22
C PHE YA 134 -50.08 71.05 43.43
N THR YA 135 -50.99 72.02 43.30
CA THR YA 135 -51.38 72.83 44.45
C THR YA 135 -52.08 71.97 45.50
N ILE YA 136 -52.98 71.08 45.05
CA ILE YA 136 -53.65 70.18 45.99
C ILE YA 136 -52.62 69.23 46.62
N GLY YA 137 -51.65 68.76 45.83
CA GLY YA 137 -50.59 67.95 46.40
C GLY YA 137 -49.80 68.68 47.47
N PHE YA 138 -49.45 69.95 47.21
CA PHE YA 138 -48.72 70.74 48.20
C PHE YA 138 -49.54 70.96 49.45
N VAL YA 139 -50.84 71.25 49.29
CA VAL YA 139 -51.70 71.46 50.45
C VAL YA 139 -51.81 70.19 51.28
N GLU YA 140 -52.02 69.06 50.63
CA GLU YA 140 -52.15 67.79 51.35
C GLU YA 140 -50.82 67.30 51.90
N ALA YA 141 -49.70 67.83 51.42
CA ALA YA 141 -48.41 67.51 52.02
C ALA YA 141 -48.12 68.38 53.25
N PHE YA 142 -48.40 69.68 53.15
CA PHE YA 142 -48.10 70.57 54.27
C PHE YA 142 -49.10 70.45 55.41
N SER YA 143 -50.38 70.26 55.09
CA SER YA 143 -51.39 70.17 56.13
C SER YA 143 -51.30 68.87 56.91
N ASN YA 144 -50.86 67.79 56.27
CA ASN YA 144 -50.70 66.50 56.93
C ASN YA 144 -49.34 66.33 57.57
N GLY YA 145 -48.48 67.34 57.51
CA GLY YA 145 -47.16 67.23 58.11
C GLY YA 145 -46.21 66.33 57.34
N PHE YA 146 -46.38 66.22 56.03
CA PHE YA 146 -45.54 65.41 55.16
C PHE YA 146 -45.58 63.93 55.53
N LYS YA 147 -46.63 63.50 56.22
CA LYS YA 147 -46.89 62.10 56.48
C LYS YA 147 -48.12 61.71 55.68
N LEU YA 148 -47.96 60.75 54.77
CA LEU YA 148 -48.99 60.52 53.76
C LEU YA 148 -49.40 59.05 53.65
N THR YA 149 -49.03 58.20 54.58
CA THR YA 149 -49.34 56.78 54.53
C THR YA 149 -50.14 56.38 55.77
N PRO YA 150 -50.88 55.27 55.70
CA PRO YA 150 -51.59 54.80 56.89
C PRO YA 150 -50.68 54.48 58.07
N SER YA 151 -49.39 54.29 57.82
CA SER YA 151 -48.46 53.97 58.90
C SER YA 151 -48.03 55.20 59.67
N ASP YA 152 -47.39 56.16 59.00
CA ASP YA 152 -46.79 57.30 59.68
C ASP YA 152 -47.81 58.37 60.07
N MET YA 153 -49.01 58.35 59.47
CA MET YA 153 -50.02 59.31 59.88
C MET YA 153 -50.59 58.93 61.25
N PHE YA 154 -51.16 59.91 61.93
CA PHE YA 154 -51.61 59.78 63.31
C PHE YA 154 -50.46 59.35 64.22
N ALA YA 155 -49.26 59.86 63.93
CA ALA YA 155 -48.12 59.61 64.79
C ALA YA 155 -48.24 60.37 66.10
N ASP YA 156 -48.73 61.60 66.04
CA ASP YA 156 -49.05 62.38 67.23
C ASP YA 156 -50.47 62.13 67.73
N ASP YA 157 -51.22 61.25 67.06
CA ASP YA 157 -52.60 60.94 67.42
C ASP YA 157 -53.47 62.19 67.45
N ARG YA 158 -53.43 62.94 66.36
CA ARG YA 158 -54.33 64.07 66.19
C ARG YA 158 -55.73 63.58 65.86
N ALA YA 159 -56.69 64.49 65.94
CA ALA YA 159 -58.06 64.15 65.59
C ALA YA 159 -58.16 63.89 64.08
N PRO YA 160 -58.90 62.86 63.67
CA PRO YA 160 -59.04 62.58 62.23
C PRO YA 160 -59.84 63.68 61.53
N GLY YA 161 -59.30 64.19 60.43
CA GLY YA 161 -59.91 65.29 59.72
C GLY YA 161 -59.56 66.66 60.28
N ASP YA 162 -58.78 66.73 61.36
CA ASP YA 162 -58.37 67.99 61.95
C ASP YA 162 -57.03 68.38 61.35
N LEU YA 163 -57.07 69.22 60.31
CA LEU YA 163 -55.86 69.70 59.65
C LEU YA 163 -55.35 71.00 60.25
N GLY YA 164 -55.94 71.45 61.36
CA GLY YA 164 -55.54 72.70 61.97
C GLY YA 164 -55.92 73.93 61.16
N PHE YA 165 -57.05 73.87 60.46
CA PHE YA 165 -57.52 74.97 59.62
C PHE YA 165 -58.80 75.54 60.23
N ASP YA 166 -58.65 76.48 61.15
CA ASP YA 166 -59.76 77.24 61.73
C ASP YA 166 -59.36 78.71 61.74
N PRO YA 167 -59.40 79.38 60.59
CA PRO YA 167 -58.93 80.77 60.53
C PRO YA 167 -59.91 81.75 61.16
N LEU YA 168 -61.21 81.45 61.09
CA LEU YA 168 -62.22 82.32 61.68
C LEU YA 168 -62.49 82.02 63.14
N GLY YA 169 -61.95 80.92 63.67
CA GLY YA 169 -62.14 80.59 65.07
C GLY YA 169 -63.57 80.26 65.46
N CYS YA 170 -64.30 79.56 64.60
CA CYS YA 170 -65.67 79.19 64.93
C CYS YA 170 -65.74 78.03 65.91
N GLY YA 171 -64.79 77.10 65.84
CA GLY YA 171 -64.80 75.93 66.70
C GLY YA 171 -64.10 76.12 68.02
N LYS YA 172 -64.73 76.87 68.93
CA LYS YA 172 -64.17 77.12 70.25
C LYS YA 172 -64.96 76.44 71.38
N ASP YA 173 -66.28 76.55 71.36
CA ASP YA 173 -67.10 75.90 72.38
C ASP YA 173 -67.16 74.40 72.09
N PRO YA 174 -66.81 73.54 73.04
CA PRO YA 174 -66.77 72.09 72.75
C PRO YA 174 -68.12 71.48 72.42
N ALA YA 175 -69.21 71.92 73.07
CA ALA YA 175 -70.52 71.42 72.70
C ALA YA 175 -70.91 71.88 71.30
N ALA YA 176 -70.68 73.16 70.99
CA ALA YA 176 -70.86 73.63 69.63
C ALA YA 176 -69.90 72.94 68.67
N LEU YA 177 -68.69 72.60 69.13
CA LEU YA 177 -67.77 71.86 68.28
C LEU YA 177 -68.31 70.49 67.93
N ALA YA 178 -68.89 69.78 68.91
CA ALA YA 178 -69.48 68.48 68.63
C ALA YA 178 -70.70 68.60 67.71
N ARG YA 179 -71.54 69.61 67.94
CA ARG YA 179 -72.69 69.81 67.07
C ARG YA 179 -72.24 70.10 65.64
N ARG YA 180 -71.20 70.91 65.48
CA ARG YA 180 -70.70 71.22 64.15
C ARG YA 180 -70.00 70.01 63.53
N GLN YA 181 -69.37 69.16 64.34
CA GLN YA 181 -68.85 67.90 63.81
C GLN YA 181 -69.96 67.04 63.23
N LEU YA 182 -71.05 66.89 63.98
CA LEU YA 182 -72.19 66.11 63.49
C LEU YA 182 -72.78 66.72 62.23
N VAL YA 183 -72.93 68.04 62.22
CA VAL YA 183 -73.47 68.74 61.05
C VAL YA 183 -72.57 68.54 59.85
N GLU YA 184 -71.25 68.70 60.03
CA GLU YA 184 -70.30 68.55 58.94
C GLU YA 184 -70.31 67.13 58.39
N VAL YA 185 -70.32 66.13 59.27
CA VAL YA 185 -70.28 64.74 58.80
C VAL YA 185 -71.57 64.38 58.07
N LYS YA 186 -72.73 64.77 58.61
CA LYS YA 186 -73.98 64.46 57.93
C LYS YA 186 -74.11 65.21 56.61
N ASN YA 187 -73.65 66.47 56.57
CA ASN YA 187 -73.69 67.21 55.31
C ASN YA 187 -72.74 66.61 54.29
N GLY YA 188 -71.59 66.11 54.71
CA GLY YA 188 -70.72 65.41 53.77
C GLY YA 188 -71.32 64.12 53.27
N ARG YA 189 -71.98 63.36 54.15
CA ARG YA 189 -72.64 62.14 53.74
C ARG YA 189 -73.77 62.43 52.75
N LEU YA 190 -74.44 63.57 52.90
CA LEU YA 190 -75.44 63.96 51.91
C LEU YA 190 -74.80 64.44 50.61
N ALA YA 191 -73.72 65.22 50.73
CA ALA YA 191 -73.12 65.88 49.58
C ALA YA 191 -72.37 64.91 48.67
N MET YA 192 -71.79 63.85 49.22
CA MET YA 192 -71.14 62.86 48.36
C MET YA 192 -72.16 62.15 47.46
N ILE YA 193 -73.30 61.75 48.04
CA ILE YA 193 -74.36 61.15 47.25
C ILE YA 193 -74.89 62.16 46.23
N ALA YA 194 -75.06 63.42 46.66
CA ALA YA 194 -75.56 64.45 45.75
C ALA YA 194 -74.61 64.68 44.57
N PHE YA 195 -73.31 64.72 44.84
CA PHE YA 195 -72.33 64.92 43.78
C PHE YA 195 -72.31 63.73 42.83
N GLY YA 196 -72.33 62.51 43.38
CA GLY YA 196 -72.39 61.33 42.53
C GLY YA 196 -73.64 61.28 41.68
N GLY YA 197 -74.74 61.85 42.18
CA GLY YA 197 -75.94 61.93 41.35
C GLY YA 197 -75.84 62.97 40.26
N MET YA 198 -75.44 64.19 40.63
CA MET YA 198 -75.47 65.30 39.69
C MET YA 198 -74.42 65.18 38.61
N LEU YA 199 -73.25 64.61 38.91
CA LEU YA 199 -72.26 64.41 37.86
C LEU YA 199 -72.79 63.48 36.77
N HIS YA 200 -73.42 62.37 37.16
CA HIS YA 200 -73.96 61.45 36.17
C HIS YA 200 -75.18 62.04 35.47
N GLN YA 201 -75.99 62.84 36.17
CA GLN YA 201 -77.10 63.49 35.50
C GLN YA 201 -76.59 64.46 34.42
N GLN YA 202 -75.57 65.24 34.73
CA GLN YA 202 -75.01 66.15 33.73
C GLN YA 202 -74.33 65.39 32.61
N LEU YA 203 -73.76 64.22 32.90
CA LEU YA 203 -73.14 63.44 31.82
C LEU YA 203 -74.18 62.81 30.91
N LEU YA 204 -75.30 62.36 31.47
CA LEU YA 204 -76.28 61.63 30.68
C LEU YA 204 -77.19 62.57 29.90
N THR YA 205 -77.71 63.61 30.55
CA THR YA 205 -78.67 64.49 29.91
C THR YA 205 -78.03 65.67 29.19
N LYS YA 206 -76.74 65.90 29.38
CA LYS YA 206 -76.04 67.05 28.80
C LYS YA 206 -76.74 68.36 29.16
N GLN YA 207 -77.22 68.44 30.41
CA GLN YA 207 -77.91 69.62 30.90
C GLN YA 207 -77.39 69.98 32.29
N GLY YA 208 -77.48 71.26 32.63
CA GLY YA 208 -77.19 71.68 33.99
C GLY YA 208 -78.23 71.19 34.96
N VAL YA 209 -77.84 71.13 36.24
CA VAL YA 209 -78.71 70.55 37.25
C VAL YA 209 -79.96 71.41 37.47
N ILE YA 210 -79.78 72.72 37.62
CA ILE YA 210 -80.94 73.61 37.69
C ILE YA 210 -81.66 73.64 36.34
N GLU YA 211 -80.89 73.62 35.25
CA GLU YA 211 -81.47 73.53 33.91
C GLU YA 211 -82.26 72.23 33.74
N GLN YA 212 -81.77 71.13 34.32
CA GLN YA 212 -82.51 69.87 34.25
C GLN YA 212 -83.76 69.91 35.11
N LEU YA 213 -83.68 70.54 36.28
CA LEU YA 213 -84.84 70.64 37.16
C LEU YA 213 -85.92 71.55 36.58
N THR YA 214 -85.55 72.52 35.76
CA THR YA 214 -86.53 73.37 35.08
C THR YA 214 -86.99 72.79 33.75
N ASN YA 215 -86.31 71.76 33.23
CA ASN YA 215 -86.61 71.17 31.93
C ASN YA 215 -86.60 69.66 32.02
N PHE YA 216 -87.28 69.13 33.04
CA PHE YA 216 -87.26 67.70 33.31
C PHE YA 216 -87.83 66.92 32.13
N LYS YA 217 -87.14 65.84 31.75
CA LYS YA 217 -87.56 65.04 30.62
C LYS YA 217 -87.03 63.62 30.79
N ALA YA 218 -87.69 62.67 30.12
CA ALA YA 218 -87.26 61.28 30.17
C ALA YA 218 -86.04 61.06 29.27
N ILE YA 219 -85.37 59.94 29.48
CA ILE YA 219 -84.19 59.59 28.68
C ILE YA 219 -84.60 58.69 27.53
N SER ZA 10 55.60 -16.44 11.74
CA SER ZA 10 56.65 -17.44 11.66
C SER ZA 10 56.54 -18.23 10.37
N ALA ZA 11 55.32 -18.54 9.97
CA ALA ZA 11 55.09 -19.30 8.76
C ALA ZA 11 55.23 -18.41 7.53
N SER ZA 12 55.33 -19.05 6.37
CA SER ZA 12 55.44 -18.33 5.11
C SER ZA 12 54.10 -17.66 4.77
N ALA ZA 13 54.18 -16.70 3.85
CA ALA ZA 13 52.97 -16.01 3.41
C ALA ZA 13 51.99 -16.95 2.74
N TRP ZA 14 52.49 -17.88 1.92
CA TRP ZA 14 51.60 -18.84 1.29
C TRP ZA 14 50.97 -19.77 2.31
N GLU ZA 15 51.70 -20.15 3.35
CA GLU ZA 15 51.12 -20.99 4.40
C GLU ZA 15 49.99 -20.24 5.12
N ARG ZA 16 50.19 -18.96 5.42
CA ARG ZA 16 49.12 -18.19 6.04
C ARG ZA 16 47.93 -18.02 5.10
N PHE ZA 17 48.19 -17.84 3.81
CA PHE ZA 17 47.09 -17.77 2.85
C PHE ZA 17 46.31 -19.07 2.81
N CYS ZA 18 47.00 -20.20 2.83
CA CYS ZA 18 46.32 -21.50 2.84
C CYS ZA 18 45.57 -21.73 4.14
N SER ZA 19 46.10 -21.23 5.25
CA SER ZA 19 45.39 -21.35 6.52
C SER ZA 19 44.13 -20.50 6.53
N TRP ZA 20 44.17 -19.33 5.89
CA TRP ZA 20 42.97 -18.51 5.83
C TRP ZA 20 41.94 -19.08 4.86
N ILE ZA 21 42.38 -19.60 3.72
CA ILE ZA 21 41.45 -20.15 2.74
C ILE ZA 21 40.74 -21.36 3.32
N THR ZA 22 41.47 -22.26 3.97
CA THR ZA 22 40.90 -23.47 4.54
C THR ZA 22 40.45 -23.29 5.97
N SER ZA 23 40.24 -22.04 6.41
CA SER ZA 23 39.87 -21.77 7.78
C SER ZA 23 38.42 -22.17 8.04
N THR ZA 24 38.19 -22.77 9.20
CA THR ZA 24 36.84 -23.05 9.66
C THR ZA 24 36.24 -21.90 10.44
N ASP ZA 25 36.97 -20.80 10.59
CA ASP ZA 25 36.49 -19.63 11.33
C ASP ZA 25 35.83 -18.59 10.44
N ASN ZA 26 35.85 -18.78 9.12
CA ASN ZA 26 35.12 -17.89 8.23
C ASN ZA 26 33.62 -18.17 8.33
N ARG ZA 27 32.83 -17.10 8.26
CA ARG ZA 27 31.38 -17.25 8.35
C ARG ZA 27 30.86 -18.16 7.24
N LEU ZA 28 31.32 -17.95 6.02
CA LEU ZA 28 31.08 -18.88 4.92
C LEU ZA 28 32.41 -19.49 4.53
N TYR ZA 29 32.47 -20.82 4.51
CA TYR ZA 29 33.71 -21.50 4.19
C TYR ZA 29 34.07 -21.26 2.74
N ILE ZA 30 35.33 -20.91 2.49
CA ILE ZA 30 35.79 -20.63 1.13
C ILE ZA 30 36.39 -21.90 0.53
N GLY ZA 31 37.52 -22.33 1.08
CA GLY ZA 31 38.19 -23.51 0.54
C GLY ZA 31 38.74 -23.32 -0.85
N TRP ZA 32 39.53 -24.30 -1.29
CA TRP ZA 32 40.13 -24.22 -2.63
C TRP ZA 32 39.09 -24.39 -3.72
N PHE ZA 33 38.10 -25.26 -3.52
CA PHE ZA 33 37.00 -25.32 -4.47
C PHE ZA 33 36.19 -24.04 -4.47
N GLY ZA 34 36.09 -23.37 -3.32
CA GLY ZA 34 35.44 -22.08 -3.28
C GLY ZA 34 36.21 -20.99 -3.99
N VAL ZA 35 37.54 -21.13 -4.08
CA VAL ZA 35 38.32 -20.19 -4.87
C VAL ZA 35 37.84 -20.19 -6.32
N LEU ZA 36 37.54 -21.36 -6.87
CA LEU ZA 36 36.95 -21.43 -8.20
C LEU ZA 36 35.46 -21.13 -8.20
N MET ZA 37 34.77 -21.41 -7.10
CA MET ZA 37 33.32 -21.36 -7.09
C MET ZA 37 32.78 -19.93 -6.94
N ILE ZA 38 33.34 -19.17 -6.00
CA ILE ZA 38 32.78 -17.86 -5.64
C ILE ZA 38 32.81 -16.89 -6.82
N PRO ZA 39 33.95 -16.68 -7.51
CA PRO ZA 39 33.92 -15.73 -8.63
C PRO ZA 39 33.09 -16.23 -9.81
N THR ZA 40 33.10 -17.53 -10.10
CA THR ZA 40 32.26 -18.04 -11.18
C THR ZA 40 30.78 -17.86 -10.88
N LEU ZA 41 30.35 -18.23 -9.67
CA LEU ZA 41 28.94 -18.07 -9.32
C LEU ZA 41 28.55 -16.60 -9.24
N LEU ZA 42 29.42 -15.74 -8.74
CA LEU ZA 42 29.11 -14.32 -8.70
C LEU ZA 42 29.03 -13.72 -10.10
N THR ZA 43 29.92 -14.12 -11.00
CA THR ZA 43 29.83 -13.66 -12.38
C THR ZA 43 28.54 -14.11 -13.03
N ALA ZA 44 28.19 -15.39 -12.87
CA ALA ZA 44 26.93 -15.88 -13.42
C ALA ZA 44 25.74 -15.16 -12.82
N THR ZA 45 25.75 -14.92 -11.51
CA THR ZA 45 24.64 -14.22 -10.87
C THR ZA 45 24.52 -12.79 -11.38
N THR ZA 46 25.64 -12.08 -11.50
CA THR ZA 46 25.59 -10.70 -11.98
C THR ZA 46 25.06 -10.64 -13.40
N VAL ZA 47 25.61 -11.47 -14.29
CA VAL ZA 47 25.15 -11.45 -15.67
C VAL ZA 47 23.71 -11.87 -15.76
N TYR ZA 48 23.28 -12.86 -14.97
CA TYR ZA 48 21.90 -13.31 -15.00
C TYR ZA 48 20.95 -12.21 -14.54
N ILE ZA 49 21.29 -11.51 -13.46
CA ILE ZA 49 20.42 -10.45 -12.97
C ILE ZA 49 20.30 -9.34 -14.00
N ILE ZA 50 21.44 -8.88 -14.54
CA ILE ZA 50 21.36 -7.75 -15.46
C ILE ZA 50 20.70 -8.14 -16.77
N ALA ZA 51 20.96 -9.35 -17.28
CA ALA ZA 51 20.35 -9.82 -18.51
C ALA ZA 51 18.88 -10.17 -18.33
N PHE ZA 52 18.46 -10.54 -17.13
CA PHE ZA 52 17.05 -10.78 -16.88
C PHE ZA 52 16.30 -9.47 -16.75
N VAL ZA 53 16.94 -8.43 -16.21
CA VAL ZA 53 16.27 -7.14 -16.10
C VAL ZA 53 16.19 -6.46 -17.45
N ALA ZA 54 17.33 -6.17 -18.08
CA ALA ZA 54 17.34 -5.38 -19.31
C ALA ZA 54 18.34 -5.95 -20.29
N ALA ZA 55 17.88 -6.87 -21.14
CA ALA ZA 55 18.69 -7.37 -22.23
C ALA ZA 55 17.89 -7.35 -23.53
N PRO ZA 56 18.51 -6.99 -24.64
CA PRO ZA 56 17.78 -6.90 -25.91
C PRO ZA 56 17.37 -8.28 -26.39
N PRO ZA 57 16.35 -8.37 -27.25
CA PRO ZA 57 15.88 -9.67 -27.70
C PRO ZA 57 16.95 -10.44 -28.45
N VAL ZA 58 16.84 -11.76 -28.41
CA VAL ZA 58 17.86 -12.67 -28.91
C VAL ZA 58 17.28 -13.47 -30.07
N ASP ZA 59 18.02 -13.52 -31.18
CA ASP ZA 59 17.65 -14.37 -32.29
C ASP ZA 59 18.03 -15.82 -32.00
N ILE ZA 60 17.19 -16.52 -31.25
CA ILE ZA 60 17.55 -17.86 -30.78
C ILE ZA 60 17.58 -18.85 -31.94
N ASP ZA 61 16.61 -18.78 -32.85
CA ASP ZA 61 16.54 -19.73 -33.94
C ASP ZA 61 17.49 -19.42 -35.07
N GLY ZA 62 18.15 -18.26 -35.04
CA GLY ZA 62 19.07 -17.87 -36.10
C GLY ZA 62 18.40 -17.39 -37.36
N ILE ZA 63 17.07 -17.20 -37.35
CA ILE ZA 63 16.33 -16.82 -38.53
C ILE ZA 63 15.98 -15.34 -38.52
N ARG ZA 64 16.73 -14.53 -37.78
CA ARG ZA 64 16.54 -13.07 -37.72
C ARG ZA 64 15.15 -12.69 -37.22
N GLU ZA 65 14.60 -13.47 -36.30
CA GLU ZA 65 13.33 -13.17 -35.64
C GLU ZA 65 13.58 -13.22 -34.14
N PRO ZA 66 14.03 -12.14 -33.54
CA PRO ZA 66 14.45 -12.18 -32.13
C PRO ZA 66 13.29 -12.44 -31.19
N VAL ZA 67 13.63 -13.03 -30.04
CA VAL ZA 67 12.67 -13.35 -28.98
C VAL ZA 67 13.03 -12.52 -27.76
N ALA ZA 68 12.06 -11.76 -27.25
CA ALA ZA 68 12.27 -10.93 -26.08
C ALA ZA 68 12.19 -11.76 -24.81
N GLY ZA 69 13.10 -11.52 -23.88
CA GLY ZA 69 13.13 -12.31 -22.66
C GLY ZA 69 13.37 -11.52 -21.39
N SER ZA 70 13.61 -10.22 -21.51
CA SER ZA 70 13.95 -9.39 -20.37
C SER ZA 70 12.74 -8.58 -19.90
N LEU ZA 71 12.84 -8.07 -18.68
CA LEU ZA 71 11.73 -7.34 -18.07
C LEU ZA 71 11.47 -6.01 -18.76
N LEU ZA 72 12.53 -5.32 -19.20
CA LEU ZA 72 12.34 -4.02 -19.85
C LEU ZA 72 11.83 -4.13 -21.27
N TYR ZA 73 11.77 -5.33 -21.84
CA TYR ZA 73 11.26 -5.52 -23.19
C TYR ZA 73 9.90 -6.21 -23.21
N GLY ZA 74 9.15 -6.11 -22.12
CA GLY ZA 74 7.78 -6.59 -22.10
C GLY ZA 74 7.60 -7.99 -21.54
N ASN ZA 75 8.27 -8.29 -20.43
CA ASN ZA 75 8.15 -9.57 -19.77
C ASN ZA 75 7.88 -9.38 -18.28
N ASN ZA 76 7.21 -10.34 -17.70
CA ASN ZA 76 7.05 -10.42 -16.25
C ASN ZA 76 8.01 -11.47 -15.70
N ILE ZA 77 7.88 -11.79 -14.42
CA ILE ZA 77 8.75 -12.79 -13.81
C ILE ZA 77 8.54 -14.14 -14.48
N ILE ZA 78 7.29 -14.47 -14.83
CA ILE ZA 78 6.98 -15.78 -15.37
C ILE ZA 78 7.47 -15.92 -16.80
N THR ZA 79 7.21 -14.92 -17.64
CA THR ZA 79 7.61 -14.99 -19.04
C THR ZA 79 9.06 -14.57 -19.26
N GLY ZA 80 9.71 -13.98 -18.26
CA GLY ZA 80 11.08 -13.54 -18.44
C GLY ZA 80 12.05 -14.71 -18.44
N ALA ZA 81 13.10 -14.58 -19.26
CA ALA ZA 81 14.10 -15.62 -19.36
C ALA ZA 81 15.34 -15.05 -20.05
N VAL ZA 82 16.49 -15.59 -19.71
CA VAL ZA 82 17.70 -15.35 -20.48
C VAL ZA 82 17.69 -16.32 -21.66
N ILE ZA 83 17.51 -15.80 -22.86
CA ILE ZA 83 17.26 -16.66 -24.04
C ILE ZA 83 18.52 -17.44 -24.37
N PRO ZA 84 18.42 -18.70 -24.77
CA PRO ZA 84 19.60 -19.42 -25.25
C PRO ZA 84 20.17 -18.77 -26.49
N SER ZA 85 21.41 -19.15 -26.80
CA SER ZA 85 22.16 -18.49 -27.87
C SER ZA 85 21.59 -18.87 -29.23
N SER ZA 86 22.10 -18.20 -30.26
CA SER ZA 86 21.59 -18.36 -31.62
C SER ZA 86 21.92 -19.74 -32.17
N ALA ZA 87 21.02 -20.24 -33.03
CA ALA ZA 87 21.29 -21.49 -33.73
C ALA ZA 87 22.39 -21.32 -34.77
N SER ZA 88 22.66 -20.09 -35.21
CA SER ZA 88 23.81 -19.86 -36.08
C SER ZA 88 25.11 -20.14 -35.34
N ILE ZA 89 25.17 -19.81 -34.05
CA ILE ZA 89 26.35 -20.09 -33.25
C ILE ZA 89 26.54 -21.59 -33.09
N GLY ZA 90 25.46 -22.32 -32.82
CA GLY ZA 90 25.58 -23.74 -32.55
C GLY ZA 90 26.18 -23.98 -31.19
N ILE ZA 91 27.15 -24.87 -31.11
CA ILE ZA 91 27.89 -25.06 -29.87
C ILE ZA 91 29.31 -24.54 -30.05
N HIS ZA 92 29.48 -23.57 -30.95
CA HIS ZA 92 30.72 -22.83 -31.02
C HIS ZA 92 30.90 -22.02 -29.75
N PHE ZA 93 32.15 -21.86 -29.32
CA PHE ZA 93 32.44 -21.07 -28.14
C PHE ZA 93 32.24 -19.59 -28.47
N TYR ZA 94 31.35 -18.92 -27.73
CA TYR ZA 94 30.93 -17.57 -28.04
C TYR ZA 94 31.10 -16.68 -26.82
N PRO ZA 95 32.33 -16.29 -26.50
CA PRO ZA 95 32.53 -15.26 -25.46
C PRO ZA 95 32.32 -13.87 -26.02
N ILE ZA 96 32.55 -12.84 -25.20
CA ILE ZA 96 32.34 -11.48 -25.67
C ILE ZA 96 33.35 -11.12 -26.75
N TRP ZA 97 34.60 -11.52 -26.58
CA TRP ZA 97 35.65 -11.13 -27.51
C TRP ZA 97 35.57 -11.85 -28.85
N GLU ZA 98 34.72 -12.86 -28.99
CA GLU ZA 98 34.54 -13.52 -30.28
C GLU ZA 98 33.44 -12.88 -31.11
N ALA ZA 99 32.83 -11.82 -30.62
CA ALA ZA 99 31.84 -11.06 -31.37
C ALA ZA 99 32.45 -9.77 -31.87
N ALA ZA 100 31.96 -9.30 -33.02
CA ALA ZA 100 32.46 -8.05 -33.58
C ALA ZA 100 32.15 -6.87 -32.68
N SER ZA 101 30.96 -6.85 -32.08
CA SER ZA 101 30.56 -5.80 -31.17
C SER ZA 101 29.82 -6.41 -29.99
N LEU ZA 102 29.67 -5.62 -28.93
CA LEU ZA 102 28.96 -6.09 -27.75
C LEU ZA 102 27.48 -6.31 -28.05
N ASP ZA 103 26.88 -5.44 -28.86
CA ASP ZA 103 25.47 -5.62 -29.21
C ASP ZA 103 25.27 -6.81 -30.13
N GLU ZA 104 26.26 -7.13 -30.95
CA GLU ZA 104 26.22 -8.37 -31.72
C GLU ZA 104 26.26 -9.58 -30.80
N TRP ZA 105 27.05 -9.50 -29.72
CA TRP ZA 105 27.07 -10.56 -28.73
C TRP ZA 105 25.73 -10.68 -28.01
N LEU ZA 106 25.07 -9.56 -27.74
CA LEU ZA 106 23.74 -9.60 -27.13
C LEU ZA 106 22.68 -10.13 -28.08
N TYR ZA 107 22.84 -9.88 -29.38
CA TYR ZA 107 21.84 -10.32 -30.36
C TYR ZA 107 21.87 -11.83 -30.54
N ASN ZA 108 23.03 -12.45 -30.36
CA ASN ZA 108 23.20 -13.87 -30.62
C ASN ZA 108 23.15 -14.71 -29.36
N GLY ZA 109 22.78 -14.13 -28.23
CA GLY ZA 109 22.58 -14.90 -27.02
C GLY ZA 109 23.83 -15.35 -26.30
N GLY ZA 110 24.94 -14.63 -26.48
CA GLY ZA 110 26.16 -14.92 -25.76
C GLY ZA 110 26.03 -14.98 -24.25
N PRO ZA 111 25.22 -14.10 -23.65
CA PRO ZA 111 25.01 -14.18 -22.20
C PRO ZA 111 24.55 -15.55 -21.74
N TYR ZA 112 23.76 -16.27 -22.53
CA TYR ZA 112 23.36 -17.62 -22.14
C TYR ZA 112 24.58 -18.52 -21.97
N GLN ZA 113 25.51 -18.48 -22.93
CA GLN ZA 113 26.71 -19.29 -22.81
C GLN ZA 113 27.55 -18.87 -21.62
N LEU ZA 114 27.69 -17.57 -21.40
CA LEU ZA 114 28.47 -17.10 -20.25
C LEU ZA 114 27.87 -17.62 -18.95
N ILE ZA 115 26.57 -17.43 -18.77
CA ILE ZA 115 25.91 -17.85 -17.54
C ILE ZA 115 25.98 -19.36 -17.38
N VAL ZA 116 25.76 -20.12 -18.45
CA VAL ZA 116 25.75 -21.56 -18.35
C VAL ZA 116 27.13 -22.09 -17.98
N ASP ZA 117 28.18 -21.61 -18.66
CA ASP ZA 117 29.52 -22.08 -18.35
C ASP ZA 117 29.92 -21.73 -16.93
N HIS ZA 118 29.70 -20.48 -16.53
CA HIS ZA 118 30.06 -20.09 -15.17
C HIS ZA 118 29.25 -20.84 -14.13
N PHE ZA 119 27.97 -21.09 -14.40
CA PHE ZA 119 27.12 -21.79 -13.45
C PHE ZA 119 27.53 -23.25 -13.31
N LEU ZA 120 27.88 -23.91 -14.41
CA LEU ZA 120 28.31 -25.29 -14.32
C LEU ZA 120 29.64 -25.41 -13.59
N LEU ZA 121 30.58 -24.50 -13.88
CA LEU ZA 121 31.82 -24.49 -13.11
C LEU ZA 121 31.55 -24.22 -11.64
N GLY ZA 122 30.63 -23.31 -11.34
CA GLY ZA 122 30.32 -22.99 -9.96
C GLY ZA 122 29.68 -24.14 -9.21
N VAL ZA 123 28.81 -24.90 -9.87
CA VAL ZA 123 28.17 -26.01 -9.17
C VAL ZA 123 29.14 -27.17 -9.01
N CYS ZA 124 30.06 -27.37 -9.95
CA CYS ZA 124 31.14 -28.33 -9.70
C CYS ZA 124 31.97 -27.88 -8.51
N GLY ZA 125 32.27 -26.59 -8.42
CA GLY ZA 125 32.94 -26.07 -7.26
C GLY ZA 125 32.14 -26.25 -5.98
N TRP ZA 126 30.81 -26.17 -6.08
CA TRP ZA 126 29.97 -26.38 -4.90
C TRP ZA 126 30.04 -27.83 -4.44
N ILE ZA 127 30.06 -28.77 -5.38
CA ILE ZA 127 30.26 -30.18 -5.02
C ILE ZA 127 31.59 -30.35 -4.29
N GLY ZA 128 32.66 -29.81 -4.88
CA GLY ZA 128 33.97 -29.93 -4.27
C GLY ZA 128 34.05 -29.24 -2.91
N ARG ZA 129 33.36 -28.12 -2.75
CA ARG ZA 129 33.37 -27.38 -1.50
C ARG ZA 129 32.58 -28.09 -0.42
N GLU ZA 130 31.49 -28.76 -0.78
CA GLU ZA 130 30.81 -29.60 0.18
C GLU ZA 130 31.72 -30.72 0.65
N TRP ZA 131 32.45 -31.36 -0.28
CA TRP ZA 131 33.43 -32.34 0.16
C TRP ZA 131 34.48 -31.70 1.07
N GLU ZA 132 34.95 -30.51 0.71
CA GLU ZA 132 36.06 -29.90 1.44
C GLU ZA 132 35.67 -29.57 2.87
N PHE ZA 133 34.49 -28.98 3.06
CA PHE ZA 133 34.08 -28.68 4.43
C PHE ZA 133 33.58 -29.92 5.17
N SER ZA 134 33.24 -30.99 4.47
CA SER ZA 134 33.06 -32.26 5.17
C SER ZA 134 34.40 -32.79 5.67
N TYR ZA 135 35.46 -32.56 4.91
CA TYR ZA 135 36.79 -33.02 5.32
C TYR ZA 135 37.38 -32.18 6.44
N ARG ZA 136 37.14 -30.87 6.43
CA ARG ZA 136 37.68 -30.01 7.47
C ARG ZA 136 36.99 -30.22 8.82
N LEU ZA 137 35.75 -30.71 8.82
CA LEU ZA 137 35.02 -30.94 10.05
C LEU ZA 137 35.16 -32.37 10.57
N GLY ZA 138 35.89 -33.22 9.88
CA GLY ZA 138 36.00 -34.61 10.29
C GLY ZA 138 34.74 -35.41 10.18
N MET ZA 139 33.93 -35.17 9.15
CA MET ZA 139 32.73 -35.95 8.89
C MET ZA 139 32.88 -36.71 7.58
N ARG ZA 140 31.92 -37.59 7.32
CA ARG ZA 140 31.97 -38.46 6.15
C ARG ZA 140 31.58 -37.67 4.89
N PRO ZA 141 32.33 -37.82 3.81
CA PRO ZA 141 32.18 -36.92 2.67
C PRO ZA 141 31.28 -37.41 1.54
N TRP ZA 142 30.01 -37.69 1.77
CA TRP ZA 142 29.17 -38.16 0.67
C TRP ZA 142 27.92 -37.31 0.46
N ILE ZA 143 27.87 -36.13 1.09
CA ILE ZA 143 26.84 -35.17 0.75
C ILE ZA 143 27.05 -34.64 -0.67
N SER ZA 144 28.31 -34.50 -1.08
CA SER ZA 144 28.60 -34.09 -2.45
C SER ZA 144 28.11 -35.12 -3.46
N VAL ZA 145 28.18 -36.41 -3.12
CA VAL ZA 145 27.62 -37.43 -3.99
C VAL ZA 145 26.12 -37.22 -4.14
N ALA ZA 146 25.44 -36.82 -3.07
CA ALA ZA 146 24.02 -36.51 -3.18
C ALA ZA 146 23.77 -35.28 -4.02
N PHE ZA 147 24.62 -34.26 -3.91
CA PHE ZA 147 24.44 -33.06 -4.70
C PHE ZA 147 24.80 -33.25 -6.18
N THR ZA 148 25.53 -34.31 -6.52
CA THR ZA 148 25.83 -34.57 -7.92
C THR ZA 148 24.59 -34.82 -8.77
N ALA ZA 149 23.47 -35.21 -8.15
CA ALA ZA 149 22.28 -35.51 -8.94
C ALA ZA 149 21.64 -34.26 -9.53
N PRO ZA 150 21.31 -33.23 -8.74
CA PRO ZA 150 20.84 -31.98 -9.37
C PRO ZA 150 21.86 -31.36 -10.28
N VAL ZA 151 23.15 -31.48 -9.98
CA VAL ZA 151 24.18 -31.00 -10.89
C VAL ZA 151 24.15 -31.80 -12.19
N ALA ZA 152 23.93 -33.10 -12.09
CA ALA ZA 152 23.81 -33.91 -13.31
C ALA ZA 152 22.61 -33.48 -14.14
N ALA ZA 153 21.48 -33.18 -13.49
CA ALA ZA 153 20.31 -32.75 -14.24
C ALA ZA 153 20.53 -31.39 -14.89
N ALA ZA 154 21.11 -30.45 -14.15
CA ALA ZA 154 21.39 -29.14 -14.72
C ALA ZA 154 22.37 -29.24 -15.88
N SER ZA 155 23.39 -30.08 -15.75
CA SER ZA 155 24.32 -30.31 -16.86
C SER ZA 155 23.61 -30.92 -18.04
N ALA ZA 156 22.73 -31.90 -17.81
CA ALA ZA 156 22.03 -32.54 -18.90
C ALA ZA 156 21.17 -31.55 -19.68
N VAL ZA 157 20.51 -30.63 -18.97
CA VAL ZA 157 19.62 -29.69 -19.65
C VAL ZA 157 20.33 -28.45 -20.17
N PHE ZA 158 21.56 -28.16 -19.71
CA PHE ZA 158 22.25 -26.96 -20.12
C PHE ZA 158 23.41 -27.19 -21.07
N LEU ZA 159 24.13 -28.30 -20.96
CA LEU ZA 159 25.31 -28.56 -21.76
C LEU ZA 159 25.20 -29.82 -22.60
N VAL ZA 160 24.77 -30.94 -22.00
CA VAL ZA 160 24.78 -32.21 -22.71
C VAL ZA 160 23.77 -32.22 -23.85
N TYR ZA 161 22.56 -31.75 -23.59
CA TYR ZA 161 21.57 -31.65 -24.66
C TYR ZA 161 22.00 -30.74 -25.79
N PRO ZA 162 22.55 -29.54 -25.53
CA PRO ZA 162 23.17 -28.79 -26.65
C PRO ZA 162 24.28 -29.54 -27.35
N ILE ZA 163 25.09 -30.31 -26.60
CA ILE ZA 163 26.15 -31.09 -27.22
C ILE ZA 163 25.56 -32.17 -28.11
N GLY ZA 164 24.54 -32.88 -27.62
CA GLY ZA 164 23.94 -33.94 -28.42
C GLY ZA 164 23.22 -33.41 -29.64
N GLN ZA 165 22.50 -32.31 -29.50
CA GLN ZA 165 21.71 -31.75 -30.58
C GLN ZA 165 22.47 -30.72 -31.40
N GLY ZA 166 23.69 -30.36 -31.00
CA GLY ZA 166 24.54 -29.54 -31.83
C GLY ZA 166 24.33 -28.05 -31.76
N SER ZA 167 23.53 -27.56 -30.82
CA SER ZA 167 23.31 -26.12 -30.69
C SER ZA 167 22.96 -25.77 -29.27
N PHE ZA 168 23.54 -24.67 -28.78
CA PHE ZA 168 23.17 -24.16 -27.46
C PHE ZA 168 21.78 -23.57 -27.42
N SER ZA 169 21.15 -23.37 -28.57
CA SER ZA 169 19.75 -22.96 -28.58
C SER ZA 169 18.83 -24.05 -28.06
N ASP ZA 170 19.29 -25.30 -28.06
CA ASP ZA 170 18.49 -26.42 -27.59
C ASP ZA 170 18.51 -26.56 -26.07
N GLY ZA 171 19.42 -25.87 -25.39
CA GLY ZA 171 19.45 -25.92 -23.94
C GLY ZA 171 18.25 -25.25 -23.32
N MET ZA 172 18.02 -25.57 -22.06
CA MET ZA 172 16.87 -25.03 -21.36
C MET ZA 172 17.05 -23.54 -21.12
N PRO ZA 173 16.09 -22.71 -21.50
CA PRO ZA 173 16.20 -21.28 -21.23
C PRO ZA 173 16.23 -20.98 -19.75
N LEU ZA 174 16.91 -19.90 -19.40
CA LEU ZA 174 17.06 -19.51 -18.00
C LEU ZA 174 15.85 -18.69 -17.57
N GLY ZA 175 14.72 -19.38 -17.50
CA GLY ZA 175 13.48 -18.74 -17.11
C GLY ZA 175 12.46 -19.78 -16.71
N ILE ZA 176 11.21 -19.34 -16.68
CA ILE ZA 176 10.09 -20.18 -16.28
C ILE ZA 176 9.28 -20.65 -17.48
N SER ZA 177 8.73 -19.71 -18.25
CA SER ZA 177 8.05 -20.08 -19.48
C SER ZA 177 9.01 -20.70 -20.48
N GLY ZA 178 10.27 -20.26 -20.47
CA GLY ZA 178 11.27 -20.91 -21.28
C GLY ZA 178 11.50 -22.35 -20.85
N THR ZA 179 11.47 -22.60 -19.53
CA THR ZA 179 11.58 -23.97 -19.04
C THR ZA 179 10.40 -24.81 -19.52
N PHE ZA 180 9.19 -24.26 -19.47
CA PHE ZA 180 8.02 -24.99 -19.95
C PHE ZA 180 8.13 -25.27 -21.44
N ASN ZA 181 8.62 -24.30 -22.21
CA ASN ZA 181 8.82 -24.52 -23.64
C ASN ZA 181 9.83 -25.63 -23.89
N PHE ZA 182 10.91 -25.65 -23.11
CA PHE ZA 182 11.89 -26.72 -23.22
C PHE ZA 182 11.24 -28.07 -22.94
N MET ZA 183 10.43 -28.15 -21.89
CA MET ZA 183 9.75 -29.41 -21.58
C MET ZA 183 8.84 -29.85 -22.70
N LEU ZA 184 8.06 -28.92 -23.26
CA LEU ZA 184 7.10 -29.28 -24.30
C LEU ZA 184 7.80 -29.72 -25.57
N VAL ZA 185 8.84 -29.00 -25.99
CA VAL ZA 185 9.55 -29.39 -27.20
C VAL ZA 185 10.28 -30.72 -26.99
N PHE ZA 186 10.82 -30.93 -25.78
CA PHE ZA 186 11.47 -32.19 -25.47
C PHE ZA 186 10.48 -33.35 -25.54
N GLN ZA 187 9.28 -33.17 -25.00
CA GLN ZA 187 8.26 -34.20 -25.11
C GLN ZA 187 7.85 -34.43 -26.56
N ALA ZA 188 7.75 -33.37 -27.35
CA ALA ZA 188 7.38 -33.53 -28.76
C ALA ZA 188 8.41 -34.32 -29.53
N GLU ZA 189 9.70 -34.06 -29.29
CA GLU ZA 189 10.75 -34.64 -30.11
C GLU ZA 189 11.33 -35.93 -29.57
N HIS ZA 190 11.19 -36.22 -28.28
CA HIS ZA 190 11.79 -37.40 -27.68
C HIS ZA 190 10.82 -38.28 -26.91
N ASN ZA 191 9.61 -37.81 -26.62
CA ASN ZA 191 8.63 -38.56 -25.85
C ASN ZA 191 9.22 -38.99 -24.50
N ILE ZA 192 9.59 -37.99 -23.71
CA ILE ZA 192 10.29 -38.24 -22.45
C ILE ZA 192 9.38 -38.94 -21.43
N LEU ZA 193 8.06 -38.74 -21.52
CA LEU ZA 193 7.15 -39.38 -20.57
C LEU ZA 193 7.22 -40.89 -20.68
N MET ZA 194 7.39 -41.43 -21.88
CA MET ZA 194 7.48 -42.87 -22.08
C MET ZA 194 8.89 -43.40 -21.88
N HIS ZA 195 9.85 -42.56 -21.57
CA HIS ZA 195 11.20 -43.01 -21.31
C HIS ZA 195 11.28 -43.57 -19.89
N PRO ZA 196 11.74 -44.81 -19.72
CA PRO ZA 196 11.77 -45.39 -18.36
C PRO ZA 196 12.69 -44.69 -17.40
N PHE ZA 197 13.73 -44.00 -17.88
CA PHE ZA 197 14.58 -43.25 -16.96
C PHE ZA 197 13.85 -42.03 -16.41
N HIS ZA 198 13.07 -41.36 -17.25
CA HIS ZA 198 12.24 -40.26 -16.73
C HIS ZA 198 11.16 -40.79 -15.81
N GLN ZA 199 10.63 -41.97 -16.07
CA GLN ZA 199 9.68 -42.58 -15.15
C GLN ZA 199 10.35 -42.91 -13.82
N LEU ZA 200 11.60 -43.37 -13.86
CA LEU ZA 200 12.35 -43.57 -12.63
C LEU ZA 200 12.58 -42.25 -11.91
N GLY ZA 201 12.82 -41.17 -12.64
CA GLY ZA 201 12.97 -39.88 -12.01
C GLY ZA 201 11.69 -39.38 -11.37
N VAL ZA 202 10.55 -39.58 -12.04
CA VAL ZA 202 9.27 -39.23 -11.46
C VAL ZA 202 8.99 -40.07 -10.22
N ALA ZA 203 9.28 -41.37 -10.30
CA ALA ZA 203 9.20 -42.20 -9.10
C ALA ZA 203 10.14 -41.70 -8.02
N GLY ZA 204 11.31 -41.19 -8.41
CA GLY ZA 204 12.24 -40.67 -7.43
C GLY ZA 204 11.71 -39.44 -6.70
N VAL ZA 205 11.14 -38.50 -7.44
CA VAL ZA 205 10.63 -37.29 -6.80
C VAL ZA 205 9.35 -37.58 -6.02
N PHE ZA 206 8.44 -38.38 -6.57
CA PHE ZA 206 7.23 -38.74 -5.83
C PHE ZA 206 7.56 -39.55 -4.58
N GLY ZA 207 8.48 -40.50 -4.70
CA GLY ZA 207 8.91 -41.26 -3.54
C GLY ZA 207 9.67 -40.41 -2.54
N GLY ZA 208 10.47 -39.45 -3.03
CA GLY ZA 208 11.14 -38.55 -2.12
C GLY ZA 208 10.16 -37.71 -1.34
N SER ZA 209 9.12 -37.20 -2.00
CA SER ZA 209 8.07 -36.49 -1.26
C SER ZA 209 7.36 -37.41 -0.30
N LEU ZA 210 7.04 -38.64 -0.73
CA LEU ZA 210 6.35 -39.59 0.13
C LEU ZA 210 7.18 -39.91 1.36
N PHE ZA 211 8.48 -40.16 1.18
CA PHE ZA 211 9.35 -40.55 2.27
C PHE ZA 211 9.70 -39.36 3.16
N SER ZA 212 9.83 -38.17 2.59
CA SER ZA 212 10.02 -36.98 3.40
C SER ZA 212 8.82 -36.74 4.30
N ALA ZA 213 7.61 -36.80 3.74
CA ALA ZA 213 6.41 -36.64 4.54
C ALA ZA 213 6.28 -37.76 5.56
N MET ZA 214 6.60 -38.99 5.16
CA MET ZA 214 6.48 -40.12 6.06
C MET ZA 214 7.43 -40.00 7.24
N HIS ZA 215 8.71 -39.71 6.97
CA HIS ZA 215 9.69 -39.57 8.03
C HIS ZA 215 9.36 -38.38 8.92
N GLY ZA 216 8.97 -37.25 8.34
CA GLY ZA 216 8.61 -36.10 9.14
C GLY ZA 216 7.41 -36.38 10.03
N SER ZA 217 6.39 -37.05 9.49
CA SER ZA 217 5.22 -37.36 10.29
C SER ZA 217 5.51 -38.39 11.36
N LEU ZA 218 6.38 -39.37 11.08
CA LEU ZA 218 6.72 -40.36 12.09
C LEU ZA 218 7.57 -39.76 13.20
N VAL ZA 219 8.46 -38.83 12.88
CA VAL ZA 219 9.24 -38.18 13.92
C VAL ZA 219 8.38 -37.21 14.72
N THR ZA 220 7.58 -36.40 14.05
CA THR ZA 220 6.73 -35.44 14.75
C THR ZA 220 5.65 -36.13 15.56
N SER ZA 221 5.21 -37.31 15.13
CA SER ZA 221 4.17 -38.03 15.84
C SER ZA 221 4.67 -38.58 17.17
N SER ZA 222 5.93 -38.98 17.21
CA SER ZA 222 6.49 -39.64 18.39
C SER ZA 222 7.50 -38.76 19.13
N LEU ZA 223 7.27 -37.46 19.16
CA LEU ZA 223 8.13 -36.57 19.92
C LEU ZA 223 7.96 -36.81 21.42
N ILE ZA 224 9.08 -36.84 22.13
CA ILE ZA 224 9.06 -37.04 23.57
C ILE ZA 224 8.60 -35.76 24.25
N ARG ZA 225 7.65 -35.89 25.18
CA ARG ZA 225 7.06 -34.75 25.85
C ARG ZA 225 8.10 -34.00 26.69
N GLU ZA 226 8.45 -32.79 26.29
CA GLU ZA 226 9.45 -32.00 26.98
C GLU ZA 226 9.05 -30.53 27.11
N THR ZA 227 7.82 -30.17 26.76
CA THR ZA 227 7.37 -28.78 26.80
C THR ZA 227 6.04 -28.70 27.52
N THR ZA 228 5.63 -27.46 27.79
CA THR ZA 228 4.33 -27.20 28.38
C THR ZA 228 3.31 -26.96 27.28
N GLU ZA 229 2.05 -26.76 27.68
CA GLU ZA 229 0.98 -26.57 26.71
C GLU ZA 229 0.98 -25.18 26.08
N ASN ZA 230 1.70 -24.23 26.67
CA ASN ZA 230 1.67 -22.84 26.22
C ASN ZA 230 2.90 -22.46 25.42
N GLU ZA 231 3.57 -23.43 24.81
CA GLU ZA 231 4.76 -23.16 24.01
C GLU ZA 231 4.84 -24.17 22.88
N SER ZA 232 5.65 -23.82 21.87
CA SER ZA 232 5.83 -24.70 20.74
C SER ZA 232 6.56 -25.97 21.15
N ALA ZA 233 6.24 -27.07 20.47
CA ALA ZA 233 6.88 -28.34 20.77
C ALA ZA 233 8.33 -28.40 20.30
N ASN ZA 234 8.73 -27.47 19.42
CA ASN ZA 234 10.10 -27.44 18.93
C ASN ZA 234 11.11 -27.14 20.04
N TYR ZA 235 10.68 -26.46 21.11
CA TYR ZA 235 11.59 -26.11 22.18
C TYR ZA 235 11.86 -27.26 23.13
N GLY ZA 236 11.21 -28.40 22.94
CA GLY ZA 236 11.58 -29.59 23.68
C GLY ZA 236 12.92 -30.15 23.27
N TYR ZA 237 13.39 -29.83 22.07
CA TYR ZA 237 14.72 -30.20 21.63
C TYR ZA 237 15.65 -29.02 21.83
N LYS ZA 238 16.79 -29.26 22.47
CA LYS ZA 238 17.82 -28.26 22.65
C LYS ZA 238 18.99 -28.56 21.71
N PHE ZA 239 19.50 -27.53 21.06
CA PHE ZA 239 20.58 -27.70 20.11
C PHE ZA 239 21.84 -28.19 20.82
N GLY ZA 240 22.28 -29.40 20.47
CA GLY ZA 240 23.45 -29.99 21.08
C GLY ZA 240 23.19 -30.95 22.21
N GLN ZA 241 21.94 -31.34 22.43
CA GLN ZA 241 21.64 -32.28 23.50
C GLN ZA 241 22.10 -33.69 23.14
N GLU ZA 242 22.33 -34.50 24.17
CA GLU ZA 242 22.82 -35.86 23.96
C GLU ZA 242 21.70 -36.85 23.70
N GLU ZA 243 20.58 -36.73 24.42
CA GLU ZA 243 19.50 -37.71 24.29
C GLU ZA 243 18.73 -37.46 23.00
N GLU ZA 244 18.01 -38.50 22.57
CA GLU ZA 244 17.19 -38.41 21.38
C GLU ZA 244 15.87 -37.73 21.69
N THR ZA 245 15.42 -36.87 20.76
CA THR ZA 245 14.26 -36.04 21.01
C THR ZA 245 12.93 -36.73 20.69
N TYR ZA 246 12.96 -37.90 20.06
CA TYR ZA 246 11.73 -38.59 19.72
C TYR ZA 246 11.92 -40.08 19.94
N ASN ZA 247 10.80 -40.77 20.13
CA ASN ZA 247 10.81 -42.20 20.44
C ASN ZA 247 10.83 -42.97 19.12
N ILE ZA 248 12.01 -43.48 18.76
CA ILE ZA 248 12.14 -44.22 17.50
C ILE ZA 248 11.37 -45.53 17.57
N VAL ZA 249 11.33 -46.17 18.74
CA VAL ZA 249 10.60 -47.42 18.87
C VAL ZA 249 9.11 -47.20 18.69
N ALA ZA 250 8.57 -46.09 19.19
CA ALA ZA 250 7.15 -45.81 19.03
C ALA ZA 250 6.78 -45.62 17.56
N ALA ZA 251 7.58 -44.83 16.82
CA ALA ZA 251 7.31 -44.64 15.41
C ALA ZA 251 7.47 -45.95 14.64
N HIS ZA 252 8.47 -46.75 14.99
CA HIS ZA 252 8.64 -48.04 14.34
C HIS ZA 252 7.45 -48.94 14.59
N GLY ZA 253 6.93 -48.97 15.82
CA GLY ZA 253 5.77 -49.78 16.10
C GLY ZA 253 4.53 -49.31 15.36
N TYR ZA 254 4.32 -48.00 15.32
CA TYR ZA 254 3.19 -47.45 14.58
C TYR ZA 254 3.27 -47.83 13.10
N PHE ZA 255 4.43 -47.66 12.49
CA PHE ZA 255 4.56 -47.95 11.07
C PHE ZA 255 4.54 -49.45 10.79
N GLY ZA 256 4.99 -50.27 11.73
CA GLY ZA 256 4.88 -51.70 11.56
C GLY ZA 256 3.44 -52.18 11.62
N ARG ZA 257 2.65 -51.60 12.53
CA ARG ZA 257 1.24 -51.95 12.59
C ARG ZA 257 0.44 -51.28 11.48
N LEU ZA 258 0.99 -50.26 10.82
CA LEU ZA 258 0.26 -49.60 9.75
C LEU ZA 258 0.20 -50.46 8.49
N ILE ZA 259 1.33 -51.07 8.10
CA ILE ZA 259 1.38 -51.85 6.87
C ILE ZA 259 1.59 -53.32 7.18
N PHE ZA 260 2.76 -53.64 7.71
CA PHE ZA 260 3.07 -54.96 8.26
C PHE ZA 260 4.42 -54.84 8.96
N GLN ZA 261 4.64 -55.73 9.92
CA GLN ZA 261 5.61 -55.49 10.98
C GLN ZA 261 7.05 -55.43 10.51
N TYR ZA 262 7.35 -55.82 9.27
CA TYR ZA 262 8.67 -55.65 8.70
C TYR ZA 262 8.62 -54.81 7.42
N ALA ZA 263 7.66 -53.91 7.35
CA ALA ZA 263 7.65 -52.88 6.32
C ALA ZA 263 8.39 -51.62 6.79
N SER ZA 264 8.86 -51.61 8.02
CA SER ZA 264 9.55 -50.48 8.62
C SER ZA 264 11.04 -50.75 8.71
N PHE ZA 265 11.80 -49.67 8.94
CA PHE ZA 265 13.23 -49.76 9.17
C PHE ZA 265 13.48 -49.70 10.67
N ASN ZA 266 13.94 -50.80 11.25
CA ASN ZA 266 14.36 -50.78 12.64
C ASN ZA 266 15.56 -49.85 12.82
N ASN ZA 267 16.48 -49.86 11.87
CA ASN ZA 267 17.71 -49.10 11.97
C ASN ZA 267 17.48 -47.68 11.44
N SER ZA 268 17.79 -46.69 12.27
CA SER ZA 268 17.67 -45.30 11.83
C SER ZA 268 18.73 -44.96 10.79
N ARG ZA 269 19.92 -45.54 10.92
CA ARG ZA 269 20.97 -45.28 9.92
C ARG ZA 269 20.59 -45.85 8.57
N ALA ZA 270 20.05 -47.07 8.54
CA ALA ZA 270 19.58 -47.64 7.27
C ALA ZA 270 18.40 -46.85 6.71
N LEU ZA 271 17.51 -46.39 7.58
CA LEU ZA 271 16.39 -45.57 7.13
C LEU ZA 271 16.87 -44.29 6.48
N HIS ZA 272 17.86 -43.62 7.08
CA HIS ZA 272 18.35 -42.38 6.50
C HIS ZA 272 19.19 -42.63 5.25
N PHE ZA 273 19.87 -43.77 5.19
CA PHE ZA 273 20.52 -44.13 3.93
C PHE ZA 273 19.50 -44.30 2.82
N PHE ZA 274 18.38 -44.96 3.11
CA PHE ZA 274 17.33 -45.09 2.12
C PHE ZA 274 16.76 -43.73 1.73
N LEU ZA 275 16.58 -42.84 2.71
CA LEU ZA 275 16.08 -41.50 2.42
C LEU ZA 275 17.01 -40.76 1.48
N GLY ZA 276 18.32 -40.83 1.72
CA GLY ZA 276 19.26 -40.18 0.83
C GLY ZA 276 19.50 -40.91 -0.46
N LEU ZA 277 19.11 -42.18 -0.54
CA LEU ZA 277 19.37 -43.01 -1.72
C LEU ZA 277 18.26 -42.93 -2.75
N TRP ZA 278 17.00 -42.95 -2.34
CA TRP ZA 278 15.90 -43.03 -3.30
C TRP ZA 278 15.87 -41.85 -4.27
N PRO ZA 279 15.76 -40.59 -3.82
CA PRO ZA 279 15.65 -39.50 -4.80
C PRO ZA 279 16.95 -39.18 -5.50
N VAL ZA 280 18.10 -39.42 -4.87
CA VAL ZA 280 19.37 -39.21 -5.56
C VAL ZA 280 19.50 -40.15 -6.74
N VAL ZA 281 19.17 -41.43 -6.54
CA VAL ZA 281 19.22 -42.38 -7.65
C VAL ZA 281 18.17 -42.04 -8.70
N GLY ZA 282 16.98 -41.61 -8.26
CA GLY ZA 282 15.96 -41.22 -9.23
C GLY ZA 282 16.40 -40.07 -10.11
N ILE ZA 283 16.95 -39.02 -9.51
CA ILE ZA 283 17.41 -37.88 -10.29
C ILE ZA 283 18.62 -38.23 -11.14
N TRP ZA 284 19.51 -39.09 -10.63
CA TRP ZA 284 20.59 -39.60 -11.47
C TRP ZA 284 20.05 -40.26 -12.72
N PHE ZA 285 19.04 -41.12 -12.57
CA PHE ZA 285 18.52 -41.85 -13.71
C PHE ZA 285 17.79 -40.93 -14.68
N THR ZA 286 17.03 -39.95 -14.19
CA THR ZA 286 16.37 -39.06 -15.12
C THR ZA 286 17.35 -38.13 -15.82
N ALA ZA 287 18.40 -37.69 -15.12
CA ALA ZA 287 19.44 -36.90 -15.77
C ALA ZA 287 20.16 -37.70 -16.84
N LEU ZA 288 20.47 -38.98 -16.55
CA LEU ZA 288 21.07 -39.82 -17.57
C LEU ZA 288 20.12 -40.11 -18.71
N GLY ZA 289 18.81 -40.16 -18.43
CA GLY ZA 289 17.86 -40.31 -19.51
C GLY ZA 289 17.83 -39.11 -20.43
N VAL ZA 290 17.88 -37.91 -19.87
CA VAL ZA 290 18.00 -36.72 -20.71
C VAL ZA 290 19.33 -36.71 -21.46
N MET ZA 291 20.41 -37.16 -20.81
CA MET ZA 291 21.70 -37.24 -21.50
C MET ZA 291 21.65 -38.22 -22.66
N THR ZA 292 20.95 -39.35 -22.51
CA THR ZA 292 20.84 -40.31 -23.60
C THR ZA 292 19.91 -39.83 -24.69
N MET ZA 293 18.84 -39.11 -24.34
CA MET ZA 293 17.98 -38.53 -25.36
C MET ZA 293 18.61 -37.32 -26.03
N ALA ZA 294 19.69 -36.77 -25.47
CA ALA ZA 294 20.47 -35.79 -26.19
C ALA ZA 294 21.02 -36.37 -27.48
N PHE ZA 295 21.42 -37.64 -27.45
CA PHE ZA 295 21.89 -38.35 -28.62
C PHE ZA 295 20.80 -39.19 -29.27
N ASN ZA 296 19.54 -38.82 -29.03
CA ASN ZA 296 18.40 -39.36 -29.77
C ASN ZA 296 18.23 -40.86 -29.54
N LEU ZA 297 18.36 -41.27 -28.28
CA LEU ZA 297 17.92 -42.59 -27.84
C LEU ZA 297 16.64 -42.37 -27.05
N ASN ZA 298 15.53 -42.32 -27.78
CA ASN ZA 298 14.28 -41.82 -27.22
C ASN ZA 298 13.60 -42.88 -26.36
N GLY ZA 299 12.42 -42.53 -25.85
CA GLY ZA 299 11.67 -43.41 -24.98
C GLY ZA 299 10.89 -44.45 -25.74
N PHE ZA 300 10.05 -45.17 -25.02
CA PHE ZA 300 9.29 -46.28 -25.59
C PHE ZA 300 8.32 -45.77 -26.65
N ASN ZA 301 8.25 -46.48 -27.76
CA ASN ZA 301 7.36 -46.14 -28.87
C ASN ZA 301 6.37 -47.29 -29.04
N PHE ZA 302 5.12 -47.05 -28.64
CA PHE ZA 302 4.07 -48.06 -28.74
C PHE ZA 302 2.95 -47.58 -29.68
N ASN ZA 303 3.30 -46.84 -30.72
CA ASN ZA 303 2.31 -46.32 -31.65
C ASN ZA 303 1.88 -47.41 -32.62
N GLN ZA 304 0.57 -47.52 -32.83
CA GLN ZA 304 0.00 -48.51 -33.74
C GLN ZA 304 0.41 -49.93 -33.36
N SER ZA 305 0.44 -50.20 -32.06
CA SER ZA 305 0.80 -51.52 -31.57
C SER ZA 305 -0.36 -52.50 -31.56
N VAL ZA 306 -1.59 -52.03 -31.74
CA VAL ZA 306 -2.77 -52.89 -31.73
C VAL ZA 306 -3.45 -52.77 -33.08
N VAL ZA 307 -3.62 -53.90 -33.76
CA VAL ZA 307 -4.33 -53.95 -35.02
C VAL ZA 307 -5.38 -55.05 -34.93
N ASP ZA 308 -6.40 -54.94 -35.78
CA ASP ZA 308 -7.51 -55.88 -35.79
C ASP ZA 308 -7.17 -57.03 -36.73
N SER ZA 309 -8.16 -57.89 -37.02
CA SER ZA 309 -7.92 -59.03 -37.89
C SER ZA 309 -7.55 -58.59 -39.30
N GLN ZA 310 -8.23 -57.57 -39.83
CA GLN ZA 310 -7.89 -57.07 -41.15
C GLN ZA 310 -6.54 -56.36 -41.15
N GLY ZA 311 -6.31 -55.49 -40.18
CA GLY ZA 311 -5.08 -54.74 -40.13
C GLY ZA 311 -5.30 -53.26 -39.85
N ARG ZA 312 -6.55 -52.89 -39.58
CA ARG ZA 312 -6.84 -51.51 -39.21
C ARG ZA 312 -6.22 -51.20 -37.85
N VAL ZA 313 -5.69 -50.00 -37.72
CA VAL ZA 313 -5.02 -49.60 -36.49
C VAL ZA 313 -6.07 -49.27 -35.44
N ILE ZA 314 -6.04 -49.97 -34.31
CA ILE ZA 314 -6.86 -49.65 -33.16
C ILE ZA 314 -6.00 -48.81 -32.23
N ASN ZA 315 -6.44 -47.59 -31.95
CA ASN ZA 315 -5.62 -46.68 -31.16
C ASN ZA 315 -5.59 -47.12 -29.70
N THR ZA 316 -4.54 -46.70 -29.02
CA THR ZA 316 -4.37 -46.89 -27.58
C THR ZA 316 -4.12 -45.51 -26.96
N TRP ZA 317 -3.81 -45.51 -25.66
CA TRP ZA 317 -3.47 -44.25 -25.02
C TRP ZA 317 -2.13 -43.71 -25.54
N ALA ZA 318 -1.22 -44.61 -25.92
CA ALA ZA 318 0.03 -44.17 -26.54
C ALA ZA 318 -0.23 -43.46 -27.85
N ASP ZA 319 -1.30 -43.80 -28.57
CA ASP ZA 319 -1.60 -43.12 -29.83
C ASP ZA 319 -2.17 -41.73 -29.58
N ILE ZA 320 -2.96 -41.56 -28.52
CA ILE ZA 320 -3.43 -40.21 -28.18
C ILE ZA 320 -2.26 -39.36 -27.69
N LEU ZA 321 -1.35 -39.96 -26.93
CA LEU ZA 321 -0.14 -39.26 -26.54
C LEU ZA 321 0.69 -38.88 -27.76
N ASN ZA 322 0.73 -39.77 -28.77
CA ASN ZA 322 1.42 -39.45 -30.01
C ASN ZA 322 0.75 -38.30 -30.75
N ARG ZA 323 -0.58 -38.24 -30.71
CA ARG ZA 323 -1.28 -37.12 -31.32
C ARG ZA 323 -0.91 -35.81 -30.63
N ALA ZA 324 -0.84 -35.82 -29.30
CA ALA ZA 324 -0.41 -34.62 -28.58
C ALA ZA 324 1.03 -34.25 -28.93
N ASN ZA 325 1.91 -35.24 -29.02
CA ASN ZA 325 3.30 -34.97 -29.39
C ASN ZA 325 3.41 -34.43 -30.81
N LEU ZA 326 2.55 -34.90 -31.73
CA LEU ZA 326 2.52 -34.34 -33.07
C LEU ZA 326 2.00 -32.92 -33.07
N GLY ZA 327 1.00 -32.63 -32.24
CA GLY ZA 327 0.54 -31.26 -32.13
C GLY ZA 327 1.62 -30.33 -31.64
N MET ZA 328 2.43 -30.77 -30.68
CA MET ZA 328 3.56 -29.96 -30.24
C MET ZA 328 4.69 -29.92 -31.26
N GLU ZA 329 4.85 -30.97 -32.06
CA GLU ZA 329 5.99 -31.06 -32.98
C GLU ZA 329 5.82 -30.10 -34.15
N VAL ZA 330 4.62 -30.03 -34.73
CA VAL ZA 330 4.40 -29.20 -35.91
C VAL ZA 330 4.31 -27.72 -35.60
N MET ZA 331 4.41 -27.33 -34.32
CA MET ZA 331 4.28 -25.93 -33.93
C MET ZA 331 5.57 -25.33 -33.38
N HIS ZA 332 6.56 -26.14 -33.03
CA HIS ZA 332 7.74 -25.62 -32.36
C HIS ZA 332 8.75 -25.10 -33.39
N GLU ZA 333 9.48 -24.06 -32.99
CA GLU ZA 333 10.54 -23.47 -33.81
C GLU ZA 333 10.00 -23.08 -35.19
N ARG ZA 334 9.08 -22.12 -35.14
CA ARG ZA 334 8.29 -21.74 -36.31
C ARG ZA 334 9.17 -21.17 -37.41
N ASN ZA 335 8.92 -21.61 -38.64
CA ASN ZA 335 9.61 -21.15 -39.84
C ASN ZA 335 11.09 -21.51 -39.83
N ALA ZA 336 11.52 -22.34 -38.90
CA ALA ZA 336 12.90 -22.82 -38.86
C ALA ZA 336 13.06 -24.18 -39.53
N HIS ZA 337 11.97 -24.78 -40.01
CA HIS ZA 337 11.99 -26.09 -40.65
C HIS ZA 337 11.65 -25.91 -42.13
N ASN ZA 338 12.63 -26.17 -43.00
CA ASN ZA 338 12.42 -26.11 -44.44
C ASN ZA 338 12.39 -27.49 -45.07
N PHE ZA 339 12.49 -28.55 -44.29
CA PHE ZA 339 12.58 -29.92 -44.77
C PHE ZA 339 11.59 -30.78 -44.01
N PRO ZA 340 11.14 -31.90 -44.62
CA PRO ZA 340 10.09 -32.70 -43.97
C PRO ZA 340 10.51 -33.30 -42.65
N LEU ZA 341 11.68 -33.92 -42.58
CA LEU ZA 341 12.11 -34.59 -41.37
C LEU ZA 341 12.88 -33.63 -40.45
N ASP ZA 342 13.01 -34.02 -39.20
CA ASP ZA 342 13.65 -33.20 -38.16
C ASP ZA 342 14.96 -33.83 -37.70
N LEU ZA 343 15.73 -34.35 -38.65
CA LEU ZA 343 17.00 -35.00 -38.34
C LEU ZA 343 18.07 -33.98 -37.95
N ALA AB 2 -16.78 -13.29 39.77
CA ALA AB 2 -17.83 -13.50 38.78
C ALA AB 2 -19.06 -12.70 39.15
N LEU AB 3 -19.38 -11.67 38.36
CA LEU AB 3 -20.52 -10.83 38.67
C LEU AB 3 -21.81 -11.49 38.23
N ARG AB 4 -22.87 -11.20 38.97
CA ARG AB 4 -24.19 -11.76 38.74
C ARG AB 4 -25.10 -10.72 38.10
N THR AB 5 -25.77 -11.11 37.02
CA THR AB 5 -26.67 -10.22 36.30
C THR AB 5 -28.06 -10.85 36.24
N ARG AB 6 -29.03 -10.04 35.80
CA ARG AB 6 -30.39 -10.54 35.65
C ARG AB 6 -30.47 -11.58 34.54
N LEU AB 7 -29.88 -11.28 33.38
CA LEU AB 7 -29.88 -12.25 32.29
C LEU AB 7 -29.05 -13.48 32.65
N GLY AB 8 -27.95 -13.28 33.38
CA GLY AB 8 -27.16 -14.42 33.81
C GLY AB 8 -27.93 -15.34 34.73
N GLU AB 9 -28.66 -14.76 35.69
CA GLU AB 9 -29.48 -15.58 36.57
C GLU AB 9 -30.65 -16.21 35.83
N LEU AB 10 -31.14 -15.55 34.78
CA LEU AB 10 -32.21 -16.13 33.98
C LEU AB 10 -31.72 -17.35 33.20
N LEU AB 11 -30.52 -17.27 32.63
CA LEU AB 11 -29.98 -18.34 31.81
C LEU AB 11 -29.14 -19.35 32.59
N ARG AB 12 -28.94 -19.13 33.90
CA ARG AB 12 -28.11 -20.03 34.68
C ARG AB 12 -28.54 -21.50 34.62
N PRO AB 13 -29.82 -21.85 34.80
CA PRO AB 13 -30.18 -23.28 34.71
C PRO AB 13 -29.95 -23.89 33.35
N LEU AB 14 -29.89 -23.07 32.29
CA LEU AB 14 -29.60 -23.59 30.96
C LEU AB 14 -28.14 -23.95 30.76
N ASN AB 15 -27.24 -23.44 31.60
CA ASN AB 15 -25.84 -23.87 31.62
C ASN AB 15 -25.50 -24.22 33.06
N SER AB 16 -25.90 -25.41 33.48
CA SER AB 16 -25.66 -25.85 34.84
C SER AB 16 -25.35 -27.34 34.98
N GLU AB 17 -25.25 -28.07 33.87
CA GLU AB 17 -25.12 -29.52 33.91
C GLU AB 17 -23.93 -29.97 33.08
N TYR AB 18 -22.79 -29.31 33.26
CA TYR AB 18 -21.59 -29.70 32.55
C TYR AB 18 -21.10 -31.04 33.07
N GLY AB 19 -20.86 -31.97 32.15
CA GLY AB 19 -20.36 -33.28 32.51
C GLY AB 19 -21.42 -34.29 32.90
N LYS AB 20 -22.68 -33.90 32.94
CA LYS AB 20 -23.76 -34.81 33.31
C LYS AB 20 -24.05 -35.74 32.15
N VAL AB 21 -23.93 -37.05 32.38
CA VAL AB 21 -24.02 -38.04 31.31
C VAL AB 21 -25.09 -39.07 31.68
N ALA AB 22 -25.61 -39.72 30.65
CA ALA AB 22 -26.43 -40.90 30.86
C ALA AB 22 -25.55 -42.13 30.96
N PRO AB 23 -25.73 -42.96 32.00
CA PRO AB 23 -24.88 -44.13 32.16
C PRO AB 23 -25.07 -45.14 31.04
N GLY AB 24 -24.00 -45.85 30.72
CA GLY AB 24 -24.07 -46.89 29.73
C GLY AB 24 -24.12 -46.35 28.31
N TRP AB 25 -24.83 -47.07 27.44
CA TRP AB 25 -24.93 -46.70 26.03
C TRP AB 25 -26.06 -45.71 25.76
N GLY AB 26 -26.98 -45.53 26.69
CA GLY AB 26 -28.00 -44.51 26.56
C GLY AB 26 -28.90 -44.66 25.34
N THR AB 27 -28.91 -43.64 24.48
CA THR AB 27 -29.76 -43.61 23.30
C THR AB 27 -28.97 -43.86 22.02
N THR AB 28 -27.81 -44.50 22.12
CA THR AB 28 -27.01 -44.75 20.92
C THR AB 28 -27.72 -45.61 19.88
N PRO AB 29 -28.43 -46.70 20.21
CA PRO AB 29 -29.07 -47.48 19.14
C PRO AB 29 -30.10 -46.70 18.34
N ILE AB 30 -30.96 -45.92 19.00
CA ILE AB 30 -31.94 -45.15 18.26
C ILE AB 30 -31.25 -44.03 17.49
N MET AB 31 -30.15 -43.50 18.03
CA MET AB 31 -29.35 -42.53 17.28
C MET AB 31 -28.81 -43.15 15.99
N GLY AB 32 -28.31 -44.37 16.07
CA GLY AB 32 -27.83 -45.05 14.89
C GLY AB 32 -28.94 -45.34 13.90
N PHE AB 33 -30.13 -45.67 14.40
CA PHE AB 33 -31.27 -45.86 13.50
C PHE AB 33 -31.62 -44.57 12.76
N VAL AB 34 -31.63 -43.44 13.48
CA VAL AB 34 -31.90 -42.17 12.82
C VAL AB 34 -30.81 -41.81 11.84
N MET AB 35 -29.54 -42.10 12.19
CA MET AB 35 -28.45 -41.86 11.25
C MET AB 35 -28.58 -42.73 10.00
N LEU AB 36 -29.01 -43.97 10.17
CA LEU AB 36 -29.25 -44.84 9.02
C LEU AB 36 -30.35 -44.29 8.13
N LEU AB 37 -31.44 -43.79 8.73
CA LEU AB 37 -32.50 -43.18 7.94
C LEU AB 37 -31.99 -41.95 7.21
N PHE AB 38 -31.17 -41.13 7.87
CA PHE AB 38 -30.62 -39.95 7.22
C PHE AB 38 -29.67 -40.33 6.08
N PHE AB 39 -28.90 -41.39 6.26
CA PHE AB 39 -28.03 -41.87 5.20
C PHE AB 39 -28.85 -42.34 4.00
N LEU AB 40 -29.94 -43.07 4.24
CA LEU AB 40 -30.81 -43.49 3.14
C LEU AB 40 -31.44 -42.29 2.45
N PHE AB 41 -31.87 -41.29 3.21
CA PHE AB 41 -32.48 -40.11 2.61
C PHE AB 41 -31.48 -39.34 1.75
N LEU AB 42 -30.25 -39.16 2.25
CA LEU AB 42 -29.22 -38.50 1.48
C LEU AB 42 -28.89 -39.30 0.23
N LEU AB 43 -28.84 -40.62 0.33
CA LEU AB 43 -28.59 -41.45 -0.85
C LEU AB 43 -29.71 -41.28 -1.87
N ILE AB 44 -30.95 -41.24 -1.41
CA ILE AB 44 -32.08 -41.09 -2.33
C ILE AB 44 -32.00 -39.75 -3.06
N ILE AB 45 -31.79 -38.66 -2.32
CA ILE AB 45 -31.76 -37.37 -3.00
C ILE AB 45 -30.51 -37.21 -3.86
N LEU AB 46 -29.39 -37.82 -3.47
CA LEU AB 46 -28.20 -37.78 -4.31
C LEU AB 46 -28.43 -38.51 -5.63
N GLN AB 47 -29.04 -39.70 -5.57
CA GLN AB 47 -29.29 -40.43 -6.79
C GLN AB 47 -30.40 -39.80 -7.62
N ILE AB 48 -31.31 -39.04 -7.00
CA ILE AB 48 -32.26 -38.27 -7.78
C ILE AB 48 -31.56 -37.13 -8.50
N TYR AB 49 -30.71 -36.39 -7.81
CA TYR AB 49 -29.96 -35.31 -8.44
C TYR AB 49 -28.93 -35.82 -9.44
N ASN AB 50 -28.47 -37.06 -9.28
CA ASN AB 50 -27.55 -37.68 -10.22
C ASN AB 50 -28.25 -38.34 -11.38
N SER AB 51 -29.59 -38.41 -11.36
CA SER AB 51 -30.38 -39.09 -12.37
C SER AB 51 -30.06 -40.58 -12.43
N SER AB 52 -29.56 -41.13 -11.33
CA SER AB 52 -29.45 -42.57 -11.15
C SER AB 52 -30.71 -43.17 -10.54
N LEU AB 53 -31.67 -42.32 -10.18
CA LEU AB 53 -32.92 -42.75 -9.55
C LEU AB 53 -34.02 -41.86 -10.12
N ILE AB 54 -34.79 -42.41 -11.07
CA ILE AB 54 -35.83 -41.67 -11.76
C ILE AB 54 -37.16 -41.98 -11.09
N ILE AB 55 -37.85 -40.95 -10.64
CA ILE AB 55 -39.13 -41.07 -9.95
C ILE AB 55 -40.21 -40.48 -10.83
N GLU AB 56 -41.42 -41.02 -10.72
CA GLU AB 56 -42.55 -40.49 -11.47
C GLU AB 56 -42.81 -39.04 -11.05
N ASN AB 57 -43.09 -38.20 -12.05
CA ASN AB 57 -43.40 -36.78 -11.86
C ASN AB 57 -42.27 -36.01 -11.21
N VAL AB 58 -41.05 -36.53 -11.25
CA VAL AB 58 -39.86 -35.84 -10.74
C VAL AB 58 -38.88 -35.75 -11.90
N ASP AB 59 -38.94 -34.65 -12.63
CA ASP AB 59 -38.08 -34.42 -13.80
C ASP AB 59 -36.96 -33.49 -13.39
N VAL AB 60 -35.77 -34.05 -13.19
CA VAL AB 60 -34.61 -33.25 -12.80
C VAL AB 60 -34.08 -32.57 -14.06
N ASP AB 61 -34.57 -31.37 -14.33
CA ASP AB 61 -34.27 -30.68 -15.57
C ASP AB 61 -34.60 -29.20 -15.38
N TRP AB 62 -33.87 -28.35 -16.10
CA TRP AB 62 -34.25 -26.94 -16.15
C TRP AB 62 -35.62 -26.76 -16.80
N ALA AB 63 -35.98 -27.66 -17.71
CA ALA AB 63 -37.24 -27.56 -18.43
C ALA AB 63 -38.46 -27.86 -17.56
N SER AB 64 -38.27 -28.43 -16.38
CA SER AB 64 -39.40 -28.70 -15.50
C SER AB 64 -39.96 -27.43 -14.88
N LEU AB 65 -39.25 -26.30 -14.98
CA LEU AB 65 -39.78 -25.03 -14.47
C LEU AB 65 -40.95 -24.55 -15.32
N GLY AB 66 -41.01 -24.93 -16.59
CA GLY AB 66 -42.07 -24.51 -17.47
C GLY AB 66 -41.90 -23.08 -17.95
N VAL BB 32 -101.94 2.98 59.90
CA VAL BB 32 -102.87 1.98 60.39
C VAL BB 32 -102.19 1.14 61.47
N PHE BB 33 -100.99 0.65 61.18
CA PHE BB 33 -100.22 -0.07 62.18
C PHE BB 33 -99.74 0.89 63.26
N PRO BB 34 -99.61 0.41 64.50
CA PRO BB 34 -99.16 1.28 65.59
C PRO BB 34 -97.74 1.78 65.37
N GLY BB 35 -97.49 2.97 65.86
CA GLY BB 35 -96.18 3.60 65.74
C GLY BB 35 -96.31 5.10 65.66
N GLN BB 36 -95.21 5.78 65.94
CA GLN BB 36 -95.17 7.24 65.90
C GLN BB 36 -94.79 7.70 64.50
N PHE BB 37 -95.59 8.61 63.95
CA PHE BB 37 -95.38 9.10 62.59
C PHE BB 37 -95.63 10.61 62.57
N SER BB 38 -95.41 11.21 61.41
CA SER BB 38 -95.60 12.65 61.26
C SER BB 38 -97.09 12.99 61.24
N ASP BB 39 -97.38 14.25 61.58
CA ASP BB 39 -98.76 14.70 61.61
C ASP BB 39 -99.33 14.86 60.20
N SER BB 40 -98.51 15.34 59.27
CA SER BB 40 -98.97 15.53 57.90
C SER BB 40 -99.02 14.20 57.15
N VAL BB 41 -97.88 13.54 57.02
CA VAL BB 41 -97.78 12.24 56.35
C VAL BB 41 -97.85 11.15 57.42
N PRO BB 42 -98.86 10.28 57.40
CA PRO BB 42 -99.01 9.27 58.45
C PRO BB 42 -98.19 8.00 58.27
N PHE BB 43 -97.55 7.81 57.12
CA PHE BB 43 -96.68 6.66 56.91
C PHE BB 43 -95.20 7.01 57.00
N LEU BB 44 -94.87 8.27 57.26
CA LEU BB 44 -93.50 8.70 57.48
C LEU BB 44 -93.35 9.22 58.90
N LYS BB 45 -92.21 8.95 59.50
CA LYS BB 45 -91.95 9.39 60.87
C LYS BB 45 -91.73 10.91 60.90
N GLN BB 46 -91.74 11.46 62.11
CA GLN BB 46 -91.40 12.86 62.29
C GLN BB 46 -89.92 13.06 62.00
N PRO BB 47 -89.55 14.05 61.20
CA PRO BB 47 -88.13 14.27 60.90
C PRO BB 47 -87.34 14.63 62.15
N THR BB 48 -86.04 14.30 62.08
CA THR BB 48 -85.19 14.43 63.26
C THR BB 48 -85.03 15.89 63.69
N ASN BB 49 -84.85 16.80 62.74
CA ASN BB 49 -84.60 18.20 63.05
C ASN BB 49 -85.86 19.07 62.99
N LEU BB 50 -87.02 18.49 62.70
CA LEU BB 50 -88.28 19.22 62.73
C LEU BB 50 -88.95 18.94 64.07
N ASP BB 51 -88.50 19.66 65.10
CA ASP BB 51 -89.05 19.46 66.44
C ASP BB 51 -90.44 20.08 66.59
N GLY BB 52 -90.74 21.13 65.83
CA GLY BB 52 -92.02 21.81 65.91
C GLY BB 52 -91.95 23.22 66.48
N SER BB 53 -90.76 23.72 66.82
CA SER BB 53 -90.66 25.08 67.35
C SER BB 53 -90.92 26.11 66.26
N TYR BB 54 -90.48 25.85 65.04
CA TYR BB 54 -90.69 26.77 63.93
C TYR BB 54 -92.13 26.70 63.44
N VAL BB 55 -92.64 27.83 62.97
CA VAL BB 55 -94.02 27.91 62.51
C VAL BB 55 -94.16 27.20 61.17
N GLY BB 56 -95.39 26.74 60.89
CA GLY BB 56 -95.66 26.03 59.66
C GLY BB 56 -95.11 24.63 59.61
N ASP BB 57 -94.64 24.09 60.73
CA ASP BB 57 -94.02 22.76 60.76
C ASP BB 57 -95.10 21.73 61.05
N VAL BB 58 -95.50 20.99 60.01
CA VAL BB 58 -96.39 19.86 60.18
C VAL BB 58 -95.62 18.54 60.04
N GLY BB 59 -94.30 18.58 60.20
CA GLY BB 59 -93.49 17.38 60.07
C GLY BB 59 -93.33 16.87 58.66
N PHE BB 60 -93.45 17.74 57.66
CA PHE BB 60 -93.36 17.34 56.25
C PHE BB 60 -91.95 17.60 55.74
N ASP BB 61 -91.08 16.60 55.89
CA ASP BB 61 -89.77 16.60 55.25
C ASP BB 61 -89.46 15.16 54.86
N PRO BB 62 -89.99 14.70 53.72
CA PRO BB 62 -89.77 13.29 53.35
C PRO BB 62 -88.34 12.99 52.96
N LEU BB 63 -87.72 13.85 52.13
CA LEU BB 63 -86.36 13.58 51.65
C LEU BB 63 -85.29 13.94 52.67
N GLY BB 64 -85.66 14.55 53.80
CA GLY BB 64 -84.69 14.87 54.83
C GLY BB 64 -83.72 15.98 54.48
N PHE BB 65 -84.23 17.07 53.91
CA PHE BB 65 -83.39 18.24 53.67
C PHE BB 65 -82.90 18.86 54.96
N SER BB 66 -83.70 18.77 56.03
CA SER BB 66 -83.27 19.31 57.32
C SER BB 66 -82.21 18.46 57.98
N ASP BB 67 -82.03 17.21 57.54
CA ASP BB 67 -80.96 16.37 58.07
C ASP BB 67 -79.61 16.70 57.45
N VAL BB 68 -79.60 17.17 56.21
CA VAL BB 68 -78.37 17.49 55.51
C VAL BB 68 -77.91 18.91 55.82
N PHE BB 69 -78.83 19.87 55.73
CA PHE BB 69 -78.52 21.28 55.97
C PHE BB 69 -79.23 21.77 57.21
N ASP BB 70 -78.79 22.93 57.69
CA ASP BB 70 -79.36 23.50 58.91
C ASP BB 70 -80.80 23.95 58.67
N ILE BB 71 -81.62 23.83 59.72
CA ILE BB 71 -83.00 24.27 59.64
C ILE BB 71 -83.11 25.79 59.57
N ARG BB 72 -82.15 26.51 60.15
CA ARG BB 72 -82.20 27.98 60.12
C ARG BB 72 -81.96 28.51 58.71
N VAL BB 73 -80.93 27.99 58.02
CA VAL BB 73 -80.67 28.42 56.66
C VAL BB 73 -81.82 28.03 55.75
N LEU BB 74 -82.37 26.82 55.94
CA LEU BB 74 -83.51 26.40 55.13
C LEU BB 74 -84.72 27.28 55.38
N ARG BB 75 -84.98 27.66 56.64
CA ARG BB 75 -86.11 28.53 56.93
C ARG BB 75 -85.91 29.92 56.32
N GLU BB 76 -84.69 30.45 56.39
CA GLU BB 76 -84.45 31.74 55.76
C GLU BB 76 -84.62 31.66 54.25
N ALA BB 77 -84.13 30.60 53.61
CA ALA BB 77 -84.33 30.42 52.18
C ALA BB 77 -85.81 30.29 51.84
N GLU BB 78 -86.56 29.53 52.65
CA GLU BB 78 -87.99 29.38 52.43
C GLU BB 78 -88.71 30.71 52.54
N LEU BB 79 -88.39 31.51 53.56
CA LEU BB 79 -89.03 32.80 53.73
C LEU BB 79 -88.68 33.75 52.60
N LYS BB 80 -87.42 33.75 52.16
CA LYS BB 80 -87.03 34.63 51.06
C LYS BB 80 -87.75 34.25 49.78
N HIS BB 81 -87.76 32.96 49.45
CA HIS BB 81 -88.49 32.49 48.27
C HIS BB 81 -89.97 32.84 48.38
N GLY BB 82 -90.56 32.65 49.56
CA GLY BB 82 -91.98 32.89 49.72
C GLY BB 82 -92.36 34.34 49.61
N ARG BB 83 -91.57 35.24 50.21
CA ARG BB 83 -91.85 36.66 50.08
C ARG BB 83 -91.69 37.13 48.64
N ILE BB 84 -90.63 36.69 47.97
CA ILE BB 84 -90.45 37.02 46.56
C ILE BB 84 -91.63 36.51 45.74
N ALA BB 85 -92.11 35.31 46.06
CA ALA BB 85 -93.25 34.74 45.35
C ALA BB 85 -94.56 35.47 45.66
N MET BB 86 -94.73 35.96 46.87
CA MET BB 86 -95.89 36.80 47.19
C MET BB 86 -95.91 38.03 46.29
N LEU BB 87 -94.79 38.76 46.27
CA LEU BB 87 -94.74 39.95 45.42
C LEU BB 87 -94.86 39.58 43.94
N ALA BB 88 -94.36 38.39 43.57
CA ALA BB 88 -94.45 37.95 42.18
C ALA BB 88 -95.89 37.65 41.77
N THR BB 89 -96.66 36.99 42.64
CA THR BB 89 -98.06 36.74 42.33
C THR BB 89 -98.84 38.05 42.28
N LEU BB 90 -98.58 38.97 43.21
CA LEU BB 90 -99.26 40.25 43.16
C LEU BB 90 -98.93 41.00 41.87
N GLY BB 91 -97.67 40.96 41.44
CA GLY BB 91 -97.31 41.59 40.18
C GLY BB 91 -97.93 40.91 38.98
N MET BB 92 -97.94 39.58 38.96
CA MET BB 92 -98.53 38.85 37.85
C MET BB 92 -100.03 39.11 37.74
N VAL BB 93 -100.69 39.43 38.86
CA VAL BB 93 -102.08 39.85 38.77
C VAL BB 93 -102.19 41.29 38.27
N VAL BB 94 -101.43 42.20 38.90
CA VAL BB 94 -101.65 43.63 38.67
C VAL BB 94 -101.21 44.05 37.27
N GLN BB 95 -100.06 43.56 36.81
CA GLN BB 95 -99.53 43.97 35.51
C GLN BB 95 -100.52 43.65 34.39
N GLU BB 96 -101.20 42.52 34.46
CA GLU BB 96 -102.29 42.25 33.53
C GLU BB 96 -103.52 43.09 33.85
N ALA BB 97 -103.77 43.35 35.15
CA ALA BB 97 -104.93 44.15 35.52
C ALA BB 97 -104.72 45.63 35.18
N TYR BB 98 -103.53 46.16 35.46
CA TYR BB 98 -103.28 47.58 35.27
C TYR BB 98 -101.80 47.82 35.00
N THR BB 99 -101.48 48.38 33.85
CA THR BB 99 -100.11 48.75 33.49
C THR BB 99 -99.95 50.26 33.63
N PHE BB 100 -98.76 50.69 34.05
CA PHE BB 100 -98.50 52.09 34.31
C PHE BB 100 -98.59 52.91 33.02
N PRO BB 101 -98.81 54.22 33.16
CA PRO BB 101 -98.80 55.09 31.97
C PRO BB 101 -97.50 55.03 31.19
N PHE BB 102 -96.37 54.79 31.85
CA PHE BB 102 -95.13 54.56 31.14
C PHE BB 102 -94.97 53.07 30.86
N PHE BB 103 -93.82 52.70 30.31
CA PHE BB 103 -93.59 51.36 29.72
C PHE BB 103 -94.64 51.18 28.62
N ASP BB 104 -95.23 50.01 28.48
CA ASP BB 104 -96.23 49.78 27.44
C ASP BB 104 -97.13 48.63 27.85
N LYS BB 105 -98.28 48.53 27.19
CA LYS BB 105 -99.23 47.46 27.44
C LYS BB 105 -98.69 46.16 26.86
N VAL BB 106 -98.21 45.26 27.71
CA VAL BB 106 -97.64 44.00 27.27
C VAL BB 106 -97.76 43.00 28.41
N LEU BB 107 -97.83 41.72 28.06
CA LEU BB 107 -97.93 40.67 29.06
C LEU BB 107 -96.63 40.57 29.87
N PRO BB 108 -96.72 40.19 31.15
CA PRO BB 108 -95.53 40.24 32.01
C PRO BB 108 -94.38 39.35 31.56
N ILE BB 109 -94.66 38.16 31.04
CA ILE BB 109 -93.60 37.22 30.68
C ILE BB 109 -92.74 37.78 29.54
N PRO BB 110 -93.31 38.35 28.47
CA PRO BB 110 -92.47 39.11 27.54
C PRO BB 110 -92.08 40.49 28.05
N ALA BB 111 -92.79 41.03 29.05
CA ALA BB 111 -92.33 42.25 29.68
C ALA BB 111 -90.98 42.06 30.37
N HIS BB 112 -90.67 40.83 30.79
CA HIS BB 112 -89.33 40.54 31.27
C HIS BB 112 -88.29 40.92 30.24
N ASP BB 113 -88.46 40.43 29.01
CA ASP BB 113 -87.53 40.77 27.92
C ASP BB 113 -87.59 42.25 27.59
N VAL BB 114 -88.77 42.85 27.61
CA VAL BB 114 -88.91 44.26 27.29
C VAL BB 114 -88.12 45.12 28.27
N ILE BB 115 -88.22 44.84 29.56
CA ILE BB 115 -87.50 45.63 30.56
C ILE BB 115 -86.03 45.23 30.64
N VAL BB 116 -85.67 44.02 30.20
CA VAL BB 116 -84.25 43.71 30.02
C VAL BB 116 -83.66 44.59 28.94
N LYS BB 117 -84.38 44.76 27.83
CA LYS BB 117 -83.90 45.64 26.76
C LYS BB 117 -84.03 47.12 27.11
N SER BB 118 -84.89 47.47 28.06
CA SER BB 118 -85.07 48.86 28.45
C SER BB 118 -84.04 49.33 29.47
N GLY BB 119 -83.51 48.41 30.28
CA GLY BB 119 -82.48 48.73 31.25
C GLY BB 119 -82.96 48.85 32.68
N GLY BB 120 -84.27 48.87 32.93
CA GLY BB 120 -84.76 48.99 34.28
C GLY BB 120 -84.59 47.72 35.11
N MET BB 121 -84.60 46.56 34.45
CA MET BB 121 -84.46 45.31 35.18
C MET BB 121 -83.05 45.12 35.70
N SER BB 122 -82.04 45.64 35.00
CA SER BB 122 -80.69 45.63 35.54
C SER BB 122 -80.59 46.49 36.79
N GLN BB 123 -81.36 47.59 36.85
CA GLN BB 123 -81.38 48.40 38.06
C GLN BB 123 -82.13 47.70 39.19
N ILE BB 124 -83.21 46.98 38.86
CA ILE BB 124 -83.85 46.12 39.87
C ILE BB 124 -82.85 45.12 40.41
N LEU BB 125 -82.07 44.51 39.52
CA LEU BB 125 -81.04 43.56 39.91
C LEU BB 125 -80.02 44.22 40.83
N LEU BB 126 -79.57 45.42 40.49
CA LEU BB 126 -78.57 46.12 41.30
C LEU BB 126 -79.12 46.44 42.70
N TRP BB 127 -80.35 46.95 42.78
CA TRP BB 127 -80.88 47.32 44.09
C TRP BB 127 -81.19 46.10 44.95
N THR BB 128 -81.71 45.04 44.34
CA THR BB 128 -81.94 43.82 45.09
C THR BB 128 -80.63 43.17 45.53
N SER BB 129 -79.57 43.29 44.70
CA SER BB 129 -78.26 42.83 45.12
C SER BB 129 -77.72 43.64 46.29
N PHE BB 130 -77.97 44.96 46.26
CA PHE BB 130 -77.56 45.80 47.38
C PHE BB 130 -78.28 45.41 48.67
N ALA BB 131 -79.56 45.05 48.56
CA ALA BB 131 -80.29 44.55 49.74
C ALA BB 131 -79.75 43.20 50.19
N GLU BB 132 -79.49 42.30 49.24
CA GLU BB 132 -79.00 40.97 49.60
C GLU BB 132 -77.56 40.99 50.10
N ILE BB 133 -76.81 42.06 49.87
CA ILE BB 133 -75.49 42.17 50.50
C ILE BB 133 -75.62 42.17 52.02
N PHE BB 134 -76.56 42.96 52.54
CA PHE BB 134 -76.83 42.95 53.97
C PHE BB 134 -77.60 41.70 54.37
N GLY BB 135 -78.44 41.18 53.47
CA GLY BB 135 -79.12 39.93 53.75
C GLY BB 135 -78.17 38.76 53.98
N GLY BB 136 -77.06 38.74 53.26
CA GLY BB 136 -76.07 37.68 53.45
C GLY BB 136 -75.39 37.76 54.80
N ILE BB 137 -75.10 38.97 55.26
CA ILE BB 137 -74.55 39.14 56.61
C ILE BB 137 -75.57 38.73 57.65
N ALA BB 138 -76.85 39.05 57.41
CA ALA BB 138 -77.90 38.58 58.31
C ALA BB 138 -77.97 37.05 58.34
N LEU BB 139 -77.83 36.42 57.17
CA LEU BB 139 -77.84 34.96 57.10
C LEU BB 139 -76.64 34.37 57.84
N PHE BB 140 -75.46 34.97 57.70
CA PHE BB 140 -74.28 34.46 58.38
C PHE BB 140 -74.36 34.67 59.89
N GLN BB 141 -75.06 35.72 60.34
CA GLN BB 141 -75.34 35.84 61.76
C GLN BB 141 -76.45 34.90 62.22
N THR BB 142 -77.30 34.45 61.30
CA THR BB 142 -78.31 33.45 61.64
C THR BB 142 -77.67 32.10 61.93
N ILE BB 143 -76.61 31.75 61.18
CA ILE BB 143 -75.89 30.52 61.47
C ILE BB 143 -75.24 30.58 62.84
N GLN BB 144 -74.77 31.76 63.23
CA GLN BB 144 -74.23 31.95 64.57
C GLN BB 144 -75.30 31.97 65.65
N GLY BB 145 -76.57 31.99 65.26
CA GLY BB 145 -77.66 32.02 66.22
C GLY BB 145 -77.83 33.34 66.94
N LYS BB 146 -77.67 34.45 66.22
CA LYS BB 146 -77.88 35.77 66.80
C LYS BB 146 -79.19 36.41 66.39
N ARG BB 147 -79.81 35.93 65.30
CA ARG BB 147 -81.11 36.42 64.87
C ARG BB 147 -81.96 35.25 64.41
N ALA BB 148 -83.27 35.42 64.50
CA ALA BB 148 -84.18 34.40 64.03
C ALA BB 148 -84.13 34.30 62.51
N PRO BB 149 -84.31 33.10 61.95
CA PRO BB 149 -84.25 32.95 60.49
C PRO BB 149 -85.36 33.72 59.81
N GLY BB 150 -84.99 34.56 58.85
CA GLY BB 150 -85.95 35.38 58.14
C GLY BB 150 -86.46 36.58 58.90
N ASP BB 151 -85.88 36.87 60.08
CA ASP BB 151 -86.30 37.99 60.91
C ASP BB 151 -85.37 39.16 60.63
N TYR BB 152 -85.81 40.06 59.76
CA TYR BB 152 -85.07 41.29 59.48
C TYR BB 152 -85.52 42.45 60.34
N SER BB 153 -86.39 42.19 61.33
CA SER BB 153 -86.88 43.22 62.26
C SER BB 153 -87.55 44.37 61.54
N PHE BB 154 -88.26 44.07 60.45
CA PHE BB 154 -88.91 45.09 59.63
C PHE BB 154 -90.40 45.09 59.98
N ASP BB 155 -90.78 45.91 60.96
CA ASP BB 155 -92.17 46.13 61.32
C ASP BB 155 -92.39 47.61 61.56
N PRO BB 156 -92.46 48.41 60.50
CA PRO BB 156 -92.68 49.86 60.69
C PRO BB 156 -94.08 50.21 61.16
N LEU BB 157 -95.08 49.39 60.86
CA LEU BB 157 -96.45 49.61 61.32
C LEU BB 157 -96.75 48.94 62.65
N ASN BB 158 -95.76 48.27 63.25
CA ASN BB 158 -95.90 47.54 64.51
C ASN BB 158 -97.21 46.76 64.56
N LEU BB 159 -97.45 45.98 63.51
CA LEU BB 159 -98.68 45.18 63.45
C LEU BB 159 -98.62 44.00 64.42
N SER BB 160 -97.44 43.44 64.64
CA SER BB 160 -97.27 42.33 65.59
C SER BB 160 -95.99 42.50 66.40
N ALA BB 161 -95.55 43.73 66.63
CA ALA BB 161 -94.30 43.98 67.34
C ALA BB 161 -94.50 44.02 68.86
N ASN BB 162 -95.50 44.76 69.32
CA ASN BB 162 -95.73 44.88 70.77
C ASN BB 162 -96.36 43.62 71.34
N ASP BB 163 -97.23 42.95 70.58
CA ASP BB 163 -97.91 41.75 71.04
C ASP BB 163 -97.17 40.51 70.55
N LEU BB 164 -97.02 39.53 71.44
CA LEU BB 164 -96.31 38.31 71.09
C LEU BB 164 -97.22 37.20 70.60
N GLU BB 165 -98.47 37.15 71.08
CA GLU BB 165 -99.39 36.11 70.62
C GLU BB 165 -99.77 36.31 69.17
N LYS BB 166 -99.88 37.56 68.72
CA LYS BB 166 -100.17 37.83 67.31
C LYS BB 166 -98.96 37.53 66.42
N ARG BB 167 -97.76 37.53 66.98
CA ARG BB 167 -96.56 37.36 66.18
C ARG BB 167 -96.49 35.96 65.56
N GLU BB 168 -96.74 34.91 66.34
CA GLU BB 168 -96.67 33.57 65.78
C GLU BB 168 -97.85 33.27 64.87
N ARG BB 169 -99.02 33.85 65.16
CA ARG BB 169 -100.14 33.71 64.22
C ARG BB 169 -99.82 34.35 62.88
N TYR BB 170 -99.23 35.55 62.90
CA TYR BB 170 -98.85 36.19 61.66
C TYR BB 170 -97.70 35.46 60.97
N ALA BB 171 -96.82 34.81 61.75
CA ALA BB 171 -95.77 34.00 61.14
C ALA BB 171 -96.35 32.78 60.43
N LEU BB 172 -97.32 32.11 61.06
CA LEU BB 172 -97.98 30.99 60.41
C LEU BB 172 -98.72 31.43 59.16
N ALA BB 173 -99.42 32.57 59.24
CA ALA BB 173 -100.10 33.10 58.06
C ALA BB 173 -99.11 33.45 56.96
N GLU BB 174 -97.98 34.06 57.33
CA GLU BB 174 -96.97 34.45 56.36
C GLU BB 174 -96.37 33.23 55.68
N ILE BB 175 -96.07 32.17 56.43
CA ILE BB 175 -95.47 31.00 55.80
C ILE BB 175 -96.50 30.27 54.93
N LYS BB 176 -97.76 30.20 55.36
CA LYS BB 176 -98.77 29.58 54.51
C LYS BB 176 -98.96 30.38 53.22
N HIS BB 177 -99.02 31.71 53.33
CA HIS BB 177 -99.10 32.54 52.13
C HIS BB 177 -97.86 32.41 51.27
N SER BB 178 -96.70 32.19 51.88
CA SER BB 178 -95.47 32.01 51.13
C SER BB 178 -95.53 30.76 50.26
N ARG BB 179 -95.89 29.63 50.88
CA ARG BB 179 -96.01 28.39 50.11
C ARG BB 179 -97.08 28.49 49.05
N LEU BB 180 -98.24 29.08 49.41
CA LEU BB 180 -99.31 29.24 48.45
C LEU BB 180 -98.89 30.15 47.29
N ALA BB 181 -98.13 31.20 47.57
CA ALA BB 181 -97.67 32.11 46.52
C ALA BB 181 -96.65 31.46 45.61
N MET BB 182 -95.73 30.65 46.15
CA MET BB 182 -94.81 29.93 45.28
C MET BB 182 -95.57 29.01 44.34
N LEU BB 183 -96.50 28.23 44.88
CA LEU BB 183 -97.30 27.34 44.05
C LEU BB 183 -98.10 28.14 43.02
N ALA BB 184 -98.67 29.27 43.44
CA ALA BB 184 -99.52 30.05 42.56
C ALA BB 184 -98.74 30.70 41.43
N PHE BB 185 -97.56 31.25 41.71
CA PHE BB 185 -96.76 31.85 40.66
C PHE BB 185 -96.30 30.79 39.66
N SER BB 186 -95.87 29.63 40.16
CA SER BB 186 -95.51 28.56 39.24
C SER BB 186 -96.70 28.16 38.37
N GLY BB 187 -97.88 28.06 38.98
CA GLY BB 187 -99.06 27.70 38.21
C GLY BB 187 -99.41 28.72 37.14
N MET BB 188 -99.38 30.01 37.50
CA MET BB 188 -99.70 31.05 36.54
C MET BB 188 -98.69 31.09 35.40
N VAL BB 189 -97.40 30.95 35.71
CA VAL BB 189 -96.38 30.97 34.65
C VAL BB 189 -96.55 29.78 33.72
N HIS BB 190 -96.75 28.59 34.28
CA HIS BB 190 -96.89 27.41 33.42
C HIS BB 190 -98.24 27.35 32.72
N GLN BB 191 -99.23 28.09 33.20
CA GLN BB 191 -100.47 28.24 32.44
C GLN BB 191 -100.28 29.19 31.26
N TYR BB 192 -99.52 30.27 31.46
CA TYR BB 192 -99.21 31.16 30.35
C TYR BB 192 -98.34 30.46 29.30
N PHE BB 193 -97.45 29.57 29.74
CA PHE BB 193 -96.51 28.95 28.82
C PHE BB 193 -97.19 28.04 27.79
N ILE BB 194 -98.38 27.52 28.08
CA ILE BB 194 -99.04 26.60 27.18
C ILE BB 194 -100.33 27.20 26.64
N THR BB 195 -100.93 28.13 27.39
CA THR BB 195 -102.17 28.75 26.98
C THR BB 195 -101.95 30.01 26.16
N ASN BB 196 -100.86 30.73 26.42
CA ASN BB 196 -100.60 32.03 25.80
C ASN BB 196 -101.77 32.99 26.05
N GLN BB 197 -102.25 32.98 27.29
CA GLN BB 197 -103.30 33.88 27.74
C GLN BB 197 -102.92 34.44 29.10
N GLY BB 198 -103.46 35.61 29.42
CA GLY BB 198 -103.27 36.18 30.73
C GLY BB 198 -104.04 35.42 31.80
N VAL BB 199 -103.67 35.66 33.05
CA VAL BB 199 -104.35 35.00 34.16
C VAL BB 199 -105.78 35.50 34.27
N ILE BB 200 -106.00 36.82 34.18
CA ILE BB 200 -107.36 37.35 34.11
C ILE BB 200 -108.03 36.89 32.83
N GLU BB 201 -107.28 36.82 31.73
CA GLU BB 201 -107.83 36.34 30.47
C GLU BB 201 -108.27 34.89 30.55
N GLN BB 202 -107.49 34.05 31.26
CA GLN BB 202 -107.80 32.63 31.32
C GLN BB 202 -109.00 32.32 32.19
N ILE BB 203 -109.22 33.09 33.26
CA ILE BB 203 -110.38 32.84 34.13
C ILE BB 203 -111.67 33.41 33.56
N ASN BB 204 -111.60 34.14 32.44
CA ASN BB 204 -112.78 34.63 31.76
C ASN BB 204 -112.99 34.04 30.38
N ASN BB 205 -111.93 33.54 29.75
CA ASN BB 205 -111.96 32.98 28.40
C ASN BB 205 -111.30 31.61 28.39
N PHE BB 206 -111.70 30.77 29.34
CA PHE BB 206 -111.06 29.48 29.58
C PHE BB 206 -111.16 28.56 28.37
N ARG BB 207 -110.03 28.28 27.72
CA ARG BB 207 -109.92 27.37 26.59
C ARG BB 207 -108.99 26.22 26.94
N PRO BB 208 -109.35 24.98 26.62
CA PRO BB 208 -108.42 23.86 26.81
C PRO BB 208 -107.23 23.96 25.87
N ILE BB 209 -106.15 23.29 26.27
CA ILE BB 209 -104.90 23.38 25.53
C ILE BB 209 -104.97 22.54 24.25
N ASN BB 210 -104.09 22.87 23.31
CA ASN BB 210 -103.77 22.04 22.16
C ASN BB 210 -104.98 21.73 21.28
N GLY BB 211 -106.06 22.51 21.39
CA GLY BB 211 -107.23 22.25 20.58
C GLY BB 211 -107.96 20.97 20.89
N PHE BB 212 -107.86 20.48 22.12
CA PHE BB 212 -108.45 19.23 22.56
C PHE BB 212 -109.97 19.14 22.47
N PRO BB 213 -110.72 20.26 22.52
CA PRO BB 213 -112.17 20.15 22.33
C PRO BB 213 -112.59 19.35 21.10
N ASP BB 214 -111.90 19.51 19.98
CA ASP BB 214 -112.22 18.81 18.74
C ASP BB 214 -110.97 18.19 18.14
N ALA BB 215 -110.20 17.48 18.97
CA ALA BB 215 -108.97 16.85 18.53
C ALA BB 215 -109.17 15.35 18.32
N THR BB 216 -108.53 14.81 17.29
CA THR BB 216 -108.60 13.39 16.98
C THR BB 216 -107.19 12.84 16.85
N PHE BB 217 -106.99 11.64 17.40
CA PHE BB 217 -105.70 10.95 17.37
C PHE BB 217 -104.61 11.81 17.99
N SER BB 218 -104.84 12.19 19.25
CA SER BB 218 -103.88 13.00 20.00
C SER BB 218 -103.09 12.14 20.97
N UNK CB 1 20.94 -4.44 41.94
CA UNK CB 1 20.41 -5.07 40.74
C UNK CB 1 20.14 -4.04 39.65
N UNK CB 2 20.04 -2.78 40.05
CA UNK CB 2 19.77 -1.70 39.10
C UNK CB 2 21.01 -1.39 38.29
N UNK CB 3 20.80 -1.14 36.99
CA UNK CB 3 21.87 -0.78 36.06
C UNK CB 3 22.98 -1.83 36.05
N UNK CB 4 22.58 -3.10 35.93
CA UNK CB 4 23.52 -4.22 35.88
C UNK CB 4 23.48 -4.85 34.50
N UNK CB 5 24.66 -5.24 34.01
CA UNK CB 5 24.79 -5.85 32.70
C UNK CB 5 25.58 -7.14 32.81
N UNK CB 6 25.30 -8.07 31.90
CA UNK CB 6 25.95 -9.37 31.88
C UNK CB 6 27.07 -9.36 30.85
N UNK CB 7 28.31 -9.36 31.32
CA UNK CB 7 29.48 -9.40 30.47
C UNK CB 7 30.17 -10.75 30.59
N UNK CB 8 30.78 -11.19 29.50
CA UNK CB 8 31.42 -12.50 29.48
C UNK CB 8 32.64 -12.52 30.40
N UNK CB 9 32.90 -13.68 30.99
CA UNK CB 9 34.04 -13.82 31.88
C UNK CB 9 35.37 -13.70 31.13
N UNK CB 10 35.45 -14.24 29.91
CA UNK CB 10 36.66 -14.09 29.12
C UNK CB 10 36.87 -12.63 28.72
N UNK CB 11 35.80 -11.95 28.31
CA UNK CB 11 35.92 -10.54 27.94
C UNK CB 11 36.31 -9.69 29.15
N UNK CB 12 35.71 -9.95 30.31
CA UNK CB 12 36.07 -9.21 31.51
C UNK CB 12 37.51 -9.50 31.94
N UNK CB 13 37.95 -10.75 31.81
CA UNK CB 13 39.34 -11.09 32.12
C UNK CB 13 40.29 -10.38 31.18
N UNK CB 14 39.97 -10.31 29.88
CA UNK CB 14 40.81 -9.60 28.93
C UNK CB 14 40.84 -8.11 29.24
N UNK CB 15 39.70 -7.54 29.62
CA UNK CB 15 39.68 -6.12 29.97
C UNK CB 15 40.46 -5.83 31.24
N UNK CB 16 40.43 -6.75 32.21
CA UNK CB 16 41.23 -6.58 33.42
C UNK CB 16 42.71 -6.80 33.17
N UNK CB 17 43.06 -7.66 32.21
CA UNK CB 17 44.45 -7.86 31.85
C UNK CB 17 45.02 -6.70 31.05
N UNK CB 18 44.18 -6.07 30.21
CA UNK CB 18 44.63 -4.90 29.47
C UNK CB 18 44.90 -3.73 30.41
N UNK CB 19 44.04 -3.54 31.41
CA UNK CB 19 44.25 -2.50 32.40
C UNK CB 19 45.38 -2.87 33.35
N UNK CB 20 46.10 -1.85 33.81
CA UNK CB 20 47.25 -2.02 34.72
C UNK CB 20 48.28 -2.96 34.11
N UNK CB 21 48.80 -2.55 32.95
CA UNK CB 21 49.82 -3.32 32.23
C UNK CB 21 49.38 -4.74 31.95
N GLU DB 83 -77.79 45.70 22.59
CA GLU DB 83 -76.91 46.75 22.07
C GLU DB 83 -75.70 47.03 22.96
N PRO DB 84 -75.87 47.09 24.29
CA PRO DB 84 -74.69 47.16 25.16
C PRO DB 84 -73.84 45.91 25.03
N GLN DB 85 -72.53 46.10 25.20
CA GLN DB 85 -71.59 44.99 25.14
C GLN DB 85 -70.60 45.10 26.29
N GLY DB 86 -69.98 43.97 26.61
CA GLY DB 86 -69.01 43.95 27.69
C GLY DB 86 -69.69 43.98 29.05
N LEU DB 87 -69.04 44.67 29.99
CA LEU DB 87 -69.57 44.74 31.35
C LEU DB 87 -70.88 45.51 31.42
N THR DB 88 -71.10 46.45 30.50
CA THR DB 88 -72.33 47.22 30.50
C THR DB 88 -73.53 46.41 29.99
N ALA DB 89 -73.30 45.27 29.36
CA ALA DB 89 -74.40 44.43 28.91
C ALA DB 89 -75.09 43.77 30.11
N PRO DB 90 -76.41 43.59 30.05
CA PRO DB 90 -77.10 42.86 31.12
C PRO DB 90 -76.79 41.38 31.15
N ILE DB 91 -76.30 40.81 30.04
CA ILE DB 91 -75.92 39.40 30.04
C ILE DB 91 -74.82 39.16 31.07
N VAL DB 92 -73.78 39.99 31.04
CA VAL DB 92 -72.73 39.91 32.04
C VAL DB 92 -73.28 40.24 33.42
N HIS DB 93 -74.34 41.04 33.52
CA HIS DB 93 -74.93 41.34 34.82
C HIS DB 93 -75.54 40.09 35.46
N PHE DB 94 -76.37 39.36 34.70
CA PHE DB 94 -76.96 38.17 35.30
C PHE DB 94 -75.93 37.05 35.44
N GLY DB 95 -74.93 37.01 34.56
CA GLY DB 95 -73.81 36.11 34.79
C GLY DB 95 -73.07 36.42 36.07
N SER DB 96 -72.86 37.71 36.36
CA SER DB 96 -72.18 38.11 37.58
C SER DB 96 -73.01 37.77 38.81
N VAL DB 97 -74.33 37.96 38.74
CA VAL DB 97 -75.15 37.63 39.90
C VAL DB 97 -75.19 36.11 40.11
N ILE DB 98 -75.17 35.31 39.03
CA ILE DB 98 -75.09 33.86 39.19
C ILE DB 98 -73.74 33.45 39.79
N SER DB 99 -72.66 34.11 39.34
CA SER DB 99 -71.34 33.81 39.88
C SER DB 99 -71.28 34.15 41.37
N LEU DB 100 -71.83 35.30 41.76
CA LEU DB 100 -71.90 35.63 43.19
C LEU DB 100 -72.79 34.66 43.94
N TRP DB 101 -73.85 34.17 43.31
CA TRP DB 101 -74.71 33.17 43.94
C TRP DB 101 -73.92 31.90 44.25
N LEU DB 102 -73.10 31.44 43.31
CA LEU DB 102 -72.29 30.24 43.58
C LEU DB 102 -71.21 30.53 44.61
N LEU DB 103 -70.57 31.70 44.51
CA LEU DB 103 -69.50 32.07 45.43
C LEU DB 103 -70.00 32.17 46.86
N PHE DB 104 -71.25 32.59 47.05
CA PHE DB 104 -71.88 32.58 48.36
C PHE DB 104 -72.59 31.27 48.68
N ALA DB 105 -72.84 30.43 47.68
CA ALA DB 105 -73.43 29.12 47.91
C ALA DB 105 -72.42 28.16 48.51
N LEU DB 106 -71.14 28.35 48.21
CA LEU DB 106 -70.13 27.53 48.88
C LEU DB 106 -70.16 27.69 50.40
N PRO DB 107 -69.97 28.89 50.99
CA PRO DB 107 -69.83 28.97 52.44
C PRO DB 107 -71.13 28.81 53.22
N VAL DB 108 -72.24 29.37 52.74
CA VAL DB 108 -73.47 29.28 53.51
C VAL DB 108 -73.95 27.84 53.61
N TRP DB 109 -73.89 27.08 52.52
CA TRP DB 109 -74.31 25.69 52.56
C TRP DB 109 -73.24 24.78 53.16
N SER DB 110 -71.96 25.14 53.06
CA SER DB 110 -70.96 24.40 53.83
C SER DB 110 -71.21 24.55 55.33
N ALA DB 111 -71.58 25.76 55.78
CA ALA DB 111 -71.87 25.97 57.19
C ALA DB 111 -73.18 25.29 57.61
N ALA DB 112 -74.20 25.33 56.75
CA ALA DB 112 -75.43 24.62 57.04
C ALA DB 112 -75.19 23.11 57.11
N TYR DB 113 -74.24 22.61 56.32
CA TYR DB 113 -73.86 21.20 56.40
C TYR DB 113 -73.12 20.91 57.70
N LYS DB 114 -72.16 21.76 58.05
CA LYS DB 114 -71.41 21.56 59.29
C LYS DB 114 -72.33 21.64 60.51
N ALA DB 115 -73.41 22.42 60.43
CA ALA DB 115 -74.38 22.46 61.52
C ALA DB 115 -75.14 21.15 61.63
N ALA DB 116 -75.57 20.59 60.50
CA ALA DB 116 -76.33 19.34 60.49
C ALA DB 116 -75.43 18.12 60.30
N GLY DB 117 -74.74 18.04 59.16
CA GLY DB 117 -73.82 16.95 58.89
C GLY DB 117 -74.45 15.60 58.60
N ALA DB 118 -75.74 15.42 58.91
CA ALA DB 118 -76.38 14.11 58.86
C ALA DB 118 -75.60 13.09 59.68
N ASP DB 119 -75.11 13.54 60.83
CA ASP DB 119 -74.32 12.71 61.73
C ASP DB 119 -75.14 12.11 62.86
N THR DB 120 -76.46 12.32 62.87
CA THR DB 120 -77.31 11.68 63.85
C THR DB 120 -77.36 10.18 63.60
N ALA DB 121 -77.62 9.43 64.66
CA ALA DB 121 -77.59 7.97 64.55
C ALA DB 121 -78.90 7.40 64.04
N GLU DB 122 -79.40 7.98 62.94
CA GLU DB 122 -80.44 7.36 62.13
C GLU DB 122 -80.23 7.54 60.64
N TRP DB 123 -79.38 8.47 60.21
CA TRP DB 123 -79.09 8.64 58.79
C TRP DB 123 -78.13 7.54 58.34
N VAL DB 124 -78.69 6.39 57.97
CA VAL DB 124 -77.90 5.26 57.49
C VAL DB 124 -78.39 4.87 56.12
N GLY DB 125 -77.50 4.28 55.33
CA GLY DB 125 -77.90 3.77 54.04
C GLY DB 125 -78.77 2.54 54.17
N VAL DB 126 -79.64 2.34 53.18
CA VAL DB 126 -80.53 1.18 53.16
C VAL DB 126 -80.31 0.44 51.85
N SER DB 127 -80.55 -0.87 51.90
CA SER DB 127 -80.42 -1.72 50.73
C SER DB 127 -81.30 -2.94 50.91
N GLN DB 128 -81.84 -3.44 49.80
CA GLN DB 128 -82.67 -4.63 49.84
C GLN DB 128 -81.86 -5.91 49.98
N VAL DB 129 -80.54 -5.84 49.79
CA VAL DB 129 -79.70 -7.03 49.77
C VAL DB 129 -79.34 -7.42 51.19
N THR DB 130 -79.56 -8.69 51.54
CA THR DB 130 -79.14 -9.21 52.82
C THR DB 130 -77.64 -9.47 52.83
N GLU DB 131 -77.09 -9.72 54.02
CA GLU DB 131 -75.66 -9.92 54.16
C GLU DB 131 -75.20 -11.25 53.57
N ASP DB 132 -76.11 -12.23 53.48
CA ASP DB 132 -75.74 -13.57 53.03
C ASP DB 132 -75.52 -13.66 51.52
N ALA DB 133 -75.81 -12.61 50.77
CA ALA DB 133 -75.57 -12.65 49.34
C ALA DB 133 -74.07 -12.66 49.05
N PRO DB 134 -73.63 -13.40 48.02
CA PRO DB 134 -72.20 -13.44 47.71
C PRO DB 134 -71.71 -12.10 47.19
N GLY DB 135 -70.42 -11.86 47.41
CA GLY DB 135 -69.77 -10.64 46.99
C GLY DB 135 -69.62 -9.60 48.09
N ILE DB 136 -70.37 -9.73 49.18
CA ILE DB 136 -70.26 -8.79 50.29
C ILE DB 136 -69.02 -9.16 51.10
N GLY DB 137 -68.17 -8.16 51.34
CA GLY DB 137 -66.96 -8.38 52.10
C GLY DB 137 -67.23 -8.48 53.58
N LEU DB 138 -66.14 -8.61 54.34
CA LEU DB 138 -66.23 -8.70 55.79
C LEU DB 138 -66.11 -7.34 56.45
N TYR DB 139 -65.28 -6.46 55.91
CA TYR DB 139 -65.11 -5.11 56.41
C TYR DB 139 -65.48 -4.11 55.33
N GLY DB 140 -65.65 -2.86 55.74
CA GLY DB 140 -66.04 -1.82 54.81
C GLY DB 140 -64.95 -1.48 53.82
N LYS DB 141 -63.87 -0.85 54.30
CA LYS DB 141 -62.75 -0.47 53.45
C LYS DB 141 -61.52 -1.19 53.99
N TYR DB 142 -61.11 -2.27 53.32
CA TYR DB 142 -60.09 -3.15 53.86
C TYR DB 142 -58.68 -2.61 53.62
N ALA DB 143 -58.35 -2.34 52.35
CA ALA DB 143 -57.04 -1.84 51.95
C ALA DB 143 -55.93 -2.75 52.47
N PRO DB 144 -55.78 -3.95 51.90
CA PRO DB 144 -54.79 -4.90 52.42
C PRO DB 144 -53.35 -4.42 52.21
N GLU DB 145 -52.48 -4.85 53.11
CA GLU DB 145 -51.05 -4.61 52.94
C GLU DB 145 -50.48 -5.62 51.96
N TYR DB 146 -49.75 -5.13 50.96
CA TYR DB 146 -49.38 -5.97 49.82
C TYR DB 146 -48.15 -6.84 50.10
N ASP DB 147 -47.00 -6.20 50.29
CA ASP DB 147 -45.74 -6.89 50.58
C ASP DB 147 -45.49 -8.06 49.62
N GLY DB 148 -45.67 -7.80 48.32
CA GLY DB 148 -45.57 -8.83 47.32
C GLY DB 148 -44.58 -8.51 46.22
N PRO DB 149 -44.71 -9.18 45.08
CA PRO DB 149 -43.81 -8.91 43.95
C PRO DB 149 -44.02 -7.50 43.41
N THR DB 150 -42.95 -6.94 42.85
CA THR DB 150 -42.96 -5.57 42.38
C THR DB 150 -43.79 -5.46 41.10
N PHE DB 151 -43.99 -4.21 40.66
CA PHE DB 151 -44.74 -3.97 39.43
C PHE DB 151 -44.00 -4.51 38.21
N ARG DB 152 -42.67 -4.41 38.20
CA ARG DB 152 -41.89 -4.98 37.10
C ARG DB 152 -42.05 -6.48 37.03
N GLU DB 153 -42.06 -7.16 38.18
CA GLU DB 153 -42.28 -8.59 38.19
C GLU DB 153 -43.70 -8.94 37.77
N GLY DB 154 -44.68 -8.10 38.10
CA GLY DB 154 -46.02 -8.32 37.59
C GLY DB 154 -46.11 -8.19 36.08
N LEU DB 155 -45.42 -7.20 35.52
CA LEU DB 155 -45.37 -7.08 34.06
C LEU DB 155 -44.66 -8.26 33.43
N GLU DB 156 -43.60 -8.77 34.08
CA GLU DB 156 -42.93 -9.96 33.58
C GLU DB 156 -43.84 -11.18 33.64
N TYR DB 157 -44.69 -11.27 34.66
CA TYR DB 157 -45.67 -12.34 34.74
C TYR DB 157 -46.71 -12.24 33.63
N VAL DB 158 -47.19 -11.03 33.35
CA VAL DB 158 -48.13 -10.84 32.25
C VAL DB 158 -47.46 -11.18 30.92
N LEU DB 159 -46.17 -10.91 30.79
CA LEU DB 159 -45.43 -11.30 29.58
C LEU DB 159 -45.25 -12.81 29.51
N SER DB 160 -45.01 -13.47 30.64
CA SER DB 160 -44.93 -14.92 30.68
C SER DB 160 -46.26 -15.58 30.36
N PHE DB 161 -47.37 -14.85 30.52
CA PHE DB 161 -48.62 -15.32 29.93
C PHE DB 161 -48.46 -15.58 28.45
N ALA DB 162 -47.62 -14.80 27.77
CA ALA DB 162 -47.45 -14.91 26.32
C ALA DB 162 -46.29 -15.81 25.93
N TRP DB 163 -45.14 -15.70 26.59
CA TRP DB 163 -43.96 -16.44 26.12
C TRP DB 163 -43.73 -17.77 26.85
N LYS DB 164 -44.52 -18.09 27.87
CA LYS DB 164 -44.47 -19.41 28.51
C LYS DB 164 -45.79 -19.70 29.20
N PRO DB 165 -46.85 -19.97 28.43
CA PRO DB 165 -48.11 -20.38 29.03
C PRO DB 165 -48.04 -21.81 29.51
N PRO DB 166 -48.77 -22.15 30.57
CA PRO DB 166 -48.77 -23.56 31.05
C PRO DB 166 -49.66 -24.44 30.18
N ILE DB 167 -49.20 -24.72 28.96
CA ILE DB 167 -49.99 -25.45 27.99
C ILE DB 167 -49.27 -26.74 27.59
N LEU DB 168 -48.06 -26.61 27.06
CA LEU DB 168 -47.29 -27.78 26.68
C LEU DB 168 -46.61 -28.47 27.84
N ILE DB 169 -46.66 -27.88 29.03
CA ILE DB 169 -46.17 -28.57 30.22
C ILE DB 169 -47.12 -29.70 30.62
N ALA DB 170 -48.34 -29.71 30.11
CA ALA DB 170 -49.26 -30.80 30.39
C ALA DB 170 -48.82 -32.09 29.69
N TRP DB 171 -48.36 -31.98 28.45
CA TRP DB 171 -47.90 -33.15 27.71
C TRP DB 171 -46.41 -33.41 27.95
N LYS DB 172 -46.05 -33.48 29.22
CA LYS DB 172 -44.74 -33.83 29.76
C LYS DB 172 -44.82 -35.17 30.48
N PRO DB 173 -43.85 -36.05 30.29
CA PRO DB 173 -43.89 -37.36 30.94
C PRO DB 173 -43.93 -37.23 32.45
N ARG DB 174 -44.54 -38.23 33.08
CA ARG DB 174 -44.87 -38.17 34.49
C ARG DB 174 -43.62 -38.12 35.36
N ALA DB 175 -43.78 -37.55 36.55
CA ALA DB 175 -42.77 -37.66 37.59
C ALA DB 175 -42.86 -39.03 38.24
N ASP DB 176 -41.87 -39.33 39.08
CA ASP DB 176 -41.77 -40.62 39.78
C ASP DB 176 -41.70 -41.79 38.80
N LEU DB 177 -41.17 -41.53 37.60
CA LEU DB 177 -40.94 -42.58 36.61
C LEU DB 177 -39.45 -42.92 36.60
N ASP DB 178 -39.15 -44.22 36.74
CA ASP DB 178 -37.77 -44.67 36.71
C ASP DB 178 -37.74 -46.11 36.25
N ARG DB 179 -36.58 -46.54 35.76
CA ARG DB 179 -36.42 -47.93 35.32
C ARG DB 179 -35.93 -48.81 36.46
N ALA DB 180 -36.59 -48.69 37.60
CA ALA DB 180 -36.42 -49.59 38.74
C ALA DB 180 -37.75 -50.11 39.26
N MET DB 181 -38.79 -49.26 39.24
CA MET DB 181 -40.13 -49.69 39.59
C MET DB 181 -40.94 -50.11 38.37
N MET DB 182 -40.61 -49.57 37.20
CA MET DB 182 -41.32 -49.90 35.97
C MET DB 182 -40.97 -51.32 35.55
N ASP DB 183 -41.95 -52.20 35.57
CA ASP DB 183 -41.72 -53.61 35.23
C ASP DB 183 -41.50 -53.75 33.73
N PRO DB 184 -40.38 -54.31 33.28
CA PRO DB 184 -40.19 -54.54 31.84
C PRO DB 184 -41.22 -55.47 31.23
N ALA DB 185 -41.82 -56.38 32.01
CA ALA DB 185 -42.81 -57.30 31.47
C ALA DB 185 -44.10 -56.59 31.08
N ARG DB 186 -44.33 -55.37 31.58
CA ARG DB 186 -45.51 -54.60 31.26
C ARG DB 186 -45.24 -53.51 30.23
N ASP DB 187 -44.14 -53.63 29.49
CA ASP DB 187 -43.75 -52.59 28.55
C ASP DB 187 -44.66 -52.58 27.33
N THR DB 188 -44.83 -51.39 26.74
CA THR DB 188 -45.66 -51.21 25.56
C THR DB 188 -44.85 -50.52 24.46
N VAL DB 189 -45.52 -50.14 23.38
CA VAL DB 189 -44.83 -49.45 22.29
C VAL DB 189 -44.34 -48.09 22.74
N VAL DB 190 -45.22 -47.28 23.33
CA VAL DB 190 -44.85 -45.94 23.75
C VAL DB 190 -43.87 -45.97 24.91
N SER DB 191 -44.08 -46.88 25.87
CA SER DB 191 -43.16 -46.95 27.00
C SER DB 191 -41.76 -47.36 26.57
N SER DB 192 -41.65 -48.34 25.66
CA SER DB 192 -40.34 -48.75 25.17
C SER DB 192 -39.70 -47.67 24.29
N LEU DB 193 -40.52 -46.96 23.50
CA LEU DB 193 -39.98 -45.85 22.73
C LEU DB 193 -39.49 -44.72 23.63
N TYR DB 194 -40.16 -44.52 24.76
CA TYR DB 194 -39.75 -43.52 25.74
C TYR DB 194 -38.45 -43.93 26.44
N LYS DB 195 -38.33 -45.22 26.77
CA LYS DB 195 -37.09 -45.70 27.38
C LYS DB 195 -35.94 -45.66 26.41
N SER DB 196 -36.19 -45.92 25.12
CA SER DB 196 -35.13 -45.89 24.13
C SER DB 196 -34.67 -44.46 23.83
N LEU DB 197 -35.58 -43.49 23.98
CA LEU DB 197 -35.26 -42.08 23.77
C LEU DB 197 -34.77 -41.39 25.03
N GLY DB 198 -34.18 -42.14 25.95
CA GLY DB 198 -33.64 -41.57 27.18
C GLY DB 198 -34.66 -40.99 28.12
N GLY DB 199 -35.76 -41.70 28.35
CA GLY DB 199 -36.77 -41.28 29.28
C GLY DB 199 -36.55 -41.87 30.67
N ALA DB 200 -37.16 -41.21 31.66
CA ALA DB 200 -37.03 -41.62 33.07
C ALA DB 200 -35.57 -41.73 33.48
N LEU DB 201 -34.76 -40.77 33.02
CA LEU DB 201 -33.33 -40.76 33.31
C LEU DB 201 -33.07 -40.02 34.61
N ASP DB 202 -33.50 -40.65 35.70
CA ASP DB 202 -33.17 -40.17 37.04
C ASP DB 202 -31.91 -40.81 37.60
N LYS DB 203 -31.29 -41.70 36.84
CA LYS DB 203 -30.02 -42.32 37.21
C LYS DB 203 -28.82 -41.58 36.65
N THR DB 204 -29.03 -40.42 36.01
CA THR DB 204 -27.96 -39.65 35.40
C THR DB 204 -27.29 -38.69 36.37
N ALA DB 205 -27.44 -38.92 37.68
CA ALA DB 205 -26.75 -38.09 38.66
C ALA DB 205 -25.24 -38.24 38.60
N VAL DB 206 -24.74 -39.27 37.90
CA VAL DB 206 -23.31 -39.44 37.75
C VAL DB 206 -22.77 -38.42 36.75
N TYR DB 207 -21.60 -37.90 37.04
CA TYR DB 207 -20.87 -37.02 36.13
C TYR DB 207 -19.67 -37.75 35.56
N ASP DB 208 -19.11 -37.18 34.51
CA ASP DB 208 -17.99 -37.85 33.82
C ASP DB 208 -16.75 -37.89 34.70
N GLU DB 209 -16.48 -36.81 35.43
CA GLU DB 209 -15.32 -36.73 36.34
C GLU DB 209 -14.01 -36.94 35.60
N GLU DB 210 -13.95 -36.53 34.34
CA GLU DB 210 -12.74 -36.51 33.56
C GLU DB 210 -12.54 -35.11 32.99
N ASP DB 211 -11.31 -34.63 33.00
CA ASP DB 211 -11.05 -33.25 32.58
C ASP DB 211 -11.38 -33.05 31.11
N GLN DB 212 -10.97 -33.98 30.25
CA GLN DB 212 -11.19 -33.95 28.80
C GLN DB 212 -10.56 -32.73 28.13
N LEU DB 213 -9.83 -31.91 28.89
CA LEU DB 213 -8.96 -30.90 28.31
C LEU DB 213 -7.57 -30.96 28.91
N LEU DB 214 -7.28 -31.96 29.74
CA LEU DB 214 -6.00 -32.05 30.44
C LEU DB 214 -4.92 -32.52 29.46
N ILE DB 215 -4.02 -31.63 29.12
CA ILE DB 215 -2.83 -32.00 28.37
C ILE DB 215 -1.79 -32.51 29.36
N LEU DB 216 -1.25 -33.70 29.11
CA LEU DB 216 -0.28 -34.29 30.02
C LEU DB 216 0.99 -33.45 30.07
N SER DB 217 1.56 -33.35 31.27
CA SER DB 217 2.75 -32.52 31.48
C SER DB 217 3.83 -33.27 32.26
N ASP DB 218 3.77 -34.61 32.29
CA ASP DB 218 4.74 -35.41 33.03
C ASP DB 218 5.99 -35.59 32.18
N MET DB 219 6.80 -34.54 32.14
CA MET DB 219 8.09 -34.59 31.46
C MET DB 219 9.09 -35.39 32.28
N GLU DB 220 9.94 -36.14 31.58
CA GLU DB 220 10.97 -36.96 32.22
C GLU DB 220 12.34 -36.40 31.91
N THR DB 221 13.19 -36.33 32.93
CA THR DB 221 14.56 -35.81 32.78
C THR DB 221 15.50 -36.97 32.50
N PHE DB 222 16.18 -36.92 31.37
CA PHE DB 222 17.15 -37.94 31.05
C PHE DB 222 18.41 -37.76 31.89
N PRO DB 223 18.93 -38.83 32.49
CA PRO DB 223 20.15 -38.70 33.30
C PRO DB 223 21.35 -38.38 32.42
N GLU DB 224 22.21 -37.50 32.92
CA GLU DB 224 23.38 -37.07 32.17
C GLU DB 224 24.51 -38.07 32.35
N THR DB 225 25.10 -38.50 31.22
CA THR DB 225 26.16 -39.48 31.23
C THR DB 225 27.52 -38.81 31.38
N GLU DB 226 28.54 -39.63 31.67
CA GLU DB 226 29.90 -39.12 31.74
C GLU DB 226 30.35 -38.61 30.37
N LEU DB 227 30.05 -39.36 29.32
CA LEU DB 227 30.21 -38.88 27.95
C LEU DB 227 29.04 -37.96 27.67
N GLY DB 228 29.29 -36.66 27.70
CA GLY DB 228 28.23 -35.67 27.69
C GLY DB 228 28.50 -34.66 28.78
N ARG DB 229 28.96 -35.15 29.93
CA ARG DB 229 29.62 -34.25 30.87
C ARG DB 229 31.00 -33.87 30.36
N ARG DB 230 31.64 -34.76 29.60
CA ARG DB 230 32.86 -34.43 28.90
C ARG DB 230 32.60 -33.67 27.60
N ARG DB 231 31.34 -33.55 27.19
CA ARG DB 231 30.99 -32.82 25.98
C ARG DB 231 30.36 -31.46 26.25
N VAL DB 232 29.81 -31.25 27.45
CA VAL DB 232 29.52 -29.87 27.86
C VAL DB 232 30.81 -29.14 28.17
N ALA DB 233 31.79 -29.83 28.74
CA ALA DB 233 33.15 -29.35 28.73
C ALA DB 233 33.74 -29.56 27.34
N GLN DB 234 34.83 -28.85 27.05
CA GLN DB 234 35.50 -28.87 25.75
C GLN DB 234 34.65 -28.13 24.71
N ALA DB 235 33.42 -27.80 25.09
CA ALA DB 235 32.57 -26.92 24.31
C ALA DB 235 32.29 -25.60 25.01
N GLU DB 236 32.16 -25.64 26.34
CA GLU DB 236 32.15 -24.41 27.11
C GLU DB 236 33.49 -23.70 27.05
N ALA DB 237 34.58 -24.46 26.99
CA ALA DB 237 35.90 -23.85 26.83
C ALA DB 237 36.10 -23.31 25.43
N ALA DB 238 35.44 -23.90 24.44
CA ALA DB 238 35.61 -23.49 23.05
C ALA DB 238 34.83 -22.24 22.69
N GLY DB 239 33.88 -21.82 23.54
CA GLY DB 239 33.10 -20.64 23.28
C GLY DB 239 31.61 -20.86 23.17
N TRP DB 240 31.14 -22.11 23.15
CA TRP DB 240 29.71 -22.35 23.19
C TRP DB 240 29.16 -21.98 24.56
N PHE DB 241 27.83 -21.98 24.67
CA PHE DB 241 27.06 -21.59 25.84
C PHE DB 241 27.10 -20.10 26.12
N THR DB 242 27.87 -19.32 25.37
CA THR DB 242 28.01 -17.89 25.60
C THR DB 242 27.65 -17.12 24.34
N GLY DB 243 27.02 -15.97 24.52
CA GLY DB 243 26.74 -15.09 23.40
C GLY DB 243 25.27 -14.91 23.10
N ASN DB 244 24.51 -16.01 23.11
CA ASN DB 244 23.09 -15.99 22.82
C ASN DB 244 22.37 -16.81 23.89
N PRO DB 245 22.09 -16.20 25.05
CA PRO DB 245 21.51 -16.95 26.17
C PRO DB 245 20.07 -17.39 25.94
N SER DB 246 19.37 -16.84 24.96
CA SER DB 246 17.96 -17.15 24.73
C SER DB 246 17.75 -17.77 23.36
N PHE DB 247 18.65 -18.67 22.95
CA PHE DB 247 18.57 -19.20 21.59
C PHE DB 247 17.52 -20.30 21.47
N GLY DB 248 17.71 -21.39 22.19
CA GLY DB 248 16.82 -22.53 22.06
C GLY DB 248 15.70 -22.54 23.08
N LYS DB 249 15.45 -21.40 23.70
CA LYS DB 249 14.46 -21.28 24.76
C LYS DB 249 13.28 -20.46 24.29
N SER DB 250 12.08 -20.86 24.70
CA SER DB 250 10.88 -20.13 24.32
C SER DB 250 10.75 -18.87 25.19
N LEU DB 251 9.74 -18.05 24.87
CA LEU DB 251 9.54 -16.82 25.61
C LEU DB 251 9.21 -17.09 27.06
N ILE DB 252 8.27 -18.00 27.32
CA ILE DB 252 7.94 -18.37 28.69
C ILE DB 252 9.13 -19.05 29.37
N GLU DB 253 9.82 -19.92 28.64
CA GLU DB 253 10.96 -20.63 29.23
C GLU DB 253 12.08 -19.67 29.60
N TYR DB 254 12.38 -18.71 28.73
CA TYR DB 254 13.41 -17.72 29.03
C TYR DB 254 12.96 -16.70 30.07
N SER DB 255 11.65 -16.51 30.23
CA SER DB 255 11.15 -15.67 31.30
C SER DB 255 11.16 -16.36 32.65
N GLU DB 256 11.03 -17.69 32.67
CA GLU DB 256 11.13 -18.43 33.94
C GLU DB 256 12.53 -18.33 34.51
N GLU DB 257 13.55 -18.40 33.65
CA GLU DB 257 14.90 -18.07 34.07
C GLU DB 257 15.09 -16.55 33.97
N THR DB 258 16.27 -16.09 34.37
CA THR DB 258 16.57 -14.66 34.51
C THR DB 258 15.64 -13.97 35.51
N LYS DB 259 14.88 -14.76 36.27
CA LYS DB 259 14.08 -14.26 37.38
C LYS DB 259 14.22 -15.07 38.65
N LYS DB 260 14.63 -16.34 38.58
CA LYS DB 260 14.89 -17.15 39.76
C LYS DB 260 16.30 -17.73 39.74
N GLY DB 261 17.20 -17.15 38.96
CA GLY DB 261 18.57 -17.62 38.88
C GLY DB 261 18.95 -18.07 37.48
N MET DB 262 19.94 -18.96 37.39
CA MET DB 262 20.39 -19.55 36.13
C MET DB 262 20.85 -18.46 35.14
N ARG DB 263 21.93 -17.80 35.54
CA ARG DB 263 22.58 -16.84 34.65
C ARG DB 263 23.20 -17.55 33.45
N GLU DB 264 23.61 -16.76 32.47
CA GLU DB 264 24.27 -17.32 31.30
C GLU DB 264 25.67 -17.82 31.69
N PRO DB 265 25.99 -19.09 31.43
CA PRO DB 265 27.32 -19.59 31.79
C PRO DB 265 28.40 -18.90 30.99
N GLY DB 266 29.56 -18.73 31.63
CA GLY DB 266 30.66 -17.99 31.04
C GLY DB 266 30.54 -16.49 31.16
N THR DB 267 29.53 -15.99 31.85
CA THR DB 267 29.31 -14.55 32.03
C THR DB 267 29.20 -14.24 33.52
N VAL DB 268 29.56 -13.00 33.87
CA VAL DB 268 29.45 -12.51 35.23
C VAL DB 268 28.56 -11.28 35.23
N SER DB 269 28.14 -10.87 36.43
CA SER DB 269 27.30 -9.70 36.60
C SER DB 269 28.17 -8.51 37.03
N ILE DB 270 27.99 -7.38 36.35
CA ILE DB 270 28.77 -6.18 36.62
C ILE DB 270 27.93 -4.97 36.28
N SER DB 271 28.07 -3.91 37.07
CA SER DB 271 27.33 -2.69 36.83
C SER DB 271 27.86 -1.96 35.60
N ALA DB 272 27.01 -1.10 35.03
CA ALA DB 272 27.39 -0.38 33.83
C ALA DB 272 28.51 0.62 34.09
N LYS DB 273 28.48 1.31 35.23
CA LYS DB 273 29.53 2.27 35.55
C LYS DB 273 30.87 1.56 35.76
N GLU DB 274 30.87 0.44 36.47
CA GLU DB 274 32.09 -0.31 36.68
C GLU DB 274 32.64 -0.86 35.37
N LEU DB 275 31.76 -1.36 34.51
CA LEU DB 275 32.21 -1.85 33.20
C LEU DB 275 32.77 -0.72 32.35
N ALA DB 276 32.13 0.45 32.39
CA ALA DB 276 32.65 1.60 31.65
C ALA DB 276 34.02 2.02 32.17
N ALA DB 277 34.19 2.05 33.50
CA ALA DB 277 35.49 2.39 34.07
C ALA DB 277 36.55 1.37 33.72
N LEU DB 278 36.19 0.08 33.72
CA LEU DB 278 37.15 -0.95 33.33
C LEU DB 278 37.55 -0.82 31.87
N ARG DB 279 36.58 -0.53 30.99
CA ARG DB 279 36.91 -0.32 29.59
C ARG DB 279 37.72 0.96 29.39
N ALA DB 280 37.53 1.95 30.26
CA ALA DB 280 38.35 3.16 30.19
C ALA DB 280 39.78 2.89 30.62
N GLU DB 281 39.96 2.11 31.69
CA GLU DB 281 41.30 1.75 32.15
C GLU DB 281 41.99 0.78 31.22
N ALA DB 282 41.23 -0.01 30.46
CA ALA DB 282 41.84 -0.92 29.50
C ALA DB 282 42.47 -0.16 28.34
N ALA DB 283 41.83 0.92 27.91
CA ALA DB 283 42.32 1.74 26.80
C ALA DB 283 43.11 2.94 27.27
N LYS DB 284 43.63 2.90 28.49
CA LYS DB 284 44.42 4.02 29.00
C LYS DB 284 45.77 4.08 28.29
N LYS DB 285 46.14 5.28 27.84
CA LYS DB 285 47.41 5.52 27.17
C LYS DB 285 47.62 4.58 25.98
N MET EB 1 5.98 -0.02 -16.14
CA MET EB 1 6.20 0.46 -14.78
C MET EB 1 6.10 -0.69 -13.79
N GLU EB 2 5.51 -1.80 -14.23
CA GLU EB 2 5.49 -3.01 -13.41
C GLU EB 2 6.86 -3.66 -13.33
N THR EB 3 7.76 -3.34 -14.26
CA THR EB 3 9.13 -3.82 -14.17
C THR EB 3 9.77 -3.35 -12.87
N LEU EB 4 9.48 -2.11 -12.47
CA LEU EB 4 9.98 -1.60 -11.20
C LEU EB 4 9.46 -2.44 -10.04
N VAL EB 5 8.19 -2.83 -10.07
CA VAL EB 5 7.64 -3.67 -9.00
C VAL EB 5 8.32 -5.02 -8.98
N TYR EB 6 8.54 -5.62 -10.15
CA TYR EB 6 9.22 -6.91 -10.20
C TYR EB 6 10.63 -6.81 -9.63
N VAL EB 7 11.37 -5.77 -10.01
CA VAL EB 7 12.72 -5.59 -9.51
C VAL EB 7 12.71 -5.36 -8.01
N PHE EB 8 11.75 -4.57 -7.52
CA PHE EB 8 11.65 -4.33 -6.09
C PHE EB 8 11.38 -5.62 -5.32
N LEU EB 9 10.47 -6.45 -5.82
CA LEU EB 9 10.18 -7.71 -5.14
C LEU EB 9 11.37 -8.65 -5.16
N LEU EB 10 12.07 -8.74 -6.30
CA LEU EB 10 13.24 -9.61 -6.37
C LEU EB 10 14.35 -9.12 -5.45
N ALA EB 11 14.59 -7.81 -5.42
CA ALA EB 11 15.61 -7.27 -4.54
C ALA EB 11 15.24 -7.43 -3.08
N GLY EB 12 13.95 -7.30 -2.75
CA GLY EB 12 13.53 -7.55 -1.38
C GLY EB 12 13.72 -9.00 -0.97
N THR EB 13 13.44 -9.93 -1.88
CA THR EB 13 13.68 -11.34 -1.59
C THR EB 13 15.18 -11.59 -1.36
N LEU EB 14 16.02 -11.01 -2.21
CA LEU EB 14 17.46 -11.18 -2.03
C LEU EB 14 17.94 -10.53 -0.73
N GLY EB 15 17.37 -9.40 -0.35
CA GLY EB 15 17.72 -8.79 0.93
C GLY EB 15 17.30 -9.64 2.10
N VAL EB 16 16.12 -10.26 2.02
CA VAL EB 16 15.69 -11.19 3.05
C VAL EB 16 16.67 -12.34 3.15
N ILE EB 17 17.11 -12.88 2.01
CA ILE EB 17 18.10 -13.96 2.03
C ILE EB 17 19.40 -13.49 2.68
N PHE EB 18 19.85 -12.30 2.32
CA PHE EB 18 21.09 -11.76 2.88
C PHE EB 18 21.00 -11.63 4.39
N PHE EB 19 19.90 -11.06 4.89
CA PHE EB 19 19.75 -10.87 6.33
C PHE EB 19 19.53 -12.20 7.05
N ALA EB 20 18.90 -13.17 6.39
CA ALA EB 20 18.74 -14.48 7.01
C ALA EB 20 20.07 -15.21 7.12
N VAL EB 21 20.97 -14.98 6.17
CA VAL EB 21 22.28 -15.62 6.24
C VAL EB 21 23.16 -14.93 7.27
N PHE EB 22 23.32 -13.62 7.16
CA PHE EB 22 24.36 -12.94 7.92
C PHE EB 22 23.87 -12.36 9.25
N PHE EB 23 22.57 -12.11 9.40
CA PHE EB 23 22.02 -11.60 10.64
C PHE EB 23 21.09 -12.63 11.30
N ARG EB 24 21.46 -13.90 11.19
CA ARG EB 24 20.66 -14.96 11.76
C ARG EB 24 20.84 -15.01 13.27
N ASP EB 25 19.95 -15.74 13.93
CA ASP EB 25 20.09 -15.99 15.34
C ASP EB 25 21.25 -16.95 15.57
N PRO EB 26 22.29 -16.56 16.32
CA PRO EB 26 23.46 -17.42 16.46
C PRO EB 26 23.14 -18.65 17.28
N PRO EB 27 23.39 -19.85 16.73
CA PRO EB 27 23.09 -21.07 17.48
C PRO EB 27 24.08 -21.30 18.60
N ARG EB 28 23.56 -21.51 19.80
CA ARG EB 28 24.36 -21.81 20.98
C ARG EB 28 23.76 -23.01 21.70
N ILE EB 29 24.61 -23.75 22.40
CA ILE EB 29 24.14 -24.87 23.20
C ILE EB 29 23.62 -24.35 24.53
N ALA EB 30 22.49 -24.88 24.97
CA ALA EB 30 21.91 -24.51 26.25
C ALA EB 30 22.51 -25.36 27.36
N LYS EB 31 22.35 -24.87 28.60
CA LYS EB 31 22.93 -25.52 29.77
C LYS EB 31 21.95 -26.47 30.45
N LYS EB 32 21.06 -27.09 29.68
CA LYS EB 32 20.10 -28.05 30.22
C LYS EB 32 20.82 -29.25 30.82
N GLY FB 2 11.79 4.92 29.26
CA GLY FB 2 12.49 4.63 28.03
C GLY FB 2 12.63 5.84 27.14
N LEU FB 3 13.41 5.70 26.08
CA LEU FB 3 13.58 6.79 25.13
C LEU FB 3 12.29 7.03 24.37
N PRO FB 4 11.91 8.28 24.14
CA PRO FB 4 10.77 8.56 23.27
C PRO FB 4 11.12 8.25 21.82
N TRP FB 5 10.09 8.26 20.97
CA TRP FB 5 10.30 7.91 19.58
C TRP FB 5 11.16 8.94 18.85
N TYR FB 6 11.16 10.19 19.31
CA TYR FB 6 11.92 11.25 18.66
C TYR FB 6 13.34 11.36 19.19
N ARG FB 7 13.76 10.49 20.10
CA ARG FB 7 15.12 10.49 20.62
C ARG FB 7 15.82 9.15 20.41
N VAL FB 8 15.33 8.32 19.48
CA VAL FB 8 15.89 6.98 19.34
C VAL FB 8 17.30 6.98 18.78
N HIS FB 9 17.69 8.03 18.08
CA HIS FB 9 19.01 8.06 17.46
C HIS FB 9 20.08 8.66 18.36
N THR FB 10 19.72 9.14 19.53
CA THR FB 10 20.70 9.70 20.45
C THR FB 10 21.57 8.65 21.12
N VAL FB 11 21.34 7.36 20.84
CA VAL FB 11 22.18 6.32 21.40
C VAL FB 11 23.56 6.31 20.76
N VAL FB 12 23.69 6.81 19.54
CA VAL FB 12 24.99 6.90 18.88
C VAL FB 12 25.64 8.26 19.09
N LEU FB 13 25.10 9.07 20.00
CA LEU FB 13 25.68 10.38 20.26
C LEU FB 13 27.05 10.26 20.91
N ASN FB 14 27.22 9.32 21.84
CA ASN FB 14 28.50 9.08 22.49
C ASN FB 14 29.13 7.78 22.04
N ASP FB 15 28.65 7.21 20.93
CA ASP FB 15 29.22 5.99 20.36
C ASP FB 15 29.79 6.32 18.98
N PRO FB 16 31.09 6.61 18.88
CA PRO FB 16 31.62 7.04 17.58
C PRO FB 16 31.54 5.97 16.50
N GLY FB 17 31.75 4.71 16.85
CA GLY FB 17 31.70 3.66 15.84
C GLY FB 17 30.33 3.53 15.22
N ARG FB 18 29.28 3.51 16.04
CA ARG FB 18 27.94 3.42 15.51
C ARG FB 18 27.46 4.73 14.89
N LEU FB 19 28.03 5.86 15.32
CA LEU FB 19 27.80 7.11 14.59
C LEU FB 19 28.33 7.01 13.16
N ILE FB 20 29.55 6.49 13.00
CA ILE FB 20 30.08 6.26 11.67
C ILE FB 20 29.23 5.25 10.91
N ALA FB 21 28.74 4.24 11.62
CA ALA FB 21 27.89 3.23 10.97
C ALA FB 21 26.60 3.84 10.43
N VAL FB 22 25.93 4.68 11.22
CA VAL FB 22 24.69 5.28 10.74
C VAL FB 22 24.97 6.31 9.66
N HIS FB 23 26.11 7.03 9.73
CA HIS FB 23 26.47 7.91 8.64
C HIS FB 23 26.73 7.14 7.37
N LEU FB 24 27.38 5.99 7.47
CA LEU FB 24 27.59 5.13 6.31
C LEU FB 24 26.27 4.61 5.75
N MET FB 25 25.34 4.25 6.62
CA MET FB 25 24.03 3.80 6.15
C MET FB 25 23.29 4.93 5.43
N HIS FB 26 23.33 6.14 5.96
CA HIS FB 26 22.71 7.26 5.29
C HIS FB 26 23.37 7.54 3.95
N THR FB 27 24.70 7.48 3.90
CA THR FB 27 25.41 7.70 2.65
C THR FB 27 25.05 6.62 1.63
N ALA FB 28 24.94 5.37 2.08
CA ALA FB 28 24.54 4.30 1.18
C ALA FB 28 23.13 4.51 0.65
N LEU FB 29 22.22 4.97 1.52
CA LEU FB 29 20.86 5.26 1.07
C LEU FB 29 20.85 6.38 0.03
N VAL FB 30 21.64 7.43 0.26
CA VAL FB 30 21.67 8.54 -0.68
C VAL FB 30 22.27 8.12 -2.01
N ALA FB 31 23.36 7.35 -1.98
CA ALA FB 31 23.97 6.88 -3.22
C ALA FB 31 23.04 5.94 -3.97
N GLY FB 32 22.35 5.07 -3.24
CA GLY FB 32 21.38 4.19 -3.88
C GLY FB 32 20.22 4.95 -4.47
N TRP FB 33 19.77 6.01 -3.80
CA TRP FB 33 18.74 6.86 -4.40
C TRP FB 33 19.24 7.49 -5.68
N ALA FB 34 20.49 7.98 -5.68
CA ALA FB 34 21.04 8.56 -6.91
C ALA FB 34 21.05 7.55 -8.04
N GLY FB 35 21.53 6.33 -7.77
CA GLY FB 35 21.58 5.31 -8.80
C GLY FB 35 20.20 4.91 -9.30
N SER FB 36 19.27 4.66 -8.38
CA SER FB 36 17.93 4.24 -8.77
C SER FB 36 17.19 5.34 -9.51
N MET FB 37 17.35 6.60 -9.07
CA MET FB 37 16.72 7.71 -9.76
C MET FB 37 17.28 7.86 -11.17
N ALA FB 38 18.59 7.71 -11.33
CA ALA FB 38 19.17 7.75 -12.67
C ALA FB 38 18.63 6.63 -13.54
N LEU FB 39 18.52 5.42 -12.99
CA LEU FB 39 18.00 4.30 -13.77
C LEU FB 39 16.54 4.54 -14.18
N TYR FB 40 15.72 5.04 -13.26
CA TYR FB 40 14.33 5.33 -13.60
C TYR FB 40 14.22 6.41 -14.67
N GLU FB 41 15.03 7.48 -14.53
CA GLU FB 41 14.99 8.55 -15.52
C GLU FB 41 15.45 8.06 -16.89
N LEU FB 42 16.47 7.20 -16.92
CA LEU FB 42 16.86 6.57 -18.17
C LEU FB 42 15.75 5.68 -18.72
N ALA FB 43 14.98 5.06 -17.84
CA ALA FB 43 13.86 4.23 -18.31
C ALA FB 43 12.76 5.07 -18.92
N VAL FB 44 12.59 6.31 -18.47
CA VAL FB 44 11.47 7.13 -18.93
C VAL FB 44 11.92 8.29 -19.82
N PHE FB 45 13.18 8.31 -20.26
CA PHE FB 45 13.67 9.42 -21.06
C PHE FB 45 13.49 9.13 -22.55
N ASP FB 46 13.18 10.18 -23.31
CA ASP FB 46 13.04 10.10 -24.76
C ASP FB 46 14.07 11.01 -25.42
N PRO FB 47 15.17 10.46 -25.93
CA PRO FB 47 16.23 11.30 -26.47
C PRO FB 47 16.07 11.64 -27.95
N SER FB 48 14.89 11.39 -28.51
CA SER FB 48 14.71 11.52 -29.95
C SER FB 48 14.80 12.97 -30.41
N ASP FB 49 14.17 13.90 -29.69
CA ASP FB 49 14.09 15.30 -30.10
C ASP FB 49 14.63 16.19 -28.99
N PRO FB 50 15.92 16.53 -29.04
CA PRO FB 50 16.48 17.42 -28.01
C PRO FB 50 16.07 18.87 -28.15
N VAL FB 51 15.46 19.26 -29.27
CA VAL FB 51 15.13 20.67 -29.48
C VAL FB 51 13.79 21.00 -28.82
N LEU FB 52 12.75 20.25 -29.16
CA LEU FB 52 11.41 20.52 -28.65
C LEU FB 52 11.00 19.60 -27.51
N ASN FB 53 11.77 18.57 -27.21
CA ASN FB 53 11.53 17.71 -26.05
C ASN FB 53 12.84 17.48 -25.32
N PRO FB 54 13.41 18.52 -24.69
CA PRO FB 54 14.65 18.33 -23.95
C PRO FB 54 14.42 17.68 -22.60
N MET FB 55 15.48 17.54 -21.80
CA MET FB 55 15.38 16.81 -20.55
C MET FB 55 14.52 17.51 -19.51
N TRP FB 56 14.44 18.84 -19.54
CA TRP FB 56 13.63 19.56 -18.57
C TRP FB 56 12.15 19.57 -18.93
N ARG FB 57 11.79 19.25 -20.17
CA ARG FB 57 10.39 19.04 -20.50
C ARG FB 57 9.89 17.68 -20.06
N GLN FB 58 10.80 16.73 -19.81
CA GLN FB 58 10.45 15.38 -19.45
C GLN FB 58 10.56 15.11 -17.96
N GLY FB 59 10.84 16.14 -17.16
CA GLY FB 59 10.92 15.96 -15.72
C GLY FB 59 12.17 15.28 -15.23
N MET FB 60 13.25 15.30 -16.01
CA MET FB 60 14.51 14.73 -15.55
C MET FB 60 15.11 15.61 -14.47
N PHE FB 61 15.43 15.00 -13.33
CA PHE FB 61 15.92 15.73 -12.17
C PHE FB 61 17.41 15.54 -11.94
N VAL FB 62 17.91 14.30 -11.93
CA VAL FB 62 19.34 14.08 -11.77
C VAL FB 62 20.08 14.04 -13.09
N MET FB 63 19.38 13.84 -14.21
CA MET FB 63 20.02 13.95 -15.51
C MET FB 63 20.63 15.33 -15.76
N PRO FB 64 19.98 16.45 -15.43
CA PRO FB 64 20.67 17.74 -15.56
C PRO FB 64 21.95 17.83 -14.75
N PHE FB 65 21.98 17.25 -13.55
CA PHE FB 65 23.19 17.32 -12.74
C PHE FB 65 24.27 16.39 -13.25
N MET FB 66 23.89 15.28 -13.91
CA MET FB 66 24.90 14.46 -14.58
C MET FB 66 25.45 15.16 -15.81
N ALA FB 67 24.59 15.85 -16.55
CA ALA FB 67 25.01 16.55 -17.75
C ALA FB 67 25.70 17.86 -17.46
N ARG FB 68 25.64 18.36 -16.23
CA ARG FB 68 26.23 19.64 -15.91
C ARG FB 68 27.75 19.59 -15.95
N ILE FB 69 28.34 18.49 -15.48
CA ILE FB 69 29.78 18.44 -15.32
C ILE FB 69 30.41 17.29 -16.10
N GLY FB 70 29.81 16.93 -17.24
CA GLY FB 70 30.52 16.06 -18.16
C GLY FB 70 29.78 14.86 -18.72
N VAL FB 71 28.93 14.22 -17.91
CA VAL FB 71 28.27 12.98 -18.33
C VAL FB 71 27.12 13.36 -19.25
N THR FB 72 27.30 13.17 -20.55
CA THR FB 72 26.27 13.49 -21.53
C THR FB 72 25.89 12.35 -22.44
N ASP FB 73 26.68 11.28 -22.51
CA ASP FB 73 26.43 10.18 -23.42
C ASP FB 73 25.69 9.04 -22.70
N SER FB 74 25.20 8.11 -23.50
CA SER FB 74 24.49 6.94 -22.99
C SER FB 74 24.96 5.69 -23.72
N TRP FB 75 24.78 4.55 -23.08
CA TRP FB 75 25.10 3.28 -23.72
C TRP FB 75 24.14 2.94 -24.84
N GLY FB 76 23.01 3.63 -24.92
CA GLY FB 76 22.08 3.41 -26.02
C GLY FB 76 22.53 4.02 -27.33
N GLY FB 77 23.61 4.80 -27.33
CA GLY FB 77 24.13 5.40 -28.53
C GLY FB 77 23.74 6.83 -28.78
N TRP FB 78 23.13 7.50 -27.82
CA TRP FB 78 22.68 8.87 -27.98
C TRP FB 78 23.34 9.77 -26.95
N SER FB 79 23.29 11.07 -27.22
CA SER FB 79 23.76 12.10 -26.32
C SER FB 79 22.65 13.11 -26.09
N VAL FB 80 22.73 13.81 -24.96
CA VAL FB 80 21.71 14.82 -24.65
C VAL FB 80 21.86 16.08 -25.49
N THR FB 81 23.00 16.24 -26.17
CA THR FB 81 23.16 17.34 -27.12
C THR FB 81 22.49 17.05 -28.46
N GLY FB 82 22.03 15.82 -28.68
CA GLY FB 82 21.39 15.44 -29.92
C GLY FB 82 22.27 14.66 -30.87
N GLU FB 83 23.57 14.56 -30.59
CA GLU FB 83 24.49 13.86 -31.47
C GLU FB 83 24.42 12.36 -31.23
N SER FB 84 25.08 11.61 -32.10
CA SER FB 84 25.18 10.16 -32.00
C SER FB 84 26.59 9.79 -31.58
N VAL FB 85 26.70 8.90 -30.59
CA VAL FB 85 27.98 8.48 -30.04
C VAL FB 85 28.17 7.01 -30.37
N ALA FB 86 29.21 6.71 -31.15
CA ALA FB 86 29.49 5.32 -31.50
C ALA FB 86 30.11 4.56 -30.34
N ASN FB 87 31.05 5.18 -29.64
CA ASN FB 87 31.72 4.55 -28.49
C ASN FB 87 31.45 5.38 -27.25
N PRO FB 88 30.47 5.00 -26.43
CA PRO FB 88 30.07 5.84 -25.29
C PRO FB 88 31.08 5.87 -24.16
N GLY FB 89 31.78 4.76 -23.93
CA GLY FB 89 32.64 4.66 -22.77
C GLY FB 89 31.86 4.26 -21.53
N PHE FB 90 32.60 4.06 -20.44
CA PHE FB 90 31.95 3.58 -19.23
C PHE FB 90 31.15 4.67 -18.53
N TRP FB 91 31.67 5.90 -18.51
CA TRP FB 91 31.02 6.97 -17.74
C TRP FB 91 29.89 7.59 -18.56
N SER FB 92 28.89 6.78 -18.83
CA SER FB 92 27.64 7.25 -19.40
C SER FB 92 26.65 7.46 -18.24
N PHE FB 93 25.39 7.73 -18.56
CA PHE FB 93 24.38 7.79 -17.51
C PHE FB 93 24.22 6.43 -16.83
N GLU FB 94 24.19 5.35 -17.61
CA GLU FB 94 24.06 4.02 -17.03
C GLU FB 94 25.29 3.66 -16.20
N GLY FB 95 26.48 4.04 -16.68
CA GLY FB 95 27.67 3.76 -15.90
C GLY FB 95 27.67 4.48 -14.57
N VAL FB 96 27.25 5.75 -14.56
CA VAL FB 96 27.17 6.50 -13.31
C VAL FB 96 26.14 5.87 -12.37
N ALA FB 97 24.99 5.48 -12.92
CA ALA FB 97 23.96 4.87 -12.08
C ALA FB 97 24.43 3.56 -11.47
N LEU FB 98 25.08 2.71 -12.26
CA LEU FB 98 25.57 1.45 -11.73
C LEU FB 98 26.71 1.65 -10.74
N ALA FB 99 27.57 2.65 -10.98
CA ALA FB 99 28.61 2.98 -10.01
C ALA FB 99 28.00 3.42 -8.70
N HIS FB 100 26.93 4.21 -8.75
CA HIS FB 100 26.27 4.64 -7.53
C HIS FB 100 25.63 3.45 -6.80
N ILE FB 101 25.05 2.51 -7.54
CA ILE FB 101 24.47 1.33 -6.91
C ILE FB 101 25.55 0.50 -6.22
N GLY FB 102 26.67 0.28 -6.90
CA GLY FB 102 27.76 -0.47 -6.29
C GLY FB 102 28.35 0.24 -5.09
N LEU FB 103 28.47 1.57 -5.17
CA LEU FB 103 28.94 2.35 -4.03
C LEU FB 103 27.98 2.25 -2.87
N SER FB 104 26.68 2.26 -3.15
CA SER FB 104 25.69 2.09 -2.10
C SER FB 104 25.84 0.74 -1.42
N GLY FB 105 26.04 -0.31 -2.21
CA GLY FB 105 26.24 -1.63 -1.61
C GLY FB 105 27.49 -1.69 -0.75
N LEU FB 106 28.60 -1.13 -1.24
CA LEU FB 106 29.84 -1.14 -0.47
C LEU FB 106 29.70 -0.34 0.82
N LEU FB 107 29.05 0.82 0.75
CA LEU FB 107 28.83 1.61 1.95
C LEU FB 107 27.89 0.91 2.92
N PHE FB 108 26.92 0.15 2.41
CA PHE FB 108 26.05 -0.64 3.27
C PHE FB 108 26.83 -1.70 4.02
N LEU FB 109 27.73 -2.40 3.32
CA LEU FB 109 28.56 -3.40 3.99
C LEU FB 109 29.49 -2.75 5.01
N ALA FB 110 30.04 -1.58 4.68
CA ALA FB 110 30.88 -0.87 5.63
C ALA FB 110 30.09 -0.44 6.87
N ALA FB 111 28.84 0.00 6.67
CA ALA FB 111 27.98 0.35 7.79
C ALA FB 111 27.72 -0.86 8.67
N VAL FB 112 27.49 -2.03 8.06
CA VAL FB 112 27.30 -3.24 8.85
C VAL FB 112 28.55 -3.52 9.68
N TRP FB 113 29.73 -3.43 9.07
CA TRP FB 113 30.96 -3.72 9.79
C TRP FB 113 31.15 -2.74 10.95
N HIS FB 114 30.92 -1.45 10.71
CA HIS FB 114 31.11 -0.47 11.77
C HIS FB 114 30.04 -0.54 12.84
N TRP FB 115 28.86 -1.06 12.53
CA TRP FB 115 27.87 -1.28 13.57
C TRP FB 115 28.24 -2.47 14.44
N VAL FB 116 28.72 -3.55 13.82
CA VAL FB 116 29.14 -4.71 14.60
C VAL FB 116 30.41 -4.41 15.38
N TYR FB 117 31.41 -3.85 14.71
CA TYR FB 117 32.70 -3.56 15.35
C TYR FB 117 32.75 -2.09 15.78
N TRP FB 118 31.99 -1.80 16.83
CA TRP FB 118 31.86 -0.44 17.32
C TRP FB 118 32.95 -0.05 18.30
N ASP FB 119 33.53 -1.02 19.01
CA ASP FB 119 34.47 -0.72 20.10
C ASP FB 119 35.91 -0.76 19.59
N LEU FB 120 36.19 0.09 18.59
CA LEU FB 120 37.55 0.25 18.13
C LEU FB 120 38.35 1.09 19.13
N GLU FB 121 39.62 0.76 19.29
CA GLU FB 121 40.47 1.47 20.23
C GLU FB 121 40.76 2.90 19.77
N LEU FB 122 40.60 3.17 18.47
CA LEU FB 122 40.82 4.51 17.96
C LEU FB 122 39.84 5.52 18.55
N PHE FB 123 38.63 5.08 18.87
CA PHE FB 123 37.57 5.97 19.31
C PHE FB 123 37.64 6.30 20.79
N ARG FB 124 38.61 5.77 21.52
CA ARG FB 124 38.71 6.00 22.96
C ARG FB 124 39.87 6.93 23.27
N ASP FB 125 39.62 7.87 24.18
CA ASP FB 125 40.63 8.85 24.52
C ASP FB 125 41.78 8.21 25.28
N PRO FB 126 43.03 8.36 24.82
CA PRO FB 126 44.16 7.81 25.58
C PRO FB 126 44.31 8.38 26.97
N ARG FB 127 43.85 9.61 27.21
CA ARG FB 127 44.04 10.24 28.51
C ARG FB 127 43.01 9.74 29.53
N THR FB 128 41.75 9.66 29.13
CA THR FB 128 40.67 9.29 30.04
C THR FB 128 40.16 7.87 29.85
N GLY FB 129 40.17 7.36 28.62
CA GLY FB 129 39.62 6.05 28.32
C GLY FB 129 38.19 6.06 27.87
N ASN FB 130 37.47 7.16 28.06
CA ASN FB 130 36.09 7.24 27.60
C ASN FB 130 36.06 7.39 26.09
N PRO FB 131 34.97 6.96 25.45
CA PRO FB 131 34.84 7.17 23.99
C PRO FB 131 34.70 8.66 23.69
N ALA FB 132 35.67 9.20 22.95
CA ALA FB 132 35.70 10.62 22.65
C ALA FB 132 36.22 10.84 21.24
N LEU FB 133 35.84 11.98 20.67
CA LEU FB 133 36.30 12.42 19.37
C LEU FB 133 36.97 13.78 19.51
N ASP FB 134 38.18 13.91 18.98
CA ASP FB 134 38.90 15.18 18.99
C ASP FB 134 38.38 16.03 17.84
N LEU FB 135 37.20 16.61 18.06
CA LEU FB 135 36.48 17.28 16.98
C LEU FB 135 37.25 18.39 16.27
N PRO FB 136 38.03 19.25 16.95
CA PRO FB 136 38.80 20.25 16.20
C PRO FB 136 39.78 19.64 15.21
N LYS FB 137 40.49 18.59 15.59
CA LYS FB 137 41.43 17.99 14.65
C LYS FB 137 40.72 17.20 13.56
N ILE FB 138 39.58 16.58 13.89
CA ILE FB 138 38.77 15.95 12.86
C ILE FB 138 38.31 16.99 11.85
N PHE FB 139 37.91 18.17 12.32
CA PHE FB 139 37.54 19.25 11.42
C PHE FB 139 38.72 19.69 10.57
N GLY FB 140 39.91 19.75 11.16
CA GLY FB 140 41.09 20.07 10.37
C GLY FB 140 41.33 19.06 9.26
N ILE FB 141 41.23 17.77 9.59
CA ILE FB 141 41.43 16.72 8.59
C ILE FB 141 40.38 16.82 7.49
N HIS FB 142 39.12 17.00 7.87
CA HIS FB 142 38.05 17.05 6.88
C HIS FB 142 38.14 18.32 6.03
N LEU FB 143 38.54 19.44 6.63
CA LEU FB 143 38.73 20.66 5.86
C LEU FB 143 39.89 20.53 4.89
N LEU FB 144 40.97 19.87 5.30
CA LEU FB 144 42.08 19.62 4.39
C LEU FB 144 41.64 18.72 3.24
N LEU FB 145 40.87 17.67 3.54
CA LEU FB 145 40.39 16.79 2.49
C LEU FB 145 39.46 17.52 1.52
N SER FB 146 38.56 18.34 2.06
CA SER FB 146 37.65 19.10 1.22
C SER FB 146 38.39 20.13 0.38
N GLY FB 147 39.42 20.76 0.95
CA GLY FB 147 40.23 21.66 0.15
C GLY FB 147 40.96 20.96 -0.97
N VAL FB 148 41.51 19.79 -0.69
CA VAL FB 148 42.16 19.01 -1.75
C VAL FB 148 41.16 18.63 -2.83
N LEU FB 149 39.98 18.16 -2.43
CA LEU FB 149 38.97 17.77 -3.40
C LEU FB 149 38.50 18.96 -4.23
N CYS FB 150 38.26 20.10 -3.60
CA CYS FB 150 37.82 21.29 -4.32
C CYS FB 150 38.89 21.77 -5.28
N PHE FB 151 40.15 21.83 -4.84
CA PHE FB 151 41.22 22.24 -5.71
C PHE FB 151 41.39 21.29 -6.88
N GLY FB 152 41.32 19.98 -6.63
CA GLY FB 152 41.44 19.03 -7.70
C GLY FB 152 40.30 19.13 -8.69
N PHE FB 153 39.07 19.26 -8.20
CA PHE FB 153 37.92 19.41 -9.08
C PHE FB 153 38.07 20.64 -9.97
N GLY FB 154 38.37 21.79 -9.36
CA GLY FB 154 38.49 23.01 -10.14
C GLY FB 154 39.74 23.10 -11.01
N ALA FB 155 40.78 22.33 -10.71
CA ALA FB 155 42.01 22.42 -11.46
C ALA FB 155 42.13 21.38 -12.55
N PHE FB 156 41.48 20.23 -12.40
CA PHE FB 156 41.55 19.18 -13.39
C PHE FB 156 40.22 18.90 -14.07
N HIS FB 157 39.12 18.85 -13.31
CA HIS FB 157 37.84 18.52 -13.91
C HIS FB 157 37.27 19.69 -14.70
N VAL FB 158 37.17 20.86 -14.07
CA VAL FB 158 36.55 22.00 -14.73
C VAL FB 158 37.42 22.53 -15.85
N THR FB 159 38.72 22.65 -15.61
CA THR FB 159 39.63 23.20 -16.61
C THR FB 159 39.91 22.25 -17.76
N GLY FB 160 39.58 20.97 -17.63
CA GLY FB 160 39.88 20.03 -18.68
C GLY FB 160 41.31 19.56 -18.72
N ALA FB 161 42.13 19.94 -17.73
CA ALA FB 161 43.49 19.42 -17.66
C ALA FB 161 43.48 17.90 -17.53
N TRP FB 162 42.66 17.38 -16.63
CA TRP FB 162 42.35 15.95 -16.57
C TRP FB 162 40.88 15.85 -16.17
N GLY FB 163 40.00 15.82 -17.17
CA GLY FB 163 38.58 15.83 -16.92
C GLY FB 163 37.79 16.33 -18.12
N PRO FB 164 36.48 16.26 -18.03
CA PRO FB 164 35.64 16.62 -19.19
C PRO FB 164 35.35 18.10 -19.30
N GLY FB 165 35.36 18.81 -18.18
CA GLY FB 165 34.88 20.17 -18.13
C GLY FB 165 33.45 20.23 -17.61
N ILE FB 166 32.86 21.41 -17.73
CA ILE FB 166 31.48 21.63 -17.30
C ILE FB 166 30.66 22.10 -18.50
N TRP FB 167 29.34 22.12 -18.31
CA TRP FB 167 28.44 22.50 -19.37
C TRP FB 167 28.48 24.01 -19.59
N VAL FB 168 28.83 24.42 -20.79
CA VAL FB 168 28.87 25.84 -21.17
C VAL FB 168 27.93 26.03 -22.35
N SER FB 169 27.00 26.96 -22.21
CA SER FB 169 26.06 27.30 -23.26
C SER FB 169 26.26 28.75 -23.67
N ASP FB 170 25.55 29.15 -24.72
CA ASP FB 170 25.57 30.54 -25.15
C ASP FB 170 24.56 31.34 -24.35
N ALA FB 171 24.34 32.59 -24.73
CA ALA FB 171 23.46 33.45 -23.97
C ALA FB 171 22.00 33.07 -24.08
N TYR FB 172 21.63 32.28 -25.10
CA TYR FB 172 20.23 31.95 -25.34
C TYR FB 172 19.98 30.46 -25.43
N GLY FB 173 20.91 29.63 -24.96
CA GLY FB 173 20.68 28.21 -24.85
C GLY FB 173 20.44 27.48 -26.16
N ILE FB 174 21.16 27.86 -27.22
CA ILE FB 174 21.00 27.20 -28.51
C ILE FB 174 22.05 26.11 -28.70
N THR FB 175 23.32 26.42 -28.42
CA THR FB 175 24.43 25.50 -28.61
C THR FB 175 25.18 25.37 -27.29
N GLY FB 176 24.81 24.37 -26.51
CA GLY FB 176 25.44 24.11 -25.22
C GLY FB 176 26.05 22.73 -25.20
N LYS FB 177 27.24 22.62 -24.60
CA LYS FB 177 27.96 21.35 -24.52
C LYS FB 177 28.96 21.45 -23.38
N VAL FB 178 29.58 20.31 -23.08
CA VAL FB 178 30.61 20.27 -22.04
C VAL FB 178 31.94 20.69 -22.65
N GLN FB 179 32.52 21.75 -22.10
CA GLN FB 179 33.78 22.27 -22.60
C GLN FB 179 34.75 22.47 -21.45
N PRO FB 180 36.05 22.33 -21.70
CA PRO FB 180 37.03 22.79 -20.72
C PRO FB 180 36.89 24.29 -20.49
N VAL FB 181 37.08 24.70 -19.25
CA VAL FB 181 36.81 26.09 -18.84
C VAL FB 181 38.08 26.65 -18.24
N ALA FB 182 38.64 27.67 -18.89
CA ALA FB 182 39.79 28.37 -18.33
C ALA FB 182 39.32 29.30 -17.22
N PRO FB 183 40.00 29.31 -16.08
CA PRO FB 183 39.58 30.19 -14.98
C PRO FB 183 39.87 31.66 -15.29
N ALA FB 184 39.05 32.52 -14.67
CA ALA FB 184 39.23 33.97 -14.75
C ALA FB 184 39.54 34.48 -13.35
N TRP FB 185 40.70 35.11 -13.20
CA TRP FB 185 41.18 35.51 -11.88
C TRP FB 185 40.88 36.96 -11.54
N GLY FB 186 40.25 37.71 -12.44
CA GLY FB 186 39.90 39.09 -12.18
C GLY FB 186 38.57 39.21 -11.47
N ALA FB 187 37.99 40.40 -11.57
CA ALA FB 187 36.67 40.63 -11.00
C ALA FB 187 35.57 39.96 -11.81
N GLU FB 188 35.84 39.61 -13.07
CA GLU FB 188 34.84 38.95 -13.90
C GLU FB 188 34.59 37.51 -13.48
N GLY FB 189 35.42 36.95 -12.60
CA GLY FB 189 35.12 35.64 -12.05
C GLY FB 189 33.98 35.64 -11.07
N PHE FB 190 33.62 36.80 -10.55
CA PHE FB 190 32.47 36.93 -9.66
C PHE FB 190 31.20 37.27 -10.42
N ASN FB 191 31.27 37.35 -11.73
CA ASN FB 191 30.06 37.37 -12.54
C ASN FB 191 29.45 35.98 -12.46
N PRO FB 192 28.24 35.83 -11.91
CA PRO FB 192 27.68 34.49 -11.72
C PRO FB 192 27.36 33.76 -13.01
N PHE FB 193 27.17 34.48 -14.11
CA PHE FB 193 26.90 33.88 -15.40
C PHE FB 193 28.18 33.60 -16.18
N ASN FB 194 29.34 33.88 -15.59
CA ASN FB 194 30.61 33.53 -16.20
C ASN FB 194 31.07 32.18 -15.67
N PRO FB 195 31.13 31.14 -16.51
CA PRO FB 195 31.55 29.82 -16.03
C PRO FB 195 33.01 29.74 -15.63
N SER FB 196 33.84 30.71 -16.01
CA SER FB 196 35.23 30.71 -15.58
C SER FB 196 35.35 30.91 -14.08
N GLY FB 197 34.37 31.60 -13.49
CA GLY FB 197 34.32 31.76 -12.06
C GLY FB 197 34.27 30.46 -11.30
N VAL FB 198 33.63 29.43 -11.88
CA VAL FB 198 33.58 28.14 -11.22
C VAL FB 198 34.99 27.57 -11.02
N ALA FB 199 35.78 27.57 -12.09
CA ALA FB 199 37.13 27.03 -12.01
C ALA FB 199 38.00 27.87 -11.09
N SER FB 200 37.97 29.19 -11.26
CA SER FB 200 38.81 30.04 -10.42
C SER FB 200 38.41 29.93 -8.95
N HIS FB 201 37.11 29.91 -8.67
CA HIS FB 201 36.63 29.78 -7.30
C HIS FB 201 37.09 28.47 -6.70
N HIS FB 202 36.94 27.37 -7.43
CA HIS FB 202 37.30 26.09 -6.83
C HIS FB 202 38.80 25.99 -6.61
N ILE FB 203 39.62 26.51 -7.51
CA ILE FB 203 41.06 26.49 -7.27
C ILE FB 203 41.42 27.33 -6.04
N ALA FB 204 40.94 28.57 -5.99
CA ALA FB 204 41.31 29.46 -4.88
C ALA FB 204 40.76 28.95 -3.56
N ALA FB 205 39.50 28.51 -3.53
CA ALA FB 205 38.91 28.01 -2.30
C ALA FB 205 39.53 26.70 -1.87
N GLY FB 206 39.95 25.86 -2.81
CA GLY FB 206 40.67 24.65 -2.44
C GLY FB 206 42.01 24.96 -1.80
N ILE FB 207 42.73 25.93 -2.35
CA ILE FB 207 44.00 26.32 -1.73
C ILE FB 207 43.75 26.87 -0.33
N LEU FB 208 42.75 27.74 -0.18
CA LEU FB 208 42.48 28.34 1.13
C LEU FB 208 42.02 27.29 2.12
N GLY FB 209 41.17 26.35 1.69
CA GLY FB 209 40.72 25.29 2.57
C GLY FB 209 41.84 24.34 2.96
N PHE FB 210 42.76 24.07 2.04
CA PHE FB 210 43.93 23.27 2.38
C PHE FB 210 44.77 23.96 3.43
N LEU FB 211 45.03 25.26 3.27
CA LEU FB 211 45.80 25.99 4.27
C LEU FB 211 45.06 26.03 5.62
N ALA FB 212 43.76 26.24 5.59
CA ALA FB 212 42.98 26.29 6.83
C ALA FB 212 42.92 24.93 7.50
N GLY FB 213 42.88 23.85 6.72
CA GLY FB 213 42.95 22.52 7.31
C GLY FB 213 44.29 22.26 7.95
N ILE FB 214 45.38 22.72 7.32
CA ILE FB 214 46.67 22.63 7.97
C ILE FB 214 46.66 23.38 9.30
N PHE FB 215 46.09 24.59 9.29
CA PHE FB 215 46.03 25.38 10.52
C PHE FB 215 45.21 24.68 11.60
N HIS FB 216 44.06 24.12 11.23
CA HIS FB 216 43.18 23.50 12.20
C HIS FB 216 43.70 22.16 12.71
N ILE FB 217 44.49 21.45 11.91
CA ILE FB 217 45.21 20.30 12.45
C ILE FB 217 46.30 20.76 13.41
N ALA FB 218 46.98 21.86 13.07
CA ALA FB 218 48.15 22.26 13.84
C ALA FB 218 47.78 22.86 15.19
N VAL FB 219 46.77 23.71 15.23
CA VAL FB 219 46.56 24.63 16.35
C VAL FB 219 45.31 24.22 17.12
N ARG FB 220 45.46 24.11 18.44
CA ARG FB 220 44.34 23.81 19.31
C ARG FB 220 43.45 25.04 19.49
N PRO FB 221 42.17 24.84 19.80
CA PRO FB 221 41.27 25.98 20.00
C PRO FB 221 41.58 26.70 21.30
N PRO FB 222 41.22 27.98 21.39
CA PRO FB 222 41.33 28.69 22.66
C PRO FB 222 40.38 28.13 23.69
N GLN FB 223 40.74 28.31 24.97
CA GLN FB 223 39.88 27.84 26.04
C GLN FB 223 38.57 28.61 26.08
N ARG FB 224 38.60 29.91 25.78
CA ARG FB 224 37.37 30.68 25.75
C ARG FB 224 36.42 30.19 24.68
N LEU FB 225 36.94 29.90 23.48
CA LEU FB 225 36.09 29.37 22.42
C LEU FB 225 35.68 27.93 22.69
N TYR FB 226 36.52 27.16 23.38
CA TYR FB 226 36.15 25.79 23.72
C TYR FB 226 35.01 25.76 24.73
N ARG FB 227 35.07 26.61 25.74
CA ARG FB 227 33.98 26.68 26.72
C ARG FB 227 32.73 27.34 26.15
N ALA FB 228 32.91 28.35 25.30
CA ALA FB 228 31.76 29.10 24.80
C ALA FB 228 30.96 28.29 23.78
N LEU FB 229 31.65 27.65 22.84
CA LEU FB 229 30.98 26.90 21.78
C LEU FB 229 30.76 25.44 22.12
N ARG FB 230 31.17 25.01 23.32
CA ARG FB 230 31.00 23.63 23.76
C ARG FB 230 31.61 22.65 22.76
N MET FB 231 32.88 22.87 22.46
CA MET FB 231 33.56 22.07 21.45
C MET FB 231 33.79 20.63 21.87
N GLY FB 232 33.66 20.31 23.16
CA GLY FB 232 33.69 18.92 23.56
C GLY FB 232 32.42 18.16 23.28
N ASN FB 233 31.35 18.88 22.96
CA ASN FB 233 30.07 18.28 22.61
C ASN FB 233 29.94 18.24 21.10
N ILE FB 234 29.49 17.10 20.58
CA ILE FB 234 29.33 16.93 19.14
C ILE FB 234 28.07 17.62 18.62
N GLU FB 235 27.13 17.97 19.50
CA GLU FB 235 25.93 18.65 19.05
C GLU FB 235 26.22 20.07 18.57
N THR FB 236 27.31 20.70 19.02
CA THR FB 236 27.67 21.98 18.44
C THR FB 236 28.15 21.80 17.00
N VAL FB 237 28.83 20.69 16.72
CA VAL FB 237 29.19 20.39 15.33
C VAL FB 237 27.93 20.18 14.52
N LEU FB 238 26.95 19.46 15.08
CA LEU FB 238 25.69 19.27 14.36
C LEU FB 238 25.00 20.60 14.09
N SER FB 239 24.94 21.47 15.10
CA SER FB 239 24.26 22.75 14.94
C SER FB 239 24.94 23.62 13.89
N SER FB 240 26.27 23.77 13.96
CA SER FB 240 26.96 24.60 12.99
C SER FB 240 26.91 23.99 11.59
N SER FB 241 26.98 22.66 11.49
CA SER FB 241 26.87 22.02 10.18
C SER FB 241 25.49 22.23 9.58
N ILE FB 242 24.43 22.14 10.39
CA ILE FB 242 23.09 22.41 9.88
C ILE FB 242 22.96 23.86 9.46
N ALA FB 243 23.55 24.77 10.23
CA ALA FB 243 23.53 26.18 9.85
C ALA FB 243 24.19 26.39 8.50
N ALA FB 244 25.39 25.86 8.33
CA ALA FB 244 26.09 26.02 7.06
C ALA FB 244 25.34 25.34 5.92
N VAL FB 245 24.69 24.20 6.21
CA VAL FB 245 23.99 23.47 5.18
C VAL FB 245 22.76 24.23 4.70
N PHE FB 246 22.00 24.83 5.60
CA PHE FB 246 20.85 25.59 5.12
C PHE FB 246 21.27 26.94 4.53
N TRP FB 247 22.41 27.49 4.95
CA TRP FB 247 23.00 28.62 4.23
C TRP FB 247 23.29 28.24 2.78
N SER FB 248 23.94 27.10 2.58
CA SER FB 248 24.24 26.63 1.23
C SER FB 248 22.97 26.32 0.46
N ALA FB 249 21.95 25.80 1.13
CA ALA FB 249 20.68 25.51 0.47
C ALA FB 249 20.00 26.78 0.00
N PHE FB 250 20.03 27.85 0.81
CA PHE FB 250 19.52 29.13 0.34
C PHE FB 250 20.31 29.65 -0.85
N ILE FB 251 21.63 29.50 -0.81
CA ILE FB 251 22.46 29.95 -1.94
C ILE FB 251 22.08 29.21 -3.22
N THR FB 252 21.94 27.88 -3.13
CA THR FB 252 21.60 27.10 -4.31
C THR FB 252 20.18 27.35 -4.77
N THR FB 253 19.26 27.60 -3.84
CA THR FB 253 17.91 28.00 -4.21
C THR FB 253 17.92 29.29 -5.01
N GLY FB 254 18.68 30.28 -4.54
CA GLY FB 254 18.76 31.53 -5.28
C GLY FB 254 19.39 31.36 -6.65
N THR FB 255 20.50 30.63 -6.72
CA THR FB 255 21.17 30.46 -8.01
C THR FB 255 20.36 29.59 -8.97
N MET FB 256 19.47 28.75 -8.45
CA MET FB 256 18.61 27.98 -9.33
C MET FB 256 17.46 28.83 -9.85
N TRP FB 257 16.81 29.60 -8.97
CA TRP FB 257 15.66 30.37 -9.39
C TRP FB 257 16.06 31.54 -10.29
N TYR FB 258 17.07 32.30 -9.88
CA TYR FB 258 17.49 33.44 -10.68
C TYR FB 258 18.38 33.05 -11.85
N GLY FB 259 18.98 31.88 -11.81
CA GLY FB 259 19.84 31.43 -12.89
C GLY FB 259 21.27 31.87 -12.70
N SER FB 260 22.18 31.04 -13.20
CA SER FB 260 23.60 31.33 -13.17
C SER FB 260 24.28 30.47 -14.23
N ALA FB 261 25.61 30.51 -14.27
CA ALA FB 261 26.33 29.62 -15.16
C ALA FB 261 26.27 28.18 -14.68
N THR FB 262 25.99 27.96 -13.40
CA THR FB 262 25.87 26.61 -12.86
C THR FB 262 24.47 26.03 -13.03
N THR FB 263 23.51 26.80 -13.54
CA THR FB 263 22.17 26.31 -13.82
C THR FB 263 21.80 26.74 -15.23
N PRO FB 264 22.37 26.08 -16.25
CA PRO FB 264 22.07 26.43 -17.63
C PRO FB 264 20.63 26.09 -17.99
N ILE FB 265 20.10 26.82 -18.98
CA ILE FB 265 18.71 26.65 -19.37
C ILE FB 265 18.47 25.47 -20.29
N GLU FB 266 19.53 24.85 -20.80
CA GLU FB 266 19.37 23.65 -21.61
C GLU FB 266 19.27 22.39 -20.76
N LEU FB 267 19.47 22.51 -19.46
CA LEU FB 267 19.35 21.39 -18.53
C LEU FB 267 18.21 21.56 -17.54
N PHE FB 268 18.05 22.76 -16.99
CA PHE FB 268 17.01 23.02 -16.01
C PHE FB 268 15.84 23.82 -16.59
N GLY FB 269 15.95 24.29 -17.83
CA GLY FB 269 14.91 25.09 -18.42
C GLY FB 269 15.11 26.56 -18.17
N PRO FB 270 14.33 27.40 -18.83
CA PRO FB 270 14.44 28.84 -18.63
C PRO FB 270 13.92 29.26 -17.26
N THR FB 271 14.26 30.49 -16.89
CA THR FB 271 13.78 31.07 -15.65
C THR FB 271 12.54 31.92 -15.91
N ARG FB 272 11.86 32.30 -14.82
CA ARG FB 272 10.67 33.12 -14.95
C ARG FB 272 11.01 34.56 -15.32
N TYR FB 273 12.21 35.02 -14.97
CA TYR FB 273 12.60 36.39 -15.27
C TYR FB 273 13.01 36.57 -16.73
N GLN FB 274 13.29 35.48 -17.43
CA GLN FB 274 13.49 35.56 -18.87
C GLN FB 274 12.16 35.74 -19.59
N TRP FB 275 11.06 35.27 -19.01
CA TRP FB 275 9.73 35.54 -19.55
C TRP FB 275 9.23 36.91 -19.12
N ASP FB 276 9.52 37.30 -17.88
CA ASP FB 276 9.07 38.61 -17.40
C ASP FB 276 9.70 39.75 -18.17
N SER FB 277 11.00 39.63 -18.48
CA SER FB 277 11.70 40.69 -19.18
C SER FB 277 11.61 40.58 -20.69
N GLY FB 278 10.97 39.52 -21.21
CA GLY FB 278 10.95 39.31 -22.65
C GLY FB 278 12.32 39.05 -23.22
N TYR FB 279 13.13 38.25 -22.53
CA TYR FB 279 14.52 38.02 -22.94
C TYR FB 279 14.58 37.36 -24.32
N PHE FB 280 14.00 36.17 -24.45
CA PHE FB 280 13.99 35.49 -25.74
C PHE FB 280 13.15 36.23 -26.76
N GLN FB 281 12.07 36.89 -26.34
CA GLN FB 281 11.29 37.69 -27.27
C GLN FB 281 12.12 38.83 -27.85
N GLN FB 282 12.88 39.52 -26.99
CA GLN FB 282 13.74 40.59 -27.49
C GLN FB 282 14.82 40.04 -28.41
N GLU FB 283 15.41 38.90 -28.08
CA GLU FB 283 16.42 38.32 -28.96
C GLU FB 283 15.83 37.95 -30.32
N ILE FB 284 14.65 37.33 -30.33
CA ILE FB 284 14.02 36.94 -31.57
C ILE FB 284 13.66 38.16 -32.41
N GLU FB 285 13.12 39.20 -31.77
CA GLU FB 285 12.81 40.42 -32.50
C GLU FB 285 14.06 41.07 -33.06
N ARG FB 286 15.17 41.05 -32.31
CA ARG FB 286 16.42 41.60 -32.81
C ARG FB 286 16.91 40.82 -34.02
N ARG FB 287 16.86 39.49 -33.98
CA ARG FB 287 17.29 38.69 -35.12
C ARG FB 287 16.40 38.94 -36.33
N VAL FB 288 15.09 39.01 -36.13
CA VAL FB 288 14.18 39.26 -37.24
C VAL FB 288 14.43 40.64 -37.84
N GLU FB 289 14.68 41.64 -37.00
CA GLU FB 289 14.98 42.98 -37.50
C GLU FB 289 16.29 42.99 -38.30
N ASN FB 290 17.31 42.28 -37.80
CA ASN FB 290 18.57 42.20 -38.53
C ASN FB 290 18.40 41.49 -39.86
N SER FB 291 17.56 40.46 -39.92
CA SER FB 291 17.30 39.79 -41.18
C SER FB 291 16.48 40.64 -42.13
N LEU FB 292 15.56 41.45 -41.60
CA LEU FB 292 14.78 42.35 -42.45
C LEU FB 292 15.65 43.48 -42.99
N ASN FB 293 16.67 43.90 -42.24
CA ASN FB 293 17.60 44.90 -42.72
C ASN FB 293 18.53 44.39 -43.81
N GLU FB 294 18.57 43.08 -44.05
CA GLU FB 294 19.37 42.50 -45.11
C GLU FB 294 18.58 42.27 -46.39
N GLY FB 295 17.37 42.84 -46.49
CA GLY FB 295 16.58 42.73 -47.68
C GLY FB 295 15.61 41.56 -47.72
N LEU FB 296 15.61 40.70 -46.71
CA LEU FB 296 14.68 39.59 -46.68
C LEU FB 296 13.27 40.07 -46.36
N ASN FB 297 12.29 39.27 -46.75
CA ASN FB 297 10.90 39.52 -46.39
C ASN FB 297 10.61 38.91 -45.03
N LEU FB 298 9.36 38.97 -44.59
CA LEU FB 298 9.01 38.44 -43.28
C LEU FB 298 9.12 36.91 -43.23
N SER FB 299 8.75 36.22 -44.31
CA SER FB 299 8.79 34.76 -44.29
C SER FB 299 10.22 34.26 -44.13
N GLU FB 300 11.16 34.81 -44.89
CA GLU FB 300 12.54 34.37 -44.80
C GLU FB 300 13.18 34.79 -43.48
N ALA FB 301 12.81 35.96 -42.96
CA ALA FB 301 13.37 36.41 -41.69
C ALA FB 301 12.87 35.55 -40.54
N TRP FB 302 11.58 35.23 -40.51
CA TRP FB 302 11.03 34.42 -39.42
C TRP FB 302 11.32 32.95 -39.59
N SER FB 303 11.62 32.48 -40.80
CA SER FB 303 12.02 31.10 -41.00
C SER FB 303 13.45 30.84 -40.55
N ARG FB 304 14.25 31.89 -40.40
CA ARG FB 304 15.62 31.76 -39.93
C ARG FB 304 15.71 31.58 -38.43
N ILE FB 305 14.63 31.85 -37.71
CA ILE FB 305 14.63 31.70 -36.25
C ILE FB 305 14.62 30.21 -35.90
N PRO FB 306 15.55 29.74 -35.08
CA PRO FB 306 15.56 28.32 -34.71
C PRO FB 306 14.34 27.95 -33.87
N ASP FB 307 13.98 26.66 -33.93
CA ASP FB 307 12.86 26.17 -33.15
C ASP FB 307 13.16 26.18 -31.66
N LYS FB 308 14.43 25.99 -31.28
CA LYS FB 308 14.80 26.06 -29.87
C LYS FB 308 14.56 27.45 -29.30
N LEU FB 309 14.95 28.48 -30.05
CA LEU FB 309 14.81 29.85 -29.56
C LEU FB 309 13.34 30.24 -29.44
N ALA FB 310 12.51 29.81 -30.39
CA ALA FB 310 11.08 30.08 -30.29
C ALA FB 310 10.43 29.24 -29.21
N PHE FB 311 10.99 28.07 -28.92
CA PHE FB 311 10.46 27.22 -27.86
C PHE FB 311 10.77 27.81 -26.48
N TYR FB 312 11.89 28.51 -26.35
CA TYR FB 312 12.18 29.19 -25.09
C TYR FB 312 11.22 30.35 -24.84
N ASP FB 313 10.69 30.95 -25.90
CA ASP FB 313 9.79 32.10 -25.77
C ASP FB 313 8.34 31.61 -25.68
N TYR FB 314 8.06 30.88 -24.60
CA TYR FB 314 6.77 30.24 -24.43
C TYR FB 314 6.48 30.12 -22.94
N ILE FB 315 5.24 30.43 -22.55
CA ILE FB 315 4.90 30.48 -21.13
C ILE FB 315 4.71 29.10 -20.52
N GLY FB 316 4.57 28.06 -21.33
CA GLY FB 316 4.52 26.72 -20.78
C GLY FB 316 5.85 26.20 -20.30
N ASN FB 317 6.94 26.81 -20.74
CA ASN FB 317 8.28 26.52 -20.24
C ASN FB 317 8.65 27.38 -19.05
N ASN FB 318 7.78 28.29 -18.66
CA ASN FB 318 8.02 29.12 -17.48
C ASN FB 318 7.90 28.26 -16.23
N PRO FB 319 8.92 28.24 -15.36
CA PRO FB 319 8.80 27.48 -14.11
C PRO FB 319 7.77 28.04 -13.16
N ALA FB 320 7.34 29.28 -13.33
CA ALA FB 320 6.36 29.91 -12.45
C ALA FB 320 4.94 29.81 -12.98
N LYS FB 321 4.62 28.73 -13.71
CA LYS FB 321 3.27 28.50 -14.19
C LYS FB 321 2.72 27.15 -13.77
N GLY FB 322 3.45 26.39 -12.98
CA GLY FB 322 3.02 25.06 -12.59
C GLY FB 322 2.09 25.06 -11.40
N GLY FB 323 1.94 23.88 -10.81
CA GLY FB 323 1.10 23.72 -9.65
C GLY FB 323 1.76 22.80 -8.64
N LEU FB 324 1.34 22.96 -7.38
CA LEU FB 324 1.96 22.19 -6.30
C LEU FB 324 1.63 20.71 -6.43
N PHE FB 325 0.41 20.38 -6.85
CA PHE FB 325 -0.01 18.99 -6.97
C PHE FB 325 -0.27 18.59 -8.41
N ARG FB 326 0.18 19.39 -9.38
CA ARG FB 326 0.22 18.97 -10.78
C ARG FB 326 1.52 18.21 -10.99
N ALA FB 327 1.52 16.96 -10.56
CA ALA FB 327 2.73 16.16 -10.57
C ALA FB 327 3.07 15.69 -11.97
N GLY FB 328 4.32 15.27 -12.15
CA GLY FB 328 4.76 14.69 -13.39
C GLY FB 328 5.65 15.61 -14.20
N PRO FB 329 5.98 15.19 -15.41
CA PRO FB 329 6.83 16.01 -16.28
C PRO FB 329 6.06 17.18 -16.87
N MET FB 330 6.80 18.07 -17.53
CA MET FB 330 6.17 19.18 -18.24
C MET FB 330 5.37 18.70 -19.43
N ASN FB 331 5.72 17.56 -20.02
CA ASN FB 331 4.94 17.01 -21.13
C ASN FB 331 3.60 16.45 -20.68
N LYS FB 332 3.41 16.23 -19.38
CA LYS FB 332 2.12 15.84 -18.83
C LYS FB 332 1.14 17.01 -18.79
N GLY FB 333 1.60 18.23 -19.07
CA GLY FB 333 0.75 19.40 -19.02
C GLY FB 333 0.23 19.80 -20.38
N ASP FB 334 0.84 20.81 -20.99
CA ASP FB 334 0.40 21.24 -22.32
C ASP FB 334 0.64 20.18 -23.37
N GLY FB 335 1.48 19.19 -23.11
CA GLY FB 335 1.71 18.08 -24.01
C GLY FB 335 3.17 18.00 -24.44
N ILE FB 336 3.42 17.13 -25.40
CA ILE FB 336 4.74 16.97 -25.98
C ILE FB 336 4.81 17.85 -27.23
N ALA FB 337 5.78 18.76 -27.26
CA ALA FB 337 5.89 19.69 -28.37
C ALA FB 337 6.32 18.95 -29.64
N GLU FB 338 5.58 19.17 -30.73
CA GLU FB 338 5.87 18.54 -32.01
C GLU FB 338 6.54 19.49 -32.98
N ALA FB 339 5.98 20.67 -33.18
CA ALA FB 339 6.52 21.60 -34.16
C ALA FB 339 6.19 23.03 -33.72
N TRP FB 340 6.99 23.96 -34.23
CA TRP FB 340 6.72 25.39 -34.07
C TRP FB 340 5.83 25.83 -35.22
N LEU FB 341 4.65 26.36 -34.90
CA LEU FB 341 3.70 26.75 -35.94
C LEU FB 341 4.06 28.05 -36.63
N GLY FB 342 4.99 28.81 -36.08
CA GLY FB 342 5.40 30.08 -36.67
C GLY FB 342 4.87 31.26 -35.88
N HIS FB 343 5.38 32.43 -36.25
CA HIS FB 343 5.02 33.65 -35.56
C HIS FB 343 3.70 34.19 -36.13
N PRO FB 344 2.66 34.36 -35.31
CA PRO FB 344 1.43 34.97 -35.81
C PRO FB 344 1.52 36.48 -35.82
N ILE FB 345 1.04 37.08 -36.90
CA ILE FB 345 0.88 38.52 -37.00
C ILE FB 345 -0.59 38.79 -37.28
N PHE FB 346 -1.23 39.55 -36.41
CA PHE FB 346 -2.67 39.79 -36.46
C PHE FB 346 -2.94 41.12 -37.13
N GLN FB 347 -3.77 41.10 -38.16
CA GLN FB 347 -4.13 42.30 -38.90
C GLN FB 347 -5.64 42.45 -38.91
N ASP FB 348 -6.10 43.70 -38.78
CA ASP FB 348 -7.52 44.01 -38.81
C ASP FB 348 -7.97 44.16 -40.28
N LYS FB 349 -9.18 44.66 -40.48
CA LYS FB 349 -9.69 44.88 -41.83
C LYS FB 349 -8.94 46.00 -42.55
N GLU FB 350 -8.26 46.87 -41.82
CA GLU FB 350 -7.52 47.97 -42.42
C GLU FB 350 -6.04 47.66 -42.58
N GLY FB 351 -5.59 46.46 -42.24
CA GLY FB 351 -4.22 46.07 -42.41
C GLY FB 351 -3.27 46.49 -41.30
N LYS FB 352 -3.76 47.15 -40.26
CA LYS FB 352 -2.91 47.50 -39.13
C LYS FB 352 -2.55 46.27 -38.32
N GLU FB 353 -1.27 46.15 -37.96
CA GLU FB 353 -0.83 44.99 -37.22
C GLU FB 353 -1.26 45.08 -35.76
N LEU FB 354 -1.57 43.93 -35.17
CA LEU FB 354 -1.99 43.84 -33.78
C LEU FB 354 -1.19 42.75 -33.08
N THR FB 355 -0.84 43.00 -31.83
CA THR FB 355 -0.12 42.04 -31.01
C THR FB 355 -1.00 41.66 -29.82
N VAL FB 356 -1.18 40.35 -29.62
CA VAL FB 356 -1.89 39.87 -28.45
C VAL FB 356 -1.03 40.10 -27.21
N ARG FB 357 -1.60 40.72 -26.19
CA ARG FB 357 -0.86 40.97 -24.96
C ARG FB 357 -0.55 39.64 -24.28
N ARG FB 358 0.72 39.45 -23.93
CA ARG FB 358 1.16 38.18 -23.37
C ARG FB 358 0.67 38.02 -21.93
N MET FB 359 0.40 36.78 -21.56
CA MET FB 359 -0.06 36.48 -20.22
C MET FB 359 1.08 36.60 -19.22
N PRO FB 360 0.90 37.36 -18.14
CA PRO FB 360 1.91 37.37 -17.08
C PRO FB 360 1.91 36.07 -16.30
N ALA FB 361 3.01 35.83 -15.60
CA ALA FB 361 3.16 34.58 -14.86
C ALA FB 361 2.23 34.50 -13.64
N PHE FB 362 1.71 35.63 -13.17
CA PHE FB 362 0.80 35.60 -12.03
C PHE FB 362 -0.54 34.99 -12.39
N PHE FB 363 -1.00 35.17 -13.62
CA PHE FB 363 -2.38 34.91 -13.99
C PHE FB 363 -2.56 33.46 -14.40
N GLU FB 364 -3.47 32.76 -13.72
CA GLU FB 364 -3.92 31.46 -14.22
C GLU FB 364 -4.70 31.62 -15.51
N THR FB 365 -5.58 32.61 -15.55
CA THR FB 365 -6.31 32.98 -16.75
C THR FB 365 -6.07 34.45 -17.05
N PHE FB 366 -5.93 34.78 -18.32
CA PHE FB 366 -5.74 36.15 -18.73
C PHE FB 366 -6.67 36.47 -19.89
N PRO FB 367 -7.30 37.64 -19.90
CA PRO FB 367 -8.16 38.01 -21.02
C PRO FB 367 -7.35 38.23 -22.29
N VAL FB 368 -7.89 37.75 -23.41
CA VAL FB 368 -7.23 37.88 -24.71
C VAL FB 368 -7.54 39.26 -25.27
N ILE FB 369 -6.54 40.13 -25.32
CA ILE FB 369 -6.69 41.48 -25.82
C ILE FB 369 -5.61 41.73 -26.85
N LEU FB 370 -5.96 42.46 -27.91
CA LEU FB 370 -5.03 42.79 -28.99
C LEU FB 370 -4.81 44.30 -28.98
N VAL FB 371 -3.55 44.71 -28.90
CA VAL FB 371 -3.20 46.12 -28.89
C VAL FB 371 -2.52 46.45 -30.21
N ASP FB 372 -2.52 47.73 -30.56
CA ASP FB 372 -1.80 48.23 -31.71
C ASP FB 372 -0.39 48.62 -31.30
N LYS FB 373 0.34 49.28 -32.20
CA LYS FB 373 1.70 49.70 -31.88
C LYS FB 373 1.72 50.80 -30.82
N ASP FB 374 0.64 51.57 -30.67
CA ASP FB 374 0.58 52.61 -29.67
C ASP FB 374 0.27 52.07 -28.28
N GLY FB 375 -0.48 50.99 -28.20
CA GLY FB 375 -0.93 50.45 -26.94
C GLY FB 375 -2.42 50.58 -26.68
N ILE FB 376 -3.23 50.79 -27.71
CA ILE FB 376 -4.67 50.98 -27.58
C ILE FB 376 -5.37 49.69 -27.95
N ILE FB 377 -6.36 49.30 -27.16
CA ILE FB 377 -7.10 48.07 -27.41
C ILE FB 377 -7.91 48.25 -28.68
N ARG FB 378 -7.55 47.51 -29.73
CA ARG FB 378 -8.29 47.53 -30.98
C ARG FB 378 -9.17 46.32 -31.19
N ALA FB 379 -8.84 45.19 -30.55
CA ALA FB 379 -9.65 44.00 -30.63
C ALA FB 379 -9.39 43.14 -29.39
N ASP FB 380 -10.35 42.27 -29.09
CA ASP FB 380 -10.22 41.39 -27.93
C ASP FB 380 -11.22 40.25 -28.08
N ILE FB 381 -11.26 39.39 -27.07
CA ILE FB 381 -12.24 38.31 -26.99
C ILE FB 381 -13.09 38.55 -25.74
N PRO FB 382 -14.41 38.48 -25.83
CA PRO FB 382 -15.26 38.64 -24.64
C PRO FB 382 -14.99 37.52 -23.64
N PHE FB 383 -15.48 37.74 -22.41
CA PHE FB 383 -15.12 36.84 -21.32
C PHE FB 383 -15.60 35.41 -21.57
N ARG FB 384 -16.90 35.17 -21.51
CA ARG FB 384 -17.41 33.89 -21.98
C ARG FB 384 -18.65 34.04 -22.86
N ARG FB 385 -19.57 34.91 -22.45
CA ARG FB 385 -20.81 35.12 -23.22
C ARG FB 385 -21.27 36.57 -23.20
N ALA FB 386 -20.38 37.52 -22.92
CA ALA FB 386 -20.78 38.91 -22.78
C ALA FB 386 -21.03 39.56 -24.13
N GLU FB 387 -21.91 40.57 -24.13
CA GLU FB 387 -22.09 41.40 -25.31
C GLU FB 387 -20.80 42.20 -25.54
N SER FB 388 -20.42 42.35 -26.80
CA SER FB 388 -19.09 42.81 -27.14
C SER FB 388 -19.12 44.08 -27.97
N LYS FB 389 -17.98 44.77 -27.96
CA LYS FB 389 -17.75 45.96 -28.76
C LYS FB 389 -16.50 45.86 -29.63
N TYR FB 390 -15.49 45.11 -29.21
CA TYR FB 390 -14.23 44.98 -29.92
C TYR FB 390 -13.92 43.52 -30.27
N SER FB 391 -14.94 42.73 -30.55
CA SER FB 391 -14.70 41.30 -30.70
C SER FB 391 -13.96 40.99 -32.00
N ILE FB 392 -13.48 39.74 -32.10
CA ILE FB 392 -12.73 39.31 -33.27
C ILE FB 392 -13.64 39.29 -34.51
N GLU FB 393 -14.89 38.85 -34.35
CA GLU FB 393 -15.80 38.80 -35.49
C GLU FB 393 -16.13 40.20 -36.02
N GLN FB 394 -16.15 41.20 -35.15
CA GLN FB 394 -16.54 42.54 -35.57
C GLN FB 394 -15.39 43.26 -36.28
N VAL FB 395 -14.20 43.26 -35.68
CA VAL FB 395 -13.07 43.95 -36.29
C VAL FB 395 -12.56 43.21 -37.51
N GLY FB 396 -12.89 41.93 -37.66
CA GLY FB 396 -12.43 41.15 -38.78
C GLY FB 396 -10.94 40.90 -38.75
N VAL FB 397 -10.44 40.44 -37.61
CA VAL FB 397 -9.00 40.20 -37.44
C VAL FB 397 -8.60 38.97 -38.26
N THR FB 398 -7.55 39.12 -39.06
CA THR FB 398 -6.95 38.03 -39.81
C THR FB 398 -5.53 37.82 -39.31
N VAL FB 399 -5.10 36.56 -39.26
CA VAL FB 399 -3.79 36.20 -38.75
C VAL FB 399 -2.98 35.56 -39.88
N SER FB 400 -1.75 36.02 -40.04
CA SER FB 400 -0.81 35.47 -41.01
C SER FB 400 0.42 34.98 -40.29
N PHE FB 401 0.82 33.74 -40.55
CA PHE FB 401 1.96 33.12 -39.90
C PHE FB 401 3.21 33.22 -40.77
N TYR FB 402 4.32 33.59 -40.15
CA TYR FB 402 5.61 33.67 -40.83
C TYR FB 402 6.58 32.74 -40.12
N GLY FB 403 7.21 31.86 -40.90
CA GLY FB 403 8.09 30.86 -40.34
C GLY FB 403 7.32 29.69 -39.78
N GLY FB 404 8.07 28.70 -39.30
CA GLY FB 404 7.45 27.55 -38.69
C GLY FB 404 6.71 26.66 -39.69
N LYS FB 405 5.79 25.86 -39.15
CA LYS FB 405 5.07 24.91 -39.98
C LYS FB 405 3.99 25.57 -40.82
N LEU FB 406 3.38 26.65 -40.32
CA LEU FB 406 2.32 27.34 -41.03
C LEU FB 406 2.84 28.56 -41.80
N ASN FB 407 4.07 28.49 -42.30
CA ASN FB 407 4.68 29.63 -42.95
C ASN FB 407 3.93 29.99 -44.23
N GLY FB 408 3.56 31.26 -44.36
CA GLY FB 408 2.88 31.75 -45.53
C GLY FB 408 1.37 31.63 -45.50
N GLN FB 409 0.82 30.84 -44.58
CA GLN FB 409 -0.62 30.64 -44.53
C GLN FB 409 -1.29 31.82 -43.85
N VAL FB 410 -2.45 32.22 -44.38
CA VAL FB 410 -3.24 33.30 -43.81
C VAL FB 410 -4.62 32.74 -43.47
N PHE FB 411 -5.02 32.90 -42.21
CA PHE FB 411 -6.31 32.44 -41.74
C PHE FB 411 -7.22 33.64 -41.53
N LYS FB 412 -8.42 33.58 -42.09
CA LYS FB 412 -9.36 34.68 -42.04
C LYS FB 412 -10.66 34.35 -41.32
N ASP FB 413 -10.97 33.08 -41.10
CA ASP FB 413 -12.20 32.72 -40.42
C ASP FB 413 -12.08 32.97 -38.93
N ALA FB 414 -13.16 33.46 -38.33
CA ALA FB 414 -13.12 33.91 -36.94
C ALA FB 414 -12.74 32.81 -35.95
N PRO FB 415 -13.27 31.59 -35.99
CA PRO FB 415 -12.86 30.60 -34.99
C PRO FB 415 -11.37 30.31 -34.99
N THR FB 416 -10.76 30.21 -36.17
CA THR FB 416 -9.33 29.94 -36.25
C THR FB 416 -8.51 31.12 -35.74
N VAL FB 417 -8.95 32.34 -36.06
CA VAL FB 417 -8.24 33.52 -35.59
C VAL FB 417 -8.33 33.63 -34.07
N LYS FB 418 -9.51 33.32 -33.51
CA LYS FB 418 -9.63 33.31 -32.05
C LYS FB 418 -8.75 32.25 -31.42
N LYS FB 419 -8.71 31.05 -32.02
CA LYS FB 419 -7.85 30.00 -31.50
C LYS FB 419 -6.39 30.42 -31.51
N TYR FB 420 -5.94 31.02 -32.60
CA TYR FB 420 -4.54 31.43 -32.70
C TYR FB 420 -4.23 32.65 -31.85
N ALA FB 421 -5.20 33.52 -31.60
CA ALA FB 421 -4.98 34.60 -30.63
C ALA FB 421 -4.85 34.05 -29.22
N ARG FB 422 -5.67 33.06 -28.88
CA ARG FB 422 -5.54 32.39 -27.59
C ARG FB 422 -4.17 31.74 -27.46
N LYS FB 423 -3.68 31.12 -28.53
CA LYS FB 423 -2.35 30.52 -28.48
C LYS FB 423 -1.25 31.56 -28.42
N ALA FB 424 -1.40 32.68 -29.14
CA ALA FB 424 -0.40 33.73 -29.13
C ALA FB 424 -0.35 34.49 -27.82
N GLN FB 425 -1.43 34.44 -27.04
CA GLN FB 425 -1.38 34.98 -25.68
C GLN FB 425 -0.30 34.28 -24.85
N LEU FB 426 -0.05 33.00 -25.14
CA LEU FB 426 0.92 32.22 -24.40
C LEU FB 426 2.36 32.42 -24.88
N GLY FB 427 2.56 33.22 -25.92
CA GLY FB 427 3.89 33.41 -26.46
C GLY FB 427 3.98 32.91 -27.89
N GLU FB 428 5.00 32.11 -28.19
CA GLU FB 428 5.13 31.52 -29.51
C GLU FB 428 4.15 30.36 -29.65
N VAL FB 429 3.53 30.27 -30.82
CA VAL FB 429 2.52 29.26 -31.09
C VAL FB 429 3.20 27.95 -31.47
N LEU FB 430 2.88 26.88 -30.75
CA LEU FB 430 3.49 25.58 -30.95
C LEU FB 430 2.41 24.53 -31.19
N GLU FB 431 2.84 23.38 -31.68
CA GLU FB 431 1.96 22.22 -31.85
C GLU FB 431 2.35 21.17 -30.82
N PHE FB 432 1.37 20.73 -30.04
CA PHE FB 432 1.61 19.81 -28.93
C PHE FB 432 0.89 18.50 -29.17
N ASP FB 433 1.53 17.40 -28.74
CA ASP FB 433 0.95 16.07 -28.81
C ASP FB 433 0.35 15.71 -27.46
N ARG FB 434 -0.91 15.26 -27.47
CA ARG FB 434 -1.65 15.06 -26.24
C ARG FB 434 -2.02 13.61 -25.96
N THR FB 435 -1.96 12.73 -26.94
CA THR FB 435 -2.42 11.35 -26.76
C THR FB 435 -1.32 10.41 -26.27
N THR FB 436 -0.07 10.87 -26.21
CA THR FB 436 1.00 9.99 -25.77
C THR FB 436 0.96 9.79 -24.26
N LEU FB 437 0.87 10.87 -23.50
CA LEU FB 437 0.83 10.81 -22.05
C LEU FB 437 -0.52 11.16 -21.46
N GLU FB 438 -1.53 11.38 -22.30
CA GLU FB 438 -2.86 11.83 -21.87
C GLU FB 438 -2.72 13.10 -21.02
N SER FB 439 -2.19 14.14 -21.66
CA SER FB 439 -1.94 15.39 -20.98
C SER FB 439 -3.25 16.10 -20.66
N ASP FB 440 -3.39 16.54 -19.41
CA ASP FB 440 -4.64 17.14 -18.96
C ASP FB 440 -4.83 18.55 -19.49
N GLY FB 441 -3.78 19.36 -19.50
CA GLY FB 441 -3.87 20.69 -20.06
C GLY FB 441 -3.64 21.82 -19.08
N VAL FB 442 -3.05 21.51 -17.93
CA VAL FB 442 -2.64 22.51 -16.96
C VAL FB 442 -1.13 22.53 -16.89
N PHE FB 443 -0.55 23.72 -16.91
CA PHE FB 443 0.89 23.86 -16.96
C PHE FB 443 1.55 23.27 -15.71
N ARG FB 444 2.72 22.67 -15.90
CA ARG FB 444 3.51 22.11 -14.82
C ARG FB 444 4.89 22.75 -14.82
N SER FB 445 5.56 22.65 -13.68
CA SER FB 445 6.82 23.34 -13.48
C SER FB 445 8.00 22.52 -13.99
N SER FB 446 9.11 23.21 -14.21
CA SER FB 446 10.35 22.60 -14.67
C SER FB 446 11.09 22.00 -13.49
N PRO FB 447 12.15 21.23 -13.74
CA PRO FB 447 13.02 20.81 -12.63
C PRO FB 447 13.63 21.99 -11.88
N ARG FB 448 13.81 23.13 -12.54
CA ARG FB 448 14.28 24.32 -11.85
C ARG FB 448 13.32 24.74 -10.75
N GLY FB 449 12.02 24.81 -11.07
CA GLY FB 449 11.05 25.21 -10.08
C GLY FB 449 10.89 24.21 -8.95
N TRP FB 450 10.90 22.92 -9.28
CA TRP FB 450 10.79 21.90 -8.24
C TRP FB 450 12.01 21.89 -7.33
N TYR FB 451 13.20 22.03 -7.91
CA TYR FB 451 14.40 22.14 -7.09
C TYR FB 451 14.32 23.34 -6.17
N THR FB 452 13.88 24.49 -6.70
CA THR FB 452 13.78 25.68 -5.89
C THR FB 452 12.78 25.49 -4.75
N PHE FB 453 11.62 24.90 -5.04
CA PHE FB 453 10.62 24.67 -4.00
C PHE FB 453 11.16 23.76 -2.91
N GLY FB 454 11.68 22.60 -3.31
CA GLY FB 454 12.17 21.64 -2.34
C GLY FB 454 13.29 22.21 -1.48
N HIS FB 455 14.23 22.92 -2.10
CA HIS FB 455 15.38 23.37 -1.34
C HIS FB 455 15.09 24.63 -0.53
N ALA FB 456 14.20 25.50 -0.99
CA ALA FB 456 13.76 26.60 -0.15
C ALA FB 456 13.06 26.09 1.10
N ASN FB 457 12.16 25.11 0.95
CA ASN FB 457 11.50 24.56 2.12
C ASN FB 457 12.48 23.82 3.03
N PHE FB 458 13.42 23.09 2.44
CA PHE FB 458 14.41 22.38 3.23
C PHE FB 458 15.31 23.34 4.00
N ALA FB 459 15.72 24.45 3.37
CA ALA FB 459 16.50 25.44 4.07
C ALA FB 459 15.72 26.08 5.21
N LEU FB 460 14.44 26.37 4.96
CA LEU FB 460 13.61 26.96 6.02
C LEU FB 460 13.47 26.00 7.19
N LEU FB 461 13.26 24.71 6.92
CA LEU FB 461 13.15 23.74 8.00
C LEU FB 461 14.49 23.51 8.71
N PHE FB 462 15.59 23.53 7.98
CA PHE FB 462 16.88 23.37 8.61
C PHE FB 462 17.29 24.58 9.42
N PHE FB 463 16.72 25.75 9.15
CA PHE FB 463 16.88 26.86 10.08
C PHE FB 463 16.30 26.51 11.45
N LEU FB 464 15.10 25.93 11.47
CA LEU FB 464 14.51 25.47 12.72
C LEU FB 464 15.35 24.38 13.36
N GLY FB 465 15.87 23.46 12.55
CA GLY FB 465 16.73 22.41 13.08
C GLY FB 465 18.00 22.98 13.71
N HIS FB 466 18.60 23.97 13.07
CA HIS FB 466 19.78 24.62 13.62
C HIS FB 466 19.47 25.31 14.93
N LEU FB 467 18.32 26.00 15.00
CA LEU FB 467 17.94 26.61 16.28
C LEU FB 467 17.77 25.57 17.36
N TRP FB 468 17.11 24.46 17.04
CA TRP FB 468 16.88 23.41 18.02
C TRP FB 468 18.19 22.83 18.53
N HIS FB 469 19.13 22.55 17.62
CA HIS FB 469 20.36 21.90 18.06
C HIS FB 469 21.32 22.87 18.73
N GLY FB 470 21.33 24.14 18.33
CA GLY FB 470 22.07 25.13 19.10
C GLY FB 470 21.52 25.27 20.50
N SER FB 471 20.19 25.25 20.64
CA SER FB 471 19.58 25.30 21.97
C SER FB 471 19.94 24.07 22.79
N ARG FB 472 19.91 22.88 22.20
CA ARG FB 472 20.26 21.68 22.93
C ARG FB 472 21.75 21.61 23.23
N THR FB 473 22.58 22.32 22.47
CA THR FB 473 24.01 22.36 22.77
C THR FB 473 24.30 23.30 23.93
N LEU FB 474 23.84 24.55 23.83
CA LEU FB 474 24.18 25.53 24.84
C LEU FB 474 23.43 25.33 26.15
N PHE FB 475 22.42 24.45 26.17
CA PHE FB 475 21.61 24.22 27.36
C PHE FB 475 21.60 22.74 27.72
N ARG FB 476 22.76 22.10 27.60
CA ARG FB 476 22.84 20.66 27.86
C ARG FB 476 22.63 20.34 29.34
N ASP FB 477 23.07 21.23 30.24
CA ASP FB 477 22.99 20.95 31.66
C ASP FB 477 21.57 21.00 32.20
N VAL FB 478 20.66 21.67 31.51
CA VAL FB 478 19.27 21.81 31.96
C VAL FB 478 18.35 21.07 31.00
N PHE FB 479 18.87 20.00 30.40
CA PHE FB 479 18.10 19.25 29.41
C PHE FB 479 16.85 18.62 30.04
N SER FB 480 16.98 18.06 31.23
CA SER FB 480 15.87 17.40 31.90
C SER FB 480 15.08 18.32 32.81
N GLY FB 481 15.45 19.59 32.89
CA GLY FB 481 14.79 20.55 33.74
C GLY FB 481 15.77 21.37 34.54
N ILE FB 482 15.22 22.27 35.36
CA ILE FB 482 16.02 23.16 36.17
C ILE FB 482 15.92 22.73 37.63
N GLY FB 483 16.90 23.17 38.42
CA GLY FB 483 16.97 22.83 39.82
C GLY FB 483 16.53 23.96 40.72
N ALA FB 484 16.94 23.89 41.97
CA ALA FB 484 16.60 24.90 42.96
C ALA FB 484 17.60 26.05 43.01
N GLU FB 485 18.62 26.03 42.16
CA GLU FB 485 19.60 27.10 42.08
C GLU FB 485 19.16 28.24 41.17
N VAL FB 486 17.93 28.20 40.66
CA VAL FB 486 17.43 29.20 39.73
C VAL FB 486 16.66 30.26 40.50
N THR FB 487 16.09 29.88 41.65
CA THR FB 487 15.23 30.79 42.39
C THR FB 487 15.98 32.02 42.88
N GLU FB 488 17.26 31.88 43.24
CA GLU FB 488 18.02 33.03 43.71
C GLU FB 488 18.43 33.94 42.55
N GLN FB 489 18.65 33.38 41.36
CA GLN FB 489 19.09 34.18 40.23
C GLN FB 489 17.96 35.02 39.65
N VAL FB 490 16.72 34.54 39.74
CA VAL FB 490 15.60 35.21 39.08
C VAL FB 490 15.03 36.35 39.92
N GLU FB 491 15.54 36.57 41.11
CA GLU FB 491 15.13 37.74 41.88
C GLU FB 491 15.66 39.00 41.23
N PHE FB 492 14.80 39.99 41.02
CA PHE FB 492 15.17 41.19 40.30
C PHE FB 492 16.08 42.05 41.17
N GLY FB 493 17.28 42.34 40.69
CA GLY FB 493 18.23 43.14 41.43
C GLY FB 493 18.96 42.41 42.53
N ALA FB 494 18.86 41.09 42.59
CA ALA FB 494 19.58 40.34 43.61
C ALA FB 494 21.09 40.36 43.34
N PHE FB 495 21.48 40.22 42.08
CA PHE FB 495 22.87 40.27 41.67
C PHE FB 495 23.09 41.45 40.74
N GLN FB 496 24.31 41.97 40.72
CA GLN FB 496 24.63 43.05 39.80
C GLN FB 496 24.66 42.54 38.36
N LYS FB 497 25.44 41.49 38.11
CA LYS FB 497 25.46 40.84 36.81
C LYS FB 497 24.48 39.67 36.83
N LEU FB 498 23.68 39.56 35.77
CA LEU FB 498 22.67 38.53 35.71
C LEU FB 498 23.31 37.15 35.55
N GLY FB 499 22.94 36.23 36.44
CA GLY FB 499 23.43 34.88 36.38
C GLY FB 499 24.76 34.63 37.06
N ASP FB 500 25.41 35.65 37.60
CA ASP FB 500 26.70 35.52 38.24
C ASP FB 500 26.50 35.55 39.75
N ARG FB 501 26.88 34.47 40.44
CA ARG FB 501 26.71 34.39 41.88
C ARG FB 501 27.70 35.28 42.64
N SER FB 502 28.83 35.60 42.02
CA SER FB 502 29.85 36.40 42.70
C SER FB 502 29.54 37.89 42.72
N THR FB 503 28.54 38.34 41.97
CA THR FB 503 28.18 39.76 41.89
C THR FB 503 26.98 40.09 42.76
N LYS FB 504 26.83 39.43 43.90
CA LYS FB 504 25.68 39.66 44.76
C LYS FB 504 25.80 41.01 45.45
N LYS FB 505 24.68 41.73 45.52
CA LYS FB 505 24.65 43.04 46.15
C LYS FB 505 24.70 42.91 47.66
N GLU GB 69 44.52 -23.28 -32.88
CA GLU GB 69 44.84 -22.27 -31.89
C GLU GB 69 44.99 -22.90 -30.51
N ALA GB 70 46.24 -23.00 -30.04
CA ALA GB 70 46.52 -23.64 -28.77
C ALA GB 70 46.01 -22.78 -27.62
N LEU GB 71 45.21 -23.38 -26.74
CA LEU GB 71 44.64 -22.69 -25.57
C LEU GB 71 43.84 -21.46 -25.96
N GLY GB 72 43.32 -21.44 -27.18
CA GLY GB 72 42.57 -20.29 -27.66
C GLY GB 72 43.38 -19.02 -27.77
N ILE GB 73 44.69 -19.13 -27.97
CA ILE GB 73 45.57 -17.97 -28.01
C ILE GB 73 45.83 -17.59 -29.46
N ASP GB 74 45.38 -16.41 -29.85
CA ASP GB 74 45.63 -15.87 -31.19
C ASP GB 74 46.57 -14.69 -31.20
N ASP GB 75 46.78 -14.04 -30.05
CA ASP GB 75 47.74 -12.95 -29.91
C ASP GB 75 48.78 -13.35 -28.89
N THR GB 76 50.06 -13.09 -29.20
CA THR GB 76 51.13 -13.52 -28.32
C THR GB 76 51.17 -12.77 -27.00
N ARG GB 77 50.47 -11.64 -26.89
CA ARG GB 77 50.41 -10.95 -25.61
C ARG GB 77 49.56 -11.70 -24.59
N LEU GB 78 48.68 -12.60 -25.05
CA LEU GB 78 47.88 -13.41 -24.13
C LEU GB 78 48.72 -14.42 -23.36
N ILE GB 79 49.88 -14.82 -23.90
CA ILE GB 79 50.71 -15.81 -23.24
C ILE GB 79 51.41 -15.26 -22.01
N VAL GB 80 51.61 -13.95 -21.95
CA VAL GB 80 52.36 -13.33 -20.85
C VAL GB 80 51.68 -13.59 -19.51
N PRO GB 81 50.38 -13.31 -19.34
CA PRO GB 81 49.77 -13.61 -18.03
C PRO GB 81 49.59 -15.10 -17.78
N VAL GB 82 49.21 -15.86 -18.80
CA VAL GB 82 48.94 -17.29 -18.66
C VAL GB 82 50.18 -18.02 -18.15
N ILE GB 83 51.36 -17.59 -18.57
CA ILE GB 83 52.59 -18.19 -18.06
C ILE GB 83 53.09 -17.49 -16.82
N LEU GB 84 52.89 -16.17 -16.72
CA LEU GB 84 53.51 -15.39 -15.65
C LEU GB 84 52.84 -15.61 -14.30
N ILE GB 85 51.52 -15.64 -14.25
CA ILE GB 85 50.80 -15.74 -12.98
C ILE GB 85 51.09 -17.07 -12.28
N PRO GB 86 51.03 -18.21 -12.96
CA PRO GB 86 51.44 -19.46 -12.31
C PRO GB 86 52.86 -19.44 -11.82
N VAL GB 87 53.76 -18.67 -12.46
CA VAL GB 87 55.14 -18.58 -11.98
C VAL GB 87 55.18 -17.91 -10.60
N ILE GB 88 54.42 -16.82 -10.43
CA ILE GB 88 54.42 -16.14 -9.14
C ILE GB 88 53.76 -16.99 -8.08
N THR GB 89 52.63 -17.62 -8.42
CA THR GB 89 51.99 -18.52 -7.47
C THR GB 89 52.91 -19.68 -7.10
N PHE GB 90 53.68 -20.18 -8.07
CA PHE GB 90 54.66 -21.23 -7.79
C PHE GB 90 55.79 -20.71 -6.93
N ILE GB 91 56.16 -19.44 -7.06
CA ILE GB 91 57.19 -18.88 -6.19
C ILE GB 91 56.72 -18.88 -4.74
N LEU GB 92 55.47 -18.44 -4.52
CA LEU GB 92 54.92 -18.49 -3.16
C LEU GB 92 54.82 -19.92 -2.66
N TYR GB 93 54.30 -20.82 -3.49
CA TYR GB 93 54.19 -22.22 -3.12
C TYR GB 93 55.55 -22.85 -2.87
N ALA GB 94 56.58 -22.39 -3.58
CA ALA GB 94 57.93 -22.93 -3.40
C ALA GB 94 58.56 -22.44 -2.12
N GLY GB 95 58.28 -21.20 -1.72
CA GLY GB 95 58.65 -20.79 -0.37
C GLY GB 95 57.99 -21.67 0.68
N PHE GB 96 56.69 -21.92 0.51
CA PHE GB 96 55.98 -22.80 1.45
C PHE GB 96 56.60 -24.19 1.48
N ALA GB 97 56.95 -24.74 0.31
CA ALA GB 97 57.46 -26.10 0.24
C ALA GB 97 58.90 -26.19 0.74
N SER GB 98 59.70 -25.14 0.53
CA SER GB 98 61.03 -25.11 1.10
C SER GB 98 60.98 -24.98 2.61
N GLU GB 99 59.90 -24.43 3.16
CA GLU GB 99 59.75 -24.46 4.62
C GLU GB 99 59.48 -25.85 5.16
N GLN GB 100 59.13 -26.80 4.30
CA GLN GB 100 58.66 -28.11 4.75
C GLN GB 100 59.84 -29.04 5.06
N ASP GB 101 59.52 -30.28 5.43
CA ASP GB 101 60.54 -31.25 5.79
C ASP GB 101 61.11 -31.95 4.56
N ASN GB 102 60.24 -32.49 3.70
CA ASN GB 102 60.63 -33.05 2.41
C ASN GB 102 61.55 -34.26 2.56
N GLU GB 103 61.12 -35.21 3.38
CA GLU GB 103 61.69 -36.54 3.38
C GLU GB 103 60.55 -37.56 3.33
N ASP GB 104 60.87 -38.76 2.86
CA ASP GB 104 59.84 -39.73 2.58
C ASP GB 104 59.19 -40.25 3.86
N PHE GB 105 57.91 -40.58 3.75
CA PHE GB 105 57.12 -41.11 4.85
C PHE GB 105 56.45 -42.40 4.41
N PHE GB 106 56.05 -43.22 5.39
CA PHE GB 106 55.34 -44.46 5.13
C PHE GB 106 53.97 -44.34 5.79
N ASP GB 107 53.03 -43.74 5.08
CA ASP GB 107 51.68 -43.54 5.57
C ASP GB 107 50.81 -43.15 4.39
N THR GB 108 49.50 -43.11 4.63
CA THR GB 108 48.58 -42.75 3.57
C THR GB 108 48.70 -41.26 3.21
N TYR GB 109 49.02 -40.42 4.17
CA TYR GB 109 49.27 -39.01 3.90
C TYR GB 109 50.27 -38.48 4.90
N ASP GB 110 50.83 -37.31 4.57
CA ASP GB 110 51.86 -36.69 5.40
C ASP GB 110 51.20 -35.75 6.41
N GLN GB 111 51.38 -36.03 7.68
CA GLN GB 111 50.80 -35.22 8.75
C GLN GB 111 51.68 -34.04 9.13
N ARG GB 112 52.85 -33.90 8.53
CA ARG GB 112 53.78 -32.82 8.85
C ARG GB 112 53.51 -31.62 7.95
N ARG GB 113 53.35 -30.45 8.55
CA ARG GB 113 53.19 -29.22 7.77
C ARG GB 113 53.99 -28.09 8.40
N GLU HB 69 -51.34 28.46 12.68
CA GLU HB 69 -51.17 27.08 13.10
C GLU HB 69 -50.42 27.02 14.43
N ALA HB 70 -51.13 26.70 15.50
CA ALA HB 70 -50.53 26.69 16.83
C ALA HB 70 -49.59 25.50 16.98
N LEU HB 71 -48.36 25.77 17.38
CA LEU HB 71 -47.33 24.74 17.58
C LEU HB 71 -47.09 23.92 16.31
N GLY HB 72 -47.37 24.52 15.15
CA GLY HB 72 -47.21 23.81 13.90
C GLY HB 72 -48.10 22.61 13.73
N ILE HB 73 -49.26 22.60 14.38
CA ILE HB 73 -50.17 21.46 14.36
C ILE HB 73 -51.26 21.73 13.33
N ASP HB 74 -51.30 20.90 12.28
CA ASP HB 74 -52.33 20.97 11.27
C ASP HB 74 -53.28 19.78 11.29
N ASP HB 75 -52.89 18.68 11.91
CA ASP HB 75 -53.74 17.51 12.09
C ASP HB 75 -53.93 17.27 13.58
N THR HB 76 -55.18 16.99 13.97
CA THR HB 76 -55.49 16.83 15.38
C THR HB 76 -54.87 15.59 16.01
N ARG HB 77 -54.40 14.64 15.19
CA ARG HB 77 -53.72 13.48 15.74
C ARG HB 77 -52.34 13.83 16.29
N LEU HB 78 -51.77 14.96 15.87
CA LEU HB 78 -50.48 15.39 16.41
C LEU HB 78 -50.57 15.84 17.85
N ILE HB 79 -51.75 16.24 18.31
CA ILE HB 79 -51.89 16.73 19.68
C ILE HB 79 -51.85 15.60 20.70
N VAL HB 80 -52.17 14.37 20.29
CA VAL HB 80 -52.23 13.25 21.22
C VAL HB 80 -50.88 12.99 21.87
N PRO HB 81 -49.76 12.86 21.12
CA PRO HB 81 -48.49 12.64 21.81
C PRO HB 81 -47.98 13.88 22.53
N VAL HB 82 -48.15 15.06 21.93
CA VAL HB 82 -47.64 16.30 22.50
C VAL HB 82 -48.24 16.55 23.88
N ILE HB 83 -49.49 16.18 24.08
CA ILE HB 83 -50.12 16.32 25.40
C ILE HB 83 -49.91 15.08 26.26
N LEU HB 84 -49.88 13.90 25.63
CA LEU HB 84 -49.88 12.65 26.37
C LEU HB 84 -48.54 12.36 27.03
N ILE HB 85 -47.44 12.55 26.33
CA ILE HB 85 -46.12 12.19 26.84
C ILE HB 85 -45.76 13.02 28.08
N PRO HB 86 -45.93 14.35 28.06
CA PRO HB 86 -45.71 15.11 29.29
C PRO HB 86 -46.59 14.68 30.44
N VAL HB 87 -47.78 14.14 30.18
CA VAL HB 87 -48.63 13.65 31.26
C VAL HB 87 -47.98 12.45 31.94
N ILE HB 88 -47.42 11.51 31.16
CA ILE HB 88 -46.79 10.35 31.76
C ILE HB 88 -45.52 10.74 32.49
N THR HB 89 -44.71 11.62 31.88
CA THR HB 89 -43.52 12.10 32.57
C THR HB 89 -43.88 12.83 33.86
N PHE HB 90 -44.99 13.59 33.84
CA PHE HB 90 -45.46 14.25 35.04
C PHE HB 90 -45.97 13.26 36.07
N ILE HB 91 -46.52 12.12 35.64
CA ILE HB 91 -46.93 11.10 36.59
C ILE HB 91 -45.72 10.54 37.32
N LEU HB 92 -44.65 10.23 36.58
CA LEU HB 92 -43.43 9.77 37.23
C LEU HB 92 -42.85 10.83 38.14
N TYR HB 93 -42.77 12.08 37.65
CA TYR HB 93 -42.27 13.17 38.46
C TYR HB 93 -43.14 13.43 39.69
N ALA HB 94 -44.44 13.18 39.59
CA ALA HB 94 -45.35 13.38 40.70
C ALA HB 94 -45.19 12.30 41.75
N GLY HB 95 -44.92 11.06 41.33
CA GLY HB 95 -44.51 10.06 42.31
C GLY HB 95 -43.25 10.48 43.04
N PHE HB 96 -42.26 10.97 42.29
CA PHE HB 96 -41.03 11.45 42.92
C PHE HB 96 -41.31 12.58 43.90
N ALA HB 97 -42.16 13.53 43.51
CA ALA HB 97 -42.42 14.70 44.35
C ALA HB 97 -43.28 14.35 45.56
N SER HB 98 -44.19 13.39 45.42
CA SER HB 98 -44.95 12.92 46.57
C SER HB 98 -44.08 12.15 47.54
N GLU HB 99 -42.96 11.59 47.07
CA GLU HB 99 -42.01 10.99 48.00
C GLU HB 99 -41.27 12.04 48.83
N GLN HB 100 -41.35 13.32 48.46
CA GLN HB 100 -40.52 14.36 49.06
C GLN HB 100 -41.13 14.87 50.36
N ASP HB 101 -40.47 15.87 50.96
CA ASP HB 101 -40.94 16.46 52.21
C ASP HB 101 -42.03 17.49 51.97
N ASN HB 102 -41.75 18.47 51.11
CA ASN HB 102 -42.74 19.47 50.68
C ASN HB 102 -43.21 20.34 51.84
N GLU HB 103 -42.26 20.90 52.58
CA GLU HB 103 -42.52 22.00 53.49
C GLU HB 103 -41.49 23.08 53.24
N ASP HB 104 -41.84 24.30 53.62
CA ASP HB 104 -41.01 25.45 53.26
C ASP HB 104 -39.69 25.44 54.00
N PHE HB 105 -38.66 25.98 53.34
CA PHE HB 105 -37.32 26.08 53.88
C PHE HB 105 -36.84 27.52 53.75
N PHE HB 106 -35.85 27.87 54.55
CA PHE HB 106 -35.24 29.20 54.50
C PHE HB 106 -33.77 29.00 54.14
N ASP HB 107 -33.51 28.92 52.85
CA ASP HB 107 -32.15 28.72 52.33
C ASP HB 107 -32.18 29.02 50.84
N THR HB 108 -31.00 29.08 50.24
CA THR HB 108 -30.91 29.34 48.81
C THR HB 108 -31.43 28.16 47.99
N TYR HB 109 -31.27 26.94 48.48
CA TYR HB 109 -31.83 25.77 47.82
C TYR HB 109 -32.14 24.72 48.86
N ASP HB 110 -32.96 23.75 48.45
CA ASP HB 110 -33.40 22.68 49.34
C ASP HB 110 -32.44 21.51 49.25
N GLN HB 111 -31.82 21.16 50.37
CA GLN HB 111 -30.86 20.06 50.43
C GLN HB 111 -31.52 18.71 50.70
N ARG HB 112 -32.84 18.69 50.88
CA ARG HB 112 -33.55 17.45 51.17
C ARG HB 112 -34.03 16.82 49.86
N ARG HB 113 -33.72 15.54 49.68
CA ARG HB 113 -34.21 14.81 48.52
C ARG HB 113 -34.67 13.42 48.91
#